data_2WCD
#
_entry.id   2WCD
#
_cell.length_a   111.430
_cell.length_b   114.410
_cell.length_c   270.550
_cell.angle_alpha   94.44
_cell.angle_beta   85.92
_cell.angle_gamma   102.55
#
_symmetry.space_group_name_H-M   'P 1'
#
loop_
_entity.id
_entity.type
_entity.pdbx_description
1 polymer 'HEMOLYSIN E, CHROMOSOMAL'
2 non-polymer 'ETHYL MERCURY ION'
#
_entity_poly.entity_id   1
_entity_poly.type   'polypeptide(L)'
_entity_poly.pdbx_seq_one_letter_code
;MHHHHHHTEIVADKTVEVVKNAIETADGALDLYNKYLDQVIPWQTFDETIKELSRFKQEYSQAASVLVGDIKTLLMDSQD
KYFEATQTVYEWCGVATQLLAAYILLFDEYNEKKASAQKDILIKVLDDGITKLNEAQKSLLVSSQSFNNASGKLLALDSQ
LTNDFSEKSSYFQSQVDKIRKEAYAGAAAGVVAGPFGLIISYSIAAGVVEGKLIPELKNKLKSVQNFFTTLSNTVKQANK
DIDAAKLKLTTEIAAIGEIKTETETTRFYVDYDDLMLSLLKEAAKKMINTCNEYQKRHGKKTLFEVPEV
;
_entity_poly.pdbx_strand_id   A,B,C,D,E,F,G,H,I,J,K,L,M,N,O,P,Q,R,S,T,U,V,W,X
#
# COMPACT_ATOMS: atom_id res chain seq x y z
N LYS A 14 -49.57 -28.06 123.94
CA LYS A 14 -50.85 -27.89 123.26
C LYS A 14 -51.58 -26.65 123.77
N THR A 15 -50.82 -25.60 124.05
CA THR A 15 -51.38 -24.33 124.50
C THR A 15 -51.22 -23.27 123.41
N VAL A 16 -50.07 -23.32 122.74
CA VAL A 16 -49.73 -22.36 121.70
C VAL A 16 -50.47 -22.70 120.40
N GLU A 17 -50.84 -23.97 120.25
CA GLU A 17 -51.47 -24.44 119.01
C GLU A 17 -52.72 -23.65 118.64
N VAL A 18 -53.28 -22.92 119.60
CA VAL A 18 -54.42 -22.06 119.31
C VAL A 18 -53.98 -20.89 118.44
N VAL A 19 -52.87 -20.27 118.82
CA VAL A 19 -52.28 -19.19 118.04
C VAL A 19 -51.97 -19.66 116.62
N LYS A 20 -51.25 -20.77 116.51
CA LYS A 20 -50.97 -21.38 115.22
C LYS A 20 -52.23 -21.57 114.40
N ASN A 21 -53.20 -22.30 114.93
CA ASN A 21 -54.44 -22.54 114.21
C ASN A 21 -55.10 -21.23 113.78
N ALA A 22 -55.03 -20.21 114.64
CA ALA A 22 -55.64 -18.91 114.37
C ALA A 22 -54.86 -18.16 113.31
N ILE A 23 -53.54 -18.30 113.37
CA ILE A 23 -52.67 -17.68 112.37
C ILE A 23 -53.13 -18.16 111.00
N GLU A 24 -53.30 -19.46 110.85
CA GLU A 24 -53.72 -20.04 109.58
C GLU A 24 -55.13 -19.63 109.22
N THR A 25 -55.99 -19.49 110.22
CA THR A 25 -57.35 -19.02 110.00
C THR A 25 -57.29 -17.63 109.39
N ALA A 26 -56.47 -16.77 109.98
CA ALA A 26 -56.30 -15.40 109.51
C ALA A 26 -55.75 -15.33 108.07
N ASP A 27 -54.88 -16.28 107.73
CA ASP A 27 -54.31 -16.33 106.40
C ASP A 27 -55.45 -16.47 105.40
N GLY A 28 -56.11 -17.62 105.42
CA GLY A 28 -57.26 -17.88 104.56
C GLY A 28 -58.31 -16.78 104.64
N ALA A 29 -58.26 -15.98 105.70
CA ALA A 29 -59.16 -14.84 105.80
C ALA A 29 -58.82 -13.84 104.72
N LEU A 30 -57.60 -13.31 104.76
CA LEU A 30 -57.10 -12.43 103.70
C LEU A 30 -57.50 -12.95 102.33
N ASP A 31 -57.09 -14.17 102.04
CA ASP A 31 -57.37 -14.82 100.77
C ASP A 31 -58.81 -14.61 100.31
N LEU A 32 -59.77 -15.12 101.06
CA LEU A 32 -61.18 -14.90 100.74
C LEU A 32 -61.46 -13.41 100.61
N TYR A 33 -60.84 -12.62 101.47
CA TYR A 33 -61.05 -11.18 101.48
C TYR A 33 -60.80 -10.59 100.12
N ASN A 34 -59.56 -10.74 99.65
CA ASN A 34 -59.16 -10.27 98.33
C ASN A 34 -59.99 -10.94 97.26
N LYS A 35 -59.99 -12.28 97.24
CA LYS A 35 -60.79 -13.05 96.28
C LYS A 35 -62.14 -12.38 95.99
N TYR A 36 -62.81 -11.94 97.04
CA TYR A 36 -64.09 -11.26 96.90
C TYR A 36 -63.88 -9.80 96.50
N LEU A 37 -62.97 -9.13 97.19
CA LEU A 37 -62.66 -7.74 96.93
C LEU A 37 -62.39 -7.52 95.45
N ASP A 38 -61.74 -8.49 94.82
CA ASP A 38 -61.45 -8.45 93.40
C ASP A 38 -62.72 -8.62 92.58
N GLN A 39 -63.50 -9.65 92.90
CA GLN A 39 -64.80 -9.83 92.25
C GLN A 39 -65.61 -8.54 92.33
N VAL A 40 -65.39 -7.80 93.42
CA VAL A 40 -66.14 -6.58 93.70
C VAL A 40 -65.56 -5.37 92.99
N ILE A 41 -64.24 -5.29 92.93
CA ILE A 41 -63.55 -4.19 92.27
C ILE A 41 -62.66 -4.71 91.15
N PRO A 42 -63.18 -4.68 89.91
CA PRO A 42 -62.54 -5.28 88.73
C PRO A 42 -61.30 -4.51 88.30
N TRP A 43 -60.31 -4.40 89.17
CA TRP A 43 -59.09 -3.69 88.81
C TRP A 43 -58.42 -4.43 87.67
N GLN A 44 -58.52 -5.75 87.69
CA GLN A 44 -58.02 -6.57 86.59
C GLN A 44 -58.58 -6.05 85.28
N THR A 45 -59.90 -6.07 85.16
CA THR A 45 -60.59 -5.62 83.96
C THR A 45 -60.30 -4.16 83.64
N PHE A 46 -60.27 -3.31 84.66
CA PHE A 46 -59.95 -1.90 84.47
C PHE A 46 -58.55 -1.71 83.92
N ASP A 47 -57.57 -2.27 84.62
CA ASP A 47 -56.18 -2.21 84.17
C ASP A 47 -56.04 -2.74 82.75
N GLU A 48 -56.48 -3.97 82.52
CA GLU A 48 -56.46 -4.58 81.18
C GLU A 48 -57.03 -3.65 80.14
N THR A 49 -58.20 -3.11 80.43
CA THR A 49 -58.88 -2.21 79.51
C THR A 49 -58.02 -0.97 79.21
N ILE A 50 -57.29 -0.50 80.21
CA ILE A 50 -56.39 0.63 80.03
C ILE A 50 -55.24 0.30 79.07
N LYS A 51 -54.58 -0.83 79.32
CA LYS A 51 -53.46 -1.25 78.49
C LYS A 51 -53.85 -1.32 77.02
N GLU A 52 -54.79 -2.20 76.67
CA GLU A 52 -55.12 -2.41 75.27
C GLU A 52 -55.41 -1.12 74.52
N LEU A 53 -56.03 -0.14 75.18
CA LEU A 53 -56.26 1.12 74.48
C LEU A 53 -55.08 2.10 74.63
N SER A 54 -54.12 1.72 75.47
CA SER A 54 -52.85 2.43 75.50
C SER A 54 -52.00 1.95 74.34
N ARG A 55 -51.98 0.64 74.13
CA ARG A 55 -51.35 0.03 72.96
C ARG A 55 -51.82 0.73 71.68
N PHE A 56 -53.12 0.95 71.55
CA PHE A 56 -53.65 1.67 70.38
C PHE A 56 -52.87 2.95 70.16
N LYS A 57 -52.94 3.85 71.13
CA LYS A 57 -52.22 5.11 71.09
C LYS A 57 -50.75 4.89 70.72
N GLN A 58 -50.20 3.78 71.19
CA GLN A 58 -48.78 3.47 71.00
C GLN A 58 -48.49 3.08 69.57
N GLU A 59 -48.96 1.90 69.19
CA GLU A 59 -48.75 1.35 67.84
C GLU A 59 -48.85 2.40 66.71
N TYR A 60 -49.89 3.21 66.74
CA TYR A 60 -50.08 4.24 65.72
C TYR A 60 -49.07 5.37 65.87
N SER A 61 -48.80 5.80 67.10
CA SER A 61 -47.72 6.74 67.30
C SER A 61 -46.50 6.24 66.54
N GLN A 62 -46.10 5.02 66.84
CA GLN A 62 -44.98 4.38 66.16
C GLN A 62 -45.05 4.59 64.65
N ALA A 63 -46.10 4.06 64.01
CA ALA A 63 -46.25 4.14 62.57
C ALA A 63 -46.12 5.58 62.08
N ALA A 64 -47.10 6.41 62.44
CA ALA A 64 -47.09 7.81 62.03
C ALA A 64 -45.73 8.45 62.21
N SER A 65 -45.12 8.25 63.37
CA SER A 65 -43.80 8.81 63.63
C SER A 65 -42.83 8.48 62.53
N VAL A 66 -42.53 7.21 62.37
CA VAL A 66 -41.58 6.77 61.34
C VAL A 66 -41.96 7.20 59.91
N LEU A 67 -43.24 7.12 59.55
CA LEU A 67 -43.67 7.57 58.23
C LEU A 67 -43.46 9.05 58.07
N VAL A 68 -44.10 9.84 58.93
CA VAL A 68 -43.93 11.28 58.92
C VAL A 68 -42.46 11.69 58.84
N GLY A 69 -41.59 10.83 59.38
CA GLY A 69 -40.16 11.08 59.35
C GLY A 69 -39.59 10.83 57.99
N ASP A 70 -39.93 9.69 57.42
CA ASP A 70 -39.53 9.36 56.06
C ASP A 70 -39.99 10.45 55.11
N ILE A 71 -41.25 10.86 55.22
CA ILE A 71 -41.77 11.97 54.44
C ILE A 71 -40.84 13.20 54.47
N LYS A 72 -40.33 13.54 55.65
CA LYS A 72 -39.45 14.70 55.75
C LYS A 72 -38.20 14.46 54.96
N THR A 73 -37.51 13.35 55.24
CA THR A 73 -36.37 12.95 54.45
C THR A 73 -36.71 13.16 52.97
N LEU A 74 -37.79 12.55 52.50
CA LEU A 74 -38.20 12.69 51.11
C LEU A 74 -38.35 14.14 50.66
N LEU A 75 -39.03 14.94 51.47
CA LEU A 75 -39.18 16.35 51.17
C LEU A 75 -37.83 17.03 51.05
N MET A 76 -36.98 16.82 52.05
CA MET A 76 -35.65 17.39 52.05
C MET A 76 -34.82 16.88 50.87
N ASP A 77 -34.94 15.60 50.55
CA ASP A 77 -34.31 15.03 49.35
C ASP A 77 -34.67 15.85 48.09
N SER A 78 -35.97 16.03 47.86
CA SER A 78 -36.45 16.81 46.74
C SER A 78 -35.79 18.18 46.71
N GLN A 79 -35.96 18.94 47.78
CA GLN A 79 -35.41 20.28 47.86
C GLN A 79 -34.00 20.36 47.29
N ASP A 80 -33.12 19.51 47.78
CA ASP A 80 -31.76 19.46 47.25
C ASP A 80 -31.75 19.22 45.74
N LYS A 81 -32.51 18.22 45.30
CA LYS A 81 -32.59 17.91 43.87
C LYS A 81 -33.16 19.06 43.04
N TYR A 82 -34.08 19.82 43.63
CA TYR A 82 -34.59 21.02 43.00
C TYR A 82 -33.47 22.02 42.85
N PHE A 83 -32.83 22.33 43.97
CA PHE A 83 -31.72 23.27 43.99
C PHE A 83 -30.72 22.98 42.90
N GLU A 84 -30.18 21.76 42.93
CA GLU A 84 -29.30 21.27 41.88
C GLU A 84 -29.85 21.64 40.52
N ALA A 85 -30.98 21.02 40.17
CA ALA A 85 -31.63 21.26 38.88
C ALA A 85 -31.64 22.73 38.49
N THR A 86 -32.29 23.56 39.31
CA THR A 86 -32.40 24.97 39.03
C THR A 86 -31.03 25.61 38.90
N GLN A 87 -30.15 25.31 39.85
CA GLN A 87 -28.83 25.92 39.88
C GLN A 87 -28.08 25.59 38.59
N THR A 88 -28.01 24.30 38.27
CA THR A 88 -27.44 23.83 37.02
C THR A 88 -27.89 24.69 35.84
N VAL A 89 -29.21 24.87 35.74
CA VAL A 89 -29.79 25.70 34.69
C VAL A 89 -29.29 27.13 34.78
N TYR A 90 -29.51 27.78 35.91
CA TYR A 90 -29.03 29.17 36.12
C TYR A 90 -27.58 29.38 35.70
N GLU A 91 -26.76 28.33 35.82
CA GLU A 91 -25.37 28.40 35.44
C GLU A 91 -25.22 28.49 33.91
N TRP A 92 -25.81 27.53 33.21
CA TRP A 92 -25.76 27.53 31.75
C TRP A 92 -26.55 28.70 31.16
N CYS A 93 -27.78 28.87 31.60
CA CYS A 93 -28.63 29.94 31.12
C CYS A 93 -27.87 31.26 31.21
N GLY A 94 -26.75 31.24 31.91
CA GLY A 94 -26.00 32.45 32.21
C GLY A 94 -24.78 32.68 31.34
N VAL A 95 -23.99 31.64 31.15
CA VAL A 95 -22.93 31.69 30.15
C VAL A 95 -23.58 31.90 28.78
N ALA A 96 -24.64 31.15 28.51
CA ALA A 96 -25.38 31.26 27.27
C ALA A 96 -25.73 32.69 26.88
N THR A 97 -26.43 33.43 27.75
CA THR A 97 -26.89 34.78 27.41
C THR A 97 -25.76 35.65 26.92
N GLN A 98 -24.63 35.60 27.62
CA GLN A 98 -23.43 36.31 27.21
C GLN A 98 -23.03 35.97 25.77
N LEU A 99 -23.08 34.69 25.44
CA LEU A 99 -22.66 34.23 24.12
C LEU A 99 -23.63 34.64 23.03
N LEU A 100 -24.92 34.40 23.24
CA LEU A 100 -25.92 34.85 22.29
C LEU A 100 -25.78 36.35 22.07
N ALA A 101 -25.53 37.06 23.16
CA ALA A 101 -25.42 38.51 23.12
C ALA A 101 -24.24 38.90 22.26
N ALA A 102 -23.14 38.17 22.45
CA ALA A 102 -21.92 38.38 21.67
C ALA A 102 -22.17 38.09 20.20
N TYR A 103 -22.78 36.95 19.93
CA TYR A 103 -23.11 36.57 18.55
C TYR A 103 -23.91 37.66 17.87
N ILE A 104 -24.93 38.15 18.57
CA ILE A 104 -25.79 39.23 18.06
C ILE A 104 -24.99 40.49 17.76
N LEU A 105 -23.96 40.71 18.56
CA LEU A 105 -23.11 41.90 18.41
C LEU A 105 -22.07 41.75 17.32
N LEU A 106 -21.25 40.71 17.41
CA LEU A 106 -20.14 40.54 16.49
C LEU A 106 -20.60 40.35 15.05
N PHE A 107 -21.87 39.99 14.87
CA PHE A 107 -22.41 39.81 13.53
C PHE A 107 -23.51 40.78 13.18
N ASP A 108 -23.36 42.03 13.60
CA ASP A 108 -24.23 43.08 13.12
C ASP A 108 -24.04 43.06 11.63
N GLU A 109 -22.80 43.30 11.23
CA GLU A 109 -22.36 43.09 9.86
C GLU A 109 -21.51 41.83 9.89
N TYR A 110 -21.75 40.94 8.93
CA TYR A 110 -21.08 39.64 8.89
C TYR A 110 -19.58 39.72 9.09
N ASN A 111 -19.08 38.98 10.05
CA ASN A 111 -17.65 38.94 10.34
C ASN A 111 -17.07 37.68 9.73
N GLU A 112 -16.43 37.81 8.58
CA GLU A 112 -16.06 36.65 7.79
C GLU A 112 -15.11 35.70 8.47
N LYS A 113 -14.27 36.23 9.36
CA LYS A 113 -13.22 35.43 9.96
C LYS A 113 -13.74 34.63 11.13
N LYS A 114 -14.44 35.32 12.02
CA LYS A 114 -15.01 34.67 13.19
C LYS A 114 -16.23 33.80 12.83
N ALA A 115 -16.66 33.88 11.58
CA ALA A 115 -17.88 33.21 11.16
C ALA A 115 -17.88 31.72 11.49
N SER A 116 -16.80 31.03 11.15
CA SER A 116 -16.73 29.58 11.40
C SER A 116 -16.78 29.25 12.89
N ALA A 117 -16.04 30.00 13.70
CA ALA A 117 -16.06 29.80 15.16
C ALA A 117 -17.45 30.05 15.70
N GLN A 118 -17.98 31.25 15.44
CA GLN A 118 -19.28 31.64 15.95
C GLN A 118 -20.26 30.52 15.77
N LYS A 119 -20.21 29.88 14.61
CA LYS A 119 -21.08 28.75 14.31
C LYS A 119 -20.82 27.59 15.25
N ASP A 120 -19.57 27.16 15.30
CA ASP A 120 -19.16 26.09 16.21
C ASP A 120 -19.56 26.41 17.64
N ILE A 121 -19.28 27.64 18.07
CA ILE A 121 -19.67 28.09 19.39
C ILE A 121 -21.18 27.98 19.60
N LEU A 122 -21.97 28.69 18.79
CA LEU A 122 -23.42 28.60 18.89
C LEU A 122 -23.87 27.16 19.09
N ILE A 123 -23.24 26.24 18.36
CA ILE A 123 -23.58 24.84 18.49
C ILE A 123 -23.27 24.27 19.87
N LYS A 124 -22.01 24.33 20.29
CA LYS A 124 -21.62 23.80 21.59
C LYS A 124 -22.51 24.33 22.71
N VAL A 125 -22.52 25.65 22.91
CA VAL A 125 -23.32 26.25 23.96
C VAL A 125 -24.79 25.85 23.90
N LEU A 126 -25.37 25.85 22.70
CA LEU A 126 -26.75 25.42 22.56
C LEU A 126 -26.87 23.93 22.88
N ASP A 127 -26.15 23.11 22.11
CA ASP A 127 -26.13 21.67 22.30
C ASP A 127 -25.99 21.32 23.77
N ASP A 128 -25.06 21.99 24.43
CA ASP A 128 -24.75 21.75 25.84
C ASP A 128 -25.96 22.00 26.73
N GLY A 129 -26.43 23.24 26.76
CA GLY A 129 -27.60 23.59 27.53
C GLY A 129 -28.78 22.67 27.26
N ILE A 130 -28.98 22.34 25.99
CA ILE A 130 -30.02 21.40 25.61
C ILE A 130 -29.94 20.11 26.41
N THR A 131 -28.73 19.57 26.53
CA THR A 131 -28.52 18.36 27.32
C THR A 131 -28.74 18.66 28.80
N LYS A 132 -28.02 19.65 29.30
CA LYS A 132 -28.11 20.02 30.70
C LYS A 132 -29.56 20.27 31.09
N LEU A 133 -30.27 21.01 30.24
CA LEU A 133 -31.67 21.34 30.51
C LEU A 133 -32.50 20.08 30.61
N ASN A 134 -32.30 19.17 29.69
CA ASN A 134 -33.03 17.92 29.70
C ASN A 134 -32.84 17.18 31.02
N GLU A 135 -31.59 16.93 31.39
CA GLU A 135 -31.27 16.20 32.62
C GLU A 135 -31.89 16.85 33.85
N ALA A 136 -31.92 18.18 33.86
CA ALA A 136 -32.56 18.89 34.95
C ALA A 136 -33.99 18.39 35.13
N GLN A 137 -34.72 18.38 34.03
CA GLN A 137 -36.10 17.92 34.01
C GLN A 137 -36.24 16.50 34.54
N LYS A 138 -35.47 15.57 33.99
CA LYS A 138 -35.53 14.18 34.43
C LYS A 138 -35.26 14.10 35.91
N SER A 139 -34.23 14.79 36.38
CA SER A 139 -33.90 14.82 37.80
C SER A 139 -35.13 15.23 38.60
N LEU A 140 -35.81 16.27 38.14
CA LEU A 140 -36.98 16.80 38.84
C LEU A 140 -38.16 15.83 38.81
N LEU A 141 -38.43 15.29 37.64
CA LEU A 141 -39.52 14.34 37.46
C LEU A 141 -39.35 13.17 38.40
N VAL A 142 -38.14 12.63 38.47
CA VAL A 142 -37.83 11.53 39.38
C VAL A 142 -38.09 11.90 40.84
N SER A 143 -37.73 13.12 41.22
CA SER A 143 -37.98 13.59 42.56
C SER A 143 -39.47 13.57 42.82
N SER A 144 -40.26 14.01 41.86
CA SER A 144 -41.70 14.02 42.03
C SER A 144 -42.23 12.60 42.24
N GLN A 145 -41.74 11.67 41.43
CA GLN A 145 -42.14 10.27 41.55
C GLN A 145 -41.84 9.68 42.93
N SER A 146 -40.83 10.23 43.62
CA SER A 146 -40.39 9.70 44.90
C SER A 146 -41.49 9.66 45.96
N PHE A 147 -42.21 10.77 46.11
CA PHE A 147 -43.24 10.90 47.13
C PHE A 147 -44.41 9.92 46.94
N ASN A 148 -44.55 9.38 45.74
CA ASN A 148 -45.72 8.59 45.42
C ASN A 148 -45.99 7.43 46.37
N ASN A 149 -44.97 6.60 46.62
CA ASN A 149 -45.14 5.46 47.51
C ASN A 149 -45.56 5.92 48.89
N ALA A 150 -44.76 6.79 49.49
CA ALA A 150 -45.09 7.39 50.76
C ALA A 150 -46.51 7.92 50.80
N SER A 151 -46.91 8.65 49.76
CA SER A 151 -48.23 9.27 49.70
C SER A 151 -49.33 8.22 49.89
N GLY A 152 -49.10 7.02 49.37
CA GLY A 152 -50.01 5.91 49.56
C GLY A 152 -50.01 5.39 50.99
N LYS A 153 -48.81 5.03 51.47
CA LYS A 153 -48.66 4.62 52.86
C LYS A 153 -49.40 5.55 53.84
N LEU A 154 -49.30 6.85 53.57
CA LEU A 154 -50.02 7.85 54.35
C LEU A 154 -51.50 7.57 54.41
N LEU A 155 -52.13 7.44 53.26
CA LEU A 155 -53.56 7.17 53.22
C LEU A 155 -53.90 5.86 53.91
N ALA A 156 -53.14 4.79 53.64
CA ALA A 156 -53.39 3.52 54.33
C ALA A 156 -53.50 3.76 55.83
N LEU A 157 -52.47 4.35 56.41
CA LEU A 157 -52.45 4.69 57.83
C LEU A 157 -53.73 5.38 58.23
N ASP A 158 -54.01 6.53 57.62
CA ASP A 158 -55.23 7.28 57.92
C ASP A 158 -56.47 6.41 57.76
N SER A 159 -56.68 5.87 56.57
CA SER A 159 -57.81 4.97 56.32
C SER A 159 -58.05 4.05 57.51
N GLN A 160 -56.99 3.41 58.00
CA GLN A 160 -57.11 2.43 59.08
C GLN A 160 -57.30 3.05 60.47
N LEU A 161 -56.38 3.91 60.84
CA LEU A 161 -56.49 4.64 62.10
C LEU A 161 -57.88 5.23 62.31
N THR A 162 -58.56 5.55 61.21
CA THR A 162 -59.93 6.04 61.31
C THR A 162 -60.86 4.88 61.65
N ASN A 163 -60.80 3.84 60.83
CA ASN A 163 -61.61 2.65 61.08
C ASN A 163 -61.31 2.01 62.43
N ASP A 164 -60.02 1.95 62.76
CA ASP A 164 -59.56 1.27 63.96
C ASP A 164 -59.95 2.02 65.23
N PHE A 165 -60.12 3.33 65.10
CA PHE A 165 -60.45 4.18 66.24
C PHE A 165 -61.88 3.95 66.69
N SER A 166 -62.78 3.84 65.72
CA SER A 166 -64.17 3.56 66.03
C SER A 166 -64.29 2.16 66.63
N GLU A 167 -63.32 1.30 66.32
CA GLU A 167 -63.33 -0.07 66.83
C GLU A 167 -62.92 -0.12 68.30
N LYS A 168 -62.07 0.82 68.72
CA LYS A 168 -61.72 0.91 70.12
C LYS A 168 -62.82 1.61 70.89
N SER A 169 -63.42 2.63 70.30
CA SER A 169 -64.54 3.33 70.94
C SER A 169 -65.69 2.36 71.22
N SER A 170 -65.81 1.34 70.37
CA SER A 170 -66.78 0.28 70.58
C SER A 170 -66.31 -0.66 71.70
N TYR A 171 -65.02 -0.98 71.68
CA TYR A 171 -64.42 -1.83 72.70
C TYR A 171 -64.45 -1.18 74.08
N PHE A 172 -64.40 0.14 74.12
CA PHE A 172 -64.48 0.85 75.38
C PHE A 172 -65.78 0.55 76.09
N GLN A 173 -66.90 1.02 75.54
CA GLN A 173 -68.19 0.81 76.18
C GLN A 173 -68.48 -0.67 76.41
N SER A 174 -68.11 -1.50 75.44
CA SER A 174 -68.31 -2.95 75.57
C SER A 174 -67.49 -3.47 76.73
N GLN A 175 -66.46 -2.71 77.11
CA GLN A 175 -65.56 -3.12 78.18
C GLN A 175 -65.97 -2.56 79.54
N VAL A 176 -66.32 -1.26 79.60
CA VAL A 176 -66.81 -0.68 80.84
C VAL A 176 -68.03 -1.44 81.31
N ASP A 177 -68.82 -1.93 80.36
CA ASP A 177 -69.92 -2.82 80.67
C ASP A 177 -69.40 -4.04 81.45
N LYS A 178 -68.43 -4.74 80.88
CA LYS A 178 -67.85 -5.88 81.57
C LYS A 178 -67.51 -5.52 83.01
N ILE A 179 -67.15 -4.26 83.23
CA ILE A 179 -66.74 -3.83 84.57
C ILE A 179 -67.91 -3.72 85.54
N ARG A 180 -69.04 -3.17 85.08
CA ARG A 180 -70.25 -3.14 85.88
C ARG A 180 -70.71 -4.57 86.18
N LYS A 181 -70.94 -5.33 85.12
CA LYS A 181 -71.41 -6.71 85.23
C LYS A 181 -70.57 -7.53 86.19
N GLU A 182 -69.27 -7.25 86.26
CA GLU A 182 -68.40 -7.99 87.16
C GLU A 182 -68.53 -7.50 88.59
N ALA A 183 -68.72 -6.21 88.76
CA ALA A 183 -68.73 -5.58 90.08
C ALA A 183 -70.08 -5.75 90.77
N TYR A 184 -71.16 -5.61 90.02
CA TYR A 184 -72.48 -5.72 90.61
C TYR A 184 -72.90 -7.17 90.84
N ALA A 185 -72.47 -8.07 89.97
CA ALA A 185 -72.63 -9.49 90.24
C ALA A 185 -71.91 -9.82 91.54
N GLY A 186 -70.95 -8.97 91.90
CA GLY A 186 -70.17 -9.12 93.12
C GLY A 186 -70.86 -8.54 94.34
N ALA A 187 -71.28 -7.28 94.26
CA ALA A 187 -72.04 -6.68 95.36
C ALA A 187 -73.29 -7.50 95.59
N ALA A 188 -74.08 -7.65 94.54
CA ALA A 188 -75.26 -8.50 94.58
C ALA A 188 -75.05 -9.78 95.39
N ALA A 189 -73.81 -10.29 95.38
CA ALA A 189 -73.48 -11.53 96.06
C ALA A 189 -73.54 -11.42 97.58
N GLY A 190 -73.82 -10.21 98.07
CA GLY A 190 -73.94 -9.96 99.50
C GLY A 190 -75.26 -10.43 100.11
N VAL A 191 -76.19 -10.83 99.25
CA VAL A 191 -77.47 -11.35 99.70
C VAL A 191 -77.31 -12.43 100.77
N VAL A 192 -76.18 -13.14 100.73
CA VAL A 192 -75.90 -14.19 101.71
C VAL A 192 -75.77 -13.64 103.12
N ALA A 193 -74.81 -12.74 103.33
CA ALA A 193 -74.74 -12.05 104.60
C ALA A 193 -75.74 -10.89 104.60
N GLY A 194 -76.00 -10.31 105.78
CA GLY A 194 -77.07 -9.35 105.98
C GLY A 194 -77.16 -8.21 104.96
N PRO A 195 -78.36 -7.62 104.82
CA PRO A 195 -78.54 -6.49 103.90
C PRO A 195 -77.65 -5.31 104.25
N PHE A 196 -77.34 -5.12 105.53
CA PHE A 196 -76.38 -4.11 105.94
C PHE A 196 -75.02 -4.45 105.30
N GLY A 197 -74.85 -5.73 104.98
CA GLY A 197 -73.69 -6.17 104.25
C GLY A 197 -73.67 -5.61 102.85
N LEU A 198 -74.85 -5.48 102.25
CA LEU A 198 -74.96 -4.88 100.92
C LEU A 198 -74.48 -3.43 100.95
N ILE A 199 -74.98 -2.65 101.90
CA ILE A 199 -74.51 -1.28 102.04
C ILE A 199 -72.98 -1.23 102.00
N ILE A 200 -72.33 -2.04 102.82
CA ILE A 200 -70.87 -2.12 102.83
C ILE A 200 -70.33 -2.57 101.46
N SER A 201 -70.86 -3.68 100.96
CA SER A 201 -70.41 -4.28 99.71
C SER A 201 -70.59 -3.35 98.52
N TYR A 202 -71.82 -2.92 98.33
CA TYR A 202 -72.20 -2.04 97.25
C TYR A 202 -71.52 -0.67 97.31
N SER A 203 -71.30 -0.12 98.51
CA SER A 203 -70.50 1.09 98.64
C SER A 203 -69.07 0.83 98.19
N ILE A 204 -68.50 -0.27 98.66
CA ILE A 204 -67.18 -0.69 98.23
C ILE A 204 -67.10 -0.76 96.69
N ALA A 205 -68.16 -1.25 96.07
CA ALA A 205 -68.16 -1.48 94.63
C ALA A 205 -68.59 -0.26 93.82
N ALA A 206 -69.89 -0.09 93.63
CA ALA A 206 -70.41 1.04 92.88
C ALA A 206 -69.68 2.32 93.23
N GLY A 207 -69.27 2.46 94.47
CA GLY A 207 -68.53 3.62 94.91
C GLY A 207 -67.20 3.76 94.19
N VAL A 208 -66.34 2.76 94.33
CA VAL A 208 -65.03 2.77 93.67
C VAL A 208 -65.14 2.71 92.14
N VAL A 209 -66.06 1.91 91.64
CA VAL A 209 -66.26 1.80 90.21
C VAL A 209 -66.70 3.13 89.62
N GLU A 210 -67.87 3.59 90.02
CA GLU A 210 -68.42 4.83 89.48
C GLU A 210 -67.65 6.04 90.00
N GLY A 211 -66.77 5.78 90.96
CA GLY A 211 -66.00 6.83 91.59
C GLY A 211 -64.76 7.21 90.84
N LYS A 212 -63.83 6.26 90.68
CA LYS A 212 -62.60 6.50 89.92
C LYS A 212 -62.57 5.71 88.59
N LEU A 213 -62.95 4.45 88.64
CA LEU A 213 -62.81 3.58 87.46
C LEU A 213 -63.46 4.08 86.17
N ILE A 214 -64.79 4.02 86.10
CA ILE A 214 -65.48 4.42 84.88
C ILE A 214 -65.02 5.78 84.36
N PRO A 215 -64.92 6.78 85.25
CA PRO A 215 -64.46 8.11 84.84
C PRO A 215 -63.05 8.07 84.27
N GLU A 216 -62.17 7.29 84.88
CA GLU A 216 -60.81 7.11 84.39
C GLU A 216 -60.85 6.59 82.97
N LEU A 217 -61.65 5.56 82.73
CA LEU A 217 -61.81 5.02 81.39
C LEU A 217 -62.31 6.09 80.44
N LYS A 218 -63.38 6.79 80.82
CA LYS A 218 -63.89 7.88 80.00
C LYS A 218 -62.80 8.91 79.74
N ASN A 219 -61.81 8.94 80.61
CA ASN A 219 -60.71 9.88 80.45
C ASN A 219 -59.75 9.48 79.33
N LYS A 220 -59.34 8.22 79.31
CA LYS A 220 -58.46 7.72 78.26
C LYS A 220 -59.17 7.72 76.93
N LEU A 221 -60.43 7.28 76.91
CA LEU A 221 -61.19 7.30 75.67
C LEU A 221 -61.09 8.69 75.05
N LYS A 222 -60.94 9.71 75.90
CA LYS A 222 -60.78 11.06 75.41
C LYS A 222 -59.35 11.35 74.99
N SER A 223 -58.37 10.93 75.79
CA SER A 223 -56.97 11.18 75.46
C SER A 223 -56.63 10.49 74.16
N VAL A 224 -57.28 9.35 73.92
CA VAL A 224 -57.17 8.64 72.65
C VAL A 224 -57.82 9.45 71.53
N GLN A 225 -59.13 9.63 71.64
CA GLN A 225 -59.88 10.41 70.67
C GLN A 225 -59.23 11.76 70.44
N ASN A 226 -58.53 12.25 71.45
CA ASN A 226 -57.79 13.50 71.35
C ASN A 226 -56.56 13.33 70.44
N PHE A 227 -55.80 12.26 70.69
CA PHE A 227 -54.60 11.97 69.93
C PHE A 227 -54.96 11.53 68.52
N PHE A 228 -55.98 10.70 68.39
CA PHE A 228 -56.46 10.29 67.08
C PHE A 228 -56.63 11.52 66.20
N THR A 229 -57.19 12.56 66.79
CA THR A 229 -57.41 13.77 66.03
C THR A 229 -56.10 14.42 65.62
N THR A 230 -55.26 14.77 66.60
CA THR A 230 -54.02 15.47 66.29
C THR A 230 -53.23 14.71 65.23
N LEU A 231 -53.22 13.38 65.33
CA LEU A 231 -52.52 12.56 64.36
C LEU A 231 -53.16 12.64 62.99
N SER A 232 -54.48 12.52 62.92
CA SER A 232 -55.19 12.59 61.65
C SER A 232 -54.84 13.88 60.93
N ASN A 233 -54.71 14.95 61.71
CA ASN A 233 -54.32 16.26 61.18
C ASN A 233 -52.85 16.30 60.78
N THR A 234 -52.01 15.58 61.52
CA THR A 234 -50.59 15.50 61.21
C THR A 234 -50.44 14.81 59.85
N VAL A 235 -51.42 13.97 59.51
CA VAL A 235 -51.44 13.30 58.22
C VAL A 235 -51.90 14.25 57.13
N LYS A 236 -53.04 14.90 57.34
CA LYS A 236 -53.55 15.86 56.38
C LYS A 236 -52.46 16.84 55.99
N GLN A 237 -51.62 17.20 56.95
CA GLN A 237 -50.52 18.12 56.67
C GLN A 237 -49.56 17.51 55.68
N ALA A 238 -48.96 16.39 56.05
CA ALA A 238 -48.04 15.67 55.16
C ALA A 238 -48.60 15.53 53.74
N ASN A 239 -49.84 15.08 53.63
CA ASN A 239 -50.47 14.97 52.31
C ASN A 239 -50.47 16.30 51.59
N LYS A 240 -50.69 17.38 52.32
CA LYS A 240 -50.65 18.72 51.72
C LYS A 240 -49.23 19.14 51.36
N ASP A 241 -48.27 18.83 52.23
CA ASP A 241 -46.87 19.16 52.02
C ASP A 241 -46.31 18.42 50.82
N ILE A 242 -46.56 17.13 50.76
CA ILE A 242 -46.08 16.32 49.66
C ILE A 242 -46.63 16.85 48.35
N ASP A 243 -47.92 17.13 48.34
CA ASP A 243 -48.59 17.55 47.11
C ASP A 243 -48.05 18.89 46.63
N ALA A 244 -47.74 19.77 47.57
CA ALA A 244 -47.16 21.08 47.24
C ALA A 244 -45.78 20.94 46.60
N ALA A 245 -44.99 20.00 47.11
CA ALA A 245 -43.67 19.74 46.54
C ALA A 245 -43.82 19.23 45.12
N LYS A 246 -44.69 18.25 44.94
CA LYS A 246 -44.88 17.65 43.62
C LYS A 246 -45.27 18.72 42.61
N LEU A 247 -46.07 19.67 43.06
CA LEU A 247 -46.48 20.77 42.22
C LEU A 247 -45.27 21.55 41.79
N LYS A 248 -44.62 22.19 42.76
CA LYS A 248 -43.38 22.95 42.54
C LYS A 248 -42.49 22.24 41.52
N LEU A 249 -42.31 20.95 41.71
CA LEU A 249 -41.44 20.16 40.84
C LEU A 249 -41.87 20.19 39.37
N THR A 250 -43.10 19.78 39.08
CA THR A 250 -43.55 19.69 37.70
C THR A 250 -43.65 21.08 37.09
N THR A 251 -44.16 22.03 37.85
CA THR A 251 -44.30 23.39 37.34
C THR A 251 -42.94 24.00 37.03
N GLU A 252 -41.90 23.49 37.68
CA GLU A 252 -40.54 23.86 37.34
C GLU A 252 -40.11 23.12 36.08
N ILE A 253 -40.26 21.80 36.10
CA ILE A 253 -40.02 20.99 34.93
C ILE A 253 -40.50 21.64 33.63
N ALA A 254 -41.74 22.11 33.65
CA ALA A 254 -42.36 22.69 32.45
C ALA A 254 -41.81 24.06 32.14
N ALA A 255 -41.45 24.81 33.18
CA ALA A 255 -40.87 26.13 33.03
C ALA A 255 -39.49 26.01 32.40
N ILE A 256 -38.73 25.02 32.84
CA ILE A 256 -37.48 24.71 32.20
C ILE A 256 -37.79 24.29 30.77
N GLY A 257 -38.90 23.59 30.60
CA GLY A 257 -39.34 23.17 29.28
C GLY A 257 -39.38 24.32 28.30
N GLU A 258 -39.94 25.44 28.74
CA GLU A 258 -40.04 26.62 27.90
C GLU A 258 -38.69 26.98 27.28
N ILE A 259 -37.64 27.06 28.10
CA ILE A 259 -36.32 27.36 27.58
C ILE A 259 -35.87 26.28 26.62
N LYS A 260 -35.87 25.05 27.11
CA LYS A 260 -35.45 23.92 26.29
C LYS A 260 -35.92 24.07 24.85
N THR A 261 -37.23 24.19 24.65
CA THR A 261 -37.78 24.27 23.30
C THR A 261 -37.18 25.42 22.50
N GLU A 262 -37.18 26.61 23.10
CA GLU A 262 -36.57 27.76 22.43
C GLU A 262 -35.14 27.43 22.03
N THR A 263 -34.35 26.96 22.98
CA THR A 263 -32.97 26.57 22.74
C THR A 263 -32.89 25.56 21.60
N GLU A 264 -33.61 24.47 21.75
CA GLU A 264 -33.62 23.41 20.76
C GLU A 264 -33.90 23.98 19.37
N THR A 265 -34.82 24.93 19.29
CA THR A 265 -35.15 25.57 18.01
C THR A 265 -33.97 26.32 17.43
N THR A 266 -33.56 27.35 18.16
CA THR A 266 -32.37 28.12 17.85
C THR A 266 -31.23 27.26 17.32
N ARG A 267 -30.97 26.13 17.99
CA ARG A 267 -29.98 25.19 17.49
C ARG A 267 -30.24 24.82 16.02
N PHE A 268 -31.43 24.31 15.72
CA PHE A 268 -31.76 23.95 14.34
C PHE A 268 -31.51 25.11 13.37
N TYR A 269 -31.88 26.32 13.76
CA TYR A 269 -31.66 27.49 12.94
C TYR A 269 -30.16 27.68 12.59
N VAL A 270 -29.29 27.47 13.57
CA VAL A 270 -27.85 27.45 13.31
C VAL A 270 -27.50 26.49 12.16
N ASP A 271 -28.28 25.43 12.00
CA ASP A 271 -28.05 24.44 10.94
C ASP A 271 -28.26 24.96 9.50
N TYR A 272 -28.83 26.14 9.35
CA TYR A 272 -29.01 26.71 8.04
C TYR A 272 -27.69 27.24 7.47
N ASP A 273 -26.76 27.61 8.36
CA ASP A 273 -25.43 28.12 8.00
C ASP A 273 -25.38 29.63 7.90
N ASP A 274 -26.51 30.20 7.47
CA ASP A 274 -26.60 31.63 7.36
C ASP A 274 -26.56 32.24 8.75
N LEU A 275 -25.36 32.55 9.23
CA LEU A 275 -25.19 33.17 10.54
C LEU A 275 -25.91 34.49 10.59
N MET A 276 -26.49 34.90 9.46
CA MET A 276 -27.07 36.23 9.32
C MET A 276 -28.58 36.12 9.12
N LEU A 277 -29.08 34.89 9.05
CA LEU A 277 -30.50 34.64 8.85
C LEU A 277 -31.32 35.28 9.95
N SER A 278 -32.33 36.06 9.57
CA SER A 278 -33.15 36.76 10.56
C SER A 278 -33.68 35.81 11.64
N LEU A 279 -34.18 34.66 11.22
CA LEU A 279 -34.67 33.67 12.17
C LEU A 279 -33.64 33.41 13.25
N LEU A 280 -32.49 32.82 12.88
CA LEU A 280 -31.48 32.52 13.86
C LEU A 280 -31.13 33.74 14.69
N LYS A 281 -31.22 34.91 14.08
CA LYS A 281 -30.87 36.12 14.81
C LYS A 281 -31.96 36.41 15.83
N GLU A 282 -33.20 36.37 15.36
CA GLU A 282 -34.35 36.60 16.21
C GLU A 282 -34.44 35.54 17.32
N ALA A 283 -34.38 34.28 16.92
CA ALA A 283 -34.36 33.16 17.85
C ALA A 283 -33.38 33.41 18.99
N ALA A 284 -32.20 33.91 18.64
CA ALA A 284 -31.16 34.19 19.62
C ALA A 284 -31.57 35.32 20.53
N LYS A 285 -32.29 36.29 19.99
CA LYS A 285 -32.76 37.42 20.79
C LYS A 285 -33.87 36.97 21.72
N LYS A 286 -34.77 36.12 21.21
CA LYS A 286 -35.87 35.56 22.01
C LYS A 286 -35.31 34.78 23.17
N MET A 287 -34.37 33.88 22.89
CA MET A 287 -33.69 33.12 23.93
C MET A 287 -33.29 34.01 25.11
N ILE A 288 -32.79 35.20 24.82
CA ILE A 288 -32.33 36.12 25.87
C ILE A 288 -33.51 36.69 26.65
N ASN A 289 -34.62 36.92 25.96
CA ASN A 289 -35.85 37.30 26.64
C ASN A 289 -36.41 36.15 27.47
N THR A 290 -36.75 35.05 26.80
CA THR A 290 -37.24 33.86 27.51
C THR A 290 -36.44 33.60 28.78
N CYS A 291 -35.11 33.72 28.71
CA CYS A 291 -34.27 33.54 29.89
C CYS A 291 -34.57 34.61 30.94
N ASN A 292 -34.54 35.87 30.51
CA ASN A 292 -34.76 36.97 31.43
C ASN A 292 -36.08 36.84 32.23
N GLU A 293 -37.16 36.43 31.56
CA GLU A 293 -38.46 36.26 32.20
C GLU A 293 -38.43 35.11 33.21
N TYR A 294 -37.67 34.08 32.88
CA TYR A 294 -37.46 32.95 33.78
C TYR A 294 -36.81 33.36 35.09
N GLN A 295 -35.99 34.41 35.06
CA GLN A 295 -35.29 34.91 36.26
C GLN A 295 -36.18 35.75 37.17
N LYS A 296 -37.16 36.44 36.59
CA LYS A 296 -38.04 37.31 37.35
C LYS A 296 -39.16 36.54 38.07
N ARG A 297 -40.06 35.90 37.32
CA ARG A 297 -41.16 35.14 37.92
C ARG A 297 -40.65 33.99 38.80
N HIS A 298 -39.66 33.25 38.29
CA HIS A 298 -39.04 32.17 39.02
C HIS A 298 -37.58 32.49 39.37
N LYS B 14 -41.15 -36.01 124.92
CA LYS B 14 -42.30 -35.18 124.56
C LYS B 14 -42.36 -33.93 125.42
N THR B 15 -41.19 -33.36 125.69
CA THR B 15 -41.11 -32.12 126.47
C THR B 15 -40.63 -30.98 125.58
N VAL B 16 -39.71 -31.30 124.68
CA VAL B 16 -39.13 -30.33 123.77
C VAL B 16 -40.09 -30.02 122.62
N GLU B 17 -40.99 -30.96 122.34
CA GLU B 17 -41.90 -30.83 121.22
C GLU B 17 -42.72 -29.54 121.26
N VAL B 18 -42.80 -28.91 122.42
CA VAL B 18 -43.49 -27.64 122.53
C VAL B 18 -42.71 -26.56 121.81
N VAL B 19 -41.39 -26.54 122.04
CA VAL B 19 -40.50 -25.61 121.34
C VAL B 19 -40.61 -25.80 119.83
N LYS B 20 -40.45 -27.04 119.39
CA LYS B 20 -40.61 -27.38 117.99
C LYS B 20 -41.93 -26.85 117.43
N ASN B 21 -43.04 -27.25 118.02
CA ASN B 21 -44.34 -26.79 117.54
C ASN B 21 -44.42 -25.27 117.51
N ALA B 22 -43.81 -24.62 118.50
CA ALA B 22 -43.84 -23.17 118.60
C ALA B 22 -42.95 -22.53 117.54
N ILE B 23 -41.82 -23.18 117.29
CA ILE B 23 -40.90 -22.73 116.25
C ILE B 23 -41.67 -22.64 114.92
N GLU B 24 -42.42 -23.68 114.60
CA GLU B 24 -43.20 -23.73 113.37
C GLU B 24 -44.33 -22.71 113.40
N THR B 25 -44.92 -22.51 114.57
CA THR B 25 -45.96 -21.49 114.75
C THR B 25 -45.38 -20.13 114.36
N ALA B 26 -44.20 -19.84 114.89
CA ALA B 26 -43.52 -18.58 114.66
C ALA B 26 -43.19 -18.39 113.20
N ASP B 27 -42.88 -19.48 112.51
CA ASP B 27 -42.54 -19.42 111.09
C ASP B 27 -43.72 -18.86 110.30
N GLY B 28 -44.81 -19.61 110.27
CA GLY B 28 -46.04 -19.16 109.63
C GLY B 28 -46.49 -17.80 110.14
N ALA B 29 -46.03 -17.40 111.32
CA ALA B 29 -46.31 -16.06 111.83
C ALA B 29 -45.71 -15.03 110.87
N LEU B 30 -44.39 -15.06 110.73
CA LEU B 30 -43.69 -14.20 109.77
C LEU B 30 -44.43 -14.18 108.45
N ASP B 31 -44.66 -15.36 107.90
CA ASP B 31 -45.33 -15.50 106.62
C ASP B 31 -46.57 -14.64 106.51
N LEU B 32 -47.57 -14.90 107.36
CA LEU B 32 -48.77 -14.08 107.40
C LEU B 32 -48.41 -12.62 107.59
N TYR B 33 -47.42 -12.37 108.44
CA TYR B 33 -46.97 -11.01 108.73
C TYR B 33 -46.64 -10.25 107.45
N ASN B 34 -45.66 -10.76 106.72
CA ASN B 34 -45.27 -10.18 105.44
C ASN B 34 -46.44 -10.16 104.46
N LYS B 35 -47.01 -11.34 104.22
CA LYS B 35 -48.15 -11.48 103.32
C LYS B 35 -49.09 -10.27 103.44
N TYR B 36 -49.38 -9.87 104.67
CA TYR B 36 -50.25 -8.72 104.92
C TYR B 36 -49.47 -7.42 104.75
N LEU B 37 -48.28 -7.38 105.32
CA LEU B 37 -47.43 -6.21 105.25
C LEU B 37 -47.26 -5.75 103.81
N ASP B 38 -47.18 -6.72 102.90
CA ASP B 38 -47.07 -6.44 101.47
C ASP B 38 -48.36 -5.89 100.92
N GLN B 39 -49.48 -6.55 101.21
CA GLN B 39 -50.79 -6.04 100.83
C GLN B 39 -50.94 -4.60 101.32
N VAL B 40 -50.28 -4.30 102.43
CA VAL B 40 -50.39 -3.00 103.07
C VAL B 40 -49.43 -1.98 102.49
N ILE B 41 -48.23 -2.44 102.16
CA ILE B 41 -47.21 -1.58 101.57
C ILE B 41 -46.77 -2.12 100.21
N PRO B 42 -47.36 -1.58 99.13
CA PRO B 42 -47.20 -2.08 97.77
C PRO B 42 -45.81 -1.79 97.21
N TRP B 43 -44.78 -2.29 97.88
CA TRP B 43 -43.42 -2.09 97.39
C TRP B 43 -43.27 -2.72 96.01
N GLN B 44 -43.95 -3.85 95.82
CA GLN B 44 -43.97 -4.51 94.52
C GLN B 44 -44.40 -3.50 93.47
N THR B 45 -45.61 -2.96 93.64
CA THR B 45 -46.16 -1.99 92.71
C THR B 45 -45.31 -0.73 92.59
N PHE B 46 -44.79 -0.25 93.71
CA PHE B 46 -43.90 0.92 93.69
C PHE B 46 -42.63 0.65 92.90
N ASP B 47 -41.91 -0.39 93.29
CA ASP B 47 -40.70 -0.79 92.57
C ASP B 47 -40.99 -0.96 91.07
N GLU B 48 -41.93 -1.84 90.73
CA GLU B 48 -42.31 -2.06 89.33
C GLU B 48 -42.53 -0.75 88.62
N THR B 49 -43.32 0.12 89.25
CA THR B 49 -43.66 1.40 88.66
C THR B 49 -42.39 2.22 88.39
N ILE B 50 -41.41 2.11 89.28
CA ILE B 50 -40.13 2.81 89.11
C ILE B 50 -39.38 2.30 87.89
N LYS B 51 -39.23 0.98 87.79
CA LYS B 51 -38.51 0.38 86.68
C LYS B 51 -39.06 0.83 85.32
N GLU B 52 -40.32 0.51 85.05
CA GLU B 52 -40.87 0.78 83.73
C GLU B 52 -40.65 2.23 83.29
N LEU B 53 -40.70 3.17 84.21
CA LEU B 53 -40.45 4.55 83.82
C LEU B 53 -38.98 4.91 83.90
N SER B 54 -38.17 4.00 84.42
CA SER B 54 -36.73 4.12 84.32
C SER B 54 -36.32 3.65 82.94
N ARG B 55 -36.90 2.53 82.51
CA ARG B 55 -36.73 2.03 81.14
C ARG B 55 -37.00 3.14 80.13
N PHE B 56 -38.09 3.88 80.30
CA PHE B 56 -38.39 5.01 79.43
C PHE B 56 -37.15 5.90 79.28
N LYS B 57 -36.71 6.48 80.39
CA LYS B 57 -35.54 7.33 80.41
C LYS B 57 -34.36 6.63 79.72
N GLN B 58 -34.29 5.33 79.86
CA GLN B 58 -33.17 4.55 79.31
C GLN B 58 -33.27 4.46 77.80
N GLU B 59 -34.25 3.69 77.32
CA GLU B 59 -34.43 3.45 75.90
C GLU B 59 -34.21 4.68 75.03
N TYR B 60 -34.79 5.80 75.44
CA TYR B 60 -34.63 7.04 74.68
C TYR B 60 -33.23 7.61 74.77
N SER B 61 -32.65 7.61 75.96
CA SER B 61 -31.26 7.96 76.09
C SER B 61 -30.48 7.22 75.01
N GLN B 62 -30.59 5.90 75.02
CA GLN B 62 -29.95 5.07 74.00
C GLN B 62 -30.11 5.65 72.60
N ALA B 63 -31.35 5.76 72.14
CA ALA B 63 -31.62 6.23 70.79
C ALA B 63 -30.94 7.56 70.55
N ALA B 64 -31.42 8.60 71.23
CA ALA B 64 -30.87 9.94 71.06
C ALA B 64 -29.35 9.93 71.07
N SER B 65 -28.75 9.22 72.02
CA SER B 65 -27.31 9.16 72.09
C SER B 65 -26.72 8.75 70.75
N VAL B 66 -27.02 7.54 70.32
CA VAL B 66 -26.47 7.04 69.06
C VAL B 66 -26.80 7.92 67.85
N LEU B 67 -28.03 8.42 67.76
CA LEU B 67 -28.41 9.30 66.65
C LEU B 67 -27.59 10.58 66.69
N VAL B 68 -27.70 11.31 67.79
CA VAL B 68 -26.92 12.53 68.00
C VAL B 68 -25.44 12.32 67.70
N GLY B 69 -24.96 11.09 67.88
CA GLY B 69 -23.58 10.78 67.57
C GLY B 69 -23.36 10.66 66.09
N ASP B 70 -24.23 9.90 65.43
CA ASP B 70 -24.16 9.78 64.00
C ASP B 70 -24.20 11.16 63.37
N ILE B 71 -25.13 11.99 63.82
CA ILE B 71 -25.23 13.35 63.34
C ILE B 71 -23.88 14.08 63.40
N LYS B 72 -23.14 13.88 64.48
CA LYS B 72 -21.84 14.53 64.59
C LYS B 72 -20.91 14.01 63.52
N THR B 73 -20.74 12.69 63.48
CA THR B 73 -20.01 12.08 62.39
C THR B 73 -20.37 12.77 61.08
N LEU B 74 -21.67 12.78 60.73
CA LEU B 74 -22.14 13.40 59.50
C LEU B 74 -21.69 14.84 59.36
N LEU B 75 -21.84 15.62 60.42
CA LEU B 75 -21.42 17.00 60.38
C LEU B 75 -19.94 17.10 60.10
N MET B 76 -19.15 16.33 60.84
CA MET B 76 -17.71 16.30 60.67
C MET B 76 -17.33 15.83 59.26
N ASP B 77 -18.04 14.82 58.76
CA ASP B 77 -17.86 14.35 57.38
C ASP B 77 -17.96 15.52 56.40
N SER B 78 -19.07 16.24 56.46
CA SER B 78 -19.29 17.40 55.64
C SER B 78 -18.11 18.36 55.70
N GLN B 79 -17.80 18.84 56.89
CA GLN B 79 -16.72 19.79 57.08
C GLN B 79 -15.50 19.43 56.24
N ASP B 80 -15.01 18.21 56.38
CA ASP B 80 -13.87 17.76 55.58
C ASP B 80 -14.17 17.90 54.09
N LYS B 81 -15.33 17.43 53.66
CA LYS B 81 -15.72 17.52 52.25
C LYS B 81 -15.82 18.97 51.76
N TYR B 82 -16.25 19.85 52.65
CA TYR B 82 -16.25 21.27 52.35
C TYR B 82 -14.84 21.78 52.18
N PHE B 83 -14.00 21.50 53.17
CA PHE B 83 -12.59 21.88 53.12
C PHE B 83 -11.98 21.48 51.81
N GLU B 84 -12.01 20.19 51.53
CA GLU B 84 -11.55 19.68 50.25
C GLU B 84 -12.05 20.56 49.13
N ALA B 85 -13.37 20.57 48.93
CA ALA B 85 -13.98 21.34 47.86
C ALA B 85 -13.40 22.75 47.73
N THR B 86 -13.52 23.52 48.80
CA THR B 86 -13.04 24.89 48.78
C THR B 86 -11.56 24.94 48.48
N GLN B 87 -10.80 24.10 49.17
CA GLN B 87 -9.35 24.10 49.03
C GLN B 87 -8.99 23.84 47.59
N THR B 88 -9.53 22.75 47.04
CA THR B 88 -9.36 22.41 45.63
C THR B 88 -9.53 23.63 44.73
N VAL B 89 -10.63 24.34 44.93
CA VAL B 89 -10.90 25.56 44.20
C VAL B 89 -9.83 26.63 44.43
N TYR B 90 -9.61 27.01 45.69
CA TYR B 90 -8.58 27.98 46.04
C TYR B 90 -7.23 27.69 45.36
N GLU B 91 -6.94 26.42 45.13
CA GLU B 91 -5.70 26.03 44.47
C GLU B 91 -5.73 26.43 42.99
N TRP B 92 -6.74 25.98 42.27
CA TRP B 92 -6.87 26.32 40.86
C TRP B 92 -7.14 27.81 40.68
N CYS B 93 -8.12 28.34 41.40
CA CYS B 93 -8.46 29.74 41.32
C CYS B 93 -7.20 30.59 41.46
N GLY B 94 -6.12 29.94 41.90
CA GLY B 94 -4.90 30.65 42.23
C GLY B 94 -3.84 30.58 41.16
N VAL B 95 -3.59 29.39 40.63
CA VAL B 95 -2.73 29.28 39.45
C VAL B 95 -3.37 30.07 38.32
N ALA B 96 -4.68 29.90 38.16
CA ALA B 96 -5.44 30.60 37.14
C ALA B 96 -5.19 32.11 37.09
N THR B 97 -5.42 32.81 38.20
CA THR B 97 -5.31 34.28 38.22
C THR B 97 -3.99 34.74 37.66
N GLN B 98 -2.92 34.06 38.07
CA GLN B 98 -1.59 34.34 37.57
C GLN B 98 -1.54 34.26 36.03
N LEU B 99 -2.16 33.21 35.48
CA LEU B 99 -2.16 32.99 34.05
C LEU B 99 -2.99 34.01 33.29
N LEU B 100 -4.23 34.24 33.72
CA LEU B 100 -5.05 35.28 33.10
C LEU B 100 -4.30 36.60 33.14
N ALA B 101 -3.63 36.86 34.26
CA ALA B 101 -2.92 38.12 34.46
C ALA B 101 -1.81 38.22 33.45
N ALA B 102 -1.10 37.11 33.26
CA ALA B 102 -0.02 37.02 32.31
C ALA B 102 -0.55 37.24 30.91
N TYR B 103 -1.62 36.52 30.56
CA TYR B 103 -2.24 36.67 29.25
C TYR B 103 -2.58 38.14 28.98
N ILE B 104 -3.21 38.77 29.95
CA ILE B 104 -3.56 40.19 29.84
C ILE B 104 -2.33 41.08 29.61
N LEU B 105 -1.22 40.67 30.19
CA LEU B 105 0.01 41.44 30.08
C LEU B 105 0.75 41.17 28.77
N LEU B 106 1.04 39.90 28.49
CA LEU B 106 1.87 39.57 27.34
C LEU B 106 1.20 39.97 26.04
N PHE B 107 -0.11 40.16 26.07
CA PHE B 107 -0.84 40.57 24.86
C PHE B 107 -1.45 41.95 24.94
N ASP B 108 -0.71 42.88 25.51
CA ASP B 108 -1.13 44.26 25.46
C ASP B 108 -1.15 44.56 23.98
N GLU B 109 0.01 44.38 23.37
CA GLU B 109 0.16 44.38 21.92
C GLU B 109 0.39 42.93 21.52
N TYR B 110 -0.32 42.49 20.49
CA TYR B 110 -0.30 41.09 20.08
C TYR B 110 1.11 40.51 19.97
N ASN B 111 1.34 39.41 20.66
CA ASN B 111 2.63 38.74 20.62
C ASN B 111 2.56 37.55 19.69
N GLU B 112 3.04 37.71 18.47
CA GLU B 112 2.78 36.74 17.41
C GLU B 112 3.31 35.36 17.71
N LYS B 113 4.39 35.29 18.48
CA LYS B 113 5.08 34.03 18.64
C LYS B 113 4.40 33.23 19.74
N LYS B 114 4.16 33.90 20.85
CA LYS B 114 3.53 33.23 21.99
C LYS B 114 2.04 33.02 21.75
N ALA B 115 1.54 33.57 20.66
CA ALA B 115 0.11 33.55 20.39
C ALA B 115 -0.49 32.16 20.44
N SER B 116 0.16 31.21 19.78
CA SER B 116 -0.38 29.86 19.71
C SER B 116 -0.37 29.20 21.10
N ALA B 117 0.72 29.38 21.83
CA ALA B 117 0.78 28.84 23.19
C ALA B 117 -0.30 29.46 24.06
N GLN B 118 -0.28 30.78 24.17
CA GLN B 118 -1.21 31.48 25.02
C GLN B 118 -2.60 30.91 24.86
N LYS B 119 -2.96 30.62 23.61
CA LYS B 119 -4.26 30.05 23.30
C LYS B 119 -4.42 28.69 23.96
N ASP B 120 -3.47 27.79 23.66
CA ASP B 120 -3.46 26.45 24.24
C ASP B 120 -3.51 26.53 25.76
N ILE B 121 -2.69 27.40 26.31
CA ILE B 121 -2.68 27.62 27.75
C ILE B 121 -4.06 28.04 28.24
N LEU B 122 -4.56 29.18 27.76
CA LEU B 122 -5.89 29.65 28.17
C LEU B 122 -6.87 28.50 28.18
N ILE B 123 -6.77 27.61 27.20
CA ILE B 123 -7.68 26.48 27.13
C ILE B 123 -7.47 25.52 28.29
N LYS B 124 -6.27 24.98 28.43
CA LYS B 124 -5.99 24.02 29.50
C LYS B 124 -6.43 24.55 30.87
N VAL B 125 -5.85 25.66 31.29
CA VAL B 125 -6.19 26.23 32.59
C VAL B 125 -7.68 26.45 32.75
N LEU B 126 -8.34 26.98 31.73
CA LEU B 126 -9.78 27.18 31.82
C LEU B 126 -10.50 25.84 31.88
N ASP B 127 -10.29 25.03 30.85
CA ASP B 127 -10.84 23.69 30.78
C ASP B 127 -10.70 22.93 32.10
N ASP B 128 -9.48 22.98 32.67
CA ASP B 128 -9.16 22.30 33.92
C ASP B 128 -10.03 22.78 35.08
N GLY B 129 -9.90 24.06 35.44
CA GLY B 129 -10.71 24.62 36.49
C GLY B 129 -12.18 24.32 36.31
N ILE B 130 -12.64 24.39 35.07
CA ILE B 130 -14.04 24.11 34.76
C ILE B 130 -14.43 22.75 35.28
N THR B 131 -13.57 21.76 35.07
CA THR B 131 -13.82 20.41 35.57
C THR B 131 -13.72 20.40 37.09
N LYS B 132 -12.58 20.86 37.59
CA LYS B 132 -12.32 20.90 39.02
C LYS B 132 -13.47 21.58 39.74
N LEU B 133 -13.90 22.72 39.22
CA LEU B 133 -14.97 23.50 39.82
C LEU B 133 -16.24 22.71 39.88
N ASN B 134 -16.56 22.04 38.78
CA ASN B 134 -17.76 21.22 38.73
C ASN B 134 -17.75 20.15 39.82
N GLU B 135 -16.71 19.32 39.86
CA GLU B 135 -16.60 18.26 40.84
C GLU B 135 -16.74 18.77 42.28
N ALA B 136 -16.21 19.96 42.53
CA ALA B 136 -16.33 20.57 43.84
C ALA B 136 -17.79 20.67 44.22
N GLN B 137 -18.57 21.20 43.31
CA GLN B 137 -19.99 21.36 43.50
C GLN B 137 -20.67 20.02 43.80
N LYS B 138 -20.45 19.03 42.95
CA LYS B 138 -21.08 17.73 43.15
C LYS B 138 -20.69 17.18 44.51
N SER B 139 -19.41 17.26 44.85
CA SER B 139 -18.93 16.81 46.15
C SER B 139 -19.75 17.46 47.26
N LEU B 140 -19.95 18.77 47.15
CA LEU B 140 -20.70 19.53 48.15
C LEU B 140 -22.18 19.15 48.19
N LEU B 141 -22.80 19.05 47.03
CA LEU B 141 -24.19 18.67 46.90
C LEU B 141 -24.46 17.34 47.58
N VAL B 142 -23.59 16.37 47.32
CA VAL B 142 -23.71 15.05 47.94
C VAL B 142 -23.58 15.12 49.46
N SER B 143 -22.68 15.95 49.95
CA SER B 143 -22.54 16.15 51.37
C SER B 143 -23.87 16.67 51.93
N SER B 144 -24.48 17.61 51.24
CA SER B 144 -25.76 18.15 51.71
C SER B 144 -26.80 17.05 51.80
N GLN B 145 -26.87 16.23 50.76
CA GLN B 145 -27.84 15.15 50.72
C GLN B 145 -27.67 14.18 51.88
N SER B 146 -26.46 14.11 52.43
CA SER B 146 -26.13 13.12 53.48
C SER B 146 -27.00 13.26 54.74
N PHE B 147 -27.15 14.49 55.22
CA PHE B 147 -27.89 14.75 56.44
C PHE B 147 -29.37 14.42 56.33
N ASN B 148 -29.87 14.28 55.12
CA ASN B 148 -31.30 14.14 54.92
C ASN B 148 -31.94 12.98 55.68
N ASN B 149 -31.35 11.79 55.56
CA ASN B 149 -31.89 10.63 56.26
C ASN B 149 -31.91 10.87 57.76
N ALA B 150 -30.74 11.16 58.31
CA ALA B 150 -30.63 11.52 59.73
C ALA B 150 -31.67 12.56 60.15
N SER B 151 -31.84 13.62 59.36
CA SER B 151 -32.76 14.69 59.68
C SER B 151 -34.17 14.16 59.90
N GLY B 152 -34.53 13.12 59.15
CA GLY B 152 -35.81 12.47 59.34
C GLY B 152 -35.86 11.67 60.63
N LYS B 153 -34.92 10.75 60.79
CA LYS B 153 -34.79 9.99 62.02
C LYS B 153 -34.89 10.88 63.26
N LEU B 154 -34.27 12.05 63.20
CA LEU B 154 -34.39 13.03 64.27
C LEU B 154 -35.84 13.34 64.58
N LEU B 155 -36.59 13.76 63.58
CA LEU B 155 -37.99 14.09 63.80
C LEU B 155 -38.80 12.90 64.32
N ALA B 156 -38.63 11.73 63.74
CA ALA B 156 -39.30 10.54 64.25
C ALA B 156 -39.13 10.45 65.76
N LEU B 157 -37.87 10.40 66.19
CA LEU B 157 -37.53 10.35 67.60
C LEU B 157 -38.32 11.38 68.40
N ASP B 158 -38.15 12.65 68.07
CA ASP B 158 -38.88 13.72 68.73
C ASP B 158 -40.39 13.49 68.70
N SER B 159 -40.94 13.32 67.50
CA SER B 159 -42.36 13.04 67.34
C SER B 159 -42.83 12.04 68.39
N GLN B 160 -42.11 10.94 68.51
CA GLN B 160 -42.50 9.84 69.40
C GLN B 160 -42.23 10.12 70.88
N LEU B 161 -40.99 10.44 71.20
CA LEU B 161 -40.62 10.82 72.55
C LEU B 161 -41.59 11.82 73.16
N THR B 162 -42.20 12.65 72.31
CA THR B 162 -43.20 13.60 72.78
C THR B 162 -44.50 12.86 73.10
N ASN B 163 -45.00 12.11 72.12
CA ASN B 163 -46.20 11.32 72.33
C ASN B 163 -46.04 10.29 73.44
N ASP B 164 -44.88 9.65 73.47
CA ASP B 164 -44.61 8.57 74.41
C ASP B 164 -44.51 9.09 75.86
N PHE B 165 -44.09 10.34 76.00
CA PHE B 165 -43.88 10.93 77.32
C PHE B 165 -45.20 11.19 78.00
N SER B 166 -46.16 11.68 77.24
CA SER B 166 -47.50 11.90 77.77
C SER B 166 -48.13 10.56 78.13
N GLU B 167 -47.68 9.49 77.48
CA GLU B 167 -48.21 8.15 77.74
C GLU B 167 -47.69 7.58 79.07
N LYS B 168 -46.48 7.98 79.45
CA LYS B 168 -45.97 7.57 80.75
C LYS B 168 -46.57 8.45 81.84
N SER B 169 -46.75 9.73 81.56
CA SER B 169 -47.36 10.62 82.55
C SER B 169 -48.77 10.16 82.88
N SER B 170 -49.41 9.50 81.91
CA SER B 170 -50.71 8.89 82.15
C SER B 170 -50.55 7.62 82.96
N TYR B 171 -49.55 6.82 82.62
CA TYR B 171 -49.26 5.57 83.33
C TYR B 171 -48.85 5.82 84.76
N PHE B 172 -48.22 6.96 85.02
CA PHE B 172 -47.83 7.31 86.37
C PHE B 172 -49.05 7.37 87.27
N GLN B 173 -49.92 8.35 87.05
CA GLN B 173 -51.09 8.53 87.91
C GLN B 173 -51.95 7.28 87.94
N SER B 174 -52.10 6.63 86.78
CA SER B 174 -52.88 5.40 86.71
C SER B 174 -52.22 4.33 87.55
N GLN B 175 -50.94 4.53 87.82
CA GLN B 175 -50.18 3.56 88.61
C GLN B 175 -50.14 3.91 90.12
N VAL B 176 -49.90 5.18 90.46
CA VAL B 176 -49.91 5.61 91.86
C VAL B 176 -51.28 5.34 92.42
N ASP B 177 -52.30 5.43 91.58
CA ASP B 177 -53.63 5.03 91.98
C ASP B 177 -53.63 3.57 92.41
N LYS B 178 -53.13 2.69 91.54
CA LYS B 178 -53.03 1.28 91.89
C LYS B 178 -52.41 1.11 93.27
N ILE B 179 -51.49 2.00 93.62
CA ILE B 179 -50.80 1.90 94.90
C ILE B 179 -51.68 2.24 96.08
N ARG B 180 -52.49 3.28 95.96
CA ARG B 180 -53.48 3.60 97.00
C ARG B 180 -54.48 2.46 97.14
N LYS B 181 -55.12 2.13 96.03
CA LYS B 181 -56.13 1.09 96.00
C LYS B 181 -55.63 -0.22 96.61
N GLU B 182 -54.35 -0.50 96.46
CA GLU B 182 -53.79 -1.73 97.01
C GLU B 182 -53.53 -1.59 98.51
N ALA B 183 -53.10 -0.40 98.92
CA ALA B 183 -52.70 -0.18 100.30
C ALA B 183 -53.88 0.04 101.21
N TYR B 184 -54.87 0.78 100.74
CA TYR B 184 -56.03 1.06 101.58
C TYR B 184 -57.02 -0.10 101.64
N ALA B 185 -57.13 -0.85 100.56
CA ALA B 185 -57.87 -2.11 100.62
C ALA B 185 -57.20 -3.01 101.65
N GLY B 186 -55.93 -2.74 101.93
CA GLY B 186 -55.17 -3.48 102.92
C GLY B 186 -55.39 -2.99 104.34
N ALA B 187 -55.24 -1.69 104.57
CA ALA B 187 -55.52 -1.13 105.89
C ALA B 187 -56.95 -1.41 106.24
N ALA B 188 -57.85 -0.97 105.35
CA ALA B 188 -59.27 -1.23 105.51
C ALA B 188 -59.53 -2.66 106.03
N ALA B 189 -58.67 -3.60 105.66
CA ALA B 189 -58.83 -5.00 106.04
C ALA B 189 -58.66 -5.24 107.55
N GLY B 190 -58.32 -4.19 108.27
CA GLY B 190 -58.14 -4.27 109.71
C GLY B 190 -59.45 -4.29 110.49
N VAL B 191 -60.56 -4.06 109.80
CA VAL B 191 -61.89 -4.13 110.41
C VAL B 191 -62.09 -5.42 111.22
N VAL B 192 -61.41 -6.48 110.83
CA VAL B 192 -61.51 -7.77 111.53
C VAL B 192 -60.97 -7.67 112.96
N ALA B 193 -59.71 -7.31 113.10
CA ALA B 193 -59.17 -7.02 114.42
C ALA B 193 -59.55 -5.60 114.83
N GLY B 194 -59.36 -5.28 116.11
CA GLY B 194 -59.91 -4.06 116.70
C GLY B 194 -59.62 -2.78 115.94
N PRO B 195 -60.44 -1.74 116.16
CA PRO B 195 -60.22 -0.44 115.50
C PRO B 195 -58.86 0.16 115.86
N PHE B 196 -58.36 -0.12 117.06
CA PHE B 196 -57.00 0.29 117.43
C PHE B 196 -56.03 -0.39 116.49
N GLY B 197 -56.47 -1.51 115.92
CA GLY B 197 -55.70 -2.20 114.90
C GLY B 197 -55.62 -1.35 113.64
N LEU B 198 -56.69 -0.62 113.33
CA LEU B 198 -56.67 0.28 112.18
C LEU B 198 -55.62 1.36 112.34
N ILE B 199 -55.60 2.01 113.50
CA ILE B 199 -54.56 2.99 113.78
C ILE B 199 -53.19 2.43 113.42
N ILE B 200 -52.87 1.25 113.94
CA ILE B 200 -51.60 0.60 113.63
C ILE B 200 -51.48 0.31 112.12
N SER B 201 -52.49 -0.33 111.57
CA SER B 201 -52.51 -0.73 110.16
C SER B 201 -52.39 0.46 109.21
N TYR B 202 -53.32 1.39 109.36
CA TYR B 202 -53.39 2.58 108.54
C TYR B 202 -52.16 3.50 108.69
N SER B 203 -51.61 3.59 109.90
CA SER B 203 -50.34 4.31 110.07
C SER B 203 -49.24 3.61 109.30
N ILE B 204 -49.17 2.30 109.43
CA ILE B 204 -48.21 1.51 108.68
C ILE B 204 -48.36 1.80 107.17
N ALA B 205 -49.60 1.94 106.71
CA ALA B 205 -49.86 2.10 105.27
C ALA B 205 -49.80 3.54 104.80
N ALA B 206 -50.91 4.26 104.94
CA ALA B 206 -50.97 5.65 104.51
C ALA B 206 -49.72 6.40 104.89
N GLY B 207 -49.14 6.04 106.02
CA GLY B 207 -47.92 6.68 106.49
C GLY B 207 -46.75 6.43 105.57
N VAL B 208 -46.40 5.17 105.35
CA VAL B 208 -45.32 4.81 104.44
C VAL B 208 -45.61 5.18 102.96
N VAL B 209 -46.84 4.96 102.54
CA VAL B 209 -47.23 5.31 101.18
C VAL B 209 -47.12 6.79 100.94
N GLU B 210 -47.93 7.58 101.64
CA GLU B 210 -47.93 9.03 101.46
C GLU B 210 -46.64 9.65 101.99
N GLY B 211 -45.87 8.84 102.69
CA GLY B 211 -44.65 9.30 103.33
C GLY B 211 -43.45 9.31 102.42
N LYS B 212 -43.06 8.15 101.90
CA LYS B 212 -41.96 8.05 100.93
C LYS B 212 -42.44 7.67 99.53
N LEU B 213 -43.33 6.67 99.43
CA LEU B 213 -43.73 6.12 98.12
C LEU B 213 -44.26 7.13 97.10
N ILE B 214 -45.48 7.61 97.30
CA ILE B 214 -46.07 8.55 96.35
C ILE B 214 -45.13 9.69 95.98
N PRO B 215 -44.52 10.33 97.00
CA PRO B 215 -43.57 11.42 96.74
C PRO B 215 -42.39 10.97 95.88
N GLU B 216 -41.88 9.77 96.15
CA GLU B 216 -40.80 9.21 95.36
C GLU B 216 -41.21 9.13 93.90
N LEU B 217 -42.39 8.57 93.66
CA LEU B 217 -42.94 8.49 92.31
C LEU B 217 -43.03 9.88 91.67
N LYS B 218 -43.65 10.82 92.38
CA LYS B 218 -43.75 12.19 91.90
C LYS B 218 -42.36 12.74 91.62
N ASN B 219 -41.35 12.15 92.24
CA ASN B 219 -39.99 12.60 92.01
C ASN B 219 -39.42 12.13 90.68
N LYS B 220 -39.61 10.85 90.35
CA LYS B 220 -39.16 10.34 89.07
C LYS B 220 -39.95 10.95 87.92
N LEU B 221 -41.27 11.03 88.07
CA LEU B 221 -42.09 11.66 87.06
C LEU B 221 -41.47 13.00 86.68
N LYS B 222 -40.79 13.64 87.64
CA LYS B 222 -40.14 14.91 87.38
C LYS B 222 -38.77 14.71 86.73
N SER B 223 -37.99 13.75 87.23
CA SER B 223 -36.67 13.50 86.67
C SER B 223 -36.81 13.08 85.21
N VAL B 224 -37.90 12.39 84.91
CA VAL B 224 -38.25 12.02 83.55
C VAL B 224 -38.64 13.27 82.76
N GLN B 225 -39.72 13.92 83.18
CA GLN B 225 -40.17 15.14 82.53
C GLN B 225 -39.03 16.12 82.39
N ASN B 226 -38.08 16.04 83.31
CA ASN B 226 -36.90 16.89 83.28
C ASN B 226 -35.97 16.49 82.13
N PHE B 227 -35.71 15.19 82.02
CA PHE B 227 -34.85 14.65 80.96
C PHE B 227 -35.52 14.73 79.60
N PHE B 228 -36.82 14.43 79.55
CA PHE B 228 -37.57 14.59 78.32
C PHE B 228 -37.31 15.97 77.73
N THR B 229 -37.28 17.00 78.57
CA THR B 229 -37.05 18.35 78.08
C THR B 229 -35.64 18.54 77.53
N THR B 230 -34.63 18.28 78.34
CA THR B 230 -33.26 18.46 77.91
C THR B 230 -33.00 17.72 76.60
N LEU B 231 -33.57 16.53 76.47
CA LEU B 231 -33.41 15.76 75.25
C LEU B 231 -34.11 16.42 74.06
N SER B 232 -35.35 16.86 74.26
CA SER B 232 -36.10 17.50 73.19
C SER B 232 -35.31 18.68 72.67
N ASN B 233 -34.66 19.40 73.57
CA ASN B 233 -33.79 20.51 73.20
C ASN B 233 -32.50 20.07 72.52
N THR B 234 -31.98 18.91 72.93
CA THR B 234 -30.79 18.36 72.31
C THR B 234 -31.11 18.01 70.85
N VAL B 235 -32.38 17.73 70.58
CA VAL B 235 -32.84 17.47 69.22
C VAL B 235 -32.96 18.77 68.44
N LYS B 236 -33.71 19.72 68.98
CA LYS B 236 -33.84 21.03 68.34
C LYS B 236 -32.49 21.54 67.91
N GLN B 237 -31.46 21.29 68.71
CA GLN B 237 -30.12 21.73 68.38
C GLN B 237 -29.62 21.05 67.12
N ALA B 238 -29.56 19.72 67.14
CA ALA B 238 -29.14 18.96 65.97
C ALA B 238 -29.86 19.41 64.71
N ASN B 239 -31.18 19.52 64.77
CA ASN B 239 -31.95 19.99 63.63
C ASN B 239 -31.46 21.36 63.15
N LYS B 240 -31.10 22.23 64.07
CA LYS B 240 -30.56 23.53 63.72
C LYS B 240 -29.14 23.43 63.15
N ASP B 241 -28.32 22.56 63.74
CA ASP B 241 -26.95 22.34 63.29
C ASP B 241 -26.91 21.76 61.90
N ILE B 242 -27.71 20.74 61.67
CA ILE B 242 -27.77 20.09 60.37
C ILE B 242 -28.19 21.09 59.32
N ASP B 243 -29.23 21.87 59.61
CA ASP B 243 -29.77 22.80 58.64
C ASP B 243 -28.77 23.90 58.30
N ALA B 244 -27.99 24.31 59.29
CA ALA B 244 -26.95 25.31 59.08
C ALA B 244 -25.86 24.81 58.15
N ALA B 245 -25.50 23.54 58.32
CA ALA B 245 -24.51 22.93 57.45
C ALA B 245 -25.02 22.87 56.01
N LYS B 246 -26.24 22.37 55.84
CA LYS B 246 -26.82 22.23 54.51
C LYS B 246 -26.84 23.58 53.83
N LEU B 247 -27.09 24.60 54.63
CA LEU B 247 -27.10 25.96 54.11
C LEU B 247 -25.72 26.28 53.59
N LYS B 248 -24.75 26.32 54.51
CA LYS B 248 -23.34 26.54 54.16
C LYS B 248 -22.97 25.83 52.86
N LEU B 249 -23.34 24.57 52.77
CA LEU B 249 -23.00 23.76 51.62
C LEU B 249 -23.53 24.32 50.29
N THR B 250 -24.84 24.51 50.20
CA THR B 250 -25.44 24.95 48.94
C THR B 250 -25.03 26.36 48.61
N THR B 251 -24.96 27.24 49.62
CA THR B 251 -24.57 28.62 49.38
C THR B 251 -23.13 28.70 48.92
N GLU B 252 -22.33 27.68 49.25
CA GLU B 252 -21.00 27.57 48.68
C GLU B 252 -21.09 27.05 47.26
N ILE B 253 -21.79 25.94 47.09
CA ILE B 253 -22.05 25.38 45.77
C ILE B 253 -22.36 26.47 44.75
N ALA B 254 -23.26 27.39 45.12
CA ALA B 254 -23.70 28.43 44.21
C ALA B 254 -22.66 29.52 44.03
N ALA B 255 -21.91 29.79 45.10
CA ALA B 255 -20.82 30.75 45.05
C ALA B 255 -19.72 30.26 44.12
N ILE B 256 -19.41 28.96 44.21
CA ILE B 256 -18.50 28.35 43.27
C ILE B 256 -19.11 28.46 41.88
N GLY B 257 -20.43 28.35 41.82
CA GLY B 257 -21.17 28.46 40.58
C GLY B 257 -20.83 29.75 39.85
N GLU B 258 -20.79 30.85 40.60
CA GLU B 258 -20.47 32.13 40.02
C GLU B 258 -19.20 32.06 39.19
N ILE B 259 -18.13 31.54 39.78
CA ILE B 259 -16.87 31.39 39.06
C ILE B 259 -17.04 30.49 37.84
N LYS B 260 -17.52 29.29 38.08
CA LYS B 260 -17.72 28.33 37.01
C LYS B 260 -18.24 29.03 35.77
N THR B 261 -19.39 29.70 35.88
CA THR B 261 -20.01 30.31 34.72
C THR B 261 -19.06 31.27 34.02
N GLU B 262 -18.44 32.16 34.80
CA GLU B 262 -17.51 33.12 34.22
C GLU B 262 -16.43 32.38 33.46
N THR B 263 -15.82 31.40 34.13
CA THR B 263 -14.77 30.59 33.54
C THR B 263 -15.26 29.97 32.25
N GLU B 264 -16.36 29.23 32.36
CA GLU B 264 -16.96 28.54 31.23
C GLU B 264 -17.14 29.50 30.07
N THR B 265 -17.62 30.71 30.35
CA THR B 265 -17.80 31.73 29.32
C THR B 265 -16.47 32.07 28.65
N THR B 266 -15.58 32.66 29.44
CA THR B 266 -14.22 32.97 29.03
C THR B 266 -13.64 31.89 28.13
N ARG B 267 -13.82 30.63 28.49
CA ARG B 267 -13.39 29.53 27.62
C ARG B 267 -13.95 29.68 26.21
N PHE B 268 -15.27 29.77 26.09
CA PHE B 268 -15.90 29.93 24.77
C PHE B 268 -15.28 31.10 24.01
N TYR B 269 -15.05 32.22 24.70
CA TYR B 269 -14.46 33.38 24.05
C TYR B 269 -13.10 33.05 23.44
N VAL B 270 -12.30 32.26 24.15
CA VAL B 270 -11.04 31.76 23.59
C VAL B 270 -11.25 31.07 22.22
N ASP B 271 -12.42 30.47 22.04
CA ASP B 271 -12.77 29.78 20.80
C ASP B 271 -12.91 30.70 19.56
N TYR B 272 -12.94 32.00 19.76
CA TYR B 272 -13.02 32.91 18.64
C TYR B 272 -11.68 33.00 17.91
N ASP B 273 -10.59 32.75 18.64
CA ASP B 273 -9.22 32.79 18.10
C ASP B 273 -8.56 34.13 18.27
N ASP B 274 -9.36 35.18 18.20
CA ASP B 274 -8.84 36.52 18.36
C ASP B 274 -8.36 36.71 19.78
N LEU B 275 -7.09 36.37 20.03
CA LEU B 275 -6.51 36.52 21.36
C LEU B 275 -6.59 37.96 21.81
N MET B 276 -7.08 38.83 20.94
CA MET B 276 -7.07 40.26 21.20
C MET B 276 -8.48 40.81 21.30
N LEU B 277 -9.46 39.93 21.15
CA LEU B 277 -10.86 40.32 21.20
C LEU B 277 -11.20 40.93 22.55
N SER B 278 -11.83 42.10 22.53
CA SER B 278 -12.12 42.79 23.79
C SER B 278 -12.85 41.87 24.76
N LEU B 279 -13.83 41.13 24.25
CA LEU B 279 -14.59 40.21 25.08
C LEU B 279 -13.66 39.30 25.85
N LEU B 280 -12.91 38.47 25.13
CA LEU B 280 -12.02 37.54 25.80
C LEU B 280 -11.10 38.26 26.77
N LYS B 281 -10.72 39.48 26.40
CA LYS B 281 -9.83 40.23 27.24
C LYS B 281 -10.57 40.65 28.52
N GLU B 282 -11.75 41.23 28.34
CA GLU B 282 -12.58 41.64 29.45
C GLU B 282 -12.98 40.46 30.31
N ALA B 283 -13.52 39.42 29.69
CA ALA B 283 -13.86 38.20 30.38
C ALA B 283 -12.73 37.76 31.30
N ALA B 284 -11.50 37.83 30.81
CA ALA B 284 -10.32 37.40 31.57
C ALA B 284 -10.07 38.33 32.74
N LYS B 285 -10.39 39.61 32.56
CA LYS B 285 -10.26 40.59 33.63
C LYS B 285 -11.35 40.39 34.68
N LYS B 286 -12.57 40.11 34.24
CA LYS B 286 -13.68 39.85 35.14
C LYS B 286 -13.35 38.64 35.99
N MET B 287 -12.91 37.56 35.35
CA MET B 287 -12.52 36.35 36.07
C MET B 287 -11.64 36.66 37.27
N ILE B 288 -10.72 37.61 37.11
CA ILE B 288 -9.80 37.97 38.18
C ILE B 288 -10.51 38.75 39.29
N ASN B 289 -11.49 39.56 38.92
CA ASN B 289 -12.34 40.20 39.91
C ASN B 289 -13.23 39.19 40.57
N THR B 290 -14.05 38.53 39.78
CA THR B 290 -14.91 37.49 40.32
C THR B 290 -14.14 36.64 41.33
N CYS B 291 -12.90 36.24 41.00
CA CYS B 291 -12.09 35.47 41.94
C CYS B 291 -11.77 36.28 43.19
N ASN B 292 -11.23 37.47 43.00
CA ASN B 292 -10.85 38.30 44.12
C ASN B 292 -11.99 38.51 45.14
N GLU B 293 -13.20 38.76 44.65
CA GLU B 293 -14.36 38.96 45.51
C GLU B 293 -14.72 37.68 46.27
N TYR B 294 -14.52 36.54 45.61
CA TYR B 294 -14.71 35.23 46.23
C TYR B 294 -13.79 35.02 47.43
N GLN B 295 -12.60 35.62 47.40
CA GLN B 295 -11.64 35.49 48.49
C GLN B 295 -11.97 36.36 49.71
N LYS B 296 -12.56 37.53 49.46
CA LYS B 296 -12.87 38.50 50.51
C LYS B 296 -14.11 38.10 51.32
N ARG B 297 -15.26 37.97 50.65
CA ARG B 297 -16.46 37.47 51.31
C ARG B 297 -16.22 36.02 51.77
N HIS B 298 -15.41 35.30 51.00
CA HIS B 298 -15.15 33.88 51.22
C HIS B 298 -13.63 33.60 51.17
N LYS C 14 -37.22 -46.56 122.65
CA LYS C 14 -37.94 -45.29 122.69
C LYS C 14 -37.36 -44.36 123.75
N THR C 15 -36.04 -44.39 123.90
CA THR C 15 -35.34 -43.53 124.83
C THR C 15 -34.52 -42.49 124.08
N VAL C 16 -33.92 -42.92 122.98
CA VAL C 16 -33.08 -42.06 122.15
C VAL C 16 -33.93 -41.13 121.28
N GLU C 17 -35.17 -41.53 121.02
CA GLU C 17 -36.05 -40.78 120.15
C GLU C 17 -36.23 -39.33 120.59
N VAL C 18 -35.92 -39.03 121.85
CA VAL C 18 -35.96 -37.65 122.32
C VAL C 18 -34.87 -36.84 121.65
N VAL C 19 -33.66 -37.39 121.62
CA VAL C 19 -32.53 -36.75 120.93
C VAL C 19 -32.88 -36.51 119.47
N LYS C 20 -33.31 -37.56 118.78
CA LYS C 20 -33.76 -37.44 117.40
C LYS C 20 -34.76 -36.31 117.21
N ASN C 21 -35.87 -36.38 117.93
CA ASN C 21 -36.89 -35.35 117.82
C ASN C 21 -36.30 -33.95 118.08
N ALA C 22 -35.38 -33.86 119.03
CA ALA C 22 -34.76 -32.59 119.39
C ALA C 22 -33.81 -32.12 118.31
N ILE C 23 -33.10 -33.08 117.72
CA ILE C 23 -32.19 -32.78 116.61
C ILE C 23 -32.98 -32.08 115.51
N GLU C 24 -34.14 -32.64 115.17
CA GLU C 24 -34.98 -32.06 114.13
C GLU C 24 -35.57 -30.72 114.56
N THR C 25 -35.89 -30.60 115.84
CA THR C 25 -36.35 -29.34 116.39
C THR C 25 -35.29 -28.27 116.15
N ALA C 26 -34.05 -28.61 116.47
CA ALA C 26 -32.93 -27.69 116.33
C ALA C 26 -32.67 -27.29 114.89
N ASP C 27 -32.94 -28.22 113.97
CA ASP C 27 -32.77 -27.94 112.55
C ASP C 27 -33.67 -26.79 112.16
N GLY C 28 -34.97 -27.01 112.21
CA GLY C 28 -35.96 -25.98 111.92
C GLY C 28 -35.73 -24.72 112.73
N ALA C 29 -35.00 -24.83 113.83
CA ALA C 29 -34.63 -23.65 114.61
C ALA C 29 -33.75 -22.76 113.75
N LEU C 30 -32.59 -23.27 113.35
CA LEU C 30 -31.70 -22.55 112.44
C LEU C 30 -32.50 -21.91 111.33
N ASP C 31 -33.25 -22.74 110.60
CA ASP C 31 -34.05 -22.28 109.48
C ASP C 31 -34.82 -20.99 109.78
N LEU C 32 -35.72 -21.04 110.76
CA LEU C 32 -36.44 -19.84 111.18
C LEU C 32 -35.47 -18.74 111.56
N TYR C 33 -34.38 -19.13 112.21
CA TYR C 33 -33.37 -18.17 112.65
C TYR C 33 -32.88 -17.30 111.51
N ASN C 34 -32.28 -17.96 110.51
CA ASN C 34 -31.82 -17.29 109.31
C ASN C 34 -32.97 -16.59 108.60
N LYS C 35 -34.03 -17.34 108.31
CA LYS C 35 -35.22 -16.77 107.68
C LYS C 35 -35.53 -15.37 108.20
N TYR C 36 -35.45 -15.20 109.53
CA TYR C 36 -35.69 -13.90 110.15
C TYR C 36 -34.47 -13.02 110.06
N LEU C 37 -33.31 -13.59 110.37
CA LEU C 37 -32.05 -12.87 110.30
C LEU C 37 -31.86 -12.18 108.94
N ASP C 38 -32.32 -12.85 107.89
CA ASP C 38 -32.27 -12.29 106.55
C ASP C 38 -33.27 -11.14 106.41
N GLN C 39 -34.51 -11.37 106.80
CA GLN C 39 -35.50 -10.30 106.80
C GLN C 39 -34.96 -9.08 107.55
N VAL C 40 -34.10 -9.35 108.52
CA VAL C 40 -33.56 -8.32 109.40
C VAL C 40 -32.33 -7.65 108.82
N ILE C 41 -31.50 -8.44 108.14
CA ILE C 41 -30.28 -7.93 107.52
C ILE C 41 -30.29 -8.25 106.04
N PRO C 42 -30.71 -7.27 105.22
CA PRO C 42 -30.94 -7.44 103.78
C PRO C 42 -29.65 -7.59 102.99
N TRP C 43 -28.87 -8.62 103.31
CA TRP C 43 -27.62 -8.85 102.59
C TRP C 43 -27.93 -9.13 101.13
N GLN C 44 -29.05 -9.82 100.88
CA GLN C 44 -29.52 -10.06 99.53
C GLN C 44 -29.59 -8.75 98.80
N THR C 45 -30.42 -7.84 99.30
CA THR C 45 -30.60 -6.54 98.70
C THR C 45 -29.30 -5.73 98.62
N PHE C 46 -28.49 -5.79 99.67
CA PHE C 46 -27.20 -5.10 99.67
C PHE C 46 -26.28 -5.64 98.59
N ASP C 47 -26.04 -6.94 98.62
CA ASP C 47 -25.22 -7.58 97.60
C ASP C 47 -25.73 -7.27 96.19
N GLU C 48 -26.99 -7.57 95.93
CA GLU C 48 -27.62 -7.27 94.64
C GLU C 48 -27.32 -5.84 94.23
N THR C 49 -27.56 -4.91 95.15
CA THR C 49 -27.37 -3.50 94.88
C THR C 49 -25.91 -3.22 94.50
N ILE C 50 -24.98 -3.94 95.12
CA ILE C 50 -23.57 -3.79 94.80
C ILE C 50 -23.27 -4.25 93.37
N LYS C 51 -23.73 -5.45 93.03
CA LYS C 51 -23.49 -5.99 91.69
C LYS C 51 -23.95 -5.04 90.59
N GLU C 52 -25.25 -4.75 90.55
CA GLU C 52 -25.77 -3.95 89.44
C GLU C 52 -25.00 -2.65 89.22
N LEU C 53 -24.51 -2.02 90.28
CA LEU C 53 -23.74 -0.81 90.08
C LEU C 53 -22.24 -1.10 89.89
N SER C 54 -21.88 -2.35 90.05
CA SER C 54 -20.55 -2.80 89.67
C SER C 54 -20.56 -3.06 88.18
N ARG C 55 -21.63 -3.70 87.71
CA ARG C 55 -21.87 -3.87 86.29
C ARG C 55 -21.73 -2.54 85.55
N PHE C 56 -22.35 -1.48 86.07
CA PHE C 56 -22.23 -0.15 85.49
C PHE C 56 -20.76 0.17 85.23
N LYS C 57 -19.98 0.22 86.30
CA LYS C 57 -18.55 0.49 86.22
C LYS C 57 -17.89 -0.42 85.18
N GLN C 58 -18.40 -1.65 85.08
CA GLN C 58 -17.81 -2.64 84.18
C GLN C 58 -18.12 -2.31 82.72
N GLU C 59 -19.38 -2.49 82.33
CA GLU C 59 -19.82 -2.27 80.95
C GLU C 59 -19.18 -1.05 80.31
N TYR C 60 -19.17 0.07 81.02
CA TYR C 60 -18.58 1.29 80.47
C TYR C 60 -17.07 1.20 80.34
N SER C 61 -16.41 0.67 81.37
CA SER C 61 -15.00 0.38 81.25
C SER C 61 -14.76 -0.31 79.90
N GLN C 62 -15.44 -1.44 79.71
CA GLN C 62 -15.37 -2.17 78.46
C GLN C 62 -15.41 -1.25 77.25
N ALA C 63 -16.53 -0.53 77.11
CA ALA C 63 -16.73 0.34 75.97
C ALA C 63 -15.58 1.30 75.80
N ALA C 64 -15.44 2.22 76.75
CA ALA C 64 -14.38 3.22 76.69
C ALA C 64 -13.04 2.60 76.34
N SER C 65 -12.69 1.51 77.03
CA SER C 65 -11.43 0.82 76.75
C SER C 65 -11.23 0.58 75.26
N VAL C 66 -12.07 -0.28 74.69
CA VAL C 66 -11.98 -0.62 73.27
C VAL C 66 -12.04 0.59 72.34
N LEU C 67 -12.90 1.56 72.63
CA LEU C 67 -12.98 2.77 71.83
C LEU C 67 -11.68 3.57 71.92
N VAL C 68 -11.33 3.98 73.13
CA VAL C 68 -10.10 4.70 73.36
C VAL C 68 -8.92 4.00 72.69
N GLY C 69 -9.00 2.68 72.58
CA GLY C 69 -7.95 1.90 71.94
C GLY C 69 -7.96 2.07 70.43
N ASP C 70 -9.15 1.93 69.85
CA ASP C 70 -9.33 2.16 68.44
C ASP C 70 -8.82 3.55 68.09
N ILE C 71 -9.25 4.55 68.85
CA ILE C 71 -8.78 5.91 68.64
C ILE C 71 -7.27 5.99 68.54
N LYS C 72 -6.55 5.26 69.40
CA LYS C 72 -5.10 5.27 69.35
C LYS C 72 -4.66 4.71 68.02
N THR C 73 -5.09 3.50 67.72
CA THR C 73 -4.81 2.93 66.41
C THR C 73 -4.99 3.99 65.34
N LEU C 74 -6.16 4.62 65.30
CA LEU C 74 -6.47 5.66 64.33
C LEU C 74 -5.45 6.81 64.33
N LEU C 75 -5.11 7.29 65.52
CA LEU C 75 -4.13 8.34 65.65
C LEU C 75 -2.80 7.90 65.07
N MET C 76 -2.33 6.73 65.49
CA MET C 76 -1.08 6.17 64.99
C MET C 76 -1.14 5.95 63.48
N ASP C 77 -2.28 5.47 62.98
CA ASP C 77 -2.49 5.33 61.55
C ASP C 77 -2.20 6.64 60.84
N SER C 78 -2.85 7.70 61.27
CA SER C 78 -2.65 9.03 60.70
C SER C 78 -1.17 9.40 60.65
N GLN C 79 -0.54 9.39 61.82
CA GLN C 79 0.86 9.75 61.94
C GLN C 79 1.67 9.16 60.80
N ASP C 80 1.59 7.84 60.63
CA ASP C 80 2.31 7.19 59.53
C ASP C 80 1.94 7.82 58.18
N LYS C 81 0.64 7.98 57.96
CA LYS C 81 0.18 8.57 56.70
C LYS C 81 0.67 10.00 56.51
N TYR C 82 0.80 10.75 57.60
CA TYR C 82 1.36 12.10 57.56
C TYR C 82 2.82 12.05 57.17
N PHE C 83 3.58 11.22 57.89
CA PHE C 83 5.00 11.03 57.62
C PHE C 83 5.24 10.76 56.15
N GLU C 84 4.63 9.68 55.66
CA GLU C 84 4.65 9.39 54.23
C GLU C 84 4.43 10.65 53.41
N ALA C 85 3.23 11.21 53.48
CA ALA C 85 2.88 12.41 52.73
C ALA C 85 3.98 13.46 52.73
N THR C 86 4.35 13.93 53.92
CA THR C 86 5.37 14.96 54.05
C THR C 86 6.69 14.50 53.43
N GLN C 87 7.09 13.28 53.77
CA GLN C 87 8.38 12.74 53.33
C GLN C 87 8.40 12.72 51.81
N THR C 88 7.38 12.11 51.24
CA THR C 88 7.21 12.10 49.78
C THR C 88 7.47 13.48 49.19
N VAL C 89 6.81 14.48 49.75
CA VAL C 89 7.01 15.86 49.32
C VAL C 89 8.45 16.31 49.48
N TYR C 90 8.97 16.23 50.70
CA TYR C 90 10.36 16.62 50.99
C TYR C 90 11.37 16.01 50.01
N GLU C 91 11.05 14.83 49.49
CA GLU C 91 11.92 14.17 48.53
C GLU C 91 11.87 14.91 47.18
N TRP C 92 10.68 15.09 46.64
CA TRP C 92 10.53 15.77 45.38
C TRP C 92 10.93 17.25 45.51
N CYS C 93 10.36 17.91 46.50
CA CYS C 93 10.63 19.33 46.74
C CYS C 93 12.14 19.55 46.73
N GLY C 94 12.89 18.45 46.81
CA GLY C 94 14.32 18.51 47.00
C GLY C 94 15.11 18.29 45.72
N VAL C 95 14.73 17.28 44.95
CA VAL C 95 15.31 17.12 43.62
C VAL C 95 14.95 18.35 42.82
N ALA C 96 13.69 18.75 42.93
CA ALA C 96 13.18 19.93 42.22
C ALA C 96 14.06 21.17 42.35
N THR C 97 14.38 21.57 43.58
CA THR C 97 15.13 22.81 43.80
C THR C 97 16.45 22.82 43.04
N GLN C 98 17.16 21.70 43.10
CA GLN C 98 18.39 21.53 42.34
C GLN C 98 18.19 21.84 40.84
N LEU C 99 17.11 21.30 40.28
CA LEU C 99 16.83 21.44 38.87
C LEU C 99 16.43 22.86 38.50
N LEU C 100 15.48 23.44 39.24
CA LEU C 100 15.14 24.85 39.01
C LEU C 100 16.37 25.71 39.12
N ALA C 101 17.24 25.38 40.07
CA ALA C 101 18.43 26.16 40.32
C ALA C 101 19.34 26.07 39.11
N ALA C 102 19.47 24.86 38.58
CA ALA C 102 20.27 24.61 37.39
C ALA C 102 19.70 25.36 36.20
N TYR C 103 18.39 25.23 35.99
CA TYR C 103 17.74 25.93 34.90
C TYR C 103 18.03 27.42 34.96
N ILE C 104 17.90 28.00 36.15
CA ILE C 104 18.17 29.42 36.38
C ILE C 104 19.62 29.77 36.04
N LEU C 105 20.52 28.83 36.27
CA LEU C 105 21.93 29.04 36.01
C LEU C 105 22.33 28.84 34.55
N LEU C 106 22.00 27.67 33.98
CA LEU C 106 22.42 27.34 32.63
C LEU C 106 21.81 28.27 31.60
N PHE C 107 20.74 28.96 31.99
CA PHE C 107 20.11 29.91 31.08
C PHE C 107 20.17 31.34 31.52
N ASP C 108 21.31 31.73 32.08
CA ASP C 108 21.55 33.14 32.32
C ASP C 108 21.47 33.79 30.96
N GLU C 109 22.35 33.33 30.07
CA GLU C 109 22.28 33.64 28.65
C GLU C 109 21.81 32.38 27.97
N TYR C 110 20.86 32.53 27.05
CA TYR C 110 20.20 31.39 26.43
C TYR C 110 21.19 30.33 25.94
N ASN C 111 20.99 29.08 26.35
CA ASN C 111 21.84 27.99 25.90
C ASN C 111 21.13 27.20 24.81
N GLU C 112 21.50 27.45 23.56
CA GLU C 112 20.71 26.98 22.42
C GLU C 112 20.62 25.46 22.34
N LYS C 113 21.66 24.78 22.79
CA LYS C 113 21.72 23.33 22.63
C LYS C 113 20.91 22.63 23.70
N LYS C 114 21.14 23.03 24.94
CA LYS C 114 20.44 22.41 26.04
C LYS C 114 19.00 22.89 26.11
N ALA C 115 18.65 23.86 25.29
CA ALA C 115 17.33 24.47 25.34
C ALA C 115 16.18 23.47 25.29
N SER C 116 16.24 22.54 24.34
CA SER C 116 15.16 21.57 24.17
C SER C 116 15.07 20.64 25.39
N ALA C 117 16.21 20.18 25.91
CA ALA C 117 16.20 19.33 27.10
C ALA C 117 15.64 20.08 28.28
N GLN C 118 16.25 21.22 28.58
CA GLN C 118 15.83 22.01 29.73
C GLN C 118 14.32 22.11 29.78
N LYS C 119 13.72 22.30 28.61
CA LYS C 119 12.28 22.40 28.52
C LYS C 119 11.61 21.07 28.94
N ASP C 120 12.04 20.00 28.29
CA ASP C 120 11.55 18.66 28.61
C ASP C 120 11.72 18.37 30.09
N ILE C 121 12.91 18.68 30.60
CA ILE C 121 13.20 18.50 32.02
C ILE C 121 12.23 19.28 32.88
N LEU C 122 12.20 20.61 32.72
CA LEU C 122 11.28 21.44 33.47
C LEU C 122 9.89 20.81 33.52
N ILE C 123 9.47 20.24 32.41
CA ILE C 123 8.16 19.62 32.34
C ILE C 123 8.07 18.40 33.25
N LYS C 124 8.94 17.41 33.03
CA LYS C 124 8.91 16.18 33.82
C LYS C 124 8.93 16.47 35.33
N VAL C 125 10.00 17.07 35.81
CA VAL C 125 10.11 17.41 37.22
C VAL C 125 8.89 18.17 37.73
N LEU C 126 8.42 19.16 36.99
CA LEU C 126 7.22 19.89 37.43
C LEU C 126 6.00 18.98 37.41
N ASP C 127 5.70 18.43 36.23
CA ASP C 127 4.61 17.50 36.07
C ASP C 127 4.59 16.46 37.19
N ASP C 128 5.75 15.89 37.47
CA ASP C 128 5.90 14.83 38.47
C ASP C 128 5.47 15.32 39.86
N GLY C 129 6.17 16.32 40.40
CA GLY C 129 5.83 16.87 41.68
C GLY C 129 4.36 17.23 41.79
N ILE C 130 3.82 17.77 40.71
CA ILE C 130 2.41 18.15 40.66
C ILE C 130 1.54 16.96 41.01
N THR C 131 1.85 15.81 40.43
CA THR C 131 1.11 14.59 40.74
C THR C 131 1.38 14.18 42.17
N LYS C 132 2.66 13.98 42.48
CA LYS C 132 3.08 13.56 43.80
C LYS C 132 2.46 14.44 44.88
N LEU C 133 2.50 15.75 44.66
CA LEU C 133 1.94 16.72 45.61
C LEU C 133 0.46 16.48 45.81
N ASN C 134 -0.24 16.30 44.71
CA ASN C 134 -1.67 16.06 44.77
C ASN C 134 -1.99 14.85 45.63
N GLU C 135 -1.41 13.69 45.31
CA GLU C 135 -1.66 12.46 46.04
C GLU C 135 -1.38 12.61 47.54
N ALA C 136 -0.37 13.41 47.87
CA ALA C 136 -0.03 13.65 49.26
C ALA C 136 -1.27 14.19 49.96
N GLN C 137 -1.85 15.21 49.34
CA GLN C 137 -3.03 15.87 49.87
C GLN C 137 -4.17 14.89 50.06
N LYS C 138 -4.51 14.14 49.02
CA LYS C 138 -5.58 13.17 49.11
C LYS C 138 -5.32 12.19 50.24
N SER C 139 -4.09 11.67 50.30
CA SER C 139 -3.71 10.77 51.38
C SER C 139 -4.03 11.39 52.75
N LEU C 140 -3.66 12.66 52.92
CA LEU C 140 -3.87 13.36 54.17
C LEU C 140 -5.35 13.58 54.46
N LEU C 141 -6.09 14.02 53.46
CA LEU C 141 -7.51 14.29 53.59
C LEU C 141 -8.25 13.05 54.07
N VAL C 142 -7.92 11.92 53.48
CA VAL C 142 -8.54 10.65 53.85
C VAL C 142 -8.22 10.30 55.29
N SER C 143 -6.99 10.54 55.70
CA SER C 143 -6.60 10.31 57.08
C SER C 143 -7.49 11.14 57.99
N SER C 144 -7.72 12.40 57.63
CA SER C 144 -8.56 13.26 58.44
C SER C 144 -9.97 12.69 58.57
N GLN C 145 -10.49 12.22 57.44
CA GLN C 145 -11.83 11.66 57.42
C GLN C 145 -11.96 10.44 58.33
N SER C 146 -10.86 9.75 58.58
CA SER C 146 -10.85 8.51 59.36
C SER C 146 -11.41 8.68 60.78
N PHE C 147 -10.95 9.70 61.49
CA PHE C 147 -11.36 9.94 62.85
C PHE C 147 -12.84 10.25 63.01
N ASN C 148 -13.50 10.65 61.93
CA ASN C 148 -14.87 11.13 62.03
C ASN C 148 -15.84 10.16 62.70
N ASN C 149 -15.84 8.91 62.27
CA ASN C 149 -16.75 7.93 62.85
C ASN C 149 -16.49 7.79 64.32
N ALA C 150 -15.26 7.45 64.66
CA ALA C 150 -14.84 7.35 66.05
C ALA C 150 -15.25 8.57 66.86
N SER C 151 -15.03 9.77 66.32
CA SER C 151 -15.35 11.00 67.02
C SER C 151 -16.81 11.04 67.45
N GLY C 152 -17.68 10.45 66.63
CA GLY C 152 -19.08 10.34 66.96
C GLY C 152 -19.31 9.35 68.08
N LYS C 153 -18.86 8.13 67.88
CA LYS C 153 -18.94 7.08 68.90
C LYS C 153 -18.49 7.60 70.26
N LEU C 154 -17.43 8.39 70.28
CA LEU C 154 -16.97 9.04 71.50
C LEU C 154 -18.08 9.83 72.18
N LEU C 155 -18.69 10.75 71.45
CA LEU C 155 -19.76 11.54 72.03
C LEU C 155 -20.95 10.69 72.47
N ALA C 156 -21.38 9.74 71.65
CA ALA C 156 -22.44 8.83 72.09
C ALA C 156 -22.14 8.31 73.49
N LEU C 157 -21.00 7.64 73.64
CA LEU C 157 -20.56 7.11 74.92
C LEU C 157 -20.71 8.15 76.02
N ASP C 158 -20.04 9.28 75.87
CA ASP C 158 -20.13 10.35 76.86
C ASP C 158 -21.57 10.76 77.08
N SER C 159 -22.27 11.12 76.01
CA SER C 159 -23.68 11.48 76.10
C SER C 159 -24.43 10.53 77.04
N GLN C 160 -24.26 9.24 76.81
CA GLN C 160 -24.98 8.22 77.57
C GLN C 160 -24.44 8.01 78.98
N LEU C 161 -23.15 7.70 79.08
CA LEU C 161 -22.49 7.55 80.37
C LEU C 161 -22.85 8.69 81.32
N THR C 162 -23.12 9.86 80.77
CA THR C 162 -23.54 10.99 81.60
C THR C 162 -24.97 10.77 82.06
N ASN C 163 -25.87 10.57 81.12
CA ASN C 163 -27.27 10.30 81.43
C ASN C 163 -27.43 9.07 82.28
N ASP C 164 -26.69 8.02 81.94
CA ASP C 164 -26.79 6.73 82.61
C ASP C 164 -26.30 6.78 84.07
N PHE C 165 -25.36 7.68 84.33
CA PHE C 165 -24.75 7.79 85.65
C PHE C 165 -25.73 8.38 86.65
N SER C 166 -26.46 9.39 86.21
CA SER C 166 -27.49 9.98 87.05
C SER C 166 -28.60 8.97 87.29
N GLU C 167 -28.74 8.02 86.39
CA GLU C 167 -29.77 6.98 86.53
C GLU C 167 -29.40 5.95 87.59
N LYS C 168 -28.10 5.71 87.76
CA LYS C 168 -27.66 4.82 88.83
C LYS C 168 -27.69 5.56 90.17
N SER C 169 -27.30 6.83 90.16
CA SER C 169 -27.34 7.63 91.38
C SER C 169 -28.76 7.68 91.92
N SER C 170 -29.74 7.61 91.02
CA SER C 170 -31.14 7.55 91.42
C SER C 170 -31.46 6.16 91.95
N TYR C 171 -30.94 5.15 91.29
CA TYR C 171 -31.16 3.75 91.68
C TYR C 171 -30.50 3.45 93.01
N PHE C 172 -29.42 4.15 93.31
CA PHE C 172 -28.76 3.98 94.59
C PHE C 172 -29.70 4.30 95.74
N GLN C 173 -30.07 5.57 95.89
CA GLN C 173 -30.94 5.98 96.99
C GLN C 173 -32.25 5.21 96.99
N SER C 174 -32.81 4.99 95.80
CA SER C 174 -34.05 4.22 95.70
C SER C 174 -33.84 2.81 96.18
N GLN C 175 -32.59 2.39 96.22
CA GLN C 175 -32.25 1.02 96.61
C GLN C 175 -31.87 0.94 98.10
N VAL C 176 -31.05 1.87 98.59
CA VAL C 176 -30.75 1.90 100.02
C VAL C 176 -32.03 2.04 100.82
N ASP C 177 -33.00 2.76 100.26
CA ASP C 177 -34.33 2.82 100.85
C ASP C 177 -34.88 1.42 100.99
N LYS C 178 -34.93 0.66 99.89
CA LYS C 178 -35.42 -0.71 99.95
C LYS C 178 -34.77 -1.45 101.12
N ILE C 179 -33.51 -1.12 101.41
CA ILE C 179 -32.78 -1.78 102.48
C ILE C 179 -33.31 -1.44 103.87
N ARG C 180 -33.59 -0.17 104.12
CA ARG C 180 -34.18 0.24 105.39
C ARG C 180 -35.55 -0.40 105.51
N LYS C 181 -36.40 -0.17 104.51
CA LYS C 181 -37.76 -0.68 104.52
C LYS C 181 -37.82 -2.18 104.79
N GLU C 182 -36.82 -2.90 104.30
CA GLU C 182 -36.78 -4.35 104.52
C GLU C 182 -36.31 -4.70 105.93
N ALA C 183 -35.37 -3.93 106.45
CA ALA C 183 -34.74 -4.24 107.73
C ALA C 183 -35.59 -3.80 108.89
N TYR C 184 -36.21 -2.64 108.77
CA TYR C 184 -37.02 -2.13 109.86
C TYR C 184 -38.40 -2.78 109.93
N ALA C 185 -38.95 -3.13 108.78
CA ALA C 185 -40.14 -3.96 108.78
C ALA C 185 -39.83 -5.29 109.47
N GLY C 186 -38.54 -5.61 109.53
CA GLY C 186 -38.07 -6.82 110.19
C GLY C 186 -37.87 -6.66 111.69
N ALA C 187 -37.13 -5.63 112.11
CA ALA C 187 -36.98 -5.34 113.53
C ALA C 187 -38.35 -5.10 114.12
N ALA C 188 -39.07 -4.14 113.55
CA ALA C 188 -40.44 -3.86 113.97
C ALA C 188 -41.23 -5.14 114.25
N ALA C 189 -40.91 -6.22 113.55
CA ALA C 189 -41.62 -7.50 113.71
C ALA C 189 -41.39 -8.14 115.08
N GLY C 190 -40.54 -7.53 115.89
CA GLY C 190 -40.24 -8.02 117.22
C GLY C 190 -41.32 -7.72 118.24
N VAL C 191 -42.30 -6.90 117.85
CA VAL C 191 -43.44 -6.59 118.71
C VAL C 191 -44.07 -7.84 119.32
N VAL C 192 -43.97 -8.96 118.60
CA VAL C 192 -44.54 -10.23 119.08
C VAL C 192 -43.86 -10.71 120.36
N ALA C 193 -42.55 -10.93 120.28
CA ALA C 193 -41.79 -11.22 121.49
C ALA C 193 -41.47 -9.92 122.23
N GLY C 194 -41.01 -10.01 123.47
CA GLY C 194 -40.89 -8.86 124.36
C GLY C 194 -40.16 -7.66 123.80
N PRO C 195 -40.40 -6.47 124.36
CA PRO C 195 -39.72 -5.24 123.91
C PRO C 195 -38.21 -5.35 124.07
N PHE C 196 -37.75 -6.08 125.07
CA PHE C 196 -36.32 -6.36 125.19
C PHE C 196 -35.85 -7.11 123.95
N GLY C 197 -36.79 -7.79 123.29
CA GLY C 197 -36.54 -8.44 122.03
C GLY C 197 -36.24 -7.42 120.94
N LEU C 198 -36.92 -6.28 121.00
CA LEU C 198 -36.66 -5.18 120.05
C LEU C 198 -35.22 -4.69 120.18
N ILE C 199 -34.78 -4.40 121.40
CA ILE C 199 -33.40 -4.02 121.61
C ILE C 199 -32.45 -4.96 120.88
N ILE C 200 -32.61 -6.27 121.12
CA ILE C 200 -31.80 -7.27 120.42
C ILE C 200 -31.99 -7.20 118.89
N SER C 201 -33.25 -7.22 118.46
CA SER C 201 -33.60 -7.23 117.04
C SER C 201 -33.09 -5.99 116.30
N TYR C 202 -33.50 -4.84 116.80
CA TYR C 202 -33.17 -3.56 116.23
C TYR C 202 -31.66 -3.27 116.29
N SER C 203 -30.97 -3.71 117.34
CA SER C 203 -29.52 -3.60 117.37
C SER C 203 -28.92 -4.46 116.28
N ILE C 204 -29.42 -5.69 116.16
CA ILE C 204 -28.99 -6.58 115.10
C ILE C 204 -29.18 -5.91 113.73
N ALA C 205 -30.28 -5.17 113.56
CA ALA C 205 -30.62 -4.57 112.27
C ALA C 205 -29.99 -3.21 112.05
N ALA C 206 -30.65 -2.16 112.52
CA ALA C 206 -30.15 -0.79 112.37
C ALA C 206 -28.65 -0.72 112.62
N GLY C 207 -28.16 -1.54 113.52
CA GLY C 207 -26.75 -1.58 113.84
C GLY C 207 -25.92 -2.03 112.65
N VAL C 208 -26.20 -3.24 112.15
CA VAL C 208 -25.49 -3.76 110.98
C VAL C 208 -25.76 -2.96 109.70
N VAL C 209 -27.01 -2.54 109.51
CA VAL C 209 -27.38 -1.74 108.35
C VAL C 209 -26.65 -0.42 108.35
N GLU C 210 -26.95 0.41 109.34
CA GLU C 210 -26.35 1.74 109.42
C GLU C 210 -24.87 1.66 109.77
N GLY C 211 -24.42 0.46 110.12
CA GLY C 211 -23.05 0.23 110.55
C GLY C 211 -22.09 0.00 109.39
N LYS C 212 -22.31 -1.07 108.62
CA LYS C 212 -21.48 -1.34 107.45
C LYS C 212 -22.25 -1.15 106.14
N LEU C 213 -23.48 -1.64 106.06
CA LEU C 213 -24.22 -1.65 104.80
C LEU C 213 -24.37 -0.29 104.10
N ILE C 214 -25.20 0.58 104.65
CA ILE C 214 -25.44 1.88 104.02
C ILE C 214 -24.15 2.60 103.66
N PRO C 215 -23.20 2.66 104.60
CA PRO C 215 -21.91 3.31 104.34
C PRO C 215 -21.15 2.65 103.19
N GLU C 216 -21.18 1.32 103.14
CA GLU C 216 -20.57 0.59 102.04
C GLU C 216 -21.16 1.04 100.70
N LEU C 217 -22.49 1.09 100.63
CA LEU C 217 -23.17 1.57 99.45
C LEU C 217 -22.72 2.97 99.09
N LYS C 218 -22.78 3.88 100.06
CA LYS C 218 -22.31 5.25 99.86
C LYS C 218 -20.86 5.24 99.37
N ASN C 219 -20.15 4.16 99.67
CA ASN C 219 -18.77 4.07 99.23
C ASN C 219 -18.64 3.77 97.75
N LYS C 220 -19.39 2.78 97.26
CA LYS C 220 -19.38 2.47 95.83
C LYS C 220 -19.96 3.61 95.01
N LEU C 221 -21.07 4.18 95.46
CA LEU C 221 -21.64 5.31 94.77
C LEU C 221 -20.56 6.33 94.52
N LYS C 222 -19.57 6.38 95.39
CA LYS C 222 -18.45 7.30 95.21
C LYS C 222 -17.40 6.73 94.27
N SER C 223 -17.07 5.45 94.41
CA SER C 223 -16.08 4.84 93.52
C SER C 223 -16.57 4.89 92.08
N VAL C 224 -17.87 4.80 91.92
CA VAL C 224 -18.51 4.96 90.62
C VAL C 224 -18.40 6.40 90.16
N GLN C 225 -19.04 7.30 90.90
CA GLN C 225 -18.97 8.71 90.59
C GLN C 225 -17.54 9.15 90.37
N ASN C 226 -16.61 8.46 91.04
CA ASN C 226 -15.20 8.75 90.89
C ASN C 226 -14.69 8.31 89.53
N PHE C 227 -15.03 7.09 89.15
CA PHE C 227 -14.65 6.53 87.85
C PHE C 227 -15.37 7.21 86.69
N PHE C 228 -16.66 7.47 86.86
CA PHE C 228 -17.41 8.23 85.88
C PHE C 228 -16.64 9.47 85.51
N THR C 229 -16.07 10.12 86.52
CA THR C 229 -15.33 11.35 86.25
C THR C 229 -14.06 11.10 85.46
N THR C 230 -13.17 10.25 85.98
CA THR C 230 -11.91 9.98 85.29
C THR C 230 -12.17 9.56 83.85
N LEU C 231 -13.20 8.75 83.64
CA LEU C 231 -13.57 8.32 82.29
C LEU C 231 -14.04 9.48 81.43
N SER C 232 -14.94 10.30 81.96
CA SER C 232 -15.45 11.44 81.22
C SER C 232 -14.30 12.30 80.73
N ASN C 233 -13.28 12.43 81.58
CA ASN C 233 -12.07 13.17 81.23
C ASN C 233 -11.20 12.43 80.22
N THR C 234 -11.18 11.11 80.30
CA THR C 234 -10.43 10.31 79.35
C THR C 234 -11.05 10.49 77.97
N VAL C 235 -12.34 10.84 77.95
CA VAL C 235 -13.04 11.12 76.72
C VAL C 235 -12.68 12.50 76.22
N LYS C 236 -12.84 13.50 77.07
CA LYS C 236 -12.48 14.86 76.69
C LYS C 236 -11.09 14.90 76.06
N GLN C 237 -10.18 14.05 76.56
CA GLN C 237 -8.84 14.00 76.01
C GLN C 237 -8.86 13.52 74.58
N ALA C 238 -9.35 12.31 74.36
CA ALA C 238 -9.48 11.76 73.02
C ALA C 238 -10.08 12.77 72.05
N ASN C 239 -11.20 13.38 72.43
CA ASN C 239 -11.82 14.38 71.57
C ASN C 239 -10.85 15.49 71.24
N LYS C 240 -10.03 15.88 72.20
CA LYS C 240 -9.02 16.91 71.98
C LYS C 240 -7.87 16.40 71.10
N ASP C 241 -7.44 15.16 71.33
CA ASP C 241 -6.36 14.55 70.57
C ASP C 241 -6.76 14.37 69.11
N ILE C 242 -7.95 13.84 68.88
CA ILE C 242 -8.44 13.60 67.54
C ILE C 242 -8.50 14.93 66.80
N ASP C 243 -9.06 15.94 67.45
CA ASP C 243 -9.26 17.23 66.82
C ASP C 243 -7.92 17.85 66.43
N ALA C 244 -6.92 17.66 67.29
CA ALA C 244 -5.59 18.20 67.05
C ALA C 244 -4.95 17.54 65.84
N ALA C 245 -5.18 16.25 65.68
CA ALA C 245 -4.67 15.53 64.53
C ALA C 245 -5.30 16.03 63.24
N LYS C 246 -6.63 16.15 63.27
CA LYS C 246 -7.38 16.58 62.10
C LYS C 246 -6.90 17.94 61.67
N LEU C 247 -6.61 18.78 62.65
CA LEU C 247 -6.09 20.09 62.38
C LEU C 247 -4.78 19.97 61.63
N LYS C 248 -3.76 19.43 62.30
CA LYS C 248 -2.47 19.15 61.71
C LYS C 248 -2.61 18.70 60.26
N LEU C 249 -3.49 17.73 60.04
CA LEU C 249 -3.68 17.16 58.71
C LEU C 249 -4.08 18.19 57.66
N THR C 250 -5.19 18.90 57.89
CA THR C 250 -5.69 19.84 56.89
C THR C 250 -4.74 21.00 56.73
N THR C 251 -4.20 21.50 57.84
CA THR C 251 -3.27 22.63 57.77
C THR C 251 -2.01 22.24 57.03
N GLU C 252 -1.70 20.96 57.00
CA GLU C 252 -0.62 20.46 56.15
C GLU C 252 -1.09 20.40 54.70
N ILE C 253 -2.22 19.74 54.48
CA ILE C 253 -2.86 19.70 53.18
C ILE C 253 -2.78 21.04 52.47
N ALA C 254 -3.15 22.10 53.17
CA ALA C 254 -3.22 23.42 52.56
C ALA C 254 -1.83 24.03 52.35
N ALA C 255 -0.92 23.69 53.25
CA ALA C 255 0.47 24.13 53.16
C ALA C 255 1.14 23.49 51.95
N ILE C 256 0.85 22.21 51.74
CA ILE C 256 1.29 21.54 50.53
C ILE C 256 0.61 22.23 49.35
N GLY C 257 -0.62 22.66 49.56
CA GLY C 257 -1.38 23.36 48.55
C GLY C 257 -0.62 24.54 48.00
N GLU C 258 -0.01 25.31 48.89
CA GLU C 258 0.76 26.47 48.48
C GLU C 258 1.78 26.12 47.41
N ILE C 259 2.57 25.08 47.64
CA ILE C 259 3.55 24.66 46.66
C ILE C 259 2.87 24.22 45.38
N LYS C 260 1.95 23.28 45.51
CA LYS C 260 1.21 22.79 44.35
C LYS C 260 0.88 23.92 43.39
N THR C 261 0.12 24.90 43.85
CA THR C 261 -0.29 26.00 42.98
C THR C 261 0.90 26.65 42.28
N GLU C 262 1.93 27.03 43.04
CA GLU C 262 3.13 27.63 42.46
C GLU C 262 3.68 26.73 41.36
N THR C 263 3.88 25.47 41.71
CA THR C 263 4.40 24.48 40.78
C THR C 263 3.53 24.44 39.55
N GLU C 264 2.24 24.21 39.77
CA GLU C 264 1.28 24.10 38.68
C GLU C 264 1.39 25.31 37.76
N THR C 265 1.56 26.49 38.36
CA THR C 265 1.72 27.72 37.59
C THR C 265 2.97 27.68 36.72
N THR C 266 4.13 27.63 37.37
CA THR C 266 5.41 27.47 36.73
C THR C 266 5.34 26.51 35.55
N ARG C 267 4.68 25.39 35.72
CA ARG C 267 4.48 24.46 34.62
C ARG C 267 3.86 25.17 33.41
N PHE C 268 2.71 25.80 33.60
CA PHE C 268 2.06 26.53 32.52
C PHE C 268 3.02 27.52 31.84
N TYR C 269 3.78 28.24 32.64
CA TYR C 269 4.74 29.17 32.08
C TYR C 269 5.72 28.49 31.13
N VAL C 270 6.20 27.30 31.50
CA VAL C 270 7.03 26.51 30.60
C VAL C 270 6.36 26.32 29.23
N ASP C 271 5.03 26.30 29.22
CA ASP C 271 4.27 26.14 27.97
C ASP C 271 4.37 27.31 26.97
N TYR C 272 4.93 28.42 27.42
CA TYR C 272 5.12 29.55 26.52
C TYR C 272 6.26 29.29 25.52
N ASP C 273 7.22 28.45 25.92
CA ASP C 273 8.39 28.06 25.10
C ASP C 273 9.59 28.95 25.34
N ASP C 274 9.32 30.21 25.63
CA ASP C 274 10.39 31.14 25.91
C ASP C 274 11.08 30.76 27.21
N LEU C 275 12.10 29.92 27.11
CA LEU C 275 12.85 29.49 28.29
C LEU C 275 13.48 30.68 28.98
N MET C 276 13.30 31.85 28.39
CA MET C 276 13.97 33.04 28.88
C MET C 276 12.96 34.05 29.41
N LEU C 277 11.68 33.71 29.30
CA LEU C 277 10.61 34.60 29.74
C LEU C 277 10.77 34.93 31.21
N SER C 278 10.71 36.21 31.55
CA SER C 278 10.90 36.63 32.94
C SER C 278 9.96 35.86 33.87
N LEU C 279 8.70 35.75 33.49
CA LEU C 279 7.74 35.02 34.28
C LEU C 279 8.28 33.65 34.66
N LEU C 280 8.48 32.78 33.67
CA LEU C 280 8.97 31.43 33.94
C LEU C 280 10.25 31.46 34.77
N LYS C 281 11.05 32.49 34.57
CA LYS C 281 12.29 32.58 35.32
C LYS C 281 11.97 32.94 36.76
N GLU C 282 11.14 33.96 36.94
CA GLU C 282 10.71 34.38 38.27
C GLU C 282 9.97 33.27 38.99
N ALA C 283 8.94 32.74 38.34
CA ALA C 283 8.19 31.62 38.87
C ALA C 283 9.13 30.54 39.42
N ALA C 284 10.18 30.23 38.67
CA ALA C 284 11.15 29.22 39.07
C ALA C 284 11.94 29.64 40.29
N LYS C 285 12.21 30.93 40.41
CA LYS C 285 12.90 31.46 41.58
C LYS C 285 11.97 31.42 42.81
N LYS C 286 10.70 31.80 42.61
CA LYS C 286 9.69 31.79 43.67
C LYS C 286 9.57 30.39 44.21
N MET C 287 9.39 29.43 43.31
CA MET C 287 9.33 28.02 43.69
C MET C 287 10.41 27.65 44.70
N ILE C 288 11.63 28.16 44.50
CA ILE C 288 12.74 27.84 45.40
C ILE C 288 12.58 28.52 46.75
N ASN C 289 11.99 29.71 46.74
CA ASN C 289 11.63 30.38 47.98
C ASN C 289 10.47 29.68 48.67
N THR C 290 9.30 29.67 48.01
CA THR C 290 8.12 28.97 48.55
C THR C 290 8.54 27.67 49.20
N CYS C 291 9.43 26.91 48.55
CA CYS C 291 9.93 25.66 49.12
C CYS C 291 10.71 25.94 50.40
N ASN C 292 11.68 26.83 50.30
CA ASN C 292 12.53 27.13 51.45
C ASN C 292 11.71 27.51 52.70
N GLU C 293 10.67 28.32 52.53
CA GLU C 293 9.83 28.74 53.65
C GLU C 293 9.05 27.57 54.23
N TYR C 294 8.67 26.64 53.36
CA TYR C 294 7.99 25.41 53.77
C TYR C 294 8.87 24.55 54.68
N GLN C 295 10.18 24.63 54.49
CA GLN C 295 11.13 23.87 55.32
C GLN C 295 11.35 24.48 56.71
N LYS C 296 11.24 25.80 56.79
CA LYS C 296 11.49 26.54 58.03
C LYS C 296 10.30 26.48 58.99
N ARG C 297 9.17 27.06 58.58
CA ARG C 297 7.97 26.97 59.40
C ARG C 297 7.61 25.50 59.62
N HIS C 298 7.49 24.77 58.52
CA HIS C 298 7.16 23.35 58.55
C HIS C 298 8.41 22.49 58.27
N LYS D 14 -38.35 -56.93 117.84
CA LYS D 14 -38.43 -55.55 118.26
C LYS D 14 -37.37 -55.22 119.32
N THR D 15 -36.18 -55.79 119.15
CA THR D 15 -35.07 -55.54 120.04
C THR D 15 -33.99 -54.76 119.32
N VAL D 16 -33.79 -55.10 118.06
CA VAL D 16 -32.78 -54.45 117.23
C VAL D 16 -33.24 -53.09 116.74
N GLU D 17 -34.56 -52.89 116.75
CA GLU D 17 -35.13 -51.66 116.21
C GLU D 17 -34.60 -50.41 116.91
N VAL D 18 -34.04 -50.58 118.10
CA VAL D 18 -33.40 -49.47 118.80
C VAL D 18 -32.17 -49.01 118.04
N VAL D 19 -31.34 -49.96 117.64
CA VAL D 19 -30.14 -49.67 116.87
C VAL D 19 -30.54 -48.95 115.60
N LYS D 20 -31.50 -49.53 114.87
CA LYS D 20 -32.00 -48.91 113.64
C LYS D 20 -32.43 -47.47 113.88
N ASN D 21 -33.35 -47.27 114.81
CA ASN D 21 -33.83 -45.93 115.11
C ASN D 21 -32.68 -44.99 115.47
N ALA D 22 -31.69 -45.51 116.19
CA ALA D 22 -30.54 -44.72 116.61
C ALA D 22 -29.63 -44.42 115.43
N ILE D 23 -29.49 -45.40 114.55
CA ILE D 23 -28.70 -45.22 113.34
C ILE D 23 -29.24 -43.99 112.59
N GLU D 24 -30.56 -43.93 112.43
CA GLU D 24 -31.20 -42.84 111.71
C GLU D 24 -31.08 -41.54 112.49
N THR D 25 -31.14 -41.63 113.81
CA THR D 25 -30.92 -40.46 114.65
C THR D 25 -29.55 -39.87 114.38
N ALA D 26 -28.55 -40.74 114.35
CA ALA D 26 -27.17 -40.35 114.14
C ALA D 26 -26.98 -39.72 112.77
N ASP D 27 -27.74 -40.20 111.79
CA ASP D 27 -27.65 -39.68 110.42
C ASP D 27 -28.01 -38.19 110.45
N GLY D 28 -29.27 -37.90 110.76
CA GLY D 28 -29.73 -36.53 110.90
C GLY D 28 -28.88 -35.71 111.85
N ALA D 29 -28.12 -36.37 112.70
CA ALA D 29 -27.17 -35.67 113.57
C ALA D 29 -26.10 -35.00 112.72
N LEU D 30 -25.34 -35.80 111.99
CA LEU D 30 -24.35 -35.28 111.03
C LEU D 30 -24.94 -34.11 110.25
N ASP D 31 -26.04 -34.38 109.55
CA ASP D 31 -26.72 -33.37 108.74
C ASP D 31 -26.81 -32.01 109.44
N LEU D 32 -27.52 -31.95 110.57
CA LEU D 32 -27.59 -30.71 111.35
C LEU D 32 -26.20 -30.23 111.68
N TYR D 33 -25.31 -31.17 112.01
CA TYR D 33 -23.94 -30.82 112.36
C TYR D 33 -23.27 -29.95 111.29
N ASN D 34 -23.16 -30.51 110.09
CA ASN D 34 -22.62 -29.80 108.95
C ASN D 34 -23.45 -28.55 108.64
N LYS D 35 -24.75 -28.74 108.41
CA LYS D 35 -25.63 -27.61 108.14
C LYS D 35 -25.24 -26.39 108.95
N TYR D 36 -24.94 -26.61 110.22
CA TYR D 36 -24.51 -25.53 111.11
C TYR D 36 -23.04 -25.21 110.90
N LEU D 37 -22.22 -26.26 110.84
CA LEU D 37 -20.79 -26.12 110.64
C LEU D 37 -20.49 -25.25 109.42
N ASP D 38 -21.33 -25.39 108.40
CA ASP D 38 -21.19 -24.58 107.20
C ASP D 38 -21.57 -23.14 107.46
N GLN D 39 -22.73 -22.93 108.10
CA GLN D 39 -23.16 -21.59 108.50
C GLN D 39 -22.06 -20.92 109.30
N VAL D 40 -21.29 -21.75 110.01
CA VAL D 40 -20.24 -21.28 110.89
C VAL D 40 -18.93 -21.04 110.17
N ILE D 41 -18.62 -21.92 109.23
CA ILE D 41 -17.38 -21.81 108.45
C ILE D 41 -17.72 -21.71 106.97
N PRO D 42 -17.75 -20.47 106.45
CA PRO D 42 -18.19 -20.15 105.09
C PRO D 42 -17.21 -20.61 104.02
N TRP D 43 -16.91 -21.91 103.99
CA TRP D 43 -16.00 -22.43 103.00
C TRP D 43 -16.57 -22.18 101.62
N GLN D 44 -17.89 -22.27 101.50
CA GLN D 44 -18.58 -21.97 100.26
C GLN D 44 -18.15 -20.59 99.80
N THR D 45 -18.42 -19.60 100.63
CA THR D 45 -18.09 -18.21 100.31
C THR D 45 -16.59 -18.01 100.10
N PHE D 46 -15.77 -18.65 100.92
CA PHE D 46 -14.32 -18.57 100.76
C PHE D 46 -13.87 -19.14 99.43
N ASP D 47 -14.22 -20.40 99.18
CA ASP D 47 -13.88 -21.05 97.92
C ASP D 47 -14.36 -20.20 96.75
N GLU D 48 -15.64 -19.87 96.74
CA GLU D 48 -16.20 -19.04 95.68
C GLU D 48 -15.36 -17.80 95.47
N THR D 49 -15.06 -17.11 96.57
CA THR D 49 -14.29 -15.88 96.50
C THR D 49 -12.91 -16.10 95.86
N ILE D 50 -12.32 -17.26 96.15
CA ILE D 50 -11.02 -17.62 95.56
C ILE D 50 -11.13 -17.79 94.05
N LYS D 51 -12.10 -18.57 93.60
CA LYS D 51 -12.29 -18.83 92.18
C LYS D 51 -12.42 -17.53 91.39
N GLU D 52 -13.44 -16.75 91.67
CA GLU D 52 -13.70 -15.56 90.86
C GLU D 52 -12.48 -14.67 90.69
N LEU D 53 -11.64 -14.56 91.72
CA LEU D 53 -10.44 -13.75 91.57
C LEU D 53 -9.27 -14.56 91.03
N SER D 54 -9.47 -15.87 90.88
CA SER D 54 -8.52 -16.69 90.16
C SER D 54 -8.82 -16.53 88.68
N ARG D 55 -10.11 -16.56 88.35
CA ARG D 55 -10.57 -16.27 87.00
C ARG D 55 -9.95 -14.97 86.50
N PHE D 56 -9.98 -13.93 87.32
CA PHE D 56 -9.36 -12.66 86.94
C PHE D 56 -7.94 -12.88 86.45
N LYS D 57 -7.09 -13.40 87.31
CA LYS D 57 -5.70 -13.71 86.97
C LYS D 57 -5.64 -14.53 85.68
N GLN D 58 -6.62 -15.39 85.48
CA GLN D 58 -6.65 -16.28 84.32
C GLN D 58 -6.95 -15.51 83.04
N GLU D 59 -8.21 -15.06 82.91
CA GLU D 59 -8.67 -14.36 81.73
C GLU D 59 -7.67 -13.37 81.17
N TYR D 60 -7.08 -12.55 82.02
CA TYR D 60 -6.09 -11.58 81.57
C TYR D 60 -4.77 -12.22 81.14
N SER D 61 -4.32 -13.22 81.88
CA SER D 61 -3.18 -14.00 81.43
C SER D 61 -3.42 -14.38 79.97
N GLN D 62 -4.55 -15.06 79.73
CA GLN D 62 -4.95 -15.43 78.39
C GLN D 62 -4.73 -14.30 77.39
N ALA D 63 -5.46 -13.20 77.59
CA ALA D 63 -5.39 -12.06 76.69
C ALA D 63 -3.95 -11.64 76.45
N ALA D 64 -3.32 -11.09 77.49
CA ALA D 64 -1.96 -10.61 77.38
C ALA D 64 -1.06 -11.61 76.67
N SER D 65 -1.16 -12.88 77.04
CA SER D 65 -0.35 -13.91 76.41
C SER D 65 -0.46 -13.85 74.90
N VAL D 66 -1.66 -14.12 74.39
CA VAL D 66 -1.89 -14.14 72.96
C VAL D 66 -1.52 -12.82 72.26
N LEU D 67 -1.80 -11.69 72.89
CA LEU D 67 -1.43 -10.40 72.31
C LEU D 67 0.08 -10.21 72.26
N VAL D 68 0.71 -10.29 73.42
CA VAL D 68 2.16 -10.19 73.52
C VAL D 68 2.85 -11.12 72.52
N GLY D 69 2.21 -12.24 72.21
CA GLY D 69 2.74 -13.16 71.22
C GLY D 69 2.63 -12.64 69.81
N ASP D 70 1.43 -12.17 69.46
CA ASP D 70 1.20 -11.56 68.17
C ASP D 70 2.19 -10.43 67.98
N ILE D 71 2.34 -9.58 68.98
CA ILE D 71 3.31 -8.49 68.93
C ILE D 71 4.70 -8.98 68.54
N LYS D 72 5.10 -10.13 69.06
CA LYS D 72 6.42 -10.65 68.70
C LYS D 72 6.43 -11.01 67.24
N THR D 73 5.49 -11.85 66.83
CA THR D 73 5.33 -12.15 65.41
C THR D 73 5.49 -10.86 64.60
N LEU D 74 4.69 -9.85 64.91
CA LEU D 74 4.75 -8.56 64.20
C LEU D 74 6.13 -7.94 64.20
N LEU D 75 6.78 -7.93 65.36
CA LEU D 75 8.14 -7.40 65.47
C LEU D 75 9.08 -8.19 64.57
N MET D 76 9.05 -9.50 64.69
CA MET D 76 9.87 -10.36 63.85
C MET D 76 9.56 -10.16 62.35
N ASP D 77 8.28 -10.01 62.01
CA ASP D 77 7.84 -9.73 60.66
C ASP D 77 8.58 -8.51 60.13
N SER D 78 8.52 -7.42 60.89
CA SER D 78 9.18 -6.18 60.50
C SER D 78 10.66 -6.40 60.22
N GLN D 79 11.36 -6.94 61.20
CA GLN D 79 12.80 -7.20 61.09
C GLN D 79 13.15 -7.77 59.72
N ASP D 80 12.51 -8.88 59.35
CA ASP D 80 12.75 -9.46 58.04
C ASP D 80 12.49 -8.44 56.93
N LYS D 81 11.37 -7.74 57.01
CA LYS D 81 11.04 -6.74 56.00
C LYS D 81 12.05 -5.59 55.95
N TYR D 82 12.62 -5.27 57.09
CA TYR D 82 13.70 -4.30 57.16
C TYR D 82 14.93 -4.82 56.44
N PHE D 83 15.35 -6.02 56.83
CA PHE D 83 16.49 -6.68 56.22
C PHE D 83 16.39 -6.64 54.73
N GLU D 84 15.32 -7.24 54.20
CA GLU D 84 15.02 -7.17 52.78
C GLU D 84 15.28 -5.77 52.25
N ALA D 85 14.47 -4.82 52.69
CA ALA D 85 14.56 -3.44 52.23
C ALA D 85 15.99 -2.95 52.17
N THR D 86 16.66 -2.98 53.30
CA THR D 86 18.04 -2.49 53.38
C THR D 86 18.94 -3.25 52.42
N GLN D 87 18.81 -4.58 52.44
CA GLN D 87 19.68 -5.44 51.66
C GLN D 87 19.51 -5.10 50.21
N THR D 88 18.25 -5.11 49.76
CA THR D 88 17.93 -4.69 48.39
C THR D 88 18.66 -3.41 47.98
N VAL D 89 18.58 -2.40 48.84
CA VAL D 89 19.29 -1.16 48.61
C VAL D 89 20.80 -1.37 48.53
N TYR D 90 21.37 -1.92 49.59
CA TYR D 90 22.82 -2.19 49.62
C TYR D 90 23.34 -2.88 48.36
N GLU D 91 22.48 -3.67 47.73
CA GLU D 91 22.86 -4.37 46.51
C GLU D 91 22.97 -3.39 45.35
N TRP D 92 21.91 -2.62 45.13
CA TRP D 92 21.91 -1.66 44.04
C TRP D 92 22.91 -0.53 44.31
N CYS D 93 22.83 0.02 45.51
CA CYS D 93 23.68 1.13 45.91
C CYS D 93 25.13 0.73 45.63
N GLY D 94 25.34 -0.55 45.36
CA GLY D 94 26.67 -1.10 45.25
C GLY D 94 27.13 -1.26 43.82
N VAL D 95 26.28 -1.88 42.99
CA VAL D 95 26.55 -1.89 41.56
C VAL D 95 26.64 -0.46 41.05
N ALA D 96 25.68 0.36 41.47
CA ALA D 96 25.63 1.77 41.10
C ALA D 96 26.96 2.49 41.28
N THR D 97 27.52 2.43 42.49
CA THR D 97 28.75 3.15 42.79
C THR D 97 29.83 2.85 41.77
N GLN D 98 30.02 1.56 41.50
CA GLN D 98 30.97 1.12 40.50
C GLN D 98 30.72 1.82 39.15
N LEU D 99 29.45 1.90 38.74
CA LEU D 99 29.09 2.47 37.46
C LEU D 99 29.30 3.97 37.40
N LEU D 100 28.79 4.69 38.40
CA LEU D 100 29.04 6.13 38.49
C LEU D 100 30.56 6.39 38.47
N ALA D 101 31.30 5.54 39.18
CA ALA D 101 32.75 5.69 39.29
C ALA D 101 33.36 5.53 37.91
N ALA D 102 32.89 4.52 37.20
CA ALA D 102 33.35 4.26 35.85
C ALA D 102 33.03 5.42 34.95
N TYR D 103 31.79 5.90 35.01
CA TYR D 103 31.38 7.03 34.20
C TYR D 103 32.28 8.23 34.44
N ILE D 104 32.55 8.51 35.71
CA ILE D 104 33.40 9.62 36.09
C ILE D 104 34.81 9.46 35.51
N LEU D 105 35.24 8.21 35.44
CA LEU D 105 36.56 7.87 34.94
C LEU D 105 36.65 7.91 33.40
N LEU D 106 35.79 7.14 32.73
CA LEU D 106 35.88 6.99 31.28
C LEU D 106 35.63 8.29 30.57
N PHE D 107 35.01 9.24 31.27
CA PHE D 107 34.73 10.54 30.67
C PHE D 107 35.47 11.69 31.32
N ASP D 108 36.73 11.45 31.70
CA ASP D 108 37.57 12.54 32.13
C ASP D 108 37.60 13.46 30.93
N GLU D 109 38.11 12.91 29.82
CA GLU D 109 38.02 13.56 28.52
C GLU D 109 36.97 12.78 27.75
N TYR D 110 36.07 13.50 27.09
CA TYR D 110 34.93 12.90 26.42
C TYR D 110 35.29 11.72 25.54
N ASN D 111 34.61 10.59 25.78
CA ASN D 111 34.87 9.38 24.99
C ASN D 111 33.77 9.22 23.96
N GLU D 112 34.08 9.59 22.74
CA GLU D 112 33.04 9.77 21.71
C GLU D 112 32.29 8.48 21.39
N LYS D 113 32.98 7.35 21.51
CA LYS D 113 32.40 6.07 21.10
C LYS D 113 31.49 5.51 22.18
N LYS D 114 32.01 5.46 23.40
CA LYS D 114 31.25 4.94 24.50
C LYS D 114 30.18 5.93 24.95
N ALA D 115 30.19 7.12 24.38
CA ALA D 115 29.27 8.17 24.80
C ALA D 115 27.80 7.74 24.81
N SER D 116 27.34 7.11 23.73
CA SER D 116 25.95 6.72 23.64
C SER D 116 25.59 5.65 24.67
N ALA D 117 26.48 4.67 24.86
CA ALA D 117 26.26 3.64 25.87
C ALA D 117 26.21 4.25 27.26
N GLN D 118 27.27 4.96 27.61
CA GLN D 118 27.39 5.53 28.93
C GLN D 118 26.07 6.17 29.31
N LYS D 119 25.47 6.85 28.33
CA LYS D 119 24.20 7.55 28.56
C LYS D 119 23.11 6.54 28.89
N ASP D 120 22.95 5.56 28.01
CA ASP D 120 21.96 4.50 28.19
C ASP D 120 22.16 3.82 29.53
N ILE D 121 23.41 3.47 29.82
CA ILE D 121 23.75 2.88 31.10
C ILE D 121 23.35 3.79 32.28
N LEU D 122 23.88 5.00 32.32
CA LEU D 122 23.50 5.93 33.38
C LEU D 122 22.00 5.90 33.61
N ILE D 123 21.24 5.83 32.53
CA ILE D 123 19.79 5.81 32.63
C ILE D 123 19.29 4.54 33.32
N LYS D 124 19.60 3.38 32.75
CA LYS D 124 19.15 2.11 33.33
C LYS D 124 19.46 2.02 34.82
N VAL D 125 20.74 2.03 35.17
CA VAL D 125 21.15 1.92 36.57
C VAL D 125 20.48 2.95 37.46
N LEU D 126 20.35 4.20 37.01
CA LEU D 126 19.65 5.21 37.79
C LEU D 126 18.16 4.89 37.86
N ASP D 127 17.54 4.79 36.69
CA ASP D 127 16.14 4.43 36.60
C ASP D 127 15.81 3.25 37.51
N ASP D 128 16.66 2.22 37.47
CA ASP D 128 16.48 0.99 38.26
C ASP D 128 16.49 1.24 39.77
N GLY D 129 17.61 1.74 40.29
CA GLY D 129 17.70 2.05 41.70
C GLY D 129 16.55 2.91 42.15
N ILE D 130 16.16 3.86 41.31
CA ILE D 130 15.05 4.75 41.65
C ILE D 130 13.79 3.95 41.98
N THR D 131 13.51 2.95 41.17
CA THR D 131 12.38 2.08 41.42
C THR D 131 12.63 1.27 42.66
N LYS D 132 13.73 0.52 42.66
CA LYS D 132 14.10 -0.34 43.77
C LYS D 132 14.02 0.42 45.10
N LEU D 133 14.62 1.61 45.12
CA LEU D 133 14.65 2.44 46.32
C LEU D 133 13.25 2.76 46.76
N ASN D 134 12.41 3.15 45.81
CA ASN D 134 11.03 3.47 46.13
C ASN D 134 10.33 2.30 46.84
N GLU D 135 10.35 1.14 46.21
CA GLU D 135 9.68 -0.03 46.76
C GLU D 135 10.17 -0.35 48.16
N ALA D 136 11.46 -0.15 48.40
CA ALA D 136 12.04 -0.40 49.71
C ALA D 136 11.26 0.42 50.73
N GLN D 137 11.11 1.70 50.43
CA GLN D 137 10.39 2.62 51.30
C GLN D 137 8.97 2.14 51.58
N LYS D 138 8.23 1.84 50.52
CA LYS D 138 6.84 1.39 50.68
C LYS D 138 6.79 0.13 51.56
N SER D 139 7.69 -0.81 51.29
CA SER D 139 7.78 -2.03 52.08
C SER D 139 7.92 -1.67 53.56
N LEU D 140 8.82 -0.74 53.85
CA LEU D 140 9.09 -0.32 55.22
C LEU D 140 7.91 0.40 55.84
N LEU D 141 7.36 1.35 55.11
CA LEU D 141 6.20 2.11 55.56
C LEU D 141 5.07 1.18 55.95
N VAL D 142 4.82 0.19 55.12
CA VAL D 142 3.79 -0.79 55.40
C VAL D 142 4.09 -1.59 56.68
N SER D 143 5.35 -1.95 56.87
CA SER D 143 5.75 -2.63 58.07
C SER D 143 5.42 -1.76 59.26
N SER D 144 5.73 -0.46 59.18
CA SER D 144 5.43 0.42 60.29
C SER D 144 3.92 0.40 60.60
N GLN D 145 3.12 0.49 59.56
CA GLN D 145 1.68 0.53 59.73
C GLN D 145 1.16 -0.71 60.43
N SER D 146 1.89 -1.82 60.32
CA SER D 146 1.44 -3.11 60.84
C SER D 146 1.15 -3.09 62.35
N PHE D 147 2.10 -2.55 63.10
CA PHE D 147 2.00 -2.50 64.56
C PHE D 147 0.81 -1.70 65.07
N ASN D 148 0.26 -0.83 64.23
CA ASN D 148 -0.74 0.11 64.69
C ASN D 148 -1.94 -0.53 65.38
N ASN D 149 -2.53 -1.54 64.74
CA ASN D 149 -3.69 -2.19 65.32
C ASN D 149 -3.34 -2.78 66.67
N ALA D 150 -2.32 -3.64 66.68
CA ALA D 150 -1.82 -4.23 67.91
C ALA D 150 -1.58 -3.17 68.99
N SER D 151 -0.94 -2.07 68.61
CA SER D 151 -0.63 -1.01 69.56
C SER D 151 -1.87 -0.53 70.29
N GLY D 152 -3.01 -0.51 69.59
CA GLY D 152 -4.27 -0.13 70.21
C GLY D 152 -4.77 -1.21 71.15
N LYS D 153 -4.89 -2.43 70.63
CA LYS D 153 -5.29 -3.55 71.46
C LYS D 153 -4.51 -3.59 72.78
N LEU D 154 -3.23 -3.31 72.71
CA LEU D 154 -2.39 -3.21 73.91
C LEU D 154 -2.97 -2.25 74.91
N LEU D 155 -3.23 -1.01 74.49
CA LEU D 155 -3.78 -0.03 75.39
C LEU D 155 -5.14 -0.43 75.93
N ALA D 156 -6.02 -0.93 75.07
CA ALA D 156 -7.32 -1.43 75.56
C ALA D 156 -7.11 -2.35 76.76
N LEU D 157 -6.34 -3.40 76.54
CA LEU D 157 -6.00 -4.35 77.59
C LEU D 157 -5.59 -3.63 78.87
N ASP D 158 -4.51 -2.87 78.78
CA ASP D 158 -4.03 -2.13 79.94
C ASP D 158 -5.13 -1.26 80.55
N SER D 159 -5.66 -0.33 79.77
CA SER D 159 -6.75 0.53 80.23
C SER D 159 -7.70 -0.25 81.13
N GLN D 160 -8.12 -1.42 80.66
CA GLN D 160 -9.12 -2.21 81.38
C GLN D 160 -8.55 -2.95 82.57
N LEU D 161 -7.53 -3.77 82.33
CA LEU D 161 -6.85 -4.48 83.40
C LEU D 161 -6.55 -3.56 84.59
N THR D 162 -6.36 -2.28 84.33
CA THR D 162 -6.16 -1.33 85.41
C THR D 162 -7.47 -1.05 86.11
N ASN D 163 -8.48 -0.65 85.34
CA ASN D 163 -9.80 -0.41 85.91
C ASN D 163 -10.39 -1.66 86.56
N ASP D 164 -10.20 -2.80 85.91
CA ASP D 164 -10.79 -4.05 86.35
C ASP D 164 -10.15 -4.56 87.65
N PHE D 165 -8.89 -4.20 87.85
CA PHE D 165 -8.14 -4.66 89.02
C PHE D 165 -8.64 -4.00 90.28
N SER D 166 -8.91 -2.70 90.19
CA SER D 166 -9.47 -1.97 91.32
C SER D 166 -10.88 -2.48 91.63
N GLU D 167 -11.52 -3.07 90.62
CA GLU D 167 -12.87 -3.60 90.81
C GLU D 167 -12.85 -4.91 91.55
N LYS D 168 -11.79 -5.68 91.40
CA LYS D 168 -11.64 -6.89 92.16
C LYS D 168 -11.19 -6.58 93.59
N SER D 169 -10.29 -5.62 93.73
CA SER D 169 -9.84 -5.19 95.06
C SER D 169 -11.02 -4.70 95.89
N SER D 170 -12.03 -4.16 95.23
CA SER D 170 -13.27 -3.76 95.90
C SER D 170 -14.09 -4.99 96.24
N TYR D 171 -14.15 -5.93 95.31
CA TYR D 171 -14.90 -7.16 95.49
C TYR D 171 -14.29 -8.03 96.58
N PHE D 172 -12.99 -7.92 96.75
CA PHE D 172 -12.31 -8.65 97.82
C PHE D 172 -12.88 -8.28 99.18
N GLN D 173 -12.63 -7.05 99.62
CA GLN D 173 -13.09 -6.62 100.93
C GLN D 173 -14.59 -6.77 101.08
N SER D 174 -15.34 -6.44 100.03
CA SER D 174 -16.79 -6.58 100.05
C SER D 174 -17.16 -8.04 100.23
N GLN D 175 -16.22 -8.92 99.90
CA GLN D 175 -16.47 -10.36 99.97
C GLN D 175 -16.01 -10.94 101.31
N VAL D 176 -14.80 -10.59 101.76
CA VAL D 176 -14.35 -11.05 103.06
C VAL D 176 -15.33 -10.62 104.14
N ASP D 177 -15.94 -9.46 103.94
CA ASP D 177 -17.04 -9.03 104.80
C ASP D 177 -18.14 -10.08 104.81
N LYS D 178 -18.63 -10.44 103.64
CA LYS D 178 -19.66 -11.47 103.57
C LYS D 178 -19.27 -12.67 104.41
N ILE D 179 -17.96 -12.93 104.50
CA ILE D 179 -17.48 -14.09 105.23
C ILE D 179 -17.62 -13.94 106.75
N ARG D 180 -17.27 -12.78 107.28
CA ARG D 180 -17.49 -12.49 108.69
C ARG D 180 -18.99 -12.55 108.99
N LYS D 181 -19.76 -11.73 108.29
CA LYS D 181 -21.20 -11.64 108.49
C LYS D 181 -21.87 -13.01 108.47
N GLU D 182 -21.35 -13.93 107.67
CA GLU D 182 -21.93 -15.26 107.60
C GLU D 182 -21.51 -16.11 108.80
N ALA D 183 -20.27 -15.94 109.22
CA ALA D 183 -19.69 -16.79 110.26
C ALA D 183 -20.11 -16.35 111.66
N TYR D 184 -20.16 -15.05 111.88
CA TYR D 184 -20.53 -14.55 113.19
C TYR D 184 -22.03 -14.59 113.42
N ALA D 185 -22.82 -14.39 112.38
CA ALA D 185 -24.25 -14.64 112.47
C ALA D 185 -24.46 -16.11 112.86
N GLY D 186 -23.45 -16.94 112.56
CA GLY D 186 -23.48 -18.35 112.90
C GLY D 186 -23.07 -18.66 114.33
N ALA D 187 -21.92 -18.16 114.75
CA ALA D 187 -21.49 -18.32 116.14
C ALA D 187 -22.53 -17.70 117.04
N ALA D 188 -22.82 -16.43 116.80
CA ALA D 188 -23.86 -15.73 117.54
C ALA D 188 -25.10 -16.61 117.76
N ALA D 189 -25.35 -17.52 116.82
CA ALA D 189 -26.52 -18.40 116.90
C ALA D 189 -26.45 -19.41 118.05
N GLY D 190 -25.33 -19.41 118.77
CA GLY D 190 -25.14 -20.30 119.91
C GLY D 190 -25.84 -19.85 121.18
N VAL D 191 -26.41 -18.66 121.16
CA VAL D 191 -27.17 -18.12 122.28
C VAL D 191 -28.22 -19.12 122.77
N VAL D 192 -28.70 -19.97 121.86
CA VAL D 192 -29.70 -20.97 122.21
C VAL D 192 -29.16 -22.00 123.22
N ALA D 193 -28.11 -22.71 122.84
CA ALA D 193 -27.42 -23.58 123.80
C ALA D 193 -26.47 -22.73 124.66
N GLY D 194 -25.95 -23.32 125.72
CA GLY D 194 -25.23 -22.57 126.75
C GLY D 194 -24.11 -21.67 126.27
N PRO D 195 -23.76 -20.65 127.07
CA PRO D 195 -22.67 -19.74 126.71
C PRO D 195 -21.34 -20.47 126.51
N PHE D 196 -21.13 -21.57 127.24
CA PHE D 196 -19.96 -22.41 127.01
C PHE D 196 -20.02 -22.94 125.59
N GLY D 197 -21.23 -23.00 125.05
CA GLY D 197 -21.44 -23.35 123.66
C GLY D 197 -20.87 -22.30 122.73
N LEU D 198 -20.96 -21.04 123.13
CA LEU D 198 -20.36 -19.96 122.36
C LEU D 198 -18.85 -20.13 122.26
N ILE D 199 -18.19 -20.35 123.38
CA ILE D 199 -16.76 -20.63 123.36
C ILE D 199 -16.42 -21.66 122.28
N ILE D 200 -17.11 -22.80 122.31
CA ILE D 200 -16.91 -23.84 121.30
C ILE D 200 -17.23 -23.31 119.89
N SER D 201 -18.41 -22.72 119.73
CA SER D 201 -18.90 -22.23 118.44
C SER D 201 -17.99 -21.16 117.85
N TYR D 202 -17.80 -20.10 118.62
CA TYR D 202 -16.99 -18.96 118.23
C TYR D 202 -15.51 -19.34 118.01
N SER D 203 -14.96 -20.26 118.79
CA SER D 203 -13.62 -20.76 118.53
C SER D 203 -13.60 -21.49 117.19
N ILE D 204 -14.60 -22.33 116.98
CA ILE D 204 -14.74 -23.02 115.70
C ILE D 204 -14.77 -22.01 114.55
N ALA D 205 -15.45 -20.88 114.76
CA ALA D 205 -15.64 -19.89 113.70
C ALA D 205 -14.50 -18.88 113.59
N ALA D 206 -14.58 -17.82 114.38
CA ALA D 206 -13.55 -16.78 114.37
C ALA D 206 -12.15 -17.38 114.29
N GLY D 207 -11.98 -18.52 114.91
CA GLY D 207 -10.70 -19.22 114.88
C GLY D 207 -10.30 -19.64 113.49
N VAL D 208 -11.12 -20.46 112.85
CA VAL D 208 -10.87 -20.91 111.48
C VAL D 208 -10.90 -19.77 110.45
N VAL D 209 -11.85 -18.87 110.61
CA VAL D 209 -11.97 -17.72 109.71
C VAL D 209 -10.74 -16.85 109.79
N GLU D 210 -10.51 -16.24 110.94
CA GLU D 210 -9.39 -15.33 111.12
C GLU D 210 -8.08 -16.08 111.12
N GLY D 211 -8.17 -17.41 111.16
CA GLY D 211 -7.01 -18.27 111.25
C GLY D 211 -6.39 -18.58 109.91
N LYS D 212 -7.14 -19.24 109.03
CA LYS D 212 -6.66 -19.52 107.67
C LYS D 212 -7.39 -18.69 106.61
N LEU D 213 -8.70 -18.54 106.74
CA LEU D 213 -9.51 -17.93 105.69
C LEU D 213 -9.12 -16.51 105.30
N ILE D 214 -9.43 -15.54 106.15
CA ILE D 214 -9.14 -14.14 105.81
C ILE D 214 -7.72 -13.92 105.31
N PRO D 215 -6.72 -14.49 106.03
CA PRO D 215 -5.33 -14.36 105.61
C PRO D 215 -5.08 -14.95 104.23
N GLU D 216 -5.68 -16.11 103.95
CA GLU D 216 -5.59 -16.73 102.65
C GLU D 216 -6.09 -15.77 101.57
N LEU D 217 -7.26 -15.20 101.80
CA LEU D 217 -7.80 -14.20 100.89
C LEU D 217 -6.84 -13.04 100.69
N LYS D 218 -6.37 -12.46 101.80
CA LYS D 218 -5.37 -11.39 101.73
C LYS D 218 -4.14 -11.85 100.96
N ASN D 219 -3.94 -13.16 100.90
CA ASN D 219 -2.80 -13.69 100.16
C ASN D 219 -3.00 -13.64 98.65
N LYS D 220 -4.17 -14.08 98.18
CA LYS D 220 -4.46 -14.01 96.74
C LYS D 220 -4.58 -12.57 96.27
N LEU D 221 -5.27 -11.74 97.05
CA LEU D 221 -5.36 -10.34 96.70
C LEU D 221 -3.98 -9.80 96.39
N LYS D 222 -2.96 -10.37 97.03
CA LYS D 222 -1.60 -9.95 96.78
C LYS D 222 -1.01 -10.64 95.55
N SER D 223 -1.26 -11.93 95.41
CA SER D 223 -0.75 -12.66 94.24
C SER D 223 -1.33 -12.07 92.96
N VAL D 224 -2.56 -11.58 93.06
CA VAL D 224 -3.22 -10.87 91.97
C VAL D 224 -2.55 -9.53 91.76
N GLN D 225 -2.64 -8.65 92.76
CA GLN D 225 -2.00 -7.35 92.68
C GLN D 225 -0.55 -7.48 92.28
N ASN D 226 0.05 -8.63 92.58
CA ASN D 226 1.43 -8.90 92.19
C ASN D 226 1.51 -9.15 90.69
N PHE D 227 0.63 -10.01 90.19
CA PHE D 227 0.57 -10.33 88.77
C PHE D 227 0.08 -9.15 87.93
N PHE D 228 -0.95 -8.47 88.41
CA PHE D 228 -1.40 -7.26 87.75
C PHE D 228 -0.23 -6.36 87.44
N THR D 229 0.68 -6.21 88.39
CA THR D 229 1.81 -5.35 88.17
C THR D 229 2.74 -5.88 87.09
N THR D 230 3.23 -7.11 87.25
CA THR D 230 4.16 -7.67 86.29
C THR D 230 3.60 -7.59 84.88
N LEU D 231 2.30 -7.86 84.76
CA LEU D 231 1.63 -7.77 83.47
C LEU D 231 1.59 -6.34 82.94
N SER D 232 1.18 -5.40 83.77
CA SER D 232 1.13 -4.01 83.35
C SER D 232 2.49 -3.58 82.80
N ASN D 233 3.56 -4.06 83.42
CA ASN D 233 4.91 -3.79 82.96
C ASN D 233 5.26 -4.54 81.68
N THR D 234 4.72 -5.75 81.53
CA THR D 234 4.93 -6.53 80.32
C THR D 234 4.31 -5.77 79.14
N VAL D 235 3.30 -4.96 79.44
CA VAL D 235 2.64 -4.15 78.44
C VAL D 235 3.49 -2.94 78.12
N LYS D 236 3.87 -2.19 79.14
CA LYS D 236 4.72 -1.02 78.95
C LYS D 236 5.91 -1.38 78.07
N GLN D 237 6.41 -2.60 78.22
CA GLN D 237 7.54 -3.05 77.40
C GLN D 237 7.14 -3.12 75.95
N ALA D 238 6.16 -3.97 75.64
CA ALA D 238 5.66 -4.08 74.27
C ALA D 238 5.44 -2.70 73.63
N ASN D 239 4.74 -1.81 74.33
CA ASN D 239 4.50 -0.48 73.81
C ASN D 239 5.81 0.22 73.47
N LYS D 240 6.83 0.01 74.28
CA LYS D 240 8.14 0.60 74.03
C LYS D 240 8.85 -0.10 72.88
N ASP D 241 8.72 -1.42 72.81
CA ASP D 241 9.33 -2.21 71.74
C ASP D 241 8.74 -1.87 70.37
N ILE D 242 7.42 -1.83 70.31
CA ILE D 242 6.73 -1.51 69.09
C ILE D 242 7.15 -0.13 68.61
N ASP D 243 7.15 0.83 69.52
CA ASP D 243 7.45 2.20 69.17
C ASP D 243 8.87 2.33 68.66
N ALA D 244 9.79 1.58 69.24
CA ALA D 244 11.18 1.58 68.81
C ALA D 244 11.33 1.04 67.39
N ALA D 245 10.58 -0.01 67.07
CA ALA D 245 10.59 -0.55 65.73
C ALA D 245 10.07 0.47 64.72
N LYS D 246 8.93 1.08 65.04
CA LYS D 246 8.30 2.02 64.13
C LYS D 246 9.28 3.15 63.85
N LEU D 247 10.04 3.48 64.86
CA LEU D 247 11.02 4.52 64.71
C LEU D 247 12.04 4.09 63.69
N LYS D 248 12.79 3.04 64.04
CA LYS D 248 13.77 2.44 63.14
C LYS D 248 13.28 2.44 61.70
N LEU D 249 12.04 2.01 61.51
CA LEU D 249 11.47 1.88 60.18
C LEU D 249 11.42 3.21 59.44
N THR D 250 10.76 4.21 60.03
CA THR D 250 10.58 5.48 59.33
C THR D 250 11.91 6.19 59.14
N THR D 251 12.76 6.15 60.16
CA THR D 251 14.05 6.81 60.09
C THR D 251 14.92 6.16 59.04
N GLU D 252 14.64 4.90 58.72
CA GLU D 252 15.29 4.26 57.59
C GLU D 252 14.65 4.72 56.29
N ILE D 253 13.33 4.62 56.23
CA ILE D 253 12.57 5.15 55.10
C ILE D 253 13.13 6.47 54.62
N ALA D 254 13.34 7.39 55.56
CA ALA D 254 13.76 8.74 55.21
C ALA D 254 15.23 8.78 54.79
N ALA D 255 16.03 7.92 55.42
CA ALA D 255 17.44 7.80 55.10
C ALA D 255 17.62 7.26 53.71
N ILE D 256 16.79 6.29 53.34
CA ILE D 256 16.74 5.82 51.96
C ILE D 256 16.26 6.98 51.08
N GLY D 257 15.35 7.77 51.63
CA GLY D 257 14.85 8.96 50.94
C GLY D 257 15.99 9.83 50.43
N GLU D 258 16.96 10.07 51.30
CA GLU D 258 18.11 10.90 50.93
C GLU D 258 18.75 10.45 49.62
N ILE D 259 19.05 9.16 49.49
CA ILE D 259 19.63 8.65 48.25
C ILE D 259 18.64 8.82 47.10
N LYS D 260 17.43 8.31 47.28
CA LYS D 260 16.41 8.44 46.26
C LYS D 260 16.51 9.80 45.59
N THR D 261 16.33 10.87 46.36
CA THR D 261 16.29 12.20 45.78
C THR D 261 17.53 12.50 44.96
N GLU D 262 18.70 12.23 45.53
CA GLU D 262 19.96 12.48 44.81
C GLU D 262 19.94 11.71 43.49
N THR D 263 19.62 10.43 43.57
CA THR D 263 19.54 9.58 42.40
C THR D 263 18.59 10.17 41.39
N GLU D 264 17.37 10.43 41.83
CA GLU D 264 16.32 10.97 40.99
C GLU D 264 16.82 12.23 40.26
N THR D 265 17.55 13.07 40.98
CA THR D 265 18.12 14.28 40.39
C THR D 265 19.11 13.96 39.28
N THR D 266 20.20 13.32 39.68
CA THR D 266 21.22 12.81 38.75
C THR D 266 20.61 12.29 37.45
N ARG D 267 19.55 11.50 37.58
CA ARG D 267 18.81 11.03 36.39
C ARG D 267 18.44 12.20 35.48
N PHE D 268 17.70 13.17 35.99
CA PHE D 268 17.29 14.32 35.21
C PHE D 268 18.49 14.96 34.52
N TYR D 269 19.60 15.09 35.25
CA TYR D 269 20.80 15.69 34.69
C TYR D 269 21.29 14.93 33.44
N VAL D 270 21.24 13.61 33.49
CA VAL D 270 21.55 12.79 32.33
C VAL D 270 20.70 13.21 31.11
N ASP D 271 19.49 13.73 31.37
CA ASP D 271 18.59 14.17 30.31
C ASP D 271 19.07 15.42 29.51
N TYR D 272 20.09 16.09 30.00
CA TYR D 272 20.65 17.22 29.27
C TYR D 272 21.45 16.77 28.04
N ASP D 273 21.98 15.54 28.09
CA ASP D 273 22.77 14.94 27.00
C ASP D 273 24.25 15.18 27.14
N ASP D 274 24.59 16.35 27.68
CA ASP D 274 25.98 16.68 27.89
C ASP D 274 26.56 15.76 28.93
N LEU D 275 27.12 14.64 28.48
CA LEU D 275 27.76 13.68 29.38
C LEU D 275 28.89 14.31 30.14
N MET D 276 29.19 15.56 29.80
CA MET D 276 30.36 16.27 30.33
C MET D 276 29.94 17.42 31.24
N LEU D 277 28.63 17.64 31.36
CA LEU D 277 28.11 18.77 32.13
C LEU D 277 28.55 18.63 33.56
N SER D 278 29.10 19.71 34.12
CA SER D 278 29.61 19.68 35.49
C SER D 278 28.54 19.14 36.44
N LEU D 279 27.31 19.65 36.30
CA LEU D 279 26.23 19.19 37.16
C LEU D 279 26.18 17.67 37.18
N LEU D 280 25.87 17.07 36.04
CA LEU D 280 25.76 15.61 35.99
C LEU D 280 27.00 14.95 36.55
N LYS D 281 28.14 15.58 36.37
CA LYS D 281 29.38 14.99 36.82
C LYS D 281 29.40 15.06 38.32
N GLU D 282 29.12 16.25 38.85
CA GLU D 282 29.08 16.49 40.29
C GLU D 282 28.02 15.64 40.96
N ALA D 283 26.79 15.74 40.46
CA ALA D 283 25.71 14.91 40.93
C ALA D 283 26.17 13.47 41.08
N ALA D 284 26.90 12.97 40.10
CA ALA D 284 27.36 11.57 40.12
C ALA D 284 28.36 11.36 41.23
N LYS D 285 29.18 12.37 41.49
CA LYS D 285 30.16 12.30 42.54
C LYS D 285 29.46 12.33 43.91
N LYS D 286 28.46 13.19 44.03
CA LYS D 286 27.68 13.31 45.27
C LYS D 286 27.01 12.00 45.60
N MET D 287 26.35 11.41 44.61
CA MET D 287 25.73 10.11 44.76
C MET D 287 26.67 9.12 45.44
N ILE D 288 27.95 9.14 45.07
CA ILE D 288 28.92 8.21 45.65
C ILE D 288 29.23 8.56 47.09
N ASN D 289 29.22 9.85 47.41
CA ASN D 289 29.35 10.29 48.79
C ASN D 289 28.10 9.97 49.59
N THR D 290 26.99 10.56 49.20
CA THR D 290 25.73 10.26 49.86
C THR D 290 25.63 8.76 50.16
N CYS D 291 26.03 7.91 49.22
CA CYS D 291 26.04 6.45 49.46
C CYS D 291 27.03 6.10 50.55
N ASN D 292 28.27 6.53 50.39
CA ASN D 292 29.29 6.22 51.36
C ASN D 292 28.88 6.56 52.80
N GLU D 293 28.26 7.72 52.99
CA GLU D 293 27.84 8.16 54.33
C GLU D 293 26.74 7.27 54.85
N TYR D 294 25.88 6.80 53.95
CA TYR D 294 24.80 5.87 54.29
C TYR D 294 25.34 4.55 54.83
N GLN D 295 26.52 4.14 54.37
CA GLN D 295 27.12 2.88 54.81
C GLN D 295 27.72 3.01 56.19
N LYS D 296 28.10 4.24 56.51
CA LYS D 296 28.76 4.48 57.77
C LYS D 296 27.74 4.52 58.88
N ARG D 297 26.87 5.51 58.83
CA ARG D 297 25.87 5.68 59.86
C ARG D 297 24.96 4.46 59.93
N HIS D 298 24.89 3.72 58.83
CA HIS D 298 23.92 2.64 58.69
C HIS D 298 24.61 1.28 58.45
N LYS E 14 -44.73 -64.27 111.85
CA LYS E 14 -44.13 -63.11 112.50
C LYS E 14 -42.92 -63.51 113.34
N THR E 15 -42.15 -64.46 112.82
CA THR E 15 -40.92 -64.91 113.48
C THR E 15 -39.70 -64.46 112.67
N VAL E 16 -39.83 -64.54 111.35
CA VAL E 16 -38.75 -64.19 110.44
C VAL E 16 -38.62 -62.68 110.31
N GLU E 17 -39.71 -61.97 110.61
CA GLU E 17 -39.74 -60.52 110.44
C GLU E 17 -38.63 -59.80 111.21
N VAL E 18 -38.06 -60.48 112.20
CA VAL E 18 -36.91 -59.92 112.92
C VAL E 18 -35.70 -59.82 112.01
N VAL E 19 -35.44 -60.90 111.29
CA VAL E 19 -34.34 -60.94 110.33
C VAL E 19 -34.53 -59.84 109.30
N LYS E 20 -35.73 -59.79 108.71
CA LYS E 20 -36.06 -58.75 107.74
C LYS E 20 -35.77 -57.36 108.31
N ASN E 21 -36.38 -57.04 109.44
CA ASN E 21 -36.18 -55.74 110.06
C ASN E 21 -34.70 -55.46 110.31
N ALA E 22 -33.96 -56.48 110.73
CA ALA E 22 -32.53 -56.36 111.00
C ALA E 22 -31.74 -56.16 109.71
N ILE E 23 -32.16 -56.88 108.66
CA ILE E 23 -31.52 -56.75 107.37
C ILE E 23 -31.55 -55.28 106.96
N GLU E 24 -32.72 -54.65 107.12
CA GLU E 24 -32.89 -53.26 106.73
C GLU E 24 -32.10 -52.34 107.66
N THR E 25 -32.05 -52.72 108.94
CA THR E 25 -31.25 -51.98 109.90
C THR E 25 -29.80 -51.95 109.43
N ALA E 26 -29.29 -53.12 109.04
CA ALA E 26 -27.92 -53.28 108.58
C ALA E 26 -27.64 -52.47 107.33
N ASP E 27 -28.64 -52.35 106.47
CA ASP E 27 -28.50 -51.59 105.23
C ASP E 27 -28.16 -50.15 105.59
N GLY E 28 -29.11 -49.45 106.19
CA GLY E 28 -28.90 -48.09 106.64
C GLY E 28 -27.66 -47.93 107.49
N ALA E 29 -27.18 -49.03 108.07
CA ALA E 29 -25.93 -49.00 108.82
C ALA E 29 -24.78 -48.63 107.87
N LEU E 30 -24.55 -49.47 106.87
CA LEU E 30 -23.56 -49.19 105.84
C LEU E 30 -23.65 -47.73 105.40
N ASP E 31 -24.85 -47.35 104.97
CA ASP E 31 -25.10 -46.00 104.48
C ASP E 31 -24.50 -44.92 105.38
N LEU E 32 -24.95 -44.85 106.62
CA LEU E 32 -24.37 -43.92 107.58
C LEU E 32 -22.87 -44.13 107.67
N TYR E 33 -22.45 -45.39 107.64
CA TYR E 33 -21.04 -45.74 107.77
C TYR E 33 -20.21 -45.00 106.75
N ASN E 34 -20.49 -45.25 105.48
CA ASN E 34 -19.83 -44.56 104.38
C ASN E 34 -20.05 -43.06 104.47
N LYS E 35 -21.32 -42.67 104.60
CA LYS E 35 -21.68 -41.26 104.74
C LYS E 35 -20.69 -40.52 105.64
N TYR E 36 -20.37 -41.14 106.77
CA TYR E 36 -19.41 -40.56 107.70
C TYR E 36 -17.98 -40.82 107.25
N LEU E 37 -17.72 -42.05 106.85
CA LEU E 37 -16.40 -42.45 106.37
C LEU E 37 -15.90 -41.51 105.28
N ASP E 38 -16.83 -41.05 104.44
CA ASP E 38 -16.52 -40.10 103.38
C ASP E 38 -16.21 -38.72 103.95
N GLN E 39 -17.08 -38.24 104.85
CA GLN E 39 -16.83 -36.97 105.54
C GLN E 39 -15.46 -37.02 106.21
N VAL E 40 -15.04 -38.22 106.58
CA VAL E 40 -13.80 -38.43 107.31
C VAL E 40 -12.61 -38.57 106.38
N ILE E 41 -12.81 -39.25 105.26
CA ILE E 41 -11.77 -39.45 104.26
C ILE E 41 -12.21 -38.86 102.92
N PRO E 42 -11.77 -37.62 102.63
CA PRO E 42 -12.19 -36.85 101.46
C PRO E 42 -11.63 -37.40 100.16
N TRP E 43 -11.92 -38.65 99.86
CA TRP E 43 -11.47 -39.24 98.61
C TRP E 43 -12.06 -38.45 97.44
N GLN E 44 -13.30 -37.99 97.61
CA GLN E 44 -13.93 -37.15 96.61
C GLN E 44 -13.00 -36.00 96.29
N THR E 45 -12.72 -35.20 97.32
CA THR E 45 -11.86 -34.03 97.18
C THR E 45 -10.46 -34.38 96.66
N PHE E 46 -9.89 -35.46 97.17
CA PHE E 46 -8.58 -35.93 96.73
C PHE E 46 -8.58 -36.30 95.26
N ASP E 47 -9.48 -37.20 94.88
CA ASP E 47 -9.61 -37.61 93.50
C ASP E 47 -9.81 -36.38 92.59
N GLU E 48 -10.78 -35.54 92.90
CA GLU E 48 -11.03 -34.33 92.13
C GLU E 48 -9.77 -33.50 91.95
N THR E 49 -9.07 -33.28 93.05
CA THR E 49 -7.87 -32.46 93.05
C THR E 49 -6.81 -33.06 92.12
N ILE E 50 -6.75 -34.38 92.06
CA ILE E 50 -5.82 -35.07 91.18
C ILE E 50 -6.16 -34.82 89.71
N LYS E 51 -7.43 -35.02 89.35
CA LYS E 51 -7.86 -34.81 87.98
C LYS E 51 -7.51 -33.44 87.46
N GLU E 52 -8.05 -32.40 88.07
CA GLU E 52 -7.87 -31.05 87.55
C GLU E 52 -6.41 -30.70 87.29
N LEU E 53 -5.51 -31.20 88.12
CA LEU E 53 -4.09 -30.91 87.88
C LEU E 53 -3.45 -31.96 86.98
N SER E 54 -4.20 -33.02 86.66
CA SER E 54 -3.81 -33.94 85.61
C SER E 54 -4.18 -33.31 84.27
N ARG E 55 -5.39 -32.76 84.20
CA ARG E 55 -5.83 -31.98 83.06
C ARG E 55 -4.76 -30.95 82.68
N PHE E 56 -4.25 -30.21 83.66
CA PHE E 56 -3.20 -29.23 83.38
C PHE E 56 -2.08 -29.87 82.58
N LYS E 57 -1.46 -30.89 83.14
CA LYS E 57 -0.38 -31.62 82.48
C LYS E 57 -0.82 -32.05 81.08
N GLN E 58 -2.10 -32.39 80.94
CA GLN E 58 -2.64 -32.87 79.67
C GLN E 58 -2.73 -31.76 78.63
N GLU E 59 -3.67 -30.83 78.84
CA GLU E 59 -3.92 -29.73 77.92
C GLU E 59 -2.65 -29.13 77.34
N TYR E 60 -1.68 -28.85 78.20
CA TYR E 60 -0.42 -28.27 77.73
C TYR E 60 0.42 -29.25 76.92
N SER E 61 0.50 -30.49 77.37
CA SER E 61 1.12 -31.52 76.55
C SER E 61 0.57 -31.40 75.13
N GLN E 62 -0.76 -31.49 75.02
CA GLN E 62 -1.45 -31.34 73.74
C GLN E 62 -0.89 -30.18 72.94
N ALA E 63 -1.03 -28.97 73.47
CA ALA E 63 -0.58 -27.77 72.79
C ALA E 63 0.85 -27.89 72.33
N ALA E 64 1.77 -27.96 73.30
CA ALA E 64 3.19 -28.03 73.01
C ALA E 64 3.50 -29.09 71.95
N SER E 65 2.93 -30.28 72.13
CA SER E 65 3.11 -31.35 71.16
C SER E 65 2.86 -30.87 69.73
N VAL E 66 1.63 -30.51 69.44
CA VAL E 66 1.24 -30.05 68.11
C VAL E 66 2.07 -28.84 67.61
N LEU E 67 2.37 -27.88 68.49
CA LEU E 67 3.20 -26.73 68.10
C LEU E 67 4.60 -27.17 67.76
N VAL E 68 5.28 -27.77 68.74
CA VAL E 68 6.63 -28.28 68.53
C VAL E 68 6.73 -29.14 67.26
N GLY E 69 5.63 -29.77 66.90
CA GLY E 69 5.58 -30.58 65.68
C GLY E 69 5.54 -29.71 64.44
N ASP E 70 4.65 -28.73 64.46
CA ASP E 70 4.55 -27.77 63.38
C ASP E 70 5.91 -27.12 63.16
N ILE E 71 6.53 -26.67 64.24
CA ILE E 71 7.86 -26.08 64.17
C ILE E 71 8.81 -26.99 63.39
N LYS E 72 8.79 -28.28 63.65
CA LYS E 72 9.67 -29.19 62.93
C LYS E 72 9.35 -29.15 61.44
N THR E 73 8.09 -29.41 61.09
CA THR E 73 7.66 -29.26 59.72
C THR E 73 8.28 -27.99 59.15
N LEU E 74 8.04 -26.86 59.81
CA LEU E 74 8.56 -25.57 59.34
C LEU E 74 10.07 -25.59 59.12
N LEU E 75 10.80 -26.12 60.09
CA LEU E 75 12.25 -26.24 59.99
C LEU E 75 12.62 -27.07 58.78
N MET E 76 12.04 -28.26 58.68
CA MET E 76 12.28 -29.12 57.54
C MET E 76 11.91 -28.46 56.21
N ASP E 77 10.78 -27.74 56.20
CA ASP E 77 10.38 -26.96 55.03
C ASP E 77 11.51 -26.04 54.56
N SER E 78 12.01 -25.23 55.48
CA SER E 78 13.11 -24.33 55.19
C SER E 78 14.28 -25.07 54.57
N GLN E 79 14.78 -26.07 55.29
CA GLN E 79 15.94 -26.84 54.82
C GLN E 79 15.85 -27.15 53.33
N ASP E 80 14.75 -27.77 52.92
CA ASP E 80 14.55 -28.04 51.51
C ASP E 80 14.63 -26.78 50.66
N LYS E 81 13.95 -25.72 51.10
CA LYS E 81 13.98 -24.46 50.36
C LYS E 81 15.38 -23.85 50.28
N TYR E 82 16.16 -24.06 51.33
CA TYR E 82 17.56 -23.65 51.33
C TYR E 82 18.31 -24.42 50.28
N PHE E 83 18.23 -25.75 50.39
CA PHE E 83 18.85 -26.64 49.43
C PHE E 83 18.60 -26.19 47.99
N GLU E 84 17.32 -26.16 47.63
CA GLU E 84 16.92 -25.64 46.34
C GLU E 84 17.70 -24.39 46.03
N ALA E 85 17.48 -23.34 46.81
CA ALA E 85 18.10 -22.04 46.57
C ALA E 85 19.57 -22.17 46.27
N THR E 86 20.31 -22.74 47.21
CA THR E 86 21.75 -22.88 47.07
C THR E 86 22.08 -23.69 45.84
N GLN E 87 21.41 -24.82 45.69
CA GLN E 87 21.67 -25.73 44.58
C GLN E 87 21.50 -24.99 43.25
N THR E 88 20.34 -24.39 43.08
CA THR E 88 20.05 -23.55 41.93
C THR E 88 21.23 -22.65 41.62
N VAL E 89 21.70 -21.94 42.64
CA VAL E 89 22.85 -21.06 42.47
C VAL E 89 24.09 -21.83 42.01
N TYR E 90 24.49 -22.81 42.80
CA TYR E 90 25.65 -23.65 42.46
C TYR E 90 25.64 -24.15 41.01
N GLU E 91 24.45 -24.33 40.45
CA GLU E 91 24.32 -24.80 39.09
C GLU E 91 24.71 -23.70 38.10
N TRP E 92 24.08 -22.54 38.24
CA TRP E 92 24.38 -21.42 37.38
C TRP E 92 25.79 -20.90 37.61
N CYS E 93 26.14 -20.66 38.88
CA CYS E 93 27.44 -20.15 39.27
C CYS E 93 28.52 -21.02 38.63
N GLY E 94 28.11 -22.18 38.11
CA GLY E 94 29.03 -23.17 37.59
C GLY E 94 29.18 -23.16 36.09
N VAL E 95 28.06 -23.11 35.39
CA VAL E 95 28.11 -22.91 33.94
C VAL E 95 28.77 -21.56 33.71
N ALA E 96 28.34 -20.57 34.48
CA ALA E 96 28.87 -19.22 34.35
C ALA E 96 30.40 -19.13 34.33
N THR E 97 31.07 -19.65 35.37
CA THR E 97 32.52 -19.54 35.50
C THR E 97 33.23 -20.02 34.25
N GLN E 98 32.79 -21.16 33.72
CA GLN E 98 33.31 -21.69 32.48
C GLN E 98 33.23 -20.66 31.35
N LEU E 99 32.09 -19.98 31.25
CA LEU E 99 31.87 -19.00 30.19
C LEU E 99 32.72 -17.74 30.34
N LEU E 100 32.71 -17.15 31.54
CA LEU E 100 33.56 -16.00 31.80
C LEU E 100 35.00 -16.39 31.48
N ALA E 101 35.38 -17.60 31.87
CA ALA E 101 36.74 -18.07 31.68
C ALA E 101 37.07 -18.12 30.21
N ALA E 102 36.10 -18.63 29.45
CA ALA E 102 36.24 -18.72 28.00
C ALA E 102 36.35 -17.32 27.40
N TYR E 103 35.46 -16.43 27.82
CA TYR E 103 35.48 -15.07 27.30
C TYR E 103 36.82 -14.44 27.53
N ILE E 104 37.36 -14.62 28.73
CA ILE E 104 38.66 -14.07 29.10
C ILE E 104 39.77 -14.65 28.23
N LEU E 105 39.60 -15.91 27.84
CA LEU E 105 40.56 -16.60 27.00
C LEU E 105 40.46 -16.22 25.50
N LEU E 106 39.28 -16.42 24.92
CA LEU E 106 39.10 -16.23 23.50
C LEU E 106 39.35 -14.79 23.08
N PHE E 107 39.31 -13.89 24.05
CA PHE E 107 39.54 -12.47 23.75
C PHE E 107 40.79 -11.91 24.40
N ASP E 108 41.83 -12.71 24.47
CA ASP E 108 43.13 -12.18 24.85
C ASP E 108 43.40 -11.10 23.84
N GLU E 109 43.48 -11.50 22.58
CA GLU E 109 43.51 -10.58 21.47
C GLU E 109 42.14 -10.65 20.83
N TYR E 110 41.56 -9.49 20.54
CA TYR E 110 40.19 -9.41 20.02
C TYR E 110 39.88 -10.39 18.89
N ASN E 111 38.85 -11.20 19.10
CA ASN E 111 38.43 -12.16 18.09
C ASN E 111 37.24 -11.61 17.30
N GLU E 112 37.52 -11.10 16.11
CA GLU E 112 36.52 -10.29 15.39
C GLU E 112 35.25 -11.06 15.05
N LYS E 113 35.40 -12.36 14.83
CA LYS E 113 34.27 -13.14 14.35
C LYS E 113 33.35 -13.54 15.50
N LYS E 114 33.96 -14.06 16.55
CA LYS E 114 33.21 -14.51 17.69
C LYS E 114 32.74 -13.32 18.52
N ALA E 115 33.17 -12.13 18.13
CA ALA E 115 32.87 -10.93 18.92
C ALA E 115 31.38 -10.76 19.20
N SER E 116 30.57 -10.84 18.15
CA SER E 116 29.13 -10.61 18.30
C SER E 116 28.50 -11.67 19.19
N ALA E 117 28.89 -12.94 19.02
CA ALA E 117 28.35 -14.00 19.87
C ALA E 117 28.75 -13.78 21.33
N GLN E 118 30.06 -13.70 21.55
CA GLN E 118 30.57 -13.56 22.90
C GLN E 118 29.73 -12.54 23.66
N LYS E 119 29.37 -11.46 22.98
CA LYS E 119 28.58 -10.39 23.56
C LYS E 119 27.20 -10.91 23.94
N ASP E 120 26.52 -11.49 22.96
CA ASP E 120 25.21 -12.10 23.19
C ASP E 120 25.27 -13.11 24.32
N ILE E 121 26.27 -13.98 24.26
CA ILE E 121 26.50 -14.95 25.33
C ILE E 121 26.64 -14.28 26.70
N LEU E 122 27.66 -13.42 26.84
CA LEU E 122 27.85 -12.72 28.10
C LEU E 122 26.54 -12.20 28.62
N ILE E 123 25.70 -11.68 27.74
CA ILE E 123 24.42 -11.15 28.17
C ILE E 123 23.52 -12.26 28.72
N LYS E 124 23.24 -13.27 27.91
CA LYS E 124 22.34 -14.35 28.36
C LYS E 124 22.77 -14.90 29.71
N VAL E 125 23.96 -15.49 29.76
CA VAL E 125 24.47 -16.07 30.99
C VAL E 125 24.41 -15.12 32.18
N LEU E 126 24.80 -13.87 31.98
CA LEU E 126 24.70 -12.88 33.05
C LEU E 126 23.25 -12.60 33.39
N ASP E 127 22.49 -12.15 32.40
CA ASP E 127 21.06 -11.88 32.55
C ASP E 127 20.36 -13.02 33.29
N ASP E 128 20.67 -14.25 32.90
CA ASP E 128 20.05 -15.46 33.47
C ASP E 128 20.34 -15.62 34.98
N GLY E 129 21.61 -15.80 35.32
CA GLY E 129 21.99 -15.91 36.71
C GLY E 129 21.42 -14.78 37.54
N ILE E 130 21.41 -13.57 36.98
CA ILE E 130 20.87 -12.42 37.70
C ILE E 130 19.44 -12.67 38.13
N THR E 131 18.66 -13.23 37.23
CA THR E 131 17.29 -13.58 37.58
C THR E 131 17.29 -14.72 38.59
N LYS E 132 17.96 -15.82 38.23
CA LYS E 132 18.02 -17.01 39.07
C LYS E 132 18.47 -16.67 40.48
N LEU E 133 19.51 -15.85 40.56
CA LEU E 133 20.07 -15.40 41.84
C LEU E 133 19.02 -14.67 42.66
N ASN E 134 18.33 -13.74 42.00
CA ASN E 134 17.28 -12.99 42.66
C ASN E 134 16.23 -13.90 43.29
N GLU E 135 15.65 -14.79 42.48
CA GLU E 135 14.61 -15.69 42.96
C GLU E 135 15.08 -16.51 44.13
N ALA E 136 16.35 -16.91 44.10
CA ALA E 136 16.91 -17.68 45.21
C ALA E 136 16.69 -16.92 46.50
N GLN E 137 17.10 -15.65 46.47
CA GLN E 137 16.97 -14.77 47.62
C GLN E 137 15.52 -14.70 48.09
N LYS E 138 14.60 -14.39 47.19
CA LYS E 138 13.21 -14.26 47.58
C LYS E 138 12.73 -15.55 48.21
N SER E 139 13.09 -16.67 47.60
CA SER E 139 12.71 -17.98 48.13
C SER E 139 13.17 -18.10 49.58
N LEU E 140 14.41 -17.69 49.83
CA LEU E 140 15.00 -17.79 51.15
C LEU E 140 14.33 -16.86 52.13
N LEU E 141 14.15 -15.62 51.69
CA LEU E 141 13.51 -14.60 52.51
C LEU E 141 12.14 -15.07 52.98
N VAL E 142 11.37 -15.63 52.06
CA VAL E 142 10.05 -16.14 52.39
C VAL E 142 10.12 -17.29 53.40
N SER E 143 11.12 -18.14 53.26
CA SER E 143 11.31 -19.22 54.21
C SER E 143 11.52 -18.63 55.59
N SER E 144 12.35 -17.58 55.67
CA SER E 144 12.62 -16.95 56.95
C SER E 144 11.33 -16.43 57.57
N GLN E 145 10.52 -15.76 56.75
CA GLN E 145 9.26 -15.20 57.21
C GLN E 145 8.33 -16.27 57.77
N SER E 146 8.49 -17.52 57.31
CA SER E 146 7.60 -18.60 57.70
C SER E 146 7.53 -18.83 59.21
N PHE E 147 8.71 -18.91 59.84
CA PHE E 147 8.81 -19.20 61.26
C PHE E 147 8.17 -18.14 62.15
N ASN E 148 7.94 -16.96 61.60
CA ASN E 148 7.53 -15.83 62.42
C ASN E 148 6.26 -16.08 63.22
N ASN E 149 5.23 -16.58 62.57
CA ASN E 149 3.97 -16.83 63.27
C ASN E 149 4.18 -17.83 64.39
N ALA E 150 4.73 -18.98 64.03
CA ALA E 150 5.06 -20.02 65.00
C ALA E 150 5.85 -19.46 66.19
N SER E 151 6.87 -18.65 65.87
CA SER E 151 7.73 -18.07 66.90
C SER E 151 6.92 -17.31 67.97
N GLY E 152 5.84 -16.66 67.52
CA GLY E 152 4.95 -15.98 68.43
C GLY E 152 4.15 -16.98 69.26
N LYS E 153 3.44 -17.88 68.58
CA LYS E 153 2.68 -18.92 69.27
C LYS E 153 3.51 -19.58 70.37
N LEU E 154 4.78 -19.81 70.07
CA LEU E 154 5.73 -20.35 71.04
C LEU E 154 5.72 -19.53 72.34
N LEU E 155 6.00 -18.24 72.21
CA LEU E 155 6.05 -17.38 73.38
C LEU E 155 4.72 -17.32 74.10
N ALA E 156 3.62 -17.20 73.37
CA ALA E 156 2.32 -17.22 74.01
C ALA E 156 2.23 -18.41 74.96
N LEU E 157 2.45 -19.60 74.41
CA LEU E 157 2.44 -20.84 75.18
C LEU E 157 3.26 -20.70 76.45
N ASP E 158 4.54 -20.42 76.29
CA ASP E 158 5.45 -20.25 77.42
C ASP E 158 4.90 -19.19 78.37
N SER E 159 4.61 -18.01 77.85
CA SER E 159 4.05 -16.94 78.66
C SER E 159 2.96 -17.46 79.58
N GLN E 160 2.02 -18.21 79.01
CA GLN E 160 0.85 -18.69 79.77
C GLN E 160 1.18 -19.86 80.66
N LEU E 161 1.73 -20.93 80.08
CA LEU E 161 2.16 -22.08 80.85
C LEU E 161 2.95 -21.70 82.11
N THR E 162 3.67 -20.58 82.04
CA THR E 162 4.38 -20.09 83.21
C THR E 162 3.40 -19.50 84.20
N ASN E 163 2.57 -18.57 83.74
CA ASN E 163 1.56 -17.96 84.59
C ASN E 163 0.58 -18.99 85.13
N ASP E 164 0.17 -19.92 84.26
CA ASP E 164 -0.85 -20.89 84.59
C ASP E 164 -0.34 -21.91 85.60
N PHE E 165 0.96 -22.15 85.60
CA PHE E 165 1.57 -23.12 86.50
C PHE E 165 1.55 -22.64 87.93
N SER E 166 1.86 -21.38 88.13
CA SER E 166 1.80 -20.78 89.45
C SER E 166 0.36 -20.74 89.94
N GLU E 167 -0.58 -20.76 89.01
CA GLU E 167 -1.99 -20.74 89.37
C GLU E 167 -2.47 -22.10 89.87
N LYS E 168 -1.86 -23.17 89.36
CA LYS E 168 -2.16 -24.49 89.88
C LYS E 168 -1.45 -24.73 91.22
N SER E 169 -0.22 -24.27 91.33
CA SER E 169 0.53 -24.39 92.59
C SER E 169 -0.21 -23.69 93.71
N SER E 170 -0.97 -22.64 93.36
CA SER E 170 -1.83 -21.97 94.33
C SER E 170 -3.05 -22.82 94.61
N TYR E 171 -3.63 -23.39 93.56
CA TYR E 171 -4.80 -24.24 93.68
C TYR E 171 -4.50 -25.52 94.47
N PHE E 172 -3.26 -25.98 94.38
CA PHE E 172 -2.84 -27.16 95.13
C PHE E 172 -3.03 -26.93 96.63
N GLN E 173 -2.23 -26.04 97.21
CA GLN E 173 -2.30 -25.80 98.65
C GLN E 173 -3.71 -25.38 99.09
N SER E 174 -4.36 -24.53 98.28
CA SER E 174 -5.72 -24.10 98.58
C SER E 174 -6.65 -25.30 98.57
N GLN E 175 -6.22 -26.37 97.92
CA GLN E 175 -7.06 -27.56 97.81
C GLN E 175 -6.75 -28.59 98.89
N VAL E 176 -5.46 -28.89 99.13
CA VAL E 176 -5.10 -29.81 100.21
C VAL E 176 -5.66 -29.30 101.54
N ASP E 177 -5.75 -27.97 101.67
CA ASP E 177 -6.42 -27.35 102.79
C ASP E 177 -7.85 -27.86 102.87
N LYS E 178 -8.60 -27.69 101.78
CA LYS E 178 -9.96 -28.19 101.75
C LYS E 178 -10.03 -29.62 102.28
N ILE E 179 -8.97 -30.39 102.03
CA ILE E 179 -8.94 -31.78 102.45
C ILE E 179 -8.82 -31.95 103.98
N ARG E 180 -7.94 -31.17 104.60
CA ARG E 180 -7.83 -31.19 106.05
C ARG E 180 -9.16 -30.72 106.64
N LYS E 181 -9.58 -29.53 106.26
CA LYS E 181 -10.80 -28.93 106.77
C LYS E 181 -11.98 -29.88 106.68
N GLU E 182 -12.02 -30.70 105.64
CA GLU E 182 -13.12 -31.64 105.49
C GLU E 182 -12.96 -32.83 106.40
N ALA E 183 -11.72 -33.28 106.58
CA ALA E 183 -11.44 -34.50 107.32
C ALA E 183 -11.47 -34.31 108.82
N TYR E 184 -10.93 -33.18 109.28
CA TYR E 184 -10.88 -32.90 110.71
C TYR E 184 -12.22 -32.39 111.25
N ALA E 185 -12.96 -31.66 110.44
CA ALA E 185 -14.34 -31.35 110.79
C ALA E 185 -15.11 -32.65 110.94
N GLY E 186 -14.60 -33.71 110.31
CA GLY E 186 -15.19 -35.03 110.40
C GLY E 186 -14.77 -35.80 111.64
N ALA E 187 -13.46 -35.92 111.89
CA ALA E 187 -12.98 -36.56 113.11
C ALA E 187 -13.54 -35.82 114.29
N ALA E 188 -13.27 -34.53 114.34
CA ALA E 188 -13.82 -33.67 115.39
C ALA E 188 -15.27 -34.03 115.72
N ALA E 189 -16.02 -34.51 114.73
CA ALA E 189 -17.43 -34.84 114.91
C ALA E 189 -17.65 -36.04 115.82
N GLY E 190 -16.57 -36.65 116.28
CA GLY E 190 -16.62 -37.78 117.18
C GLY E 190 -16.93 -37.43 118.64
N VAL E 191 -16.89 -36.13 118.95
CA VAL E 191 -17.22 -35.63 120.27
C VAL E 191 -18.54 -36.22 120.79
N VAL E 192 -19.44 -36.56 119.89
CA VAL E 192 -20.73 -37.14 120.26
C VAL E 192 -20.57 -38.50 120.93
N ALA E 193 -19.96 -39.45 120.22
CA ALA E 193 -19.60 -40.72 120.85
C ALA E 193 -18.28 -40.56 121.63
N GLY E 194 -17.96 -41.53 122.48
CA GLY E 194 -16.85 -41.40 123.43
C GLY E 194 -15.53 -40.92 122.85
N PRO E 195 -14.67 -40.36 123.72
CA PRO E 195 -13.35 -39.88 123.28
C PRO E 195 -12.50 -41.02 122.70
N PHE E 196 -12.70 -42.25 123.18
CA PHE E 196 -12.05 -43.40 122.57
C PHE E 196 -12.50 -43.51 121.13
N GLY E 197 -13.68 -42.96 120.86
CA GLY E 197 -14.20 -42.85 119.51
C GLY E 197 -13.34 -41.93 118.68
N LEU E 198 -12.82 -40.88 119.28
CA LEU E 198 -11.92 -39.96 118.57
C LEU E 198 -10.65 -40.67 118.12
N ILE E 199 -10.02 -41.41 119.04
CA ILE E 199 -8.86 -42.21 118.67
C ILE E 199 -9.14 -42.99 117.39
N ILE E 200 -10.23 -43.76 117.39
CA ILE E 200 -10.63 -44.50 116.19
C ILE E 200 -10.85 -43.56 114.99
N SER E 201 -11.68 -42.54 115.19
CA SER E 201 -12.06 -41.61 114.14
C SER E 201 -10.87 -40.88 113.56
N TYR E 202 -10.13 -40.21 114.44
CA TYR E 202 -8.98 -39.42 114.08
C TYR E 202 -7.85 -40.27 113.47
N SER E 203 -7.66 -41.49 113.99
CA SER E 203 -6.72 -42.41 113.34
C SER E 203 -7.16 -42.73 111.92
N ILE E 204 -8.44 -43.07 111.78
CA ILE E 204 -9.02 -43.30 110.47
C ILE E 204 -8.76 -42.10 109.54
N ALA E 205 -8.85 -40.89 110.07
CA ALA E 205 -8.74 -39.68 109.26
C ALA E 205 -7.31 -39.21 109.09
N ALA E 206 -6.81 -38.45 110.06
CA ALA E 206 -5.45 -37.91 109.99
C ALA E 206 -4.47 -38.98 109.51
N GLY E 207 -4.71 -40.22 109.89
CA GLY E 207 -3.88 -41.32 109.46
C GLY E 207 -3.87 -41.49 107.95
N VAL E 208 -5.05 -41.77 107.37
CA VAL E 208 -5.18 -41.94 105.93
C VAL E 208 -4.86 -40.67 105.15
N VAL E 209 -5.29 -39.53 105.67
CA VAL E 209 -5.02 -38.26 105.02
C VAL E 209 -3.53 -37.97 104.97
N GLU E 210 -2.93 -37.82 106.15
CA GLU E 210 -1.51 -37.50 106.23
C GLU E 210 -0.64 -38.68 105.83
N GLY E 211 -1.28 -39.84 105.69
CA GLY E 211 -0.60 -41.07 105.34
C GLY E 211 -0.35 -41.25 103.86
N LYS E 212 -1.42 -41.32 103.06
CA LYS E 212 -1.27 -41.43 101.60
C LYS E 212 -1.71 -40.15 100.88
N LEU E 213 -2.80 -39.53 101.31
CA LEU E 213 -3.39 -38.42 100.56
C LEU E 213 -2.48 -37.20 100.35
N ILE E 214 -2.26 -36.41 101.39
CA ILE E 214 -1.44 -35.22 101.24
C ILE E 214 -0.13 -35.48 100.51
N PRO E 215 0.60 -36.53 100.90
CA PRO E 215 1.86 -36.88 100.23
C PRO E 215 1.65 -37.16 98.75
N GLU E 216 0.58 -37.87 98.41
CA GLU E 216 0.25 -38.13 97.02
C GLU E 216 0.11 -36.83 96.23
N LEU E 217 -0.66 -35.90 96.79
CA LEU E 217 -0.82 -34.59 96.19
C LEU E 217 0.53 -33.89 96.00
N LYS E 218 1.33 -33.83 97.06
CA LYS E 218 2.65 -33.25 96.98
C LYS E 218 3.46 -33.96 95.92
N ASN E 219 3.06 -35.18 95.59
CA ASN E 219 3.78 -35.93 94.57
C ASN E 219 3.44 -35.44 93.15
N LYS E 220 2.16 -35.25 92.86
CA LYS E 220 1.77 -34.74 91.55
C LYS E 220 2.21 -33.30 91.37
N LEU E 221 2.02 -32.48 92.40
CA LEU E 221 2.51 -31.11 92.34
C LEU E 221 3.96 -31.11 91.85
N LYS E 222 4.70 -32.17 92.15
CA LYS E 222 6.07 -32.28 91.70
C LYS E 222 6.16 -32.82 90.27
N SER E 223 5.36 -33.84 89.97
CA SER E 223 5.37 -34.40 88.61
C SER E 223 4.96 -33.33 87.59
N VAL E 224 4.07 -32.44 88.02
CA VAL E 224 3.66 -31.29 87.24
C VAL E 224 4.82 -30.32 87.13
N GLN E 225 5.24 -29.77 88.26
CA GLN E 225 6.36 -28.84 88.29
C GLN E 225 7.55 -29.41 87.55
N ASN E 226 7.63 -30.74 87.54
CA ASN E 226 8.70 -31.43 86.83
C ASN E 226 8.49 -31.31 85.33
N PHE E 227 7.27 -31.60 84.89
CA PHE E 227 6.93 -31.53 83.48
C PHE E 227 6.88 -30.09 82.97
N PHE E 228 6.32 -29.19 83.76
CA PHE E 228 6.38 -27.77 83.43
C PHE E 228 7.81 -27.37 83.05
N THR E 229 8.80 -27.81 83.80
CA THR E 229 10.19 -27.46 83.51
C THR E 229 10.68 -28.04 82.18
N THR E 230 10.61 -29.35 82.02
CA THR E 230 11.09 -29.99 80.80
C THR E 230 10.43 -29.35 79.60
N LEU E 231 9.15 -29.03 79.71
CA LEU E 231 8.43 -28.38 78.63
C LEU E 231 8.97 -26.97 78.36
N SER E 232 9.13 -26.18 79.42
CA SER E 232 9.64 -24.83 79.25
C SER E 232 10.96 -24.85 78.51
N ASN E 233 11.77 -25.85 78.79
CA ASN E 233 13.05 -26.04 78.11
C ASN E 233 12.87 -26.53 76.68
N THR E 234 11.86 -27.35 76.45
CA THR E 234 11.54 -27.82 75.11
C THR E 234 11.16 -26.61 74.23
N VAL E 235 10.65 -25.57 74.88
CA VAL E 235 10.30 -24.34 74.19
C VAL E 235 11.56 -23.54 73.91
N LYS E 236 12.35 -23.26 74.95
CA LYS E 236 13.61 -22.54 74.77
C LYS E 236 14.40 -23.10 73.60
N GLN E 237 14.34 -24.42 73.43
CA GLN E 237 15.05 -25.06 72.33
C GLN E 237 14.49 -24.61 71.01
N ALA E 238 13.21 -24.88 70.77
CA ALA E 238 12.55 -24.46 69.55
C ALA E 238 12.87 -23.01 69.22
N ASN E 239 12.70 -22.12 70.20
CA ASN E 239 13.03 -20.72 69.97
C ASN E 239 14.46 -20.53 69.49
N LYS E 240 15.37 -21.33 70.03
CA LYS E 240 16.77 -21.28 69.60
C LYS E 240 16.96 -21.88 68.21
N ASP E 241 16.26 -22.99 67.94
CA ASP E 241 16.35 -23.66 66.65
C ASP E 241 15.80 -22.78 65.54
N ILE E 242 14.63 -22.20 65.78
CA ILE E 242 14.00 -21.34 64.80
C ILE E 242 14.91 -20.18 64.47
N ASP E 243 15.45 -19.55 65.51
CA ASP E 243 16.28 -18.37 65.34
C ASP E 243 17.54 -18.70 64.57
N ALA E 244 18.10 -19.88 64.81
CA ALA E 244 19.29 -20.34 64.09
C ALA E 244 19.04 -20.52 62.61
N ALA E 245 17.87 -21.05 62.27
CA ALA E 245 17.47 -21.21 60.88
C ALA E 245 17.32 -19.86 60.20
N LYS E 246 16.61 -18.94 60.85
CA LYS E 246 16.38 -17.63 60.28
C LYS E 246 17.70 -16.96 60.01
N LEU E 247 18.69 -17.23 60.86
CA LEU E 247 20.02 -16.67 60.68
C LEU E 247 20.62 -17.21 59.39
N LYS E 248 20.85 -18.52 59.37
CA LYS E 248 21.37 -19.23 58.20
C LYS E 248 20.76 -18.66 56.93
N LEU E 249 19.44 -18.51 56.95
CA LEU E 249 18.70 -18.05 55.77
C LEU E 249 19.15 -16.67 55.29
N THR E 250 19.06 -15.66 56.15
CA THR E 250 19.41 -14.30 55.75
C THR E 250 20.88 -14.17 55.42
N THR E 251 21.74 -14.80 56.21
CA THR E 251 23.17 -14.74 55.97
C THR E 251 23.52 -15.40 54.66
N GLU E 252 22.68 -16.33 54.22
CA GLU E 252 22.82 -16.89 52.86
C GLU E 252 22.31 -15.90 51.82
N ILE E 253 21.09 -15.43 52.00
CA ILE E 253 20.51 -14.39 51.19
C ILE E 253 21.53 -13.32 50.85
N ALA E 254 22.24 -12.82 51.85
CA ALA E 254 23.18 -11.72 51.65
C ALA E 254 24.45 -12.19 50.97
N ALA E 255 24.84 -13.42 51.24
CA ALA E 255 26.00 -14.02 50.60
C ALA E 255 25.74 -14.20 49.11
N ILE E 256 24.53 -14.65 48.78
CA ILE E 256 24.11 -14.70 47.39
C ILE E 256 24.10 -13.28 46.85
N GLY E 257 23.72 -12.33 47.71
CA GLY E 257 23.71 -10.93 47.35
C GLY E 257 25.05 -10.50 46.77
N GLU E 258 26.12 -10.91 47.42
CA GLU E 258 27.47 -10.55 46.96
C GLU E 258 27.69 -10.88 45.49
N ILE E 259 27.36 -12.10 45.10
CA ILE E 259 27.47 -12.48 43.70
C ILE E 259 26.54 -11.63 42.82
N LYS E 260 25.26 -11.61 43.16
CA LYS E 260 24.29 -10.84 42.42
C LYS E 260 24.89 -9.52 41.99
N THR E 261 25.28 -8.69 42.95
CA THR E 261 25.79 -7.36 42.63
C THR E 261 26.93 -7.41 41.61
N GLU E 262 27.91 -8.28 41.85
CA GLU E 262 29.04 -8.38 40.95
C GLU E 262 28.53 -8.72 39.56
N THR E 263 27.68 -9.74 39.50
CA THR E 263 27.10 -10.17 38.23
C THR E 263 26.38 -9.01 37.56
N GLU E 264 25.46 -8.42 38.29
CA GLU E 264 24.67 -7.29 37.81
C GLU E 264 25.59 -6.21 37.21
N THR E 265 26.69 -5.91 37.88
CA THR E 265 27.63 -4.91 37.39
C THR E 265 28.21 -5.30 36.05
N THR E 266 28.95 -6.40 36.07
CA THR E 266 29.53 -7.03 34.89
C THR E 266 28.59 -6.93 33.69
N ARG E 267 27.31 -7.21 33.90
CA ARG E 267 26.32 -7.07 32.85
C ARG E 267 26.37 -5.67 32.23
N PHE E 268 26.19 -4.65 33.07
CA PHE E 268 26.23 -3.28 32.59
C PHE E 268 27.50 -3.00 31.78
N TYR E 269 28.63 -3.52 32.25
CA TYR E 269 29.89 -3.33 31.55
C TYR E 269 29.83 -3.90 30.12
N VAL E 270 29.20 -5.06 29.96
CA VAL E 270 28.97 -5.61 28.64
C VAL E 270 28.25 -4.60 27.74
N ASP E 271 27.45 -3.74 28.34
CA ASP E 271 26.71 -2.71 27.59
C ASP E 271 27.58 -1.61 26.93
N TYR E 272 28.86 -1.56 27.27
CA TYR E 272 29.74 -0.60 26.63
C TYR E 272 30.08 -1.01 25.19
N ASP E 273 30.03 -2.32 24.92
CA ASP E 273 30.32 -2.90 23.60
C ASP E 273 31.76 -3.30 23.44
N ASP E 274 32.64 -2.55 24.08
CA ASP E 274 34.06 -2.85 24.03
C ASP E 274 34.32 -4.15 24.75
N LEU E 275 34.26 -5.26 24.01
CA LEU E 275 34.52 -6.58 24.57
C LEU E 275 35.92 -6.64 25.14
N MET E 276 36.68 -5.57 24.94
CA MET E 276 38.08 -5.54 25.32
C MET E 276 38.35 -4.55 26.42
N LEU E 277 37.30 -3.87 26.88
CA LEU E 277 37.40 -2.88 27.96
C LEU E 277 37.92 -3.52 29.24
N SER E 278 38.95 -2.91 29.83
CA SER E 278 39.57 -3.48 31.02
C SER E 278 38.53 -3.77 32.09
N LEU E 279 37.64 -2.82 32.32
CA LEU E 279 36.58 -3.01 33.30
C LEU E 279 35.85 -4.34 33.08
N LEU E 280 35.17 -4.48 31.95
CA LEU E 280 34.41 -5.70 31.69
C LEU E 280 35.31 -6.93 31.84
N LYS E 281 36.58 -6.77 31.47
CA LYS E 281 37.48 -7.89 31.56
C LYS E 281 37.77 -8.19 33.03
N GLU E 282 38.12 -7.16 33.79
CA GLU E 282 38.37 -7.29 35.21
C GLU E 282 37.13 -7.78 35.95
N ALA E 283 36.01 -7.09 35.73
CA ALA E 283 34.73 -7.51 36.28
C ALA E 283 34.51 -9.01 36.11
N ALA E 284 34.79 -9.51 34.92
CA ALA E 284 34.63 -10.92 34.62
C ALA E 284 35.58 -11.78 35.42
N LYS E 285 36.78 -11.26 35.67
CA LYS E 285 37.76 -11.99 36.46
C LYS E 285 37.34 -12.00 37.91
N LYS E 286 36.82 -10.87 38.39
CA LYS E 286 36.36 -10.74 39.77
C LYS E 286 35.24 -11.73 40.04
N MET E 287 34.26 -11.72 39.14
CA MET E 287 33.15 -12.67 39.20
C MET E 287 33.64 -14.09 39.49
N ILE E 288 34.74 -14.50 38.87
CA ILE E 288 35.28 -15.84 39.05
C ILE E 288 35.90 -16.01 40.43
N ASN E 289 36.48 -14.94 40.95
CA ASN E 289 36.97 -14.95 42.32
C ASN E 289 35.81 -14.98 43.29
N THR E 290 34.98 -13.96 43.25
CA THR E 290 33.81 -13.93 44.11
C THR E 290 33.10 -15.29 44.18
N CYS E 291 32.96 -15.98 43.06
CA CYS E 291 32.34 -17.31 43.06
C CYS E 291 33.19 -18.30 43.82
N ASN E 292 34.47 -18.36 43.49
CA ASN E 292 35.36 -19.30 44.12
C ASN E 292 35.33 -19.20 45.66
N GLU E 293 35.32 -17.98 46.18
CA GLU E 293 35.29 -17.75 47.63
C GLU E 293 33.97 -18.21 48.24
N TYR E 294 32.89 -18.03 47.50
CA TYR E 294 31.58 -18.51 47.89
C TYR E 294 31.55 -20.03 48.07
N GLN E 295 32.37 -20.76 47.32
CA GLN E 295 32.38 -22.22 47.38
C GLN E 295 33.18 -22.69 48.57
N LYS E 296 34.17 -21.89 48.94
CA LYS E 296 35.02 -22.24 50.07
C LYS E 296 34.27 -21.97 51.35
N ARG E 297 33.98 -20.70 51.60
CA ARG E 297 33.30 -20.34 52.84
C ARG E 297 31.98 -21.08 52.92
N HIS E 298 30.97 -20.61 52.20
CA HIS E 298 29.73 -21.35 52.11
C HIS E 298 29.97 -22.74 51.49
N LYS F 14 -54.58 -66.23 106.04
CA LYS F 14 -53.43 -65.64 106.75
C LYS F 14 -52.45 -66.72 107.17
N THR F 15 -52.27 -67.71 106.32
CA THR F 15 -51.32 -68.80 106.58
C THR F 15 -50.15 -68.69 105.61
N VAL F 16 -50.45 -68.32 104.37
CA VAL F 16 -49.44 -68.21 103.32
C VAL F 16 -48.66 -66.92 103.46
N GLU F 17 -49.25 -65.93 104.13
CA GLU F 17 -48.64 -64.62 104.26
C GLU F 17 -47.24 -64.68 104.89
N VAL F 18 -46.92 -65.78 105.54
CA VAL F 18 -45.57 -65.96 106.08
C VAL F 18 -44.57 -66.13 104.96
N VAL F 19 -44.92 -66.97 103.99
CA VAL F 19 -44.10 -67.17 102.80
C VAL F 19 -43.88 -65.84 102.07
N LYS F 20 -44.97 -65.15 101.77
CA LYS F 20 -44.90 -63.83 101.16
C LYS F 20 -43.95 -62.92 101.91
N ASN F 21 -44.21 -62.69 103.19
CA ASN F 21 -43.36 -61.82 103.99
C ASN F 21 -41.90 -62.27 103.92
N ALA F 22 -41.68 -63.58 103.92
CA ALA F 22 -40.33 -64.13 103.90
C ALA F 22 -39.70 -63.93 102.53
N ILE F 23 -40.51 -64.08 101.50
CA ILE F 23 -40.06 -63.86 100.14
C ILE F 23 -39.46 -62.46 100.05
N GLU F 24 -40.19 -61.47 100.58
CA GLU F 24 -39.74 -60.08 100.54
C GLU F 24 -38.52 -59.87 101.44
N THR F 25 -38.48 -60.58 102.55
CA THR F 25 -37.31 -60.56 103.42
C THR F 25 -36.09 -61.00 102.65
N ALA F 26 -36.23 -62.11 101.93
CA ALA F 26 -35.14 -62.68 101.14
C ALA F 26 -34.68 -61.75 100.03
N ASP F 27 -35.61 -60.98 99.48
CA ASP F 27 -35.29 -60.02 98.42
C ASP F 27 -34.29 -59.01 98.96
N GLY F 28 -34.74 -58.18 99.90
CA GLY F 28 -33.88 -57.23 100.56
C GLY F 28 -32.61 -57.84 101.11
N ALA F 29 -32.62 -59.15 101.31
CA ALA F 29 -31.40 -59.86 101.72
C ALA F 29 -30.35 -59.75 100.63
N LEU F 30 -30.66 -60.30 99.46
CA LEU F 30 -29.79 -60.15 98.30
C LEU F 30 -29.26 -58.74 98.19
N ASP F 31 -30.19 -57.78 98.15
CA ASP F 31 -29.84 -56.38 98.01
C ASP F 31 -28.70 -55.95 98.94
N LEU F 32 -28.92 -56.03 100.25
CA LEU F 32 -27.87 -55.73 101.20
C LEU F 32 -26.63 -56.57 100.90
N TYR F 33 -26.84 -57.81 100.51
CA TYR F 33 -25.74 -58.73 100.21
C TYR F 33 -24.79 -58.14 99.19
N ASN F 34 -25.33 -57.89 98.00
CA ASN F 34 -24.56 -57.29 96.93
C ASN F 34 -24.06 -55.92 97.35
N LYS F 35 -24.99 -55.06 97.73
CA LYS F 35 -24.62 -53.72 98.17
C LYS F 35 -23.31 -53.74 98.95
N TYR F 36 -23.16 -54.70 99.84
CA TYR F 36 -21.94 -54.85 100.63
C TYR F 36 -20.85 -55.54 99.82
N LEU F 37 -21.22 -56.64 99.18
CA LEU F 37 -20.30 -57.40 98.35
C LEU F 37 -19.55 -56.49 97.37
N ASP F 38 -20.26 -55.49 96.85
CA ASP F 38 -19.68 -54.53 95.94
C ASP F 38 -18.72 -53.61 96.68
N GLN F 39 -19.17 -53.05 97.80
CA GLN F 39 -18.29 -52.24 98.64
C GLN F 39 -17.01 -53.01 98.96
N VAL F 40 -17.16 -54.34 99.01
CA VAL F 40 -16.06 -55.23 99.38
C VAL F 40 -15.17 -55.59 98.20
N ILE F 41 -15.80 -55.80 97.05
CA ILE F 41 -15.09 -56.15 95.84
C ILE F 41 -15.36 -55.13 94.74
N PRO F 42 -14.44 -54.15 94.59
CA PRO F 42 -14.61 -52.98 93.71
C PRO F 42 -14.52 -53.36 92.25
N TRP F 43 -15.39 -54.25 91.79
CA TRP F 43 -15.39 -54.62 90.38
C TRP F 43 -15.70 -53.40 89.53
N GLN F 44 -16.55 -52.53 90.04
CA GLN F 44 -16.85 -51.28 89.38
C GLN F 44 -15.54 -50.56 89.09
N THR F 45 -14.81 -50.26 90.15
CA THR F 45 -13.54 -49.55 90.03
C THR F 45 -12.51 -50.31 89.18
N PHE F 46 -12.45 -51.62 89.35
CA PHE F 46 -11.55 -52.46 88.56
C PHE F 46 -11.89 -52.40 87.07
N ASP F 47 -13.14 -52.72 86.74
CA ASP F 47 -13.61 -52.67 85.36
C ASP F 47 -13.33 -51.28 84.77
N GLU F 48 -13.75 -50.23 85.47
CA GLU F 48 -13.51 -48.86 85.02
C GLU F 48 -12.04 -48.62 84.72
N THR F 49 -11.20 -49.01 85.68
CA THR F 49 -9.77 -48.80 85.54
C THR F 49 -9.22 -49.51 84.29
N ILE F 50 -9.77 -50.67 83.98
CA ILE F 50 -9.36 -51.42 82.79
C ILE F 50 -9.72 -50.68 81.51
N LYS F 51 -10.96 -50.24 81.42
CA LYS F 51 -11.43 -49.52 80.24
C LYS F 51 -10.56 -48.32 79.93
N GLU F 52 -10.50 -47.35 80.83
CA GLU F 52 -9.78 -46.12 80.54
C GLU F 52 -8.36 -46.35 80.01
N LEU F 53 -7.68 -47.38 80.52
CA LEU F 53 -6.34 -47.64 80.01
C LEU F 53 -6.37 -48.59 78.81
N SER F 54 -7.54 -49.10 78.50
CA SER F 54 -7.74 -49.81 77.24
C SER F 54 -7.93 -48.77 76.15
N ARG F 55 -8.75 -47.76 76.46
CA ARG F 55 -8.92 -46.61 75.59
C ARG F 55 -7.57 -46.04 75.17
N PHE F 56 -6.65 -45.89 76.13
CA PHE F 56 -5.31 -45.40 75.83
C PHE F 56 -4.71 -46.19 74.67
N LYS F 57 -4.56 -47.49 74.89
CA LYS F 57 -4.03 -48.38 73.88
C LYS F 57 -4.78 -48.21 72.56
N GLN F 58 -6.08 -47.96 72.65
CA GLN F 58 -6.94 -47.82 71.48
C GLN F 58 -6.61 -46.54 70.71
N GLU F 59 -7.00 -45.40 71.27
CA GLU F 59 -6.85 -44.09 70.65
C GLU F 59 -5.53 -43.95 69.93
N TYR F 60 -4.44 -44.34 70.58
CA TYR F 60 -3.13 -44.22 69.96
C TYR F 60 -2.93 -45.21 68.81
N SER F 61 -3.39 -46.44 69.00
CA SER F 61 -3.38 -47.38 67.89
C SER F 61 -3.99 -46.68 66.69
N GLN F 62 -5.21 -46.18 66.87
CA GLN F 62 -5.89 -45.42 65.83
C GLN F 62 -4.96 -44.43 65.12
N ALA F 63 -4.48 -43.45 65.88
CA ALA F 63 -3.61 -42.42 65.34
C ALA F 63 -2.45 -43.02 64.57
N ALA F 64 -1.54 -43.67 65.27
CA ALA F 64 -0.37 -44.26 64.65
C ALA F 64 -0.73 -45.04 63.39
N SER F 65 -1.75 -45.88 63.49
CA SER F 65 -2.18 -46.64 62.32
C SER F 65 -2.36 -45.76 61.09
N VAL F 66 -3.34 -44.86 61.14
CA VAL F 66 -3.63 -43.96 60.03
C VAL F 66 -2.42 -43.11 59.58
N LEU F 67 -1.62 -42.62 60.52
CA LEU F 67 -0.43 -41.86 60.17
C LEU F 67 0.59 -42.74 59.45
N VAL F 68 1.02 -43.79 60.13
CA VAL F 68 1.95 -44.75 59.53
C VAL F 68 1.51 -45.18 58.13
N GLY F 69 0.20 -45.20 57.91
CA GLY F 69 -0.34 -45.56 56.61
C GLY F 69 -0.15 -44.46 55.59
N ASP F 70 -0.49 -43.24 55.99
CA ASP F 70 -0.28 -42.09 55.14
C ASP F 70 1.19 -42.02 54.76
N ILE F 71 2.07 -42.18 55.73
CA ILE F 71 3.50 -42.21 55.48
C ILE F 71 3.84 -43.17 54.35
N LYS F 72 3.24 -44.36 54.35
CA LYS F 72 3.53 -45.32 53.31
C LYS F 72 3.10 -44.77 51.96
N THR F 73 1.83 -44.36 51.87
CA THR F 73 1.34 -43.70 50.67
C THR F 73 2.39 -42.70 50.21
N LEU F 74 2.77 -41.78 51.10
CA LEU F 74 3.77 -40.76 50.77
C LEU F 74 5.07 -41.34 50.24
N LEU F 75 5.58 -42.35 50.93
CA LEU F 75 6.78 -43.03 50.47
C LEU F 75 6.60 -43.61 49.08
N MET F 76 5.54 -44.38 48.89
CA MET F 76 5.22 -44.94 47.57
C MET F 76 5.03 -43.84 46.51
N ASP F 77 4.36 -42.76 46.87
CA ASP F 77 4.21 -41.61 45.99
C ASP F 77 5.57 -41.15 45.47
N SER F 78 6.49 -40.89 46.39
CA SER F 78 7.84 -40.49 46.04
C SER F 78 8.46 -41.44 45.05
N GLN F 79 8.56 -42.71 45.44
CA GLN F 79 9.16 -43.73 44.59
C GLN F 79 8.75 -43.57 43.12
N ASP F 80 7.44 -43.53 42.86
CA ASP F 80 6.97 -43.33 41.50
C ASP F 80 7.53 -42.05 40.91
N LYS F 81 7.46 -40.96 41.68
CA LYS F 81 7.98 -39.68 41.20
C LYS F 81 9.48 -39.71 40.93
N TYR F 82 10.20 -40.49 41.72
CA TYR F 82 11.61 -40.73 41.47
C TYR F 82 11.79 -41.46 40.16
N PHE F 83 11.13 -42.61 40.05
CA PHE F 83 11.15 -43.40 38.82
C PHE F 83 10.96 -42.54 37.57
N GLU F 84 9.83 -41.86 37.52
CA GLU F 84 9.54 -40.91 36.48
C GLU F 84 10.76 -40.06 36.23
N ALA F 85 11.13 -39.25 37.22
CA ALA F 85 12.25 -38.31 37.08
C ALA F 85 13.46 -38.97 36.43
N THR F 86 13.96 -40.01 37.09
CA THR F 86 15.14 -40.70 36.59
C THR F 86 14.91 -41.21 35.17
N GLN F 87 13.79 -41.90 34.97
CA GLN F 87 13.47 -42.51 33.68
C GLN F 87 13.48 -41.43 32.58
N THR F 88 12.74 -40.37 32.82
CA THR F 88 12.70 -39.23 31.92
C THR F 88 14.11 -38.85 31.50
N VAL F 89 14.99 -38.72 32.49
CA VAL F 89 16.38 -38.37 32.22
C VAL F 89 17.07 -39.45 31.37
N TYR F 90 17.08 -40.68 31.87
CA TYR F 90 17.68 -41.80 31.15
C TYR F 90 17.27 -41.85 29.67
N GLU F 91 16.06 -41.40 29.39
CA GLU F 91 15.56 -41.37 28.01
C GLU F 91 16.28 -40.32 27.18
N TRP F 92 16.28 -39.08 27.67
CA TRP F 92 16.95 -38.00 26.96
C TRP F 92 18.46 -38.21 26.96
N CYS F 93 19.01 -38.47 28.14
CA CYS F 93 20.44 -38.68 28.31
C CYS F 93 20.91 -39.71 27.29
N GLY F 94 19.95 -40.42 26.70
CA GLY F 94 20.25 -41.53 25.80
C GLY F 94 20.21 -41.17 24.34
N VAL F 95 19.16 -40.48 23.93
CA VAL F 95 19.12 -39.96 22.58
C VAL F 95 20.27 -38.99 22.42
N ALA F 96 20.45 -38.14 23.44
CA ALA F 96 21.53 -37.16 23.44
C ALA F 96 22.92 -37.74 23.09
N THR F 97 23.37 -38.76 23.80
CA THR F 97 24.71 -39.32 23.60
C THR F 97 24.96 -39.68 22.16
N GLN F 98 23.98 -40.35 21.55
CA GLN F 98 24.05 -40.69 20.13
C GLN F 98 24.33 -39.46 19.27
N LEU F 99 23.62 -38.37 19.57
CA LEU F 99 23.74 -37.14 18.79
C LEU F 99 25.06 -36.42 18.97
N LEU F 100 25.48 -36.23 20.23
CA LEU F 100 26.80 -35.68 20.50
C LEU F 100 27.87 -36.52 19.80
N ALA F 101 27.69 -37.83 19.84
CA ALA F 101 28.66 -38.75 19.27
C ALA F 101 28.74 -38.52 17.78
N ALA F 102 27.56 -38.37 17.17
CA ALA F 102 27.47 -38.12 15.74
C ALA F 102 28.13 -36.79 15.41
N TYR F 103 27.79 -35.75 16.17
CA TYR F 103 28.36 -34.44 15.94
C TYR F 103 29.87 -34.51 15.95
N ILE F 104 30.42 -35.19 16.96
CA ILE F 104 31.86 -35.37 17.10
C ILE F 104 32.46 -36.10 15.91
N LEU F 105 31.67 -37.01 15.32
CA LEU F 105 32.12 -37.78 14.19
C LEU F 105 32.00 -37.02 12.87
N LEU F 106 30.81 -36.53 12.57
CA LEU F 106 30.55 -35.90 11.28
C LEU F 106 31.39 -34.64 11.06
N PHE F 107 31.90 -34.08 12.16
CA PHE F 107 32.73 -32.88 12.06
C PHE F 107 34.14 -33.10 12.54
N ASP F 108 34.71 -34.25 12.20
CA ASP F 108 36.14 -34.43 12.38
C ASP F 108 36.79 -33.34 11.55
N GLU F 109 36.52 -33.38 10.25
CA GLU F 109 36.81 -32.28 9.35
C GLU F 109 35.48 -31.61 9.05
N TYR F 110 35.46 -30.28 9.11
CA TYR F 110 34.22 -29.51 8.97
C TYR F 110 33.36 -29.93 7.77
N ASN F 111 32.10 -30.24 8.03
CA ASN F 111 31.18 -30.64 6.99
C ASN F 111 30.29 -29.46 6.62
N GLU F 112 30.63 -28.80 5.52
CA GLU F 112 30.03 -27.49 5.23
C GLU F 112 28.52 -27.55 5.04
N LYS F 113 28.01 -28.67 4.55
CA LYS F 113 26.62 -28.76 4.20
C LYS F 113 25.77 -29.03 5.42
N LYS F 114 26.18 -30.04 6.18
CA LYS F 114 25.45 -30.40 7.38
C LYS F 114 25.67 -29.41 8.52
N ALA F 115 26.58 -28.47 8.29
CA ALA F 115 26.94 -27.53 9.33
C ALA F 115 25.73 -26.84 9.96
N SER F 116 24.85 -26.30 9.12
CA SER F 116 23.73 -25.52 9.63
C SER F 116 22.79 -26.40 10.42
N ALA F 117 22.55 -27.63 9.95
CA ALA F 117 21.69 -28.57 10.68
C ALA F 117 22.30 -28.93 12.02
N GLN F 118 23.53 -29.44 11.96
CA GLN F 118 24.21 -29.89 13.15
C GLN F 118 24.05 -28.89 14.26
N LYS F 119 24.15 -27.61 13.89
CA LYS F 119 23.99 -26.51 14.84
C LYS F 119 22.57 -26.49 15.41
N ASP F 120 21.58 -26.44 14.53
CA ASP F 120 20.18 -26.49 14.92
C ASP F 120 19.94 -27.71 15.79
N ILE F 121 20.43 -28.85 15.33
CA ILE F 121 20.29 -30.07 16.10
C ILE F 121 20.89 -29.92 17.51
N LEU F 122 22.17 -29.63 17.58
CA LEU F 122 22.84 -29.44 18.87
C LEU F 122 21.98 -28.60 19.79
N ILE F 123 21.35 -27.57 19.22
CA ILE F 123 20.52 -26.70 20.02
C ILE F 123 19.28 -27.41 20.55
N LYS F 124 18.45 -27.95 19.66
CA LYS F 124 17.23 -28.64 20.09
C LYS F 124 17.53 -29.69 21.17
N VAL F 125 18.32 -30.71 20.84
CA VAL F 125 18.63 -31.76 21.81
C VAL F 125 19.16 -31.22 23.13
N LEU F 126 20.04 -30.23 23.08
CA LEU F 126 20.56 -29.65 24.31
C LEU F 126 19.45 -28.89 25.02
N ASP F 127 18.88 -27.90 24.32
CA ASP F 127 17.78 -27.11 24.85
C ASP F 127 16.75 -28.00 25.52
N ASP F 128 16.39 -29.08 24.81
CA ASP F 128 15.36 -29.99 25.26
C ASP F 128 15.74 -30.64 26.60
N GLY F 129 16.82 -31.40 26.62
CA GLY F 129 17.29 -32.03 27.84
C GLY F 129 17.40 -31.04 28.98
N ILE F 130 17.87 -29.84 28.67
CA ILE F 130 18.01 -28.78 29.67
C ILE F 130 16.68 -28.52 30.35
N THR F 131 15.62 -28.45 29.58
CA THR F 131 14.30 -28.29 30.16
C THR F 131 13.90 -29.54 30.92
N LYS F 132 13.97 -30.67 30.23
CA LYS F 132 13.58 -31.94 30.79
C LYS F 132 14.31 -32.19 32.12
N LEU F 133 15.62 -31.94 32.09
CA LEU F 133 16.45 -32.14 33.27
C LEU F 133 15.96 -31.27 34.43
N ASN F 134 15.67 -30.01 34.12
CA ASN F 134 15.18 -29.08 35.13
C ASN F 134 13.92 -29.61 35.81
N GLU F 135 12.90 -29.90 35.01
CA GLU F 135 11.63 -30.38 35.53
C GLU F 135 11.82 -31.62 36.41
N ALA F 136 12.75 -32.47 36.03
CA ALA F 136 13.03 -33.68 36.82
C ALA F 136 13.36 -33.27 38.25
N GLN F 137 14.28 -32.32 38.36
CA GLN F 137 14.70 -31.81 39.63
C GLN F 137 13.53 -31.27 40.44
N LYS F 138 12.74 -30.38 39.82
CA LYS F 138 11.62 -29.77 40.53
C LYS F 138 10.69 -30.87 41.01
N SER F 139 10.38 -31.82 40.13
CA SER F 139 9.53 -32.95 40.51
C SER F 139 10.07 -33.61 41.77
N LEU F 140 11.38 -33.85 41.80
CA LEU F 140 12.01 -34.52 42.92
C LEU F 140 11.97 -33.68 44.19
N LEU F 141 12.29 -32.40 44.03
CA LEU F 141 12.30 -31.46 45.14
C LEU F 141 10.93 -31.41 45.81
N VAL F 142 9.89 -31.35 45.01
CA VAL F 142 8.53 -31.32 45.53
C VAL F 142 8.21 -32.61 46.28
N SER F 143 8.69 -33.75 45.76
CA SER F 143 8.47 -35.02 46.42
C SER F 143 9.11 -34.95 47.80
N SER F 144 10.31 -34.40 47.88
CA SER F 144 10.99 -34.29 49.17
C SER F 144 10.16 -33.47 50.14
N GLN F 145 9.64 -32.34 49.66
CA GLN F 145 8.83 -31.46 50.49
C GLN F 145 7.58 -32.15 51.04
N SER F 146 7.12 -33.17 50.33
CA SER F 146 5.88 -33.86 50.71
C SER F 146 5.90 -34.45 52.12
N PHE F 147 6.97 -35.15 52.45
CA PHE F 147 7.10 -35.83 53.74
C PHE F 147 7.12 -34.86 54.92
N ASN F 148 7.43 -33.61 54.66
CA ASN F 148 7.66 -32.67 55.75
C ASN F 148 6.52 -32.57 56.77
N ASN F 149 5.29 -32.43 56.28
CA ASN F 149 4.15 -32.30 57.18
C ASN F 149 4.01 -33.53 58.03
N ALA F 150 3.93 -34.68 57.34
CA ALA F 150 3.88 -35.97 58.02
C ALA F 150 4.98 -36.11 59.07
N SER F 151 6.21 -35.78 58.69
CA SER F 151 7.34 -35.90 59.58
C SER F 151 7.09 -35.18 60.91
N GLY F 152 6.38 -34.06 60.85
CA GLY F 152 6.02 -33.32 62.04
C GLY F 152 4.97 -34.06 62.85
N LYS F 153 3.85 -34.38 62.20
CA LYS F 153 2.79 -35.15 62.85
C LYS F 153 3.34 -36.37 63.59
N LEU F 154 4.32 -37.04 62.98
CA LEU F 154 5.02 -38.15 63.61
C LEU F 154 5.56 -37.76 64.97
N LEU F 155 6.38 -36.73 65.00
CA LEU F 155 6.96 -36.29 66.27
C LEU F 155 5.89 -35.89 67.29
N ALA F 156 4.87 -35.13 66.87
CA ALA F 156 3.80 -34.78 67.78
C ALA F 156 3.30 -36.03 68.49
N LEU F 157 2.89 -37.00 67.69
CA LEU F 157 2.41 -38.28 68.21
C LEU F 157 3.36 -38.84 69.25
N ASP F 158 4.60 -39.08 68.84
CA ASP F 158 5.62 -39.58 69.77
C ASP F 158 5.74 -38.70 71.01
N SER F 159 6.02 -37.41 70.80
CA SER F 159 6.11 -36.45 71.90
C SER F 159 5.01 -36.70 72.93
N GLN F 160 3.77 -36.80 72.46
CA GLN F 160 2.62 -36.94 73.34
C GLN F 160 2.49 -38.33 73.91
N LEU F 161 2.42 -39.33 73.04
CA LEU F 161 2.35 -40.72 73.48
C LEU F 161 3.37 -41.04 74.57
N THR F 162 4.49 -40.33 74.55
CA THR F 162 5.51 -40.50 75.58
C THR F 162 5.03 -39.83 76.87
N ASN F 163 4.67 -38.56 76.78
CA ASN F 163 4.15 -37.84 77.93
C ASN F 163 2.87 -38.48 78.49
N ASP F 164 1.99 -38.89 77.59
CA ASP F 164 0.68 -39.41 77.96
C ASP F 164 0.80 -40.78 78.64
N PHE F 165 1.84 -41.52 78.31
CA PHE F 165 2.04 -42.86 78.84
C PHE F 165 2.41 -42.81 80.30
N SER F 166 3.30 -41.87 80.64
CA SER F 166 3.68 -41.69 82.04
C SER F 166 2.47 -41.21 82.85
N GLU F 167 1.51 -40.59 82.17
CA GLU F 167 0.32 -40.07 82.83
C GLU F 167 -0.66 -41.18 83.17
N LYS F 168 -0.66 -42.23 82.35
CA LYS F 168 -1.48 -43.39 82.67
C LYS F 168 -0.79 -44.23 83.73
N SER F 169 0.53 -44.35 83.64
CA SER F 169 1.28 -45.10 84.65
C SER F 169 1.08 -44.49 86.03
N SER F 170 0.83 -43.18 86.06
CA SER F 170 0.50 -42.50 87.31
C SER F 170 -0.94 -42.80 87.71
N TYR F 171 -1.83 -42.79 86.73
CA TYR F 171 -3.24 -43.08 86.95
C TYR F 171 -3.46 -44.52 87.41
N PHE F 172 -2.59 -45.41 86.98
CA PHE F 172 -2.67 -46.80 87.37
C PHE F 172 -2.54 -46.91 88.88
N GLN F 173 -1.36 -46.62 89.42
CA GLN F 173 -1.14 -46.77 90.86
C GLN F 173 -2.13 -45.92 91.67
N SER F 174 -2.42 -44.72 91.19
CA SER F 174 -3.39 -43.85 91.86
C SER F 174 -4.77 -44.50 91.86
N GLN F 175 -4.96 -45.45 90.96
CA GLN F 175 -6.26 -46.09 90.80
C GLN F 175 -6.33 -47.40 91.55
N VAL F 176 -5.31 -48.25 91.43
CA VAL F 176 -5.28 -49.47 92.23
C VAL F 176 -5.39 -49.13 93.71
N ASP F 177 -4.84 -47.99 94.08
CA ASP F 177 -5.01 -47.45 95.41
C ASP F 177 -6.50 -47.32 95.72
N LYS F 178 -7.23 -46.58 94.87
CA LYS F 178 -8.66 -46.44 95.07
C LYS F 178 -9.29 -47.80 95.32
N ILE F 179 -8.74 -48.85 94.72
CA ILE F 179 -9.31 -50.18 94.86
C ILE F 179 -9.10 -50.78 96.25
N ARG F 180 -7.90 -50.62 96.80
CA ARG F 180 -7.63 -51.05 98.17
C ARG F 180 -8.52 -50.25 99.12
N LYS F 181 -8.40 -48.94 99.07
CA LYS F 181 -9.15 -48.04 99.94
C LYS F 181 -10.64 -48.34 99.92
N GLU F 182 -11.16 -48.78 98.80
CA GLU F 182 -12.59 -49.10 98.71
C GLU F 182 -12.88 -50.46 99.34
N ALA F 183 -11.97 -51.41 99.15
CA ALA F 183 -12.19 -52.78 99.59
C ALA F 183 -11.94 -52.98 101.08
N TYR F 184 -10.90 -52.34 101.60
CA TYR F 184 -10.57 -52.50 103.01
C TYR F 184 -11.45 -51.63 103.90
N ALA F 185 -11.86 -50.47 103.41
CA ALA F 185 -12.88 -49.72 104.12
C ALA F 185 -14.15 -50.57 104.20
N GLY F 186 -14.25 -51.55 103.30
CA GLY F 186 -15.36 -52.48 103.28
C GLY F 186 -15.21 -53.65 104.24
N ALA F 187 -14.09 -54.35 104.16
CA ALA F 187 -13.81 -55.44 105.11
C ALA F 187 -13.83 -54.87 106.50
N ALA F 188 -12.99 -53.87 106.73
CA ALA F 188 -12.96 -53.16 108.00
C ALA F 188 -14.36 -52.94 108.56
N ALA F 189 -15.35 -52.79 107.70
CA ALA F 189 -16.73 -52.55 108.12
C ALA F 189 -17.37 -53.73 108.83
N GLY F 190 -16.64 -54.84 108.91
CA GLY F 190 -17.10 -56.04 109.59
C GLY F 190 -17.02 -55.97 111.12
N VAL F 191 -16.38 -54.93 111.63
CA VAL F 191 -16.28 -54.70 113.07
C VAL F 191 -17.64 -54.82 113.76
N VAL F 192 -18.71 -54.50 113.03
CA VAL F 192 -20.07 -54.58 113.58
C VAL F 192 -20.45 -56.01 113.94
N ALA F 193 -20.46 -56.91 112.97
CA ALA F 193 -20.64 -58.32 113.26
C ALA F 193 -19.32 -58.92 113.73
N GLY F 194 -19.35 -60.15 114.27
CA GLY F 194 -18.21 -60.72 114.96
C GLY F 194 -16.88 -60.72 114.23
N PRO F 195 -15.77 -60.81 114.98
CA PRO F 195 -14.44 -60.83 114.35
C PRO F 195 -14.28 -62.01 113.39
N PHE F 196 -14.95 -63.12 113.67
CA PHE F 196 -14.97 -64.24 112.74
C PHE F 196 -15.60 -63.76 111.43
N GLY F 197 -16.41 -62.73 111.54
CA GLY F 197 -16.99 -62.08 110.37
C GLY F 197 -15.91 -61.41 109.54
N LEU F 198 -14.89 -60.86 110.21
CA LEU F 198 -13.77 -60.26 109.50
C LEU F 198 -13.02 -61.30 108.66
N ILE F 199 -12.70 -62.43 109.26
CA ILE F 199 -12.08 -63.52 108.51
C ILE F 199 -12.83 -63.75 107.20
N ILE F 200 -14.15 -63.94 107.28
CA ILE F 200 -14.98 -64.13 106.09
C ILE F 200 -14.91 -62.91 105.17
N SER F 201 -15.15 -61.73 105.73
CA SER F 201 -15.17 -60.48 104.98
C SER F 201 -13.86 -60.18 104.28
N TYR F 202 -12.81 -60.13 105.08
CA TYR F 202 -11.47 -59.83 104.63
C TYR F 202 -10.93 -60.90 103.65
N SER F 203 -11.26 -62.17 103.87
CA SER F 203 -10.91 -63.20 102.89
C SER F 203 -11.61 -62.92 101.57
N ILE F 204 -12.91 -62.64 101.65
CA ILE F 204 -13.68 -62.26 100.48
C ILE F 204 -13.03 -61.10 99.73
N ALA F 205 -12.49 -60.13 100.48
CA ALA F 205 -11.93 -58.92 99.89
C ALA F 205 -10.47 -59.05 99.49
N ALA F 206 -9.57 -58.83 100.45
CA ALA F 206 -8.14 -58.93 100.19
C ALA F 206 -7.82 -60.13 99.32
N GLY F 207 -8.55 -61.22 99.54
CA GLY F 207 -8.38 -62.42 98.73
C GLY F 207 -8.62 -62.18 97.25
N VAL F 208 -9.83 -61.77 96.91
CA VAL F 208 -10.21 -61.50 95.51
C VAL F 208 -9.43 -60.32 94.93
N VAL F 209 -9.24 -59.28 95.73
CA VAL F 209 -8.49 -58.12 95.27
C VAL F 209 -7.06 -58.49 94.95
N GLU F 210 -6.32 -58.90 95.97
CA GLU F 210 -4.91 -59.23 95.81
C GLU F 210 -4.74 -60.53 95.04
N GLY F 211 -5.85 -61.22 94.83
CA GLY F 211 -5.86 -62.49 94.12
C GLY F 211 -5.88 -62.35 92.60
N LYS F 212 -6.95 -61.76 92.05
CA LYS F 212 -7.04 -61.56 90.60
C LYS F 212 -6.92 -60.08 90.22
N LEU F 213 -7.54 -59.19 91.01
CA LEU F 213 -7.63 -57.78 90.62
C LEU F 213 -6.31 -57.06 90.43
N ILE F 214 -5.62 -56.75 91.53
CA ILE F 214 -4.36 -56.00 91.43
C ILE F 214 -3.41 -56.58 90.39
N PRO F 215 -3.20 -57.90 90.41
CA PRO F 215 -2.33 -58.55 89.43
C PRO F 215 -2.80 -58.31 88.00
N GLU F 216 -4.11 -58.42 87.79
CA GLU F 216 -4.69 -58.15 86.48
C GLU F 216 -4.32 -56.76 86.00
N LEU F 217 -4.51 -55.78 86.88
CA LEU F 217 -4.14 -54.41 86.59
C LEU F 217 -2.66 -54.31 86.23
N LYS F 218 -1.81 -54.88 87.08
CA LYS F 218 -0.38 -54.89 86.82
C LYS F 218 -0.11 -55.54 85.48
N ASN F 219 -1.05 -56.38 85.04
CA ASN F 219 -0.88 -57.05 83.76
C ASN F 219 -1.11 -56.12 82.58
N LYS F 220 -2.19 -55.34 82.63
CA LYS F 220 -2.48 -54.39 81.54
C LYS F 220 -1.45 -53.28 81.52
N LEU F 221 -1.09 -52.79 82.70
CA LEU F 221 -0.06 -51.76 82.79
C LEU F 221 1.16 -52.19 81.97
N LYS F 222 1.37 -53.50 81.92
CA LYS F 222 2.48 -54.05 81.15
C LYS F 222 2.12 -54.18 79.67
N SER F 223 0.91 -54.65 79.36
CA SER F 223 0.50 -54.81 77.97
C SER F 223 0.49 -53.45 77.29
N VAL F 224 0.18 -52.43 78.08
CA VAL F 224 0.24 -51.05 77.61
C VAL F 224 1.70 -50.63 77.40
N GLN F 225 2.46 -50.64 78.49
CA GLN F 225 3.88 -50.28 78.45
C GLN F 225 4.58 -51.07 77.35
N ASN F 226 4.06 -52.27 77.09
CA ASN F 226 4.59 -53.13 76.05
C ASN F 226 4.27 -52.56 74.67
N PHE F 227 3.02 -52.18 74.47
CA PHE F 227 2.56 -51.61 73.22
C PHE F 227 3.13 -50.22 73.00
N PHE F 228 3.17 -49.42 74.07
CA PHE F 228 3.80 -48.11 74.00
C PHE F 228 5.18 -48.23 73.36
N THR F 229 5.93 -49.26 73.75
CA THR F 229 7.28 -49.45 73.22
C THR F 229 7.28 -49.81 71.73
N THR F 230 6.59 -50.90 71.36
CA THR F 230 6.56 -51.31 69.96
C THR F 230 6.14 -50.16 69.06
N LEU F 231 5.17 -49.39 69.53
CA LEU F 231 4.69 -48.24 68.76
C LEU F 231 5.77 -47.17 68.65
N SER F 232 6.38 -46.82 69.77
CA SER F 232 7.44 -45.80 69.74
C SER F 232 8.51 -46.18 68.73
N ASN F 233 8.82 -47.47 68.63
CA ASN F 233 9.77 -47.98 67.66
C ASN F 233 9.23 -47.95 66.25
N THR F 234 7.92 -48.19 66.11
CA THR F 234 7.28 -48.12 64.81
C THR F 234 7.38 -46.68 64.27
N VAL F 235 7.48 -45.72 65.19
CA VAL F 235 7.65 -44.32 64.83
C VAL F 235 9.09 -44.05 64.43
N LYS F 236 10.03 -44.44 65.29
CA LYS F 236 11.45 -44.28 64.99
C LYS F 236 11.74 -44.80 63.59
N GLN F 237 11.08 -45.89 63.20
CA GLN F 237 11.28 -46.44 61.88
C GLN F 237 10.82 -45.47 60.81
N ALA F 238 9.55 -45.10 60.83
CA ALA F 238 9.02 -44.13 59.89
C ALA F 238 9.92 -42.90 59.76
N ASN F 239 10.30 -42.31 60.88
CA ASN F 239 11.19 -41.16 60.84
C ASN F 239 12.48 -41.48 60.09
N LYS F 240 13.00 -42.69 60.26
CA LYS F 240 14.20 -43.11 59.56
C LYS F 240 13.92 -43.36 58.09
N ASP F 241 12.78 -43.96 57.78
CA ASP F 241 12.38 -44.24 56.39
C ASP F 241 12.16 -42.96 55.60
N ILE F 242 11.43 -42.03 56.21
CA ILE F 242 11.14 -40.76 55.56
C ILE F 242 12.44 -40.05 55.25
N ASP F 243 13.31 -39.99 56.25
CA ASP F 243 14.57 -39.26 56.10
C ASP F 243 15.45 -39.86 55.01
N ALA F 244 15.42 -41.18 54.89
CA ALA F 244 16.19 -41.88 53.88
C ALA F 244 15.70 -41.53 52.50
N ALA F 245 14.38 -41.43 52.36
CA ALA F 245 13.78 -41.05 51.08
C ALA F 245 14.20 -39.64 50.69
N LYS F 246 14.06 -38.72 51.64
CA LYS F 246 14.40 -37.33 51.40
C LYS F 246 15.84 -37.23 50.94
N LEU F 247 16.71 -38.09 51.49
CA LEU F 247 18.11 -38.14 51.11
C LEU F 247 18.24 -38.52 49.66
N LYS F 248 17.86 -39.76 49.34
CA LYS F 248 17.83 -40.27 47.97
C LYS F 248 17.38 -39.20 46.99
N LEU F 249 16.29 -38.53 47.33
CA LEU F 249 15.71 -37.51 46.47
C LEU F 249 16.68 -36.38 46.15
N THR F 250 17.17 -35.68 47.17
CA THR F 250 18.06 -34.53 46.94
C THR F 250 19.37 -34.96 46.30
N THR F 251 19.93 -36.06 46.77
CA THR F 251 21.20 -36.53 46.23
C THR F 251 21.04 -36.92 44.78
N GLU F 252 19.82 -37.26 44.38
CA GLU F 252 19.53 -37.47 42.97
C GLU F 252 19.43 -36.10 42.27
N ILE F 253 18.58 -35.23 42.82
CA ILE F 253 18.44 -33.86 42.32
C ILE F 253 19.79 -33.25 41.95
N ALA F 254 20.76 -33.39 42.84
CA ALA F 254 22.06 -32.77 42.63
C ALA F 254 22.89 -33.52 41.60
N ALA F 255 22.69 -34.83 41.54
CA ALA F 255 23.38 -35.68 40.57
C ALA F 255 22.88 -35.34 39.18
N ILE F 256 21.58 -35.11 39.07
CA ILE F 256 21.00 -34.65 37.82
C ILE F 256 21.59 -33.28 37.55
N GLY F 257 21.79 -32.52 38.62
CA GLY F 257 22.38 -31.21 38.53
C GLY F 257 23.68 -31.21 37.75
N GLU F 258 24.53 -32.20 38.06
CA GLU F 258 25.82 -32.31 37.40
C GLU F 258 25.66 -32.30 35.88
N ILE F 259 24.75 -33.12 35.36
CA ILE F 259 24.50 -33.15 33.93
C ILE F 259 23.99 -31.80 33.45
N LYS F 260 22.91 -31.33 34.07
CA LYS F 260 22.31 -30.07 33.71
C LYS F 260 23.38 -29.02 33.40
N THR F 261 24.23 -28.73 34.36
CA THR F 261 25.25 -27.71 34.18
C THR F 261 26.11 -27.97 32.94
N GLU F 262 26.64 -29.18 32.82
CA GLU F 262 27.44 -29.53 31.66
C GLU F 262 26.66 -29.24 30.38
N THR F 263 25.44 -29.75 30.33
CA THR F 263 24.57 -29.56 29.18
C THR F 263 24.43 -28.07 28.92
N GLU F 264 23.95 -27.36 29.93
CA GLU F 264 23.69 -25.94 29.83
C GLU F 264 24.91 -25.24 29.26
N THR F 265 26.09 -25.64 29.73
CA THR F 265 27.34 -25.07 29.26
C THR F 265 27.54 -25.30 27.77
N THR F 266 27.65 -26.58 27.42
CA THR F 266 27.74 -27.04 26.04
C THR F 266 26.80 -26.24 25.13
N ARG F 267 25.56 -26.04 25.56
CA ARG F 267 24.63 -25.21 24.83
C ARG F 267 25.24 -23.84 24.49
N PHE F 268 25.64 -23.09 25.52
CA PHE F 268 26.26 -21.79 25.30
C PHE F 268 27.43 -21.86 24.30
N TYR F 269 28.24 -22.91 24.41
CA TYR F 269 29.34 -23.08 23.46
C TYR F 269 28.86 -23.14 22.00
N VAL F 270 27.75 -23.86 21.77
CA VAL F 270 27.14 -23.88 20.45
C VAL F 270 26.85 -22.46 19.95
N ASP F 271 26.58 -21.54 20.87
CA ASP F 271 26.30 -20.14 20.50
C ASP F 271 27.50 -19.37 19.86
N TYR F 272 28.69 -19.96 19.92
CA TYR F 272 29.84 -19.31 19.31
C TYR F 272 29.78 -19.42 17.79
N ASP F 273 29.12 -20.46 17.30
CA ASP F 273 28.96 -20.73 15.86
C ASP F 273 30.03 -21.64 15.31
N ASP F 274 31.21 -21.51 15.87
CA ASP F 274 32.31 -22.35 15.43
C ASP F 274 32.02 -23.78 15.82
N LEU F 275 31.36 -24.51 14.92
CA LEU F 275 31.08 -25.92 15.14
C LEU F 275 32.36 -26.72 15.35
N MET F 276 33.49 -26.05 15.23
CA MET F 276 34.77 -26.73 15.25
C MET F 276 35.59 -26.30 16.45
N LEU F 277 35.02 -25.38 17.24
CA LEU F 277 35.71 -24.84 18.41
C LEU F 277 36.06 -25.95 19.38
N SER F 278 37.32 -26.01 19.82
CA SER F 278 37.74 -27.07 20.72
C SER F 278 36.81 -27.17 21.93
N LEU F 279 36.49 -26.03 22.52
CA LEU F 279 35.59 -26.03 23.67
C LEU F 279 34.33 -26.85 23.37
N LEU F 280 33.50 -26.36 22.44
CA LEU F 280 32.26 -27.05 22.14
C LEU F 280 32.51 -28.52 21.83
N LYS F 281 33.66 -28.81 21.26
CA LYS F 281 33.96 -30.18 20.91
C LYS F 281 34.24 -30.96 22.19
N GLU F 282 35.12 -30.40 23.01
CA GLU F 282 35.45 -31.00 24.29
C GLU F 282 34.22 -31.13 25.19
N ALA F 283 33.52 -30.01 25.37
CA ALA F 283 32.26 -29.99 26.12
C ALA F 283 31.36 -31.15 25.72
N ALA F 284 31.27 -31.40 24.42
CA ALA F 284 30.42 -32.46 23.89
C ALA F 284 30.96 -33.83 24.26
N LYS F 285 32.28 -33.94 24.32
CA LYS F 285 32.91 -35.19 24.73
C LYS F 285 32.72 -35.42 26.23
N LYS F 286 32.86 -34.36 27.02
CA LYS F 286 32.66 -34.44 28.47
C LYS F 286 31.24 -34.89 28.76
N MET F 287 30.27 -34.24 28.13
CA MET F 287 28.87 -34.63 28.28
C MET F 287 28.68 -36.14 28.19
N ILE F 288 29.40 -36.77 27.26
CA ILE F 288 29.26 -38.22 27.05
C ILE F 288 29.90 -39.00 28.20
N ASN F 289 30.99 -38.47 28.75
CA ASN F 289 31.57 -39.02 29.97
C ASN F 289 30.65 -38.79 31.16
N THR F 290 30.40 -37.53 31.50
CA THR F 290 29.50 -37.18 32.59
C THR F 290 28.26 -38.09 32.59
N CYS F 291 27.68 -38.32 31.42
CA CYS F 291 26.53 -39.22 31.30
C CYS F 291 26.91 -40.63 31.70
N ASN F 292 27.97 -41.14 31.07
CA ASN F 292 28.39 -42.52 31.31
C ASN F 292 28.59 -42.81 32.81
N GLU F 293 29.23 -41.87 33.52
CA GLU F 293 29.49 -42.03 34.95
C GLU F 293 28.18 -42.04 35.75
N TYR F 294 27.22 -41.25 35.29
CA TYR F 294 25.89 -41.21 35.88
C TYR F 294 25.18 -42.56 35.80
N GLN F 295 25.49 -43.34 34.77
CA GLN F 295 24.88 -44.67 34.58
C GLN F 295 25.49 -45.75 35.46
N LYS F 296 26.79 -45.68 35.71
CA LYS F 296 27.49 -46.68 36.50
C LYS F 296 27.16 -46.57 37.99
N ARG F 297 27.35 -45.38 38.54
CA ARG F 297 27.03 -45.11 39.94
C ARG F 297 25.52 -45.17 40.17
N HIS F 298 24.77 -44.35 39.44
CA HIS F 298 23.31 -44.35 39.51
C HIS F 298 22.72 -45.31 38.47
N LYS G 14 -65.01 -62.72 102.35
CA LYS G 14 -63.65 -62.84 102.87
C LYS G 14 -63.19 -64.29 102.88
N THR G 15 -63.58 -65.04 101.84
CA THR G 15 -63.18 -66.42 101.70
C THR G 15 -62.21 -66.57 100.53
N VAL G 16 -62.48 -65.81 99.47
CA VAL G 16 -61.67 -65.85 98.26
C VAL G 16 -60.37 -65.07 98.44
N GLU G 17 -60.39 -64.13 99.38
CA GLU G 17 -59.25 -63.24 99.60
C GLU G 17 -57.95 -64.01 99.87
N VAL G 18 -58.07 -65.29 100.24
CA VAL G 18 -56.89 -66.12 100.42
C VAL G 18 -56.21 -66.38 99.09
N VAL G 19 -57.02 -66.74 98.10
CA VAL G 19 -56.53 -66.95 96.74
C VAL G 19 -55.84 -65.69 96.23
N LYS G 20 -56.55 -64.57 96.32
CA LYS G 20 -55.99 -63.28 95.94
C LYS G 20 -54.64 -63.04 96.61
N ASN G 21 -54.61 -63.06 97.93
CA ASN G 21 -53.36 -62.84 98.65
C ASN G 21 -52.26 -63.80 98.19
N ALA G 22 -52.63 -65.05 97.93
CA ALA G 22 -51.69 -66.07 97.49
C ALA G 22 -51.22 -65.81 96.07
N ILE G 23 -52.14 -65.35 95.23
CA ILE G 23 -51.82 -65.00 93.86
C ILE G 23 -50.68 -63.98 93.89
N GLU G 24 -50.82 -62.95 94.72
CA GLU G 24 -49.81 -61.91 94.83
C GLU G 24 -48.53 -62.43 95.45
N THR G 25 -48.65 -63.35 96.40
CA THR G 25 -47.50 -64.01 96.99
C THR G 25 -46.70 -64.71 95.91
N ALA G 26 -47.40 -65.45 95.05
CA ALA G 26 -46.79 -66.19 93.95
C ALA G 26 -46.11 -65.26 92.94
N ASP G 27 -46.68 -64.08 92.74
CA ASP G 27 -46.11 -63.11 91.83
C ASP G 27 -44.71 -62.76 92.30
N GLY G 28 -44.63 -62.08 93.44
CA GLY G 28 -43.34 -61.74 94.04
C GLY G 28 -42.41 -62.94 94.18
N ALA G 29 -42.98 -64.14 94.13
CA ALA G 29 -42.17 -65.35 94.14
C ALA G 29 -41.31 -65.40 92.89
N LEU G 30 -41.96 -65.46 91.74
CA LEU G 30 -41.28 -65.41 90.45
C LEU G 30 -40.20 -64.34 90.48
N ASP G 31 -40.61 -63.12 90.78
CA ASP G 31 -39.71 -61.99 90.84
C ASP G 31 -38.39 -62.30 91.55
N LEU G 32 -38.45 -62.62 92.84
CA LEU G 32 -37.26 -63.02 93.57
C LEU G 32 -36.57 -64.17 92.86
N TYR G 33 -37.36 -65.09 92.33
CA TYR G 33 -36.82 -66.26 91.65
C TYR G 33 -35.85 -65.87 90.56
N ASN G 34 -36.35 -65.14 89.57
CA ASN G 34 -35.53 -64.63 88.47
C ASN G 34 -34.40 -63.75 88.98
N LYS G 35 -34.76 -62.69 89.67
CA LYS G 35 -33.77 -61.79 90.26
C LYS G 35 -32.51 -62.54 90.72
N TYR G 36 -32.70 -63.67 91.38
CA TYR G 36 -31.60 -64.49 91.87
C TYR G 36 -31.02 -65.33 90.73
N LEU G 37 -31.91 -65.98 89.97
CA LEU G 37 -31.50 -66.81 88.86
C LEU G 37 -30.57 -66.06 87.92
N ASP G 38 -30.82 -64.77 87.75
CA ASP G 38 -29.96 -63.92 86.93
C ASP G 38 -28.62 -63.69 87.60
N GLN G 39 -28.64 -63.30 88.87
CA GLN G 39 -27.40 -63.14 89.62
C GLN G 39 -26.58 -64.42 89.53
N VAL G 40 -27.28 -65.55 89.38
CA VAL G 40 -26.65 -66.87 89.35
C VAL G 40 -26.17 -67.25 87.97
N ILE G 41 -26.95 -66.89 86.96
CA ILE G 41 -26.60 -67.18 85.58
C ILE G 41 -26.52 -65.89 84.77
N PRO G 42 -25.28 -65.35 84.62
CA PRO G 42 -25.02 -64.05 83.99
C PRO G 42 -25.26 -64.02 82.50
N TRP G 43 -26.49 -64.34 82.09
CA TRP G 43 -26.81 -64.32 80.68
C TRP G 43 -26.65 -62.91 80.15
N GLN G 44 -26.98 -61.93 80.98
CA GLN G 44 -26.76 -60.54 80.63
C GLN G 44 -25.32 -60.34 80.19
N THR G 45 -24.40 -60.64 81.10
CA THR G 45 -22.97 -60.50 80.86
C THR G 45 -22.50 -61.35 79.67
N PHE G 46 -23.00 -62.58 79.58
CA PHE G 46 -22.66 -63.48 78.49
C PHE G 46 -23.10 -62.91 77.15
N ASP G 47 -24.39 -62.59 77.04
CA ASP G 47 -24.93 -62.01 75.84
C ASP G 47 -24.14 -60.75 75.46
N GLU G 48 -24.02 -59.80 76.40
CA GLU G 48 -23.26 -58.57 76.15
C GLU G 48 -21.87 -58.88 75.59
N THR G 49 -21.18 -59.79 76.25
CA THR G 49 -19.83 -60.17 75.86
C THR G 49 -19.81 -60.70 74.42
N ILE G 50 -20.86 -61.42 74.03
CA ILE G 50 -20.99 -61.93 72.67
C ILE G 50 -21.12 -60.82 71.66
N LYS G 51 -22.04 -59.89 71.92
CA LYS G 51 -22.26 -58.76 71.02
C LYS G 51 -21.00 -57.98 70.72
N GLU G 52 -20.40 -57.38 71.75
CA GLU G 52 -19.25 -56.53 71.52
C GLU G 52 -18.16 -57.18 70.68
N LEU G 53 -17.96 -58.49 70.84
CA LEU G 53 -16.95 -59.14 70.02
C LEU G 53 -17.54 -59.65 68.70
N SER G 54 -18.85 -59.54 68.56
CA SER G 54 -19.48 -59.76 67.27
C SER G 54 -19.33 -58.49 66.45
N ARG G 55 -19.56 -57.35 67.11
CA ARG G 55 -19.29 -56.04 66.52
C ARG G 55 -17.89 -55.99 65.92
N PHE G 56 -16.89 -56.45 66.66
CA PHE G 56 -15.52 -56.51 66.16
C PHE G 56 -15.51 -57.16 64.78
N LYS G 57 -15.92 -58.43 64.74
CA LYS G 57 -15.98 -59.17 63.49
C LYS G 57 -16.71 -58.37 62.42
N GLN G 58 -17.73 -57.63 62.84
CA GLN G 58 -18.57 -56.86 61.92
C GLN G 58 -17.82 -55.66 61.34
N GLU G 59 -17.59 -54.65 62.17
CA GLU G 59 -16.93 -53.41 61.77
C GLU G 59 -15.76 -53.63 60.80
N TYR G 60 -14.89 -54.58 61.11
CA TYR G 60 -13.75 -54.87 60.25
C TYR G 60 -14.16 -55.53 58.94
N SER G 61 -15.09 -56.49 59.01
CA SER G 61 -15.65 -57.02 57.79
C SER G 61 -16.01 -55.83 56.88
N GLN G 62 -16.84 -54.94 57.42
CA GLN G 62 -17.24 -53.73 56.70
C GLN G 62 -16.06 -53.07 56.00
N ALA G 63 -15.10 -52.60 56.79
CA ALA G 63 -13.94 -51.90 56.26
C ALA G 63 -13.27 -52.71 55.16
N ALA G 64 -12.68 -53.83 55.53
CA ALA G 64 -11.98 -54.68 54.57
C ALA G 64 -12.79 -54.90 53.29
N SER G 65 -14.06 -55.24 53.45
CA SER G 65 -14.93 -55.42 52.30
C SER G 65 -14.83 -54.24 51.31
N VAL G 66 -15.27 -53.08 51.76
CA VAL G 66 -15.29 -51.88 50.92
C VAL G 66 -13.90 -51.54 50.39
N LEU G 67 -12.87 -51.69 51.21
CA LEU G 67 -11.51 -51.41 50.76
C LEU G 67 -11.09 -52.42 49.70
N VAL G 68 -11.12 -53.69 50.06
CA VAL G 68 -10.80 -54.77 49.13
C VAL G 68 -11.56 -54.62 47.80
N GLY G 69 -12.74 -54.03 47.88
CA GLY G 69 -13.56 -53.78 46.70
C GLY G 69 -13.03 -52.65 45.87
N ASP G 70 -12.74 -51.53 46.54
CA ASP G 70 -12.12 -50.40 45.87
C ASP G 70 -10.84 -50.85 45.18
N ILE G 71 -10.00 -51.59 45.91
CA ILE G 71 -8.79 -52.15 45.32
C ILE G 71 -9.06 -52.86 44.00
N LYS G 72 -10.13 -53.65 43.95
CA LYS G 72 -10.44 -54.35 42.70
C LYS G 72 -10.75 -53.35 41.60
N THR G 73 -11.71 -52.47 41.86
CA THR G 73 -11.98 -51.37 40.95
C THR G 73 -10.65 -50.82 40.42
N LEU G 74 -9.78 -50.39 41.34
CA LEU G 74 -8.48 -49.82 40.98
C LEU G 74 -7.66 -50.73 40.09
N LEU G 75 -7.59 -52.01 40.46
CA LEU G 75 -6.87 -52.97 39.65
C LEU G 75 -7.47 -53.04 38.25
N MET G 76 -8.79 -53.20 38.18
CA MET G 76 -9.48 -53.26 36.90
C MET G 76 -9.29 -51.97 36.11
N ASP G 77 -9.33 -50.83 36.80
CA ASP G 77 -9.06 -49.54 36.18
C ASP G 77 -7.73 -49.55 35.44
N SER G 78 -6.68 -49.95 36.15
CA SER G 78 -5.33 -50.06 35.58
C SER G 78 -5.35 -50.92 34.32
N GLN G 79 -5.81 -52.16 34.46
CA GLN G 79 -5.83 -53.09 33.35
C GLN G 79 -6.30 -52.41 32.07
N ASP G 80 -7.46 -51.78 32.11
CA ASP G 80 -7.96 -51.05 30.96
C ASP G 80 -6.97 -50.01 30.48
N LYS G 81 -6.44 -49.22 31.41
CA LYS G 81 -5.46 -48.19 31.03
C LYS G 81 -4.17 -48.77 30.44
N TYR G 82 -3.73 -49.92 30.95
CA TYR G 82 -2.59 -50.62 30.37
C TYR G 82 -2.91 -51.01 28.94
N PHE G 83 -4.03 -51.71 28.77
CA PHE G 83 -4.51 -52.11 27.45
C PHE G 83 -4.44 -50.97 26.45
N GLU G 84 -5.16 -49.91 26.77
CA GLU G 84 -5.11 -48.68 25.99
C GLU G 84 -3.68 -48.35 25.62
N ALA G 85 -2.88 -48.04 26.62
CA ALA G 85 -1.50 -47.63 26.41
C ALA G 85 -0.80 -48.54 25.41
N THR G 86 -0.76 -49.83 25.74
CA THR G 86 -0.04 -50.79 24.91
C THR G 86 -0.63 -50.80 23.51
N GLN G 87 -1.97 -50.89 23.45
CA GLN G 87 -2.67 -50.98 22.17
C GLN G 87 -2.33 -49.77 21.31
N THR G 88 -2.50 -48.58 21.87
CA THR G 88 -2.11 -47.35 21.22
C THR G 88 -0.73 -47.49 20.57
N VAL G 89 0.23 -47.93 21.36
CA VAL G 89 1.58 -48.14 20.87
C VAL G 89 1.59 -49.14 19.72
N TYR G 90 1.13 -50.36 19.97
CA TYR G 90 1.07 -51.41 18.95
C TYR G 90 0.50 -50.92 17.61
N GLU G 91 -0.38 -49.94 17.67
CA GLU G 91 -1.01 -49.39 16.47
C GLU G 91 0.02 -48.54 15.72
N TRP G 92 0.64 -47.59 16.41
CA TRP G 92 1.62 -46.73 15.77
C TRP G 92 2.87 -47.51 15.40
N CYS G 93 3.40 -48.26 16.37
CA CYS G 93 4.59 -49.07 16.16
C CYS G 93 4.42 -49.90 14.90
N GLY G 94 3.20 -49.97 14.41
CA GLY G 94 2.86 -50.85 13.30
C GLY G 94 2.80 -50.17 11.95
N VAL G 95 2.09 -49.04 11.91
CA VAL G 95 2.14 -48.22 10.71
C VAL G 95 3.59 -47.81 10.49
N ALA G 96 4.24 -47.42 11.57
CA ALA G 96 5.62 -46.97 11.54
C ALA G 96 6.54 -47.93 10.79
N THR G 97 6.57 -49.19 11.21
CA THR G 97 7.49 -50.14 10.60
C THR G 97 7.38 -50.19 9.09
N GLN G 98 6.14 -50.20 8.60
CA GLN G 98 5.86 -50.14 7.17
C GLN G 98 6.54 -48.94 6.49
N LEU G 99 6.44 -47.78 7.13
CA LEU G 99 6.99 -46.56 6.57
C LEU G 99 8.51 -46.54 6.59
N LEU G 100 9.11 -46.87 7.73
CA LEU G 100 10.57 -46.97 7.79
C LEU G 100 11.04 -47.97 6.75
N ALA G 101 10.32 -49.06 6.60
CA ALA G 101 10.71 -50.10 5.66
C ALA G 101 10.68 -49.56 4.25
N ALA G 102 9.64 -48.81 3.95
CA ALA G 102 9.48 -48.18 2.65
C ALA G 102 10.61 -47.19 2.42
N TYR G 103 10.87 -46.34 3.40
CA TYR G 103 11.93 -45.35 3.28
C TYR G 103 13.25 -46.04 2.96
N ILE G 104 13.55 -47.12 3.66
CA ILE G 104 14.77 -47.89 3.46
C ILE G 104 14.82 -48.47 2.06
N LEU G 105 13.66 -48.78 1.52
CA LEU G 105 13.56 -49.36 0.18
C LEU G 105 13.64 -48.31 -0.92
N LEU G 106 12.76 -47.32 -0.87
CA LEU G 106 12.66 -46.34 -1.94
C LEU G 106 13.93 -45.52 -2.09
N PHE G 107 14.77 -45.52 -1.06
CA PHE G 107 16.03 -44.78 -1.12
C PHE G 107 17.25 -45.64 -1.04
N ASP G 108 17.20 -46.81 -1.68
CA ASP G 108 18.40 -47.60 -1.85
C ASP G 108 19.35 -46.68 -2.59
N GLU G 109 18.92 -46.28 -3.79
CA GLU G 109 19.57 -45.21 -4.53
C GLU G 109 18.64 -44.00 -4.39
N TYR G 110 19.24 -42.84 -4.13
CA TYR G 110 18.47 -41.63 -3.85
C TYR G 110 17.38 -41.35 -4.87
N ASN G 111 16.16 -41.18 -4.38
CA ASN G 111 15.03 -40.89 -5.26
C ASN G 111 14.72 -39.40 -5.21
N GLU G 112 15.19 -38.67 -6.22
CA GLU G 112 15.20 -37.21 -6.14
C GLU G 112 13.82 -36.58 -5.98
N LYS G 113 12.81 -37.24 -6.52
CA LYS G 113 11.49 -36.64 -6.58
C LYS G 113 10.76 -36.86 -5.27
N LYS G 114 10.80 -38.10 -4.80
CA LYS G 114 10.11 -38.43 -3.56
C LYS G 114 10.89 -37.94 -2.35
N ALA G 115 12.09 -37.43 -2.59
CA ALA G 115 12.96 -37.03 -1.51
C ALA G 115 12.29 -36.08 -0.53
N SER G 116 11.63 -35.05 -1.04
CA SER G 116 11.03 -34.04 -0.16
C SER G 116 9.89 -34.64 0.64
N ALA G 117 9.07 -35.47 0.01
CA ALA G 117 8.00 -36.13 0.74
C ALA G 117 8.56 -37.05 1.83
N GLN G 118 9.40 -38.00 1.40
CA GLN G 118 9.96 -38.97 2.32
C GLN G 118 10.38 -38.29 3.60
N LYS G 119 10.97 -37.10 3.46
CA LYS G 119 11.46 -36.34 4.60
C LYS G 119 10.30 -35.89 5.47
N ASP G 120 9.34 -35.22 4.84
CA ASP G 120 8.12 -34.79 5.53
C ASP G 120 7.43 -35.97 6.21
N ILE G 121 7.28 -37.07 5.47
CA ILE G 121 6.73 -38.27 6.04
C ILE G 121 7.53 -38.74 7.26
N LEU G 122 8.80 -39.07 7.09
CA LEU G 122 9.62 -39.51 8.22
C LEU G 122 9.36 -38.64 9.43
N ILE G 123 9.19 -37.35 9.20
CA ILE G 123 8.95 -36.43 10.30
C ILE G 123 7.61 -36.69 10.97
N LYS G 124 6.53 -36.60 10.21
CA LYS G 124 5.19 -36.82 10.77
C LYS G 124 5.11 -38.14 11.56
N VAL G 125 5.33 -39.26 10.87
CA VAL G 125 5.26 -40.55 11.53
C VAL G 125 6.12 -40.63 12.78
N LEU G 126 7.35 -40.11 12.72
CA LEU G 126 8.21 -40.11 13.89
C LEU G 126 7.66 -39.18 14.96
N ASP G 127 7.50 -37.91 14.59
CA ASP G 127 6.93 -36.91 15.48
C ASP G 127 5.69 -37.43 16.17
N ASP G 128 4.81 -38.06 15.39
CA ASP G 128 3.55 -38.61 15.87
C ASP G 128 3.77 -39.67 16.95
N GLY G 129 4.38 -40.79 16.59
CA GLY G 129 4.67 -41.83 17.56
C GLY G 129 5.34 -41.29 18.81
N ILE G 130 6.26 -40.34 18.61
CA ILE G 130 6.97 -39.72 19.73
C ILE G 130 5.98 -39.16 20.75
N THR G 131 4.96 -38.47 20.25
CA THR G 131 3.94 -37.93 21.13
C THR G 131 3.11 -39.06 21.71
N LYS G 132 2.56 -39.87 20.83
CA LYS G 132 1.74 -41.01 21.23
C LYS G 132 2.46 -41.83 22.30
N LEU G 133 3.74 -42.15 22.03
CA LEU G 133 4.53 -42.95 22.95
C LEU G 133 4.63 -42.28 24.31
N ASN G 134 4.92 -40.98 24.30
CA ASN G 134 5.00 -40.24 25.54
C ASN G 134 3.72 -40.38 26.37
N GLU G 135 2.58 -40.03 25.77
CA GLU G 135 1.31 -40.06 26.47
C GLU G 135 1.02 -41.42 27.07
N ALA G 136 1.42 -42.47 26.34
CA ALA G 136 1.23 -43.83 26.83
C ALA G 136 1.88 -43.97 28.20
N GLN G 137 3.13 -43.54 28.26
CA GLN G 137 3.90 -43.59 29.50
C GLN G 137 3.19 -42.84 30.62
N LYS G 138 2.81 -41.58 30.36
CA LYS G 138 2.16 -40.77 31.37
C LYS G 138 0.90 -41.47 31.86
N SER G 139 0.10 -41.96 30.92
CA SER G 139 -1.10 -42.71 31.26
C SER G 139 -0.77 -43.83 32.24
N LEU G 140 0.27 -44.60 31.92
CA LEU G 140 0.68 -45.73 32.75
C LEU G 140 1.18 -45.31 34.11
N LEU G 141 2.02 -44.29 34.10
CA LEU G 141 2.58 -43.76 35.31
C LEU G 141 1.45 -43.36 36.26
N VAL G 142 0.46 -42.67 35.71
CA VAL G 142 -0.68 -42.22 36.51
C VAL G 142 -1.46 -43.40 37.08
N SER G 143 -1.62 -44.44 36.28
CA SER G 143 -2.29 -45.64 36.75
C SER G 143 -1.52 -46.19 37.94
N SER G 144 -0.19 -46.21 37.84
CA SER G 144 0.61 -46.73 38.95
C SER G 144 0.38 -45.91 40.22
N GLN G 145 0.37 -44.60 40.06
CA GLN G 145 0.17 -43.70 41.19
C GLN G 145 -1.16 -43.92 41.89
N SER G 146 -2.14 -44.44 41.14
CA SER G 146 -3.49 -44.62 41.65
C SER G 146 -3.56 -45.49 42.90
N PHE G 147 -2.89 -46.64 42.85
CA PHE G 147 -2.92 -47.61 43.94
C PHE G 147 -2.32 -47.09 45.24
N ASN G 148 -1.51 -46.04 45.15
CA ASN G 148 -0.76 -45.60 46.31
C ASN G 148 -1.60 -45.30 47.54
N ASN G 149 -2.66 -44.50 47.38
CA ASN G 149 -3.52 -44.18 48.51
C ASN G 149 -4.11 -45.43 49.14
N ALA G 150 -4.80 -46.20 48.32
CA ALA G 150 -5.33 -47.50 48.76
C ALA G 150 -4.28 -48.34 49.48
N SER G 151 -3.09 -48.44 48.91
CA SER G 151 -2.02 -49.25 49.49
C SER G 151 -1.75 -48.85 50.94
N GLY G 152 -1.86 -47.56 51.23
CA GLY G 152 -1.72 -47.07 52.59
C GLY G 152 -2.89 -47.49 53.46
N LYS G 153 -4.10 -47.14 53.04
CA LYS G 153 -5.30 -47.55 53.76
C LYS G 153 -5.27 -49.02 54.14
N LEU G 154 -4.79 -49.85 53.22
CA LEU G 154 -4.59 -51.27 53.48
C LEU G 154 -3.76 -51.51 54.72
N LEU G 155 -2.56 -50.95 54.75
CA LEU G 155 -1.70 -51.13 55.91
C LEU G 155 -2.36 -50.59 57.19
N ALA G 156 -2.95 -49.41 57.14
CA ALA G 156 -3.62 -48.87 58.33
C ALA G 156 -4.55 -49.94 58.91
N LEU G 157 -5.46 -50.42 58.07
CA LEU G 157 -6.40 -51.47 58.46
C LEU G 157 -5.66 -52.61 59.17
N ASP G 158 -4.73 -53.24 58.46
CA ASP G 158 -3.96 -54.34 59.02
C ASP G 158 -3.29 -53.93 60.32
N SER G 159 -2.49 -52.87 60.28
CA SER G 159 -1.86 -52.34 61.48
C SER G 159 -2.83 -52.39 62.66
N GLN G 160 -4.03 -51.86 62.46
CA GLN G 160 -5.00 -51.73 63.55
C GLN G 160 -5.69 -53.05 63.89
N LEU G 161 -6.32 -53.67 62.90
CA LEU G 161 -6.94 -54.97 63.08
C LEU G 161 -6.03 -55.94 63.83
N THR G 162 -4.72 -55.76 63.69
CA THR G 162 -3.77 -56.59 64.44
C THR G 162 -3.76 -56.16 65.90
N ASN G 163 -3.50 -54.88 66.12
CA ASN G 163 -3.50 -54.34 67.47
C ASN G 163 -4.84 -54.52 68.16
N ASP G 164 -5.92 -54.29 67.41
CA ASP G 164 -7.26 -54.29 67.95
C ASP G 164 -7.71 -55.70 68.35
N PHE G 165 -7.15 -56.70 67.66
CA PHE G 165 -7.53 -58.09 67.89
C PHE G 165 -6.99 -58.57 69.22
N SER G 166 -5.75 -58.21 69.52
CA SER G 166 -5.16 -58.56 70.80
C SER G 166 -5.92 -57.84 71.93
N GLU G 167 -6.55 -56.72 71.59
CA GLU G 167 -7.30 -55.95 72.58
C GLU G 167 -8.63 -56.63 72.93
N LYS G 168 -9.21 -57.34 71.97
CA LYS G 168 -10.41 -58.10 72.24
C LYS G 168 -10.06 -59.39 72.95
N SER G 169 -8.95 -60.02 72.55
CA SER G 169 -8.51 -61.24 73.23
C SER G 169 -8.24 -60.97 74.72
N SER G 170 -7.86 -59.75 75.04
CA SER G 170 -7.69 -59.33 76.42
C SER G 170 -9.06 -59.11 77.06
N TYR G 171 -9.95 -58.47 76.31
CA TYR G 171 -11.31 -58.21 76.77
C TYR G 171 -12.09 -59.49 77.02
N PHE G 172 -11.77 -60.53 76.24
CA PHE G 172 -12.42 -61.80 76.40
C PHE G 172 -12.20 -62.33 77.80
N GLN G 173 -10.96 -62.72 78.12
CA GLN G 173 -10.65 -63.30 79.43
C GLN G 173 -11.05 -62.37 80.57
N SER G 174 -10.82 -61.07 80.39
CA SER G 174 -11.21 -60.08 81.39
C SER G 174 -12.72 -60.09 81.58
N GLN G 175 -13.42 -60.59 80.57
CA GLN G 175 -14.88 -60.61 80.59
C GLN G 175 -15.43 -61.93 81.15
N VAL G 176 -14.91 -63.05 80.68
CA VAL G 176 -15.34 -64.33 81.22
C VAL G 176 -15.13 -64.36 82.73
N ASP G 177 -14.11 -63.64 83.18
CA ASP G 177 -13.86 -63.46 84.61
C ASP G 177 -15.09 -62.82 85.23
N LYS G 178 -15.51 -61.68 84.68
CA LYS G 178 -16.70 -61.01 85.20
C LYS G 178 -17.84 -62.03 85.37
N ILE G 179 -17.89 -63.00 84.46
CA ILE G 179 -18.95 -64.00 84.50
C ILE G 179 -18.86 -64.95 85.67
N ARG G 180 -17.66 -65.42 85.97
CA ARG G 180 -17.45 -66.26 87.15
C ARG G 180 -17.78 -65.46 88.41
N LYS G 181 -17.12 -64.31 88.53
CA LYS G 181 -17.28 -63.45 89.69
C LYS G 181 -18.74 -63.12 89.97
N GLU G 182 -19.53 -63.00 88.90
CA GLU G 182 -20.96 -62.71 89.07
C GLU G 182 -21.74 -63.95 89.50
N ALA G 183 -21.36 -65.10 88.96
CA ALA G 183 -22.12 -66.33 89.16
C ALA G 183 -21.81 -66.97 90.50
N TYR G 184 -20.55 -66.95 90.90
CA TYR G 184 -20.15 -67.58 92.16
C TYR G 184 -20.45 -66.71 93.37
N ALA G 185 -20.38 -65.39 93.19
CA ALA G 185 -20.88 -64.50 94.22
C ALA G 185 -22.37 -64.77 94.41
N GLY G 186 -23.00 -65.33 93.37
CA GLY G 186 -24.39 -65.72 93.43
C GLY G 186 -24.66 -67.06 94.12
N ALA G 187 -23.98 -68.12 93.68
CA ALA G 187 -24.11 -69.42 94.34
C ALA G 187 -23.72 -69.26 95.79
N ALA G 188 -22.50 -68.76 96.00
CA ALA G 188 -22.01 -68.49 97.33
C ALA G 188 -23.10 -67.89 98.25
N ALA G 189 -24.02 -67.13 97.65
CA ALA G 189 -25.09 -66.46 98.40
C ALA G 189 -26.10 -67.43 98.99
N GLY G 190 -25.92 -68.73 98.71
CA GLY G 190 -26.79 -69.76 99.23
C GLY G 190 -26.52 -70.13 100.68
N VAL G 191 -25.43 -69.61 101.23
CA VAL G 191 -25.09 -69.82 102.64
C VAL G 191 -26.27 -69.54 103.56
N VAL G 192 -27.17 -68.66 103.14
CA VAL G 192 -28.35 -68.31 103.94
C VAL G 192 -29.27 -69.49 104.12
N ALA G 193 -29.78 -70.04 103.02
CA ALA G 193 -30.53 -71.29 103.08
C ALA G 193 -29.55 -72.47 103.15
N GLY G 194 -30.07 -73.65 103.47
CA GLY G 194 -29.24 -74.81 103.78
C GLY G 194 -28.13 -75.15 102.80
N PRO G 195 -27.09 -75.87 103.26
CA PRO G 195 -25.99 -76.26 102.37
C PRO G 195 -26.48 -77.12 101.21
N PHE G 196 -27.53 -77.91 101.42
CA PHE G 196 -28.15 -78.64 100.32
C PHE G 196 -28.65 -77.64 99.28
N GLY G 197 -28.91 -76.42 99.74
CA GLY G 197 -29.27 -75.33 98.85
C GLY G 197 -28.10 -74.96 97.97
N LEU G 198 -26.88 -75.06 98.50
CA LEU G 198 -25.69 -74.81 97.70
C LEU G 198 -25.59 -75.79 96.54
N ILE G 199 -25.73 -77.08 96.83
CA ILE G 199 -25.72 -78.08 95.78
C ILE G 199 -26.65 -77.66 94.63
N ILE G 200 -27.89 -77.33 94.96
CA ILE G 200 -28.86 -76.84 93.97
C ILE G 200 -28.35 -75.57 93.28
N SER G 201 -27.98 -74.57 94.08
CA SER G 201 -27.55 -73.27 93.58
C SER G 201 -26.32 -73.36 92.70
N TYR G 202 -25.27 -73.94 93.25
CA TYR G 202 -24.01 -74.11 92.60
C TYR G 202 -24.10 -75.00 91.33
N SER G 203 -24.92 -76.05 91.38
CA SER G 203 -25.17 -76.84 90.18
C SER G 203 -25.83 -75.98 89.11
N ILE G 204 -26.85 -75.22 89.53
CA ILE G 204 -27.52 -74.29 88.63
C ILE G 204 -26.50 -73.34 88.00
N ALA G 205 -25.51 -72.91 88.77
CA ALA G 205 -24.54 -71.92 88.30
C ALA G 205 -23.34 -72.51 87.57
N ALA G 206 -22.33 -72.91 88.34
CA ALA G 206 -21.12 -73.51 87.78
C ALA G 206 -21.46 -74.46 86.64
N GLY G 207 -22.56 -75.20 86.80
CA GLY G 207 -23.03 -76.11 85.77
C GLY G 207 -23.31 -75.41 84.47
N VAL G 208 -24.27 -74.49 84.49
CA VAL G 208 -24.65 -73.76 83.29
C VAL G 208 -23.51 -72.89 82.77
N VAL G 209 -22.77 -72.27 83.69
CA VAL G 209 -21.66 -71.41 83.29
C VAL G 209 -20.57 -72.22 82.60
N GLU G 210 -19.99 -73.17 83.35
CA GLU G 210 -18.90 -73.98 82.85
C GLU G 210 -19.40 -74.99 81.81
N GLY G 211 -20.72 -75.12 81.74
CA GLY G 211 -21.37 -76.03 80.81
C GLY G 211 -21.50 -75.50 79.40
N LYS G 212 -22.25 -74.41 79.21
CA LYS G 212 -22.41 -73.83 77.88
C LYS G 212 -21.72 -72.47 77.77
N LEU G 213 -21.86 -71.63 78.79
CA LEU G 213 -21.37 -70.25 78.68
C LEU G 213 -19.89 -70.10 78.33
N ILE G 214 -19.01 -70.40 79.27
CA ILE G 214 -17.58 -70.22 79.03
C ILE G 214 -17.11 -70.85 77.71
N PRO G 215 -17.52 -72.09 77.44
CA PRO G 215 -17.15 -72.76 76.19
C PRO G 215 -17.65 -72.00 74.97
N GLU G 216 -18.88 -71.49 75.04
CA GLU G 216 -19.43 -70.68 73.97
C GLU G 216 -18.55 -69.49 73.69
N LEU G 217 -18.17 -68.78 74.74
CA LEU G 217 -17.24 -67.65 74.62
C LEU G 217 -15.93 -68.08 73.97
N LYS G 218 -15.31 -69.15 74.49
CA LYS G 218 -14.10 -69.68 73.92
C LYS G 218 -14.32 -70.03 72.46
N ASN G 219 -15.57 -70.26 72.09
CA ASN G 219 -15.88 -70.58 70.71
C ASN G 219 -15.82 -69.35 69.78
N LYS G 220 -16.44 -68.25 70.21
CA LYS G 220 -16.37 -67.03 69.42
C LYS G 220 -14.96 -66.48 69.37
N LEU G 221 -14.28 -66.49 70.51
CA LEU G 221 -12.89 -66.03 70.54
C LEU G 221 -12.11 -66.72 69.44
N LYS G 222 -12.53 -67.94 69.09
CA LYS G 222 -11.89 -68.66 68.01
C LYS G 222 -12.43 -68.25 66.65
N SER G 223 -13.75 -68.10 66.53
CA SER G 223 -14.33 -67.69 65.24
C SER G 223 -13.82 -66.32 64.84
N VAL G 224 -13.55 -65.50 65.85
CA VAL G 224 -12.92 -64.21 65.64
C VAL G 224 -11.48 -64.39 65.20
N GLN G 225 -10.66 -64.97 66.08
CA GLN G 225 -9.26 -65.23 65.78
C GLN G 225 -9.13 -65.96 64.46
N ASN G 226 -10.18 -66.71 64.10
CA ASN G 226 -10.21 -67.41 62.82
C ASN G 226 -10.39 -66.42 61.68
N PHE G 227 -11.36 -65.53 61.84
CA PHE G 227 -11.66 -64.52 60.83
C PHE G 227 -10.54 -63.48 60.75
N PHE G 228 -10.03 -63.05 61.90
CA PHE G 228 -8.91 -62.14 61.93
C PHE G 228 -7.82 -62.66 61.01
N THR G 229 -7.56 -63.96 61.09
CA THR G 229 -6.52 -64.55 60.26
C THR G 229 -6.89 -64.47 58.79
N THR G 230 -8.02 -65.05 58.41
CA THR G 230 -8.41 -65.06 57.01
C THR G 230 -8.37 -63.64 56.42
N LEU G 231 -8.82 -62.67 57.21
CA LEU G 231 -8.81 -61.28 56.78
C LEU G 231 -7.39 -60.74 56.60
N SER G 232 -6.54 -60.99 57.59
CA SER G 232 -5.16 -60.52 57.52
C SER G 232 -4.51 -61.04 56.25
N ASN G 233 -4.83 -62.27 55.87
CA ASN G 233 -4.34 -62.87 54.64
C ASN G 233 -5.00 -62.27 53.40
N THR G 234 -6.27 -61.90 53.52
CA THR G 234 -6.96 -61.24 52.43
C THR G 234 -6.28 -59.90 52.13
N VAL G 235 -5.65 -59.34 53.16
CA VAL G 235 -4.91 -58.09 53.01
C VAL G 235 -3.56 -58.34 52.37
N LYS G 236 -2.80 -59.29 52.90
CA LYS G 236 -1.52 -59.65 52.33
C LYS G 236 -1.67 -59.89 50.83
N GLN G 237 -2.81 -60.47 50.43
CA GLN G 237 -3.05 -60.70 49.01
C GLN G 237 -3.14 -59.38 48.23
N ALA G 238 -4.10 -58.55 48.60
CA ALA G 238 -4.24 -57.23 47.98
C ALA G 238 -2.91 -56.50 47.88
N ASN G 239 -2.17 -56.43 48.97
CA ASN G 239 -0.86 -55.78 48.94
C ASN G 239 0.04 -56.41 47.87
N LYS G 240 -0.03 -57.73 47.73
CA LYS G 240 0.75 -58.41 46.70
C LYS G 240 0.22 -58.12 45.30
N ASP G 241 -1.11 -58.10 45.16
CA ASP G 241 -1.76 -57.83 43.88
C ASP G 241 -1.47 -56.42 43.39
N ILE G 242 -1.63 -55.45 44.28
CA ILE G 242 -1.39 -54.07 43.94
C ILE G 242 0.05 -53.89 43.50
N ASP G 243 0.98 -54.48 44.27
CA ASP G 243 2.39 -54.32 43.97
C ASP G 243 2.76 -54.93 42.63
N ALA G 244 2.16 -56.07 42.31
CA ALA G 244 2.37 -56.73 41.02
C ALA G 244 1.93 -55.85 39.85
N ALA G 245 0.78 -55.19 40.02
CA ALA G 245 0.26 -54.29 39.00
C ALA G 245 1.21 -53.12 38.80
N LYS G 246 1.64 -52.51 39.89
CA LYS G 246 2.53 -51.36 39.82
C LYS G 246 3.82 -51.72 39.10
N LEU G 247 4.30 -52.93 39.33
CA LEU G 247 5.50 -53.42 38.66
C LEU G 247 5.25 -53.44 37.16
N LYS G 248 4.33 -54.31 36.73
CA LYS G 248 3.91 -54.39 35.34
C LYS G 248 3.88 -53.01 34.67
N LEU G 249 3.27 -52.06 35.36
CA LEU G 249 3.09 -50.72 34.82
C LEU G 249 4.40 -50.02 34.50
N THR G 250 5.28 -49.89 35.51
CA THR G 250 6.53 -49.16 35.30
C THR G 250 7.44 -49.90 34.33
N THR G 251 7.51 -51.22 34.48
CA THR G 251 8.35 -52.03 33.59
C THR G 251 7.87 -51.94 32.14
N GLU G 252 6.60 -51.63 31.96
CA GLU G 252 6.08 -51.33 30.63
C GLU G 252 6.48 -49.92 30.24
N ILE G 253 6.19 -48.97 31.12
CA ILE G 253 6.62 -47.59 30.92
C ILE G 253 8.04 -47.50 30.36
N ALA G 254 8.96 -48.23 30.98
CA ALA G 254 10.36 -48.16 30.60
C ALA G 254 10.64 -48.89 29.30
N ALA G 255 9.89 -49.96 29.07
CA ALA G 255 9.97 -50.72 27.83
C ALA G 255 9.51 -49.87 26.67
N ILE G 256 8.43 -49.13 26.88
CA ILE G 256 7.99 -48.17 25.89
C ILE G 256 9.10 -47.13 25.75
N GLY G 257 9.74 -46.82 26.87
CA GLY G 257 10.84 -45.88 26.87
C GLY G 257 11.89 -46.21 25.83
N GLU G 258 12.25 -47.49 25.76
CA GLU G 258 13.27 -47.93 24.83
C GLU G 258 12.95 -47.47 23.42
N ILE G 259 11.72 -47.71 22.96
CA ILE G 259 11.32 -47.28 21.63
C ILE G 259 11.41 -45.76 21.53
N LYS G 260 10.72 -45.09 22.44
CA LYS G 260 10.70 -43.62 22.46
C LYS G 260 12.08 -43.07 22.10
N THR G 261 13.10 -43.43 22.88
CA THR G 261 14.42 -42.87 22.69
C THR G 261 14.93 -43.13 21.28
N GLU G 262 14.83 -44.38 20.82
CA GLU G 262 15.26 -44.71 19.47
C GLU G 262 14.53 -43.81 18.47
N THR G 263 13.21 -43.78 18.57
CA THR G 263 12.39 -42.94 17.70
C THR G 263 12.85 -41.51 17.75
N GLU G 264 12.88 -40.95 18.95
CA GLU G 264 13.30 -39.58 19.16
C GLU G 264 14.64 -39.32 18.47
N THR G 265 15.56 -40.27 18.58
CA THR G 265 16.87 -40.15 17.94
C THR G 265 16.76 -40.04 16.43
N THR G 266 16.29 -41.13 15.84
CA THR G 266 15.96 -41.20 14.41
C THR G 266 15.39 -39.86 13.91
N ARG G 267 14.42 -39.31 14.63
CA ARG G 267 13.87 -38.01 14.26
C ARG G 267 14.98 -36.98 14.06
N PHE G 268 15.80 -36.76 15.08
CA PHE G 268 16.89 -35.80 14.98
C PHE G 268 17.75 -36.08 13.74
N TYR G 269 18.02 -37.36 13.47
CA TYR G 269 18.82 -37.72 12.30
C TYR G 269 18.18 -37.22 10.99
N VAL G 270 16.86 -37.36 10.88
CA VAL G 270 16.14 -36.76 9.76
C VAL G 270 16.47 -35.27 9.59
N ASP G 271 16.79 -34.59 10.69
CA ASP G 271 17.11 -33.16 10.67
C ASP G 271 18.42 -32.80 9.93
N TYR G 272 19.22 -33.81 9.62
CA TYR G 272 20.46 -33.56 8.87
C TYR G 272 20.17 -33.24 7.40
N ASP G 273 19.04 -33.74 6.88
CA ASP G 273 18.59 -33.55 5.50
C ASP G 273 19.07 -34.63 4.56
N ASP G 274 20.25 -35.15 4.85
CA ASP G 274 20.80 -36.22 4.06
C ASP G 274 19.95 -37.48 4.23
N LEU G 275 18.93 -37.63 3.38
CA LEU G 275 18.06 -38.79 3.44
C LEU G 275 18.85 -40.05 3.20
N MET G 276 20.14 -39.91 2.94
CA MET G 276 20.98 -41.03 2.56
C MET G 276 22.03 -41.30 3.61
N LEU G 277 22.07 -40.47 4.65
CA LEU G 277 23.06 -40.55 5.71
C LEU G 277 23.00 -41.92 6.38
N SER G 278 24.13 -42.59 6.50
CA SER G 278 24.13 -43.94 7.07
C SER G 278 23.41 -43.96 8.41
N LEU G 279 23.70 -42.98 9.27
CA LEU G 279 23.05 -42.90 10.57
C LEU G 279 21.54 -43.03 10.43
N LEU G 280 20.92 -42.03 9.80
CA LEU G 280 19.47 -42.05 9.66
C LEU G 280 18.99 -43.36 9.06
N LYS G 281 19.81 -43.94 8.19
CA LYS G 281 19.41 -45.17 7.54
C LYS G 281 19.47 -46.29 8.57
N GLU G 282 20.59 -46.36 9.29
CA GLU G 282 20.79 -47.36 10.33
C GLU G 282 19.77 -47.21 11.45
N ALA G 283 19.66 -46.00 11.98
CA ALA G 283 18.65 -45.65 12.96
C ALA G 283 17.27 -46.20 12.58
N ALA G 284 16.90 -46.01 11.32
CA ALA G 284 15.63 -46.48 10.81
C ALA G 284 15.55 -48.00 10.85
N LYS G 285 16.68 -48.66 10.57
CA LYS G 285 16.73 -50.11 10.58
C LYS G 285 16.64 -50.62 12.01
N LYS G 286 17.33 -49.94 12.92
CA LYS G 286 17.29 -50.30 14.33
C LYS G 286 15.87 -50.20 14.86
N MET G 287 15.23 -49.07 14.59
CA MET G 287 13.83 -48.88 14.97
C MET G 287 12.99 -50.11 14.66
N ILE G 288 13.19 -50.71 13.49
CA ILE G 288 12.42 -51.88 13.08
C ILE G 288 12.79 -53.11 13.90
N ASN G 289 14.05 -53.21 14.29
CA ASN G 289 14.46 -54.25 15.23
C ASN G 289 13.91 -54.00 16.63
N THR G 290 14.31 -52.88 17.24
CA THR G 290 13.81 -52.50 18.56
C THR G 290 12.30 -52.79 18.66
N CYS G 291 11.54 -52.45 17.64
CA CYS G 291 10.11 -52.75 17.63
C CYS G 291 9.87 -54.26 17.66
N ASN G 292 10.50 -54.98 16.74
CA ASN G 292 10.31 -56.40 16.64
C ASN G 292 10.55 -57.13 17.97
N GLU G 293 11.61 -56.75 18.69
CA GLU G 293 11.93 -57.35 19.99
C GLU G 293 10.86 -57.04 21.05
N TYR G 294 10.32 -55.83 20.97
CA TYR G 294 9.22 -55.42 21.84
C TYR G 294 7.97 -56.30 21.66
N GLN G 295 7.77 -56.84 20.47
CA GLN G 295 6.61 -57.70 20.18
C GLN G 295 6.79 -59.11 20.71
N LYS G 296 8.05 -59.56 20.79
CA LYS G 296 8.36 -60.92 21.24
C LYS G 296 8.31 -61.09 22.76
N ARG G 297 9.10 -60.29 23.47
CA ARG G 297 9.10 -60.34 24.93
C ARG G 297 7.79 -59.78 25.49
N HIS G 298 7.25 -58.77 24.81
CA HIS G 298 6.03 -58.11 25.25
C HIS G 298 4.89 -58.30 24.26
N LYS H 14 -73.07 -54.65 101.44
CA LYS H 14 -71.84 -55.42 101.64
C LYS H 14 -72.05 -56.89 101.33
N THR H 15 -72.84 -57.16 100.31
CA THR H 15 -73.10 -58.52 99.86
C THR H 15 -72.46 -58.76 98.50
N VAL H 16 -72.51 -57.74 97.65
CA VAL H 16 -71.97 -57.82 96.31
C VAL H 16 -70.45 -57.68 96.32
N GLU H 17 -69.93 -57.05 97.37
CA GLU H 17 -68.51 -56.76 97.48
C GLU H 17 -67.64 -58.02 97.35
N VAL H 18 -68.24 -59.18 97.54
CA VAL H 18 -67.52 -60.44 97.34
C VAL H 18 -67.20 -60.62 95.87
N VAL H 19 -68.20 -60.41 95.03
CA VAL H 19 -68.03 -60.49 93.58
C VAL H 19 -66.94 -59.51 93.13
N LYS H 20 -67.08 -58.25 93.53
CA LYS H 20 -66.08 -57.24 93.23
C LYS H 20 -64.68 -57.70 93.63
N ASN H 21 -64.49 -58.05 94.89
CA ASN H 21 -63.18 -58.49 95.35
C ASN H 21 -62.68 -59.68 94.54
N ALA H 22 -63.58 -60.58 94.16
CA ALA H 22 -63.23 -61.77 93.39
C ALA H 22 -62.88 -61.40 91.96
N ILE H 23 -63.62 -60.44 91.41
CA ILE H 23 -63.35 -59.94 90.09
C ILE H 23 -61.89 -59.49 90.03
N GLU H 24 -61.48 -58.70 91.00
CA GLU H 24 -60.11 -58.19 91.05
C GLU H 24 -59.11 -59.31 91.29
N THR H 25 -59.51 -60.30 92.08
CA THR H 25 -58.66 -61.45 92.31
C THR H 25 -58.40 -62.15 90.99
N ALA H 26 -59.46 -62.35 90.22
CA ALA H 26 -59.36 -63.00 88.91
C ALA H 26 -58.49 -62.22 87.93
N ASP H 27 -58.51 -60.89 88.04
CA ASP H 27 -57.72 -60.04 87.18
C ASP H 27 -56.25 -60.38 87.38
N GLY H 28 -55.72 -60.07 88.55
CA GLY H 28 -54.35 -60.40 88.89
C GLY H 28 -54.02 -61.87 88.67
N ALA H 29 -55.04 -62.71 88.59
CA ALA H 29 -54.84 -64.12 88.24
C ALA H 29 -54.26 -64.21 86.84
N LEU H 30 -55.02 -63.74 85.85
CA LEU H 30 -54.56 -63.66 84.47
C LEU H 30 -53.13 -63.14 84.43
N ASP H 31 -52.94 -61.95 84.99
CA ASP H 31 -51.63 -61.31 85.01
C ASP H 31 -50.49 -62.28 85.36
N LEU H 32 -50.53 -62.83 86.58
CA LEU H 32 -49.53 -63.81 86.97
C LEU H 32 -49.50 -64.96 85.96
N TYR H 33 -50.67 -65.36 85.49
CA TYR H 33 -50.78 -66.46 84.54
C TYR H 33 -49.88 -66.24 83.35
N ASN H 34 -50.15 -65.15 82.62
CA ASN H 34 -49.34 -64.78 81.46
C ASN H 34 -47.90 -64.54 81.86
N LYS H 35 -47.69 -63.65 82.82
CA LYS H 35 -46.35 -63.38 83.34
C LYS H 35 -45.48 -64.64 83.37
N TYR H 36 -46.06 -65.73 83.86
CA TYR H 36 -45.35 -67.00 83.94
C TYR H 36 -45.34 -67.68 82.57
N LEU H 37 -46.50 -67.72 81.93
CA LEU H 37 -46.65 -68.34 80.64
C LEU H 37 -45.61 -67.83 79.65
N ASP H 38 -45.30 -66.54 79.76
CA ASP H 38 -44.27 -65.93 78.93
C ASP H 38 -42.88 -66.41 79.32
N GLN H 39 -42.57 -66.36 80.62
CA GLN H 39 -41.31 -66.92 81.12
C GLN H 39 -41.15 -68.35 80.62
N VAL H 40 -42.28 -69.03 80.45
CA VAL H 40 -42.30 -70.42 80.04
C VAL H 40 -42.19 -70.60 78.53
N ILE H 41 -42.85 -69.73 77.80
CA ILE H 41 -42.85 -69.79 76.34
C ILE H 41 -42.31 -68.49 75.81
N PRO H 42 -41.01 -68.46 75.46
CA PRO H 42 -40.28 -67.25 75.03
C PRO H 42 -40.68 -66.77 73.65
N TRP H 43 -41.95 -66.45 73.46
CA TRP H 43 -42.41 -65.97 72.18
C TRP H 43 -41.72 -64.65 71.87
N GLN H 44 -41.48 -63.86 72.92
CA GLN H 44 -40.72 -62.62 72.77
C GLN H 44 -39.41 -62.92 72.08
N THR H 45 -38.61 -63.77 72.72
CA THR H 45 -37.31 -64.16 72.19
C THR H 45 -37.41 -64.82 70.80
N PHE H 46 -38.39 -65.69 70.62
CA PHE H 46 -38.62 -66.33 69.32
C PHE H 46 -38.93 -65.32 68.24
N ASP H 47 -39.95 -64.50 68.47
CA ASP H 47 -40.33 -63.46 67.53
C ASP H 47 -39.13 -62.55 67.22
N GLU H 48 -38.52 -61.98 68.27
CA GLU H 48 -37.33 -61.14 68.11
C GLU H 48 -36.30 -61.83 67.23
N THR H 49 -35.99 -63.08 67.57
CA THR H 49 -34.99 -63.82 66.82
C THR H 49 -35.38 -63.94 65.34
N ILE H 50 -36.67 -64.07 65.09
CA ILE H 50 -37.18 -64.15 63.72
C ILE H 50 -36.93 -62.84 62.98
N LYS H 51 -37.33 -61.73 63.58
CA LYS H 51 -37.15 -60.42 62.96
C LYS H 51 -35.72 -60.18 62.53
N GLU H 52 -34.81 -60.14 63.49
CA GLU H 52 -33.43 -59.77 63.18
C GLU H 52 -32.85 -60.56 62.01
N LEU H 53 -33.19 -61.84 61.90
CA LEU H 53 -32.69 -62.61 60.77
C LEU H 53 -33.59 -62.49 59.54
N SER H 54 -34.73 -61.84 59.71
CA SER H 54 -35.56 -61.47 58.57
C SER H 54 -34.97 -60.21 57.98
N ARG H 55 -34.60 -59.27 58.86
CA ARG H 55 -33.88 -58.07 58.47
C ARG H 55 -32.68 -58.40 57.59
N PHE H 56 -31.89 -59.40 58.01
CA PHE H 56 -30.75 -59.85 57.21
C PHE H 56 -31.18 -60.11 55.77
N LYS H 57 -32.09 -61.04 55.59
CA LYS H 57 -32.62 -61.38 54.27
C LYS H 57 -33.07 -60.11 53.54
N GLN H 58 -33.62 -59.17 54.30
CA GLN H 58 -34.14 -57.93 53.75
C GLN H 58 -33.03 -57.02 53.23
N GLU H 59 -32.28 -56.43 54.15
CA GLU H 59 -31.21 -55.48 53.84
C GLU H 59 -30.38 -55.89 52.63
N TYR H 60 -29.97 -57.15 52.58
CA TYR H 60 -29.18 -57.63 51.44
C TYR H 60 -29.99 -57.72 50.15
N SER H 61 -31.21 -58.23 50.25
CA SER H 61 -32.12 -58.17 49.11
C SER H 61 -32.04 -56.77 48.52
N GLN H 62 -32.34 -55.77 49.35
CA GLN H 62 -32.26 -54.37 48.97
C GLN H 62 -31.00 -54.07 48.16
N ALA H 63 -29.84 -54.24 48.79
CA ALA H 63 -28.56 -53.94 48.16
C ALA H 63 -28.47 -54.65 46.84
N ALA H 64 -28.37 -55.98 46.87
CA ALA H 64 -28.23 -56.76 45.65
C ALA H 64 -29.19 -56.29 44.57
N SER H 65 -30.46 -56.14 44.92
CA SER H 65 -31.46 -55.67 43.96
C SER H 65 -30.97 -54.44 43.22
N VAL H 66 -30.84 -53.33 43.94
CA VAL H 66 -30.41 -52.08 43.34
C VAL H 66 -29.09 -52.18 42.55
N LEU H 67 -28.11 -52.92 43.06
CA LEU H 67 -26.84 -53.10 42.36
C LEU H 67 -27.03 -53.90 41.09
N VAL H 68 -27.55 -55.12 41.23
CA VAL H 68 -27.83 -55.96 40.09
C VAL H 68 -28.61 -55.21 39.00
N GLY H 69 -29.43 -54.25 39.43
CA GLY H 69 -30.19 -53.42 38.50
C GLY H 69 -29.29 -52.44 37.77
N ASP H 70 -28.48 -51.72 38.54
CA ASP H 70 -27.52 -50.80 37.95
C ASP H 70 -26.65 -51.52 36.92
N ILE H 71 -26.12 -52.68 37.31
CA ILE H 71 -25.32 -53.50 36.41
C ILE H 71 -26.03 -53.72 35.08
N LYS H 72 -27.34 -53.98 35.13
CA LYS H 72 -28.08 -54.18 33.89
C LYS H 72 -28.05 -52.91 33.07
N THR H 73 -28.51 -51.82 33.68
CA THR H 73 -28.40 -50.53 33.03
C THR H 73 -27.03 -50.41 32.35
N LEU H 74 -25.96 -50.62 33.11
CA LEU H 74 -24.60 -50.51 32.59
C LEU H 74 -24.37 -51.43 31.40
N LEU H 75 -24.80 -52.68 31.53
CA LEU H 75 -24.66 -53.62 30.42
C LEU H 75 -25.38 -53.11 29.19
N MET H 76 -26.64 -52.74 29.38
CA MET H 76 -27.45 -52.20 28.28
C MET H 76 -26.81 -50.95 27.69
N ASP H 77 -26.29 -50.08 28.55
CA ASP H 77 -25.57 -48.89 28.11
C ASP H 77 -24.47 -49.26 27.13
N SER H 78 -23.60 -50.17 27.54
CA SER H 78 -22.52 -50.66 26.70
C SER H 78 -23.05 -51.11 25.35
N GLN H 79 -23.96 -52.07 25.37
CA GLN H 79 -24.53 -52.61 24.13
C GLN H 79 -24.79 -51.51 23.10
N ASP H 80 -25.56 -50.50 23.49
CA ASP H 80 -25.87 -49.41 22.60
C ASP H 80 -24.59 -48.74 22.11
N LYS H 81 -23.66 -48.47 23.03
CA LYS H 81 -22.39 -47.85 22.65
C LYS H 81 -21.55 -48.72 21.70
N TYR H 82 -21.63 -50.04 21.89
CA TYR H 82 -21.00 -50.97 20.96
C TYR H 82 -21.61 -50.83 19.58
N PHE H 83 -22.93 -50.96 19.52
CA PHE H 83 -23.68 -50.82 18.28
C PHE H 83 -23.26 -49.59 17.53
N GLU H 84 -23.41 -48.44 18.18
CA GLU H 84 -22.94 -47.19 17.63
C GLU H 84 -21.56 -47.37 17.01
N ALA H 85 -20.58 -47.66 17.87
CA ALA H 85 -19.18 -47.79 17.44
C ALA H 85 -19.07 -48.63 16.18
N THR H 86 -19.53 -49.87 16.26
CA THR H 86 -19.43 -50.78 15.13
C THR H 86 -20.13 -50.21 13.90
N GLN H 87 -21.35 -49.75 14.11
CA GLN H 87 -22.18 -49.25 13.02
C GLN H 87 -21.46 -48.11 12.33
N THR H 88 -21.04 -47.13 13.13
CA THR H 88 -20.24 -46.01 12.63
C THR H 88 -19.13 -46.50 11.70
N VAL H 89 -18.39 -47.50 12.17
CA VAL H 89 -17.32 -48.09 11.38
C VAL H 89 -17.86 -48.70 10.08
N TYR H 90 -18.75 -49.67 10.21
CA TYR H 90 -19.40 -50.29 9.04
C TYR H 90 -19.87 -49.30 7.97
N GLU H 91 -20.24 -48.11 8.39
CA GLU H 91 -20.69 -47.09 7.46
C GLU H 91 -19.51 -46.56 6.67
N TRP H 92 -18.46 -46.12 7.37
CA TRP H 92 -17.29 -45.59 6.69
C TRP H 92 -16.55 -46.69 5.94
N CYS H 93 -16.28 -47.78 6.63
CA CYS H 93 -15.58 -48.91 6.05
C CYS H 93 -16.24 -49.28 4.72
N GLY H 94 -17.43 -48.74 4.50
CA GLY H 94 -18.23 -49.12 3.35
C GLY H 94 -18.18 -48.15 2.20
N VAL H 95 -18.32 -46.86 2.49
CA VAL H 95 -18.07 -45.86 1.48
C VAL H 95 -16.62 -46.02 1.02
N ALA H 96 -15.72 -46.18 1.99
CA ALA H 96 -14.30 -46.32 1.74
C ALA H 96 -13.97 -47.38 0.67
N THR H 97 -14.41 -48.62 0.89
CA THR H 97 -14.07 -49.71 -0.03
C THR H 97 -14.39 -49.35 -1.46
N GLN H 98 -15.57 -48.77 -1.67
CA GLN H 98 -15.98 -48.30 -2.97
C GLN H 98 -14.95 -47.33 -3.58
N LEU H 99 -14.46 -46.40 -2.75
CA LEU H 99 -13.51 -45.38 -3.20
C LEU H 99 -12.14 -45.95 -3.52
N LEU H 100 -11.58 -46.73 -2.60
CA LEU H 100 -10.31 -47.40 -2.87
C LEU H 100 -10.43 -48.24 -4.14
N ALA H 101 -11.58 -48.87 -4.31
CA ALA H 101 -11.81 -49.75 -5.46
C ALA H 101 -11.80 -48.93 -6.72
N ALA H 102 -12.44 -47.78 -6.65
CA ALA H 102 -12.48 -46.84 -7.76
C ALA H 102 -11.08 -46.35 -8.09
N TYR H 103 -10.34 -45.91 -7.06
CA TYR H 103 -8.98 -45.43 -7.25
C TYR H 103 -8.13 -46.47 -7.94
N ILE H 104 -8.24 -47.72 -7.49
CA ILE H 104 -7.51 -48.84 -8.08
C ILE H 104 -7.87 -49.03 -9.54
N LEU H 105 -9.13 -48.74 -9.86
CA LEU H 105 -9.63 -48.90 -11.22
C LEU H 105 -9.25 -47.72 -12.13
N LEU H 106 -9.64 -46.52 -11.74
CA LEU H 106 -9.44 -45.36 -12.60
C LEU H 106 -7.96 -45.09 -12.87
N PHE H 107 -7.08 -45.65 -12.06
CA PHE H 107 -5.65 -45.46 -12.25
C PHE H 107 -4.90 -46.73 -12.58
N ASP H 108 -5.53 -47.59 -13.38
CA ASP H 108 -4.80 -48.72 -13.93
C ASP H 108 -3.66 -48.09 -14.69
N GLU H 109 -4.02 -47.28 -15.67
CA GLU H 109 -3.08 -46.39 -16.34
C GLU H 109 -3.38 -45.00 -15.82
N TYR H 110 -2.32 -44.27 -15.49
CA TYR H 110 -2.45 -42.96 -14.87
C TYR H 110 -3.46 -42.04 -15.58
N ASN H 111 -4.42 -41.53 -14.82
CA ASN H 111 -5.42 -40.61 -15.37
C ASN H 111 -5.05 -39.18 -15.01
N GLU H 112 -4.46 -38.45 -15.96
CA GLU H 112 -3.82 -37.19 -15.63
C GLU H 112 -4.79 -36.16 -15.08
N LYS H 113 -6.04 -36.23 -15.51
CA LYS H 113 -6.98 -35.17 -15.17
C LYS H 113 -7.55 -35.37 -13.80
N LYS H 114 -8.01 -36.59 -13.55
CA LYS H 114 -8.59 -36.92 -12.27
C LYS H 114 -7.51 -37.07 -11.20
N ALA H 115 -6.26 -37.02 -11.61
CA ALA H 115 -5.15 -37.25 -10.70
C ALA H 115 -5.22 -36.40 -9.44
N SER H 116 -5.42 -35.09 -9.60
CA SER H 116 -5.43 -34.18 -8.46
C SER H 116 -6.61 -34.48 -7.54
N ALA H 117 -7.79 -34.75 -8.11
CA ALA H 117 -8.94 -35.10 -7.28
C ALA H 117 -8.69 -36.38 -6.51
N GLN H 118 -8.39 -37.44 -7.25
CA GLN H 118 -8.17 -38.75 -6.67
C GLN H 118 -7.35 -38.62 -5.40
N LYS H 119 -6.32 -37.78 -5.48
CA LYS H 119 -5.42 -37.55 -4.35
C LYS H 119 -6.19 -36.91 -3.21
N ASP H 120 -6.84 -35.79 -3.49
CA ASP H 120 -7.66 -35.11 -2.51
C ASP H 120 -8.69 -36.05 -1.90
N ILE H 121 -9.36 -36.80 -2.76
CA ILE H 121 -10.30 -37.80 -2.29
C ILE H 121 -9.62 -38.80 -1.36
N LEU H 122 -8.63 -39.54 -1.85
CA LEU H 122 -7.94 -40.51 -1.03
C LEU H 122 -7.66 -39.92 0.34
N ILE H 123 -7.27 -38.66 0.37
CA ILE H 123 -6.98 -38.03 1.64
C ILE H 123 -8.21 -37.91 2.53
N LYS H 124 -9.25 -37.24 2.05
CA LYS H 124 -10.47 -37.03 2.85
C LYS H 124 -11.02 -38.35 3.40
N VAL H 125 -11.39 -39.28 2.52
CA VAL H 125 -11.91 -40.56 2.95
C VAL H 125 -10.99 -41.26 3.96
N LEU H 126 -9.68 -41.25 3.71
CA LEU H 126 -8.76 -41.87 4.64
C LEU H 126 -8.71 -41.08 5.95
N ASP H 127 -8.36 -39.81 5.84
CA ASP H 127 -8.34 -38.90 6.99
C ASP H 127 -9.59 -39.06 7.82
N ASP H 128 -10.74 -39.09 7.15
CA ASP H 128 -12.05 -39.18 7.80
C ASP H 128 -12.20 -40.45 8.62
N GLY H 129 -12.17 -41.60 7.95
CA GLY H 129 -12.23 -42.88 8.63
C GLY H 129 -11.24 -42.99 9.77
N ILE H 130 -10.05 -42.46 9.56
CA ILE H 130 -9.01 -42.44 10.59
C ILE H 130 -9.54 -41.80 11.86
N THR H 131 -10.22 -40.67 11.71
CA THR H 131 -10.81 -40.00 12.86
C THR H 131 -11.96 -40.83 13.41
N LYS H 132 -12.90 -41.13 12.54
CA LYS H 132 -14.07 -41.91 12.92
C LYS H 132 -13.67 -43.18 13.64
N LEU H 133 -12.68 -43.88 13.08
CA LEU H 133 -12.21 -45.13 13.65
C LEU H 133 -11.68 -44.91 15.04
N ASN H 134 -10.88 -43.86 15.21
CA ASN H 134 -10.33 -43.54 16.51
C ASN H 134 -11.42 -43.37 17.56
N GLU H 135 -12.36 -42.46 17.30
CA GLU H 135 -13.43 -42.16 18.24
C GLU H 135 -14.21 -43.42 18.61
N ALA H 136 -14.37 -44.33 17.65
CA ALA H 136 -15.08 -45.58 17.93
C ALA H 136 -14.39 -46.28 19.07
N GLN H 137 -13.07 -46.39 18.96
CA GLN H 137 -12.25 -47.04 19.96
C GLN H 137 -12.44 -46.38 21.34
N LYS H 138 -12.26 -45.07 21.39
CA LYS H 138 -12.38 -44.34 22.65
C LYS H 138 -13.76 -44.59 23.24
N SER H 139 -14.80 -44.47 22.42
CA SER H 139 -16.16 -44.75 22.88
C SER H 139 -16.23 -46.11 23.55
N LEU H 140 -15.64 -47.11 22.89
CA LEU H 140 -15.65 -48.48 23.39
C LEU H 140 -14.85 -48.63 24.68
N LEU H 141 -13.66 -48.05 24.68
CA LEU H 141 -12.78 -48.09 25.82
C LEU H 141 -13.49 -47.52 27.05
N VAL H 142 -14.14 -46.38 26.86
CA VAL H 142 -14.87 -45.73 27.94
C VAL H 142 -16.02 -46.60 28.45
N SER H 143 -16.70 -47.28 27.52
CA SER H 143 -17.75 -48.21 27.91
C SER H 143 -17.17 -49.30 28.81
N SER H 144 -16.01 -49.83 28.44
CA SER H 144 -15.37 -50.85 29.26
C SER H 144 -15.09 -50.34 30.66
N GLN H 145 -14.53 -49.14 30.74
CA GLN H 145 -14.19 -48.53 32.02
C GLN H 145 -15.42 -48.39 32.93
N SER H 146 -16.60 -48.28 32.32
CA SER H 146 -17.83 -48.02 33.06
C SER H 146 -18.12 -49.08 34.14
N PHE H 147 -18.03 -50.33 33.75
CA PHE H 147 -18.34 -51.45 34.66
C PHE H 147 -17.42 -51.53 35.86
N ASN H 148 -16.26 -50.89 35.77
CA ASN H 148 -15.24 -51.07 36.81
C ASN H 148 -15.73 -50.80 38.22
N ASN H 149 -16.34 -49.63 38.42
CA ASN H 149 -16.83 -49.27 39.75
C ASN H 149 -17.82 -50.31 40.27
N ALA H 150 -18.87 -50.54 39.49
CA ALA H 150 -19.85 -51.54 39.81
C ALA H 150 -19.16 -52.87 40.13
N SER H 151 -18.19 -53.26 39.33
CA SER H 151 -17.52 -54.56 39.51
C SER H 151 -16.95 -54.68 40.93
N GLY H 152 -16.48 -53.57 41.46
CA GLY H 152 -15.99 -53.53 42.82
C GLY H 152 -17.10 -53.67 43.85
N LYS H 153 -18.08 -52.77 43.77
CA LYS H 153 -19.25 -52.82 44.63
C LYS H 153 -19.80 -54.25 44.72
N LEU H 154 -19.84 -54.94 43.59
CA LEU H 154 -20.24 -56.34 43.56
C LEU H 154 -19.45 -57.17 44.55
N LEU H 155 -18.13 -57.14 44.42
CA LEU H 155 -17.29 -57.91 45.33
C LEU H 155 -17.49 -57.51 46.79
N ALA H 156 -17.52 -56.20 47.06
CA ALA H 156 -17.76 -55.75 48.44
C ALA H 156 -18.99 -56.49 49.01
N LEU H 157 -20.11 -56.35 48.31
CA LEU H 157 -21.34 -57.02 48.69
C LEU H 157 -21.11 -58.49 49.01
N ASP H 158 -20.64 -59.25 48.03
CA ASP H 158 -20.34 -60.66 48.22
C ASP H 158 -19.41 -60.87 49.41
N SER H 159 -18.24 -60.25 49.37
CA SER H 159 -17.30 -60.35 50.48
C SER H 159 -18.05 -60.31 51.83
N GLN H 160 -18.92 -59.31 52.00
CA GLN H 160 -19.61 -59.10 53.27
C GLN H 160 -20.75 -60.10 53.53
N LEU H 161 -21.69 -60.16 52.61
CA LEU H 161 -22.79 -61.11 52.69
C LEU H 161 -22.29 -62.49 53.04
N THR H 162 -21.07 -62.82 52.64
CA THR H 162 -20.49 -64.11 53.00
C THR H 162 -20.10 -64.10 54.47
N ASN H 163 -19.29 -63.11 54.85
CA ASN H 163 -18.90 -62.96 56.25
C ASN H 163 -20.10 -62.77 57.17
N ASP H 164 -21.05 -61.96 56.73
CA ASP H 164 -22.20 -61.58 57.55
C ASP H 164 -23.15 -62.76 57.77
N PHE H 165 -23.17 -63.68 56.81
CA PHE H 165 -24.06 -64.82 56.87
C PHE H 165 -23.64 -65.79 57.96
N SER H 166 -22.34 -66.04 58.06
CA SER H 166 -21.80 -66.90 59.10
C SER H 166 -22.02 -66.25 60.46
N GLU H 167 -22.16 -64.93 60.46
CA GLU H 167 -22.37 -64.20 61.70
C GLU H 167 -23.81 -64.37 62.21
N LYS H 168 -24.74 -64.53 61.28
CA LYS H 168 -26.12 -64.80 61.66
C LYS H 168 -26.29 -66.27 62.07
N SER H 169 -25.63 -67.17 61.34
CA SER H 169 -25.68 -68.58 61.69
C SER H 169 -25.14 -68.81 63.09
N SER H 170 -24.21 -67.95 63.52
CA SER H 170 -23.71 -67.99 64.88
C SER H 170 -24.76 -67.42 65.83
N TYR H 171 -25.40 -66.33 65.41
CA TYR H 171 -26.42 -65.67 66.21
C TYR H 171 -27.65 -66.54 66.36
N PHE H 172 -27.91 -67.37 65.38
CA PHE H 172 -29.01 -68.32 65.46
C PHE H 172 -28.86 -69.24 66.68
N GLN H 173 -27.88 -70.14 66.64
CA GLN H 173 -27.69 -71.09 67.72
C GLN H 173 -27.51 -70.39 69.06
N SER H 174 -26.77 -69.28 69.07
CA SER H 174 -26.56 -68.51 70.30
C SER H 174 -27.89 -67.96 70.78
N GLN H 175 -28.86 -67.90 69.88
CA GLN H 175 -30.16 -67.35 70.22
C GLN H 175 -31.19 -68.45 70.61
N VAL H 176 -31.26 -69.53 69.83
CA VAL H 176 -32.12 -70.65 70.21
C VAL H 176 -31.74 -71.14 71.60
N ASP H 177 -30.45 -71.05 71.93
CA ASP H 177 -30.00 -71.31 73.28
C ASP H 177 -30.73 -70.41 74.26
N LYS H 178 -30.67 -69.11 74.04
CA LYS H 178 -31.38 -68.18 74.90
C LYS H 178 -32.81 -68.65 75.12
N ILE H 179 -33.40 -69.28 74.11
CA ILE H 179 -34.78 -69.74 74.19
C ILE H 179 -34.95 -70.91 75.14
N ARG H 180 -34.07 -71.90 75.08
CA ARG H 180 -34.10 -72.99 76.03
C ARG H 180 -33.90 -72.47 77.45
N LYS H 181 -32.77 -71.77 77.63
CA LYS H 181 -32.40 -71.22 78.93
C LYS H 181 -33.54 -70.41 79.57
N GLU H 182 -34.32 -69.74 78.75
CA GLU H 182 -35.44 -68.95 79.26
C GLU H 182 -36.62 -69.83 79.61
N ALA H 183 -36.85 -70.86 78.81
CA ALA H 183 -38.03 -71.71 78.97
C ALA H 183 -37.86 -72.74 80.07
N TYR H 184 -36.69 -73.33 80.17
CA TYR H 184 -36.46 -74.35 81.19
C TYR H 184 -36.20 -73.75 82.58
N ALA H 185 -35.58 -72.58 82.63
CA ALA H 185 -35.51 -71.85 83.89
C ALA H 185 -36.94 -71.54 84.34
N GLY H 186 -37.88 -71.56 83.39
CA GLY H 186 -39.28 -71.33 83.67
C GLY H 186 -40.02 -72.57 84.15
N ALA H 187 -39.91 -73.66 83.40
CA ALA H 187 -40.51 -74.94 83.83
C ALA H 187 -39.90 -75.31 85.17
N ALA H 188 -38.58 -75.41 85.20
CA ALA H 188 -37.86 -75.68 86.42
C ALA H 188 -38.46 -74.94 87.63
N ALA H 189 -39.02 -73.76 87.38
CA ALA H 189 -39.60 -72.94 88.44
C ALA H 189 -40.86 -73.55 89.08
N GLY H 190 -41.29 -74.69 88.57
CA GLY H 190 -42.46 -75.39 89.08
C GLY H 190 -42.18 -76.19 90.34
N VAL H 191 -40.91 -76.29 90.72
CA VAL H 191 -40.52 -76.97 91.95
C VAL H 191 -41.35 -76.47 93.16
N VAL H 192 -41.80 -75.23 93.10
CA VAL H 192 -42.61 -74.66 94.18
C VAL H 192 -43.94 -75.38 94.35
N ALA H 193 -44.75 -75.40 93.30
CA ALA H 193 -45.96 -76.21 93.32
C ALA H 193 -45.60 -77.66 92.96
N GLY H 194 -46.53 -78.59 93.20
CA GLY H 194 -46.26 -80.02 93.10
C GLY H 194 -45.54 -80.51 91.86
N PRO H 195 -44.87 -81.68 91.95
CA PRO H 195 -44.16 -82.24 90.79
C PRO H 195 -45.11 -82.51 89.63
N PHE H 196 -46.37 -82.84 89.93
CA PHE H 196 -47.37 -82.97 88.88
C PHE H 196 -47.51 -81.63 88.17
N GLY H 197 -47.15 -80.56 88.87
CA GLY H 197 -47.10 -79.24 88.29
C GLY H 197 -46.02 -79.15 87.24
N LEU H 198 -44.90 -79.83 87.45
CA LEU H 198 -43.84 -79.88 86.46
C LEU H 198 -44.32 -80.52 85.16
N ILE H 199 -44.96 -81.68 85.26
CA ILE H 199 -45.54 -82.30 84.08
C ILE H 199 -46.32 -81.28 83.26
N ILE H 200 -47.24 -80.57 83.91
CA ILE H 200 -48.02 -79.52 83.24
C ILE H 200 -47.10 -78.43 82.69
N SER H 201 -46.24 -77.90 83.56
CA SER H 201 -45.34 -76.80 83.21
C SER H 201 -44.41 -77.13 82.06
N TYR H 202 -43.64 -78.19 82.28
CA TYR H 202 -42.66 -78.67 81.32
C TYR H 202 -43.30 -79.12 79.99
N SER H 203 -44.48 -79.74 80.03
CA SER H 203 -45.21 -80.05 78.81
C SER H 203 -45.56 -78.75 78.07
N ILE H 204 -46.09 -77.78 78.81
CA ILE H 204 -46.38 -76.48 78.25
C ILE H 204 -45.14 -75.88 77.59
N ALA H 205 -43.97 -76.08 78.19
CA ALA H 205 -42.74 -75.46 77.70
C ALA H 205 -42.02 -76.31 76.66
N ALA H 206 -41.22 -77.26 77.12
CA ALA H 206 -40.46 -78.12 76.21
C ALA H 206 -41.31 -78.56 75.02
N GLY H 207 -42.59 -78.79 75.28
CA GLY H 207 -43.52 -79.17 74.23
C GLY H 207 -43.66 -78.12 73.14
N VAL H 208 -44.09 -76.92 73.53
CA VAL H 208 -44.25 -75.82 72.58
C VAL H 208 -42.91 -75.36 71.98
N VAL H 209 -41.88 -75.31 72.81
CA VAL H 209 -40.57 -74.92 72.35
C VAL H 209 -40.04 -75.89 71.31
N GLU H 210 -39.81 -77.13 71.74
CA GLU H 210 -39.26 -78.16 70.86
C GLU H 210 -40.28 -78.61 69.81
N GLY H 211 -41.51 -78.16 69.99
CA GLY H 211 -42.61 -78.52 69.11
C GLY H 211 -42.69 -77.65 67.86
N LYS H 212 -42.92 -76.34 68.04
CA LYS H 212 -42.96 -75.42 66.91
C LYS H 212 -41.77 -74.46 66.88
N LEU H 213 -41.40 -73.90 68.03
CA LEU H 213 -40.37 -72.86 68.09
C LEU H 213 -39.01 -73.20 67.47
N ILE H 214 -38.23 -74.04 68.15
CA ILE H 214 -36.91 -74.40 67.63
C ILE H 214 -36.94 -74.80 66.16
N PRO H 215 -37.87 -75.69 65.78
CA PRO H 215 -37.98 -76.12 64.38
C PRO H 215 -38.25 -74.94 63.44
N GLU H 216 -39.11 -74.03 63.86
CA GLU H 216 -39.39 -72.82 63.09
C GLU H 216 -38.10 -72.03 62.83
N LEU H 217 -37.34 -71.81 63.89
CA LEU H 217 -36.05 -71.15 63.77
C LEU H 217 -35.15 -71.91 62.79
N LYS H 218 -34.99 -73.21 63.00
CA LYS H 218 -34.21 -74.03 62.08
C LYS H 218 -34.74 -73.87 60.66
N ASN H 219 -36.00 -73.49 60.54
CA ASN H 219 -36.58 -73.31 59.22
C ASN H 219 -36.10 -72.03 58.54
N LYS H 220 -36.13 -70.91 59.26
CA LYS H 220 -35.64 -69.65 58.69
C LYS H 220 -34.15 -69.70 58.45
N LEU H 221 -33.40 -70.26 59.40
CA LEU H 221 -31.96 -70.42 59.20
C LEU H 221 -31.71 -71.06 57.85
N LYS H 222 -32.65 -71.89 57.41
CA LYS H 222 -32.52 -72.53 56.10
C LYS H 222 -33.00 -71.60 54.98
N SER H 223 -34.11 -70.91 55.18
CA SER H 223 -34.62 -70.01 54.15
C SER H 223 -33.62 -68.91 53.89
N VAL H 224 -32.91 -68.51 54.94
CA VAL H 224 -31.81 -67.57 54.82
C VAL H 224 -30.64 -68.19 54.07
N GLN H 225 -30.06 -69.23 54.64
CA GLN H 225 -28.96 -69.94 53.99
C GLN H 225 -29.32 -70.29 52.57
N ASN H 226 -30.61 -70.49 52.32
CA ASN H 226 -31.10 -70.76 50.98
C ASN H 226 -30.98 -69.53 50.10
N PHE H 227 -31.43 -68.39 50.62
CA PHE H 227 -31.39 -67.14 49.88
C PHE H 227 -29.97 -66.63 49.75
N PHE H 228 -29.19 -66.74 50.81
CA PHE H 228 -27.78 -66.38 50.75
C PHE H 228 -27.13 -67.03 49.55
N THR H 229 -27.41 -68.32 49.37
CA THR H 229 -26.82 -69.01 48.24
C THR H 229 -27.29 -68.45 46.91
N THR H 230 -28.60 -68.43 46.68
CA THR H 230 -29.12 -67.94 45.41
C THR H 230 -28.55 -66.56 45.09
N LEU H 231 -28.43 -65.72 46.10
CA LEU H 231 -27.89 -64.37 45.91
C LEU H 231 -26.42 -64.41 45.55
N SER H 232 -25.64 -65.20 46.29
CA SER H 232 -24.21 -65.32 46.00
C SER H 232 -24.00 -65.73 44.55
N ASN H 233 -24.86 -66.60 44.04
CA ASN H 233 -24.82 -67.02 42.65
C ASN H 233 -25.29 -65.92 41.70
N THR H 234 -26.25 -65.11 42.16
CA THR H 234 -26.74 -64.01 41.36
C THR H 234 -25.59 -63.01 41.16
N VAL H 235 -24.66 -63.02 42.12
CA VAL H 235 -23.49 -62.18 42.02
C VAL H 235 -22.47 -62.77 41.06
N LYS H 236 -22.12 -64.03 41.27
CA LYS H 236 -21.18 -64.70 40.38
C LYS H 236 -21.60 -64.48 38.94
N GLN H 237 -22.91 -64.44 38.70
CA GLN H 237 -23.41 -64.23 37.34
C GLN H 237 -23.02 -62.86 36.84
N ALA H 238 -23.49 -61.82 37.53
CA ALA H 238 -23.12 -60.45 37.19
C ALA H 238 -21.62 -60.29 36.93
N ASN H 239 -20.80 -60.80 37.85
CA ASN H 239 -19.35 -60.72 37.65
C ASN H 239 -18.94 -61.36 36.34
N LYS H 240 -19.59 -62.45 35.97
CA LYS H 240 -19.31 -63.13 34.70
C LYS H 240 -19.83 -62.32 33.50
N ASP H 241 -21.04 -61.77 33.64
CA ASP H 241 -21.65 -60.96 32.59
C ASP H 241 -20.85 -59.71 32.32
N ILE H 242 -20.47 -59.00 33.38
CA ILE H 242 -19.69 -57.78 33.22
C ILE H 242 -18.38 -58.08 32.51
N ASP H 243 -17.71 -59.14 32.96
CA ASP H 243 -16.41 -59.48 32.42
C ASP H 243 -16.50 -59.85 30.94
N ALA H 244 -17.58 -60.52 30.57
CA ALA H 244 -17.80 -60.90 29.18
C ALA H 244 -18.00 -59.67 28.30
N ALA H 245 -18.70 -58.68 28.83
CA ALA H 245 -18.90 -57.44 28.10
C ALA H 245 -17.57 -56.73 27.89
N LYS H 246 -16.79 -56.61 28.96
CA LYS H 246 -15.52 -55.92 28.90
C LYS H 246 -14.62 -56.58 27.85
N LEU H 247 -14.73 -57.90 27.74
CA LEU H 247 -13.96 -58.65 26.74
C LEU H 247 -14.36 -58.20 25.35
N LYS H 248 -15.60 -58.50 24.98
CA LYS H 248 -16.18 -58.07 23.71
C LYS H 248 -15.71 -56.68 23.33
N LEU H 249 -15.77 -55.75 24.29
CA LEU H 249 -15.41 -54.37 24.02
C LEU H 249 -13.96 -54.20 23.57
N THR H 250 -13.02 -54.68 24.37
CA THR H 250 -11.61 -54.47 24.04
C THR H 250 -11.22 -55.24 22.79
N THR H 251 -11.72 -56.47 22.67
CA THR H 251 -11.40 -57.29 21.51
C THR H 251 -11.97 -56.68 20.24
N GLU H 252 -13.00 -55.85 20.38
CA GLU H 252 -13.49 -55.05 19.26
C GLU H 252 -12.57 -53.85 19.05
N ILE H 253 -12.32 -53.11 20.11
CA ILE H 253 -11.36 -52.02 20.07
C ILE H 253 -10.12 -52.37 19.23
N ALA H 254 -9.55 -53.54 19.49
CA ALA H 254 -8.31 -53.93 18.86
C ALA H 254 -8.52 -54.37 17.44
N ALA H 255 -9.68 -54.97 17.19
CA ALA H 255 -10.07 -55.37 15.84
C ALA H 255 -10.26 -54.13 14.96
N ILE H 256 -10.89 -53.11 15.52
CA ILE H 256 -10.99 -51.84 14.82
C ILE H 256 -9.58 -51.31 14.64
N GLY H 257 -8.73 -51.57 15.64
CA GLY H 257 -7.34 -51.17 15.59
C GLY H 257 -6.67 -51.63 14.31
N GLU H 258 -6.88 -52.91 13.96
CA GLU H 258 -6.30 -53.46 12.76
C GLU H 258 -6.55 -52.56 11.56
N ILE H 259 -7.81 -52.17 11.35
CA ILE H 259 -8.14 -51.30 10.23
C ILE H 259 -7.42 -49.98 10.37
N LYS H 260 -7.64 -49.34 11.50
CA LYS H 260 -7.03 -48.04 11.75
C LYS H 260 -5.61 -48.00 11.22
N THR H 261 -4.77 -48.90 11.71
CA THR H 261 -3.35 -48.89 11.32
C THR H 261 -3.18 -48.96 9.80
N GLU H 262 -3.86 -49.91 9.18
CA GLU H 262 -3.77 -50.05 7.72
C GLU H 262 -4.15 -48.74 7.07
N THR H 263 -5.29 -48.20 7.48
CA THR H 263 -5.78 -46.93 6.96
C THR H 263 -4.74 -45.86 7.13
N GLU H 264 -4.30 -45.68 8.38
CA GLU H 264 -3.33 -44.66 8.73
C GLU H 264 -2.09 -44.77 7.84
N THR H 265 -1.64 -45.99 7.58
CA THR H 265 -0.50 -46.22 6.68
C THR H 265 -0.76 -45.72 5.27
N THR H 266 -1.72 -46.36 4.63
CA THR H 266 -2.22 -45.96 3.32
C THR H 266 -2.25 -44.44 3.16
N ARG H 267 -2.79 -43.75 4.16
CA ARG H 267 -2.76 -42.29 4.15
C ARG H 267 -1.35 -41.75 3.87
N PHE H 268 -0.39 -42.13 4.71
CA PHE H 268 0.98 -41.67 4.54
C PHE H 268 1.47 -41.95 3.12
N TYR H 269 1.14 -43.12 2.59
CA TYR H 269 1.56 -43.47 1.24
C TYR H 269 1.05 -42.46 0.20
N VAL H 270 -0.21 -42.03 0.35
CA VAL H 270 -0.76 -40.97 -0.48
C VAL H 270 0.15 -39.72 -0.49
N ASP H 271 0.88 -39.51 0.61
CA ASP H 271 1.75 -38.35 0.77
C ASP H 271 2.99 -38.37 -0.13
N TYR H 272 3.25 -39.50 -0.78
CA TYR H 272 4.35 -39.58 -1.71
C TYR H 272 4.05 -38.83 -3.02
N ASP H 273 2.76 -38.73 -3.36
CA ASP H 273 2.26 -38.04 -4.57
C ASP H 273 2.09 -38.98 -5.73
N ASP H 274 2.95 -39.98 -5.79
CA ASP H 274 2.90 -40.93 -6.87
C ASP H 274 1.63 -41.76 -6.73
N LEU H 275 0.54 -41.29 -7.32
CA LEU H 275 -0.72 -42.00 -7.27
C LEU H 275 -0.58 -43.38 -7.87
N MET H 276 0.61 -43.66 -8.41
CA MET H 276 0.87 -44.90 -9.15
C MET H 276 1.84 -45.80 -8.40
N LEU H 277 2.33 -45.32 -7.25
CA LEU H 277 3.32 -46.05 -6.48
C LEU H 277 2.77 -47.39 -6.04
N SER H 278 3.51 -48.46 -6.29
CA SER H 278 3.03 -49.80 -5.95
C SER H 278 2.55 -49.88 -4.51
N LEU H 279 3.32 -49.30 -3.60
CA LEU H 279 2.96 -49.29 -2.20
C LEU H 279 1.53 -48.79 -2.01
N LEU H 280 1.30 -47.51 -2.31
CA LEU H 280 -0.04 -46.94 -2.15
C LEU H 280 -1.10 -47.77 -2.86
N LYS H 281 -0.71 -48.40 -3.96
CA LYS H 281 -1.68 -49.20 -4.70
C LYS H 281 -1.96 -50.47 -3.89
N GLU H 282 -0.89 -51.13 -3.46
CA GLU H 282 -1.01 -52.35 -2.67
C GLU H 282 -1.72 -52.06 -1.36
N ALA H 283 -1.22 -51.07 -0.63
CA ALA H 283 -1.86 -50.63 0.60
C ALA H 283 -3.37 -50.50 0.43
N ALA H 284 -3.79 -49.89 -0.69
CA ALA H 284 -5.21 -49.69 -0.97
C ALA H 284 -5.91 -51.01 -1.19
N LYS H 285 -5.21 -51.95 -1.80
CA LYS H 285 -5.78 -53.27 -2.03
C LYS H 285 -5.90 -54.04 -0.71
N LYS H 286 -4.88 -53.91 0.14
CA LYS H 286 -4.87 -54.54 1.46
C LYS H 286 -6.04 -54.04 2.28
N MET H 287 -6.19 -52.73 2.33
CA MET H 287 -7.31 -52.11 3.04
C MET H 287 -8.63 -52.79 2.72
N ILE H 288 -8.83 -53.14 1.44
CA ILE H 288 -10.07 -53.78 1.00
C ILE H 288 -10.16 -55.23 1.52
N ASN H 289 -9.03 -55.90 1.60
CA ASN H 289 -9.00 -57.21 2.23
C ASN H 289 -9.23 -57.09 3.72
N THR H 290 -8.36 -56.37 4.40
CA THR H 290 -8.51 -56.16 5.84
C THR H 290 -9.96 -55.86 6.18
N CYS H 291 -10.63 -55.02 5.40
CA CYS H 291 -12.05 -54.72 5.63
C CYS H 291 -12.90 -55.98 5.47
N ASN H 292 -12.75 -56.63 4.33
CA ASN H 292 -13.55 -57.80 4.04
C ASN H 292 -13.49 -58.86 5.15
N GLU H 293 -12.29 -59.11 5.67
CA GLU H 293 -12.12 -60.09 6.74
C GLU H 293 -12.82 -59.66 8.03
N TYR H 294 -12.81 -58.34 8.28
CA TYR H 294 -13.50 -57.75 9.41
C TYR H 294 -15.01 -58.00 9.37
N GLN H 295 -15.57 -58.12 8.16
CA GLN H 295 -16.99 -58.34 7.99
C GLN H 295 -17.37 -59.80 8.20
N LYS H 296 -16.47 -60.69 7.81
CA LYS H 296 -16.74 -62.13 7.82
C LYS H 296 -16.73 -62.68 9.23
N ARG H 297 -15.60 -62.53 9.92
CA ARG H 297 -15.52 -62.92 11.32
C ARG H 297 -16.50 -62.08 12.13
N HIS H 298 -16.27 -60.77 12.08
CA HIS H 298 -17.05 -59.81 12.85
C HIS H 298 -18.23 -59.28 12.04
N LYS I 14 -77.22 -44.24 103.49
CA LYS I 14 -76.41 -45.44 103.30
C LYS I 14 -77.27 -46.60 102.80
N THR I 15 -78.22 -46.30 101.93
CA THR I 15 -79.09 -47.31 101.34
C THR I 15 -78.77 -47.45 99.86
N VAL I 16 -78.50 -46.32 99.22
CA VAL I 16 -78.21 -46.29 97.79
C VAL I 16 -76.78 -46.74 97.51
N GLU I 17 -75.92 -46.64 98.53
CA GLU I 17 -74.50 -46.96 98.38
C GLU I 17 -74.27 -48.38 97.85
N VAL I 18 -75.28 -49.23 97.98
CA VAL I 18 -75.18 -50.58 97.43
C VAL I 18 -75.16 -50.52 95.92
N VAL I 19 -76.07 -49.74 95.35
CA VAL I 19 -76.13 -49.53 93.91
C VAL I 19 -74.80 -48.98 93.40
N LYS I 20 -74.34 -47.90 94.03
CA LYS I 20 -73.05 -47.31 93.71
C LYS I 20 -71.95 -48.36 93.72
N ASN I 21 -71.76 -49.04 94.84
CA ASN I 21 -70.73 -50.05 94.95
C ASN I 21 -70.86 -51.11 93.85
N ALA I 22 -72.10 -51.47 93.54
CA ALA I 22 -72.39 -52.48 92.52
C ALA I 22 -72.09 -51.95 91.13
N ILE I 23 -72.41 -50.68 90.91
CA ILE I 23 -72.13 -50.03 89.64
C ILE I 23 -70.63 -50.19 89.36
N GLU I 24 -69.81 -49.89 90.35
CA GLU I 24 -68.36 -49.95 90.20
C GLU I 24 -67.90 -51.40 90.04
N THR I 25 -68.57 -52.31 90.73
CA THR I 25 -68.28 -53.72 90.57
C THR I 25 -68.48 -54.11 89.11
N ALA I 26 -69.61 -53.69 88.56
CA ALA I 26 -69.97 -54.01 87.19
C ALA I 26 -68.98 -53.43 86.19
N ASP I 27 -68.43 -52.26 86.53
CA ASP I 27 -67.45 -51.61 85.65
C ASP I 27 -66.24 -52.52 85.47
N GLY I 28 -65.51 -52.73 86.55
CA GLY I 28 -64.38 -53.64 86.55
C GLY I 28 -64.72 -55.03 86.03
N ALA I 29 -66.01 -55.37 86.04
CA ALA I 29 -66.46 -56.62 85.42
C ALA I 29 -66.15 -56.57 83.93
N LEU I 30 -66.77 -55.62 83.21
CA LEU I 30 -66.49 -55.42 81.80
C LEU I 30 -65.01 -55.52 81.57
N ASP I 31 -64.25 -54.68 82.29
CA ASP I 31 -62.81 -54.59 82.11
C ASP I 31 -62.15 -55.97 82.05
N LEU I 32 -62.26 -56.74 83.12
CA LEU I 32 -61.73 -58.09 83.13
C LEU I 32 -62.29 -58.87 81.96
N TYR I 33 -63.57 -58.64 81.66
CA TYR I 33 -64.26 -59.36 80.60
C TYR I 33 -63.52 -59.25 79.29
N ASN I 34 -63.39 -58.02 78.82
CA ASN I 34 -62.64 -57.71 77.61
C ASN I 34 -61.19 -58.17 77.72
N LYS I 35 -60.52 -57.68 78.76
CA LYS I 35 -59.14 -58.08 79.01
C LYS I 35 -58.92 -59.54 78.66
N TYR I 36 -59.86 -60.40 79.07
CA TYR I 36 -59.79 -61.83 78.79
C TYR I 36 -60.24 -62.13 77.35
N LEU I 37 -61.37 -61.53 76.97
CA LEU I 37 -61.93 -61.70 75.64
C LEU I 37 -60.89 -61.41 74.56
N ASP I 38 -60.04 -60.42 74.83
CA ASP I 38 -58.95 -60.09 73.92
C ASP I 38 -57.87 -61.16 73.92
N GLN I 39 -57.43 -61.56 75.10
CA GLN I 39 -56.47 -62.66 75.21
C GLN I 39 -57.00 -63.87 74.44
N VAL I 40 -58.32 -63.99 74.40
CA VAL I 40 -59.00 -65.12 73.79
C VAL I 40 -59.18 -64.95 72.30
N ILE I 41 -59.47 -63.73 71.88
CA ILE I 41 -59.67 -63.43 70.46
C ILE I 41 -58.69 -62.34 70.03
N PRO I 42 -57.56 -62.76 69.43
CA PRO I 42 -56.43 -61.88 69.08
C PRO I 42 -56.76 -60.95 67.92
N TRP I 43 -57.79 -60.13 68.08
CA TRP I 43 -58.15 -59.20 67.02
C TRP I 43 -56.99 -58.23 66.78
N GLN I 44 -56.30 -57.87 67.87
CA GLN I 44 -55.12 -57.03 67.78
C GLN I 44 -54.16 -57.65 66.78
N THR I 45 -53.75 -58.88 67.06
CA THR I 45 -52.80 -59.61 66.22
C THR I 45 -53.34 -59.81 64.81
N PHE I 46 -54.63 -60.14 64.69
CA PHE I 46 -55.26 -60.32 63.39
C PHE I 46 -55.23 -59.03 62.58
N ASP I 47 -55.78 -57.97 63.16
CA ASP I 47 -55.79 -56.67 62.50
C ASP I 47 -54.37 -56.25 62.10
N GLU I 48 -53.46 -56.22 63.07
CA GLU I 48 -52.06 -55.89 62.80
C GLU I 48 -51.53 -56.69 61.60
N THR I 49 -51.76 -57.99 61.65
CA THR I 49 -51.28 -58.88 60.61
C THR I 49 -51.84 -58.46 59.26
N ILE I 50 -53.10 -58.03 59.24
CA ILE I 50 -53.74 -57.57 58.01
C ILE I 50 -53.07 -56.33 57.46
N LYS I 51 -52.88 -55.34 58.32
CA LYS I 51 -52.25 -54.08 57.91
C LYS I 51 -50.90 -54.30 57.24
N GLU I 52 -49.95 -54.87 57.98
CA GLU I 52 -48.59 -55.00 57.46
C GLU I 52 -48.54 -55.65 56.08
N LEU I 53 -49.42 -56.61 55.82
CA LEU I 53 -49.41 -57.23 54.50
C LEU I 53 -50.31 -56.48 53.52
N SER I 54 -51.07 -55.52 54.03
CA SER I 54 -51.78 -54.58 53.19
C SER I 54 -50.76 -53.56 52.69
N ARG I 55 -49.94 -53.08 53.62
CA ARG I 55 -48.83 -52.18 53.30
C ARG I 55 -48.00 -52.75 52.15
N PHE I 56 -47.68 -54.04 52.22
CA PHE I 56 -46.93 -54.70 51.15
C PHE I 56 -47.60 -54.40 49.81
N LYS I 57 -48.84 -54.85 49.67
CA LYS I 57 -49.61 -54.62 48.45
C LYS I 57 -49.58 -53.15 48.04
N GLN I 58 -49.56 -52.26 49.04
CA GLN I 58 -49.58 -50.83 48.82
C GLN I 58 -48.24 -50.33 48.25
N GLU I 59 -47.22 -50.33 49.09
CA GLU I 59 -45.90 -49.82 48.72
C GLU I 59 -45.47 -50.21 47.30
N TYR I 60 -45.64 -51.48 46.95
CA TYR I 60 -45.27 -51.94 45.62
C TYR I 60 -46.19 -51.40 44.53
N SER I 61 -47.48 -51.37 44.81
CA SER I 61 -48.40 -50.73 43.88
C SER I 61 -47.82 -49.37 43.56
N GLN I 62 -47.58 -48.57 44.60
CA GLN I 62 -46.96 -47.27 44.44
C GLN I 62 -45.79 -47.30 43.44
N ALA I 63 -44.74 -48.03 43.79
CA ALA I 63 -43.55 -48.12 42.97
C ALA I 63 -43.91 -48.46 41.55
N ALA I 64 -44.39 -49.68 41.33
CA ALA I 64 -44.71 -50.15 39.99
C ALA I 64 -45.52 -49.11 39.22
N SER I 65 -46.53 -48.54 39.86
CA SER I 65 -47.36 -47.52 39.23
C SER I 65 -46.50 -46.43 38.62
N VAL I 66 -45.83 -45.67 39.48
CA VAL I 66 -44.98 -44.57 39.01
C VAL I 66 -43.92 -44.97 37.96
N LEU I 67 -43.26 -46.13 38.16
CA LEU I 67 -42.29 -46.60 37.19
C LEU I 67 -42.96 -46.91 35.86
N VAL I 68 -43.92 -47.82 35.90
CA VAL I 68 -44.67 -48.18 34.71
C VAL I 68 -45.18 -46.93 33.97
N GLY I 69 -45.44 -45.87 34.73
CA GLY I 69 -45.88 -44.61 34.17
C GLY I 69 -44.76 -43.92 33.43
N ASP I 70 -43.63 -43.79 34.11
CA ASP I 70 -42.44 -43.21 33.49
C ASP I 70 -42.09 -43.96 32.20
N ILE I 71 -42.10 -45.28 32.26
CA ILE I 71 -41.84 -46.10 31.10
C ILE I 71 -42.71 -45.67 29.93
N LYS I 72 -44.00 -45.40 30.20
CA LYS I 72 -44.89 -45.00 29.12
C LYS I 72 -44.42 -43.69 28.54
N THR I 73 -44.30 -42.68 29.40
CA THR I 73 -43.69 -41.42 28.98
C THR I 73 -42.50 -41.70 28.05
N LEU I 74 -41.54 -42.49 28.54
CA LEU I 74 -40.35 -42.83 27.76
C LEU I 74 -40.68 -43.43 26.42
N LEU I 75 -41.59 -44.39 26.42
CA LEU I 75 -42.01 -45.00 25.17
C LEU I 75 -42.59 -43.96 24.23
N MET I 76 -43.53 -43.17 24.72
CA MET I 76 -44.14 -42.11 23.93
C MET I 76 -43.09 -41.11 23.44
N ASP I 77 -42.16 -40.75 24.33
CA ASP I 77 -41.04 -39.89 23.95
C ASP I 77 -40.33 -40.41 22.69
N SER I 78 -39.92 -41.66 22.74
CA SER I 78 -39.27 -42.32 21.62
C SER I 78 -40.08 -42.18 20.37
N GLN I 79 -41.32 -42.67 20.41
CA GLN I 79 -42.19 -42.64 19.25
C GLN I 79 -42.09 -41.31 18.51
N ASP I 80 -42.28 -40.21 19.23
CA ASP I 80 -42.19 -38.89 18.62
C ASP I 80 -40.82 -38.70 17.97
N LYS I 81 -39.76 -39.06 18.70
CA LYS I 81 -38.41 -38.92 18.17
C LYS I 81 -38.15 -39.79 16.93
N TYR I 82 -38.77 -40.97 16.89
CA TYR I 82 -38.71 -41.82 15.72
C TYR I 82 -39.38 -41.14 14.53
N PHE I 83 -40.62 -40.73 14.74
CA PHE I 83 -41.39 -40.00 13.73
C PHE I 83 -40.57 -38.88 13.12
N GLU I 84 -40.15 -37.96 13.97
CA GLU I 84 -39.23 -36.89 13.57
C GLU I 84 -38.16 -37.46 12.65
N ALA I 85 -37.28 -38.28 13.22
CA ALA I 85 -36.16 -38.87 12.48
C ALA I 85 -36.57 -39.35 11.10
N THR I 86 -37.50 -40.31 11.07
CA THR I 86 -37.95 -40.87 9.81
C THR I 86 -38.48 -39.80 8.88
N GLN I 87 -39.35 -38.94 9.43
CA GLN I 87 -40.01 -37.91 8.64
C GLN I 87 -38.95 -37.02 8.01
N THR I 88 -38.06 -36.50 8.86
CA THR I 88 -36.93 -35.72 8.39
C THR I 88 -36.28 -36.35 7.16
N VAL I 89 -35.96 -37.64 7.28
CA VAL I 89 -35.36 -38.38 6.18
C VAL I 89 -36.27 -38.42 4.96
N TYR I 90 -37.49 -38.93 5.14
CA TYR I 90 -38.47 -38.98 4.06
C TYR I 90 -38.59 -37.66 3.26
N GLU I 91 -38.37 -36.55 3.95
CA GLU I 91 -38.44 -35.24 3.32
C GLU I 91 -37.24 -35.05 2.38
N TRP I 92 -36.04 -35.22 2.92
CA TRP I 92 -34.84 -35.06 2.11
C TRP I 92 -34.74 -36.14 1.03
N CYS I 93 -34.90 -37.38 1.46
CA CYS I 93 -34.82 -38.52 0.56
C CYS I 93 -35.73 -38.25 -0.64
N GLY I 94 -36.58 -37.25 -0.50
CA GLY I 94 -37.63 -37.00 -1.48
C GLY I 94 -37.30 -35.90 -2.44
N VAL I 95 -36.83 -34.77 -1.91
CA VAL I 95 -36.29 -33.74 -2.79
C VAL I 95 -35.12 -34.33 -3.57
N ALA I 96 -34.26 -35.04 -2.85
CA ALA I 96 -33.08 -35.68 -3.44
C ALA I 96 -33.39 -36.47 -4.71
N THR I 97 -34.33 -37.41 -4.65
CA THR I 97 -34.61 -38.27 -5.80
C THR I 97 -34.89 -37.46 -7.05
N GLN I 98 -35.72 -36.43 -6.89
CA GLN I 98 -36.03 -35.53 -7.99
C GLN I 98 -34.76 -34.95 -8.64
N LEU I 99 -33.82 -34.53 -7.79
CA LEU I 99 -32.61 -33.90 -8.25
C LEU I 99 -31.65 -34.89 -8.93
N LEU I 100 -31.41 -36.04 -8.31
CA LEU I 100 -30.60 -37.07 -8.93
C LEU I 100 -31.22 -37.44 -10.27
N ALA I 101 -32.54 -37.51 -10.29
CA ALA I 101 -33.26 -37.88 -11.50
C ALA I 101 -33.01 -36.86 -12.60
N ALA I 102 -33.07 -35.60 -12.21
CA ALA I 102 -32.82 -34.49 -13.12
C ALA I 102 -31.39 -34.55 -13.61
N TYR I 103 -30.45 -34.73 -12.70
CA TYR I 103 -29.04 -34.80 -13.07
C TYR I 103 -28.83 -35.90 -14.10
N ILE I 104 -29.42 -37.07 -13.83
CA ILE I 104 -29.32 -38.20 -14.75
C ILE I 104 -29.90 -37.86 -16.14
N LEU I 105 -30.92 -37.02 -16.15
CA LEU I 105 -31.59 -36.63 -17.38
C LEU I 105 -30.85 -35.53 -18.13
N LEU I 106 -30.60 -34.41 -17.46
CA LEU I 106 -30.02 -33.25 -18.12
C LEU I 106 -28.62 -33.53 -18.65
N PHE I 107 -27.98 -34.57 -18.12
CA PHE I 107 -26.65 -34.95 -18.58
C PHE I 107 -26.58 -36.29 -19.29
N ASP I 108 -27.59 -36.58 -20.10
CA ASP I 108 -27.51 -37.75 -20.95
C ASP I 108 -26.31 -37.48 -21.82
N GLU I 109 -26.38 -36.37 -22.54
CA GLU I 109 -25.24 -35.81 -23.25
C GLU I 109 -24.83 -34.59 -22.45
N TYR I 110 -23.53 -34.46 -22.21
CA TYR I 110 -23.00 -33.39 -21.36
C TYR I 110 -23.57 -32.01 -21.69
N ASN I 111 -24.13 -31.35 -20.68
CA ASN I 111 -24.67 -30.01 -20.84
C ASN I 111 -23.68 -28.98 -20.32
N GLU I 112 -22.95 -28.34 -21.23
CA GLU I 112 -21.78 -27.55 -20.86
C GLU I 112 -22.10 -26.37 -19.96
N LYS I 113 -23.29 -25.82 -20.12
CA LYS I 113 -23.65 -24.60 -19.41
C LYS I 113 -24.11 -24.91 -17.99
N LYS I 114 -25.03 -25.85 -17.89
CA LYS I 114 -25.54 -26.23 -16.59
C LYS I 114 -24.52 -27.06 -15.79
N ALA I 115 -23.42 -27.42 -16.43
CA ALA I 115 -22.43 -28.30 -15.80
C ALA I 115 -21.98 -27.81 -14.44
N SER I 116 -21.59 -26.54 -14.35
CA SER I 116 -21.09 -26.01 -13.09
C SER I 116 -22.16 -26.01 -12.00
N ALA I 117 -23.39 -25.66 -12.36
CA ALA I 117 -24.49 -25.69 -11.38
C ALA I 117 -24.75 -27.10 -10.92
N GLN I 118 -25.01 -27.97 -11.88
CA GLN I 118 -25.33 -29.36 -11.57
C GLN I 118 -24.38 -29.89 -10.51
N LYS I 119 -23.11 -29.55 -10.66
CA LYS I 119 -22.07 -29.97 -9.72
C LYS I 119 -22.34 -29.38 -8.35
N ASP I 120 -22.47 -28.06 -8.28
CA ASP I 120 -22.77 -27.36 -7.05
C ASP I 120 -24.03 -27.94 -6.41
N ILE I 121 -25.06 -28.10 -7.23
CA ILE I 121 -26.30 -28.72 -6.75
C ILE I 121 -26.06 -30.11 -6.15
N LEU I 122 -25.53 -31.04 -6.96
CA LEU I 122 -25.24 -32.38 -6.46
C LEU I 122 -24.56 -32.33 -5.10
N ILE I 123 -23.66 -31.37 -4.93
CA ILE I 123 -22.97 -31.22 -3.66
C ILE I 123 -23.90 -30.82 -2.51
N LYS I 124 -24.59 -29.68 -2.66
CA LYS I 124 -25.50 -29.21 -1.61
C LYS I 124 -26.50 -30.31 -1.21
N VAL I 125 -27.33 -30.74 -2.15
CA VAL I 125 -28.31 -31.77 -1.85
C VAL I 125 -27.68 -33.00 -1.19
N LEU I 126 -26.55 -33.45 -1.69
CA LEU I 126 -25.89 -34.61 -1.08
C LEU I 126 -25.35 -34.26 0.31
N ASP I 127 -24.47 -33.28 0.35
CA ASP I 127 -23.94 -32.76 1.60
C ASP I 127 -25.04 -32.60 2.64
N ASP I 128 -26.14 -31.97 2.23
CA ASP I 128 -27.27 -31.70 3.12
C ASP I 128 -27.86 -32.99 3.72
N GLY I 129 -28.39 -33.86 2.88
CA GLY I 129 -28.92 -35.13 3.36
C GLY I 129 -27.94 -35.87 4.23
N ILE I 130 -26.66 -35.83 3.86
CA ILE I 130 -25.61 -36.49 4.62
C ILE I 130 -25.64 -36.02 6.06
N THR I 131 -25.76 -34.71 6.26
CA THR I 131 -25.87 -34.17 7.59
C THR I 131 -27.18 -34.58 8.23
N LYS I 132 -28.28 -34.26 7.54
CA LYS I 132 -29.59 -34.57 8.03
C LYS I 132 -29.70 -36.03 8.44
N LEU I 133 -29.19 -36.90 7.56
CA LEU I 133 -29.25 -38.34 7.80
C LEU I 133 -28.51 -38.69 9.07
N ASN I 134 -27.31 -38.14 9.22
CA ASN I 134 -26.52 -38.38 10.41
C ASN I 134 -27.32 -38.05 11.68
N GLU I 135 -27.79 -36.81 11.77
CA GLU I 135 -28.49 -36.34 12.95
C GLU I 135 -29.67 -37.24 13.26
N ALA I 136 -30.33 -37.75 12.23
CA ALA I 136 -31.46 -38.64 12.43
C ALA I 136 -31.02 -39.81 13.29
N GLN I 137 -29.90 -40.40 12.88
CA GLN I 137 -29.33 -41.54 13.56
C GLN I 137 -29.04 -41.23 15.03
N LYS I 138 -28.31 -40.15 15.27
CA LYS I 138 -27.95 -39.78 16.63
C LYS I 138 -29.22 -39.59 17.46
N SER I 139 -30.19 -38.88 16.91
CA SER I 139 -31.46 -38.68 17.59
C SER I 139 -32.02 -40.03 18.03
N LEU I 140 -32.03 -40.99 17.10
CA LEU I 140 -32.59 -42.32 17.36
C LEU I 140 -31.79 -43.07 18.41
N LEU I 141 -30.47 -43.04 18.26
CA LEU I 141 -29.56 -43.69 19.17
C LEU I 141 -29.79 -43.19 20.59
N VAL I 142 -29.89 -41.87 20.74
CA VAL I 142 -30.15 -41.28 22.04
C VAL I 142 -31.50 -41.73 22.62
N SER I 143 -32.50 -41.82 21.76
CA SER I 143 -33.79 -42.32 22.22
C SER I 143 -33.62 -43.73 22.77
N SER I 144 -32.84 -44.55 22.08
CA SER I 144 -32.62 -45.92 22.54
C SER I 144 -31.98 -45.93 23.93
N GLN I 145 -30.96 -45.10 24.09
CA GLN I 145 -30.25 -45.01 25.35
C GLN I 145 -31.17 -44.62 26.51
N SER I 146 -32.26 -43.91 26.19
CA SER I 146 -33.17 -43.38 27.21
C SER I 146 -33.75 -44.47 28.12
N PHE I 147 -34.25 -45.54 27.52
CA PHE I 147 -34.90 -46.61 28.26
C PHE I 147 -33.96 -47.35 29.22
N ASN I 148 -32.66 -47.21 29.02
CA ASN I 148 -31.71 -48.02 29.75
C ASN I 148 -31.85 -47.92 31.26
N ASN I 149 -31.90 -46.70 31.78
CA ASN I 149 -32.00 -46.51 33.22
C ASN I 149 -33.27 -47.17 33.76
N ALA I 150 -34.40 -46.77 33.17
CA ALA I 150 -35.68 -47.37 33.51
C ALA I 150 -35.63 -48.91 33.48
N SER I 151 -35.05 -49.46 32.42
CA SER I 151 -34.98 -50.90 32.26
C SER I 151 -34.33 -51.56 33.48
N GLY I 152 -33.37 -50.87 34.08
CA GLY I 152 -32.72 -51.36 35.29
C GLY I 152 -33.66 -51.29 36.48
N LYS I 153 -34.15 -50.08 36.76
CA LYS I 153 -35.12 -49.89 37.82
C LYS I 153 -36.22 -50.96 37.78
N LEU I 154 -36.68 -51.29 36.58
CA LEU I 154 -37.66 -52.36 36.40
C LEU I 154 -37.19 -53.65 37.04
N LEU I 155 -36.00 -54.10 36.67
CA LEU I 155 -35.48 -55.34 37.23
C LEU I 155 -35.31 -55.26 38.74
N ALA I 156 -34.73 -54.17 39.24
CA ALA I 156 -34.62 -54.01 40.69
C ALA I 156 -35.95 -54.32 41.36
N LEU I 157 -36.97 -53.57 40.97
CA LEU I 157 -38.32 -53.78 41.48
C LEU I 157 -38.69 -55.25 41.48
N ASP I 158 -38.69 -55.86 40.30
CA ASP I 158 -39.01 -57.29 40.19
C ASP I 158 -38.14 -58.13 41.11
N SER I 159 -36.82 -58.03 40.93
CA SER I 159 -35.88 -58.74 41.79
C SER I 159 -36.37 -58.76 43.24
N GLN I 160 -36.70 -57.57 43.76
CA GLN I 160 -37.07 -57.42 45.17
C GLN I 160 -38.50 -57.91 45.50
N LEU I 161 -39.48 -57.38 44.78
CA LEU I 161 -40.86 -57.82 44.93
C LEU I 161 -40.95 -59.33 44.94
N THR I 162 -40.03 -59.99 44.25
CA THR I 162 -40.03 -61.45 44.26
C THR I 162 -39.50 -61.95 45.60
N ASN I 163 -38.30 -61.48 45.96
CA ASN I 163 -37.71 -61.84 47.24
C ASN I 163 -38.60 -61.42 48.40
N ASP I 164 -39.16 -60.23 48.29
CA ASP I 164 -39.94 -59.63 49.38
C ASP I 164 -41.26 -60.36 49.60
N PHE I 165 -41.79 -60.95 48.53
CA PHE I 165 -43.07 -61.63 48.58
C PHE I 165 -42.97 -62.92 49.38
N SER I 166 -41.90 -63.66 49.15
CA SER I 166 -41.65 -64.88 49.91
C SER I 166 -41.42 -64.54 51.37
N GLU I 167 -40.94 -63.33 51.63
CA GLU I 167 -40.70 -62.88 53.00
C GLU I 167 -42.01 -62.59 53.76
N LYS I 168 -43.03 -62.17 53.02
CA LYS I 168 -44.33 -61.95 53.64
C LYS I 168 -45.05 -63.28 53.80
N SER I 169 -44.91 -64.16 52.81
CA SER I 169 -45.51 -65.49 52.92
C SER I 169 -44.98 -66.25 54.13
N SER I 170 -43.74 -65.96 54.50
CA SER I 170 -43.14 -66.51 55.72
C SER I 170 -43.73 -65.82 56.94
N TYR I 171 -43.86 -64.50 56.85
CA TYR I 171 -44.42 -63.69 57.93
C TYR I 171 -45.87 -64.06 58.20
N PHE I 172 -46.57 -64.47 57.15
CA PHE I 172 -47.96 -64.89 57.31
C PHE I 172 -48.08 -66.04 58.30
N GLN I 173 -47.59 -67.21 57.90
CA GLN I 173 -47.70 -68.39 58.75
C GLN I 173 -47.08 -68.15 60.12
N SER I 174 -45.94 -67.47 60.16
CA SER I 174 -45.29 -67.16 61.43
C SER I 174 -46.20 -66.28 62.28
N GLN I 175 -47.14 -65.63 61.61
CA GLN I 175 -48.05 -64.71 62.28
C GLN I 175 -49.35 -65.41 62.71
N VAL I 176 -49.98 -66.17 61.80
CA VAL I 176 -51.19 -66.92 62.14
C VAL I 176 -50.91 -67.84 63.32
N ASP I 177 -49.67 -68.34 63.36
CA ASP I 177 -49.21 -69.10 64.51
C ASP I 177 -49.37 -68.26 65.76
N LYS I 178 -48.77 -67.06 65.75
CA LYS I 178 -48.91 -66.17 66.90
C LYS I 178 -50.37 -66.07 67.33
N ILE I 179 -51.27 -66.15 66.36
CA ILE I 179 -52.70 -66.03 66.66
C ILE I 179 -53.25 -67.23 67.44
N ARG I 180 -52.88 -68.44 67.02
CA ARG I 180 -53.28 -69.64 67.75
C ARG I 180 -52.69 -69.60 69.16
N LYS I 181 -51.36 -69.45 69.21
CA LYS I 181 -50.63 -69.45 70.47
C LYS I 181 -51.22 -68.45 71.46
N GLU I 182 -51.73 -67.33 70.95
CA GLU I 182 -52.33 -66.32 71.82
C GLU I 182 -53.72 -66.72 72.27
N ALA I 183 -54.47 -67.35 71.37
CA ALA I 183 -55.88 -67.67 71.62
C ALA I 183 -56.04 -68.92 72.49
N TYR I 184 -55.22 -69.93 72.23
CA TYR I 184 -55.34 -71.17 72.99
C TYR I 184 -54.68 -71.09 74.36
N ALA I 185 -53.62 -70.31 74.47
CA ALA I 185 -53.09 -70.00 75.79
C ALA I 185 -54.17 -69.29 76.60
N GLY I 186 -55.12 -68.70 75.88
CA GLY I 186 -56.25 -68.00 76.50
C GLY I 186 -57.37 -68.93 76.90
N ALA I 187 -57.84 -69.74 75.97
CA ALA I 187 -58.88 -70.74 76.30
C ALA I 187 -58.35 -71.64 77.39
N ALA I 188 -57.21 -72.26 77.12
CA ALA I 188 -56.54 -73.09 78.10
C ALA I 188 -56.60 -72.48 79.49
N ALA I 189 -56.63 -71.16 79.58
CA ALA I 189 -56.65 -70.46 80.86
C ALA I 189 -57.95 -70.66 81.64
N GLY I 190 -58.90 -71.37 81.03
CA GLY I 190 -60.17 -71.67 81.67
C GLY I 190 -60.12 -72.79 82.68
N VAL I 191 -58.98 -73.47 82.77
CA VAL I 191 -58.76 -74.52 83.74
C VAL I 191 -59.14 -74.06 85.16
N VAL I 192 -59.02 -72.75 85.42
CA VAL I 192 -59.37 -72.20 86.73
C VAL I 192 -60.85 -72.37 87.05
N ALA I 193 -61.72 -71.80 86.22
CA ALA I 193 -63.14 -72.05 86.34
C ALA I 193 -63.48 -73.39 85.69
N GLY I 194 -64.69 -73.90 85.95
CA GLY I 194 -65.07 -75.26 85.57
C GLY I 194 -64.79 -75.66 84.13
N PRO I 195 -64.68 -76.98 83.88
CA PRO I 195 -64.44 -77.48 82.51
C PRO I 195 -65.55 -77.07 81.55
N PHE I 196 -66.77 -76.93 82.04
CA PHE I 196 -67.86 -76.40 81.23
C PHE I 196 -67.50 -74.98 80.80
N GLY I 197 -66.63 -74.35 81.59
CA GLY I 197 -66.09 -73.05 81.25
C GLY I 197 -65.21 -73.14 80.03
N LEU I 198 -64.48 -74.25 79.87
CA LEU I 198 -63.67 -74.46 78.68
C LEU I 198 -64.53 -74.52 77.42
N ILE I 199 -65.59 -75.31 77.45
CA ILE I 199 -66.52 -75.35 76.34
C ILE I 199 -66.89 -73.93 75.89
N ILE I 200 -67.33 -73.10 76.83
CA ILE I 200 -67.64 -71.72 76.54
C ILE I 200 -66.42 -70.96 76.00
N SER I 201 -65.32 -71.04 76.74
CA SER I 201 -64.08 -70.33 76.40
C SER I 201 -63.53 -70.73 75.03
N TYR I 202 -63.30 -72.02 74.90
CA TYR I 202 -62.74 -72.61 73.70
C TYR I 202 -63.66 -72.42 72.47
N SER I 203 -64.97 -72.51 72.66
CA SER I 203 -65.90 -72.18 71.57
C SER I 203 -65.75 -70.72 71.17
N ILE I 204 -65.72 -69.84 72.16
CA ILE I 204 -65.48 -68.43 71.91
C ILE I 204 -64.20 -68.23 71.10
N ALA I 205 -63.17 -69.02 71.40
CA ALA I 205 -61.86 -68.84 70.78
C ALA I 205 -61.69 -69.59 69.47
N ALA I 206 -61.34 -70.87 69.56
CA ALA I 206 -61.14 -71.71 68.39
C ALA I 206 -62.24 -71.48 67.36
N GLY I 207 -63.46 -71.25 67.84
CA GLY I 207 -64.58 -70.94 66.96
C GLY I 207 -64.36 -69.69 66.13
N VAL I 208 -64.20 -68.55 66.80
CA VAL I 208 -64.00 -67.29 66.11
C VAL I 208 -62.67 -67.28 65.32
N VAL I 209 -61.63 -67.86 65.89
CA VAL I 209 -60.34 -67.89 65.24
C VAL I 209 -60.41 -68.72 63.97
N GLU I 210 -60.71 -70.00 64.13
CA GLU I 210 -60.76 -70.92 63.00
C GLU I 210 -61.99 -70.66 62.14
N GLY I 211 -62.88 -69.81 62.66
CA GLY I 211 -64.11 -69.47 61.97
C GLY I 211 -63.96 -68.37 60.94
N LYS I 212 -63.56 -67.17 61.36
CA LYS I 212 -63.35 -66.07 60.43
C LYS I 212 -61.87 -65.69 60.30
N LEU I 213 -61.15 -65.65 61.42
CA LEU I 213 -59.77 -65.12 61.42
C LEU I 213 -58.78 -65.81 60.48
N ILE I 214 -58.37 -67.03 60.82
CA ILE I 214 -57.39 -67.74 60.00
C ILE I 214 -57.75 -67.73 58.52
N PRO I 215 -59.02 -68.06 58.20
CA PRO I 215 -59.47 -68.07 56.81
C PRO I 215 -59.32 -66.71 56.16
N GLU I 216 -59.67 -65.66 56.90
CA GLU I 216 -59.49 -64.28 56.43
C GLU I 216 -58.04 -64.02 56.03
N LEU I 217 -57.13 -64.40 56.93
CA LEU I 217 -55.70 -64.28 56.66
C LEU I 217 -55.31 -65.04 55.40
N LYS I 218 -55.71 -66.31 55.33
CA LYS I 218 -55.45 -67.12 54.14
C LYS I 218 -56.03 -66.44 52.91
N ASN I 219 -57.01 -65.57 53.12
CA ASN I 219 -57.63 -64.88 52.00
C ASN I 219 -56.74 -63.76 51.47
N LYS I 220 -56.20 -62.93 52.36
CA LYS I 220 -55.30 -61.86 51.92
C LYS I 220 -54.00 -62.42 51.37
N LEU I 221 -53.44 -63.43 52.03
CA LEU I 221 -52.24 -64.08 51.52
C LEU I 221 -52.46 -64.43 50.06
N LYS I 222 -53.70 -64.71 49.69
CA LYS I 222 -54.03 -65.01 48.31
C LYS I 222 -54.18 -63.74 47.48
N SER I 223 -54.89 -62.74 48.03
CA SER I 223 -55.07 -61.49 47.29
C SER I 223 -53.72 -60.83 47.00
N VAL I 224 -52.79 -61.02 47.92
CA VAL I 224 -51.41 -60.57 47.75
C VAL I 224 -50.74 -61.39 46.69
N GLN I 225 -50.61 -62.69 46.93
CA GLN I 225 -50.00 -63.60 45.97
C GLN I 225 -50.63 -63.44 44.60
N ASN I 226 -51.90 -63.04 44.59
CA ASN I 226 -52.61 -62.78 43.36
C ASN I 226 -52.08 -61.52 42.67
N PHE I 227 -51.96 -60.45 43.45
CA PHE I 227 -51.46 -59.17 42.96
C PHE I 227 -49.98 -59.23 42.62
N PHE I 228 -49.21 -59.90 43.48
CA PHE I 228 -47.80 -60.10 43.20
C PHE I 228 -47.65 -60.63 41.80
N THR I 229 -48.53 -61.54 41.45
CA THR I 229 -48.45 -62.13 40.13
C THR I 229 -48.78 -61.12 39.04
N THR I 230 -49.96 -60.52 39.11
CA THR I 230 -50.38 -59.57 38.08
C THR I 230 -49.31 -58.49 37.89
N LEU I 231 -48.73 -58.02 38.98
CA LEU I 231 -47.69 -57.01 38.92
C LEU I 231 -46.42 -57.56 38.26
N SER I 232 -45.99 -58.75 38.66
CA SER I 232 -44.79 -59.34 38.07
C SER I 232 -44.94 -59.42 36.56
N ASN I 233 -46.15 -59.74 36.11
CA ASN I 233 -46.47 -59.78 34.69
C ASN I 233 -46.54 -58.39 34.05
N THR I 234 -47.00 -57.41 34.82
CA THR I 234 -47.05 -56.05 34.34
C THR I 234 -45.62 -55.57 34.09
N VAL I 235 -44.68 -56.16 34.81
CA VAL I 235 -43.26 -55.87 34.62
C VAL I 235 -42.72 -56.55 33.40
N LYS I 236 -42.92 -57.87 33.30
CA LYS I 236 -42.50 -58.62 32.13
C LYS I 236 -42.95 -57.91 30.87
N GLN I 237 -44.14 -57.33 30.91
CA GLN I 237 -44.65 -56.58 29.76
C GLN I 237 -43.76 -55.39 29.44
N ALA I 238 -43.65 -54.46 30.38
CA ALA I 238 -42.78 -53.31 30.20
C ALA I 238 -41.40 -53.70 29.64
N ASN I 239 -40.76 -54.69 30.25
CA ASN I 239 -39.46 -55.16 29.77
C ASN I 239 -39.52 -55.58 28.32
N LYS I 240 -40.62 -56.20 27.92
CA LYS I 240 -40.80 -56.60 26.53
C LYS I 240 -41.07 -55.39 25.64
N ASP I 241 -41.87 -54.46 26.14
CA ASP I 241 -42.21 -53.23 25.39
C ASP I 241 -40.98 -52.39 25.13
N ILE I 242 -40.21 -52.15 26.20
CA ILE I 242 -39.02 -51.34 26.09
C ILE I 242 -38.07 -51.96 25.09
N ASP I 243 -37.88 -53.26 25.20
CA ASP I 243 -36.92 -53.95 24.35
C ASP I 243 -37.33 -53.85 22.89
N ALA I 244 -38.64 -53.96 22.64
CA ALA I 244 -39.17 -53.86 21.29
C ALA I 244 -38.90 -52.47 20.69
N ALA I 245 -39.04 -51.44 21.50
CA ALA I 245 -38.78 -50.08 21.06
C ALA I 245 -37.31 -49.94 20.69
N LYS I 246 -36.45 -50.40 21.59
CA LYS I 246 -35.01 -50.29 21.37
C LYS I 246 -34.61 -50.98 20.06
N LEU I 247 -35.28 -52.09 19.75
CA LEU I 247 -35.03 -52.82 18.51
C LEU I 247 -35.36 -51.92 17.33
N LYS I 248 -36.64 -51.60 17.20
CA LYS I 248 -37.13 -50.68 16.17
C LYS I 248 -36.15 -49.54 15.92
N LEU I 249 -35.70 -48.92 17.01
CA LEU I 249 -34.81 -47.78 16.91
C LEU I 249 -33.51 -48.09 16.20
N THR I 250 -32.77 -49.07 16.70
CA THR I 250 -31.47 -49.38 16.11
C THR I 250 -31.61 -49.90 14.68
N THR I 251 -32.60 -50.77 14.46
CA THR I 251 -32.81 -51.35 13.14
C THR I 251 -33.19 -50.26 12.13
N GLU I 252 -33.76 -49.16 12.63
CA GLU I 252 -33.98 -47.99 11.80
C GLU I 252 -32.67 -47.27 11.59
N ILE I 253 -32.00 -46.95 12.69
CA ILE I 253 -30.67 -46.35 12.64
C ILE I 253 -29.81 -46.93 11.52
N ALA I 254 -29.77 -48.25 11.46
CA ALA I 254 -28.90 -48.95 10.51
C ALA I 254 -29.46 -48.89 9.10
N ALA I 255 -30.79 -48.91 9.01
CA ALA I 255 -31.48 -48.79 7.73
C ALA I 255 -31.23 -47.44 7.14
N ILE I 256 -31.30 -46.40 7.97
CA ILE I 256 -30.90 -45.06 7.54
C ILE I 256 -29.43 -45.11 7.13
N GLY I 257 -28.66 -45.91 7.87
CA GLY I 257 -27.25 -46.10 7.61
C GLY I 257 -27.02 -46.45 6.17
N GLU I 258 -27.81 -47.40 5.66
CA GLU I 258 -27.67 -47.83 4.28
C GLU I 258 -27.66 -46.65 3.30
N ILE I 259 -28.64 -45.77 3.43
CA ILE I 259 -28.70 -44.60 2.57
C ILE I 259 -27.47 -43.73 2.78
N LYS I 260 -27.24 -43.34 4.03
CA LYS I 260 -26.10 -42.50 4.38
C LYS I 260 -24.87 -42.90 3.56
N THR I 261 -24.43 -44.15 3.72
CA THR I 261 -23.22 -44.60 3.05
C THR I 261 -23.29 -44.36 1.55
N GLU I 262 -24.39 -44.78 0.92
CA GLU I 262 -24.57 -44.59 -0.52
C GLU I 262 -24.42 -43.11 -0.88
N THR I 263 -25.16 -42.27 -0.16
CA THR I 263 -25.11 -40.84 -0.35
C THR I 263 -23.69 -40.34 -0.21
N GLU I 264 -23.09 -40.67 0.94
CA GLU I 264 -21.74 -40.23 1.25
C GLU I 264 -20.81 -40.61 0.11
N THR I 265 -20.98 -41.82 -0.43
CA THR I 265 -20.19 -42.28 -1.57
C THR I 265 -20.37 -41.39 -2.79
N THR I 266 -21.60 -41.40 -3.30
CA THR I 266 -22.01 -40.53 -4.40
C THR I 266 -21.39 -39.14 -4.29
N ARG I 267 -21.44 -38.56 -3.10
CA ARG I 267 -20.79 -37.28 -2.87
C ARG I 267 -19.33 -37.30 -3.33
N PHE I 268 -18.54 -38.21 -2.79
CA PHE I 268 -17.13 -38.32 -3.16
C PHE I 268 -16.97 -38.42 -4.69
N TYR I 269 -17.84 -39.20 -5.32
CA TYR I 269 -17.79 -39.34 -6.77
C TYR I 269 -17.94 -37.99 -7.47
N VAL I 270 -18.85 -37.16 -6.98
CA VAL I 270 -18.97 -35.80 -7.50
C VAL I 270 -17.61 -35.07 -7.50
N ASP I 271 -16.76 -35.44 -6.54
CA ASP I 271 -15.44 -34.80 -6.38
C ASP I 271 -14.45 -35.08 -7.53
N TYR I 272 -14.80 -36.01 -8.40
CA TYR I 272 -13.95 -36.31 -9.54
C TYR I 272 -14.04 -35.22 -10.60
N ASP I 273 -15.18 -34.53 -10.64
CA ASP I 273 -15.46 -33.44 -11.60
C ASP I 273 -16.15 -33.90 -12.86
N ASP I 274 -15.81 -35.12 -13.28
CA ASP I 274 -16.41 -35.69 -14.45
C ASP I 274 -17.89 -35.95 -14.16
N LEU I 275 -18.73 -34.95 -14.46
CA LEU I 275 -20.16 -35.09 -14.27
C LEU I 275 -20.72 -36.22 -15.11
N MET I 276 -19.85 -36.83 -15.91
CA MET I 276 -20.25 -37.84 -16.88
C MET I 276 -19.67 -39.19 -16.54
N LEU I 277 -18.90 -39.24 -15.44
CA LEU I 277 -18.26 -40.48 -15.01
C LEU I 277 -19.31 -41.55 -14.69
N SER I 278 -19.12 -42.74 -15.24
CA SER I 278 -20.11 -43.80 -15.06
C SER I 278 -20.39 -44.00 -13.59
N LEU I 279 -19.34 -44.05 -12.79
CA LEU I 279 -19.50 -44.24 -11.35
C LEU I 279 -20.52 -43.25 -10.82
N LEU I 280 -20.20 -41.97 -10.86
CA LEU I 280 -21.12 -40.96 -10.33
C LEU I 280 -22.51 -41.11 -10.90
N LYS I 281 -22.58 -41.52 -12.16
CA LYS I 281 -23.87 -41.67 -12.80
C LYS I 281 -24.60 -42.86 -12.19
N GLU I 282 -23.89 -43.98 -12.07
CA GLU I 282 -24.45 -45.20 -11.51
C GLU I 282 -24.79 -44.99 -10.05
N ALA I 283 -23.83 -44.49 -9.28
CA ALA I 283 -24.06 -44.13 -7.89
C ALA I 283 -25.37 -43.38 -7.71
N ALA I 284 -25.61 -42.41 -8.59
CA ALA I 284 -26.82 -41.59 -8.54
C ALA I 284 -28.05 -42.41 -8.83
N LYS I 285 -27.91 -43.39 -9.71
CA LYS I 285 -29.02 -44.26 -10.04
C LYS I 285 -29.31 -45.21 -8.88
N LYS I 286 -28.24 -45.74 -8.27
CA LYS I 286 -28.38 -46.63 -7.13
C LYS I 286 -29.10 -45.89 -6.01
N MET I 287 -28.64 -44.69 -5.70
CA MET I 287 -29.26 -43.86 -4.68
C MET I 287 -30.79 -43.85 -4.83
N ILE I 288 -31.27 -43.77 -6.07
CA ILE I 288 -32.71 -43.74 -6.34
C ILE I 288 -33.38 -45.09 -6.06
N ASN I 289 -32.64 -46.17 -6.32
CA ASN I 289 -33.10 -47.50 -5.92
C ASN I 289 -33.05 -47.68 -4.42
N THR I 290 -31.85 -47.60 -3.84
CA THR I 290 -31.69 -47.70 -2.38
C THR I 290 -32.81 -46.95 -1.68
N CYS I 291 -33.13 -45.75 -2.14
CA CYS I 291 -34.23 -44.97 -1.56
C CYS I 291 -35.55 -45.70 -1.74
N ASN I 292 -35.84 -46.07 -2.99
CA ASN I 292 -37.10 -46.71 -3.30
C ASN I 292 -37.36 -47.94 -2.42
N GLU I 293 -36.33 -48.76 -2.21
CA GLU I 293 -36.47 -49.97 -1.37
C GLU I 293 -36.74 -49.62 0.09
N TYR I 294 -36.14 -48.52 0.54
CA TYR I 294 -36.37 -48.00 1.87
C TYR I 294 -37.83 -47.63 2.10
N GLN I 295 -38.52 -47.21 1.04
CA GLN I 295 -39.93 -46.81 1.15
C GLN I 295 -40.88 -48.00 1.20
N LYS I 296 -40.51 -49.08 0.50
CA LYS I 296 -41.38 -50.24 0.38
C LYS I 296 -41.38 -51.06 1.65
N ARG I 297 -40.20 -51.45 2.12
CA ARG I 297 -40.08 -52.18 3.37
C ARG I 297 -40.45 -51.26 4.52
N HIS I 298 -39.97 -50.03 4.46
CA HIS I 298 -40.10 -49.06 5.55
C HIS I 298 -40.85 -47.80 5.09
N LYS J 14 -75.93 -33.91 108.24
CA LYS J 14 -75.80 -35.26 107.69
C LYS J 14 -77.15 -35.78 107.19
N THR J 15 -77.93 -34.88 106.61
CA THR J 15 -79.22 -35.23 106.02
C THR J 15 -79.16 -35.12 104.50
N VAL J 16 -78.45 -34.09 104.04
CA VAL J 16 -78.33 -33.82 102.62
C VAL J 16 -77.32 -34.76 101.98
N GLU J 17 -76.42 -35.29 102.79
CA GLU J 17 -75.33 -36.13 102.29
C GLU J 17 -75.83 -37.33 101.48
N VAL J 18 -77.09 -37.69 101.66
CA VAL J 18 -77.69 -38.75 100.86
C VAL J 18 -77.80 -38.32 99.41
N VAL J 19 -78.31 -37.11 99.19
CA VAL J 19 -78.41 -36.53 97.85
C VAL J 19 -77.03 -36.50 97.20
N LYS J 20 -76.07 -35.92 97.92
CA LYS J 20 -74.70 -35.87 97.44
C LYS J 20 -74.20 -37.25 97.02
N ASN J 21 -74.24 -38.20 97.95
CA ASN J 21 -73.79 -39.55 97.65
C ASN J 21 -74.50 -40.12 96.43
N ALA J 22 -75.80 -39.84 96.33
CA ALA J 22 -76.61 -40.33 95.22
C ALA J 22 -76.25 -39.65 93.91
N ILE J 23 -75.97 -38.35 94.00
CA ILE J 23 -75.55 -37.57 92.85
C ILE J 23 -74.33 -38.27 92.24
N GLU J 24 -73.35 -38.62 93.08
CA GLU J 24 -72.14 -39.25 92.61
C GLU J 24 -72.40 -40.66 92.09
N THR J 25 -73.35 -41.34 92.73
CA THR J 25 -73.77 -42.65 92.26
C THR J 25 -74.28 -42.54 90.83
N ALA J 26 -75.13 -41.54 90.61
CA ALA J 26 -75.75 -41.32 89.31
C ALA J 26 -74.69 -40.98 88.25
N ASP J 27 -73.64 -40.29 88.68
CA ASP J 27 -72.57 -39.91 87.76
C ASP J 27 -71.96 -41.18 87.19
N GLY J 28 -71.31 -41.97 88.05
CA GLY J 28 -70.72 -43.23 87.65
C GLY J 28 -71.72 -44.14 86.94
N ALA J 29 -73.00 -43.88 87.14
CA ALA J 29 -74.03 -44.61 86.41
C ALA J 29 -73.89 -44.33 84.92
N LEU J 30 -74.09 -43.07 84.54
CA LEU J 30 -73.88 -42.65 83.15
C LEU J 30 -72.63 -43.29 82.58
N ASP J 31 -71.50 -43.07 83.27
CA ASP J 31 -70.22 -43.58 82.84
C ASP J 31 -70.28 -45.04 82.40
N LEU J 32 -70.62 -45.93 83.33
CA LEU J 32 -70.79 -47.33 82.98
C LEU J 32 -71.77 -47.48 81.83
N TYR J 33 -72.83 -46.67 81.86
CA TYR J 33 -73.86 -46.72 80.83
C TYR J 33 -73.27 -46.60 79.43
N ASN J 34 -72.64 -45.45 79.18
CA ASN J 34 -71.97 -45.20 77.92
C ASN J 34 -70.89 -46.22 77.68
N LYS J 35 -69.96 -46.31 78.63
CA LYS J 35 -68.87 -47.27 78.54
C LYS J 35 -69.35 -48.56 77.89
N TYR J 36 -70.51 -49.05 78.33
CA TYR J 36 -71.10 -50.24 77.77
C TYR J 36 -71.80 -49.94 76.45
N LEU J 37 -72.59 -48.88 76.43
CA LEU J 37 -73.32 -48.47 75.25
C LEU J 37 -72.40 -48.36 74.04
N ASP J 38 -71.18 -47.90 74.29
CA ASP J 38 -70.17 -47.81 73.24
C ASP J 38 -69.70 -49.19 72.83
N GLN J 39 -69.34 -50.03 73.79
CA GLN J 39 -68.96 -51.40 73.50
C GLN J 39 -70.05 -52.07 72.66
N VAL J 40 -71.29 -51.62 72.88
CA VAL J 40 -72.45 -52.19 72.23
C VAL J 40 -72.71 -51.60 70.85
N ILE J 41 -72.49 -50.29 70.74
CA ILE J 41 -72.69 -49.59 69.48
C ILE J 41 -71.40 -48.92 69.03
N PRO J 42 -70.64 -49.58 68.15
CA PRO J 42 -69.29 -49.18 67.73
C PRO J 42 -69.30 -47.94 66.85
N TRP J 43 -69.84 -46.84 67.36
CA TRP J 43 -69.86 -45.61 66.59
C TRP J 43 -68.44 -45.17 66.30
N GLN J 44 -67.56 -45.41 67.26
CA GLN J 44 -66.14 -45.14 67.06
C GLN J 44 -65.69 -45.81 65.79
N THR J 45 -65.81 -47.13 65.76
CA THR J 45 -65.39 -47.92 64.60
C THR J 45 -66.11 -47.53 63.33
N PHE J 46 -67.42 -47.27 63.44
CA PHE J 46 -68.21 -46.84 62.29
C PHE J 46 -67.72 -45.50 61.73
N ASP J 47 -67.67 -44.49 62.60
CA ASP J 47 -67.19 -43.18 62.21
C ASP J 47 -65.80 -43.30 61.57
N GLU J 48 -64.89 -43.95 62.28
CA GLU J 48 -63.53 -44.15 61.75
C GLU J 48 -63.57 -44.75 60.36
N THR J 49 -64.33 -45.82 60.21
CA THR J 49 -64.40 -46.53 58.95
C THR J 49 -64.90 -45.60 57.83
N ILE J 50 -65.82 -44.70 58.19
CA ILE J 50 -66.34 -43.74 57.22
C ILE J 50 -65.25 -42.78 56.76
N LYS J 51 -64.53 -42.20 57.72
CA LYS J 51 -63.48 -41.25 57.41
C LYS J 51 -62.44 -41.82 56.43
N GLU J 52 -61.75 -42.87 56.83
CA GLU J 52 -60.67 -43.42 56.01
C GLU J 52 -61.08 -43.66 54.56
N LEU J 53 -62.32 -44.10 54.34
CA LEU J 53 -62.75 -44.30 52.94
C LEU J 53 -63.35 -43.04 52.34
N SER J 54 -63.50 -42.01 53.16
CA SER J 54 -63.84 -40.69 52.66
C SER J 54 -62.54 -40.08 52.16
N ARG J 55 -61.49 -40.22 52.96
CA ARG J 55 -60.15 -39.79 52.57
C ARG J 55 -59.81 -40.36 51.19
N PHE J 56 -60.10 -41.64 50.97
CA PHE J 56 -59.86 -42.25 49.66
C PHE J 56 -60.45 -41.38 48.55
N LYS J 57 -61.76 -41.23 48.60
CA LYS J 57 -62.50 -40.41 47.65
C LYS J 57 -61.84 -39.04 47.51
N GLN J 58 -61.34 -38.52 48.63
CA GLN J 58 -60.74 -37.19 48.66
C GLN J 58 -59.41 -37.15 47.91
N GLU J 59 -58.39 -37.77 48.49
CA GLU J 59 -57.04 -37.77 47.94
C GLU J 59 -57.00 -37.93 46.43
N TYR J 60 -57.76 -38.88 45.91
CA TYR J 60 -57.78 -39.11 44.48
C TYR J 60 -58.49 -37.99 43.72
N SER J 61 -59.62 -37.53 44.25
CA SER J 61 -60.24 -36.34 43.69
C SER J 61 -59.15 -35.29 43.48
N GLN J 62 -58.46 -34.94 44.57
CA GLN J 62 -57.35 -34.01 44.51
C GLN J 62 -56.45 -34.27 43.31
N ALA J 63 -55.82 -35.44 43.28
CA ALA J 63 -54.89 -35.79 42.22
C ALA J 63 -55.52 -35.58 40.85
N ALA J 64 -56.52 -36.41 40.54
CA ALA J 64 -57.19 -36.34 39.25
C ALA J 64 -57.53 -34.90 38.87
N SER J 65 -58.14 -34.17 39.79
CA SER J 65 -58.47 -32.78 39.52
C SER J 65 -57.29 -32.01 38.95
N VAL J 66 -56.24 -31.85 39.76
CA VAL J 66 -55.07 -31.10 39.32
C VAL J 66 -54.44 -31.63 38.02
N LEU J 67 -54.39 -32.95 37.85
CA LEU J 67 -53.84 -33.52 36.63
C LEU J 67 -54.72 -33.19 35.43
N VAL J 68 -55.98 -33.61 35.52
CA VAL J 68 -56.95 -33.33 34.47
C VAL J 68 -56.94 -31.85 34.08
N GLY J 69 -56.61 -30.99 35.05
CA GLY J 69 -56.53 -29.57 34.80
C GLY J 69 -55.29 -29.21 33.98
N ASP J 70 -54.15 -29.74 34.41
CA ASP J 70 -52.90 -29.55 33.70
C ASP J 70 -53.08 -30.03 32.26
N ILE J 71 -53.65 -31.21 32.09
CA ILE J 71 -53.93 -31.74 30.75
C ILE J 71 -54.67 -30.72 29.89
N LYS J 72 -55.65 -30.03 30.46
CA LYS J 72 -56.39 -29.04 29.70
C LYS J 72 -55.46 -27.93 29.27
N THR J 73 -54.79 -27.33 30.25
CA THR J 73 -53.77 -26.34 29.95
C THR J 73 -52.96 -26.85 28.76
N LEU J 74 -52.38 -28.04 28.89
CA LEU J 74 -51.56 -28.63 27.82
C LEU J 74 -52.27 -28.69 26.48
N LEU J 75 -53.50 -29.18 26.49
CA LEU J 75 -54.31 -29.23 25.28
C LEU J 75 -54.46 -27.84 24.68
N MET J 76 -54.90 -26.90 25.51
CA MET J 76 -55.08 -25.52 25.06
C MET J 76 -53.76 -24.93 24.54
N ASP J 77 -52.66 -25.22 25.23
CA ASP J 77 -51.32 -24.80 24.79
C ASP J 77 -51.05 -25.24 23.35
N SER J 78 -51.25 -26.53 23.10
CA SER J 78 -51.07 -27.07 21.76
C SER J 78 -51.89 -26.29 20.74
N GLN J 79 -53.21 -26.25 20.95
CA GLN J 79 -54.11 -25.56 20.04
C GLN J 79 -53.52 -24.25 19.53
N ASP J 80 -53.16 -23.37 20.46
CA ASP J 80 -52.55 -22.12 20.08
C ASP J 80 -51.31 -22.35 19.22
N LYS J 81 -50.46 -23.29 19.64
CA LYS J 81 -49.24 -23.56 18.89
C LYS J 81 -49.53 -24.11 17.50
N TYR J 82 -50.63 -24.84 17.38
CA TYR J 82 -51.09 -25.31 16.08
C TYR J 82 -51.50 -24.13 15.22
N PHE J 83 -52.41 -23.31 15.76
CA PHE J 83 -52.87 -22.10 15.09
C PHE J 83 -51.72 -21.31 14.50
N GLU J 84 -50.82 -20.88 15.39
CA GLU J 84 -49.60 -20.22 14.99
C GLU J 84 -48.99 -20.93 13.79
N ALA J 85 -48.56 -22.17 14.00
CA ALA J 85 -47.89 -22.94 12.96
C ALA J 85 -48.62 -22.84 11.62
N THR J 86 -49.87 -23.29 11.62
CA THR J 86 -50.66 -23.29 10.39
C THR J 86 -50.77 -21.88 9.83
N GLN J 87 -51.12 -20.93 10.67
CA GLN J 87 -51.32 -19.56 10.24
C GLN J 87 -50.06 -19.04 9.57
N THR J 88 -48.94 -19.17 10.28
CA THR J 88 -47.64 -18.82 9.73
C THR J 88 -47.48 -19.35 8.30
N VAL J 89 -47.75 -20.63 8.13
CA VAL J 89 -47.67 -21.25 6.81
C VAL J 89 -48.65 -20.59 5.82
N TYR J 90 -49.94 -20.60 6.16
CA TYR J 90 -50.97 -19.97 5.32
C TYR J 90 -50.58 -18.56 4.84
N GLU J 91 -49.80 -17.85 5.63
CA GLU J 91 -49.35 -16.52 5.27
C GLU J 91 -48.31 -16.60 4.15
N TRP J 92 -47.25 -17.37 4.38
CA TRP J 92 -46.21 -17.51 3.38
C TRP J 92 -46.73 -18.21 2.13
N CYS J 93 -47.39 -19.35 2.35
CA CYS J 93 -47.95 -20.16 1.29
C CYS J 93 -48.79 -19.27 0.37
N GLY J 94 -49.09 -18.06 0.86
CA GLY J 94 -50.01 -17.16 0.19
C GLY J 94 -49.32 -16.10 -0.61
N VAL J 95 -48.34 -15.45 -0.01
CA VAL J 95 -47.49 -14.54 -0.78
C VAL J 95 -46.81 -15.33 -1.90
N ALA J 96 -46.31 -16.50 -1.53
CA ALA J 96 -45.60 -17.38 -2.44
C ALA J 96 -46.36 -17.61 -3.74
N THR J 97 -47.60 -18.05 -3.62
CA THR J 97 -48.37 -18.40 -4.82
C THR J 97 -48.41 -17.25 -5.79
N GLN J 98 -48.68 -16.06 -5.28
CA GLN J 98 -48.67 -14.86 -6.10
C GLN J 98 -47.36 -14.73 -6.88
N LEU J 99 -46.25 -14.96 -6.20
CA LEU J 99 -44.93 -14.78 -6.80
C LEU J 99 -44.60 -15.85 -7.83
N LEU J 100 -44.83 -17.12 -7.48
CA LEU J 100 -44.64 -18.18 -8.46
C LEU J 100 -45.50 -17.91 -9.68
N ALA J 101 -46.71 -17.42 -9.45
CA ALA J 101 -47.66 -17.16 -10.52
C ALA J 101 -47.11 -16.09 -11.42
N ALA J 102 -46.57 -15.05 -10.80
CA ALA J 102 -45.96 -13.95 -11.53
C ALA J 102 -44.78 -14.46 -12.34
N TYR J 103 -43.92 -15.23 -11.68
CA TYR J 103 -42.74 -15.77 -12.35
C TYR J 103 -43.15 -16.54 -13.59
N ILE J 104 -44.17 -17.39 -13.44
CA ILE J 104 -44.69 -18.19 -14.54
C ILE J 104 -45.20 -17.30 -15.67
N LEU J 105 -45.74 -16.15 -15.31
CA LEU J 105 -46.31 -15.21 -16.26
C LEU J 105 -45.26 -14.36 -16.95
N LEU J 106 -44.45 -13.65 -16.17
CA LEU J 106 -43.48 -12.70 -16.72
C LEU J 106 -42.43 -13.39 -17.58
N PHE J 107 -42.30 -14.70 -17.42
CA PHE J 107 -41.33 -15.46 -18.21
C PHE J 107 -41.97 -16.48 -19.11
N ASP J 108 -43.09 -16.13 -19.72
CA ASP J 108 -43.63 -16.95 -20.78
C ASP J 108 -42.54 -16.97 -21.83
N GLU J 109 -42.20 -15.78 -22.30
CA GLU J 109 -41.02 -15.58 -23.13
C GLU J 109 -40.02 -14.88 -22.23
N TYR J 110 -38.78 -15.36 -22.26
CA TYR J 110 -37.73 -14.86 -21.37
C TYR J 110 -37.65 -13.33 -21.30
N ASN J 111 -37.72 -12.80 -20.10
CA ASN J 111 -37.63 -11.35 -19.91
C ASN J 111 -36.22 -11.01 -19.45
N GLU J 112 -35.40 -10.52 -20.37
CA GLU J 112 -33.97 -10.39 -20.11
C GLU J 112 -33.63 -9.45 -18.96
N LYS J 113 -34.45 -8.44 -18.75
CA LYS J 113 -34.13 -7.41 -17.78
C LYS J 113 -34.50 -7.84 -16.38
N LYS J 114 -35.73 -8.32 -16.24
CA LYS J 114 -36.20 -8.77 -14.95
C LYS J 114 -35.58 -10.12 -14.58
N ALA J 115 -34.83 -10.71 -15.50
CA ALA J 115 -34.28 -12.04 -15.27
C ALA J 115 -33.48 -12.17 -13.97
N SER J 116 -32.59 -11.22 -13.73
CA SER J 116 -31.75 -11.29 -12.54
C SER J 116 -32.57 -11.15 -11.26
N ALA J 117 -33.54 -10.24 -11.25
CA ALA J 117 -34.41 -10.08 -10.07
C ALA J 117 -35.24 -11.33 -9.84
N GLN J 118 -35.99 -11.73 -10.86
CA GLN J 118 -36.83 -12.90 -10.75
C GLN J 118 -36.09 -14.01 -10.04
N LYS J 119 -34.83 -14.19 -10.41
CA LYS J 119 -34.01 -15.24 -9.81
C LYS J 119 -33.82 -14.96 -8.32
N ASP J 120 -33.33 -13.76 -8.01
CA ASP J 120 -33.14 -13.36 -6.63
C ASP J 120 -34.44 -13.52 -5.84
N ILE J 121 -35.52 -13.04 -6.42
CA ILE J 121 -36.83 -13.18 -5.81
C ILE J 121 -37.17 -14.66 -5.54
N LEU J 122 -37.19 -15.48 -6.59
CA LEU J 122 -37.48 -16.90 -6.43
C LEU J 122 -36.70 -17.46 -5.27
N ILE J 123 -35.45 -17.03 -5.13
CA ILE J 123 -34.63 -17.51 -4.03
C ILE J 123 -35.16 -17.06 -2.67
N LYS J 124 -35.25 -15.75 -2.46
CA LYS J 124 -35.74 -15.24 -1.18
C LYS J 124 -37.06 -15.89 -0.76
N VAL J 125 -38.13 -15.69 -1.53
CA VAL J 125 -39.42 -16.30 -1.21
C VAL J 125 -39.34 -17.80 -0.93
N LEU J 126 -38.59 -18.54 -1.75
CA LEU J 126 -38.45 -19.98 -1.51
C LEU J 126 -37.65 -20.23 -0.23
N ASP J 127 -36.42 -19.71 -0.22
CA ASP J 127 -35.57 -19.81 0.95
C ASP J 127 -36.35 -19.50 2.22
N ASP J 128 -37.10 -18.39 2.17
CA ASP J 128 -37.88 -17.91 3.31
C ASP J 128 -38.90 -18.95 3.79
N GLY J 129 -39.85 -19.31 2.93
CA GLY J 129 -40.85 -20.30 3.27
C GLY J 129 -40.22 -21.58 3.76
N ILE J 130 -39.12 -21.97 3.13
CA ILE J 130 -38.38 -23.16 3.56
C ILE J 130 -38.03 -23.10 5.04
N THR J 131 -37.53 -21.96 5.48
CA THR J 131 -37.22 -21.77 6.89
C THR J 131 -38.50 -21.78 7.68
N LYS J 132 -39.41 -20.88 7.31
CA LYS J 132 -40.68 -20.72 8.02
C LYS J 132 -41.38 -22.05 8.17
N LEU J 133 -41.42 -22.81 7.06
CA LEU J 133 -42.07 -24.12 7.05
C LEU J 133 -41.42 -25.06 8.06
N ASN J 134 -40.10 -25.07 8.04
CA ASN J 134 -39.35 -25.92 8.98
C ASN J 134 -39.74 -25.61 10.41
N GLU J 135 -39.60 -24.35 10.82
CA GLU J 135 -39.90 -23.95 12.18
C GLU J 135 -41.31 -24.33 12.60
N ALA J 136 -42.25 -24.26 11.65
CA ALA J 136 -43.62 -24.64 11.94
C ALA J 136 -43.66 -26.06 12.45
N GLN J 137 -42.99 -26.94 11.71
CA GLN J 137 -42.90 -28.35 12.06
C GLN J 137 -42.31 -28.57 13.45
N LYS J 138 -41.16 -27.97 13.72
CA LYS J 138 -40.52 -28.11 15.01
C LYS J 138 -41.45 -27.65 16.11
N SER J 139 -42.09 -26.49 15.91
CA SER J 139 -43.04 -25.97 16.88
C SER J 139 -44.11 -27.02 17.17
N LEU J 140 -44.64 -27.63 16.11
CA LEU J 140 -45.67 -28.65 16.25
C LEU J 140 -45.16 -29.90 16.96
N LEU J 141 -43.98 -30.37 16.53
CA LEU J 141 -43.35 -31.55 17.10
C LEU J 141 -43.18 -31.38 18.60
N VAL J 142 -42.67 -30.22 19.00
CA VAL J 142 -42.47 -29.94 20.41
C VAL J 142 -43.79 -29.94 21.17
N SER J 143 -44.83 -29.40 20.55
CA SER J 143 -46.15 -29.44 21.16
C SER J 143 -46.58 -30.89 21.42
N SER J 144 -46.32 -31.76 20.45
CA SER J 144 -46.68 -33.16 20.61
C SER J 144 -45.93 -33.76 21.78
N GLN J 145 -44.64 -33.48 21.86
CA GLN J 145 -43.81 -34.00 22.95
C GLN J 145 -44.33 -33.57 24.32
N SER J 146 -45.02 -32.42 24.38
CA SER J 146 -45.49 -31.85 25.64
C SER J 146 -46.37 -32.82 26.46
N PHE J 147 -47.36 -33.41 25.79
CA PHE J 147 -48.31 -34.28 26.44
C PHE J 147 -47.69 -35.52 27.04
N ASN J 148 -46.50 -35.89 26.59
CA ASN J 148 -45.92 -37.17 26.97
C ASN J 148 -45.82 -37.41 28.46
N ASN J 149 -45.27 -36.45 29.19
CA ASN J 149 -45.12 -36.60 30.63
C ASN J 149 -46.47 -36.81 31.30
N ALA J 150 -47.36 -35.86 31.07
CA ALA J 150 -48.73 -35.95 31.56
C ALA J 150 -49.34 -37.31 31.24
N SER J 151 -49.20 -37.75 29.99
CA SER J 151 -49.80 -39.01 29.55
C SER J 151 -49.37 -40.15 30.47
N GLY J 152 -48.13 -40.08 30.95
CA GLY J 152 -47.65 -41.08 31.89
C GLY J 152 -48.31 -40.96 33.26
N LYS J 153 -48.21 -39.75 33.83
CA LYS J 153 -48.83 -39.46 35.11
C LYS J 153 -50.29 -39.95 35.14
N LEU J 154 -51.00 -39.75 34.03
CA LEU J 154 -52.35 -40.26 33.87
C LEU J 154 -52.42 -41.75 34.15
N LEU J 155 -51.61 -42.54 33.46
CA LEU J 155 -51.64 -43.98 33.66
C LEU J 155 -51.26 -44.36 35.09
N ALA J 156 -50.22 -43.74 35.63
CA ALA J 156 -49.86 -44.01 37.04
C ALA J 156 -51.10 -43.92 37.92
N LEU J 157 -51.74 -42.75 37.89
CA LEU J 157 -52.96 -42.52 38.62
C LEU J 157 -53.95 -43.66 38.45
N ASP J 158 -54.37 -43.91 37.22
CA ASP J 158 -55.29 -45.00 36.93
C ASP J 158 -54.76 -46.32 37.49
N SER J 159 -53.55 -46.70 37.09
CA SER J 159 -52.93 -47.93 37.58
C SER J 159 -53.19 -48.11 39.08
N GLN J 160 -52.90 -47.06 39.85
CA GLN J 160 -52.99 -47.14 41.31
C GLN J 160 -54.42 -47.06 41.82
N LEU J 161 -55.13 -46.00 41.44
CA LEU J 161 -56.54 -45.87 41.78
C LEU J 161 -57.32 -47.18 41.56
N THR J 162 -56.89 -47.96 40.59
CA THR J 162 -57.52 -49.26 40.35
C THR J 162 -57.10 -50.24 41.43
N ASN J 163 -55.80 -50.39 41.61
CA ASN J 163 -55.29 -51.28 42.67
C ASN J 163 -55.74 -50.85 44.06
N ASP J 164 -55.71 -49.55 44.30
CA ASP J 164 -56.01 -48.99 45.61
C ASP J 164 -57.48 -49.15 45.98
N PHE J 165 -58.34 -49.18 44.97
CA PHE J 165 -59.78 -49.27 45.16
C PHE J 165 -60.16 -50.63 45.67
N SER J 166 -59.56 -51.67 45.09
CA SER J 166 -59.80 -53.03 45.54
C SER J 166 -59.27 -53.19 46.96
N GLU J 167 -58.30 -52.36 47.33
CA GLU J 167 -57.72 -52.43 48.67
C GLU J 167 -58.64 -51.83 49.74
N LYS J 168 -59.44 -50.84 49.34
CA LYS J 168 -60.45 -50.31 50.24
C LYS J 168 -61.66 -51.25 50.33
N SER J 169 -62.05 -51.82 49.20
CA SER J 169 -63.16 -52.76 49.18
C SER J 169 -62.84 -53.94 50.07
N SER J 170 -61.56 -54.25 50.21
CA SER J 170 -61.12 -55.28 51.14
C SER J 170 -61.21 -54.76 52.58
N TYR J 171 -60.77 -53.52 52.76
CA TYR J 171 -60.78 -52.87 54.07
C TYR J 171 -62.20 -52.66 54.58
N PHE J 172 -63.13 -52.48 53.66
CA PHE J 172 -64.53 -52.33 54.03
C PHE J 172 -65.03 -53.55 54.78
N GLN J 173 -65.15 -54.68 54.09
CA GLN J 173 -65.67 -55.88 54.72
C GLN J 173 -64.85 -56.27 55.96
N SER J 174 -63.53 -56.13 55.87
CA SER J 174 -62.66 -56.44 57.00
C SER J 174 -62.98 -55.53 58.17
N GLN J 175 -63.61 -54.39 57.85
CA GLN J 175 -63.90 -53.39 58.86
C GLN J 175 -65.31 -53.55 59.42
N VAL J 176 -66.31 -53.72 58.55
CA VAL J 176 -67.67 -53.95 59.02
C VAL J 176 -67.68 -55.18 59.93
N ASP J 177 -66.81 -56.14 59.61
CA ASP J 177 -66.59 -57.27 60.49
C ASP J 177 -66.21 -56.79 61.88
N LYS J 178 -65.16 -55.97 61.96
CA LYS J 178 -64.76 -55.43 63.25
C LYS J 178 -65.96 -54.88 64.00
N ILE J 179 -66.92 -54.35 63.26
CA ILE J 179 -68.10 -53.73 63.87
C ILE J 179 -69.03 -54.76 64.50
N ARG J 180 -69.29 -55.85 63.80
CA ARG J 180 -70.06 -56.94 64.37
C ARG J 180 -69.35 -57.50 65.60
N LYS J 181 -68.10 -57.92 65.39
CA LYS J 181 -67.31 -58.52 66.45
C LYS J 181 -67.27 -57.66 67.71
N GLU J 182 -67.29 -56.34 67.53
CA GLU J 182 -67.27 -55.43 68.68
C GLU J 182 -68.64 -55.34 69.36
N ALA J 183 -69.70 -55.36 68.54
CA ALA J 183 -71.05 -55.14 69.04
C ALA J 183 -71.64 -56.39 69.65
N TYR J 184 -71.39 -57.54 69.05
CA TYR J 184 -71.94 -58.77 69.57
C TYR J 184 -71.15 -59.31 70.76
N ALA J 185 -69.85 -59.09 70.79
CA ALA J 185 -69.09 -59.36 71.99
C ALA J 185 -69.64 -58.50 73.13
N GLY J 186 -70.32 -57.41 72.76
CA GLY J 186 -70.95 -56.53 73.72
C GLY J 186 -72.33 -56.98 74.18
N ALA J 187 -73.22 -57.28 73.24
CA ALA J 187 -74.54 -57.82 73.59
C ALA J 187 -74.32 -59.09 74.36
N ALA J 188 -73.62 -60.03 73.74
CA ALA J 188 -73.26 -61.28 74.39
C ALA J 188 -72.89 -61.07 75.86
N ALA J 189 -72.32 -59.92 76.19
CA ALA J 189 -71.88 -59.63 77.56
C ALA J 189 -73.04 -59.48 78.55
N GLY J 190 -74.26 -59.57 78.04
CA GLY J 190 -75.45 -59.46 78.87
C GLY J 190 -75.78 -60.74 79.63
N VAL J 191 -75.06 -61.81 79.34
CA VAL J 191 -75.22 -63.08 80.06
C VAL J 191 -75.19 -62.88 81.58
N VAL J 192 -74.48 -61.85 82.03
CA VAL J 192 -74.38 -61.55 83.47
C VAL J 192 -75.73 -61.19 84.06
N ALA J 193 -76.35 -60.12 83.56
CA ALA J 193 -77.72 -59.80 83.95
C ALA J 193 -78.68 -60.66 83.13
N GLY J 194 -79.95 -60.66 83.52
CA GLY J 194 -80.93 -61.63 83.01
C GLY J 194 -81.03 -61.74 81.50
N PRO J 195 -81.55 -62.88 81.01
CA PRO J 195 -81.72 -63.08 79.57
C PRO J 195 -82.63 -62.01 78.95
N PHE J 196 -83.61 -61.52 79.72
CA PHE J 196 -84.43 -60.41 79.27
C PHE J 196 -83.54 -59.21 79.03
N GLY J 197 -82.40 -59.21 79.71
CA GLY J 197 -81.38 -58.20 79.50
C GLY J 197 -80.78 -58.32 78.11
N LEU J 198 -80.65 -59.55 77.63
CA LEU J 198 -80.15 -59.77 76.27
C LEU J 198 -81.09 -59.14 75.24
N ILE J 199 -82.38 -59.42 75.35
CA ILE J 199 -83.36 -58.80 74.48
C ILE J 199 -83.11 -57.29 74.37
N ILE J 200 -83.02 -56.62 75.52
CA ILE J 200 -82.72 -55.19 75.55
C ILE J 200 -81.38 -54.89 74.91
N SER J 201 -80.34 -55.60 75.36
CA SER J 201 -78.96 -55.39 74.90
C SER J 201 -78.81 -55.61 73.40
N TYR J 202 -79.19 -56.81 72.98
CA TYR J 202 -79.09 -57.25 71.60
C TYR J 202 -79.98 -56.41 70.65
N SER J 203 -81.15 -55.99 71.11
CA SER J 203 -81.97 -55.06 70.33
C SER J 203 -81.23 -53.73 70.16
N ILE J 204 -80.70 -53.22 71.27
CA ILE J 204 -79.90 -52.01 71.23
C ILE J 204 -78.76 -52.16 70.22
N ALA J 205 -78.15 -53.34 70.16
CA ALA J 205 -76.98 -53.55 69.29
C ALA J 205 -77.33 -53.94 67.86
N ALA J 206 -77.54 -55.24 67.64
CA ALA J 206 -77.89 -55.74 66.31
C ALA J 206 -78.88 -54.83 65.61
N GLY J 207 -79.80 -54.26 66.38
CA GLY J 207 -80.79 -53.34 65.85
C GLY J 207 -80.15 -52.11 65.22
N VAL J 208 -79.44 -51.34 66.04
CA VAL J 208 -78.76 -50.14 65.56
C VAL J 208 -77.67 -50.46 64.52
N VAL J 209 -76.91 -51.52 64.75
CA VAL J 209 -75.87 -51.92 63.82
C VAL J 209 -76.45 -52.30 62.47
N GLU J 210 -77.26 -53.36 62.46
CA GLU J 210 -77.85 -53.86 61.22
C GLU J 210 -78.91 -52.90 60.69
N GLY J 211 -79.28 -51.93 61.53
CA GLY J 211 -80.31 -50.96 61.22
C GLY J 211 -79.83 -49.80 60.38
N LYS J 212 -78.91 -48.99 60.92
CA LYS J 212 -78.32 -47.87 60.18
C LYS J 212 -76.85 -48.11 59.78
N LEU J 213 -76.07 -48.69 60.69
CA LEU J 213 -74.63 -48.78 60.49
C LEU J 213 -74.19 -49.56 59.24
N ILE J 214 -74.32 -50.89 59.28
CA ILE J 214 -73.85 -51.70 58.16
C ILE J 214 -74.34 -51.18 56.81
N PRO J 215 -75.64 -50.87 56.71
CA PRO J 215 -76.21 -50.34 55.47
C PRO J 215 -75.54 -49.04 55.05
N GLU J 216 -75.29 -48.16 56.02
CA GLU J 216 -74.60 -46.91 55.75
C GLU J 216 -73.23 -47.17 55.11
N LEU J 217 -72.49 -48.09 55.70
CA LEU J 217 -71.20 -48.48 55.16
C LEU J 217 -71.34 -49.01 53.74
N LYS J 218 -72.26 -49.94 53.54
CA LYS J 218 -72.55 -50.47 52.22
C LYS J 218 -72.91 -49.33 51.28
N ASN J 219 -73.39 -48.23 51.84
CA ASN J 219 -73.74 -47.09 51.02
C ASN J 219 -72.53 -46.32 50.50
N LYS J 220 -71.57 -46.04 51.39
CA LYS J 220 -70.35 -45.35 50.95
C LYS J 220 -69.51 -46.24 50.04
N LEU J 221 -69.39 -47.52 50.38
CA LEU J 221 -68.68 -48.45 49.53
C LEU J 221 -69.18 -48.30 48.12
N LYS J 222 -70.46 -47.94 47.98
CA LYS J 222 -71.03 -47.72 46.66
C LYS J 222 -70.72 -46.33 46.12
N SER J 223 -70.83 -45.30 46.95
CA SER J 223 -70.54 -43.94 46.50
C SER J 223 -69.09 -43.85 46.06
N VAL J 224 -68.23 -44.64 46.71
CA VAL J 224 -66.84 -44.75 46.33
C VAL J 224 -66.71 -45.47 45.01
N GLN J 225 -67.12 -46.73 44.99
CA GLN J 225 -67.09 -47.53 43.77
C GLN J 225 -67.75 -46.79 42.63
N ASN J 226 -68.70 -45.91 42.97
CA ASN J 226 -69.38 -45.09 41.98
C ASN J 226 -68.43 -44.01 41.44
N PHE J 227 -67.77 -43.32 42.36
CA PHE J 227 -66.82 -42.28 42.00
C PHE J 227 -65.56 -42.85 41.35
N PHE J 228 -65.05 -43.95 41.89
CA PHE J 228 -63.94 -44.65 41.25
C PHE J 228 -64.22 -44.84 39.76
N THR J 229 -65.45 -45.22 39.44
CA THR J 229 -65.80 -45.45 38.05
C THR J 229 -65.79 -44.16 37.24
N THR J 230 -66.58 -43.17 37.66
CA THR J 230 -66.65 -41.91 36.93
C THR J 230 -65.25 -41.34 36.70
N LEU J 231 -64.40 -41.45 37.71
CA LEU J 231 -63.03 -40.97 37.61
C LEU J 231 -62.22 -41.78 36.60
N SER J 232 -62.30 -43.10 36.70
CA SER J 232 -61.58 -43.96 35.77
C SER J 232 -61.91 -43.59 34.34
N ASN J 233 -63.18 -43.27 34.10
CA ASN J 233 -63.66 -42.81 32.79
C ASN J 233 -63.18 -41.41 32.45
N THR J 234 -63.08 -40.55 33.46
CA THR J 234 -62.57 -39.20 33.24
C THR J 234 -61.12 -39.31 32.77
N VAL J 235 -60.46 -40.40 33.16
CA VAL J 235 -59.09 -40.66 32.74
C VAL J 235 -59.06 -41.16 31.32
N LYS J 236 -59.82 -42.22 31.04
CA LYS J 236 -59.90 -42.76 29.69
C LYS J 236 -60.14 -41.63 28.69
N GLN J 237 -60.93 -40.64 29.09
CA GLN J 237 -61.19 -39.51 28.21
C GLN J 237 -59.92 -38.74 27.92
N ALA J 238 -59.29 -38.20 28.95
CA ALA J 238 -58.04 -37.48 28.80
C ALA J 238 -57.04 -38.25 27.93
N ASN J 239 -56.85 -39.53 28.21
CA ASN J 239 -55.95 -40.33 27.40
C ASN J 239 -56.36 -40.30 25.93
N LYS J 240 -57.67 -40.34 25.67
CA LYS J 240 -58.18 -40.24 24.31
C LYS J 240 -57.99 -38.84 23.69
N ASP J 241 -58.22 -37.81 24.50
CA ASP J 241 -58.08 -36.43 24.07
C ASP J 241 -56.64 -36.11 23.73
N ILE J 242 -55.73 -36.50 24.63
CA ILE J 242 -54.32 -36.24 24.44
C ILE J 242 -53.87 -36.91 23.16
N ASP J 243 -54.24 -38.18 23.01
CA ASP J 243 -53.81 -38.94 21.85
C ASP J 243 -54.30 -38.32 20.54
N ALA J 244 -55.53 -37.81 20.56
CA ALA J 244 -56.12 -37.18 19.39
C ALA J 244 -55.36 -35.92 18.99
N ALA J 245 -54.93 -35.15 20.00
CA ALA J 245 -54.14 -33.96 19.74
C ALA J 245 -52.80 -34.32 19.10
N LYS J 246 -52.14 -35.31 19.69
CA LYS J 246 -50.84 -35.74 19.21
C LYS J 246 -50.95 -36.15 17.75
N LEU J 247 -52.10 -36.74 17.41
CA LEU J 247 -52.37 -37.15 16.03
C LEU J 247 -52.41 -35.92 15.12
N LYS J 248 -53.42 -35.09 15.33
CA LYS J 248 -53.58 -33.84 14.61
C LYS J 248 -52.24 -33.19 14.37
N LEU J 249 -51.44 -33.11 15.44
CA LEU J 249 -50.14 -32.44 15.37
C LEU J 249 -49.19 -33.04 14.33
N THR J 250 -48.90 -34.34 14.46
CA THR J 250 -47.95 -34.98 13.56
C THR J 250 -48.48 -35.02 12.13
N THR J 251 -49.77 -35.34 11.99
CA THR J 251 -50.38 -35.42 10.66
C THR J 251 -50.35 -34.06 9.98
N GLU J 252 -50.30 -32.99 10.77
CA GLU J 252 -50.09 -31.66 10.23
C GLU J 252 -48.63 -31.50 9.85
N ILE J 253 -47.76 -31.79 10.81
CA ILE J 253 -46.32 -31.77 10.59
C ILE J 253 -45.96 -32.36 9.23
N ALA J 254 -46.51 -33.53 8.94
CA ALA J 254 -46.16 -34.24 7.71
C ALA J 254 -46.80 -33.60 6.49
N ALA J 255 -48.00 -33.06 6.70
CA ALA J 255 -48.72 -32.35 5.63
C ALA J 255 -47.95 -31.12 5.25
N ILE J 256 -47.44 -30.41 6.25
CA ILE J 256 -46.54 -29.28 6.00
C ILE J 256 -45.31 -29.82 5.28
N GLY J 257 -44.90 -31.02 5.68
CA GLY J 257 -43.76 -31.69 5.08
C GLY J 257 -43.87 -31.74 3.57
N GLU J 258 -45.05 -32.11 3.09
CA GLU J 258 -45.28 -32.20 1.65
C GLU J 258 -44.88 -30.92 0.94
N ILE J 259 -45.33 -29.78 1.45
CA ILE J 259 -44.97 -28.50 0.83
C ILE J 259 -43.47 -28.31 0.92
N LYS J 260 -42.96 -28.38 2.13
CA LYS J 260 -41.53 -28.20 2.35
C LYS J 260 -40.71 -28.84 1.23
N THR J 261 -40.86 -30.15 1.06
CA THR J 261 -40.05 -30.85 0.08
C THR J 261 -40.20 -30.23 -1.30
N GLU J 262 -41.44 -30.01 -1.73
CA GLU J 262 -41.66 -29.41 -3.04
C GLU J 262 -40.92 -28.08 -3.14
N THR J 263 -41.13 -27.22 -2.15
CA THR J 263 -40.46 -25.94 -2.10
C THR J 263 -38.96 -26.12 -2.19
N GLU J 264 -38.44 -26.93 -1.28
CA GLU J 264 -37.00 -27.18 -1.20
C GLU J 264 -36.48 -27.61 -2.56
N THR J 265 -37.25 -28.44 -3.25
CA THR J 265 -36.89 -28.88 -4.60
C THR J 265 -36.80 -27.72 -5.58
N THR J 266 -37.95 -27.10 -5.84
CA THR J 266 -38.05 -25.88 -6.62
C THR J 266 -36.87 -24.95 -6.40
N ARG J 267 -36.52 -24.70 -5.14
CA ARG J 267 -35.33 -23.91 -4.84
C ARG J 267 -34.10 -24.42 -5.59
N PHE J 268 -33.75 -25.69 -5.41
CA PHE J 268 -32.59 -26.25 -6.10
C PHE J 268 -32.67 -26.01 -7.61
N TYR J 269 -33.86 -26.16 -8.18
CA TYR J 269 -34.04 -25.95 -9.60
C TYR J 269 -33.67 -24.53 -10.02
N VAL J 270 -34.06 -23.55 -9.21
CA VAL J 270 -33.61 -22.18 -9.42
C VAL J 270 -32.07 -22.09 -9.55
N ASP J 271 -31.36 -22.99 -8.88
CA ASP J 271 -29.89 -23.02 -8.92
C ASP J 271 -29.29 -23.38 -10.29
N TYR J 272 -30.10 -23.84 -11.22
CA TYR J 272 -29.61 -24.16 -12.54
C TYR J 272 -29.33 -22.89 -13.34
N ASP J 273 -30.03 -21.80 -12.99
CA ASP J 273 -29.90 -20.48 -13.67
C ASP J 273 -30.88 -20.30 -14.81
N ASP J 274 -31.18 -21.39 -15.48
CA ASP J 274 -32.12 -21.35 -16.59
C ASP J 274 -33.49 -21.04 -16.06
N LEU J 275 -33.82 -19.76 -15.95
CA LEU J 275 -35.14 -19.33 -15.51
C LEU J 275 -36.24 -19.90 -16.40
N MET J 276 -35.82 -20.56 -17.47
CA MET J 276 -36.74 -21.03 -18.49
C MET J 276 -36.81 -22.56 -18.51
N LEU J 277 -36.01 -23.19 -17.65
CA LEU J 277 -35.93 -24.64 -17.61
C LEU J 277 -37.30 -25.22 -17.29
N SER J 278 -37.74 -26.19 -18.09
CA SER J 278 -39.06 -26.78 -17.86
C SER J 278 -39.24 -27.22 -16.40
N LEU J 279 -38.23 -27.91 -15.86
CA LEU J 279 -38.30 -28.37 -14.49
C LEU J 279 -38.71 -27.23 -13.57
N LEU J 280 -37.85 -26.21 -13.48
CA LEU J 280 -38.13 -25.10 -12.58
C LEU J 280 -39.51 -24.52 -12.85
N LYS J 281 -39.90 -24.53 -14.12
CA LYS J 281 -41.19 -23.96 -14.47
C LYS J 281 -42.29 -24.88 -13.93
N GLU J 282 -42.17 -26.17 -14.23
CA GLU J 282 -43.12 -27.15 -13.75
C GLU J 282 -43.17 -27.18 -12.23
N ALA J 283 -42.00 -27.33 -11.62
CA ALA J 283 -41.87 -27.30 -10.18
C ALA J 283 -42.70 -26.15 -9.59
N ALA J 284 -42.59 -24.99 -10.23
CA ALA J 284 -43.27 -23.79 -9.76
C ALA J 284 -44.76 -23.93 -9.90
N LYS J 285 -45.18 -24.62 -10.95
CA LYS J 285 -46.60 -24.86 -11.18
C LYS J 285 -47.13 -25.85 -10.17
N LYS J 286 -46.35 -26.90 -9.91
CA LYS J 286 -46.72 -27.92 -8.93
C LYS J 286 -46.91 -27.28 -7.56
N MET J 287 -45.92 -26.49 -7.16
CA MET J 287 -46.01 -25.75 -5.90
C MET J 287 -47.37 -25.09 -5.70
N ILE J 288 -47.91 -24.50 -6.78
CA ILE J 288 -49.19 -23.82 -6.70
C ILE J 288 -50.35 -24.81 -6.52
N ASN J 289 -50.21 -25.98 -7.13
CA ASN J 289 -51.16 -27.06 -6.91
C ASN J 289 -51.01 -27.63 -5.51
N THR J 290 -49.86 -28.23 -5.21
CA THR J 290 -49.57 -28.75 -3.87
C THR J 290 -50.13 -27.82 -2.80
N CYS J 291 -49.94 -26.51 -2.97
CA CYS J 291 -50.51 -25.52 -2.04
C CYS J 291 -52.04 -25.58 -2.06
N ASN J 292 -52.60 -25.46 -3.25
CA ASN J 292 -54.05 -25.45 -3.39
C ASN J 292 -54.73 -26.64 -2.70
N GLU J 293 -54.17 -27.84 -2.86
CA GLU J 293 -54.71 -29.06 -2.26
C GLU J 293 -54.62 -29.00 -0.75
N TYR J 294 -53.54 -28.38 -0.26
CA TYR J 294 -53.34 -28.16 1.17
C TYR J 294 -54.45 -27.30 1.78
N GLN J 295 -55.01 -26.38 0.99
CA GLN J 295 -56.08 -25.50 1.45
C GLN J 295 -57.46 -26.17 1.52
N LYS J 296 -57.74 -27.06 0.56
CA LYS J 296 -59.04 -27.71 0.46
C LYS J 296 -59.22 -28.80 1.51
N ARG J 297 -58.30 -29.76 1.53
CA ARG J 297 -58.30 -30.79 2.55
C ARG J 297 -58.01 -30.13 3.89
N HIS J 298 -57.00 -29.28 3.92
CA HIS J 298 -56.59 -28.60 5.14
C HIS J 298 -56.77 -27.09 5.01
N LYS K 14 -69.59 -26.70 114.46
CA LYS K 14 -70.13 -27.79 113.66
C LYS K 14 -71.61 -27.58 113.37
N THR K 15 -71.99 -26.33 113.14
CA THR K 15 -73.37 -25.99 112.79
C THR K 15 -73.44 -25.52 111.36
N VAL K 16 -72.43 -24.76 110.95
CA VAL K 16 -72.36 -24.22 109.61
C VAL K 16 -71.95 -25.29 108.61
N GLU K 17 -71.28 -26.33 109.10
CA GLU K 17 -70.74 -27.35 108.22
C GLU K 17 -71.80 -28.01 107.35
N VAL K 18 -73.07 -27.87 107.73
CA VAL K 18 -74.15 -28.37 106.90
C VAL K 18 -74.25 -27.58 105.61
N VAL K 19 -74.21 -26.26 105.73
CA VAL K 19 -74.19 -25.37 104.57
C VAL K 19 -73.01 -25.70 103.66
N LYS K 20 -71.83 -25.77 104.23
CA LYS K 20 -70.64 -26.15 103.49
C LYS K 20 -70.86 -27.46 102.73
N ASN K 21 -71.17 -28.52 103.46
CA ASN K 21 -71.39 -29.80 102.82
C ASN K 21 -72.42 -29.71 101.69
N ALA K 22 -73.48 -28.93 101.93
CA ALA K 22 -74.56 -28.76 100.96
C ALA K 22 -74.08 -27.95 99.75
N ILE K 23 -73.26 -26.95 100.01
CA ILE K 23 -72.69 -26.15 98.95
C ILE K 23 -71.99 -27.08 97.97
N GLU K 24 -71.18 -27.99 98.50
CA GLU K 24 -70.41 -28.92 97.69
C GLU K 24 -71.32 -29.91 97.00
N THR K 25 -72.39 -30.30 97.69
CA THR K 25 -73.39 -31.17 97.09
C THR K 25 -73.98 -30.51 95.84
N ALA K 26 -74.31 -29.23 95.99
CA ALA K 26 -74.92 -28.45 94.91
C ALA K 26 -73.97 -28.31 93.73
N ASP K 27 -72.67 -28.21 94.02
CA ASP K 27 -71.66 -28.08 92.98
C ASP K 27 -71.73 -29.29 92.07
N GLY K 28 -71.37 -30.46 92.60
CA GLY K 28 -71.45 -31.71 91.87
C GLY K 28 -72.82 -31.93 91.25
N ALA K 29 -73.83 -31.24 91.77
CA ALA K 29 -75.16 -31.30 91.17
C ALA K 29 -75.10 -30.72 89.75
N LEU K 30 -74.77 -29.44 89.67
CA LEU K 30 -74.57 -28.79 88.38
C LEU K 30 -73.81 -29.72 87.45
N ASP K 31 -72.64 -30.14 87.90
CA ASP K 31 -71.75 -30.99 87.11
C ASP K 31 -72.50 -32.14 86.44
N LEU K 32 -73.09 -33.03 87.24
CA LEU K 32 -73.87 -34.11 86.69
C LEU K 32 -74.95 -33.54 85.76
N TYR K 33 -75.53 -32.42 86.17
CA TYR K 33 -76.61 -31.81 85.41
C TYR K 33 -76.20 -31.58 83.96
N ASN K 34 -75.17 -30.76 83.78
CA ASN K 34 -74.62 -30.47 82.47
C ASN K 34 -74.12 -31.74 81.81
N LYS K 35 -73.20 -32.43 82.48
CA LYS K 35 -72.67 -33.69 81.98
C LYS K 35 -73.75 -34.47 81.23
N TYR K 36 -74.92 -34.56 81.84
CA TYR K 36 -76.06 -35.24 81.22
C TYR K 36 -76.72 -34.37 80.16
N LEU K 37 -76.96 -33.11 80.51
CA LEU K 37 -77.58 -32.15 79.60
C LEU K 37 -76.87 -32.13 78.26
N ASP K 38 -75.54 -32.28 78.30
CA ASP K 38 -74.73 -32.34 77.10
C ASP K 38 -74.95 -33.64 76.34
N GLN K 39 -74.88 -34.76 77.05
CA GLN K 39 -75.18 -36.05 76.44
C GLN K 39 -76.55 -35.98 75.76
N VAL K 40 -77.43 -35.16 76.33
CA VAL K 40 -78.81 -35.03 75.87
C VAL K 40 -78.94 -34.05 74.70
N ILE K 41 -78.20 -32.97 74.76
CA ILE K 41 -78.23 -31.96 73.72
C ILE K 41 -76.83 -31.78 73.13
N PRO K 42 -76.56 -32.45 72.00
CA PRO K 42 -75.24 -32.51 71.37
C PRO K 42 -74.82 -31.20 70.75
N TRP K 43 -74.75 -30.14 71.55
CA TRP K 43 -74.33 -28.85 71.03
C TRP K 43 -72.90 -28.97 70.50
N GLN K 44 -72.10 -29.77 71.19
CA GLN K 44 -70.74 -30.04 70.74
C GLN K 44 -70.79 -30.50 69.29
N THR K 45 -71.49 -31.61 69.06
CA THR K 45 -71.61 -32.19 67.74
C THR K 45 -72.25 -31.24 66.74
N PHE K 46 -73.28 -30.51 67.17
CA PHE K 46 -73.95 -29.52 66.33
C PHE K 46 -72.99 -28.41 65.91
N ASP K 47 -72.38 -27.77 66.91
CA ASP K 47 -71.42 -26.71 66.65
C ASP K 47 -70.30 -27.21 65.72
N GLU K 48 -69.66 -28.32 66.09
CA GLU K 48 -68.60 -28.91 65.27
C GLU K 48 -69.06 -29.09 63.83
N THR K 49 -70.23 -29.69 63.68
CA THR K 49 -70.77 -29.97 62.36
C THR K 49 -70.94 -28.66 61.56
N ILE K 50 -71.29 -27.59 62.25
CA ILE K 50 -71.45 -26.29 61.61
C ILE K 50 -70.12 -25.75 61.09
N LYS K 51 -69.12 -25.77 61.95
CA LYS K 51 -67.78 -25.28 61.57
C LYS K 51 -67.26 -25.96 60.33
N GLU K 52 -67.05 -27.27 60.39
CA GLU K 52 -66.43 -27.97 59.26
C GLU K 52 -67.11 -27.67 57.92
N LEU K 53 -68.42 -27.50 57.91
CA LEU K 53 -69.07 -27.16 56.65
C LEU K 53 -69.11 -25.66 56.42
N SER K 54 -68.70 -24.90 57.41
CA SER K 54 -68.46 -23.47 57.22
C SER K 54 -67.09 -23.32 56.55
N ARG K 55 -66.12 -24.05 57.06
CA ARG K 55 -64.79 -24.13 56.45
C ARG K 55 -64.92 -24.42 54.96
N PHE K 56 -65.75 -25.38 54.59
CA PHE K 56 -65.97 -25.69 53.18
C PHE K 56 -66.29 -24.41 52.41
N LYS K 57 -67.38 -23.75 52.78
CA LYS K 57 -67.78 -22.50 52.16
C LYS K 57 -66.62 -21.51 52.13
N GLN K 58 -65.80 -21.54 53.17
CA GLN K 58 -64.68 -20.62 53.30
C GLN K 58 -63.57 -20.93 52.30
N GLU K 59 -62.86 -22.03 52.53
CA GLU K 59 -61.72 -22.44 51.70
C GLU K 59 -61.95 -22.21 50.21
N TYR K 60 -63.11 -22.63 49.72
CA TYR K 60 -63.43 -22.44 48.30
C TYR K 60 -63.64 -20.97 47.92
N SER K 61 -64.36 -20.24 48.75
CA SER K 61 -64.47 -18.81 48.54
C SER K 61 -63.08 -18.28 48.30
N GLN K 62 -62.17 -18.54 49.24
CA GLN K 62 -60.77 -18.13 49.11
C GLN K 62 -60.22 -18.41 47.71
N ALA K 63 -60.17 -19.69 47.35
CA ALA K 63 -59.64 -20.10 46.06
C ALA K 63 -60.29 -19.32 44.92
N ALA K 64 -61.57 -19.58 44.69
CA ALA K 64 -62.30 -18.93 43.61
C ALA K 64 -62.03 -17.43 43.58
N SER K 65 -62.11 -16.78 44.74
CA SER K 65 -61.85 -15.35 44.81
C SER K 65 -60.54 -14.99 44.12
N VAL K 66 -59.43 -15.48 44.68
CA VAL K 66 -58.11 -15.17 44.13
C VAL K 66 -57.94 -15.59 42.67
N LEU K 67 -58.49 -16.75 42.28
CA LEU K 67 -58.43 -17.19 40.88
C LEU K 67 -59.22 -16.24 39.98
N VAL K 68 -60.51 -16.14 40.25
CA VAL K 68 -61.36 -15.21 39.52
C VAL K 68 -60.74 -13.82 39.40
N GLY K 69 -59.95 -13.44 40.39
CA GLY K 69 -59.27 -12.15 40.39
C GLY K 69 -58.12 -12.13 39.41
N ASP K 70 -57.28 -13.16 39.49
CA ASP K 70 -56.18 -13.31 38.56
C ASP K 70 -56.71 -13.30 37.13
N ILE K 71 -57.78 -14.06 36.89
CA ILE K 71 -58.43 -14.08 35.58
C ILE K 71 -58.73 -12.67 35.07
N LYS K 72 -59.24 -11.81 35.95
CA LYS K 72 -59.54 -10.44 35.55
C LYS K 72 -58.26 -9.75 35.15
N THR K 73 -57.29 -9.74 36.05
CA THR K 73 -55.98 -9.20 35.71
C THR K 73 -55.61 -9.68 34.30
N LEU K 74 -55.61 -10.98 34.08
CA LEU K 74 -55.26 -11.57 32.78
C LEU K 74 -56.09 -10.99 31.64
N LEU K 75 -57.40 -10.93 31.85
CA LEU K 75 -58.30 -10.35 30.84
C LEU K 75 -57.90 -8.91 30.53
N MET K 76 -57.78 -8.10 31.59
CA MET K 76 -57.34 -6.71 31.45
C MET K 76 -55.97 -6.60 30.77
N ASP K 77 -55.05 -7.48 31.14
CA ASP K 77 -53.73 -7.54 30.50
C ASP K 77 -53.88 -7.66 29.00
N SER K 78 -54.63 -8.67 28.57
CA SER K 78 -54.89 -8.88 27.14
C SER K 78 -55.40 -7.61 26.46
N GLN K 79 -56.51 -7.08 26.97
CA GLN K 79 -57.13 -5.89 26.41
C GLN K 79 -56.07 -4.84 26.03
N ASP K 80 -55.24 -4.46 26.99
CA ASP K 80 -54.19 -3.50 26.71
C ASP K 80 -53.32 -3.99 25.58
N LYS K 81 -52.88 -5.25 25.64
CA LYS K 81 -52.03 -5.80 24.58
C LYS K 81 -52.70 -5.82 23.21
N TYR K 82 -54.02 -6.03 23.21
CA TYR K 82 -54.81 -5.93 21.99
C TYR K 82 -54.77 -4.51 21.47
N PHE K 83 -55.16 -3.58 22.33
CA PHE K 83 -55.12 -2.15 22.02
C PHE K 83 -53.80 -1.75 21.36
N GLU K 84 -52.71 -1.98 22.07
CA GLU K 84 -51.38 -1.77 21.54
C GLU K 84 -51.30 -2.32 20.13
N ALA K 85 -51.41 -3.65 20.02
CA ALA K 85 -51.28 -4.32 18.72
C ALA K 85 -52.05 -3.63 17.61
N THR K 86 -53.35 -3.51 17.80
CA THR K 86 -54.22 -2.88 16.81
C THR K 86 -53.78 -1.47 16.53
N GLN K 87 -53.53 -0.71 17.60
CA GLN K 87 -53.18 0.70 17.47
C GLN K 87 -51.91 0.82 16.65
N THR K 88 -50.89 0.08 17.06
CA THR K 88 -49.65 0.01 16.32
C THR K 88 -49.90 -0.14 14.82
N VAL K 89 -50.73 -1.11 14.48
CA VAL K 89 -51.09 -1.36 13.09
C VAL K 89 -51.79 -0.15 12.45
N TYR K 90 -52.89 0.29 13.05
CA TYR K 90 -53.63 1.47 12.57
C TYR K 90 -52.73 2.66 12.29
N GLU K 91 -51.63 2.76 13.03
CA GLU K 91 -50.69 3.84 12.83
C GLU K 91 -49.93 3.65 11.51
N TRP K 92 -49.32 2.47 11.36
CA TRP K 92 -48.56 2.21 10.14
C TRP K 92 -49.47 2.11 8.92
N CYS K 93 -50.53 1.32 9.06
CA CYS K 93 -51.50 1.09 8.01
C CYS K 93 -51.96 2.45 7.46
N GLY K 94 -51.64 3.51 8.21
CA GLY K 94 -52.16 4.83 7.93
C GLY K 94 -51.17 5.73 7.21
N VAL K 95 -49.94 5.73 7.69
CA VAL K 95 -48.88 6.40 6.95
C VAL K 95 -48.75 5.71 5.60
N ALA K 96 -48.78 4.38 5.63
CA ALA K 96 -48.64 3.55 4.45
C ALA K 96 -49.59 3.97 3.31
N THR K 97 -50.89 3.98 3.57
CA THR K 97 -51.89 4.27 2.54
C THR K 97 -51.56 5.56 1.81
N GLN K 98 -51.24 6.60 2.58
CA GLN K 98 -50.79 7.86 1.99
C GLN K 98 -49.65 7.67 0.98
N LEU K 99 -48.66 6.86 1.37
CA LEU K 99 -47.49 6.64 0.55
C LEU K 99 -47.80 5.83 -0.69
N LEU K 100 -48.50 4.71 -0.53
CA LEU K 100 -48.90 3.93 -1.69
C LEU K 100 -49.69 4.82 -2.65
N ALA K 101 -50.53 5.67 -2.08
CA ALA K 101 -51.39 6.54 -2.85
C ALA K 101 -50.55 7.49 -3.65
N ALA K 102 -49.55 8.04 -2.97
CA ALA K 102 -48.60 8.95 -3.61
C ALA K 102 -47.85 8.25 -4.73
N TYR K 103 -47.34 7.07 -4.43
CA TYR K 103 -46.60 6.31 -5.43
C TYR K 103 -47.45 6.09 -6.66
N ILE K 104 -48.71 5.73 -6.46
CA ILE K 104 -49.65 5.49 -7.56
C ILE K 104 -49.88 6.75 -8.37
N LEU K 105 -49.86 7.88 -7.68
CA LEU K 105 -50.04 9.17 -8.31
C LEU K 105 -48.80 9.68 -9.05
N LEU K 106 -47.67 9.78 -8.34
CA LEU K 106 -46.47 10.38 -8.89
C LEU K 106 -45.91 9.60 -10.07
N PHE K 107 -46.32 8.34 -10.17
CA PHE K 107 -45.89 7.49 -11.29
C PHE K 107 -47.00 7.06 -12.23
N ASP K 108 -47.92 7.98 -12.51
CA ASP K 108 -48.89 7.73 -13.55
C ASP K 108 -48.05 7.54 -14.77
N GLU K 109 -47.30 8.58 -15.11
CA GLU K 109 -46.24 8.51 -16.11
C GLU K 109 -44.92 8.51 -15.34
N TYR K 110 -44.02 7.62 -15.72
CA TYR K 110 -42.76 7.43 -15.02
C TYR K 110 -42.04 8.74 -14.69
N ASN K 111 -41.73 8.93 -13.41
CA ASN K 111 -41.02 10.12 -12.98
C ASN K 111 -39.56 9.76 -12.77
N GLU K 112 -38.71 10.12 -13.73
CA GLU K 112 -37.35 9.61 -13.77
C GLU K 112 -36.48 10.03 -12.59
N LYS K 113 -36.78 11.20 -12.03
CA LYS K 113 -35.95 11.73 -10.97
C LYS K 113 -36.31 11.11 -9.63
N LYS K 114 -37.60 11.11 -9.33
CA LYS K 114 -38.05 10.59 -8.06
C LYS K 114 -38.02 9.07 -8.07
N ALA K 115 -37.73 8.48 -9.22
CA ALA K 115 -37.77 7.03 -9.35
C ALA K 115 -36.96 6.28 -8.29
N SER K 116 -35.72 6.70 -8.08
CA SER K 116 -34.85 6.01 -7.12
C SER K 116 -35.37 6.14 -5.69
N ALA K 117 -35.85 7.33 -5.33
CA ALA K 117 -36.44 7.53 -4.00
C ALA K 117 -37.68 6.66 -3.82
N GLN K 118 -38.65 6.86 -4.70
CA GLN K 118 -39.90 6.13 -4.63
C GLN K 118 -39.62 4.68 -4.28
N LYS K 119 -38.62 4.10 -4.94
CA LYS K 119 -38.24 2.72 -4.73
C LYS K 119 -37.79 2.52 -3.29
N ASP K 120 -36.80 3.30 -2.88
CA ASP K 120 -36.29 3.25 -1.51
C ASP K 120 -37.42 3.42 -0.52
N ILE K 121 -38.27 4.42 -0.77
CA ILE K 121 -39.42 4.64 0.07
C ILE K 121 -40.33 3.40 0.14
N LEU K 122 -40.84 2.97 -1.01
CA LEU K 122 -41.69 1.78 -1.05
C LEU K 122 -41.09 0.68 -0.18
N ILE K 123 -39.78 0.53 -0.24
CA ILE K 123 -39.12 -0.50 0.55
C ILE K 123 -39.25 -0.24 2.05
N LYS K 124 -38.76 0.90 2.51
CA LYS K 124 -38.81 1.22 3.95
C LYS K 124 -40.22 1.04 4.51
N VAL K 125 -41.18 1.83 4.01
CA VAL K 125 -42.56 1.74 4.51
C VAL K 125 -43.08 0.31 4.48
N LEU K 126 -42.86 -0.42 3.39
CA LEU K 126 -43.30 -1.80 3.33
C LEU K 126 -42.55 -2.65 4.36
N ASP K 127 -41.22 -2.70 4.20
CA ASP K 127 -40.35 -3.43 5.12
C ASP K 127 -40.75 -3.15 6.56
N ASP K 128 -40.98 -1.88 6.85
CA ASP K 128 -41.33 -1.44 8.20
C ASP K 128 -42.62 -2.08 8.69
N GLY K 129 -43.73 -1.78 8.01
CA GLY K 129 -45.01 -2.36 8.37
C GLY K 129 -44.93 -3.86 8.49
N ILE K 130 -44.19 -4.48 7.59
CA ILE K 130 -44.00 -5.92 7.62
C ILE K 130 -43.48 -6.39 8.95
N THR K 131 -42.48 -5.69 9.47
CA THR K 131 -41.97 -6.02 10.80
C THR K 131 -43.01 -5.71 11.86
N LYS K 132 -43.50 -4.47 11.85
CA LYS K 132 -44.48 -4.00 12.82
C LYS K 132 -45.67 -4.95 12.90
N LEU K 133 -46.19 -5.30 11.72
CA LEU K 133 -47.33 -6.21 11.61
C LEU K 133 -47.01 -7.53 12.27
N ASN K 134 -45.83 -8.06 11.97
CA ASN K 134 -45.43 -9.33 12.54
C ASN K 134 -45.50 -9.29 14.06
N GLU K 135 -44.78 -8.32 14.64
CA GLU K 135 -44.71 -8.21 16.09
C GLU K 135 -46.09 -8.12 16.73
N ALA K 136 -47.01 -7.42 16.05
CA ALA K 136 -48.37 -7.27 16.54
C ALA K 136 -48.94 -8.64 16.78
N GLN K 137 -48.80 -9.50 15.77
CA GLN K 137 -49.30 -10.84 15.82
C GLN K 137 -48.70 -11.62 16.98
N LYS K 138 -47.38 -11.59 17.09
CA LYS K 138 -46.71 -12.32 18.16
C LYS K 138 -47.23 -11.83 19.51
N SER K 139 -47.31 -10.51 19.66
CA SER K 139 -47.83 -9.91 20.88
C SER K 139 -49.20 -10.53 21.22
N LEU K 140 -50.06 -10.61 20.22
CA LEU K 140 -51.42 -11.10 20.39
C LEU K 140 -51.44 -12.57 20.73
N LEU K 141 -50.65 -13.34 19.98
CA LEU K 141 -50.55 -14.77 20.18
C LEU K 141 -50.15 -15.07 21.60
N VAL K 142 -49.15 -14.35 22.09
CA VAL K 142 -48.66 -14.54 23.45
C VAL K 142 -49.75 -14.21 24.47
N SER K 143 -50.53 -13.17 24.21
CA SER K 143 -51.64 -12.80 25.09
C SER K 143 -52.61 -13.97 25.17
N SER K 144 -52.89 -14.58 24.03
CA SER K 144 -53.81 -15.71 24.00
C SER K 144 -53.28 -16.84 24.88
N GLN K 145 -51.99 -17.12 24.73
CA GLN K 145 -51.35 -18.19 25.48
C GLN K 145 -51.46 -17.96 27.00
N SER K 146 -51.58 -16.70 27.39
CA SER K 146 -51.58 -16.34 28.82
C SER K 146 -52.68 -17.02 29.62
N PHE K 147 -53.89 -16.98 29.08
CA PHE K 147 -55.07 -17.51 29.76
C PHE K 147 -55.00 -19.02 29.99
N ASN K 148 -54.15 -19.70 29.23
CA ASN K 148 -54.16 -21.15 29.23
C ASN K 148 -53.99 -21.79 30.60
N ASN K 149 -52.99 -21.35 31.35
CA ASN K 149 -52.74 -21.91 32.67
C ASN K 149 -53.95 -21.71 33.56
N ALA K 150 -54.36 -20.45 33.69
CA ALA K 150 -55.55 -20.09 34.45
C ALA K 150 -56.75 -20.95 34.05
N SER K 151 -56.97 -21.08 32.74
CA SER K 151 -58.10 -21.86 32.22
C SER K 151 -58.14 -23.28 32.83
N GLY K 152 -56.95 -23.85 33.04
CA GLY K 152 -56.83 -25.16 33.66
C GLY K 152 -57.19 -25.10 35.13
N LYS K 153 -56.49 -24.25 35.87
CA LYS K 153 -56.78 -24.05 37.28
C LYS K 153 -58.28 -23.90 37.52
N LEU K 154 -58.94 -23.17 36.62
CA LEU K 154 -60.40 -23.02 36.68
C LEU K 154 -61.10 -24.36 36.74
N LEU K 155 -60.82 -25.21 35.75
CA LEU K 155 -61.44 -26.52 35.71
C LEU K 155 -61.10 -27.36 36.94
N ALA K 156 -59.83 -27.40 37.35
CA ALA K 156 -59.47 -28.13 38.56
C ALA K 156 -60.44 -27.74 39.67
N LEU K 157 -60.49 -26.45 39.96
CA LEU K 157 -61.37 -25.93 40.99
C LEU K 157 -62.77 -26.51 40.86
N ASP K 158 -63.40 -26.25 39.72
CA ASP K 158 -64.74 -26.75 39.45
C ASP K 158 -64.79 -28.27 39.64
N SER K 159 -63.93 -28.98 38.93
CA SER K 159 -63.84 -30.43 39.06
C SER K 159 -63.95 -30.86 40.53
N GLN K 160 -63.13 -30.24 41.39
CA GLN K 160 -63.07 -30.62 42.80
C GLN K 160 -64.25 -30.12 43.62
N LEU K 161 -64.48 -28.82 43.58
CA LEU K 161 -65.63 -28.23 44.27
C LEU K 161 -66.91 -28.99 44.00
N THR K 162 -67.00 -29.62 42.83
CA THR K 162 -68.17 -30.44 42.52
C THR K 162 -68.10 -31.75 43.29
N ASN K 163 -66.98 -32.45 43.15
CA ASN K 163 -66.77 -33.69 43.89
C ASN K 163 -66.81 -33.49 45.40
N ASP K 164 -66.18 -32.41 45.85
CA ASP K 164 -66.04 -32.13 47.27
C ASP K 164 -67.38 -31.77 47.92
N PHE K 165 -68.28 -31.21 47.11
CA PHE K 165 -69.58 -30.77 47.61
C PHE K 165 -70.45 -31.95 47.96
N SER K 166 -70.45 -32.95 47.09
CA SER K 166 -71.21 -34.17 47.35
C SER K 166 -70.63 -34.88 48.57
N GLU K 167 -69.35 -34.64 48.85
CA GLU K 167 -68.69 -35.27 49.99
C GLU K 167 -69.12 -34.63 51.30
N LYS K 168 -69.46 -33.34 51.25
CA LYS K 168 -69.98 -32.68 52.44
C LYS K 168 -71.46 -33.03 52.62
N SER K 169 -72.20 -33.10 51.53
CA SER K 169 -73.60 -33.48 51.61
C SER K 169 -73.74 -34.87 52.22
N SER K 170 -72.73 -35.71 52.01
CA SER K 170 -72.68 -37.02 52.63
C SER K 170 -72.34 -36.89 54.11
N TYR K 171 -71.38 -36.02 54.40
CA TYR K 171 -70.94 -35.77 55.77
C TYR K 171 -72.04 -35.14 56.60
N PHE K 172 -72.90 -34.38 55.95
CA PHE K 172 -74.03 -33.78 56.64
C PHE K 172 -74.94 -34.85 57.27
N GLN K 173 -75.63 -35.62 56.44
CA GLN K 173 -76.54 -36.64 56.96
C GLN K 173 -75.82 -37.60 57.88
N SER K 174 -74.59 -37.99 57.52
CA SER K 174 -73.81 -38.90 58.37
C SER K 174 -73.54 -38.25 59.72
N GLN K 175 -73.65 -36.93 59.76
CA GLN K 175 -73.37 -36.18 60.97
C GLN K 175 -74.63 -35.89 61.79
N VAL K 176 -75.71 -35.43 61.14
CA VAL K 176 -76.97 -35.20 61.85
C VAL K 176 -77.41 -36.51 62.49
N ASP K 177 -77.09 -37.62 61.83
CA ASP K 177 -77.27 -38.94 62.43
C ASP K 177 -76.56 -39.01 63.77
N LYS K 178 -75.25 -38.74 63.76
CA LYS K 178 -74.49 -38.74 65.00
C LYS K 178 -75.21 -37.94 66.07
N ILE K 179 -75.93 -36.90 65.67
CA ILE K 179 -76.64 -36.05 66.61
C ILE K 179 -77.85 -36.73 67.26
N ARG K 180 -78.64 -37.43 66.46
CA ARG K 180 -79.75 -38.21 67.00
C ARG K 180 -79.21 -39.30 67.92
N LYS K 181 -78.31 -40.12 67.38
CA LYS K 181 -77.72 -41.23 68.12
C LYS K 181 -77.16 -40.79 69.46
N GLU K 182 -76.63 -39.58 69.52
CA GLU K 182 -76.06 -39.08 70.77
C GLU K 182 -77.15 -38.61 71.72
N ALA K 183 -78.20 -38.01 71.16
CA ALA K 183 -79.25 -37.40 71.97
C ALA K 183 -80.25 -38.41 72.50
N TYR K 184 -80.62 -39.38 71.67
CA TYR K 184 -81.58 -40.39 72.08
C TYR K 184 -80.97 -41.48 72.96
N ALA K 185 -79.71 -41.80 72.73
CA ALA K 185 -78.98 -42.64 73.68
C ALA K 185 -78.97 -41.94 75.05
N GLY K 186 -79.12 -40.62 75.02
CA GLY K 186 -79.19 -39.82 76.23
C GLY K 186 -80.56 -39.81 76.89
N ALA K 187 -81.60 -39.47 76.15
CA ALA K 187 -82.95 -39.51 76.67
C ALA K 187 -83.21 -40.91 77.13
N ALA K 188 -83.07 -41.86 76.21
CA ALA K 188 -83.22 -43.27 76.54
C ALA K 188 -82.64 -43.61 77.93
N ALA K 189 -81.57 -42.89 78.31
CA ALA K 189 -80.89 -43.15 79.58
C ALA K 189 -81.74 -42.82 80.81
N GLY K 190 -82.93 -42.29 80.58
CA GLY K 190 -83.84 -41.92 81.65
C GLY K 190 -84.58 -43.10 82.26
N VAL K 191 -84.46 -44.26 81.63
CA VAL K 191 -85.06 -45.50 82.13
C VAL K 191 -84.75 -45.71 83.61
N VAL K 192 -83.62 -45.19 84.07
CA VAL K 192 -83.22 -45.33 85.47
C VAL K 192 -84.19 -44.60 86.40
N ALA K 193 -84.33 -43.29 86.23
CA ALA K 193 -85.35 -42.55 86.95
C ALA K 193 -86.71 -42.73 86.25
N GLY K 194 -87.80 -42.36 86.92
CA GLY K 194 -89.14 -42.69 86.47
C GLY K 194 -89.47 -42.36 85.02
N PRO K 195 -90.48 -43.03 84.45
CA PRO K 195 -90.90 -42.77 83.08
C PRO K 195 -91.33 -41.31 82.87
N PHE K 196 -91.89 -40.68 83.90
CA PHE K 196 -92.20 -39.26 83.84
C PHE K 196 -90.90 -38.50 83.63
N GLY K 197 -89.80 -39.13 84.03
CA GLY K 197 -88.47 -38.59 83.77
C GLY K 197 -88.18 -38.58 82.29
N LEU K 198 -88.65 -39.60 81.57
CA LEU K 198 -88.48 -39.65 80.12
C LEU K 198 -89.16 -38.47 79.46
N ILE K 199 -90.43 -38.23 79.81
CA ILE K 199 -91.13 -37.07 79.29
C ILE K 199 -90.26 -35.82 79.41
N ILE K 200 -89.76 -35.56 80.60
CA ILE K 200 -88.86 -34.42 80.81
C ILE K 200 -87.59 -34.53 79.94
N SER K 201 -86.94 -35.68 80.02
CA SER K 201 -85.68 -35.92 79.31
C SER K 201 -85.82 -35.80 77.80
N TYR K 202 -86.74 -36.59 77.27
CA TYR K 202 -87.01 -36.68 75.85
C TYR K 202 -87.54 -35.36 75.29
N SER K 203 -88.37 -34.64 76.05
CA SER K 203 -88.77 -33.29 75.64
C SER K 203 -87.56 -32.38 75.55
N ILE K 204 -86.72 -32.42 76.59
CA ILE K 204 -85.49 -31.67 76.59
C ILE K 204 -84.66 -31.98 75.33
N ALA K 205 -84.65 -33.26 74.93
CA ALA K 205 -83.81 -33.69 73.81
C ALA K 205 -84.47 -33.55 72.43
N ALA K 206 -85.26 -34.54 72.05
CA ALA K 206 -85.95 -34.52 70.77
C ALA K 206 -86.52 -33.15 70.47
N GLY K 207 -87.01 -32.48 71.52
CA GLY K 207 -87.53 -31.14 71.38
C GLY K 207 -86.50 -30.15 70.85
N VAL K 208 -85.42 -29.96 71.59
CA VAL K 208 -84.35 -29.05 71.19
C VAL K 208 -83.65 -29.50 69.90
N VAL K 209 -83.41 -30.80 69.77
CA VAL K 209 -82.77 -31.32 68.58
C VAL K 209 -83.63 -31.09 67.34
N GLU K 210 -84.81 -31.70 67.33
CA GLU K 210 -85.71 -31.61 66.18
C GLU K 210 -86.30 -30.20 66.07
N GLY K 211 -86.08 -29.40 67.11
CA GLY K 211 -86.64 -28.07 67.21
C GLY K 211 -85.80 -27.02 66.52
N LYS K 212 -84.56 -26.83 66.98
CA LYS K 212 -83.63 -25.89 66.34
C LYS K 212 -82.47 -26.59 65.61
N LEU K 213 -81.89 -27.62 66.22
CA LEU K 213 -80.66 -28.23 65.69
C LEU K 213 -80.76 -28.79 64.27
N ILE K 214 -81.45 -29.91 64.10
CA ILE K 214 -81.53 -30.52 62.78
C ILE K 214 -81.92 -29.54 61.68
N PRO K 215 -82.95 -28.72 61.93
CA PRO K 215 -83.37 -27.71 60.95
C PRO K 215 -82.26 -26.73 60.64
N GLU K 216 -81.53 -26.30 61.66
CA GLU K 216 -80.39 -25.41 61.48
C GLU K 216 -79.37 -26.01 60.51
N LEU K 217 -79.03 -27.27 60.76
CA LEU K 217 -78.13 -28.00 59.88
C LEU K 217 -78.68 -28.05 58.46
N LYS K 218 -79.93 -28.44 58.32
CA LYS K 218 -80.58 -28.47 57.01
C LYS K 218 -80.52 -27.09 56.39
N ASN K 219 -80.38 -26.07 57.22
CA ASN K 219 -80.29 -24.72 56.70
C ASN K 219 -78.94 -24.40 56.07
N LYS K 220 -77.86 -24.75 56.76
CA LYS K 220 -76.52 -24.53 56.20
C LYS K 220 -76.29 -25.41 54.99
N LEU K 221 -76.69 -26.68 55.08
CA LEU K 221 -76.57 -27.57 53.93
C LEU K 221 -77.13 -26.87 52.70
N LYS K 222 -78.13 -26.01 52.91
CA LYS K 222 -78.71 -25.26 51.81
C LYS K 222 -77.90 -24.02 51.47
N SER K 223 -77.44 -23.29 52.48
CA SER K 223 -76.64 -22.09 52.21
C SER K 223 -75.35 -22.48 51.50
N VAL K 224 -74.86 -23.67 51.80
CA VAL K 224 -73.72 -24.24 51.10
C VAL K 224 -74.10 -24.61 49.67
N GLN K 225 -75.02 -25.54 49.53
CA GLN K 225 -75.49 -25.96 48.22
C GLN K 225 -75.90 -24.74 47.39
N ASN K 226 -76.31 -23.68 48.08
CA ASN K 226 -76.67 -22.43 47.42
C ASN K 226 -75.42 -21.73 46.87
N PHE K 227 -74.41 -21.62 47.72
CA PHE K 227 -73.16 -20.99 47.34
C PHE K 227 -72.38 -21.83 46.35
N PHE K 228 -72.35 -23.14 46.56
CA PHE K 228 -71.75 -24.04 45.59
C PHE K 228 -72.27 -23.71 44.19
N THR K 229 -73.57 -23.47 44.07
CA THR K 229 -74.16 -23.18 42.77
C THR K 229 -73.66 -21.85 42.22
N THR K 230 -73.88 -20.76 42.96
CA THR K 230 -73.47 -19.44 42.48
C THR K 230 -72.01 -19.46 42.06
N LEU K 231 -71.19 -20.16 42.83
CA LEU K 231 -69.77 -20.26 42.52
C LEU K 231 -69.53 -21.04 41.23
N SER K 232 -70.18 -22.19 41.09
CA SER K 232 -70.02 -23.01 39.90
C SER K 232 -70.33 -22.17 38.65
N ASN K 233 -71.35 -21.33 38.77
CA ASN K 233 -71.73 -20.40 37.70
C ASN K 233 -70.72 -19.28 37.52
N THR K 234 -70.12 -18.83 38.61
CA THR K 234 -69.09 -17.80 38.54
C THR K 234 -67.90 -18.35 37.75
N VAL K 235 -67.75 -19.68 37.79
CA VAL K 235 -66.70 -20.36 37.04
C VAL K 235 -67.08 -20.44 35.57
N LYS K 236 -68.25 -21.00 35.29
CA LYS K 236 -68.73 -21.08 33.91
C LYS K 236 -68.54 -19.75 33.20
N GLN K 237 -68.76 -18.65 33.92
CA GLN K 237 -68.62 -17.33 33.33
C GLN K 237 -67.18 -17.12 32.92
N ALA K 238 -66.26 -17.17 33.88
CA ALA K 238 -64.84 -17.00 33.59
C ALA K 238 -64.40 -17.84 32.40
N ASN K 239 -64.76 -19.12 32.41
CA ASN K 239 -64.42 -19.98 31.28
C ASN K 239 -64.95 -19.43 29.95
N LYS K 240 -66.15 -18.84 29.99
CA LYS K 240 -66.71 -18.22 28.80
C LYS K 240 -66.00 -16.92 28.43
N ASP K 241 -65.66 -16.13 29.44
CA ASP K 241 -64.97 -14.84 29.24
C ASP K 241 -63.58 -15.06 28.66
N ILE K 242 -62.85 -16.00 29.25
CA ILE K 242 -61.51 -16.29 28.79
C ILE K 242 -61.55 -16.74 27.36
N ASP K 243 -62.46 -17.66 27.06
CA ASP K 243 -62.55 -18.22 25.72
C ASP K 243 -62.88 -17.16 24.67
N ALA K 244 -63.75 -16.23 25.05
CA ALA K 244 -64.13 -15.12 24.18
C ALA K 244 -62.94 -14.23 23.85
N ALA K 245 -62.09 -13.98 24.85
CA ALA K 245 -60.90 -13.19 24.64
C ALA K 245 -59.95 -13.89 23.68
N LYS K 246 -59.71 -15.18 23.94
CA LYS K 246 -58.80 -15.95 23.11
C LYS K 246 -59.25 -15.91 21.65
N LEU K 247 -60.57 -15.92 21.44
CA LEU K 247 -61.13 -15.84 20.11
C LEU K 247 -60.75 -14.52 19.47
N LYS K 248 -61.26 -13.44 20.04
CA LYS K 248 -60.93 -12.08 19.62
C LYS K 248 -59.48 -11.98 19.20
N LEU K 249 -58.61 -12.52 20.05
CA LEU K 249 -57.17 -12.42 19.82
C LEU K 249 -56.74 -13.08 18.53
N THR K 250 -57.04 -14.37 18.36
CA THR K 250 -56.58 -15.08 17.18
C THR K 250 -57.22 -14.54 15.90
N THR K 251 -58.51 -14.26 15.98
CA THR K 251 -59.25 -13.75 14.83
C THR K 251 -58.71 -12.39 14.42
N GLU K 252 -58.10 -11.68 15.36
CA GLU K 252 -57.39 -10.44 15.03
C GLU K 252 -56.05 -10.79 14.40
N ILE K 253 -55.29 -11.63 15.09
CA ILE K 253 -54.03 -12.14 14.56
C ILE K 253 -54.13 -12.46 13.06
N ALA K 254 -55.16 -13.20 12.68
CA ALA K 254 -55.31 -13.66 11.31
C ALA K 254 -55.76 -12.54 10.39
N ALA K 255 -56.55 -11.62 10.93
CA ALA K 255 -57.00 -10.46 10.19
C ALA K 255 -55.82 -9.54 9.88
N ILE K 256 -54.92 -9.39 10.85
CA ILE K 256 -53.67 -8.69 10.63
C ILE K 256 -52.89 -9.47 9.59
N GLY K 257 -53.00 -10.79 9.66
CA GLY K 257 -52.34 -11.67 8.71
C GLY K 257 -52.67 -11.31 7.27
N GLU K 258 -53.93 -11.05 7.00
CA GLU K 258 -54.36 -10.67 5.67
C GLU K 258 -53.51 -9.52 5.13
N ILE K 259 -53.37 -8.45 5.89
CA ILE K 259 -52.55 -7.32 5.44
C ILE K 259 -51.11 -7.76 5.25
N LYS K 260 -50.53 -8.33 6.29
CA LYS K 260 -49.16 -8.79 6.24
C LYS K 260 -48.86 -9.41 4.89
N THR K 261 -49.59 -10.46 4.52
CA THR K 261 -49.28 -11.17 3.27
C THR K 261 -49.30 -10.23 2.08
N GLU K 262 -50.36 -9.44 1.94
CA GLU K 262 -50.44 -8.46 0.85
C GLU K 262 -49.21 -7.57 0.83
N THR K 263 -48.92 -6.98 1.98
CA THR K 263 -47.75 -6.12 2.13
C THR K 263 -46.50 -6.87 1.70
N GLU K 264 -46.27 -8.02 2.32
CA GLU K 264 -45.10 -8.82 2.05
C GLU K 264 -44.96 -9.03 0.55
N THR K 265 -46.07 -9.31 -0.12
CA THR K 265 -46.08 -9.53 -1.56
C THR K 265 -45.60 -8.29 -2.31
N THR K 266 -46.40 -7.23 -2.19
CA THR K 266 -46.07 -5.92 -2.72
C THR K 266 -44.57 -5.62 -2.58
N ARG K 267 -44.01 -5.87 -1.42
CA ARG K 267 -42.57 -5.71 -1.23
C ARG K 267 -41.78 -6.43 -2.31
N PHE K 268 -41.97 -7.74 -2.42
CA PHE K 268 -41.28 -8.53 -3.45
C PHE K 268 -41.42 -7.91 -4.85
N TYR K 269 -42.62 -7.43 -5.17
CA TYR K 269 -42.85 -6.81 -6.46
C TYR K 269 -41.94 -5.59 -6.67
N VAL K 270 -41.75 -4.78 -5.64
CA VAL K 270 -40.82 -3.68 -5.71
C VAL K 270 -39.43 -4.18 -6.13
N ASP K 271 -39.10 -5.42 -5.81
CA ASP K 271 -37.80 -6.01 -6.15
C ASP K 271 -37.57 -6.24 -7.65
N TYR K 272 -38.61 -6.05 -8.46
CA TYR K 272 -38.45 -6.20 -9.90
C TYR K 272 -37.74 -4.97 -10.49
N ASP K 273 -37.89 -3.84 -9.83
CA ASP K 273 -37.28 -2.56 -10.25
C ASP K 273 -38.21 -1.73 -11.10
N ASP K 274 -39.01 -2.40 -11.89
CA ASP K 274 -39.95 -1.72 -12.74
C ASP K 274 -40.99 -1.06 -11.86
N LEU K 275 -40.72 0.18 -11.45
CA LEU K 275 -41.68 0.95 -10.67
C LEU K 275 -42.99 1.12 -11.42
N MET K 276 -43.04 0.65 -12.66
CA MET K 276 -44.20 0.83 -13.53
C MET K 276 -44.91 -0.48 -13.81
N LEU K 277 -44.39 -1.57 -13.26
CA LEU K 277 -44.92 -2.91 -13.49
C LEU K 277 -46.33 -2.96 -13.00
N SER K 278 -47.26 -3.44 -13.83
CA SER K 278 -48.67 -3.49 -13.47
C SER K 278 -48.87 -4.19 -12.12
N LEU K 279 -48.21 -5.33 -11.94
CA LEU K 279 -48.28 -6.04 -10.68
C LEU K 279 -48.04 -5.10 -9.50
N LEU K 280 -46.84 -4.57 -9.38
CA LEU K 280 -46.51 -3.71 -8.25
C LEU K 280 -47.52 -2.59 -8.13
N LYS K 281 -48.05 -2.14 -9.26
CA LYS K 281 -48.98 -1.04 -9.24
C LYS K 281 -50.29 -1.54 -8.66
N GLU K 282 -50.75 -2.66 -9.19
CA GLU K 282 -52.00 -3.28 -8.72
C GLU K 282 -51.86 -3.68 -7.27
N ALA K 283 -50.80 -4.42 -6.95
CA ALA K 283 -50.51 -4.80 -5.58
C ALA K 283 -50.67 -3.61 -4.63
N ALA K 284 -50.16 -2.46 -5.04
CA ALA K 284 -50.20 -1.25 -4.25
C ALA K 284 -51.62 -0.75 -4.09
N LYS K 285 -52.42 -0.93 -5.13
CA LYS K 285 -53.81 -0.52 -5.10
C LYS K 285 -54.61 -1.45 -4.19
N LYS K 286 -54.33 -2.75 -4.30
CA LYS K 286 -54.98 -3.76 -3.47
C LYS K 286 -54.69 -3.47 -2.00
N MET K 287 -53.42 -3.25 -1.68
CA MET K 287 -53.04 -2.89 -0.33
C MET K 287 -53.96 -1.82 0.26
N ILE K 288 -54.32 -0.83 -0.55
CA ILE K 288 -55.17 0.27 -0.09
C ILE K 288 -56.61 -0.19 0.16
N ASN K 289 -57.07 -1.12 -0.68
CA ASN K 289 -58.36 -1.76 -0.44
C ASN K 289 -58.31 -2.64 0.79
N THR K 290 -57.47 -3.67 0.76
CA THR K 290 -57.30 -4.55 1.92
C THR K 290 -57.28 -3.75 3.22
N CYS K 291 -56.56 -2.64 3.25
CA CYS K 291 -56.54 -1.77 4.44
C CYS K 291 -57.91 -1.20 4.73
N ASN K 292 -58.51 -0.58 3.72
CA ASN K 292 -59.81 0.05 3.91
C ASN K 292 -60.87 -0.91 4.49
N GLU K 293 -60.91 -2.14 4.01
CA GLU K 293 -61.86 -3.15 4.50
C GLU K 293 -61.58 -3.52 5.95
N TYR K 294 -60.29 -3.56 6.30
CA TYR K 294 -59.85 -3.81 7.67
C TYR K 294 -60.39 -2.75 8.65
N GLN K 295 -60.58 -1.52 8.17
CA GLN K 295 -61.08 -0.42 9.01
C GLN K 295 -62.58 -0.52 9.22
N LYS K 296 -63.28 -1.12 8.26
CA LYS K 296 -64.74 -1.19 8.27
C LYS K 296 -65.25 -2.31 9.18
N ARG K 297 -64.93 -3.55 8.81
CA ARG K 297 -65.29 -4.69 9.64
C ARG K 297 -64.65 -4.53 11.02
N HIS K 298 -63.32 -4.51 11.07
CA HIS K 298 -62.60 -4.35 12.32
C HIS K 298 -62.59 -2.89 12.79
N LYS L 14 -59.85 -24.62 120.23
CA LYS L 14 -60.90 -25.15 119.38
C LYS L 14 -62.17 -24.30 119.46
N THR L 15 -61.97 -22.99 119.55
CA THR L 15 -63.07 -22.04 119.60
C THR L 15 -63.11 -21.23 118.32
N VAL L 16 -61.93 -20.88 117.82
CA VAL L 16 -61.80 -20.08 116.61
C VAL L 16 -62.02 -20.92 115.36
N GLU L 17 -61.81 -22.23 115.48
CA GLU L 17 -61.91 -23.14 114.35
C GLU L 17 -63.25 -23.04 113.64
N VAL L 18 -64.25 -22.50 114.31
CA VAL L 18 -65.56 -22.29 113.68
C VAL L 18 -65.44 -21.24 112.60
N VAL L 19 -64.80 -20.13 112.94
CA VAL L 19 -64.54 -19.06 111.99
C VAL L 19 -63.78 -19.59 110.78
N LYS L 20 -62.67 -20.28 111.05
CA LYS L 20 -61.88 -20.90 110.00
C LYS L 20 -62.74 -21.78 109.11
N ASN L 21 -63.42 -22.76 109.68
CA ASN L 21 -64.27 -23.64 108.89
C ASN L 21 -65.29 -22.85 108.07
N ALA L 22 -65.84 -21.79 108.67
CA ALA L 22 -66.83 -20.96 108.00
C ALA L 22 -66.21 -20.14 106.88
N ILE L 23 -65.00 -19.65 107.13
CA ILE L 23 -64.26 -18.91 106.13
C ILE L 23 -64.16 -19.77 104.86
N GLU L 24 -63.77 -21.03 105.03
CA GLU L 24 -63.61 -21.94 103.91
C GLU L 24 -64.96 -22.26 103.28
N THR L 25 -66.00 -22.36 104.11
CA THR L 25 -67.35 -22.56 103.62
C THR L 25 -67.72 -21.41 102.67
N ALA L 26 -67.46 -20.20 103.13
CA ALA L 26 -67.77 -19.01 102.35
C ALA L 26 -67.00 -18.96 101.04
N ASP L 27 -65.77 -19.48 101.04
CA ASP L 27 -64.95 -19.51 99.84
C ASP L 27 -65.66 -20.31 98.76
N GLY L 28 -65.80 -21.61 99.00
CA GLY L 28 -66.53 -22.49 98.10
C GLY L 28 -67.91 -21.97 97.76
N ALA L 29 -68.45 -21.09 98.61
CA ALA L 29 -69.72 -20.45 98.31
C ALA L 29 -69.58 -19.60 97.05
N LEU L 30 -68.72 -18.59 97.11
CA LEU L 30 -68.42 -17.78 95.94
C LEU L 30 -68.27 -18.67 94.70
N ASP L 31 -67.36 -19.62 94.80
CA ASP L 31 -67.06 -20.53 93.70
C ASP L 31 -68.31 -21.06 93.03
N LEU L 32 -69.12 -21.81 93.76
CA LEU L 32 -70.38 -22.29 93.22
C LEU L 32 -71.19 -21.12 92.68
N TYR L 33 -71.15 -19.99 93.39
CA TYR L 33 -71.94 -18.83 93.01
C TYR L 33 -71.65 -18.43 91.57
N ASN L 34 -70.39 -18.10 91.32
CA ASN L 34 -69.93 -17.73 89.99
C ASN L 34 -70.16 -18.87 89.00
N LYS L 35 -69.58 -20.02 89.29
CA LYS L 35 -69.75 -21.20 88.43
C LYS L 35 -71.15 -21.26 87.82
N TYR L 36 -72.17 -21.00 88.64
CA TYR L 36 -73.55 -20.99 88.17
C TYR L 36 -73.88 -19.69 87.46
N LEU L 37 -73.48 -18.58 88.07
CA LEU L 37 -73.73 -17.27 87.51
C LEU L 37 -73.25 -17.21 86.07
N ASP L 38 -72.14 -17.88 85.79
CA ASP L 38 -71.57 -17.95 84.45
C ASP L 38 -72.46 -18.81 83.54
N GLN L 39 -72.80 -20.01 84.00
CA GLN L 39 -73.71 -20.86 83.25
C GLN L 39 -74.98 -20.07 82.91
N VAL L 40 -75.32 -19.13 83.80
CA VAL L 40 -76.54 -18.35 83.69
C VAL L 40 -76.39 -17.14 82.76
N ILE L 41 -75.24 -16.51 82.84
CA ILE L 41 -74.93 -15.33 82.03
C ILE L 41 -73.68 -15.59 81.20
N PRO L 42 -73.87 -16.00 79.95
CA PRO L 42 -72.80 -16.44 79.04
C PRO L 42 -71.93 -15.29 78.57
N TRP L 43 -71.29 -14.59 79.50
CA TRP L 43 -70.42 -13.50 79.13
C TRP L 43 -69.27 -14.05 78.31
N GLN L 44 -68.82 -15.25 78.64
CA GLN L 44 -67.79 -15.92 77.86
C GLN L 44 -68.21 -15.95 76.42
N THR L 45 -69.36 -16.58 76.15
CA THR L 45 -69.88 -16.69 74.80
C THR L 45 -70.14 -15.33 74.16
N PHE L 46 -70.70 -14.40 74.92
CA PHE L 46 -70.95 -13.05 74.43
C PHE L 46 -69.65 -12.35 74.01
N ASP L 47 -68.71 -12.27 74.94
CA ASP L 47 -67.42 -11.68 74.67
C ASP L 47 -66.77 -12.34 73.46
N GLU L 48 -66.66 -13.67 73.49
CA GLU L 48 -66.10 -14.42 72.38
C GLU L 48 -66.76 -14.03 71.08
N THR L 49 -68.09 -14.04 71.08
CA THR L 49 -68.85 -13.72 69.89
C THR L 49 -68.52 -12.32 69.38
N ILE L 50 -68.29 -11.39 70.30
CA ILE L 50 -67.90 -10.02 69.96
C ILE L 50 -66.55 -9.97 69.26
N LYS L 51 -65.55 -10.62 69.86
CA LYS L 51 -64.20 -10.64 69.30
C LYS L 51 -64.19 -11.14 67.87
N GLU L 52 -64.58 -12.39 67.65
CA GLU L 52 -64.48 -12.96 66.32
C GLU L 52 -65.10 -12.09 65.23
N LEU L 53 -66.18 -11.39 65.54
CA LEU L 53 -66.76 -10.51 64.52
C LEU L 53 -66.15 -9.11 64.56
N SER L 54 -65.33 -8.85 65.57
CA SER L 54 -64.51 -7.66 65.58
C SER L 54 -63.30 -7.92 64.68
N ARG L 55 -62.72 -9.11 64.82
CA ARG L 55 -61.65 -9.55 63.94
C ARG L 55 -62.05 -9.37 62.48
N PHE L 56 -63.27 -9.79 62.13
CA PHE L 56 -63.77 -9.60 60.76
C PHE L 56 -63.55 -8.16 60.32
N LYS L 57 -64.20 -7.23 61.02
CA LYS L 57 -64.06 -5.81 60.74
C LYS L 57 -62.58 -5.41 60.63
N GLN L 58 -61.75 -6.04 61.44
CA GLN L 58 -60.33 -5.71 61.50
C GLN L 58 -59.61 -6.19 60.25
N GLU L 59 -59.45 -7.50 60.12
CA GLU L 59 -58.73 -8.11 59.01
C GLU L 59 -59.01 -7.45 57.67
N TYR L 60 -60.28 -7.20 57.37
CA TYR L 60 -60.64 -6.56 56.11
C TYR L 60 -60.23 -5.09 56.05
N SER L 61 -60.42 -4.37 57.15
CA SER L 61 -59.89 -3.02 57.23
C SER L 61 -58.45 -3.03 56.77
N GLN L 62 -57.64 -3.87 57.43
CA GLN L 62 -56.25 -4.07 57.07
C GLN L 62 -56.07 -4.18 55.56
N ALA L 63 -56.62 -5.23 54.98
CA ALA L 63 -56.50 -5.48 53.54
C ALA L 63 -56.87 -4.25 52.72
N ALA L 64 -58.14 -3.91 52.72
CA ALA L 64 -58.62 -2.76 51.97
C ALA L 64 -57.71 -1.53 52.16
N SER L 65 -57.36 -1.23 53.40
CA SER L 65 -56.48 -0.10 53.67
C SER L 65 -55.24 -0.14 52.78
N VAL L 66 -54.41 -1.16 52.98
CA VAL L 66 -53.17 -1.31 52.23
C VAL L 66 -53.37 -1.36 50.70
N LEU L 67 -54.43 -2.03 50.23
CA LEU L 67 -54.73 -2.07 48.79
C LEU L 67 -55.11 -0.69 48.27
N VAL L 68 -56.19 -0.13 48.84
CA VAL L 68 -56.63 1.21 48.48
C VAL L 68 -55.45 2.22 48.46
N GLY L 69 -54.46 1.97 49.32
CA GLY L 69 -53.29 2.82 49.39
C GLY L 69 -52.39 2.59 48.20
N ASP L 70 -52.12 1.33 47.91
CA ASP L 70 -51.32 0.98 46.74
C ASP L 70 -51.96 1.58 45.50
N ILE L 71 -53.28 1.41 45.37
CA ILE L 71 -54.01 2.00 44.26
C ILE L 71 -53.68 3.48 44.08
N LYS L 72 -53.67 4.23 45.18
CA LYS L 72 -53.36 5.65 45.10
C LYS L 72 -51.97 5.83 44.54
N THR L 73 -50.99 5.21 45.20
CA THR L 73 -49.64 5.22 44.67
C THR L 73 -49.70 5.00 43.16
N LEU L 74 -50.33 3.92 42.74
CA LEU L 74 -50.45 3.60 41.33
C LEU L 74 -51.04 4.73 40.49
N LEU L 75 -52.17 5.27 40.97
CA LEU L 75 -52.79 6.42 40.32
C LEU L 75 -51.81 7.58 40.19
N MET L 76 -51.21 7.98 41.31
CA MET L 76 -50.24 9.06 41.32
C MET L 76 -49.05 8.77 40.41
N ASP L 77 -48.59 7.53 40.41
CA ASP L 77 -47.54 7.09 39.48
C ASP L 77 -47.91 7.43 38.03
N SER L 78 -49.09 6.98 37.62
CA SER L 78 -49.60 7.25 36.29
C SER L 78 -49.55 8.74 35.98
N GLN L 79 -50.25 9.52 36.78
CA GLN L 79 -50.31 10.96 36.60
C GLN L 79 -48.95 11.55 36.19
N ASP L 80 -47.92 11.29 36.99
CA ASP L 80 -46.59 11.76 36.64
C ASP L 80 -46.17 11.26 35.27
N LYS L 81 -46.36 9.98 35.02
CA LYS L 81 -46.00 9.42 33.72
C LYS L 81 -46.77 10.03 32.56
N TYR L 82 -48.03 10.41 32.82
CA TYR L 82 -48.83 11.12 31.84
C TYR L 82 -48.22 12.49 31.57
N PHE L 83 -48.02 13.25 32.64
CA PHE L 83 -47.40 14.56 32.58
C PHE L 83 -46.15 14.55 31.72
N GLU L 84 -45.19 13.73 32.13
CA GLU L 84 -43.99 13.50 31.36
C GLU L 84 -44.33 13.34 29.90
N ALA L 85 -45.01 12.24 29.58
CA ALA L 85 -45.37 11.94 28.20
C ALA L 85 -45.88 13.16 27.45
N THR L 86 -46.96 13.75 27.95
CA THR L 86 -47.58 14.89 27.28
C THR L 86 -46.59 16.03 27.18
N GLN L 87 -45.93 16.34 28.28
CA GLN L 87 -44.99 17.45 28.32
C GLN L 87 -43.91 17.26 27.27
N THR L 88 -43.27 16.09 27.29
CA THR L 88 -42.29 15.71 26.28
C THR L 88 -42.77 16.06 24.87
N VAL L 89 -43.99 15.62 24.56
CA VAL L 89 -44.61 15.91 23.28
C VAL L 89 -44.76 17.42 23.05
N TYR L 90 -45.46 18.10 23.95
CA TYR L 90 -45.65 19.54 23.86
C TYR L 90 -44.35 20.30 23.59
N GLU L 91 -43.25 19.75 24.07
CA GLU L 91 -41.94 20.37 23.86
C GLU L 91 -41.52 20.24 22.39
N TRP L 92 -41.50 19.00 21.89
CA TRP L 92 -41.12 18.77 20.49
C TRP L 92 -42.14 19.37 19.52
N CYS L 93 -43.41 19.05 19.75
CA CYS L 93 -44.51 19.53 18.92
C CYS L 93 -44.36 21.05 18.76
N GLY L 94 -43.52 21.65 19.60
CA GLY L 94 -43.43 23.10 19.68
C GLY L 94 -42.24 23.65 18.91
N VAL L 95 -41.08 23.05 19.10
CA VAL L 95 -39.94 23.39 18.26
C VAL L 95 -40.30 23.08 16.81
N ALA L 96 -40.91 21.92 16.62
CA ALA L 96 -41.32 21.45 15.30
C ALA L 96 -42.11 22.49 14.49
N THR L 97 -43.17 23.02 15.08
CA THR L 97 -44.04 23.95 14.37
C THR L 97 -43.26 25.12 13.81
N GLN L 98 -42.41 25.71 14.65
CA GLN L 98 -41.54 26.79 14.22
C GLN L 98 -40.74 26.41 12.96
N LEU L 99 -40.18 25.20 12.96
CA LEU L 99 -39.34 24.73 11.87
C LEU L 99 -40.11 24.47 10.60
N LEU L 100 -41.22 23.73 10.71
CA LEU L 100 -42.09 23.52 9.56
C LEU L 100 -42.54 24.87 8.99
N ALA L 101 -42.85 25.80 9.89
CA ALA L 101 -43.30 27.12 9.49
C ALA L 101 -42.23 27.82 8.68
N ALA L 102 -40.99 27.69 9.17
CA ALA L 102 -39.83 28.29 8.52
C ALA L 102 -39.63 27.64 7.16
N TYR L 103 -39.66 26.32 7.13
CA TYR L 103 -39.48 25.60 5.88
C TYR L 103 -40.48 26.08 4.85
N ILE L 104 -41.74 26.19 5.26
CA ILE L 104 -42.82 26.65 4.39
C ILE L 104 -42.56 28.06 3.89
N LEU L 105 -41.90 28.86 4.71
CA LEU L 105 -41.60 30.24 4.37
C LEU L 105 -40.37 30.38 3.48
N LEU L 106 -39.23 29.85 3.93
CA LEU L 106 -37.98 30.03 3.21
C LEU L 106 -38.00 29.40 1.81
N PHE L 107 -38.95 28.48 1.60
CA PHE L 107 -39.06 27.85 0.29
C PHE L 107 -40.37 28.15 -0.42
N ASP L 108 -40.83 29.39 -0.30
CA ASP L 108 -41.92 29.84 -1.13
C ASP L 108 -41.42 29.64 -2.54
N GLU L 109 -40.32 30.32 -2.85
CA GLU L 109 -39.54 30.09 -4.07
C GLU L 109 -38.27 29.36 -3.63
N TYR L 110 -37.90 28.32 -4.37
CA TYR L 110 -36.80 27.44 -3.98
C TYR L 110 -35.54 28.19 -3.62
N ASN L 111 -35.03 27.93 -2.42
CA ASN L 111 -33.80 28.57 -1.96
C ASN L 111 -32.64 27.62 -2.15
N GLU L 112 -31.86 27.81 -3.21
CA GLU L 112 -30.89 26.81 -3.65
C GLU L 112 -29.81 26.53 -2.63
N LYS L 113 -29.47 27.53 -1.83
CA LYS L 113 -28.35 27.40 -0.91
C LYS L 113 -28.76 26.67 0.36
N LYS L 114 -29.84 27.13 0.96
CA LYS L 114 -30.36 26.53 2.16
C LYS L 114 -31.05 25.18 1.90
N ALA L 115 -31.17 24.83 0.63
CA ALA L 115 -31.87 23.61 0.26
C ALA L 115 -31.35 22.38 0.96
N SER L 116 -30.03 22.18 0.92
CA SER L 116 -29.44 20.99 1.53
C SER L 116 -29.67 20.95 3.05
N ALA L 117 -29.51 22.09 3.72
CA ALA L 117 -29.77 22.16 5.16
C ALA L 117 -31.22 21.85 5.47
N GLN L 118 -32.10 22.63 4.85
CA GLN L 118 -33.52 22.49 5.10
C GLN L 118 -33.92 21.05 5.11
N LYS L 119 -33.35 20.29 4.17
CA LYS L 119 -33.60 18.87 4.05
C LYS L 119 -33.11 18.13 5.28
N ASP L 120 -31.83 18.32 5.60
CA ASP L 120 -31.23 17.72 6.77
C ASP L 120 -32.03 18.07 8.02
N ILE L 121 -32.36 19.35 8.14
CA ILE L 121 -33.19 19.81 9.25
C ILE L 121 -34.54 19.08 9.30
N LEU L 122 -35.33 19.20 8.23
CA LEU L 122 -36.61 18.50 8.19
C LEU L 122 -36.46 17.08 8.70
N ILE L 123 -35.39 16.43 8.32
CA ILE L 123 -35.17 15.06 8.76
C ILE L 123 -34.95 14.95 10.27
N LYS L 124 -33.94 15.64 10.79
CA LYS L 124 -33.66 15.59 12.23
C LYS L 124 -34.92 15.85 13.06
N VAL L 125 -35.48 17.06 12.94
CA VAL L 125 -36.68 17.42 13.70
C VAL L 125 -37.80 16.39 13.56
N LEU L 126 -38.05 15.91 12.34
CA LEU L 126 -39.08 14.90 12.15
C LEU L 126 -38.66 13.60 12.81
N ASP L 127 -37.53 13.06 12.36
CA ASP L 127 -36.98 11.83 12.91
C ASP L 127 -37.04 11.86 14.42
N ASP L 128 -36.65 12.99 14.97
CA ASP L 128 -36.57 13.12 16.42
C ASP L 128 -37.94 12.96 17.05
N GLY L 129 -38.88 13.84 16.72
CA GLY L 129 -40.24 13.76 17.23
C GLY L 129 -40.84 12.37 17.06
N ILE L 130 -40.60 11.76 15.92
CA ILE L 130 -41.07 10.41 15.65
C ILE L 130 -40.64 9.47 16.74
N THR L 131 -39.38 9.53 17.13
CA THR L 131 -38.90 8.70 18.22
C THR L 131 -39.53 9.12 19.54
N LYS L 132 -39.39 10.41 19.87
CA LYS L 132 -39.94 10.96 21.09
C LYS L 132 -41.42 10.61 21.23
N LEU L 133 -42.18 10.83 20.16
CA LEU L 133 -43.60 10.52 20.15
C LEU L 133 -43.84 9.06 20.48
N ASN L 134 -43.08 8.18 19.85
CA ASN L 134 -43.22 6.75 20.08
C ASN L 134 -43.05 6.42 21.56
N GLU L 135 -41.91 6.80 22.12
CA GLU L 135 -41.62 6.51 23.51
C GLU L 135 -42.72 7.02 24.44
N ALA L 136 -43.30 8.18 24.10
CA ALA L 136 -44.38 8.73 24.90
C ALA L 136 -45.48 7.70 25.04
N GLN L 137 -45.88 7.16 23.89
CA GLN L 137 -46.93 6.15 23.82
C GLN L 137 -46.59 4.95 24.68
N LYS L 138 -45.39 4.38 24.48
CA LYS L 138 -44.99 3.20 25.25
C LYS L 138 -45.06 3.51 26.74
N SER L 139 -44.52 4.66 27.13
CA SER L 139 -44.56 5.07 28.53
C SER L 139 -45.99 5.02 29.03
N LEU L 140 -46.91 5.57 28.24
CA LEU L 140 -48.31 5.62 28.61
C LEU L 140 -48.97 4.24 28.69
N LEU L 141 -48.72 3.42 27.68
CA LEU L 141 -49.26 2.07 27.61
C LEU L 141 -48.85 1.28 28.84
N VAL L 142 -47.58 1.38 29.20
CA VAL L 142 -47.07 0.69 30.36
C VAL L 142 -47.77 1.17 31.64
N SER L 143 -48.02 2.46 31.73
CA SER L 143 -48.71 3.01 32.87
C SER L 143 -50.10 2.37 32.95
N SER L 144 -50.77 2.26 31.83
CA SER L 144 -52.09 1.63 31.83
C SER L 144 -52.02 0.20 32.35
N GLN L 145 -51.03 -0.54 31.88
CA GLN L 145 -50.85 -1.93 32.28
C GLN L 145 -50.64 -2.07 33.78
N SER L 146 -50.11 -1.03 34.41
CA SER L 146 -49.79 -1.07 35.84
C SER L 146 -50.99 -1.41 36.75
N PHE L 147 -52.12 -0.75 36.51
CA PHE L 147 -53.31 -0.91 37.31
C PHE L 147 -53.89 -2.30 37.25
N ASN L 148 -53.54 -3.06 36.22
CA ASN L 148 -54.20 -4.32 35.97
C ASN L 148 -54.18 -5.30 37.17
N ASN L 149 -52.99 -5.52 37.73
CA ASN L 149 -52.86 -6.45 38.85
C ASN L 149 -53.74 -5.99 40.00
N ALA L 150 -53.50 -4.77 40.44
CA ALA L 150 -54.32 -4.16 41.49
C ALA L 150 -55.81 -4.31 41.22
N SER L 151 -56.22 -4.00 39.99
CA SER L 151 -57.63 -4.08 39.63
C SER L 151 -58.22 -5.46 39.98
N GLY L 152 -57.39 -6.50 39.82
CA GLY L 152 -57.83 -7.85 40.13
C GLY L 152 -57.93 -8.04 41.63
N LYS L 153 -56.84 -7.76 42.33
CA LYS L 153 -56.83 -7.83 43.79
C LYS L 153 -58.05 -7.14 44.39
N LEU L 154 -58.44 -6.00 43.82
CA LEU L 154 -59.65 -5.30 44.22
C LEU L 154 -60.86 -6.21 44.17
N LEU L 155 -61.12 -6.80 43.01
CA LEU L 155 -62.27 -7.69 42.89
C LEU L 155 -62.19 -8.88 43.84
N ALA L 156 -61.03 -9.53 43.93
CA ALA L 156 -60.89 -10.62 44.89
C ALA L 156 -61.42 -10.20 46.25
N LEU L 157 -60.85 -9.13 46.80
CA LEU L 157 -61.29 -8.56 48.06
C LEU L 157 -62.80 -8.44 48.14
N ASP L 158 -63.37 -7.66 47.23
CA ASP L 158 -64.82 -7.50 47.17
C ASP L 158 -65.51 -8.87 47.08
N SER L 159 -65.12 -9.68 46.10
CA SER L 159 -65.68 -11.03 45.95
C SER L 159 -65.79 -11.75 47.29
N GLN L 160 -64.69 -11.76 48.03
CA GLN L 160 -64.62 -12.47 49.30
C GLN L 160 -65.35 -11.76 50.43
N LEU L 161 -64.97 -10.51 50.68
CA LEU L 161 -65.65 -9.71 51.69
C LEU L 161 -67.17 -9.80 51.59
N THR L 162 -67.67 -10.00 50.37
CA THR L 162 -69.10 -10.17 50.17
C THR L 162 -69.53 -11.54 50.69
N ASN L 163 -68.88 -12.59 50.17
CA ASN L 163 -69.16 -13.95 50.62
C ASN L 163 -68.93 -14.13 52.12
N ASP L 164 -67.83 -13.55 52.60
CA ASP L 164 -67.40 -13.73 53.98
C ASP L 164 -68.35 -13.03 54.96
N PHE L 165 -68.99 -11.96 54.48
CA PHE L 165 -69.89 -11.16 55.33
C PHE L 165 -71.16 -11.93 55.63
N SER L 166 -71.70 -12.60 54.62
CA SER L 166 -72.88 -13.41 54.81
C SER L 166 -72.54 -14.59 55.73
N GLU L 167 -71.26 -14.95 55.77
CA GLU L 167 -70.82 -16.06 56.61
C GLU L 167 -70.77 -15.68 58.10
N LYS L 168 -70.48 -14.40 58.36
CA LYS L 168 -70.54 -13.92 59.73
C LYS L 168 -71.98 -13.67 60.15
N SER L 169 -72.80 -13.14 59.25
CA SER L 169 -74.21 -12.93 59.56
C SER L 169 -74.89 -14.24 59.91
N SER L 170 -74.38 -15.34 59.35
CA SER L 170 -74.86 -16.67 59.71
C SER L 170 -74.30 -17.07 61.07
N TYR L 171 -73.03 -16.77 61.29
CA TYR L 171 -72.37 -17.08 62.56
C TYR L 171 -72.97 -16.29 63.71
N PHE L 172 -73.48 -15.10 63.42
CA PHE L 172 -74.12 -14.28 64.44
C PHE L 172 -75.31 -15.02 65.04
N GLN L 173 -76.37 -15.21 64.25
CA GLN L 173 -77.57 -15.85 64.75
C GLN L 173 -77.26 -17.23 65.32
N SER L 174 -76.39 -17.98 64.65
CA SER L 174 -76.01 -19.31 65.14
C SER L 174 -75.30 -19.20 66.48
N GLN L 175 -74.80 -18.01 66.78
CA GLN L 175 -74.07 -17.78 68.01
C GLN L 175 -74.96 -17.21 69.11
N VAL L 176 -75.78 -16.20 68.80
CA VAL L 176 -76.71 -15.67 69.80
C VAL L 176 -77.60 -16.80 70.28
N ASP L 177 -77.88 -17.74 69.39
CA ASP L 177 -78.56 -18.97 69.77
C ASP L 177 -77.79 -19.67 70.88
N LYS L 178 -76.51 -19.95 70.63
CA LYS L 178 -75.68 -20.58 71.65
C LYS L 178 -75.85 -19.86 73.00
N ILE L 179 -76.09 -18.56 72.94
CA ILE L 179 -76.20 -17.77 74.16
C ILE L 179 -77.50 -18.04 74.91
N ARG L 180 -78.61 -18.12 74.18
CA ARG L 180 -79.88 -18.50 74.81
C ARG L 180 -79.77 -19.91 75.39
N LYS L 181 -79.41 -20.86 74.52
CA LYS L 181 -79.28 -22.26 74.90
C LYS L 181 -78.43 -22.45 76.14
N GLU L 182 -77.40 -21.62 76.30
CA GLU L 182 -76.53 -21.72 77.47
C GLU L 182 -77.19 -21.11 78.71
N ALA L 183 -77.90 -20.01 78.52
CA ALA L 183 -78.46 -19.25 79.63
C ALA L 183 -79.73 -19.88 80.16
N TYR L 184 -80.58 -20.37 79.28
CA TYR L 184 -81.85 -20.96 79.71
C TYR L 184 -81.69 -22.38 80.24
N ALA L 185 -80.74 -23.12 79.69
CA ALA L 185 -80.37 -24.39 80.28
C ALA L 185 -79.88 -24.14 81.71
N GLY L 186 -79.43 -22.92 81.95
CA GLY L 186 -78.98 -22.49 83.26
C GLY L 186 -80.10 -22.09 84.21
N ALA L 187 -80.97 -21.18 83.77
CA ALA L 187 -82.12 -20.79 84.57
C ALA L 187 -82.94 -22.04 84.84
N ALA L 188 -83.34 -22.70 83.77
CA ALA L 188 -84.07 -23.96 83.88
C ALA L 188 -83.52 -24.85 85.00
N ALA L 189 -82.22 -24.76 85.26
CA ALA L 189 -81.56 -25.58 86.27
C ALA L 189 -82.02 -25.26 87.70
N GLY L 190 -82.87 -24.24 87.84
CA GLY L 190 -83.37 -23.82 89.14
C GLY L 190 -84.49 -24.71 89.67
N VAL L 191 -84.97 -25.62 88.83
CA VAL L 191 -85.99 -26.59 89.22
C VAL L 191 -85.64 -27.27 90.54
N VAL L 192 -84.34 -27.41 90.82
CA VAL L 192 -83.88 -28.04 92.05
C VAL L 192 -84.30 -27.26 93.29
N ALA L 193 -83.86 -26.00 93.39
CA ALA L 193 -84.37 -25.13 94.44
C ALA L 193 -85.72 -24.55 94.02
N GLY L 194 -86.44 -23.96 94.98
CA GLY L 194 -87.84 -23.56 94.80
C GLY L 194 -88.16 -22.78 93.54
N PRO L 195 -89.44 -22.81 93.11
CA PRO L 195 -89.86 -22.07 91.91
C PRO L 195 -89.62 -20.56 92.06
N PHE L 196 -89.71 -20.05 93.28
CA PHE L 196 -89.35 -18.66 93.55
C PHE L 196 -87.89 -18.47 93.18
N GLY L 197 -87.12 -19.56 93.21
CA GLY L 197 -85.74 -19.56 92.77
C GLY L 197 -85.66 -19.30 91.28
N LEU L 198 -86.62 -19.82 90.52
CA LEU L 198 -86.66 -19.56 89.08
C LEU L 198 -86.83 -18.07 88.81
N ILE L 199 -87.80 -17.44 89.46
CA ILE L 199 -87.98 -16.01 89.32
C ILE L 199 -86.64 -15.29 89.46
N ILE L 200 -85.92 -15.57 90.55
CA ILE L 200 -84.59 -14.99 90.74
C ILE L 200 -83.64 -15.38 89.61
N SER L 201 -83.55 -16.68 89.34
CA SER L 201 -82.63 -17.22 88.35
C SER L 201 -82.89 -16.68 86.95
N TYR L 202 -84.12 -16.87 86.51
CA TYR L 202 -84.58 -16.47 85.20
C TYR L 202 -84.52 -14.94 85.00
N SER L 203 -84.83 -14.16 86.04
CA SER L 203 -84.64 -12.71 85.95
C SER L 203 -83.17 -12.39 85.77
N ILE L 204 -82.33 -13.03 86.57
CA ILE L 204 -80.89 -12.87 86.43
C ILE L 204 -80.45 -13.15 85.00
N ALA L 205 -81.05 -14.18 84.38
CA ALA L 205 -80.64 -14.61 83.04
C ALA L 205 -81.32 -13.87 81.91
N ALA L 206 -82.50 -14.34 81.52
CA ALA L 206 -83.27 -13.71 80.45
C ALA L 206 -83.21 -12.19 80.53
N GLY L 207 -83.19 -11.68 81.76
CA GLY L 207 -83.10 -10.24 81.98
C GLY L 207 -81.81 -9.66 81.43
N VAL L 208 -80.68 -10.13 81.92
CA VAL L 208 -79.38 -9.67 81.47
C VAL L 208 -79.11 -10.02 80.01
N VAL L 209 -79.49 -11.21 79.60
CA VAL L 209 -79.31 -11.64 78.22
C VAL L 209 -80.11 -10.77 77.26
N GLU L 210 -81.43 -10.81 77.39
CA GLU L 210 -82.31 -10.06 76.50
C GLU L 210 -82.23 -8.56 76.78
N GLY L 211 -81.57 -8.22 77.88
CA GLY L 211 -81.46 -6.86 78.34
C GLY L 211 -80.33 -6.11 77.67
N LYS L 212 -79.08 -6.56 77.87
CA LYS L 212 -77.93 -5.93 77.22
C LYS L 212 -77.30 -6.82 76.13
N LEU L 213 -77.19 -8.12 76.41
CA LEU L 213 -76.44 -9.02 75.53
C LEU L 213 -76.94 -9.10 74.08
N ILE L 214 -78.06 -9.77 73.87
CA ILE L 214 -78.57 -9.93 72.51
C ILE L 214 -78.62 -8.62 71.72
N PRO L 215 -79.14 -7.55 72.33
CA PRO L 215 -79.18 -6.24 71.67
C PRO L 215 -77.79 -5.75 71.30
N GLU L 216 -76.83 -5.95 72.20
CA GLU L 216 -75.44 -5.58 71.94
C GLU L 216 -74.93 -6.28 70.68
N LEU L 217 -75.14 -7.59 70.62
CA LEU L 217 -74.78 -8.36 69.45
C LEU L 217 -75.46 -7.83 68.18
N LYS L 218 -76.76 -7.64 68.24
CA LYS L 218 -77.50 -7.06 67.11
C LYS L 218 -76.90 -5.71 66.75
N ASN L 219 -76.23 -5.08 67.71
CA ASN L 219 -75.61 -3.80 67.44
C ASN L 219 -74.33 -3.92 66.60
N LYS L 220 -73.46 -4.84 66.96
CA LYS L 220 -72.25 -5.06 66.18
C LYS L 220 -72.57 -5.62 64.80
N LEU L 221 -73.48 -6.58 64.75
CA LEU L 221 -73.91 -7.11 63.47
C LEU L 221 -74.25 -5.96 62.53
N LYS L 222 -74.72 -4.85 63.10
CA LYS L 222 -75.03 -3.68 62.29
C LYS L 222 -73.79 -2.84 62.01
N SER L 223 -72.94 -2.64 63.00
CA SER L 223 -71.73 -1.85 62.79
C SER L 223 -70.84 -2.54 61.76
N VAL L 224 -70.90 -3.86 61.73
CA VAL L 224 -70.22 -4.65 60.71
C VAL L 224 -70.89 -4.44 59.36
N GLN L 225 -72.14 -4.85 59.27
CA GLN L 225 -72.90 -4.68 58.03
C GLN L 225 -72.83 -3.25 57.54
N ASN L 226 -72.63 -2.32 58.46
CA ASN L 226 -72.48 -0.91 58.14
C ASN L 226 -71.13 -0.67 57.48
N PHE L 227 -70.08 -1.21 58.08
CA PHE L 227 -68.72 -1.07 57.57
C PHE L 227 -68.54 -1.86 56.29
N PHE L 228 -69.06 -3.09 56.27
CA PHE L 228 -69.06 -3.86 55.03
C PHE L 228 -69.54 -3.01 53.87
N THR L 229 -70.56 -2.19 54.11
CA THR L 229 -71.12 -1.35 53.05
C THR L 229 -70.16 -0.24 52.65
N THR L 230 -69.78 0.61 53.61
CA THR L 230 -68.87 1.71 53.29
C THR L 230 -67.63 1.23 52.55
N LEU L 231 -67.11 0.08 52.98
CA LEU L 231 -65.93 -0.51 52.34
C LEU L 231 -66.25 -0.98 50.92
N SER L 232 -67.35 -1.69 50.74
CA SER L 232 -67.72 -2.17 49.42
C SER L 232 -67.79 -0.99 48.45
N ASN L 233 -68.29 0.14 48.93
CA ASN L 233 -68.35 1.37 48.15
C ASN L 233 -66.98 2.00 47.93
N THR L 234 -66.11 1.88 48.94
CA THR L 234 -64.75 2.38 48.81
C THR L 234 -64.04 1.59 47.69
N VAL L 235 -64.50 0.37 47.47
CA VAL L 235 -63.96 -0.47 46.40
C VAL L 235 -64.52 -0.02 45.06
N LYS L 236 -65.84 0.06 44.95
CA LYS L 236 -66.48 0.51 43.73
C LYS L 236 -65.82 1.79 43.24
N GLN L 237 -65.42 2.65 44.17
CA GLN L 237 -64.75 3.90 43.80
C GLN L 237 -63.43 3.63 43.12
N ALA L 238 -62.53 2.96 43.83
CA ALA L 238 -61.24 2.58 43.27
C ALA L 238 -61.38 1.97 41.87
N ASN L 239 -62.26 0.99 41.73
CA ASN L 239 -62.49 0.39 40.42
C ASN L 239 -62.87 1.42 39.38
N LYS L 240 -63.66 2.42 39.79
CA LYS L 240 -64.05 3.49 38.89
C LYS L 240 -62.88 4.45 38.60
N ASP L 241 -62.09 4.74 39.63
CA ASP L 241 -60.92 5.63 39.50
C ASP L 241 -59.86 5.03 38.60
N ILE L 242 -59.55 3.76 38.84
CA ILE L 242 -58.56 3.06 38.04
C ILE L 242 -58.99 3.06 36.60
N ASP L 243 -60.24 2.69 36.35
CA ASP L 243 -60.73 2.56 34.99
C ASP L 243 -60.67 3.90 34.27
N ALA L 244 -60.95 4.98 34.99
CA ALA L 244 -60.93 6.32 34.42
C ALA L 244 -59.53 6.71 33.98
N ALA L 245 -58.55 6.33 34.80
CA ALA L 245 -57.15 6.57 34.47
C ALA L 245 -56.75 5.81 33.21
N LYS L 246 -57.09 4.53 33.17
CA LYS L 246 -56.73 3.68 32.05
C LYS L 246 -57.30 4.27 30.76
N LEU L 247 -58.48 4.87 30.87
CA LEU L 247 -59.11 5.50 29.71
C LEU L 247 -58.25 6.65 29.23
N LYS L 248 -58.14 7.67 30.09
CA LYS L 248 -57.31 8.84 29.83
C LYS L 248 -56.01 8.42 29.13
N LEU L 249 -55.37 7.40 29.68
CA LEU L 249 -54.08 6.95 29.15
C LEU L 249 -54.14 6.53 27.68
N THR L 250 -54.97 5.56 27.36
CA THR L 250 -55.05 5.06 25.98
C THR L 250 -55.56 6.12 25.01
N THR L 251 -56.57 6.88 25.45
CA THR L 251 -57.15 7.90 24.59
C THR L 251 -56.12 8.99 24.33
N GLU L 252 -55.15 9.13 25.23
CA GLU L 252 -54.00 9.99 24.95
C GLU L 252 -53.04 9.31 23.97
N ILE L 253 -52.64 8.10 24.30
CA ILE L 253 -51.83 7.28 23.43
C ILE L 253 -52.24 7.42 21.97
N ALA L 254 -53.53 7.29 21.72
CA ALA L 254 -54.05 7.29 20.35
C ALA L 254 -54.05 8.69 19.77
N ALA L 255 -54.29 9.68 20.63
CA ALA L 255 -54.26 11.08 20.23
C ALA L 255 -52.85 11.47 19.82
N ILE L 256 -51.87 10.98 20.58
CA ILE L 256 -50.48 11.16 20.20
C ILE L 256 -50.26 10.42 18.89
N GLY L 257 -50.92 9.27 18.77
CA GLY L 257 -50.87 8.49 17.55
C GLY L 257 -51.14 9.32 16.31
N GLU L 258 -52.18 10.15 16.37
CA GLU L 258 -52.57 10.97 15.25
C GLU L 258 -51.39 11.77 14.75
N ILE L 259 -50.68 12.44 15.65
CA ILE L 259 -49.51 13.22 15.24
C ILE L 259 -48.45 12.30 14.65
N LYS L 260 -48.05 11.29 15.42
CA LYS L 260 -47.05 10.35 14.97
C LYS L 260 -47.21 10.04 13.50
N THR L 261 -48.37 9.52 13.11
CA THR L 261 -48.60 9.10 11.73
C THR L 261 -48.35 10.24 10.75
N GLU L 262 -48.94 11.39 11.00
CA GLU L 262 -48.74 12.56 10.15
C GLU L 262 -47.24 12.83 10.01
N THR L 263 -46.57 12.94 11.15
CA THR L 263 -45.14 13.17 11.18
C THR L 263 -44.41 12.12 10.36
N GLU L 264 -44.64 10.87 10.70
CA GLU L 264 -43.98 9.75 10.04
C GLU L 264 -44.16 9.90 8.54
N THR L 265 -45.35 10.32 8.14
CA THR L 265 -45.63 10.51 6.73
C THR L 265 -44.74 11.60 6.13
N THR L 266 -44.96 12.82 6.59
CA THR L 266 -44.14 13.97 6.23
C THR L 266 -42.66 13.60 6.08
N ARG L 267 -42.13 12.83 7.02
CA ARG L 267 -40.77 12.36 6.93
C ARG L 267 -40.53 11.68 5.58
N PHE L 268 -41.31 10.65 5.30
CA PHE L 268 -41.17 9.93 4.04
C PHE L 268 -41.20 10.88 2.84
N TYR L 269 -42.10 11.87 2.89
CA TYR L 269 -42.19 12.83 1.80
C TYR L 269 -40.86 13.59 1.60
N VAL L 270 -40.20 13.93 2.70
CA VAL L 270 -38.86 14.53 2.63
C VAL L 270 -37.90 13.64 1.82
N ASP L 271 -38.12 12.34 1.85
CA ASP L 271 -37.30 11.39 1.10
C ASP L 271 -37.37 11.48 -0.44
N TYR L 272 -38.35 12.22 -0.96
CA TYR L 272 -38.46 12.42 -2.40
C TYR L 272 -37.38 13.37 -2.92
N ASP L 273 -36.90 14.27 -2.05
CA ASP L 273 -35.83 15.24 -2.36
C ASP L 273 -36.38 16.56 -2.84
N ASP L 274 -37.52 16.49 -3.51
CA ASP L 274 -38.15 17.69 -4.02
C ASP L 274 -38.64 18.52 -2.85
N LEU L 275 -37.79 19.41 -2.35
CA LEU L 275 -38.19 20.26 -1.24
C LEU L 275 -39.39 21.12 -1.59
N MET L 276 -39.83 21.01 -2.83
CA MET L 276 -40.86 21.89 -3.36
C MET L 276 -42.12 21.12 -3.69
N LEU L 277 -42.06 19.79 -3.51
CA LEU L 277 -43.16 18.89 -3.82
C LEU L 277 -44.39 19.28 -3.04
N SER L 278 -45.52 19.43 -3.72
CA SER L 278 -46.75 19.87 -3.05
C SER L 278 -47.06 19.01 -1.84
N LEU L 279 -46.95 17.69 -2.01
CA LEU L 279 -47.18 16.78 -0.89
C LEU L 279 -46.40 17.22 0.34
N LEU L 280 -45.07 17.16 0.26
CA LEU L 280 -44.26 17.51 1.41
C LEU L 280 -44.62 18.88 1.94
N LYS L 281 -45.05 19.76 1.05
CA LYS L 281 -45.38 21.10 1.49
C LYS L 281 -46.68 21.03 2.26
N GLU L 282 -47.67 20.38 1.66
CA GLU L 282 -48.98 20.22 2.29
C GLU L 282 -48.85 19.45 3.60
N ALA L 283 -48.22 18.29 3.53
CA ALA L 283 -47.94 17.49 4.72
C ALA L 283 -47.44 18.37 5.86
N ALA L 284 -46.51 19.26 5.53
CA ALA L 284 -45.89 20.14 6.52
C ALA L 284 -46.91 21.14 7.05
N LYS L 285 -47.83 21.56 6.19
CA LYS L 285 -48.88 22.46 6.62
C LYS L 285 -49.89 21.75 7.52
N LYS L 286 -50.23 20.51 7.15
CA LYS L 286 -51.16 19.68 7.92
C LYS L 286 -50.59 19.47 9.32
N MET L 287 -49.32 19.05 9.37
CA MET L 287 -48.65 18.87 10.65
C MET L 287 -48.92 20.03 11.60
N ILE L 288 -48.88 21.25 11.08
CA ILE L 288 -49.07 22.44 11.91
C ILE L 288 -50.53 22.57 12.37
N ASN L 289 -51.46 22.14 11.53
CA ASN L 289 -52.87 22.05 11.93
C ASN L 289 -53.08 20.92 12.93
N THR L 290 -52.82 19.68 12.51
CA THR L 290 -52.92 18.52 13.40
C THR L 290 -52.39 18.84 14.80
N CYS L 291 -51.24 19.53 14.85
CA CYS L 291 -50.68 19.97 16.13
C CYS L 291 -51.61 20.96 16.83
N ASN L 292 -51.99 22.00 16.10
CA ASN L 292 -52.84 23.04 16.68
C ASN L 292 -54.12 22.48 17.30
N GLU L 293 -54.78 21.54 16.63
CA GLU L 293 -56.01 20.91 17.14
C GLU L 293 -55.73 20.09 18.39
N TYR L 294 -54.57 19.46 18.44
CA TYR L 294 -54.12 18.72 19.61
C TYR L 294 -54.01 19.62 20.85
N GLN L 295 -53.70 20.90 20.64
CA GLN L 295 -53.54 21.84 21.74
C GLN L 295 -54.87 22.36 22.30
N LYS L 296 -55.87 22.53 21.43
CA LYS L 296 -57.17 23.05 21.83
C LYS L 296 -57.97 22.02 22.63
N ARG L 297 -58.27 20.88 22.02
CA ARG L 297 -58.99 19.80 22.70
C ARG L 297 -58.18 19.28 23.89
N HIS L 298 -56.95 18.87 23.64
CA HIS L 298 -56.06 18.38 24.68
C HIS L 298 -55.03 19.46 25.07
N LYS M 14 65.24 25.09 -116.96
CA LYS M 14 63.89 25.39 -117.41
C LYS M 14 63.43 24.38 -118.46
N THR M 15 63.81 23.12 -118.25
CA THR M 15 63.41 22.03 -119.14
C THR M 15 62.44 21.11 -118.42
N VAL M 16 62.70 20.88 -117.13
CA VAL M 16 61.88 20.01 -116.31
C VAL M 16 60.59 20.69 -115.89
N GLU M 17 60.60 22.02 -115.87
CA GLU M 17 59.46 22.80 -115.41
C GLU M 17 58.17 22.46 -116.16
N VAL M 18 58.29 21.84 -117.32
CA VAL M 18 57.12 21.38 -118.04
C VAL M 18 56.43 20.25 -117.28
N VAL M 19 57.23 19.29 -116.85
CA VAL M 19 56.72 18.18 -116.05
C VAL M 19 56.04 18.71 -114.79
N LYS M 20 56.75 19.55 -114.05
CA LYS M 20 56.19 20.20 -112.87
C LYS M 20 54.85 20.85 -113.17
N ASN M 21 54.82 21.78 -114.12
CA ASN M 21 53.58 22.44 -114.46
C ASN M 21 52.48 21.44 -114.82
N ALA M 22 52.86 20.38 -115.53
CA ALA M 22 51.91 19.34 -115.94
C ALA M 22 51.42 18.53 -114.75
N ILE M 23 52.34 18.25 -113.84
CA ILE M 23 52.00 17.53 -112.63
C ILE M 23 50.86 18.28 -111.95
N GLU M 24 51.01 19.59 -111.80
CA GLU M 24 50.01 20.42 -111.13
C GLU M 24 48.73 20.49 -111.95
N THR M 25 48.86 20.50 -113.26
CA THR M 25 47.71 20.46 -114.14
C THR M 25 46.90 19.20 -113.84
N ALA M 26 47.60 18.08 -113.77
CA ALA M 26 46.99 16.78 -113.53
C ALA M 26 46.29 16.72 -112.18
N ASP M 27 46.86 17.41 -111.19
CA ASP M 27 46.28 17.44 -109.85
C ASP M 27 44.88 18.02 -109.91
N GLY M 28 44.80 19.31 -110.24
CA GLY M 28 43.53 19.97 -110.44
C GLY M 28 42.60 19.24 -111.40
N ALA M 29 43.16 18.39 -112.26
CA ALA M 29 42.34 17.54 -113.13
C ALA M 29 41.49 16.61 -112.27
N LEU M 30 42.16 15.75 -111.49
CA LEU M 30 41.45 14.88 -110.55
C LEU M 30 40.36 15.64 -109.82
N ASP M 31 40.77 16.73 -109.16
CA ASP M 31 39.86 17.57 -108.38
C ASP M 31 38.56 17.86 -109.12
N LEU M 32 38.64 18.55 -110.24
CA LEU M 32 37.46 18.79 -111.05
C LEU M 32 36.76 17.48 -111.36
N TYR M 33 37.56 16.44 -111.62
CA TYR M 33 37.01 15.14 -111.99
C TYR M 33 36.03 14.65 -110.94
N ASN M 34 36.53 14.48 -109.72
CA ASN M 34 35.70 14.08 -108.59
C ASN M 34 34.60 15.09 -108.36
N LYS M 35 34.97 16.36 -108.18
CA LYS M 35 34.01 17.44 -107.98
C LYS M 35 32.76 17.23 -108.81
N TYR M 36 32.94 16.85 -110.06
CA TYR M 36 31.84 16.58 -110.97
C TYR M 36 31.27 15.19 -110.72
N LEU M 37 32.16 14.22 -110.61
CA LEU M 37 31.79 12.83 -110.39
C LEU M 37 30.83 12.72 -109.20
N ASP M 38 31.08 13.54 -108.19
CA ASP M 38 30.23 13.59 -107.00
C ASP M 38 28.88 14.22 -107.31
N GLN M 39 28.89 15.37 -107.98
CA GLN M 39 27.66 16.00 -108.44
C GLN M 39 26.84 15.00 -109.26
N VAL M 40 27.55 14.10 -109.92
CA VAL M 40 26.94 13.10 -110.80
C VAL M 40 26.46 11.87 -110.05
N ILE M 41 27.24 11.44 -109.06
CA ILE M 41 26.89 10.28 -108.26
C ILE M 41 26.81 10.66 -106.79
N PRO M 42 25.58 10.93 -106.31
CA PRO M 42 25.31 11.45 -104.97
C PRO M 42 25.57 10.43 -103.87
N TRP M 43 26.79 9.93 -103.78
CA TRP M 43 27.12 8.98 -102.74
C TRP M 43 26.95 9.62 -101.38
N GLN M 44 27.27 10.91 -101.31
CA GLN M 44 27.05 11.68 -100.10
C GLN M 44 25.61 11.51 -99.67
N THR M 45 24.70 11.92 -100.54
CA THR M 45 23.26 11.84 -100.26
C THR M 45 22.81 10.40 -100.00
N PHE M 46 23.32 9.46 -100.79
CA PHE M 46 22.99 8.04 -100.59
C PHE M 46 23.43 7.53 -99.23
N ASP M 47 24.72 7.69 -98.93
CA ASP M 47 25.27 7.29 -97.64
C ASP M 47 24.48 7.93 -96.51
N GLU M 48 24.36 9.26 -96.55
CA GLU M 48 23.59 9.99 -95.53
C GLU M 48 22.21 9.37 -95.34
N THR M 49 21.52 9.16 -96.46
CA THR M 49 20.17 8.62 -96.42
C THR M 49 20.16 7.25 -95.74
N ILE M 50 21.21 6.46 -95.97
CA ILE M 50 21.32 5.15 -95.34
C ILE M 50 21.46 5.27 -93.83
N LYS M 51 22.39 6.12 -93.38
CA LYS M 51 22.61 6.32 -91.96
C LYS M 51 21.34 6.67 -91.20
N GLU M 52 20.73 7.81 -91.55
CA GLU M 52 19.59 8.28 -90.79
C GLU M 52 18.50 7.23 -90.61
N LEU M 53 18.29 6.40 -91.63
CA LEU M 53 17.28 5.34 -91.47
C LEU M 53 17.85 4.07 -90.85
N SER M 54 19.17 4.04 -90.68
CA SER M 54 19.81 3.00 -89.90
C SER M 54 19.65 3.38 -88.44
N ARG M 55 19.88 4.65 -88.15
CA ARG M 55 19.64 5.19 -86.81
C ARG M 55 18.23 4.82 -86.34
N PHE M 56 17.23 5.00 -87.21
CA PHE M 56 15.86 4.62 -86.87
C PHE M 56 15.84 3.20 -86.31
N LYS M 57 16.22 2.24 -87.14
CA LYS M 57 16.30 0.84 -86.76
C LYS M 57 17.04 0.69 -85.42
N GLN M 58 18.06 1.52 -85.23
CA GLN M 58 18.91 1.45 -84.05
C GLN M 58 18.16 1.91 -82.79
N GLU M 59 17.91 3.22 -82.72
CA GLU M 59 17.26 3.83 -81.57
C GLU M 59 16.10 3.01 -80.99
N TYR M 60 15.21 2.54 -81.87
CA TYR M 60 14.08 1.73 -81.43
C TYR M 60 14.48 0.36 -80.94
N SER M 61 15.40 -0.29 -81.65
CA SER M 61 15.97 -1.53 -81.12
C SER M 61 16.35 -1.29 -79.67
N GLN M 62 17.19 -0.29 -79.43
CA GLN M 62 17.58 0.10 -78.09
C GLN M 62 16.40 0.10 -77.11
N ALA M 63 15.44 0.99 -77.38
CA ALA M 63 14.28 1.15 -76.51
C ALA M 63 13.61 -0.19 -76.27
N ALA M 64 13.01 -0.76 -77.32
CA ALA M 64 12.30 -2.04 -77.20
C ALA M 64 13.12 -3.06 -76.42
N SER M 65 14.40 -3.20 -76.77
CA SER M 65 15.26 -4.14 -76.05
C SER M 65 15.16 -3.96 -74.54
N VAL M 66 15.62 -2.81 -74.06
CA VAL M 66 15.62 -2.54 -72.63
C VAL M 66 14.22 -2.67 -71.99
N LEU M 67 13.18 -2.25 -72.69
CA LEU M 67 11.82 -2.36 -72.17
C LEU M 67 11.40 -3.82 -72.08
N VAL M 68 11.42 -4.50 -73.22
CA VAL M 68 11.09 -5.91 -73.28
C VAL M 68 11.87 -6.71 -72.24
N GLY M 69 13.07 -6.25 -71.89
CA GLY M 69 13.87 -6.88 -70.86
C GLY M 69 13.32 -6.63 -69.46
N ASP M 70 13.05 -5.37 -69.17
CA ASP M 70 12.43 -5.00 -67.91
C ASP M 70 11.15 -5.80 -67.73
N ILE M 71 10.31 -5.84 -68.75
CA ILE M 71 9.09 -6.61 -68.71
C ILE M 71 9.35 -8.04 -68.25
N LYS M 72 10.43 -8.65 -68.73
CA LYS M 72 10.73 -10.02 -68.33
C LYS M 72 11.03 -10.05 -66.86
N THR M 73 12.01 -9.24 -66.45
CA THR M 73 12.27 -9.08 -65.02
C THR M 73 10.95 -9.02 -64.26
N LEU M 74 10.07 -8.08 -64.64
CA LEU M 74 8.78 -7.91 -63.97
C LEU M 74 7.93 -9.19 -63.96
N LEU M 75 7.87 -9.86 -65.09
CA LEU M 75 7.16 -11.13 -65.17
C LEU M 75 7.76 -12.13 -64.20
N MET M 76 9.07 -12.32 -64.29
CA MET M 76 9.76 -13.23 -63.38
C MET M 76 9.56 -12.83 -61.92
N ASP M 77 9.63 -11.53 -61.63
CA ASP M 77 9.34 -11.02 -60.29
C ASP M 77 7.99 -11.55 -59.78
N SER M 78 6.95 -11.33 -60.58
CA SER M 78 5.62 -11.77 -60.25
C SER M 78 5.63 -13.25 -59.90
N GLN M 79 6.06 -14.06 -60.86
CA GLN M 79 6.08 -15.51 -60.68
C GLN M 79 6.54 -15.90 -59.28
N ASP M 80 7.72 -15.41 -58.89
CA ASP M 80 8.22 -15.70 -57.56
C ASP M 80 7.22 -15.27 -56.50
N LYS M 81 6.68 -14.05 -56.63
CA LYS M 81 5.74 -13.54 -55.65
C LYS M 81 4.45 -14.36 -55.61
N TYR M 82 4.06 -14.89 -56.77
CA TYR M 82 2.94 -15.82 -56.82
C TYR M 82 3.25 -17.09 -56.05
N PHE M 83 4.38 -17.72 -56.41
CA PHE M 83 4.85 -18.92 -55.73
C PHE M 83 4.77 -18.78 -54.21
N GLU M 84 5.48 -17.77 -53.70
CA GLU M 84 5.44 -17.43 -52.30
C GLU M 84 4.02 -17.45 -51.81
N ALA M 85 3.21 -16.52 -52.33
CA ALA M 85 1.82 -16.39 -51.91
C ALA M 85 1.10 -17.74 -51.82
N THR M 86 1.06 -18.45 -52.94
CA THR M 86 0.37 -19.72 -52.98
C THR M 86 0.98 -20.70 -52.00
N GLN M 87 2.29 -20.79 -52.01
CA GLN M 87 3.01 -21.73 -51.14
C GLN M 87 2.66 -21.46 -49.68
N THR M 88 2.84 -20.21 -49.27
CA THR M 88 2.44 -19.77 -47.93
C THR M 88 1.07 -20.32 -47.55
N VAL M 89 0.09 -20.09 -48.43
CA VAL M 89 -1.26 -20.59 -48.23
C VAL M 89 -1.27 -22.12 -48.10
N TYR M 90 -0.84 -22.82 -49.14
CA TYR M 90 -0.76 -24.29 -49.11
C TYR M 90 -0.18 -24.86 -47.80
N GLU M 91 0.72 -24.10 -47.18
CA GLU M 91 1.33 -24.52 -45.93
C GLU M 91 0.31 -24.46 -44.79
N TRP M 92 -0.31 -23.29 -44.63
CA TRP M 92 -1.31 -23.11 -43.58
C TRP M 92 -2.57 -23.92 -43.86
N CYS M 93 -3.10 -23.79 -45.06
CA CYS M 93 -4.28 -24.51 -45.48
C CYS M 93 -4.11 -25.99 -45.14
N GLY M 94 -2.87 -26.37 -44.84
CA GLY M 94 -2.53 -27.77 -44.65
C GLY M 94 -2.46 -28.21 -43.20
N VAL M 95 -1.77 -27.43 -42.38
CA VAL M 95 -1.82 -27.65 -40.95
C VAL M 95 -3.27 -27.52 -40.49
N ALA M 96 -3.93 -26.48 -40.97
CA ALA M 96 -5.33 -26.20 -40.65
C ALA M 96 -6.25 -27.42 -40.80
N THR M 97 -6.25 -28.05 -41.97
CA THR M 97 -7.16 -29.17 -42.21
C THR M 97 -7.04 -30.23 -41.15
N GLN M 98 -5.81 -30.58 -40.81
CA GLN M 98 -5.54 -31.55 -39.76
C GLN M 98 -6.23 -31.17 -38.45
N LEU M 99 -6.14 -29.89 -38.10
CA LEU M 99 -6.69 -29.39 -36.84
C LEU M 99 -8.21 -29.36 -36.84
N LEU M 100 -8.81 -28.78 -37.89
CA LEU M 100 -10.26 -28.81 -38.02
C LEU M 100 -10.73 -30.26 -37.95
N ALA M 101 -10.00 -31.15 -38.60
CA ALA M 101 -10.36 -32.56 -38.65
C ALA M 101 -10.35 -33.15 -37.26
N ALA M 102 -9.32 -32.78 -36.50
CA ALA M 102 -9.17 -33.23 -35.13
C ALA M 102 -10.31 -32.69 -34.30
N TYR M 103 -10.57 -31.39 -34.42
CA TYR M 103 -11.64 -30.76 -33.66
C TYR M 103 -12.96 -31.48 -33.90
N ILE M 104 -13.25 -31.76 -35.17
CA ILE M 104 -14.46 -32.47 -35.56
C ILE M 104 -14.54 -33.86 -34.92
N LEU M 105 -13.36 -34.46 -34.75
CA LEU M 105 -13.25 -35.80 -34.19
C LEU M 105 -13.35 -35.82 -32.66
N LEU M 106 -12.48 -35.05 -32.01
CA LEU M 106 -12.39 -35.09 -30.56
C LEU M 106 -13.66 -34.59 -29.91
N PHE M 107 -14.47 -33.87 -30.66
CA PHE M 107 -15.74 -33.38 -30.12
C PHE M 107 -16.97 -33.96 -30.78
N ASP M 108 -16.93 -35.25 -31.07
CA ASP M 108 -18.12 -35.95 -31.51
C ASP M 108 -19.08 -35.79 -30.38
N GLU M 109 -18.66 -36.31 -29.22
CA GLU M 109 -19.31 -36.06 -27.95
C GLU M 109 -18.40 -35.10 -27.21
N TYR M 110 -18.98 -34.08 -26.61
CA TYR M 110 -18.21 -32.99 -25.98
C TYR M 110 -17.12 -33.51 -25.05
N ASN M 111 -15.90 -33.04 -25.27
CA ASN M 111 -14.78 -33.43 -24.42
C ASN M 111 -14.49 -32.32 -23.44
N GLU M 112 -14.93 -32.48 -22.19
CA GLU M 112 -14.97 -31.37 -21.25
C GLU M 112 -13.59 -30.82 -20.92
N LYS M 113 -12.58 -31.69 -20.97
CA LYS M 113 -11.26 -31.30 -20.52
C LYS M 113 -10.53 -30.55 -21.61
N LYS M 114 -10.53 -31.13 -22.80
CA LYS M 114 -9.86 -30.51 -23.93
C LYS M 114 -10.63 -29.31 -24.45
N ALA M 115 -11.83 -29.09 -23.93
CA ALA M 115 -12.71 -28.05 -24.44
C ALA M 115 -12.06 -26.68 -24.48
N SER M 116 -11.41 -26.27 -23.40
CA SER M 116 -10.80 -24.94 -23.36
C SER M 116 -9.65 -24.83 -24.35
N ALA M 117 -8.82 -25.87 -24.47
CA ALA M 117 -7.73 -25.87 -25.45
C ALA M 117 -8.29 -25.79 -26.85
N GLN M 118 -9.13 -26.75 -27.20
CA GLN M 118 -9.69 -26.81 -28.53
C GLN M 118 -10.12 -25.44 -29.00
N LYS M 119 -10.74 -24.69 -28.09
CA LYS M 119 -11.21 -23.34 -28.38
C LYS M 119 -10.02 -22.43 -28.70
N ASP M 120 -9.08 -22.36 -27.77
CA ASP M 120 -7.87 -21.58 -27.96
C ASP M 120 -7.19 -21.97 -29.27
N ILE M 121 -7.03 -23.27 -29.48
CA ILE M 121 -6.48 -23.76 -30.73
C ILE M 121 -7.25 -23.27 -31.96
N LEU M 122 -8.53 -23.60 -32.04
CA LEU M 122 -9.35 -23.13 -33.16
C LEU M 122 -9.09 -21.66 -33.45
N ILE M 123 -8.94 -20.87 -32.39
CA ILE M 123 -8.67 -19.45 -32.57
C ILE M 123 -7.32 -19.19 -33.22
N LYS M 124 -6.24 -19.65 -32.59
CA LYS M 124 -4.90 -19.43 -33.14
C LYS M 124 -4.81 -19.83 -34.61
N VAL M 125 -5.00 -21.11 -34.89
CA VAL M 125 -4.94 -21.59 -36.27
C VAL M 125 -5.81 -20.80 -37.22
N LEU M 126 -7.04 -20.46 -36.81
CA LEU M 126 -7.89 -19.65 -37.67
C LEU M 126 -7.34 -18.24 -37.80
N ASP M 127 -7.20 -17.57 -36.65
CA ASP M 127 -6.63 -16.23 -36.61
C ASP M 127 -5.38 -16.14 -37.47
N ASP M 128 -4.50 -17.12 -37.32
CA ASP M 128 -3.24 -17.16 -38.04
C ASP M 128 -3.47 -17.16 -39.56
N GLY M 129 -4.08 -18.23 -40.06
CA GLY M 129 -4.39 -18.32 -41.47
C GLY M 129 -5.07 -17.07 -42.00
N ILE M 130 -5.97 -16.51 -41.21
CA ILE M 130 -6.66 -15.28 -41.61
C ILE M 130 -5.67 -14.18 -41.93
N THR M 131 -4.66 -14.04 -41.08
CA THR M 131 -3.63 -13.04 -41.35
C THR M 131 -2.81 -13.44 -42.56
N LYS M 132 -2.27 -14.66 -42.51
CA LYS M 132 -1.42 -15.18 -43.58
C LYS M 132 -2.12 -15.06 -44.92
N LEU M 133 -3.39 -15.47 -44.95
CA LEU M 133 -4.20 -15.40 -46.17
C LEU M 133 -4.27 -13.98 -46.67
N ASN M 134 -4.58 -13.06 -45.77
CA ASN M 134 -4.68 -11.66 -46.14
C ASN M 134 -3.40 -11.18 -46.84
N GLU M 135 -2.26 -11.34 -46.16
CA GLU M 135 -0.98 -10.88 -46.69
C GLU M 135 -0.67 -11.46 -48.07
N ALA M 136 -1.08 -12.71 -48.28
CA ALA M 136 -0.90 -13.36 -49.57
C ALA M 136 -1.54 -12.51 -50.65
N GLN M 137 -2.79 -12.15 -50.40
CA GLN M 137 -3.56 -11.32 -51.30
C GLN M 137 -2.86 -10.02 -51.59
N LYS M 138 -2.50 -9.28 -50.54
CA LYS M 138 -1.83 -7.99 -50.73
C LYS M 138 -0.57 -8.17 -51.56
N SER M 139 0.23 -9.18 -51.23
CA SER M 139 1.44 -9.47 -51.98
C SER M 139 1.10 -9.62 -53.46
N LEU M 140 0.05 -10.37 -53.76
CA LEU M 140 -0.35 -10.62 -55.13
C LEU M 140 -0.83 -9.34 -55.82
N LEU M 141 -1.70 -8.61 -55.14
CA LEU M 141 -2.24 -7.38 -55.66
C LEU M 141 -1.13 -6.44 -56.07
N VAL M 142 -0.14 -6.31 -55.20
CA VAL M 142 0.98 -5.44 -55.47
C VAL M 142 1.77 -5.91 -56.68
N SER M 143 1.91 -7.21 -56.84
CA SER M 143 2.58 -7.76 -58.02
C SER M 143 1.82 -7.34 -59.26
N SER M 144 0.49 -7.41 -59.21
CA SER M 144 -0.32 -7.02 -60.35
C SER M 144 -0.07 -5.56 -60.72
N GLN M 145 -0.07 -4.70 -59.70
CA GLN M 145 0.17 -3.27 -59.89
C GLN M 145 1.52 -2.97 -60.54
N SER M 146 2.47 -3.88 -60.39
CA SER M 146 3.83 -3.66 -60.88
C SER M 146 3.91 -3.43 -62.40
N PHE M 147 3.23 -4.30 -63.15
CA PHE M 147 3.24 -4.25 -64.60
C PHE M 147 2.64 -2.98 -65.18
N ASN M 148 1.83 -2.28 -64.41
CA ASN M 148 1.09 -1.14 -64.93
C ASN M 148 1.95 -0.08 -65.60
N ASN M 149 3.01 0.37 -64.93
CA ASN M 149 3.87 1.38 -65.52
C ASN M 149 4.44 0.91 -66.85
N ALA M 150 5.11 -0.24 -66.80
CA ALA M 150 5.66 -0.86 -68.00
C ALA M 150 4.61 -0.97 -69.10
N SER M 151 3.41 -1.41 -68.75
CA SER M 151 2.35 -1.60 -69.73
C SER M 151 2.08 -0.31 -70.52
N GLY M 152 2.19 0.83 -69.83
CA GLY M 152 2.07 2.11 -70.48
C GLY M 152 3.24 2.40 -71.41
N LYS M 153 4.45 2.36 -70.86
CA LYS M 153 5.65 2.54 -71.66
C LYS M 153 5.62 1.73 -72.95
N LEU M 154 5.11 0.50 -72.86
CA LEU M 154 4.93 -0.34 -74.02
C LEU M 154 4.10 0.36 -75.09
N LEU M 155 2.91 0.81 -74.72
CA LEU M 155 2.05 1.48 -75.69
C LEU M 155 2.70 2.74 -76.26
N ALA M 156 3.28 3.57 -75.40
CA ALA M 156 4.00 4.75 -75.89
C ALA M 156 4.92 4.37 -77.05
N LEU M 157 5.84 3.45 -76.79
CA LEU M 157 6.76 2.95 -77.79
C LEU M 157 6.03 2.59 -79.06
N ASP M 158 5.07 1.68 -78.96
CA ASP M 158 4.29 1.26 -80.13
C ASP M 158 3.65 2.47 -80.82
N SER M 159 2.85 3.22 -80.06
CA SER M 159 2.21 4.44 -80.57
C SER M 159 3.18 5.23 -81.49
N GLN M 160 4.38 5.49 -80.99
CA GLN M 160 5.36 6.32 -81.68
C GLN M 160 6.04 5.61 -82.84
N LEU M 161 6.65 4.46 -82.55
CA LEU M 161 7.28 3.65 -83.58
C LEU M 161 6.37 3.45 -84.79
N THR M 162 5.06 3.49 -84.57
CA THR M 162 4.12 3.39 -85.67
C THR M 162 4.09 4.71 -86.43
N ASN M 163 3.84 5.80 -85.70
CA ASN M 163 3.84 7.12 -86.31
C ASN M 163 5.18 7.47 -86.95
N ASP M 164 6.26 7.13 -86.25
CA ASP M 164 7.61 7.49 -86.65
C ASP M 164 8.04 6.73 -87.91
N PHE M 165 7.49 5.53 -88.08
CA PHE M 165 7.86 4.69 -89.20
C PHE M 165 7.34 5.26 -90.50
N SER M 166 6.10 5.74 -90.47
CA SER M 166 5.50 6.35 -91.63
C SER M 166 6.27 7.64 -91.95
N GLU M 167 6.90 8.22 -90.94
CA GLU M 167 7.66 9.45 -91.12
C GLU M 167 8.99 9.21 -91.82
N LYS M 168 9.56 8.03 -91.62
CA LYS M 168 10.76 7.65 -92.36
C LYS M 168 10.40 7.21 -93.79
N SER M 169 9.31 6.48 -93.94
CA SER M 169 8.85 6.07 -95.26
C SER M 169 8.60 7.29 -96.14
N SER M 170 8.21 8.39 -95.51
CA SER M 170 8.05 9.66 -96.23
C SER M 170 9.40 10.25 -96.55
N TYR M 171 10.31 10.19 -95.58
CA TYR M 171 11.66 10.71 -95.74
C TYR M 171 12.44 9.93 -96.78
N PHE M 172 12.12 8.65 -96.91
CA PHE M 172 12.76 7.84 -97.93
C PHE M 172 12.54 8.41 -99.34
N GLN M 173 11.30 8.35 -99.82
CA GLN M 173 10.99 8.84 -101.16
C GLN M 173 11.41 10.30 -101.34
N SER M 174 11.18 11.12 -100.31
CA SER M 174 11.56 12.53 -100.38
C SER M 174 13.07 12.63 -100.52
N GLN M 175 13.76 11.58 -100.12
CA GLN M 175 15.22 11.58 -100.15
C GLN M 175 15.78 10.98 -101.45
N VAL M 176 15.24 9.84 -101.87
CA VAL M 176 15.65 9.27 -103.15
C VAL M 176 15.42 10.28 -104.27
N ASP M 177 14.38 11.10 -104.10
CA ASP M 177 14.14 12.21 -105.01
C ASP M 177 15.37 13.11 -105.01
N LYS M 178 15.77 13.57 -103.83
CA LYS M 178 16.97 14.41 -103.74
C LYS M 178 18.11 13.80 -104.54
N ILE M 179 18.15 12.47 -104.60
CA ILE M 179 19.23 11.77 -105.27
C ILE M 179 19.14 11.89 -106.80
N ARG M 180 17.94 11.73 -107.35
CA ARG M 180 17.74 11.95 -108.78
C ARG M 180 18.06 13.40 -109.13
N LYS M 181 17.37 14.32 -108.45
CA LYS M 181 17.54 15.75 -108.68
C LYS M 181 19.00 16.17 -108.66
N GLU M 182 19.80 15.54 -107.82
CA GLU M 182 21.21 15.89 -107.72
C GLU M 182 21.98 15.29 -108.87
N ALA M 183 21.62 14.06 -109.26
CA ALA M 183 22.38 13.33 -110.26
C ALA M 183 22.08 13.79 -111.68
N TYR M 184 20.81 14.06 -111.95
CA TYR M 184 20.42 14.46 -113.30
C TYR M 184 20.72 15.93 -113.56
N ALA M 185 20.63 16.76 -112.54
CA ALA M 185 21.11 18.12 -112.68
C ALA M 185 22.60 18.07 -113.01
N GLY M 186 23.24 16.95 -112.66
CA GLY M 186 24.64 16.72 -112.96
C GLY M 186 24.90 16.23 -114.38
N ALA M 187 24.23 15.16 -114.77
CA ALA M 187 24.36 14.66 -116.15
C ALA M 187 23.96 15.77 -117.09
N ALA M 188 22.74 16.27 -116.92
CA ALA M 188 22.25 17.40 -117.69
C ALA M 188 23.33 18.45 -117.91
N ALA M 189 24.26 18.59 -116.96
CA ALA M 189 25.31 19.59 -117.03
C ALA M 189 26.33 19.31 -118.15
N GLY M 190 26.17 18.19 -118.83
CA GLY M 190 27.03 17.81 -119.93
C GLY M 190 26.73 18.53 -121.22
N VAL M 191 25.65 19.29 -121.26
CA VAL M 191 25.29 20.11 -122.42
C VAL M 191 26.48 20.95 -122.93
N VAL M 192 27.37 21.32 -122.00
CA VAL M 192 28.54 22.13 -122.36
C VAL M 192 29.48 21.40 -123.31
N ALA M 193 29.98 20.25 -122.89
CA ALA M 193 30.74 19.39 -123.79
C ALA M 193 29.77 18.57 -124.66
N GLY M 194 30.29 17.92 -125.69
CA GLY M 194 29.46 17.30 -126.72
C GLY M 194 28.37 16.37 -126.23
N PRO M 195 27.32 16.16 -127.06
CA PRO M 195 26.23 15.26 -126.70
C PRO M 195 26.73 13.84 -126.44
N PHE M 196 27.79 13.41 -127.13
CA PHE M 196 28.42 12.13 -126.84
C PHE M 196 28.91 12.15 -125.40
N GLY M 197 29.17 13.34 -124.90
CA GLY M 197 29.51 13.53 -123.50
C GLY M 197 28.36 13.17 -122.59
N LEU M 198 27.14 13.46 -123.04
CA LEU M 198 25.96 13.08 -122.29
C LEU M 198 25.85 11.57 -122.13
N ILE M 199 26.01 10.84 -123.24
CA ILE M 199 26.02 9.39 -123.16
C ILE M 199 26.96 8.92 -122.06
N ILE M 200 28.20 9.40 -122.07
CA ILE M 200 29.16 9.08 -121.01
C ILE M 200 28.66 9.51 -119.62
N SER M 201 28.27 10.78 -119.52
CA SER M 201 27.84 11.37 -118.25
C SER M 201 26.61 10.69 -117.68
N TYR M 202 25.57 10.63 -118.49
CA TYR M 202 24.29 10.06 -118.11
C TYR M 202 24.40 8.55 -117.82
N SER M 203 25.23 7.83 -118.58
CA SER M 203 25.49 6.42 -118.25
C SER M 203 26.16 6.32 -116.89
N ILE M 204 27.17 7.15 -116.67
CA ILE M 204 27.83 7.23 -115.38
C ILE M 204 26.82 7.46 -114.26
N ALA M 205 25.82 8.31 -114.53
CA ALA M 205 24.86 8.71 -113.50
C ALA M 205 23.66 7.76 -113.39
N ALA M 206 22.65 7.99 -114.23
CA ALA M 206 21.45 7.16 -114.21
C ALA M 206 21.80 5.69 -114.07
N GLY M 207 22.92 5.28 -114.66
CA GLY M 207 23.37 3.91 -114.58
C GLY M 207 23.68 3.49 -113.16
N VAL M 208 24.62 4.18 -112.52
CA VAL M 208 24.99 3.90 -111.14
C VAL M 208 23.85 4.17 -110.15
N VAL M 209 23.11 5.26 -110.37
CA VAL M 209 22.00 5.59 -109.51
C VAL M 209 20.92 4.52 -109.58
N GLU M 210 20.32 4.36 -110.75
CA GLU M 210 19.24 3.41 -110.94
C GLU M 210 19.76 1.98 -110.88
N GLY M 211 21.08 1.85 -110.88
CA GLY M 211 21.73 0.55 -110.90
C GLY M 211 21.90 -0.07 -109.53
N LYS M 212 22.64 0.59 -108.65
CA LYS M 212 22.79 0.11 -107.26
C LYS M 212 22.08 1.01 -106.25
N LEU M 213 22.19 2.32 -106.40
CA LEU M 213 21.70 3.25 -105.40
C LEU M 213 20.22 3.12 -105.04
N ILE M 214 19.34 3.57 -105.94
CA ILE M 214 17.91 3.53 -105.65
C ILE M 214 17.45 2.17 -105.11
N PRO M 215 17.86 1.08 -105.79
CA PRO M 215 17.49 -0.27 -105.34
C PRO M 215 17.98 -0.55 -103.92
N GLU M 216 19.20 -0.12 -103.63
CA GLU M 216 19.76 -0.29 -102.29
C GLU M 216 18.86 0.39 -101.27
N LEU M 217 18.49 1.63 -101.55
CA LEU M 217 17.58 2.35 -100.69
C LEU M 217 16.26 1.60 -100.50
N LYS M 218 15.66 1.20 -101.62
CA LYS M 218 14.43 0.41 -101.58
C LYS M 218 14.65 -0.85 -100.74
N ASN M 219 15.90 -1.28 -100.63
CA ASN M 219 16.21 -2.46 -99.85
C ASN M 219 16.15 -2.21 -98.34
N LYS M 220 16.76 -1.12 -97.89
CA LYS M 220 16.70 -0.77 -96.48
C LYS M 220 15.29 -0.40 -96.06
N LEU M 221 14.61 0.40 -96.89
CA LEU M 221 13.23 0.75 -96.61
C LEU M 221 12.46 -0.52 -96.26
N LYS M 222 12.87 -1.64 -96.85
CA LYS M 222 12.21 -2.91 -96.58
C LYS M 222 12.76 -3.55 -95.32
N SER M 223 14.08 -3.52 -95.12
CA SER M 223 14.67 -4.12 -93.91
C SER M 223 14.15 -3.40 -92.67
N VAL M 224 13.87 -2.11 -92.84
CA VAL M 224 13.25 -1.30 -91.80
C VAL M 224 11.81 -1.73 -91.60
N GLN M 225 11.00 -1.53 -92.64
CA GLN M 225 9.59 -1.94 -92.60
C GLN M 225 9.45 -3.38 -92.12
N ASN M 226 10.48 -4.18 -92.38
CA ASN M 226 10.51 -5.57 -91.95
C ASN M 226 10.70 -5.64 -90.43
N PHE M 227 11.67 -4.88 -89.93
CA PHE M 227 11.96 -4.84 -88.51
C PHE M 227 10.87 -4.15 -87.73
N PHE M 228 10.37 -3.06 -88.27
CA PHE M 228 9.23 -2.38 -87.67
C PHE M 228 8.13 -3.38 -87.36
N THR M 229 7.88 -4.29 -88.29
CA THR M 229 6.84 -5.29 -88.08
C THR M 229 7.18 -6.26 -86.95
N THR M 230 8.31 -6.95 -87.07
CA THR M 230 8.70 -7.93 -86.07
C THR M 230 8.66 -7.31 -84.67
N LEU M 231 9.11 -6.06 -84.57
CA LEU M 231 9.10 -5.34 -83.31
C LEU M 231 7.69 -5.07 -82.83
N SER M 232 6.84 -4.58 -83.71
CA SER M 232 5.46 -4.27 -83.35
C SER M 232 4.80 -5.51 -82.75
N ASN M 233 5.13 -6.66 -83.34
CA ASN M 233 4.63 -7.95 -82.85
C ASN M 233 5.27 -8.37 -81.54
N THR M 234 6.55 -8.03 -81.37
CA THR M 234 7.25 -8.31 -80.12
C THR M 234 6.58 -7.52 -79.00
N VAL M 235 5.96 -6.40 -79.36
CA VAL M 235 5.21 -5.59 -78.41
C VAL M 235 3.86 -6.22 -78.09
N LYS M 236 3.09 -6.53 -79.13
CA LYS M 236 1.81 -7.18 -78.96
C LYS M 236 1.95 -8.38 -78.02
N GLN M 237 3.08 -9.08 -78.13
CA GLN M 237 3.33 -10.23 -77.27
C GLN M 237 3.41 -9.80 -75.82
N ALA M 238 4.38 -8.96 -75.51
CA ALA M 238 4.54 -8.43 -74.16
C ALA M 238 3.19 -7.98 -73.56
N ASN M 239 2.45 -7.16 -74.31
CA ASN M 239 1.16 -6.71 -73.84
C ASN M 239 0.25 -7.88 -73.49
N LYS M 240 0.33 -8.94 -74.28
CA LYS M 240 -0.46 -10.15 -74.01
C LYS M 240 0.08 -10.91 -72.81
N ASP M 241 1.39 -11.00 -72.70
CA ASP M 241 2.03 -11.70 -71.58
C ASP M 241 1.73 -11.01 -70.27
N ILE M 242 1.89 -9.68 -70.26
CA ILE M 242 1.65 -8.91 -69.04
C ILE M 242 0.22 -9.09 -68.60
N ASP M 243 -0.69 -8.98 -69.55
CA ASP M 243 -2.10 -9.04 -69.22
C ASP M 243 -2.48 -10.40 -68.65
N ALA M 244 -1.85 -11.45 -69.20
CA ALA M 244 -2.11 -12.81 -68.73
C ALA M 244 -1.66 -13.01 -67.29
N ALA M 245 -0.52 -12.41 -66.95
CA ALA M 245 -0.01 -12.46 -65.60
C ALA M 245 -0.96 -11.76 -64.65
N LYS M 246 -1.37 -10.56 -65.02
CA LYS M 246 -2.25 -9.76 -64.17
C LYS M 246 -3.51 -10.55 -63.88
N LEU M 247 -3.95 -11.29 -64.89
CA LEU M 247 -5.14 -12.11 -64.75
C LEU M 247 -4.90 -13.15 -63.68
N LYS M 248 -3.99 -14.07 -63.96
CA LYS M 248 -3.56 -15.10 -63.00
C LYS M 248 -3.52 -14.57 -61.57
N LEU M 249 -2.91 -13.40 -61.42
CA LEU M 249 -2.73 -12.80 -60.11
C LEU M 249 -4.06 -12.52 -59.42
N THR M 250 -4.93 -11.72 -60.05
CA THR M 250 -6.18 -11.35 -59.41
C THR M 250 -7.09 -12.56 -59.21
N THR M 251 -7.15 -13.43 -60.21
CA THR M 251 -8.00 -14.60 -60.13
C THR M 251 -7.52 -15.54 -59.03
N GLU M 252 -6.23 -15.45 -58.70
CA GLU M 252 -5.73 -16.14 -57.51
C GLU M 252 -6.15 -15.40 -56.24
N ILE M 253 -5.86 -14.11 -56.20
CA ILE M 253 -6.28 -13.25 -55.11
C ILE M 253 -7.70 -13.57 -54.66
N ALA M 254 -8.61 -13.68 -55.62
CA ALA M 254 -10.01 -13.87 -55.29
C ALA M 254 -10.29 -15.29 -54.85
N ALA M 255 -9.52 -16.23 -55.41
CA ALA M 255 -9.63 -17.64 -55.06
C ALA M 255 -9.18 -17.86 -53.63
N ILE M 256 -8.10 -17.18 -53.26
CA ILE M 256 -7.66 -17.15 -51.88
C ILE M 256 -8.77 -16.49 -51.06
N GLY M 257 -9.40 -15.49 -51.66
CA GLY M 257 -10.51 -14.80 -51.03
C GLY M 257 -11.57 -15.76 -50.53
N GLU M 258 -11.92 -16.73 -51.36
CA GLU M 258 -12.93 -17.70 -50.99
C GLU M 258 -12.62 -18.33 -49.64
N ILE M 259 -11.38 -18.81 -49.46
CA ILE M 259 -10.99 -19.43 -48.19
C ILE M 259 -11.08 -18.41 -47.08
N LYS M 260 -10.39 -17.29 -47.26
CA LYS M 260 -10.38 -16.23 -46.26
C LYS M 260 -11.76 -16.07 -45.64
N THR M 261 -12.76 -15.75 -46.44
CA THR M 261 -14.09 -15.52 -45.92
C THR M 261 -14.59 -16.69 -45.09
N GLU M 262 -14.48 -17.90 -45.63
CA GLU M 262 -14.92 -19.08 -44.89
C GLU M 262 -14.22 -19.14 -43.54
N THR M 263 -12.90 -19.04 -43.58
CA THR M 263 -12.09 -19.04 -42.37
C THR M 263 -12.57 -17.96 -41.41
N GLU M 264 -12.58 -16.73 -41.90
CA GLU M 264 -12.99 -15.59 -41.10
C GLU M 264 -14.32 -15.88 -40.45
N THR M 265 -15.22 -16.50 -41.20
CA THR M 265 -16.54 -16.86 -40.67
C THR M 265 -16.41 -17.83 -39.49
N THR M 266 -15.92 -19.03 -39.81
CA THR M 266 -15.63 -20.07 -38.84
C THR M 266 -15.04 -19.48 -37.55
N ARG M 267 -14.09 -18.56 -37.69
CA ARG M 267 -13.54 -17.88 -36.53
C ARG M 267 -14.68 -17.30 -35.67
N PHE M 268 -15.50 -16.43 -36.27
CA PHE M 268 -16.59 -15.80 -35.54
C PHE M 268 -17.45 -16.84 -34.82
N TYR M 269 -17.72 -17.95 -35.51
CA TYR M 269 -18.53 -19.01 -34.91
C TYR M 269 -17.88 -19.54 -33.63
N VAL M 270 -16.55 -19.69 -33.66
CA VAL M 270 -15.82 -20.07 -32.45
C VAL M 270 -16.16 -19.11 -31.28
N ASP M 271 -16.45 -17.85 -31.61
CA ASP M 271 -16.80 -16.85 -30.59
C ASP M 271 -18.12 -17.12 -29.79
N TYR M 272 -18.92 -18.06 -30.25
CA TYR M 272 -20.16 -18.38 -29.57
C TYR M 272 -19.86 -19.16 -28.29
N ASP M 273 -18.74 -19.89 -28.29
CA ASP M 273 -18.33 -20.71 -27.13
C ASP M 273 -18.80 -22.13 -27.22
N ASP M 274 -19.97 -22.31 -27.80
CA ASP M 274 -20.51 -23.64 -27.96
C ASP M 274 -19.67 -24.42 -28.94
N LEU M 275 -18.64 -25.10 -28.44
CA LEU M 275 -17.78 -25.93 -29.28
C LEU M 275 -18.57 -27.00 -30.00
N MET M 276 -19.86 -27.06 -29.70
CA MET M 276 -20.71 -28.14 -30.19
C MET M 276 -21.77 -27.60 -31.14
N LEU M 277 -21.77 -26.28 -31.32
CA LEU M 277 -22.76 -25.61 -32.15
C LEU M 277 -22.67 -26.13 -33.57
N SER M 278 -23.81 -26.52 -34.16
CA SER M 278 -23.82 -27.11 -35.50
C SER M 278 -23.10 -26.20 -36.49
N LEU M 279 -23.39 -24.90 -36.42
CA LEU M 279 -22.74 -23.94 -37.30
C LEU M 279 -21.24 -24.14 -37.26
N LEU M 280 -20.62 -23.87 -36.11
CA LEU M 280 -19.17 -23.99 -36.01
C LEU M 280 -18.70 -25.34 -36.50
N LYS M 281 -19.51 -26.36 -36.26
CA LYS M 281 -19.11 -27.69 -36.65
C LYS M 281 -19.16 -27.79 -38.17
N GLU M 282 -20.27 -27.38 -38.75
CA GLU M 282 -20.45 -27.36 -40.20
C GLU M 282 -19.41 -26.46 -40.87
N ALA M 283 -19.33 -25.22 -40.41
CA ALA M 283 -18.32 -24.30 -40.90
C ALA M 283 -16.98 -24.98 -40.99
N ALA M 284 -16.64 -25.75 -39.96
CA ALA M 284 -15.34 -26.43 -39.88
C ALA M 284 -15.23 -27.50 -40.93
N LYS M 285 -16.34 -28.14 -41.21
CA LYS M 285 -16.38 -29.17 -42.24
C LYS M 285 -16.28 -28.56 -43.64
N LYS M 286 -16.98 -27.43 -43.84
CA LYS M 286 -16.95 -26.70 -45.11
C LYS M 286 -15.53 -26.27 -45.42
N MET M 287 -14.88 -25.65 -44.43
CA MET M 287 -13.49 -25.25 -44.54
C MET M 287 -12.63 -26.35 -45.16
N ILE M 288 -12.85 -27.60 -44.74
CA ILE M 288 -12.08 -28.73 -45.24
C ILE M 288 -12.43 -29.06 -46.70
N ASN M 289 -13.70 -28.85 -47.06
CA ASN M 289 -14.10 -28.95 -48.45
C ASN M 289 -13.55 -27.78 -49.27
N THR M 290 -13.97 -26.56 -48.94
CA THR M 290 -13.47 -25.35 -49.62
C THR M 290 -11.97 -25.48 -49.90
N CYS M 291 -11.21 -25.94 -48.92
CA CYS M 291 -9.78 -26.18 -49.10
C CYS M 291 -9.54 -27.24 -50.17
N ASN M 292 -10.16 -28.39 -49.99
CA ASN M 292 -9.97 -29.49 -50.92
C ASN M 292 -10.20 -29.09 -52.40
N GLU M 293 -11.26 -28.32 -52.65
CA GLU M 293 -11.59 -27.86 -54.01
C GLU M 293 -10.51 -26.91 -54.53
N TYR M 294 -9.96 -26.11 -53.63
CA TYR M 294 -8.88 -25.20 -53.96
C TYR M 294 -7.63 -25.95 -54.46
N GLN M 295 -7.43 -27.17 -53.95
CA GLN M 295 -6.27 -27.98 -54.36
C GLN M 295 -6.46 -28.64 -55.72
N LYS M 296 -7.70 -28.97 -56.06
CA LYS M 296 -8.03 -29.67 -57.31
C LYS M 296 -8.00 -28.74 -58.50
N ARG M 297 -8.72 -27.63 -58.41
CA ARG M 297 -8.77 -26.66 -59.50
C ARG M 297 -7.47 -25.88 -59.63
N HIS M 298 -7.04 -25.28 -58.52
CA HIS M 298 -5.80 -24.50 -58.48
C HIS M 298 -4.60 -25.37 -58.13
N LYS N 14 73.30 30.30 -110.93
CA LYS N 14 72.09 29.88 -111.61
C LYS N 14 72.31 28.59 -112.39
N THR N 15 73.11 27.69 -111.82
CA THR N 15 73.38 26.39 -112.42
C THR N 15 72.72 25.29 -111.61
N VAL N 16 72.76 25.46 -110.29
CA VAL N 16 72.21 24.47 -109.37
C VAL N 16 70.69 24.58 -109.30
N GLU N 17 70.17 25.75 -109.66
CA GLU N 17 68.74 26.02 -109.53
C GLU N 17 67.88 25.00 -110.29
N VAL N 18 68.49 24.29 -111.24
CA VAL N 18 67.79 23.25 -111.96
C VAL N 18 67.47 22.10 -111.01
N VAL N 19 68.46 21.68 -110.25
CA VAL N 19 68.30 20.64 -109.24
C VAL N 19 67.20 21.04 -108.26
N LYS N 20 67.32 22.24 -107.72
CA LYS N 20 66.30 22.77 -106.81
C LYS N 20 64.91 22.68 -107.42
N ASN N 21 64.74 23.30 -108.59
CA ASN N 21 63.45 23.29 -109.25
C ASN N 21 62.94 21.85 -109.45
N ALA N 22 63.86 20.95 -109.81
CA ALA N 22 63.52 19.55 -110.06
C ALA N 22 63.15 18.85 -108.75
N ILE N 23 63.87 19.19 -107.69
CA ILE N 23 63.60 18.63 -106.38
C ILE N 23 62.13 18.90 -106.05
N GLU N 24 61.70 20.15 -106.26
CA GLU N 24 60.34 20.54 -105.94
C GLU N 24 59.35 19.90 -106.89
N THR N 25 59.76 19.73 -108.14
CA THR N 25 58.94 19.01 -109.11
C THR N 25 58.66 17.61 -108.60
N ALA N 26 59.72 16.94 -108.14
CA ALA N 26 59.63 15.56 -107.65
C ALA N 26 58.75 15.47 -106.41
N ASP N 27 58.76 16.51 -105.58
CA ASP N 27 57.94 16.53 -104.39
C ASP N 27 56.47 16.42 -104.79
N GLY N 28 55.96 17.45 -105.46
CA GLY N 28 54.60 17.44 -105.95
C GLY N 28 54.28 16.20 -106.78
N ALA N 29 55.31 15.53 -107.30
CA ALA N 29 55.12 14.27 -108.00
C ALA N 29 54.53 13.23 -107.05
N LEU N 30 55.30 12.91 -106.00
CA LEU N 30 54.82 12.02 -104.94
C LEU N 30 53.39 12.37 -104.58
N ASP N 31 53.18 13.62 -104.20
CA ASP N 31 51.87 14.10 -103.79
C ASP N 31 50.75 13.63 -104.72
N LEU N 32 50.80 14.06 -105.97
CA LEU N 32 49.82 13.60 -106.96
C LEU N 32 49.79 12.08 -106.99
N TYR N 33 50.96 11.47 -106.90
CA TYR N 33 51.08 10.01 -106.93
C TYR N 33 50.16 9.34 -105.92
N ASN N 34 50.41 9.65 -104.65
CA ASN N 34 49.58 9.15 -103.57
C ASN N 34 48.14 9.61 -103.72
N LYS N 35 47.93 10.94 -103.82
CA LYS N 35 46.59 11.52 -104.00
C LYS N 35 45.73 10.63 -104.89
N TYR N 36 46.31 10.19 -106.00
CA TYR N 36 45.61 9.30 -106.92
C TYR N 36 45.62 7.87 -106.42
N LEU N 37 46.80 7.42 -105.98
CA LEU N 37 46.95 6.08 -105.44
C LEU N 37 45.90 5.77 -104.38
N ASP N 38 45.57 6.78 -103.58
CA ASP N 38 44.55 6.66 -102.56
C ASP N 38 43.17 6.57 -103.19
N GLN N 39 42.86 7.47 -104.11
CA GLN N 39 41.60 7.40 -104.84
C GLN N 39 41.44 6.02 -105.47
N VAL N 40 42.58 5.41 -105.79
CA VAL N 40 42.60 4.12 -106.47
C VAL N 40 42.51 2.95 -105.49
N ILE N 41 43.17 3.08 -104.35
CA ILE N 41 43.16 2.04 -103.33
C ILE N 41 42.61 2.59 -102.02
N PRO N 42 41.31 2.39 -101.78
CA PRO N 42 40.58 2.98 -100.66
C PRO N 42 40.98 2.39 -99.31
N TRP N 43 42.25 2.49 -98.95
CA TRP N 43 42.71 1.98 -97.69
C TRP N 43 42.01 2.71 -96.55
N GLN N 44 41.75 3.99 -96.76
CA GLN N 44 40.99 4.78 -95.80
C GLN N 44 39.68 4.07 -95.51
N THR N 45 38.88 3.89 -96.56
CA THR N 45 37.58 3.24 -96.45
C THR N 45 37.70 1.81 -95.88
N PHE N 46 38.69 1.07 -96.34
CA PHE N 46 38.93 -0.29 -95.86
C PHE N 46 39.24 -0.30 -94.36
N ASP N 47 40.26 0.46 -93.98
CA ASP N 47 40.64 0.57 -92.58
C ASP N 47 39.43 1.01 -91.73
N GLU N 48 38.82 2.14 -92.07
CA GLU N 48 37.64 2.63 -91.36
C GLU N 48 36.61 1.52 -91.19
N THR N 49 36.33 0.84 -92.29
CA THR N 49 35.33 -0.23 -92.28
C THR N 49 35.72 -1.33 -91.29
N ILE N 50 37.02 -1.59 -91.18
CA ILE N 50 37.51 -2.59 -90.24
C ILE N 50 37.26 -2.16 -88.80
N LYS N 51 37.64 -0.94 -88.48
CA LYS N 51 37.47 -0.41 -87.13
C LYS N 51 36.03 -0.53 -86.65
N GLU N 52 35.12 0.15 -87.33
CA GLU N 52 33.73 0.19 -86.86
C GLU N 52 33.15 -1.19 -86.56
N LEU N 53 33.52 -2.19 -87.35
CA LEU N 53 33.02 -3.53 -87.07
C LEU N 53 33.91 -4.29 -86.10
N SER N 54 35.05 -3.71 -85.77
CA SER N 54 35.87 -4.21 -84.67
C SER N 54 35.26 -3.71 -83.39
N ARG N 55 34.90 -2.42 -83.37
CA ARG N 55 34.17 -1.82 -82.26
C ARG N 55 32.96 -2.69 -81.88
N PHE N 56 32.20 -3.12 -82.88
CA PHE N 56 31.06 -4.01 -82.63
C PHE N 56 31.50 -5.16 -81.74
N LYS N 57 32.41 -5.98 -82.26
CA LYS N 57 32.94 -7.12 -81.53
C LYS N 57 33.38 -6.70 -80.13
N GLN N 58 33.90 -5.48 -80.01
CA GLN N 58 34.42 -4.98 -78.75
C GLN N 58 33.31 -4.68 -77.75
N GLU N 59 32.56 -3.62 -78.04
CA GLU N 59 31.48 -3.17 -77.16
C GLU N 59 30.65 -4.32 -76.56
N TYR N 60 30.26 -5.27 -77.40
CA TYR N 60 29.47 -6.39 -76.93
C TYR N 60 30.29 -7.33 -76.05
N SER N 61 31.51 -7.63 -76.46
CA SER N 61 32.39 -8.37 -75.57
C SER N 61 32.33 -7.75 -74.18
N GLN N 62 32.62 -6.46 -74.10
CA GLN N 62 32.53 -5.71 -72.85
C GLN N 62 31.25 -6.07 -72.08
N ALA N 63 30.10 -5.74 -72.66
CA ALA N 63 28.82 -5.98 -72.00
C ALA N 63 28.70 -7.41 -71.51
N ALA N 64 28.61 -8.35 -72.44
CA ALA N 64 28.47 -9.78 -72.10
C ALA N 64 29.45 -10.18 -70.99
N SER N 65 30.72 -9.81 -71.15
CA SER N 65 31.71 -10.12 -70.13
C SER N 65 31.23 -9.74 -68.74
N VAL N 66 31.10 -8.44 -68.50
CA VAL N 66 30.66 -7.94 -67.20
C VAL N 66 29.32 -8.54 -66.71
N LEU N 67 28.34 -8.67 -67.61
CA LEU N 67 27.07 -9.29 -67.26
C LEU N 67 27.28 -10.73 -66.85
N VAL N 68 27.79 -11.54 -67.78
CA VAL N 68 28.11 -12.93 -67.51
C VAL N 68 28.87 -13.10 -66.20
N GLY N 69 29.68 -12.09 -65.85
CA GLY N 69 30.43 -12.10 -64.62
C GLY N 69 29.54 -11.88 -63.41
N ASP N 70 28.71 -10.84 -63.50
CA ASP N 70 27.74 -10.57 -62.44
C ASP N 70 26.86 -11.80 -62.18
N ILE N 71 26.36 -12.41 -63.26
CA ILE N 71 25.58 -13.63 -63.15
C ILE N 71 26.30 -14.67 -62.33
N LYS N 72 27.61 -14.83 -62.52
CA LYS N 72 28.34 -15.83 -61.74
C LYS N 72 28.31 -15.44 -60.29
N THR N 73 28.75 -14.22 -59.99
CA THR N 73 28.62 -13.70 -58.64
C THR N 73 27.25 -14.10 -58.07
N LEU N 74 26.18 -13.72 -58.76
CA LEU N 74 24.82 -14.03 -58.32
C LEU N 74 24.59 -15.52 -58.08
N LEU N 75 25.05 -16.35 -59.01
CA LEU N 75 24.93 -17.80 -58.84
C LEU N 75 25.65 -18.25 -57.59
N MET N 76 26.91 -17.83 -57.47
CA MET N 76 27.71 -18.15 -56.29
C MET N 76 27.05 -17.64 -54.99
N ASP N 77 26.51 -16.43 -55.04
CA ASP N 77 25.78 -15.86 -53.91
C ASP N 77 24.70 -16.81 -53.45
N SER N 78 23.86 -17.23 -54.39
CA SER N 78 22.77 -18.16 -54.11
C SER N 78 23.29 -19.40 -53.42
N GLN N 79 24.22 -20.09 -54.08
CA GLN N 79 24.80 -21.31 -53.54
C GLN N 79 25.06 -21.20 -52.04
N ASP N 80 25.83 -20.20 -51.64
CA ASP N 80 26.09 -19.99 -50.23
C ASP N 80 24.79 -19.85 -49.43
N LYS N 81 23.87 -19.03 -49.92
CA LYS N 81 22.60 -18.83 -49.22
C LYS N 81 21.79 -20.12 -49.13
N TYR N 82 21.90 -20.97 -50.15
CA TYR N 82 21.26 -22.27 -50.13
C TYR N 82 21.88 -23.12 -49.04
N PHE N 83 23.20 -23.23 -49.09
CA PHE N 83 23.97 -23.97 -48.09
C PHE N 83 23.53 -23.60 -46.71
N GLU N 84 23.67 -22.32 -46.39
CA GLU N 84 23.18 -21.79 -45.12
C GLU N 84 21.79 -22.34 -44.81
N ALA N 85 20.82 -21.97 -45.63
CA ALA N 85 19.44 -22.38 -45.42
C ALA N 85 19.34 -23.85 -45.08
N THR N 86 19.81 -24.70 -45.98
CA THR N 86 19.70 -26.14 -45.79
C THR N 86 20.41 -26.57 -44.52
N GLN N 87 21.62 -26.06 -44.32
CA GLN N 87 22.44 -26.43 -43.19
C GLN N 87 21.72 -26.08 -41.90
N THR N 88 21.28 -24.84 -41.80
CA THR N 88 20.46 -24.38 -40.67
C THR N 88 19.36 -25.38 -40.34
N VAL N 89 18.61 -25.77 -41.35
CA VAL N 89 17.56 -26.78 -41.18
C VAL N 89 18.11 -28.11 -40.68
N TYR N 90 19.04 -28.70 -41.42
CA TYR N 90 19.67 -29.96 -41.02
C TYR N 90 20.14 -29.98 -39.58
N GLU N 91 20.49 -28.80 -39.06
CA GLU N 91 20.93 -28.71 -37.69
C GLU N 91 19.74 -28.87 -36.75
N TRP N 92 18.70 -28.07 -36.96
CA TRP N 92 17.51 -28.17 -36.12
C TRP N 92 16.79 -29.50 -36.31
N CYS N 93 16.53 -29.82 -37.58
CA CYS N 93 15.85 -31.06 -37.94
C CYS N 93 16.52 -32.22 -37.21
N GLY N 94 17.70 -31.97 -36.64
CA GLY N 94 18.54 -33.02 -36.11
C GLY N 94 18.49 -33.10 -34.60
N VAL N 95 18.57 -31.95 -33.94
CA VAL N 95 18.30 -31.93 -32.51
C VAL N 95 16.85 -32.36 -32.26
N ALA N 96 15.95 -31.80 -33.05
CA ALA N 96 14.53 -32.13 -33.00
C ALA N 96 14.22 -33.64 -32.97
N THR N 97 14.67 -34.39 -33.99
CA THR N 97 14.37 -35.84 -34.09
C THR N 97 14.70 -36.56 -32.81
N GLN N 98 15.88 -36.29 -32.26
CA GLN N 98 16.29 -36.84 -30.99
C GLN N 98 15.26 -36.56 -29.88
N LEU N 99 14.76 -35.32 -29.84
CA LEU N 99 13.80 -34.92 -28.82
C LEU N 99 12.42 -35.55 -29.01
N LEU N 100 11.88 -35.51 -30.22
CA LEU N 100 10.61 -36.18 -30.49
C LEU N 100 10.75 -37.66 -30.14
N ALA N 101 11.91 -38.23 -30.45
CA ALA N 101 12.14 -39.65 -30.22
C ALA N 101 12.12 -39.93 -28.74
N ALA N 102 12.74 -39.05 -27.98
CA ALA N 102 12.77 -39.13 -26.52
C ALA N 102 11.35 -39.01 -25.97
N TYR N 103 10.63 -37.99 -26.43
CA TYR N 103 9.26 -37.77 -25.97
C TYR N 103 8.43 -39.02 -26.19
N ILE N 104 8.55 -39.60 -27.38
CA ILE N 104 7.83 -40.84 -27.72
C ILE N 104 8.21 -41.99 -26.79
N LEU N 105 9.46 -41.98 -26.33
CA LEU N 105 9.96 -43.03 -25.48
C LEU N 105 9.58 -42.81 -24.03
N LEU N 106 9.92 -41.64 -23.49
CA LEU N 106 9.73 -41.39 -22.06
C LEU N 106 8.24 -41.41 -21.67
N PHE N 107 7.37 -41.26 -22.65
CA PHE N 107 5.94 -41.29 -22.39
C PHE N 107 5.20 -42.45 -23.03
N ASP N 108 5.84 -43.61 -23.02
CA ASP N 108 5.14 -44.82 -23.42
C ASP N 108 4.00 -44.88 -22.44
N GLU N 109 4.36 -44.98 -21.17
CA GLU N 109 3.42 -44.83 -20.07
C GLU N 109 3.70 -43.46 -19.48
N TYR N 110 2.63 -42.70 -19.23
CA TYR N 110 2.75 -41.31 -18.77
C TYR N 110 3.72 -41.13 -17.63
N ASN N 111 4.68 -40.23 -17.81
CA ASN N 111 5.66 -39.95 -16.78
C ASN N 111 5.28 -38.67 -16.06
N GLU N 112 4.69 -38.80 -14.87
CA GLU N 112 4.02 -37.68 -14.23
C GLU N 112 4.96 -36.53 -13.88
N LYS N 113 6.22 -36.86 -13.59
CA LYS N 113 7.16 -35.85 -13.13
C LYS N 113 7.73 -35.05 -14.28
N LYS N 114 8.21 -35.76 -15.29
CA LYS N 114 8.80 -35.12 -16.44
C LYS N 114 7.72 -34.49 -17.34
N ALA N 115 6.47 -34.74 -17.01
CA ALA N 115 5.37 -34.29 -17.84
C ALA N 115 5.42 -32.80 -18.15
N SER N 116 5.60 -31.97 -17.13
CA SER N 116 5.59 -30.53 -17.33
C SER N 116 6.76 -30.09 -18.21
N ALA N 117 7.95 -30.66 -17.97
CA ALA N 117 9.11 -30.34 -18.80
C ALA N 117 8.88 -30.75 -20.24
N GLN N 118 8.57 -32.02 -20.43
CA GLN N 118 8.37 -32.56 -21.76
C GLN N 118 7.53 -31.62 -22.58
N LYS N 119 6.50 -31.07 -21.95
CA LYS N 119 5.60 -30.13 -22.60
C LYS N 119 6.34 -28.86 -23.01
N ASP N 120 6.99 -28.24 -22.03
CA ASP N 120 7.79 -27.04 -22.27
C ASP N 120 8.82 -27.30 -23.35
N ILE N 121 9.51 -28.43 -23.25
CA ILE N 121 10.47 -28.83 -24.26
C ILE N 121 9.84 -28.94 -25.65
N LEU N 122 8.84 -29.80 -25.79
CA LEU N 122 8.15 -29.93 -27.07
C LEU N 122 7.85 -28.56 -27.67
N ILE N 123 7.45 -27.63 -26.83
CA ILE N 123 7.14 -26.30 -27.30
C ILE N 123 8.39 -25.59 -27.84
N LYS N 124 9.39 -25.39 -27.00
CA LYS N 124 10.61 -24.72 -27.43
C LYS N 124 11.14 -25.30 -28.76
N VAL N 125 11.54 -26.57 -28.75
CA VAL N 125 12.10 -27.19 -29.95
C VAL N 125 11.20 -27.01 -31.15
N LEU N 126 9.89 -27.20 -30.99
CA LEU N 126 8.98 -27.00 -32.10
C LEU N 126 8.93 -25.52 -32.49
N ASP N 127 8.58 -24.67 -31.53
CA ASP N 127 8.51 -23.24 -31.74
C ASP N 127 9.76 -22.75 -32.46
N ASP N 128 10.92 -23.21 -31.99
CA ASP N 128 12.21 -22.80 -32.54
C ASP N 128 12.37 -23.17 -34.02
N GLY N 129 12.33 -24.46 -34.32
CA GLY N 129 12.42 -24.92 -35.69
C GLY N 129 11.44 -24.20 -36.60
N ILE N 130 10.24 -23.98 -36.09
CA ILE N 130 9.21 -23.27 -36.85
C ILE N 130 9.69 -21.92 -37.32
N THR N 131 10.37 -21.21 -36.42
CA THR N 131 10.96 -19.92 -36.82
C THR N 131 12.13 -20.14 -37.76
N LYS N 132 13.07 -20.95 -37.34
CA LYS N 132 14.25 -21.26 -38.14
C LYS N 132 13.86 -21.70 -39.56
N LEU N 133 12.90 -22.62 -39.63
CA LEU N 133 12.43 -23.12 -40.91
C LEU N 133 11.90 -22.00 -41.77
N ASN N 134 11.08 -21.14 -41.18
CA ASN N 134 10.51 -20.01 -41.91
C ASN N 134 11.61 -19.16 -42.53
N GLU N 135 12.54 -18.68 -41.70
CA GLU N 135 13.61 -17.81 -42.18
C GLU N 135 14.40 -18.45 -43.31
N ALA N 136 14.60 -19.76 -43.24
CA ALA N 136 15.30 -20.48 -44.30
C ALA N 136 14.62 -20.20 -45.63
N GLN N 137 13.31 -20.39 -45.63
CA GLN N 137 12.50 -20.17 -46.80
C GLN N 137 12.66 -18.76 -47.32
N LYS N 138 12.48 -17.75 -46.46
CA LYS N 138 12.59 -16.36 -46.89
C LYS N 138 13.97 -16.12 -47.48
N SER N 139 15.00 -16.61 -46.81
CA SER N 139 16.36 -16.48 -47.31
C SER N 139 16.44 -17.01 -48.74
N LEU N 140 15.89 -18.20 -48.95
CA LEU N 140 15.92 -18.83 -50.27
C LEU N 140 15.10 -18.06 -51.30
N LEU N 141 13.89 -17.70 -50.92
CA LEU N 141 13.00 -16.95 -51.78
C LEU N 141 13.70 -15.68 -52.28
N VAL N 142 14.33 -14.97 -51.36
CA VAL N 142 15.07 -13.76 -51.73
C VAL N 142 16.21 -14.07 -52.69
N SER N 143 16.92 -15.17 -52.48
CA SER N 143 17.98 -15.57 -53.38
C SER N 143 17.39 -15.76 -54.77
N SER N 144 16.24 -16.40 -54.86
CA SER N 144 15.61 -16.62 -56.16
C SER N 144 15.32 -15.28 -56.83
N GLN N 145 14.76 -14.35 -56.07
CA GLN N 145 14.41 -13.03 -56.60
C GLN N 145 15.61 -12.30 -57.16
N SER N 146 16.80 -12.62 -56.65
CA SER N 146 18.04 -11.93 -57.03
C SER N 146 18.35 -11.99 -58.54
N PHE N 147 18.25 -13.17 -59.12
CA PHE N 147 18.58 -13.38 -60.52
C PHE N 147 17.64 -12.63 -61.47
N ASN N 148 16.48 -12.22 -60.97
CA ASN N 148 15.47 -11.67 -61.85
C ASN N 148 15.93 -10.49 -62.69
N ASN N 149 16.56 -9.50 -62.06
CA ASN N 149 17.04 -8.33 -62.79
C ASN N 149 18.04 -8.71 -63.86
N ALA N 150 19.09 -9.42 -63.45
CA ALA N 150 20.08 -9.95 -64.36
C ALA N 150 19.44 -10.71 -65.53
N SER N 151 18.48 -11.57 -65.21
CA SER N 151 17.81 -12.38 -66.23
C SER N 151 17.23 -11.50 -67.36
N GLY N 152 16.74 -10.33 -66.98
CA GLY N 152 16.22 -9.37 -67.95
C GLY N 152 17.34 -8.78 -68.77
N LYS N 153 18.30 -8.16 -68.08
CA LYS N 153 19.48 -7.61 -68.76
C LYS N 153 20.05 -8.58 -69.79
N LEU N 154 20.07 -9.88 -69.44
CA LEU N 154 20.50 -10.92 -70.36
C LEU N 154 19.73 -10.87 -71.67
N LEU N 155 18.41 -10.95 -71.58
CA LEU N 155 17.59 -10.90 -72.77
C LEU N 155 17.77 -9.60 -73.55
N ALA N 156 17.80 -8.46 -72.86
CA ALA N 156 18.04 -7.19 -73.56
C ALA N 156 19.25 -7.34 -74.47
N LEU N 157 20.37 -7.71 -73.87
CA LEU N 157 21.62 -7.93 -74.58
C LEU N 157 21.39 -8.78 -75.82
N ASP N 158 20.92 -10.00 -75.61
CA ASP N 158 20.64 -10.90 -76.71
C ASP N 158 19.71 -10.24 -77.74
N SER N 159 18.55 -9.78 -77.29
CA SER N 159 17.62 -9.08 -78.16
C SER N 159 18.35 -8.12 -79.11
N GLN N 160 19.21 -7.28 -78.55
CA GLN N 160 19.90 -6.24 -79.32
C GLN N 160 21.04 -6.78 -80.16
N LEU N 161 21.97 -7.47 -79.52
CA LEU N 161 23.09 -8.09 -80.23
C LEU N 161 22.62 -8.85 -81.46
N THR N 162 21.40 -9.36 -81.42
CA THR N 162 20.85 -10.04 -82.58
C THR N 162 20.45 -9.03 -83.63
N ASN N 163 19.62 -8.06 -83.24
CA ASN N 163 19.23 -6.99 -84.15
C ASN N 163 20.42 -6.20 -84.67
N ASP N 164 21.36 -5.90 -83.77
CA ASP N 164 22.50 -5.07 -84.09
C ASP N 164 23.46 -5.77 -85.06
N PHE N 165 23.48 -7.09 -85.01
CA PHE N 165 24.38 -7.87 -85.84
C PHE N 165 23.97 -7.82 -87.28
N SER N 166 22.67 -7.94 -87.53
CA SER N 166 22.15 -7.85 -88.88
C SER N 166 22.38 -6.44 -89.41
N GLU N 167 22.50 -5.47 -88.50
CA GLU N 167 22.71 -4.09 -88.90
C GLU N 167 24.15 -3.85 -89.37
N LYS N 168 25.08 -4.59 -88.80
CA LYS N 168 26.46 -4.52 -89.28
C LYS N 168 26.63 -5.31 -90.57
N SER N 169 25.97 -6.46 -90.65
CA SER N 169 26.03 -7.25 -91.87
C SER N 169 25.49 -6.45 -93.06
N SER N 170 24.58 -5.53 -92.78
CA SER N 170 24.07 -4.62 -93.80
C SER N 170 25.11 -3.54 -94.10
N TYR N 171 25.73 -3.04 -93.03
CA TYR N 171 26.77 -2.01 -93.16
C TYR N 171 28.00 -2.53 -93.88
N PHE N 172 28.27 -3.82 -93.72
CA PHE N 172 29.37 -4.45 -94.43
C PHE N 172 29.23 -4.27 -95.95
N GLN N 173 28.25 -4.94 -96.53
CA GLN N 173 28.08 -4.89 -97.98
C GLN N 173 27.89 -3.46 -98.46
N SER N 174 27.14 -2.66 -97.70
CA SER N 174 26.94 -1.26 -98.06
C SER N 174 28.26 -0.51 -98.05
N GLN N 175 29.23 -1.09 -97.33
CA GLN N 175 30.52 -0.45 -97.20
C GLN N 175 31.53 -0.97 -98.23
N VAL N 176 31.59 -2.29 -98.44
CA VAL N 176 32.45 -2.85 -99.48
C VAL N 176 32.08 -2.27 -100.84
N ASP N 177 30.80 -1.99 -101.02
CA ASP N 177 30.33 -1.27 -102.18
C ASP N 177 31.06 0.07 -102.26
N LYS N 178 30.98 0.86 -101.20
CA LYS N 178 31.69 2.14 -101.20
C LYS N 178 33.12 1.95 -101.67
N ILE N 179 33.70 0.78 -101.37
CA ILE N 179 35.08 0.53 -101.73
C ILE N 179 35.30 0.34 -103.24
N ARG N 180 34.41 -0.41 -103.88
CA ARG N 180 34.46 -0.57 -105.34
C ARG N 180 34.22 0.78 -105.99
N LYS N 181 33.10 1.41 -105.65
CA LYS N 181 32.72 2.69 -106.22
C LYS N 181 33.84 3.72 -106.11
N GLU N 182 34.62 3.64 -105.05
CA GLU N 182 35.72 4.59 -104.87
C GLU N 182 36.92 4.20 -105.73
N ALA N 183 37.16 2.91 -105.86
CA ALA N 183 38.35 2.41 -106.56
C ALA N 183 38.20 2.43 -108.07
N TYR N 184 37.01 2.06 -108.56
CA TYR N 184 36.80 2.01 -109.99
C TYR N 184 36.53 3.38 -110.58
N ALA N 185 35.88 4.26 -109.82
CA ALA N 185 35.81 5.66 -110.22
C ALA N 185 37.23 6.21 -110.36
N GLY N 186 38.17 5.56 -109.67
CA GLY N 186 39.57 5.93 -109.72
C GLY N 186 40.31 5.35 -110.92
N ALA N 187 40.22 4.04 -111.12
CA ALA N 187 40.82 3.42 -112.30
C ALA N 187 40.23 4.06 -113.54
N ALA N 188 38.90 4.00 -113.62
CA ALA N 188 38.18 4.63 -114.71
C ALA N 188 38.78 6.00 -115.07
N ALA N 189 39.33 6.70 -114.08
CA ALA N 189 39.90 8.04 -114.29
C ALA N 189 41.14 8.03 -115.18
N GLY N 190 41.58 6.84 -115.57
CA GLY N 190 42.74 6.69 -116.43
C GLY N 190 42.48 6.99 -117.89
N VAL N 191 41.21 7.17 -118.24
CA VAL N 191 40.82 7.53 -119.60
C VAL N 191 41.64 8.71 -120.14
N VAL N 192 42.09 9.59 -119.25
CA VAL N 192 42.88 10.75 -119.64
C VAL N 192 44.22 10.34 -120.26
N ALA N 193 45.04 9.62 -119.50
CA ALA N 193 46.25 9.05 -120.08
C ALA N 193 45.90 7.75 -120.80
N GLY N 194 46.85 7.23 -121.59
CA GLY N 194 46.59 6.14 -122.52
C GLY N 194 45.87 4.93 -121.95
N PRO N 195 45.20 4.14 -122.82
CA PRO N 195 44.51 2.93 -122.36
C PRO N 195 45.46 1.94 -121.71
N PHE N 196 46.73 1.91 -122.14
CA PHE N 196 47.74 1.10 -121.47
C PHE N 196 47.87 1.59 -120.04
N GLY N 197 47.50 2.84 -119.82
CA GLY N 197 47.44 3.41 -118.49
C GLY N 197 46.36 2.74 -117.67
N LEU N 198 45.25 2.37 -118.31
CA LEU N 198 44.19 1.66 -117.61
C LEU N 198 44.68 0.31 -117.10
N ILE N 199 45.33 -0.46 -117.96
CA ILE N 199 45.92 -1.72 -117.54
C ILE N 199 46.70 -1.53 -116.24
N ILE N 200 47.63 -0.57 -116.23
CA ILE N 200 48.38 -0.26 -115.02
C ILE N 200 47.46 0.15 -113.85
N SER N 201 46.59 1.12 -114.12
CA SER N 201 45.69 1.69 -113.11
C SER N 201 44.75 0.64 -112.52
N TYR N 202 44.02 -0.01 -113.41
CA TYR N 202 43.03 -1.01 -113.05
C TYR N 202 43.68 -2.23 -112.39
N SER N 203 44.86 -2.64 -112.84
CA SER N 203 45.60 -3.70 -112.15
C SER N 203 45.93 -3.27 -110.73
N ILE N 204 46.46 -2.05 -110.61
CA ILE N 204 46.74 -1.48 -109.30
C ILE N 204 45.49 -1.52 -108.42
N ALA N 205 44.33 -1.25 -109.01
CA ALA N 205 43.09 -1.13 -108.24
C ALA N 205 42.38 -2.47 -108.04
N ALA N 206 41.58 -2.87 -109.02
CA ALA N 206 40.84 -4.13 -108.94
C ALA N 206 41.71 -5.25 -108.38
N GLY N 207 42.99 -5.21 -108.73
CA GLY N 207 43.94 -6.20 -108.24
C GLY N 207 44.06 -6.19 -106.73
N VAL N 208 44.49 -5.05 -106.18
CA VAL N 208 44.63 -4.90 -104.73
C VAL N 208 43.29 -4.99 -103.98
N VAL N 209 42.25 -4.41 -104.56
CA VAL N 209 40.94 -4.44 -103.95
C VAL N 209 40.42 -5.87 -103.88
N GLU N 210 40.21 -6.47 -105.04
CA GLU N 210 39.67 -7.81 -105.10
C GLU N 210 40.69 -8.86 -104.61
N GLY N 211 41.93 -8.40 -104.44
CA GLY N 211 43.01 -9.26 -104.04
C GLY N 211 43.12 -9.49 -102.55
N LYS N 212 43.31 -8.42 -101.78
CA LYS N 212 43.35 -8.53 -100.31
C LYS N 212 42.15 -7.85 -99.65
N LEU N 213 41.81 -6.64 -100.09
CA LEU N 213 40.78 -5.84 -99.41
C LEU N 213 39.43 -6.54 -99.21
N ILE N 214 38.65 -6.69 -100.28
CA ILE N 214 37.34 -7.30 -100.16
C ILE N 214 37.36 -8.61 -99.38
N PRO N 215 38.31 -9.50 -99.70
CA PRO N 215 38.42 -10.78 -98.98
C PRO N 215 38.68 -10.57 -97.50
N GLU N 216 39.54 -9.61 -97.17
CA GLU N 216 39.80 -9.26 -95.78
C GLU N 216 38.51 -8.89 -95.04
N LEU N 217 37.73 -8.01 -95.65
CA LEU N 217 36.43 -7.63 -95.12
C LEU N 217 35.55 -8.85 -94.93
N LYS N 218 35.40 -9.65 -95.98
CA LYS N 218 34.62 -10.87 -95.89
C LYS N 218 35.15 -11.75 -94.76
N ASN N 219 36.41 -11.54 -94.41
CA ASN N 219 36.99 -12.32 -93.31
C ASN N 219 36.50 -11.88 -91.93
N LYS N 220 36.50 -10.56 -91.68
CA LYS N 220 36.02 -10.06 -90.40
C LYS N 220 34.52 -10.27 -90.27
N LEU N 221 33.78 -9.99 -91.34
CA LEU N 221 32.35 -10.24 -91.31
C LEU N 221 32.11 -11.64 -90.78
N LYS N 222 33.06 -12.55 -91.03
CA LYS N 222 32.92 -13.92 -90.53
C LYS N 222 33.39 -14.03 -89.09
N SER N 223 34.51 -13.39 -88.75
CA SER N 223 35.00 -13.45 -87.37
C SER N 223 33.98 -12.84 -86.42
N VAL N 224 33.24 -11.85 -86.92
CA VAL N 224 32.16 -11.23 -86.19
C VAL N 224 31.01 -12.21 -86.09
N GLN N 225 30.44 -12.57 -87.22
CA GLN N 225 29.35 -13.53 -87.26
C GLN N 225 29.71 -14.78 -86.46
N ASN N 226 30.99 -15.07 -86.40
CA ASN N 226 31.49 -16.21 -85.63
C ASN N 226 31.36 -15.95 -84.12
N PHE N 227 31.81 -14.76 -83.71
CA PHE N 227 31.75 -14.35 -82.31
C PHE N 227 30.31 -14.08 -81.87
N PHE N 228 29.55 -13.40 -82.71
CA PHE N 228 28.13 -13.22 -82.43
C PHE N 228 27.50 -14.55 -82.01
N THR N 229 27.83 -15.64 -82.70
CA THR N 229 27.25 -16.94 -82.37
C THR N 229 27.70 -17.44 -80.99
N THR N 230 29.02 -17.57 -80.80
CA THR N 230 29.52 -18.09 -79.54
C THR N 230 28.95 -17.30 -78.37
N LEU N 231 28.82 -15.99 -78.55
CA LEU N 231 28.25 -15.13 -77.51
C LEU N 231 26.78 -15.44 -77.28
N SER N 232 26.00 -15.52 -78.36
CA SER N 232 24.59 -15.80 -78.24
C SER N 232 24.39 -17.08 -77.43
N ASN N 233 25.27 -18.05 -77.66
CA ASN N 233 25.23 -19.32 -76.92
C ASN N 233 25.70 -19.16 -75.48
N THR N 234 26.65 -18.26 -75.25
CA THR N 234 27.11 -17.99 -73.91
C THR N 234 25.95 -17.39 -73.09
N VAL N 235 25.01 -16.76 -73.80
CA VAL N 235 23.83 -16.20 -73.17
C VAL N 235 22.83 -17.30 -72.87
N LYS N 236 22.49 -18.09 -73.88
CA LYS N 236 21.57 -19.20 -73.70
C LYS N 236 21.99 -20.01 -72.49
N GLN N 237 23.29 -20.16 -72.30
CA GLN N 237 23.78 -20.90 -71.14
C GLN N 237 23.38 -20.22 -69.84
N ALA N 238 23.82 -18.98 -69.66
CA ALA N 238 23.46 -18.21 -68.47
C ALA N 238 21.95 -18.29 -68.16
N ASN N 239 21.13 -18.05 -69.18
CA ASN N 239 19.69 -18.14 -69.00
C ASN N 239 19.28 -19.51 -68.47
N LYS N 240 19.94 -20.56 -68.95
CA LYS N 240 19.67 -21.91 -68.47
C LYS N 240 20.20 -22.13 -67.06
N ASP N 241 21.39 -21.61 -66.78
CA ASP N 241 21.99 -21.72 -65.46
C ASP N 241 21.17 -21.00 -64.40
N ILE N 242 20.78 -19.78 -64.71
CA ILE N 242 19.99 -18.98 -63.78
C ILE N 242 18.70 -19.69 -63.48
N ASP N 243 18.04 -20.16 -64.53
CA ASP N 243 16.74 -20.81 -64.36
C ASP N 243 16.83 -22.07 -63.51
N ALA N 244 17.91 -22.82 -63.69
CA ALA N 244 18.16 -24.03 -62.91
C ALA N 244 18.32 -23.73 -61.42
N ALA N 245 19.03 -22.65 -61.12
CA ALA N 245 19.21 -22.21 -59.75
C ALA N 245 17.87 -21.85 -59.14
N LYS N 246 17.09 -21.05 -59.86
CA LYS N 246 15.81 -20.57 -59.35
C LYS N 246 14.93 -21.76 -59.04
N LEU N 247 15.04 -22.77 -59.88
CA LEU N 247 14.28 -23.98 -59.69
C LEU N 247 14.69 -24.61 -58.37
N LYS N 248 15.95 -25.06 -58.31
CA LYS N 248 16.53 -25.60 -57.08
C LYS N 248 16.04 -24.86 -55.83
N LEU N 249 16.11 -23.53 -55.89
CA LEU N 249 15.72 -22.69 -54.77
C LEU N 249 14.27 -22.91 -54.34
N THR N 250 13.32 -22.71 -55.24
CA THR N 250 11.91 -22.79 -54.88
C THR N 250 11.54 -24.21 -54.50
N THR N 251 12.05 -25.18 -55.25
CA THR N 251 11.74 -26.57 -54.95
C THR N 251 12.30 -26.98 -53.60
N GLU N 252 13.34 -26.28 -53.14
CA GLU N 252 13.82 -26.47 -51.79
C GLU N 252 12.88 -25.77 -50.82
N ILE N 253 12.61 -24.51 -51.08
CA ILE N 253 11.65 -23.73 -50.30
C ILE N 253 10.42 -24.56 -49.95
N ALA N 254 9.84 -25.22 -50.95
CA ALA N 254 8.60 -25.96 -50.77
C ALA N 254 8.84 -27.26 -50.01
N ALA N 255 10.01 -27.86 -50.24
CA ALA N 255 10.41 -29.06 -49.53
C ALA N 255 10.58 -28.78 -48.05
N ILE N 256 11.20 -27.65 -47.74
CA ILE N 256 11.28 -27.19 -46.38
C ILE N 256 9.86 -26.94 -45.89
N GLY N 257 9.02 -26.46 -46.79
CA GLY N 257 7.62 -26.22 -46.49
C GLY N 257 6.96 -27.44 -45.89
N GLU N 258 7.20 -28.59 -46.49
CA GLU N 258 6.61 -29.83 -46.00
C GLU N 258 6.85 -30.03 -44.50
N ILE N 259 8.09 -29.87 -44.05
CA ILE N 259 8.42 -30.00 -42.63
C ILE N 259 7.70 -28.93 -41.83
N LYS N 260 7.89 -27.69 -42.22
CA LYS N 260 7.27 -26.57 -41.54
C LYS N 260 5.86 -26.92 -41.14
N THR N 261 5.02 -27.24 -42.12
CA THR N 261 3.60 -27.52 -41.84
C THR N 261 3.43 -28.61 -40.79
N GLU N 262 4.11 -29.73 -40.98
CA GLU N 262 4.03 -30.82 -40.01
C GLU N 262 4.40 -30.33 -38.62
N THR N 263 5.55 -29.66 -38.54
CA THR N 263 6.04 -29.09 -37.29
C THR N 263 4.98 -28.18 -36.70
N GLU N 264 4.55 -27.21 -37.49
CA GLU N 264 3.55 -26.23 -37.05
C GLU N 264 2.31 -26.93 -36.46
N THR N 265 1.88 -28.03 -37.10
CA THR N 265 0.74 -28.81 -36.62
C THR N 265 1.01 -29.44 -35.24
N THR N 266 1.99 -30.33 -35.22
CA THR N 266 2.48 -30.94 -33.99
C THR N 266 2.50 -29.94 -32.84
N ARG N 267 3.02 -28.75 -33.08
CA ARG N 267 2.98 -27.70 -32.07
C ARG N 267 1.55 -27.53 -31.50
N PHE N 268 0.59 -27.20 -32.38
CA PHE N 268 -0.79 -27.02 -31.95
C PHE N 268 -1.27 -28.22 -31.11
N TYR N 269 -0.93 -29.42 -31.53
CA TYR N 269 -1.34 -30.61 -30.78
C TYR N 269 -0.80 -30.59 -29.34
N VAL N 270 0.44 -30.14 -29.18
CA VAL N 270 0.98 -29.94 -27.84
C VAL N 270 0.05 -29.06 -26.99
N ASP N 271 -0.66 -28.15 -27.64
CA ASP N 271 -1.57 -27.23 -26.95
C ASP N 271 -2.82 -27.89 -26.29
N TYR N 272 -3.07 -29.15 -26.61
CA TYR N 272 -4.16 -29.86 -25.98
C TYR N 272 -3.85 -30.21 -24.52
N ASP N 273 -2.55 -30.36 -24.21
CA ASP N 273 -2.07 -30.70 -22.86
C ASP N 273 -1.89 -32.18 -22.65
N ASP N 274 -2.77 -32.95 -23.27
CA ASP N 274 -2.69 -34.39 -23.16
C ASP N 274 -1.41 -34.88 -23.82
N LEU N 275 -0.33 -34.93 -23.06
CA LEU N 275 0.94 -35.43 -23.57
C LEU N 275 0.81 -36.86 -24.09
N MET N 276 -0.37 -37.43 -23.94
CA MET N 276 -0.59 -38.83 -24.26
C MET N 276 -1.57 -38.99 -25.41
N LEU N 277 -2.07 -37.86 -25.92
CA LEU N 277 -3.04 -37.84 -27.01
C LEU N 277 -2.44 -38.50 -28.26
N SER N 278 -3.18 -39.45 -28.83
CA SER N 278 -2.68 -40.20 -29.98
C SER N 278 -2.20 -39.24 -31.06
N LEU N 279 -3.01 -38.21 -31.32
CA LEU N 279 -2.65 -37.22 -32.33
C LEU N 279 -1.22 -36.73 -32.09
N LEU N 280 -1.01 -36.02 -30.99
CA LEU N 280 0.31 -35.45 -30.73
C LEU N 280 1.36 -36.53 -30.82
N LYS N 281 1.00 -37.76 -30.45
CA LYS N 281 1.97 -38.82 -30.44
C LYS N 281 2.29 -39.19 -31.88
N GLU N 282 1.23 -39.38 -32.67
CA GLU N 282 1.36 -39.71 -34.08
C GLU N 282 2.05 -38.59 -34.83
N ALA N 283 1.53 -37.38 -34.69
CA ALA N 283 2.17 -36.20 -35.24
C ALA N 283 3.69 -36.22 -35.04
N ALA N 284 4.10 -36.54 -33.82
CA ALA N 284 5.51 -36.57 -33.47
C ALA N 284 6.24 -37.67 -34.22
N LYS N 285 5.54 -38.78 -34.46
CA LYS N 285 6.14 -39.89 -35.18
C LYS N 285 6.26 -39.53 -36.65
N LYS N 286 5.23 -38.85 -37.17
CA LYS N 286 5.22 -38.42 -38.58
C LYS N 286 6.38 -37.49 -38.81
N MET N 287 6.51 -36.48 -37.94
CA MET N 287 7.62 -35.54 -38.02
C MET N 287 8.95 -36.24 -38.24
N ILE N 288 9.15 -37.37 -37.58
CA ILE N 288 10.40 -38.12 -37.69
C ILE N 288 10.52 -38.81 -39.04
N ASN N 289 9.40 -39.26 -39.58
CA ASN N 289 9.38 -39.76 -40.95
C ASN N 289 9.59 -38.65 -41.96
N THR N 290 8.70 -37.67 -41.95
CA THR N 290 8.86 -36.52 -42.82
C THR N 290 10.31 -36.06 -42.85
N CYS N 291 10.96 -35.98 -41.69
CA CYS N 291 12.37 -35.59 -41.65
C CYS N 291 13.24 -36.60 -42.37
N ASN N 292 13.09 -37.86 -42.01
CA ASN N 292 13.92 -38.91 -42.58
C ASN N 292 13.86 -38.93 -44.11
N GLU N 293 12.67 -38.75 -44.68
CA GLU N 293 12.50 -38.72 -46.13
C GLU N 293 13.18 -37.51 -46.76
N TYR N 294 13.15 -36.40 -46.04
CA TYR N 294 13.85 -35.18 -46.46
C TYR N 294 15.37 -35.39 -46.59
N GLN N 295 15.93 -36.30 -45.79
CA GLN N 295 17.37 -36.58 -45.81
C GLN N 295 17.77 -37.47 -46.96
N LYS N 296 16.90 -38.41 -47.32
CA LYS N 296 17.17 -39.33 -48.42
C LYS N 296 16.98 -38.66 -49.78
N ARG N 297 15.74 -38.27 -50.09
CA ARG N 297 15.46 -37.54 -51.32
C ARG N 297 16.29 -36.27 -51.39
N HIS N 298 15.95 -35.25 -50.61
CA HIS N 298 16.83 -34.09 -50.53
C HIS N 298 18.12 -34.47 -49.80
N LYS O 14 77.30 39.42 -105.41
CA LYS O 14 76.52 38.39 -106.10
C LYS O 14 77.40 37.21 -106.52
N THR O 15 78.34 36.85 -105.65
CA THR O 15 79.23 35.72 -105.89
C THR O 15 78.90 34.60 -104.90
N VAL O 16 78.60 35.01 -103.67
CA VAL O 16 78.32 34.05 -102.60
C VAL O 16 76.90 33.52 -102.74
N GLU O 17 76.05 34.27 -103.44
CA GLU O 17 74.64 33.91 -103.56
C GLU O 17 74.43 32.51 -104.13
N VAL O 18 75.44 31.98 -104.81
CA VAL O 18 75.39 30.62 -105.30
C VAL O 18 75.35 29.62 -104.15
N VAL O 19 76.25 29.82 -103.19
CA VAL O 19 76.30 28.99 -101.99
C VAL O 19 74.96 29.04 -101.27
N LYS O 20 74.48 30.26 -101.02
CA LYS O 20 73.18 30.46 -100.41
C LYS O 20 72.08 29.67 -101.12
N ASN O 21 71.92 29.94 -102.41
CA ASN O 21 70.90 29.25 -103.19
C ASN O 21 71.06 27.73 -103.09
N ALA O 22 72.31 27.25 -103.11
CA ALA O 22 72.60 25.82 -103.04
C ALA O 22 72.30 25.29 -101.66
N ILE O 23 72.60 26.08 -100.64
CA ILE O 23 72.30 25.70 -99.27
C ILE O 23 70.81 25.37 -99.18
N GLU O 24 69.98 26.24 -99.74
CA GLU O 24 68.53 26.07 -99.68
C GLU O 24 68.10 24.90 -100.54
N THR O 25 68.78 24.71 -101.67
CA THR O 25 68.54 23.56 -102.52
C THR O 25 68.76 22.27 -101.72
N ALA O 26 69.88 22.21 -101.01
CA ALA O 26 70.23 21.06 -100.19
C ALA O 26 69.21 20.80 -99.09
N ASP O 27 68.64 21.88 -98.56
CA ASP O 27 67.65 21.76 -97.49
C ASP O 27 66.47 20.96 -98.00
N GLY O 28 65.75 21.53 -98.96
CA GLY O 28 64.64 20.85 -99.61
C GLY O 28 65.01 19.47 -100.14
N ALA O 29 66.30 19.24 -100.34
CA ALA O 29 66.77 17.92 -100.72
C ALA O 29 66.46 16.92 -99.61
N LEU O 30 67.05 17.13 -98.44
CA LEU O 30 66.74 16.32 -97.26
C LEU O 30 65.26 16.07 -97.15
N ASP O 31 64.48 17.16 -97.13
CA ASP O 31 63.04 17.09 -96.98
C ASP O 31 62.41 16.03 -97.89
N LEU O 32 62.54 16.20 -99.20
CA LEU O 32 62.05 15.21 -100.14
C LEU O 32 62.63 13.84 -99.80
N TYR O 33 63.91 13.82 -99.44
CA TYR O 33 64.61 12.58 -99.11
C TYR O 33 63.83 11.78 -98.06
N ASN O 34 63.68 12.37 -96.90
CA ASN O 34 62.93 11.76 -95.81
C ASN O 34 61.49 11.49 -96.23
N LYS O 35 60.81 12.53 -96.69
CA LYS O 35 59.44 12.41 -97.16
C LYS O 35 59.22 11.09 -97.92
N TYR O 36 60.16 10.76 -98.80
CA TYR O 36 60.08 9.52 -99.56
C TYR O 36 60.55 8.33 -98.73
N LEU O 37 61.68 8.50 -98.05
CA LEU O 37 62.23 7.47 -97.18
C LEU O 37 61.19 6.94 -96.20
N ASP O 38 60.33 7.83 -95.71
CA ASP O 38 59.24 7.46 -94.82
C ASP O 38 58.17 6.67 -95.56
N GLN O 39 57.72 7.19 -96.70
CA GLN O 39 56.77 6.45 -97.54
C GLN O 39 57.32 5.04 -97.81
N VAL O 40 58.64 4.94 -97.85
CA VAL O 40 59.32 3.69 -98.18
C VAL O 40 59.48 2.78 -96.98
N ILE O 41 59.79 3.39 -95.84
CA ILE O 41 59.98 2.64 -94.61
C ILE O 41 59.00 3.13 -93.54
N PRO O 42 57.86 2.42 -93.41
CA PRO O 42 56.73 2.82 -92.54
C PRO O 42 57.06 2.71 -91.07
N TRP O 43 58.08 3.41 -90.61
CA TRP O 43 58.43 3.37 -89.21
C TRP O 43 57.26 3.91 -88.38
N GLN O 44 56.57 4.89 -88.94
CA GLN O 44 55.39 5.44 -88.30
C GLN O 44 54.43 4.30 -87.98
N THR O 45 54.02 3.61 -89.03
CA THR O 45 53.08 2.50 -88.91
C THR O 45 53.61 1.37 -88.00
N PHE O 46 54.89 1.06 -88.13
CA PHE O 46 55.53 0.03 -87.32
C PHE O 46 55.51 0.43 -85.87
N ASP O 47 56.04 1.60 -85.57
CA ASP O 47 56.05 2.11 -84.20
C ASP O 47 54.62 2.12 -83.65
N GLU O 48 53.69 2.77 -84.37
CA GLU O 48 52.29 2.84 -83.95
C GLU O 48 51.77 1.44 -83.62
N THR O 49 52.01 0.52 -84.54
CA THR O 49 51.54 -0.85 -84.38
C THR O 49 52.12 -1.48 -83.12
N ILE O 50 53.36 -1.13 -82.78
CA ILE O 50 54.01 -1.62 -81.58
C ILE O 50 53.32 -1.09 -80.33
N LYS O 51 53.10 0.21 -80.29
CA LYS O 51 52.45 0.83 -79.14
C LYS O 51 51.11 0.20 -78.82
N GLU O 52 50.16 0.30 -79.74
CA GLU O 52 48.81 -0.19 -79.44
C GLU O 52 48.77 -1.61 -78.88
N LEU O 53 49.67 -2.48 -79.33
CA LEU O 53 49.68 -3.83 -78.79
C LEU O 53 50.60 -3.94 -77.58
N SER O 54 51.32 -2.87 -77.29
CA SER O 54 52.02 -2.76 -76.02
C SER O 54 51.00 -2.35 -74.96
N ARG O 55 50.16 -1.37 -75.31
CA ARG O 55 49.03 -0.96 -74.49
C ARG O 55 48.22 -2.18 -74.05
N PHE O 56 47.91 -3.07 -74.98
CA PHE O 56 47.20 -4.30 -74.65
C PHE O 56 47.86 -4.98 -73.45
N LYS O 57 49.11 -5.38 -73.65
CA LYS O 57 49.89 -6.04 -72.60
C LYS O 57 49.82 -5.23 -71.30
N GLN O 58 49.79 -3.91 -71.44
CA GLN O 58 49.78 -3.01 -70.28
C GLN O 58 48.45 -3.05 -69.54
N GLU O 59 47.43 -2.49 -70.15
CA GLU O 59 46.09 -2.39 -69.55
C GLU O 59 45.68 -3.64 -68.79
N TYR O 60 45.87 -4.81 -69.39
CA TYR O 60 45.52 -6.07 -68.73
C TYR O 60 46.43 -6.39 -67.56
N SER O 61 47.73 -6.18 -67.74
CA SER O 61 48.63 -6.30 -66.61
C SER O 61 48.02 -5.54 -65.45
N GLN O 62 47.75 -4.27 -65.68
CA GLN O 62 47.12 -3.42 -64.67
C GLN O 62 45.97 -4.13 -63.97
N ALA O 63 44.93 -4.46 -64.73
CA ALA O 63 43.73 -5.10 -64.18
C ALA O 63 44.09 -6.33 -63.37
N ALA O 64 44.58 -7.36 -64.05
CA ALA O 64 44.94 -8.60 -63.38
C ALA O 64 45.75 -8.36 -62.11
N SER O 65 46.77 -7.50 -62.19
CA SER O 65 47.57 -7.18 -61.03
C SER O 65 46.71 -6.79 -59.83
N VAL O 66 45.99 -5.69 -59.94
CA VAL O 66 45.16 -5.19 -58.86
C VAL O 66 44.11 -6.21 -58.39
N LEU O 67 43.48 -6.92 -59.32
CA LEU O 67 42.52 -7.94 -58.95
C LEU O 67 43.20 -9.06 -58.17
N VAL O 68 44.16 -9.71 -58.82
CA VAL O 68 44.92 -10.78 -58.18
C VAL O 68 45.42 -10.37 -56.80
N GLY O 69 45.66 -9.08 -56.61
CA GLY O 69 46.10 -8.56 -55.33
C GLY O 69 44.96 -8.52 -54.33
N ASP O 70 43.83 -7.98 -54.76
CA ASP O 70 42.63 -7.96 -53.93
C ASP O 70 42.30 -9.38 -53.49
N ILE O 71 42.32 -10.31 -54.44
CA ILE O 71 42.09 -11.71 -54.15
C ILE O 71 42.96 -12.21 -53.00
N LYS O 72 44.24 -11.84 -53.01
CA LYS O 72 45.10 -12.25 -51.92
C LYS O 72 44.60 -11.66 -50.61
N THR O 73 44.46 -10.35 -50.57
CA THR O 73 43.86 -9.71 -49.41
C THR O 73 42.67 -10.56 -48.94
N LEU O 74 41.71 -10.80 -49.83
CA LEU O 74 40.53 -11.58 -49.48
C LEU O 74 40.86 -12.95 -48.91
N LEU O 75 41.79 -13.66 -49.55
CA LEU O 75 42.23 -14.95 -49.06
C LEU O 75 42.78 -14.83 -47.64
N MET O 76 43.73 -13.92 -47.47
CA MET O 76 44.30 -13.67 -46.16
C MET O 76 43.25 -13.26 -45.12
N ASP O 77 42.30 -12.42 -45.53
CA ASP O 77 41.18 -12.04 -44.66
C ASP O 77 40.49 -13.28 -44.13
N SER O 78 40.10 -14.17 -45.03
CA SER O 78 39.45 -15.41 -44.66
C SER O 78 40.25 -16.16 -43.62
N GLN O 79 41.49 -16.49 -43.97
CA GLN O 79 42.36 -17.24 -43.09
C GLN O 79 42.24 -16.78 -41.63
N ASP O 80 42.45 -15.49 -41.41
CA ASP O 80 42.31 -14.95 -40.07
C ASP O 80 40.94 -15.25 -39.50
N LYS O 81 39.89 -15.01 -40.30
CA LYS O 81 38.54 -15.26 -39.83
C LYS O 81 38.29 -16.74 -39.52
N TYR O 82 38.96 -17.62 -40.28
CA TYR O 82 38.93 -19.06 -40.01
C TYR O 82 39.57 -19.37 -38.67
N PHE O 83 40.82 -18.92 -38.55
CA PHE O 83 41.59 -19.07 -37.32
C PHE O 83 40.76 -18.70 -36.10
N GLU O 84 40.32 -17.45 -36.07
CA GLU O 84 39.41 -16.98 -35.05
C GLU O 84 38.33 -18.02 -34.79
N ALA O 85 37.48 -18.25 -35.79
CA ALA O 85 36.36 -19.17 -35.65
C ALA O 85 36.78 -20.47 -34.97
N THR O 86 37.70 -21.17 -35.60
CA THR O 86 38.15 -22.45 -35.08
C THR O 86 38.70 -22.31 -33.67
N GLN O 87 39.56 -21.31 -33.47
CA GLN O 87 40.21 -21.11 -32.19
C GLN O 87 39.16 -20.92 -31.12
N THR O 88 38.25 -19.97 -31.36
CA THR O 88 37.12 -19.71 -30.47
C THR O 88 36.45 -21.02 -30.04
N VAL O 89 36.14 -21.85 -31.02
CA VAL O 89 35.56 -23.15 -30.75
C VAL O 89 36.48 -24.02 -29.86
N TYR O 90 37.71 -24.27 -30.35
CA TYR O 90 38.68 -25.05 -29.59
C TYR O 90 38.80 -24.64 -28.11
N GLU O 91 38.55 -23.36 -27.85
CA GLU O 91 38.62 -22.85 -26.51
C GLU O 91 37.43 -23.35 -25.69
N TRP O 92 36.22 -23.11 -26.21
CA TRP O 92 35.02 -23.55 -25.52
C TRP O 92 34.94 -25.08 -25.48
N CYS O 93 35.11 -25.70 -26.64
CA CYS O 93 35.06 -27.15 -26.79
C CYS O 93 35.97 -27.79 -25.73
N GLY O 94 36.83 -26.97 -25.13
CA GLY O 94 37.85 -27.46 -24.23
C GLY O 94 37.49 -27.33 -22.77
N VAL O 95 37.01 -26.16 -22.37
CA VAL O 95 36.47 -26.00 -21.03
C VAL O 95 35.31 -26.96 -20.88
N ALA O 96 34.48 -27.00 -21.93
CA ALA O 96 33.29 -27.85 -21.95
C ALA O 96 33.59 -29.29 -21.59
N THR O 97 34.50 -29.93 -22.33
CA THR O 97 34.80 -31.35 -22.12
C THR O 97 35.09 -31.64 -20.65
N GLN O 98 35.91 -30.79 -20.05
CA GLN O 98 36.22 -30.89 -18.64
C GLN O 98 34.94 -30.94 -17.79
N LEU O 99 34.01 -30.04 -18.11
CA LEU O 99 32.79 -29.91 -17.32
C LEU O 99 31.86 -31.11 -17.51
N LEU O 100 31.62 -31.49 -18.76
CA LEU O 100 30.80 -32.68 -19.02
C LEU O 100 31.42 -33.86 -18.31
N ALA O 101 32.75 -33.93 -18.35
CA ALA O 101 33.48 -35.04 -17.74
C ALA O 101 33.24 -35.05 -16.26
N ALA O 102 33.30 -33.86 -15.67
CA ALA O 102 33.06 -33.69 -14.24
C ALA O 102 31.62 -34.09 -13.89
N TYR O 103 30.66 -33.58 -14.67
CA TYR O 103 29.26 -33.91 -14.44
C TYR O 103 29.06 -35.43 -14.44
N ILE O 104 29.64 -36.09 -15.42
CA ILE O 104 29.55 -37.54 -15.55
C ILE O 104 30.14 -38.23 -14.33
N LEU O 105 31.17 -37.63 -13.77
CA LEU O 105 31.86 -38.19 -12.61
C LEU O 105 31.13 -37.93 -11.30
N LEU O 106 30.85 -36.65 -11.01
CA LEU O 106 30.27 -36.27 -9.72
C LEU O 106 28.89 -36.85 -9.53
N PHE O 107 28.25 -37.25 -10.62
CA PHE O 107 26.92 -37.85 -10.54
C PHE O 107 26.85 -39.30 -10.95
N ASP O 108 27.87 -40.06 -10.59
CA ASP O 108 27.80 -41.50 -10.77
C ASP O 108 26.60 -41.89 -9.94
N GLU O 109 26.69 -41.59 -8.65
CA GLU O 109 25.55 -41.68 -7.75
C GLU O 109 25.15 -40.25 -7.49
N TYR O 110 23.84 -40.00 -7.55
CA TYR O 110 23.31 -38.64 -7.43
C TYR O 110 23.87 -37.87 -6.24
N ASN O 111 24.41 -36.69 -6.54
CA ASN O 111 24.96 -35.83 -5.50
C ASN O 111 23.96 -34.74 -5.14
N GLU O 112 23.23 -34.94 -4.04
CA GLU O 112 22.07 -34.10 -3.76
C GLU O 112 22.39 -32.63 -3.60
N LYS O 113 23.59 -32.33 -3.11
CA LYS O 113 23.93 -30.97 -2.77
C LYS O 113 24.38 -30.19 -4.00
N LYS O 114 25.29 -30.79 -4.74
CA LYS O 114 25.79 -30.15 -5.93
C LYS O 114 24.77 -30.21 -7.07
N ALA O 115 23.66 -30.90 -6.83
CA ALA O 115 22.67 -31.14 -7.88
C ALA O 115 22.21 -29.84 -8.54
N SER O 116 21.82 -28.86 -7.72
CA SER O 116 21.30 -27.60 -8.27
C SER O 116 22.37 -26.87 -9.08
N ALA O 117 23.61 -26.83 -8.59
CA ALA O 117 24.69 -26.17 -9.33
C ALA O 117 24.95 -26.89 -10.64
N GLN O 118 25.19 -28.19 -10.55
CA GLN O 118 25.51 -28.97 -11.73
C GLN O 118 24.57 -28.62 -12.85
N LYS O 119 23.29 -28.48 -12.49
CA LYS O 119 22.25 -28.14 -13.45
C LYS O 119 22.50 -26.75 -14.05
N ASP O 120 22.62 -25.75 -13.18
CA ASP O 120 22.94 -24.40 -13.59
C ASP O 120 24.18 -24.36 -14.46
N ILE O 121 25.23 -25.05 -14.01
CA ILE O 121 26.45 -25.16 -14.77
C ILE O 121 26.22 -25.76 -16.15
N LEU O 122 25.69 -26.98 -16.21
CA LEU O 122 25.39 -27.61 -17.49
C LEU O 122 24.72 -26.62 -18.43
N ILE O 123 23.81 -25.82 -17.89
CA ILE O 123 23.11 -24.84 -18.71
C ILE O 123 24.05 -23.78 -19.25
N LYS O 124 24.71 -23.03 -18.37
CA LYS O 124 25.62 -21.97 -18.81
C LYS O 124 26.59 -22.49 -19.87
N VAL O 125 27.43 -23.45 -19.51
CA VAL O 125 28.43 -23.98 -20.45
C VAL O 125 27.83 -24.40 -21.78
N LEU O 126 26.69 -25.09 -21.73
CA LEU O 126 26.01 -25.50 -22.96
C LEU O 126 25.49 -24.27 -23.69
N ASP O 127 24.63 -23.52 -23.02
CA ASP O 127 24.07 -22.29 -23.57
C ASP O 127 25.17 -21.45 -24.20
N ASP O 128 26.29 -21.30 -23.49
CA ASP O 128 27.41 -20.48 -23.94
C ASP O 128 28.00 -21.00 -25.26
N GLY O 129 28.55 -22.20 -25.25
CA GLY O 129 29.10 -22.79 -26.45
C GLY O 129 28.12 -22.73 -27.61
N ILE O 130 26.86 -22.97 -27.31
CA ILE O 130 25.81 -22.92 -28.33
C ILE O 130 25.83 -21.59 -29.04
N THR O 131 25.96 -20.50 -28.29
CA THR O 131 26.05 -19.19 -28.88
C THR O 131 27.37 -19.04 -29.63
N LYS O 132 28.45 -19.29 -28.91
CA LYS O 132 29.78 -19.18 -29.48
C LYS O 132 29.89 -19.96 -30.78
N LEU O 133 29.41 -21.21 -30.74
CA LEU O 133 29.46 -22.08 -31.90
C LEU O 133 28.70 -21.47 -33.07
N ASN O 134 27.52 -20.95 -32.81
CA ASN O 134 26.72 -20.31 -33.83
C ASN O 134 27.50 -19.17 -34.50
N GLU O 135 27.97 -18.22 -33.71
CA GLU O 135 28.68 -17.06 -34.25
C GLU O 135 29.86 -17.49 -35.11
N ALA O 136 30.53 -18.56 -34.71
CA ALA O 136 31.67 -19.07 -35.47
C ALA O 136 31.22 -19.32 -36.89
N GLN O 137 30.12 -20.04 -37.00
CA GLN O 137 29.56 -20.40 -38.29
C GLN O 137 29.25 -19.17 -39.13
N LYS O 138 28.52 -18.21 -38.55
CA LYS O 138 28.15 -17.00 -39.27
C LYS O 138 29.41 -16.28 -39.74
N SER O 139 30.37 -16.15 -38.84
CA SER O 139 31.65 -15.54 -39.20
C SER O 139 32.23 -16.22 -40.46
N LEU O 140 32.24 -17.55 -40.46
CA LEU O 140 32.77 -18.33 -41.57
C LEU O 140 31.96 -18.16 -42.84
N LEU O 141 30.65 -18.25 -42.71
CA LEU O 141 29.74 -18.13 -43.85
C LEU O 141 29.96 -16.80 -44.55
N VAL O 142 30.08 -15.75 -43.76
CA VAL O 142 30.30 -14.42 -44.33
C VAL O 142 31.64 -14.35 -45.06
N SER O 143 32.65 -14.99 -44.49
CA SER O 143 33.96 -15.04 -45.15
C SER O 143 33.81 -15.69 -46.51
N SER O 144 33.05 -16.78 -46.58
CA SER O 144 32.84 -17.47 -47.86
C SER O 144 32.18 -16.55 -48.87
N GLN O 145 31.17 -15.82 -48.41
CA GLN O 145 30.45 -14.90 -49.29
C GLN O 145 31.36 -13.82 -49.85
N SER O 146 32.43 -13.50 -49.12
CA SER O 146 33.35 -12.43 -49.52
C SER O 146 33.95 -12.60 -50.92
N PHE O 147 34.47 -13.80 -51.20
CA PHE O 147 35.12 -14.10 -52.47
C PHE O 147 34.19 -13.97 -53.67
N ASN O 148 32.89 -14.01 -53.43
CA ASN O 148 31.95 -14.10 -54.54
C ASN O 148 32.08 -12.99 -55.58
N ASN O 149 32.10 -11.75 -55.14
CA ASN O 149 32.24 -10.63 -56.07
C ASN O 149 33.51 -10.76 -56.88
N ALA O 150 34.63 -10.83 -56.19
CA ALA O 150 35.92 -11.05 -56.82
C ALA O 150 35.88 -12.19 -57.83
N SER O 151 35.30 -13.32 -57.43
CA SER O 151 35.25 -14.49 -58.30
C SER O 151 34.60 -14.16 -59.65
N GLY O 152 33.63 -13.25 -59.64
CA GLY O 152 33.01 -12.80 -60.86
C GLY O 152 33.94 -11.92 -61.67
N LYS O 153 34.44 -10.85 -61.05
CA LYS O 153 35.40 -9.97 -61.71
C LYS O 153 36.51 -10.76 -62.39
N LEU O 154 36.97 -11.83 -61.73
CA LEU O 154 37.94 -12.74 -62.32
C LEU O 154 37.51 -13.26 -63.68
N LEU O 155 36.34 -13.87 -63.72
CA LEU O 155 35.83 -14.39 -64.98
C LEU O 155 35.66 -13.28 -66.03
N ALA O 156 35.08 -12.15 -65.65
CA ALA O 156 34.94 -11.05 -66.61
C ALA O 156 36.28 -10.81 -67.29
N LEU O 157 37.30 -10.53 -66.49
CA LEU O 157 38.65 -10.32 -66.98
C LEU O 157 39.04 -11.38 -67.99
N ASP O 158 39.04 -12.64 -67.56
CA ASP O 158 39.37 -13.75 -68.43
C ASP O 158 38.50 -13.76 -69.69
N SER O 159 37.18 -13.81 -69.50
CA SER O 159 36.25 -13.79 -70.63
C SER O 159 36.72 -12.80 -71.70
N GLN O 160 37.05 -11.58 -71.27
CA GLN O 160 37.40 -10.50 -72.17
C GLN O 160 38.82 -10.63 -72.72
N LEU O 161 39.79 -10.71 -71.81
CA LEU O 161 41.17 -10.92 -72.22
C LEU O 161 41.32 -12.02 -73.27
N THR O 162 40.43 -13.00 -73.24
CA THR O 162 40.44 -14.05 -74.25
C THR O 162 39.90 -13.50 -75.57
N ASN O 163 38.71 -12.92 -75.54
CA ASN O 163 38.11 -12.32 -76.72
C ASN O 163 38.97 -11.20 -77.28
N ASP O 164 39.52 -10.38 -76.38
CA ASP O 164 40.27 -9.20 -76.77
C ASP O 164 41.60 -9.58 -77.41
N PHE O 165 42.15 -10.72 -77.01
CA PHE O 165 43.44 -11.18 -77.52
C PHE O 165 43.35 -11.58 -78.98
N SER O 166 42.29 -12.29 -79.33
CA SER O 166 42.07 -12.67 -80.71
C SER O 166 41.83 -11.42 -81.55
N GLU O 167 41.36 -10.35 -80.91
CA GLU O 167 41.09 -9.11 -81.62
C GLU O 167 42.37 -8.36 -81.96
N LYS O 168 43.39 -8.52 -81.13
CA LYS O 168 44.68 -7.93 -81.43
C LYS O 168 45.42 -8.79 -82.45
N SER O 169 45.31 -10.12 -82.33
CA SER O 169 45.92 -11.01 -83.30
C SER O 169 45.38 -10.75 -84.70
N SER O 170 44.13 -10.29 -84.77
CA SER O 170 43.54 -9.87 -86.03
C SER O 170 44.12 -8.53 -86.46
N TYR O 171 44.25 -7.61 -85.51
CA TYR O 171 44.78 -6.28 -85.77
C TYR O 171 46.24 -6.35 -86.18
N PHE O 172 46.95 -7.35 -85.69
CA PHE O 172 48.33 -7.53 -86.08
C PHE O 172 48.47 -7.71 -87.58
N GLN O 173 47.99 -8.85 -88.10
CA GLN O 173 48.10 -9.13 -89.52
C GLN O 173 47.48 -8.03 -90.38
N SER O 174 46.34 -7.52 -89.94
CA SER O 174 45.67 -6.42 -90.66
C SER O 174 46.56 -5.20 -90.69
N GLN O 175 47.50 -5.15 -89.74
CA GLN O 175 48.37 -4.00 -89.62
C GLN O 175 49.68 -4.20 -90.38
N VAL O 176 50.32 -5.35 -90.22
CA VAL O 176 51.54 -5.64 -90.98
C VAL O 176 51.26 -5.51 -92.46
N ASP O 177 50.02 -5.84 -92.84
CA ASP O 177 49.56 -5.61 -94.20
C ASP O 177 49.71 -4.14 -94.54
N LYS O 178 49.11 -3.29 -93.71
CA LYS O 178 49.23 -1.85 -93.92
C LYS O 178 50.69 -1.46 -94.19
N ILE O 179 51.61 -2.18 -93.54
CA ILE O 179 53.03 -1.87 -93.66
C ILE O 179 53.60 -2.22 -95.04
N ARG O 180 53.22 -3.38 -95.57
CA ARG O 180 53.65 -3.76 -96.92
C ARG O 180 53.04 -2.78 -97.91
N LYS O 181 51.72 -2.63 -97.85
CA LYS O 181 50.98 -1.77 -98.75
C LYS O 181 51.57 -0.35 -98.79
N GLU O 182 52.06 0.11 -97.65
CA GLU O 182 52.65 1.44 -97.59
C GLU O 182 54.05 1.47 -98.20
N ALA O 183 54.80 0.39 -97.98
CA ALA O 183 56.21 0.35 -98.38
C ALA O 183 56.38 0.04 -99.84
N TYR O 184 55.57 -0.89 -100.36
CA TYR O 184 55.70 -1.28 -101.76
C TYR O 184 55.06 -0.26 -102.70
N ALA O 185 53.98 0.36 -102.26
CA ALA O 185 53.43 1.50 -102.99
C ALA O 185 54.52 2.58 -103.09
N GLY O 186 55.47 2.53 -102.16
CA GLY O 186 56.59 3.45 -102.13
C GLY O 186 57.73 3.05 -103.06
N ALA O 187 58.19 1.81 -102.95
CA ALA O 187 59.23 1.32 -103.84
C ALA O 187 58.70 1.41 -105.27
N ALA O 188 57.56 0.76 -105.50
CA ALA O 188 56.89 0.82 -106.78
C ALA O 188 56.97 2.23 -107.40
N ALA O 189 56.98 3.26 -106.54
CA ALA O 189 57.01 4.64 -107.00
C ALA O 189 58.31 5.03 -107.70
N GLY O 190 59.26 4.09 -107.74
CA GLY O 190 60.54 4.32 -108.39
C GLY O 190 60.48 4.22 -109.91
N VAL O 191 59.34 3.77 -110.43
CA VAL O 191 59.13 3.69 -111.87
C VAL O 191 59.52 4.99 -112.60
N VAL O 192 59.40 6.11 -111.90
CA VAL O 192 59.73 7.42 -112.46
C VAL O 192 61.21 7.52 -112.80
N ALA O 193 62.07 7.37 -111.79
CA ALA O 193 63.50 7.28 -112.04
C ALA O 193 63.85 5.85 -112.47
N GLY O 194 65.06 5.66 -113.01
CA GLY O 194 65.45 4.42 -113.67
C GLY O 194 65.18 3.14 -112.91
N PRO O 195 65.07 2.00 -113.63
CA PRO O 195 64.83 0.72 -112.97
C PRO O 195 65.94 0.35 -112.00
N PHE O 196 67.16 0.81 -112.26
CA PHE O 196 68.25 0.64 -111.29
C PHE O 196 67.88 1.37 -110.01
N GLY O 197 67.01 2.37 -110.15
CA GLY O 197 66.45 3.07 -109.01
C GLY O 197 65.58 2.15 -108.19
N LEU O 198 64.86 1.24 -108.84
CA LEU O 198 64.03 0.26 -108.13
C LEU O 198 64.90 -0.64 -107.25
N ILE O 199 65.97 -1.18 -107.82
CA ILE O 199 66.90 -1.96 -107.03
C ILE O 199 67.26 -1.24 -105.73
N ILE O 200 67.69 0.02 -105.84
CA ILE O 200 68.00 0.83 -104.67
C ILE O 200 66.78 1.00 -103.76
N SER O 201 65.67 1.44 -104.37
CA SER O 201 64.43 1.72 -103.64
C SER O 201 63.88 0.49 -102.92
N TYR O 202 63.66 -0.56 -103.70
CA TYR O 202 63.10 -1.81 -103.24
C TYR O 202 64.02 -2.52 -102.23
N SER O 203 65.34 -2.43 -102.42
CA SER O 203 66.27 -2.93 -101.40
C SER O 203 66.11 -2.14 -100.10
N ILE O 204 66.07 -0.82 -100.22
CA ILE O 204 65.83 0.03 -99.07
C ILE O 204 64.53 -0.39 -98.35
N ALA O 205 63.51 -0.75 -99.12
CA ALA O 205 62.20 -1.05 -98.55
C ALA O 205 62.05 -2.51 -98.11
N ALA O 206 61.69 -3.37 -99.05
CA ALA O 206 61.49 -4.79 -98.74
C ALA O 206 62.61 -5.32 -97.84
N GLY O 207 63.81 -4.79 -98.03
CA GLY O 207 64.95 -5.18 -97.21
C GLY O 207 64.74 -4.85 -95.74
N VAL O 208 64.57 -3.56 -95.45
CA VAL O 208 64.33 -3.11 -94.08
C VAL O 208 63.01 -3.65 -93.49
N VAL O 209 61.97 -3.67 -94.31
CA VAL O 209 60.67 -4.17 -93.88
C VAL O 209 60.75 -5.65 -93.51
N GLU O 210 61.05 -6.48 -94.50
CA GLU O 210 61.10 -7.91 -94.28
C GLU O 210 62.32 -8.31 -93.46
N GLY O 211 63.21 -7.33 -93.26
CA GLY O 211 64.45 -7.56 -92.56
C GLY O 211 64.33 -7.46 -91.05
N LYS O 212 63.93 -6.29 -90.54
CA LYS O 212 63.70 -6.12 -89.10
C LYS O 212 62.21 -5.94 -88.76
N LEU O 213 61.51 -5.11 -89.53
CA LEU O 213 60.13 -4.73 -89.20
C LEU O 213 59.16 -5.90 -88.99
N ILE O 214 58.76 -6.57 -90.07
CA ILE O 214 57.79 -7.65 -89.95
C ILE O 214 58.16 -8.66 -88.86
N PRO O 215 59.43 -9.10 -88.83
CA PRO O 215 59.89 -10.05 -87.81
C PRO O 215 59.72 -9.48 -86.41
N GLU O 216 60.06 -8.21 -86.23
CA GLU O 216 59.85 -7.54 -84.95
C GLU O 216 58.40 -7.64 -84.51
N LEU O 217 57.49 -7.30 -85.42
CA LEU O 217 56.07 -7.42 -85.14
C LEU O 217 55.70 -8.84 -84.76
N LYS O 218 56.13 -9.81 -85.57
CA LYS O 218 55.89 -11.22 -85.25
C LYS O 218 56.46 -11.56 -83.90
N ASN O 219 57.44 -10.77 -83.45
CA ASN O 219 58.03 -11.01 -82.14
C ASN O 219 57.12 -10.57 -80.99
N LYS O 220 56.57 -9.36 -81.09
CA LYS O 220 55.65 -8.89 -80.06
C LYS O 220 54.37 -9.70 -80.04
N LEU O 221 53.83 -9.99 -81.21
CA LEU O 221 52.65 -10.83 -81.28
C LEU O 221 52.87 -12.07 -80.45
N LYS O 222 54.12 -12.50 -80.34
CA LYS O 222 54.44 -13.67 -79.53
C LYS O 222 54.60 -13.31 -78.06
N SER O 223 55.28 -12.21 -77.77
CA SER O 223 55.46 -11.79 -76.38
C SER O 223 54.10 -11.52 -75.74
N VAL O 224 53.17 -11.04 -76.56
CA VAL O 224 51.78 -10.84 -76.14
C VAL O 224 51.13 -12.19 -75.90
N GLN O 225 51.00 -12.96 -76.98
CA GLN O 225 50.40 -14.30 -76.89
C GLN O 225 51.06 -15.10 -75.78
N ASN O 226 52.31 -14.78 -75.47
CA ASN O 226 53.03 -15.43 -74.40
C ASN O 226 52.49 -14.97 -73.06
N PHE O 227 52.36 -13.66 -72.91
CA PHE O 227 51.84 -13.07 -71.68
C PHE O 227 50.35 -13.38 -71.48
N PHE O 228 49.58 -13.28 -72.55
CA PHE O 228 48.17 -13.66 -72.49
C PHE O 228 48.04 -15.02 -71.83
N THR O 229 48.94 -15.93 -72.18
CA THR O 229 48.87 -17.26 -71.61
C THR O 229 49.18 -17.28 -70.12
N THR O 230 50.37 -16.79 -69.75
CA THR O 230 50.77 -16.79 -68.35
C THR O 230 49.69 -16.14 -67.48
N LEU O 231 49.10 -15.05 -67.99
CA LEU O 231 48.04 -14.36 -67.26
C LEU O 231 46.78 -15.23 -67.15
N SER O 232 46.35 -15.82 -68.25
CA SER O 232 45.16 -16.66 -68.24
C SER O 232 45.32 -17.74 -67.18
N ASN O 233 46.54 -18.27 -67.06
CA ASN O 233 46.85 -19.27 -66.04
C ASN O 233 46.90 -18.70 -64.63
N THR O 234 47.35 -17.46 -64.51
CA THR O 234 47.38 -16.77 -63.24
C THR O 234 45.94 -16.60 -62.74
N VAL O 235 45.01 -16.56 -63.68
CA VAL O 235 43.59 -16.47 -63.35
C VAL O 235 43.07 -17.83 -62.92
N LYS O 236 43.29 -18.84 -63.75
CA LYS O 236 42.87 -20.20 -63.41
C LYS O 236 43.29 -20.53 -61.99
N GLN O 237 44.47 -20.06 -61.59
CA GLN O 237 44.96 -20.32 -60.24
C GLN O 237 44.06 -19.67 -59.21
N ALA O 238 43.93 -18.35 -59.27
CA ALA O 238 43.06 -17.62 -58.37
C ALA O 238 41.69 -18.28 -58.25
N ASN O 239 41.06 -18.58 -59.37
CA ASN O 239 39.78 -19.25 -59.35
C ASN O 239 39.83 -20.55 -58.55
N LYS O 240 40.94 -21.28 -58.69
CA LYS O 240 41.12 -22.51 -57.93
C LYS O 240 41.38 -22.25 -56.45
N ASP O 241 42.17 -21.21 -56.17
CA ASP O 241 42.50 -20.84 -54.79
C ASP O 241 41.27 -20.38 -54.04
N ILE O 242 40.49 -19.51 -54.67
CA ILE O 242 39.28 -18.99 -54.07
C ILE O 242 38.34 -20.12 -53.76
N ASP O 243 38.15 -21.00 -54.74
CA ASP O 243 37.20 -22.09 -54.58
C ASP O 243 37.63 -23.03 -53.45
N ALA O 244 38.93 -23.26 -53.30
CA ALA O 244 39.46 -24.11 -52.25
C ALA O 244 39.18 -23.51 -50.87
N ALA O 245 39.31 -22.20 -50.76
CA ALA O 245 39.02 -21.51 -49.52
C ALA O 245 37.54 -21.63 -49.16
N LYS O 246 36.68 -21.36 -50.14
CA LYS O 246 35.24 -21.41 -49.92
C LYS O 246 34.87 -22.80 -49.44
N LEU O 247 35.55 -23.78 -50.00
CA LEU O 247 35.30 -25.15 -49.61
C LEU O 247 35.62 -25.30 -48.14
N LYS O 248 36.91 -25.15 -47.83
CA LYS O 248 37.39 -25.19 -46.44
C LYS O 248 36.40 -24.54 -45.50
N LEU O 249 35.95 -23.34 -45.86
CA LEU O 249 35.05 -22.58 -45.01
C LEU O 249 33.74 -23.31 -44.72
N THR O 250 33.01 -23.71 -45.75
CA THR O 250 31.72 -24.33 -45.53
C THR O 250 31.86 -25.68 -44.86
N THR O 251 32.86 -26.45 -45.29
CA THR O 251 33.08 -27.78 -44.72
C THR O 251 33.46 -27.68 -43.26
N GLU O 252 34.00 -26.53 -42.86
CA GLU O 252 34.23 -26.25 -41.45
C GLU O 252 32.92 -25.87 -40.79
N ILE O 253 32.24 -24.89 -41.37
CA ILE O 253 30.91 -24.51 -40.93
C ILE O 253 30.06 -25.71 -40.54
N ALA O 254 30.02 -26.72 -41.41
CA ALA O 254 29.17 -27.87 -41.19
C ALA O 254 29.73 -28.79 -40.13
N ALA O 255 31.05 -28.87 -40.07
CA ALA O 255 31.74 -29.66 -39.05
C ALA O 255 31.49 -29.07 -37.66
N ILE O 256 31.52 -27.75 -37.57
CA ILE O 256 31.13 -27.08 -36.33
C ILE O 256 29.67 -27.39 -36.10
N GLY O 257 28.91 -27.47 -37.18
CA GLY O 257 27.50 -27.80 -37.10
C GLY O 257 27.25 -29.07 -36.31
N GLU O 258 28.03 -30.11 -36.60
CA GLU O 258 27.92 -31.38 -35.90
C GLU O 258 27.92 -31.19 -34.37
N ILE O 259 28.89 -30.45 -33.86
CA ILE O 259 28.94 -30.19 -32.43
C ILE O 259 27.69 -29.41 -31.99
N LYS O 260 27.47 -28.28 -32.62
CA LYS O 260 26.33 -27.45 -32.30
C LYS O 260 25.10 -28.30 -31.98
N THR O 261 24.68 -29.11 -32.94
CA THR O 261 23.47 -29.90 -32.77
C THR O 261 23.54 -30.77 -31.53
N GLU O 262 24.64 -31.52 -31.38
CA GLU O 262 24.81 -32.35 -30.19
C GLU O 262 24.65 -31.52 -28.93
N THR O 263 25.40 -30.42 -28.86
CA THR O 263 25.34 -29.50 -27.75
C THR O 263 23.91 -29.07 -27.51
N GLU O 264 23.31 -28.51 -28.56
CA GLU O 264 21.96 -28.00 -28.48
C GLU O 264 21.00 -29.05 -27.91
N THR O 265 21.14 -30.30 -28.35
CA THR O 265 20.32 -31.40 -27.85
C THR O 265 20.50 -31.62 -26.36
N THR O 266 21.70 -32.03 -25.98
CA THR O 266 22.14 -32.12 -24.59
C THR O 266 21.52 -31.02 -23.72
N ARG O 267 21.58 -29.78 -24.16
CA ARG O 267 20.92 -28.70 -23.45
C ARG O 267 19.46 -29.03 -23.13
N PHE O 268 18.67 -29.31 -24.15
CA PHE O 268 17.27 -29.67 -23.94
C PHE O 268 17.13 -30.80 -22.91
N TYR O 269 17.99 -31.81 -22.98
CA TYR O 269 17.94 -32.91 -22.04
C TYR O 269 18.11 -32.44 -20.59
N VAL O 270 19.00 -31.49 -20.37
CA VAL O 270 19.14 -30.84 -19.07
C VAL O 270 17.78 -30.29 -18.58
N ASP O 271 16.93 -29.88 -19.51
CA ASP O 271 15.62 -29.35 -19.17
C ASP O 271 14.63 -30.36 -18.53
N TYR O 272 14.97 -31.65 -18.55
CA TYR O 272 14.11 -32.64 -17.92
C TYR O 272 14.22 -32.58 -16.39
N ASP O 273 15.38 -32.12 -15.89
CA ASP O 273 15.67 -31.98 -14.46
C ASP O 273 16.36 -33.18 -13.89
N ASP O 274 16.03 -34.34 -14.41
CA ASP O 274 16.64 -35.57 -13.96
C ASP O 274 18.11 -35.55 -14.34
N LEU O 275 18.94 -35.03 -13.45
CA LEU O 275 20.39 -35.01 -13.68
C LEU O 275 20.94 -36.41 -13.86
N MET O 276 20.07 -37.41 -13.71
CA MET O 276 20.51 -38.79 -13.72
C MET O 276 19.92 -39.53 -14.90
N LEU O 277 19.15 -38.83 -15.72
CA LEU O 277 18.49 -39.42 -16.90
C LEU O 277 19.52 -39.96 -17.85
N SER O 278 19.35 -41.21 -18.27
CA SER O 278 20.33 -41.85 -19.13
C SER O 278 20.61 -40.98 -20.35
N LEU O 279 19.55 -40.44 -20.94
CA LEU O 279 19.71 -39.58 -22.12
C LEU O 279 20.73 -38.48 -21.86
N LEU O 280 20.42 -37.57 -20.93
CA LEU O 280 21.33 -36.48 -20.64
C LEU O 280 22.72 -37.00 -20.33
N LYS O 281 22.79 -38.17 -19.72
CA LYS O 281 24.09 -38.70 -19.36
C LYS O 281 24.79 -39.14 -20.62
N GLU O 282 24.09 -39.90 -21.45
CA GLU O 282 24.63 -40.37 -22.72
C GLU O 282 24.97 -39.20 -23.63
N ALA O 283 24.01 -38.32 -23.84
CA ALA O 283 24.22 -37.10 -24.60
C ALA O 283 25.53 -36.42 -24.21
N ALA O 284 25.78 -36.33 -22.91
CA ALA O 284 26.99 -35.69 -22.39
C ALA O 284 28.23 -36.49 -22.76
N LYS O 285 28.10 -37.80 -22.79
CA LYS O 285 29.22 -38.66 -23.16
C LYS O 285 29.48 -38.54 -24.66
N LYS O 286 28.41 -38.49 -25.45
CA LYS O 286 28.52 -38.33 -26.90
C LYS O 286 29.24 -37.02 -27.22
N MET O 287 28.78 -35.94 -26.61
CA MET O 287 29.41 -34.64 -26.77
C MET O 287 30.93 -34.74 -26.67
N ILE O 288 31.42 -35.53 -25.71
CA ILE O 288 32.86 -35.68 -25.50
C ILE O 288 33.51 -36.45 -26.65
N ASN O 289 32.79 -37.43 -27.18
CA ASN O 289 33.26 -38.13 -28.36
C ASN O 289 33.22 -37.23 -29.57
N THR O 290 32.04 -36.75 -29.88
CA THR O 290 31.92 -35.82 -30.99
C THR O 290 33.05 -34.77 -30.99
N CYS O 291 33.37 -34.24 -29.80
CA CYS O 291 34.48 -33.28 -29.69
C CYS O 291 35.81 -33.92 -30.05
N ASN O 292 36.12 -35.04 -29.40
CA ASN O 292 37.38 -35.72 -29.62
C ASN O 292 37.64 -36.01 -31.11
N GLU O 293 36.61 -36.45 -31.83
CA GLU O 293 36.75 -36.76 -33.26
C GLU O 293 37.02 -35.50 -34.06
N TYR O 294 36.41 -34.41 -33.63
CA TYR O 294 36.63 -33.10 -34.24
C TYR O 294 38.09 -32.65 -34.15
N GLN O 295 38.78 -33.09 -33.10
CA GLN O 295 40.18 -32.71 -32.89
C GLN O 295 41.13 -33.54 -33.74
N LYS O 296 40.78 -34.81 -33.93
CA LYS O 296 41.64 -35.70 -34.69
C LYS O 296 41.53 -35.42 -36.19
N ARG O 297 40.31 -35.47 -36.73
CA ARG O 297 40.12 -35.19 -38.14
C ARG O 297 40.47 -33.74 -38.45
N HIS O 298 40.17 -32.86 -37.50
CA HIS O 298 40.31 -31.42 -37.69
C HIS O 298 41.23 -30.78 -36.63
N LYS P 14 75.71 50.31 -101.77
CA LYS P 14 75.59 48.94 -102.28
C LYS P 14 76.93 48.22 -102.27
N THR P 15 77.72 48.48 -101.22
CA THR P 15 79.01 47.84 -101.05
C THR P 15 78.97 46.88 -99.87
N VAL P 16 78.26 47.30 -98.82
CA VAL P 16 78.15 46.52 -97.60
C VAL P 16 77.14 45.39 -97.76
N GLU P 17 76.22 45.56 -98.72
CA GLU P 17 75.15 44.59 -98.93
C GLU P 17 75.66 43.17 -99.18
N VAL P 18 76.94 43.04 -99.54
CA VAL P 18 77.54 41.73 -99.70
C VAL P 18 77.66 41.04 -98.36
N VAL P 19 78.16 41.78 -97.37
CA VAL P 19 78.27 41.28 -96.01
C VAL P 19 76.90 40.85 -95.49
N LYS P 20 75.91 41.74 -95.59
CA LYS P 20 74.54 41.44 -95.21
C LYS P 20 74.07 40.15 -95.86
N ASN P 21 74.08 40.09 -97.19
CA ASN P 21 73.65 38.90 -97.90
C ASN P 21 74.38 37.65 -97.40
N ALA P 22 75.68 37.80 -97.12
CA ALA P 22 76.51 36.68 -96.68
C ALA P 22 76.15 36.29 -95.26
N ILE P 23 75.87 37.30 -94.44
CA ILE P 23 75.46 37.06 -93.07
C ILE P 23 74.24 36.13 -93.09
N GLU P 24 73.27 36.45 -93.93
CA GLU P 24 72.05 35.65 -94.05
C GLU P 24 72.32 34.28 -94.64
N THR P 25 73.27 34.22 -95.57
CA THR P 25 73.71 32.95 -96.14
C THR P 25 74.23 32.05 -95.01
N ALA P 26 75.09 32.63 -94.18
CA ALA P 26 75.69 31.90 -93.07
C ALA P 26 74.65 31.42 -92.06
N ASP P 27 73.59 32.20 -91.88
CA ASP P 27 72.52 31.84 -90.97
C ASP P 27 71.91 30.52 -91.41
N GLY P 28 71.25 30.54 -92.57
CA GLY P 28 70.69 29.34 -93.17
C GLY P 28 71.68 28.20 -93.28
N ALA P 29 72.98 28.53 -93.25
CA ALA P 29 74.01 27.50 -93.21
C ALA P 29 73.88 26.69 -91.94
N LEU P 30 74.06 27.34 -90.79
CA LEU P 30 73.86 26.70 -89.49
C LEU P 30 72.63 25.83 -89.52
N ASP P 31 71.50 26.45 -89.85
CA ASP P 31 70.21 25.77 -89.89
C ASP P 31 70.28 24.41 -90.58
N LEU P 32 70.61 24.40 -91.87
CA LEU P 32 70.80 23.14 -92.58
C LEU P 32 71.81 22.26 -91.85
N TYR P 33 72.85 22.88 -91.31
CA TYR P 33 73.90 22.14 -90.62
C TYR P 33 73.32 21.28 -89.52
N ASN P 34 72.66 21.91 -88.56
CA ASN P 34 72.00 21.22 -87.46
C ASN P 34 70.93 20.28 -87.97
N LYS P 35 69.98 20.82 -88.73
CA LYS P 35 68.92 20.01 -89.31
C LYS P 35 69.42 18.63 -89.73
N TYR P 36 70.58 18.59 -90.37
CA TYR P 36 71.19 17.34 -90.81
C TYR P 36 71.90 16.66 -89.65
N LEU P 37 72.67 17.44 -88.91
CA LEU P 37 73.42 16.94 -87.76
C LEU P 37 72.51 16.17 -86.81
N ASP P 38 71.28 16.66 -86.67
CA ASP P 38 70.28 16.00 -85.84
C ASP P 38 69.82 14.69 -86.48
N GLN P 39 69.45 14.74 -87.76
CA GLN P 39 69.08 13.53 -88.49
C GLN P 39 70.19 12.50 -88.34
N VAL P 40 71.42 12.99 -88.18
CA VAL P 40 72.61 12.14 -88.13
C VAL P 40 72.89 11.64 -86.72
N ILE P 41 72.66 12.50 -85.75
CA ILE P 41 72.86 12.15 -84.34
C ILE P 41 71.56 12.32 -83.56
N PRO P 42 70.82 11.21 -83.36
CA PRO P 42 69.47 11.21 -82.79
C PRO P 42 69.48 11.50 -81.29
N TRP P 43 70.01 12.66 -80.92
CA TRP P 43 70.03 13.03 -79.51
C TRP P 43 68.61 13.12 -79.00
N GLN P 44 67.72 13.59 -79.86
CA GLN P 44 66.30 13.65 -79.53
C GLN P 44 65.86 12.27 -79.05
N THR P 45 66.00 11.29 -79.94
CA THR P 45 65.60 9.91 -79.65
C THR P 45 66.34 9.32 -78.44
N PHE P 46 67.64 9.61 -78.34
CA PHE P 46 68.44 9.15 -77.22
C PHE P 46 67.95 9.73 -75.91
N ASP P 47 67.88 11.06 -75.83
CA ASP P 47 67.39 11.74 -74.65
C ASP P 47 65.98 11.21 -74.30
N GLU P 48 65.07 11.28 -75.26
CA GLU P 48 63.72 10.78 -75.06
C GLU P 48 63.74 9.37 -74.47
N THR P 49 64.54 8.50 -75.09
CA THR P 49 64.63 7.12 -74.65
C THR P 49 65.12 7.05 -73.20
N ILE P 50 66.03 7.94 -72.83
CA ILE P 50 66.53 8.00 -71.46
C ILE P 50 65.43 8.38 -70.49
N LYS P 51 64.72 9.46 -70.78
CA LYS P 51 63.64 9.92 -69.93
C LYS P 51 62.63 8.82 -69.63
N GLU P 52 61.96 8.32 -70.65
CA GLU P 52 60.88 7.36 -70.42
C GLU P 52 61.30 6.20 -69.53
N LEU P 53 62.54 5.74 -69.66
CA LEU P 53 62.98 4.65 -68.78
C LEU P 53 63.56 5.15 -67.45
N SER P 54 63.72 6.47 -67.35
CA SER P 54 64.01 7.10 -66.06
C SER P 54 62.70 7.20 -65.29
N ARG P 55 61.66 7.64 -65.98
CA ARG P 55 60.32 7.66 -65.40
C ARG P 55 59.99 6.31 -64.78
N PHE P 56 60.30 5.22 -65.49
CA PHE P 56 60.05 3.88 -64.97
C PHE P 56 60.65 3.75 -63.56
N LYS P 57 61.96 3.92 -63.48
CA LYS P 57 62.68 3.87 -62.23
C LYS P 57 62.03 4.78 -61.19
N GLN P 58 61.51 5.91 -61.65
CA GLN P 58 60.89 6.91 -60.77
C GLN P 58 59.56 6.42 -60.20
N GLU P 59 58.54 6.35 -61.06
CA GLU P 59 57.19 5.96 -60.67
C GLU P 59 57.16 4.81 -59.67
N TYR P 60 57.93 3.76 -59.94
CA TYR P 60 57.97 2.63 -59.05
C TYR P 60 58.66 2.93 -57.72
N SER P 61 59.78 3.66 -57.79
CA SER P 61 60.39 4.14 -56.57
C SER P 61 59.30 4.74 -55.71
N GLN P 62 58.59 5.72 -56.28
CA GLN P 62 57.47 6.36 -55.61
C GLN P 62 56.57 5.35 -54.89
N ALA P 63 55.95 4.47 -55.67
CA ALA P 63 55.04 3.48 -55.14
C ALA P 63 55.67 2.70 -54.00
N ALA P 64 56.67 1.89 -54.34
CA ALA P 64 57.36 1.07 -53.35
C ALA P 64 57.67 1.86 -52.07
N SER P 65 58.25 3.05 -52.24
CA SER P 65 58.58 3.89 -51.10
C SER P 65 57.40 4.03 -50.17
N VAL P 66 56.35 4.69 -50.66
CA VAL P 66 55.17 4.94 -49.84
C VAL P 66 54.55 3.67 -49.24
N LEU P 67 54.52 2.58 -50.00
CA LEU P 67 53.98 1.31 -49.50
C LEU P 67 54.86 0.73 -48.41
N VAL P 68 56.12 0.47 -48.76
CA VAL P 68 57.09 -0.03 -47.78
C VAL P 68 57.06 0.78 -46.48
N GLY P 69 56.73 2.07 -46.60
CA GLY P 69 56.64 2.93 -45.45
C GLY P 69 55.41 2.62 -44.62
N ASP P 70 54.27 2.55 -45.31
CA ASP P 70 53.03 2.19 -44.65
C ASP P 70 53.20 0.86 -43.92
N ILE P 71 53.79 -0.12 -44.61
CA ILE P 71 54.07 -1.42 -44.01
C ILE P 71 54.82 -1.27 -42.68
N LYS P 72 55.82 -0.38 -42.63
CA LYS P 72 56.53 -0.17 -41.38
C LYS P 72 55.59 0.34 -40.32
N THR P 73 54.93 1.46 -40.62
CA THR P 73 53.89 1.94 -39.72
C THR P 73 53.07 0.76 -39.19
N LEU P 74 52.49 -0.02 -40.11
CA LEU P 74 51.68 -1.17 -39.72
C LEU P 74 52.40 -2.13 -38.79
N LEU P 75 53.64 -2.47 -39.14
CA LEU P 75 54.43 -3.34 -38.30
C LEU P 75 54.61 -2.75 -36.90
N MET P 76 55.04 -1.50 -36.85
CA MET P 76 55.19 -0.80 -35.57
C MET P 76 53.86 -0.73 -34.82
N ASP P 77 52.77 -0.50 -35.54
CA ASP P 77 51.45 -0.48 -34.92
C ASP P 77 51.19 -1.78 -34.16
N SER P 78 51.39 -2.89 -34.85
CA SER P 78 51.21 -4.21 -34.26
C SER P 78 52.04 -4.34 -32.99
N GLN P 79 53.34 -4.16 -33.11
CA GLN P 79 54.24 -4.29 -31.98
C GLN P 79 53.64 -3.68 -30.71
N ASP P 80 53.24 -2.42 -30.80
CA ASP P 80 52.64 -1.75 -29.66
C ASP P 80 51.42 -2.50 -29.19
N LYS P 81 50.54 -2.89 -30.12
CA LYS P 81 49.34 -3.64 -29.75
C LYS P 81 49.64 -4.99 -29.13
N TYR P 82 50.71 -5.63 -29.60
CA TYR P 82 51.20 -6.84 -28.97
C TYR P 82 51.62 -6.56 -27.53
N PHE P 83 52.52 -5.61 -27.37
CA PHE P 83 52.97 -5.18 -26.05
C PHE P 83 51.82 -5.01 -25.09
N GLU P 84 50.91 -4.11 -25.43
CA GLU P 84 49.69 -3.91 -24.67
C GLU P 84 49.09 -5.25 -24.28
N ALA P 85 48.65 -6.01 -25.28
CA ALA P 85 47.99 -7.28 -25.04
C ALA P 85 48.76 -8.13 -24.03
N THR P 86 50.01 -8.42 -24.34
CA THR P 86 50.81 -9.27 -23.47
C THR P 86 50.93 -8.67 -22.07
N GLN P 87 51.22 -7.38 -22.03
CA GLN P 87 51.45 -6.67 -20.76
C GLN P 87 50.18 -6.77 -19.92
N THR P 88 49.06 -6.39 -20.52
CA THR P 88 47.76 -6.53 -19.88
C THR P 88 47.63 -7.89 -19.21
N VAL P 89 47.92 -8.93 -19.98
CA VAL P 89 47.87 -10.29 -19.45
C VAL P 89 48.84 -10.50 -18.28
N TYR P 90 50.12 -10.27 -18.53
CA TYR P 90 51.14 -10.37 -17.48
C TYR P 90 50.74 -9.70 -16.17
N GLU P 91 49.96 -8.63 -16.26
CA GLU P 91 49.51 -7.91 -15.08
C GLU P 91 48.48 -8.75 -14.32
N TRP P 92 47.42 -9.17 -15.02
CA TRP P 92 46.39 -9.97 -14.38
C TRP P 92 46.92 -11.34 -13.97
N CYS P 93 47.56 -12.02 -14.91
CA CYS P 93 48.14 -13.34 -14.68
C CYS P 93 48.97 -13.32 -13.39
N GLY P 94 49.25 -12.11 -12.92
CA GLY P 94 50.18 -11.93 -11.82
C GLY P 94 49.49 -11.72 -10.50
N VAL P 95 48.49 -10.83 -10.49
CA VAL P 95 47.67 -10.69 -9.31
C VAL P 95 46.98 -12.02 -9.05
N ALA P 96 46.48 -12.61 -10.13
CA ALA P 96 45.80 -13.89 -10.05
C ALA P 96 46.59 -14.94 -9.27
N THR P 97 47.83 -15.20 -9.68
CA THR P 97 48.59 -16.29 -9.08
C THR P 97 48.62 -16.16 -7.57
N GLN P 98 48.87 -14.93 -7.11
CA GLN P 98 48.88 -14.64 -5.68
C GLN P 98 47.57 -15.09 -5.02
N LEU P 99 46.45 -14.78 -5.66
CA LEU P 99 45.14 -15.09 -5.11
C LEU P 99 44.84 -16.58 -5.11
N LEU P 100 45.06 -17.24 -6.25
CA LEU P 100 44.90 -18.70 -6.29
C LEU P 100 45.78 -19.34 -5.23
N ALA P 101 46.99 -18.82 -5.08
CA ALA P 101 47.95 -19.36 -4.12
C ALA P 101 47.40 -19.23 -2.71
N ALA P 102 46.81 -18.06 -2.45
CA ALA P 102 46.21 -17.76 -1.15
C ALA P 102 45.04 -18.70 -0.90
N TYR P 103 44.17 -18.81 -1.89
CA TYR P 103 43.01 -19.68 -1.77
C TYR P 103 43.44 -21.10 -1.43
N ILE P 104 44.45 -21.59 -2.13
CA ILE P 104 44.99 -22.93 -1.90
C ILE P 104 45.52 -23.06 -0.47
N LEU P 105 46.06 -21.97 0.04
CA LEU P 105 46.63 -21.97 1.39
C LEU P 105 45.58 -21.84 2.49
N LEU P 106 44.77 -20.78 2.43
CA LEU P 106 43.81 -20.49 3.48
C LEU P 106 42.76 -21.60 3.63
N PHE P 107 42.62 -22.43 2.62
CA PHE P 107 41.66 -23.53 2.67
C PHE P 107 42.30 -24.89 2.60
N ASP P 108 43.44 -25.05 3.27
CA ASP P 108 43.99 -26.37 3.46
C ASP P 108 42.91 -27.12 4.20
N GLU P 109 42.58 -26.61 5.39
CA GLU P 109 41.40 -27.04 6.12
C GLU P 109 40.38 -25.92 5.96
N TYR P 110 39.15 -26.29 5.67
CA TYR P 110 38.09 -25.33 5.36
C TYR P 110 38.01 -24.18 6.37
N ASN P 111 38.07 -22.95 5.86
CA ASN P 111 37.98 -21.78 6.72
C ASN P 111 36.57 -21.20 6.64
N GLU P 112 35.75 -21.51 7.64
CA GLU P 112 34.31 -21.26 7.56
C GLU P 112 33.96 -19.79 7.40
N LYS P 113 34.79 -18.91 7.94
CA LYS P 113 34.45 -17.50 7.97
C LYS P 113 34.80 -16.84 6.66
N LYS P 114 36.02 -17.08 6.22
CA LYS P 114 36.48 -16.50 4.98
C LYS P 114 35.86 -17.21 3.78
N ALA P 115 35.12 -18.28 4.04
CA ALA P 115 34.58 -19.08 2.96
C ALA P 115 33.81 -18.26 1.93
N SER P 116 32.89 -17.42 2.41
CA SER P 116 32.03 -16.66 1.52
C SER P 116 32.83 -15.66 0.69
N ALA P 117 33.79 -14.98 1.31
CA ALA P 117 34.65 -14.05 0.57
C ALA P 117 35.47 -14.81 -0.47
N GLN P 118 36.22 -15.82 -0.02
CA GLN P 118 37.08 -16.56 -0.91
C GLN P 118 36.35 -16.86 -2.20
N LYS P 119 35.09 -17.27 -2.06
CA LYS P 119 34.25 -17.59 -3.20
C LYS P 119 34.06 -16.37 -4.10
N ASP P 120 33.55 -15.30 -3.50
CA ASP P 120 33.36 -14.03 -4.19
C ASP P 120 34.64 -13.60 -4.86
N ILE P 121 35.73 -13.66 -4.12
CA ILE P 121 37.04 -13.33 -4.67
C ILE P 121 37.40 -14.20 -5.88
N LEU P 122 37.45 -15.51 -5.68
CA LEU P 122 37.73 -16.43 -6.79
C LEU P 122 36.94 -16.01 -8.04
N ILE P 123 35.68 -15.65 -7.85
CA ILE P 123 34.85 -15.22 -8.95
C ILE P 123 35.36 -13.95 -9.62
N LYS P 124 35.45 -12.85 -8.87
CA LYS P 124 35.93 -11.59 -9.44
C LYS P 124 37.24 -11.76 -10.21
N VAL P 125 38.29 -12.16 -9.51
CA VAL P 125 39.58 -12.35 -10.16
C VAL P 125 39.51 -13.26 -11.40
N LEU P 126 38.79 -14.37 -11.31
CA LEU P 126 38.66 -15.21 -12.49
C LEU P 126 37.83 -14.52 -13.58
N ASP P 127 36.61 -14.12 -13.22
CA ASP P 127 35.75 -13.39 -14.14
C ASP P 127 36.53 -12.28 -14.83
N ASP P 128 37.29 -11.52 -14.06
CA ASP P 128 38.05 -10.38 -14.57
C ASP P 128 39.07 -10.79 -15.64
N GLY P 129 40.05 -11.61 -15.26
CA GLY P 129 41.03 -12.11 -16.21
C GLY P 129 40.41 -12.71 -17.44
N ILE P 130 39.31 -13.42 -17.26
CA ILE P 130 38.57 -14.01 -18.37
C ILE P 130 38.20 -12.95 -19.40
N THR P 131 37.70 -11.82 -18.92
CA THR P 131 37.38 -10.72 -19.81
C THR P 131 38.65 -10.13 -20.40
N LYS P 132 39.55 -9.73 -19.51
CA LYS P 132 40.81 -9.15 -19.92
C LYS P 132 41.52 -10.01 -20.97
N LEU P 133 41.59 -11.32 -20.69
CA LEU P 133 42.24 -12.26 -21.59
C LEU P 133 41.58 -12.24 -22.94
N ASN P 134 40.25 -12.26 -22.95
CA ASN P 134 39.51 -12.25 -24.19
C ASN P 134 39.88 -11.04 -25.03
N GLU P 135 39.74 -9.85 -24.45
CA GLU P 135 40.03 -8.61 -25.17
C GLU P 135 41.44 -8.60 -25.75
N ALA P 136 42.38 -9.18 -25.01
CA ALA P 136 43.75 -9.28 -25.46
C ALA P 136 43.78 -9.95 -26.83
N GLN P 137 43.15 -11.11 -26.89
CA GLN P 137 43.05 -11.88 -28.11
C GLN P 137 42.44 -11.09 -29.27
N LYS P 138 41.28 -10.49 -29.03
CA LYS P 138 40.63 -9.68 -30.07
C LYS P 138 41.57 -8.58 -30.56
N SER P 139 42.18 -7.87 -29.61
CA SER P 139 43.14 -6.84 -29.96
C SER P 139 44.19 -7.39 -30.92
N LEU P 140 44.73 -8.55 -30.58
CA LEU P 140 45.78 -9.18 -31.38
C LEU P 140 45.28 -9.62 -32.74
N LEU P 141 44.11 -10.24 -32.75
CA LEU P 141 43.50 -10.71 -33.97
C LEU P 141 43.32 -9.56 -34.94
N VAL P 142 42.81 -8.45 -34.44
CA VAL P 142 42.61 -7.27 -35.25
C VAL P 142 43.93 -6.74 -35.83
N SER P 143 44.98 -6.77 -35.01
CA SER P 143 46.30 -6.35 -35.47
C SER P 143 46.72 -7.23 -36.63
N SER P 144 46.50 -8.54 -36.51
CA SER P 144 46.84 -9.45 -37.60
C SER P 144 46.10 -9.07 -38.88
N GLN P 145 44.80 -8.80 -38.74
CA GLN P 145 43.97 -8.46 -39.89
C GLN P 145 44.49 -7.20 -40.60
N SER P 146 45.17 -6.34 -39.85
CA SER P 146 45.61 -5.05 -40.39
C SER P 146 46.51 -5.18 -41.64
N PHE P 147 47.51 -6.05 -41.55
CA PHE P 147 48.49 -6.24 -42.63
C PHE P 147 47.86 -6.75 -43.94
N ASN P 148 46.67 -7.31 -43.84
CA ASN P 148 46.09 -8.00 -44.99
C ASN P 148 46.00 -7.14 -46.25
N ASN P 149 45.44 -5.94 -46.10
CA ASN P 149 45.28 -5.06 -47.25
C ASN P 149 46.62 -4.76 -47.88
N ALA P 150 47.52 -4.21 -47.06
CA ALA P 150 48.88 -3.93 -47.47
C ALA P 150 49.52 -5.14 -48.18
N SER P 151 49.37 -6.32 -47.58
CA SER P 151 49.98 -7.55 -48.14
C SER P 151 49.56 -7.75 -49.60
N GLY P 152 48.32 -7.39 -49.90
CA GLY P 152 47.83 -7.46 -51.27
C GLY P 152 48.49 -6.43 -52.15
N LYS P 153 48.38 -5.16 -51.75
CA LYS P 153 49.01 -4.07 -52.47
C LYS P 153 50.45 -4.40 -52.82
N LEU P 154 51.15 -5.03 -51.87
CA LEU P 154 52.51 -5.50 -52.10
C LEU P 154 52.60 -6.38 -53.35
N LEU P 155 51.81 -7.45 -53.37
CA LEU P 155 51.84 -8.33 -54.52
C LEU P 155 51.46 -7.62 -55.82
N ALA P 156 50.41 -6.80 -55.80
CA ALA P 156 50.04 -6.05 -57.00
C ALA P 156 51.29 -5.38 -57.57
N LEU P 157 51.92 -4.56 -56.73
CA LEU P 157 53.14 -3.86 -57.12
C LEU P 157 54.13 -4.80 -57.77
N ASP P 158 54.53 -5.84 -57.04
CA ASP P 158 55.47 -6.81 -57.56
C ASP P 158 54.97 -7.41 -58.88
N SER P 159 53.81 -8.04 -58.83
CA SER P 159 53.21 -8.60 -60.03
C SER P 159 53.47 -7.70 -61.25
N GLN P 160 53.18 -6.40 -61.09
CA GLN P 160 53.26 -5.46 -62.21
C GLN P 160 54.69 -5.04 -62.55
N LEU P 161 55.40 -4.53 -61.55
CA LEU P 161 56.81 -4.18 -61.72
C LEU P 161 57.60 -5.26 -62.42
N THR P 162 57.19 -6.51 -62.25
CA THR P 162 57.83 -7.62 -62.94
C THR P 162 57.41 -7.60 -64.40
N ASN P 163 56.11 -7.61 -64.64
CA ASN P 163 55.60 -7.54 -66.01
C ASN P 163 56.05 -6.28 -66.73
N ASP P 164 56.01 -5.15 -66.02
CA ASP P 164 56.30 -3.85 -66.60
C ASP P 164 57.78 -3.71 -66.98
N PHE P 165 58.64 -4.41 -66.26
CA PHE P 165 60.07 -4.33 -66.45
C PHE P 165 60.47 -4.98 -67.76
N SER P 166 59.88 -6.13 -68.04
CA SER P 166 60.14 -6.82 -69.30
C SER P 166 59.61 -5.98 -70.45
N GLU P 167 58.63 -5.12 -70.16
CA GLU P 167 58.03 -4.26 -71.19
C GLU P 167 58.94 -3.10 -71.55
N LYS P 168 59.74 -2.64 -70.58
CA LYS P 168 60.72 -1.62 -70.87
C LYS P 168 61.95 -2.24 -71.55
N SER P 169 62.34 -3.43 -71.11
CA SER P 169 63.46 -4.12 -71.74
C SER P 169 63.18 -4.36 -73.23
N SER P 170 61.90 -4.52 -73.56
CA SER P 170 61.48 -4.64 -74.95
C SER P 170 61.55 -3.27 -75.62
N TYR P 171 61.09 -2.24 -74.92
CA TYR P 171 61.10 -0.88 -75.43
C TYR P 171 62.50 -0.36 -75.64
N PHE P 172 63.43 -0.86 -74.83
CA PHE P 172 64.83 -0.48 -74.99
C PHE P 172 65.33 -0.85 -76.39
N GLN P 173 65.47 -2.14 -76.65
CA GLN P 173 66.00 -2.59 -77.93
C GLN P 173 65.19 -2.04 -79.11
N SER P 174 63.87 -2.01 -78.95
CA SER P 174 62.99 -1.47 -80.00
C SER P 174 63.30 0.00 -80.20
N GLN P 175 63.90 0.61 -79.20
CA GLN P 175 64.20 2.03 -79.26
C GLN P 175 65.63 2.30 -79.76
N VAL P 176 66.62 1.58 -79.24
CA VAL P 176 68.00 1.73 -79.75
C VAL P 176 68.01 1.46 -81.24
N ASP P 177 67.14 0.54 -81.68
CA ASP P 177 66.93 0.31 -83.09
C ASP P 177 66.52 1.61 -83.75
N LYS P 178 65.45 2.24 -83.25
CA LYS P 178 65.02 3.51 -83.79
C LYS P 178 66.22 4.45 -83.98
N ILE P 179 67.19 4.34 -83.07
CA ILE P 179 68.35 5.22 -83.10
C ILE P 179 69.31 4.93 -84.27
N ARG P 180 69.58 3.66 -84.53
CA ARG P 180 70.37 3.27 -85.69
C ARG P 180 69.63 3.70 -86.96
N LYS P 181 68.40 3.22 -87.10
CA LYS P 181 67.58 3.51 -88.28
C LYS P 181 67.53 5.01 -88.59
N GLU P 182 67.53 5.84 -87.56
CA GLU P 182 67.50 7.28 -87.77
C GLU P 182 68.85 7.82 -88.20
N ALA P 183 69.92 7.26 -87.62
CA ALA P 183 71.27 7.78 -87.83
C ALA P 183 71.86 7.33 -89.15
N TYR P 184 71.64 6.07 -89.50
CA TYR P 184 72.20 5.53 -90.74
C TYR P 184 71.41 5.96 -91.97
N ALA P 185 70.10 6.12 -91.82
CA ALA P 185 69.32 6.74 -92.88
C ALA P 185 69.85 8.14 -93.10
N GLY P 186 70.52 8.67 -92.08
CA GLY P 186 71.13 9.99 -92.15
C GLY P 186 72.51 10.00 -92.81
N ALA P 187 73.41 9.15 -92.35
CA ALA P 187 74.73 9.03 -92.98
C ALA P 187 74.52 8.62 -94.43
N ALA P 188 73.83 7.51 -94.62
CA ALA P 188 73.48 7.04 -95.96
C ALA P 188 73.08 8.19 -96.89
N ALA P 189 72.49 9.25 -96.32
CA ALA P 189 72.05 10.40 -97.10
C ALA P 189 73.20 11.21 -97.72
N GLY P 190 74.42 10.81 -97.41
CA GLY P 190 75.61 11.47 -97.96
C GLY P 190 75.93 11.08 -99.39
N VAL P 191 75.23 10.09 -99.92
CA VAL P 191 75.38 9.66 -101.30
C VAL P 191 75.34 10.85 -102.27
N VAL P 192 74.61 11.89 -101.89
CA VAL P 192 74.49 13.10 -102.73
C VAL P 192 75.85 13.79 -102.92
N ALA P 193 76.45 14.23 -101.81
CA ALA P 193 77.81 14.74 -101.88
C ALA P 193 78.79 13.56 -101.90
N GLY P 194 80.05 13.84 -102.21
CA GLY P 194 81.06 12.81 -102.49
C GLY P 194 81.17 11.70 -101.46
N PRO P 195 81.70 10.53 -101.88
CA PRO P 195 81.89 9.41 -100.95
C PRO P 195 82.81 9.77 -99.79
N PHE P 196 83.77 10.66 -100.01
CA PHE P 196 84.58 11.18 -98.92
C PHE P 196 83.68 11.87 -97.92
N GLY P 197 82.53 12.33 -98.41
CA GLY P 197 81.50 12.90 -97.55
C GLY P 197 80.92 11.84 -96.64
N LEU P 198 80.81 10.61 -97.12
CA LEU P 198 80.34 9.51 -96.29
C LEU P 198 81.29 9.27 -95.11
N ILE P 199 82.58 9.17 -95.40
CA ILE P 199 83.55 9.03 -94.33
C ILE P 199 83.29 10.06 -93.22
N ILE P 200 83.18 11.33 -93.59
CA ILE P 200 82.87 12.39 -92.63
C ILE P 200 81.52 12.15 -91.94
N SER P 201 80.49 11.93 -92.75
CA SER P 201 79.11 11.75 -92.26
C SER P 201 78.97 10.56 -91.33
N TYR P 202 79.36 9.40 -91.84
CA TYR P 202 79.28 8.13 -91.15
C TYR P 202 80.18 8.11 -89.89
N SER P 203 81.36 8.73 -89.94
CA SER P 203 82.16 8.88 -88.73
C SER P 203 81.42 9.71 -87.72
N ILE P 204 80.87 10.84 -88.17
CA ILE P 204 80.06 11.69 -87.30
C ILE P 204 78.94 10.88 -86.65
N ALA P 205 78.34 9.96 -87.42
CA ALA P 205 77.19 9.20 -86.94
C ALA P 205 77.55 7.94 -86.16
N ALA P 206 77.78 6.85 -86.89
CA ALA P 206 78.14 5.57 -86.28
C ALA P 206 79.15 5.76 -85.15
N GLY P 207 80.05 6.72 -85.33
CA GLY P 207 81.04 7.05 -84.31
C GLY P 207 80.38 7.49 -83.02
N VAL P 208 79.64 8.59 -83.08
CA VAL P 208 78.96 9.12 -81.90
C VAL P 208 77.89 8.17 -81.35
N VAL P 209 77.15 7.53 -82.26
CA VAL P 209 76.12 6.60 -81.84
C VAL P 209 76.70 5.40 -81.11
N GLU P 210 77.52 4.64 -81.83
CA GLU P 210 78.12 3.44 -81.26
C GLU P 210 79.18 3.79 -80.21
N GLY P 211 79.54 5.07 -80.17
CA GLY P 211 80.57 5.58 -79.28
C GLY P 211 80.07 5.84 -77.88
N LYS P 212 79.14 6.77 -77.74
CA LYS P 212 78.56 7.08 -76.42
C LYS P 212 77.10 6.63 -76.30
N LEU P 213 76.31 6.84 -77.34
CA LEU P 213 74.87 6.63 -77.25
C LEU P 213 74.43 5.21 -76.87
N ILE P 214 74.58 4.27 -77.79
CA ILE P 214 74.12 2.90 -77.53
C ILE P 214 74.62 2.36 -76.20
N PRO P 215 75.92 2.53 -75.91
CA PRO P 215 76.49 2.08 -74.64
C PRO P 215 75.81 2.73 -73.45
N GLU P 216 75.54 4.04 -73.56
CA GLU P 216 74.84 4.76 -72.52
C GLU P 216 73.48 4.12 -72.23
N LEU P 217 72.72 3.86 -73.29
CA LEU P 217 71.45 3.17 -73.17
C LEU P 217 71.60 1.82 -72.50
N LYS P 218 72.54 1.01 -72.98
CA LYS P 218 72.82 -0.27 -72.36
C LYS P 218 73.19 -0.08 -70.90
N ASN P 219 73.65 1.12 -70.56
CA ASN P 219 73.99 1.40 -69.18
C ASN P 219 72.76 1.60 -68.28
N LYS P 220 71.81 2.39 -68.75
CA LYS P 220 70.58 2.59 -67.99
C LYS P 220 69.76 1.31 -67.91
N LEU P 221 69.64 0.61 -69.04
CA LEU P 221 68.95 -0.65 -69.05
C LEU P 221 69.45 -1.51 -67.91
N LYS P 222 70.72 -1.33 -67.55
CA LYS P 222 71.30 -2.07 -66.44
C LYS P 222 70.97 -1.43 -65.09
N SER P 223 71.07 -0.10 -65.01
CA SER P 223 70.76 0.59 -63.75
C SER P 223 69.31 0.35 -63.36
N VAL P 224 68.46 0.21 -64.39
CA VAL P 224 67.07 -0.15 -64.21
C VAL P 224 66.96 -1.58 -63.73
N GLN P 225 67.40 -2.51 -64.57
CA GLN P 225 67.38 -3.93 -64.23
C GLN P 225 68.04 -4.16 -62.88
N ASN P 226 68.98 -3.28 -62.53
CA ASN P 226 69.64 -3.34 -61.24
C ASN P 226 68.68 -2.96 -60.12
N PHE P 227 68.00 -1.82 -60.31
CA PHE P 227 67.04 -1.31 -59.34
C PHE P 227 65.80 -2.19 -59.27
N PHE P 228 65.31 -2.63 -60.42
CA PHE P 228 64.20 -3.57 -60.45
C PHE P 228 64.46 -4.71 -59.49
N THR P 229 65.67 -5.23 -59.54
CA THR P 229 66.00 -6.34 -58.68
C THR P 229 65.98 -5.95 -57.22
N THR P 230 66.76 -4.94 -56.85
CA THR P 230 66.82 -4.51 -55.45
C THR P 230 65.42 -4.27 -54.88
N LEU P 231 64.56 -3.66 -55.70
CA LEU P 231 63.19 -3.39 -55.29
C LEU P 231 62.40 -4.67 -55.12
N SER P 232 62.50 -5.58 -56.09
CA SER P 232 61.78 -6.83 -56.02
C SER P 232 62.11 -7.55 -54.72
N ASN P 233 63.38 -7.47 -54.34
CA ASN P 233 63.84 -8.04 -53.07
C ASN P 233 63.36 -7.25 -51.85
N THR P 234 63.24 -5.94 -52.00
CA THR P 234 62.73 -5.10 -50.92
C THR P 234 61.29 -5.49 -50.68
N VAL P 235 60.65 -6.01 -51.72
CA VAL P 235 59.28 -6.51 -51.59
C VAL P 235 59.24 -7.87 -50.88
N LYS P 236 60.01 -8.83 -51.38
CA LYS P 236 60.11 -10.14 -50.77
C LYS P 236 60.34 -10.01 -49.27
N GLN P 237 61.13 -9.01 -48.87
CA GLN P 237 61.38 -8.79 -47.47
C GLN P 237 60.10 -8.43 -46.74
N ALA P 238 59.48 -7.32 -47.14
CA ALA P 238 58.22 -6.91 -46.54
C ALA P 238 57.23 -8.06 -46.41
N ASN P 239 57.03 -8.81 -47.51
CA ASN P 239 56.13 -9.96 -47.45
C ASN P 239 56.54 -10.96 -46.37
N LYS P 240 57.85 -11.15 -46.19
CA LYS P 240 58.36 -12.02 -45.14
C LYS P 240 58.17 -11.41 -43.74
N ASP P 241 58.41 -10.11 -43.63
CA ASP P 241 58.26 -9.39 -42.36
C ASP P 241 56.81 -9.39 -41.90
N ILE P 242 55.91 -9.07 -42.81
CA ILE P 242 54.49 -9.02 -42.49
C ILE P 242 54.05 -10.38 -42.03
N ASP P 243 54.44 -11.41 -42.77
CA ASP P 243 54.00 -12.77 -42.47
C ASP P 243 54.50 -13.23 -41.10
N ALA P 244 55.73 -12.85 -40.77
CA ALA P 244 56.31 -13.18 -39.47
C ALA P 244 55.54 -12.53 -38.32
N ALA P 245 55.09 -11.30 -38.53
CA ALA P 245 54.30 -10.60 -37.54
C ALA P 245 52.97 -11.30 -37.33
N LYS P 246 52.30 -11.60 -38.43
CA LYS P 246 51.01 -12.25 -38.37
C LYS P 246 51.12 -13.56 -37.61
N LEU P 247 52.26 -14.22 -37.79
CA LEU P 247 52.53 -15.46 -37.09
C LEU P 247 52.57 -15.17 -35.60
N LYS P 248 53.59 -14.43 -35.18
CA LYS P 248 53.73 -14.00 -33.79
C LYS P 248 52.38 -13.70 -33.16
N LEU P 249 51.57 -12.93 -33.87
CA LEU P 249 50.28 -12.51 -33.35
C LEU P 249 49.35 -13.68 -33.03
N THR P 250 49.09 -14.52 -34.01
CA THR P 250 48.14 -15.62 -33.79
C THR P 250 48.68 -16.61 -32.78
N THR P 251 49.96 -16.93 -32.90
CA THR P 251 50.57 -17.89 -32.00
C THR P 251 50.55 -17.38 -30.57
N GLU P 252 50.48 -16.06 -30.41
CA GLU P 252 50.27 -15.46 -29.11
C GLU P 252 48.81 -15.60 -28.72
N ILE P 253 47.93 -15.14 -29.60
CA ILE P 253 46.49 -15.32 -29.42
C ILE P 253 46.14 -16.69 -28.85
N ALA P 254 46.70 -17.74 -29.44
CA ALA P 254 46.37 -19.10 -29.05
C ALA P 254 47.03 -19.48 -27.74
N ALA P 255 48.20 -18.94 -27.50
CA ALA P 255 48.92 -19.16 -26.24
C ALA P 255 48.14 -18.53 -25.09
N ILE P 256 47.62 -17.33 -25.33
CA ILE P 256 46.74 -16.70 -24.37
C ILE P 256 45.51 -17.56 -24.23
N GLY P 257 45.10 -18.18 -25.33
CA GLY P 257 43.96 -19.08 -25.35
C GLY P 257 44.09 -20.17 -24.31
N GLU P 258 45.29 -20.76 -24.21
CA GLU P 258 45.54 -21.81 -23.24
C GLU P 258 45.13 -21.38 -21.84
N ILE P 259 45.58 -20.22 -21.41
CA ILE P 259 45.21 -19.71 -20.10
C ILE P 259 43.70 -19.52 -20.02
N LYS P 260 43.17 -18.72 -20.95
CA LYS P 260 41.74 -18.45 -20.99
C LYS P 260 40.93 -19.70 -20.62
N THR P 261 41.08 -20.76 -21.41
CA THR P 261 40.30 -21.97 -21.17
C THR P 261 40.45 -22.48 -19.74
N GLU P 262 41.69 -22.62 -19.26
CA GLU P 262 41.93 -23.06 -17.90
C GLU P 262 41.17 -22.18 -16.91
N THR P 263 41.37 -20.88 -17.04
CA THR P 263 40.70 -19.91 -16.18
C THR P 263 39.19 -20.09 -16.25
N GLU P 264 38.67 -20.04 -17.47
CA GLU P 264 37.24 -20.20 -17.70
C GLU P 264 36.72 -21.45 -16.99
N THR P 265 37.48 -22.53 -17.09
CA THR P 265 37.11 -23.79 -16.44
C THR P 265 37.04 -23.63 -14.92
N THR P 266 38.18 -23.32 -14.34
CA THR P 266 38.30 -23.02 -12.91
C THR P 266 37.12 -22.19 -12.40
N ARG P 267 36.73 -21.17 -13.16
CA ARG P 267 35.54 -20.39 -12.83
C ARG P 267 34.32 -21.29 -12.60
N PHE P 268 33.97 -22.07 -13.62
CA PHE P 268 32.81 -22.97 -13.50
C PHE P 268 32.92 -23.85 -12.26
N TYR P 269 34.11 -24.35 -11.97
CA TYR P 269 34.31 -25.18 -10.79
C TYR P 269 33.94 -24.45 -9.49
N VAL P 270 34.30 -23.17 -9.41
CA VAL P 270 33.85 -22.33 -8.30
C VAL P 270 32.31 -22.36 -8.13
N ASP P 271 31.60 -22.54 -9.25
CA ASP P 271 30.14 -22.61 -9.22
C ASP P 271 29.54 -23.84 -8.48
N TYR P 272 30.39 -24.79 -8.12
CA TYR P 272 29.91 -25.95 -7.39
C TYR P 272 29.64 -25.59 -5.92
N ASP P 273 30.34 -24.57 -5.43
CA ASP P 273 30.21 -24.08 -4.04
C ASP P 273 31.17 -24.74 -3.10
N ASP P 274 31.47 -26.00 -3.37
CA ASP P 274 32.42 -26.73 -2.56
C ASP P 274 33.81 -26.12 -2.72
N LEU P 275 34.12 -25.12 -1.89
CA LEU P 275 35.43 -24.49 -1.94
C LEU P 275 36.54 -25.51 -1.71
N MET P 276 36.15 -26.75 -1.41
CA MET P 276 37.08 -27.79 -0.99
C MET P 276 37.14 -28.91 -2.01
N LEU P 277 36.33 -28.79 -3.06
CA LEU P 277 36.27 -29.80 -4.13
C LEU P 277 37.63 -29.96 -4.79
N SER P 278 38.09 -31.20 -4.89
CA SER P 278 39.41 -31.46 -5.45
C SER P 278 39.58 -30.78 -6.80
N LEU P 279 38.57 -30.90 -7.65
CA LEU P 279 38.63 -30.27 -8.96
C LEU P 279 39.02 -28.80 -8.83
N LEU P 280 38.15 -28.01 -8.21
CA LEU P 280 38.43 -26.58 -8.10
C LEU P 280 39.82 -26.36 -7.51
N LYS P 281 40.21 -27.24 -6.61
CA LYS P 281 41.49 -27.06 -5.95
C LYS P 281 42.59 -27.35 -6.97
N GLU P 282 42.47 -28.47 -7.66
CA GLU P 282 43.42 -28.85 -8.69
C GLU P 282 43.46 -27.82 -9.82
N ALA P 283 42.28 -27.51 -10.36
CA ALA P 283 42.15 -26.47 -11.36
C ALA P 283 42.95 -25.23 -11.00
N ALA P 284 42.86 -24.83 -9.74
CA ALA P 284 43.53 -23.63 -9.25
C ALA P 284 45.03 -23.82 -9.25
N LYS P 285 45.46 -25.04 -8.96
CA LYS P 285 46.88 -25.36 -8.96
C LYS P 285 47.41 -25.38 -10.40
N LYS P 286 46.63 -25.96 -11.30
CA LYS P 286 46.99 -26.02 -12.70
C LYS P 286 47.16 -24.62 -13.24
N MET P 287 46.18 -23.77 -12.96
CA MET P 287 46.24 -22.37 -13.38
C MET P 287 47.60 -21.74 -13.07
N ILE P 288 48.14 -22.05 -11.90
CA ILE P 288 49.43 -21.50 -11.49
C ILE P 288 50.58 -22.09 -12.30
N ASN P 289 50.46 -23.37 -12.67
CA ASN P 289 51.42 -23.97 -13.58
C ASN P 289 51.28 -23.42 -14.97
N THR P 290 50.11 -23.64 -15.58
CA THR P 290 49.83 -23.08 -16.90
C THR P 290 50.41 -21.65 -17.02
N CYS P 291 50.22 -20.83 -16.00
CA CYS P 291 50.77 -19.47 -16.01
C CYS P 291 52.29 -19.51 -16.03
N ASN P 292 52.86 -20.24 -15.09
CA ASN P 292 54.30 -20.31 -14.97
C ASN P 292 54.99 -20.71 -16.30
N GLU P 293 54.44 -21.69 -17.00
CA GLU P 293 54.98 -22.15 -18.27
C GLU P 293 54.88 -21.06 -19.34
N TYR P 294 53.80 -20.29 -19.28
CA TYR P 294 53.59 -19.16 -20.16
C TYR P 294 54.70 -18.10 -20.01
N GLN P 295 55.26 -17.99 -18.80
CA GLN P 295 56.32 -17.01 -18.53
C GLN P 295 57.69 -17.46 -19.02
N LYS P 296 57.98 -18.75 -18.92
CA LYS P 296 59.29 -19.28 -19.26
C LYS P 296 59.49 -19.35 -20.77
N ARG P 297 58.51 -19.89 -21.47
CA ARG P 297 58.60 -19.98 -22.92
C ARG P 297 58.39 -18.61 -23.57
N HIS P 298 57.41 -17.88 -23.05
CA HIS P 298 57.00 -16.60 -23.61
C HIS P 298 57.42 -15.44 -22.69
N LYS Q 14 69.15 59.72 -101.39
CA LYS Q 14 69.70 58.38 -101.54
C LYS Q 14 71.19 58.34 -101.19
N THR Q 15 71.55 59.11 -100.16
CA THR Q 15 72.93 59.14 -99.67
C THR Q 15 73.00 58.50 -98.30
N VAL Q 16 71.98 58.75 -97.49
CA VAL Q 16 71.92 58.23 -96.13
C VAL Q 16 71.51 56.76 -96.13
N GLU Q 17 70.85 56.34 -97.19
CA GLU Q 17 70.32 54.98 -97.28
C GLU Q 17 71.40 53.90 -97.06
N VAL Q 18 72.67 54.29 -97.24
CA VAL Q 18 73.77 53.37 -96.98
C VAL Q 18 73.85 53.06 -95.48
N VAL Q 19 73.79 54.11 -94.67
CA VAL Q 19 73.78 53.96 -93.22
C VAL Q 19 72.61 53.09 -92.78
N LYS Q 20 71.41 53.42 -93.25
CA LYS Q 20 70.23 52.62 -92.97
C LYS Q 20 70.46 51.15 -93.31
N ASN Q 21 70.81 50.87 -94.56
CA ASN Q 21 71.05 49.50 -94.98
C ASN Q 21 72.09 48.81 -94.10
N ALA Q 22 73.12 49.56 -93.72
CA ALA Q 22 74.21 49.02 -92.89
C ALA Q 22 73.74 48.79 -91.48
N ILE Q 23 72.89 49.70 -90.99
CA ILE Q 23 72.31 49.55 -89.66
C ILE Q 23 71.60 48.19 -89.58
N GLU Q 24 70.80 47.88 -90.60
CA GLU Q 24 70.05 46.64 -90.62
C GLU Q 24 70.99 45.44 -90.80
N THR Q 25 72.05 45.63 -91.58
CA THR Q 25 73.08 44.61 -91.74
C THR Q 25 73.65 44.26 -90.37
N ALA Q 26 74.01 45.29 -89.61
CA ALA Q 26 74.60 45.12 -88.29
C ALA Q 26 73.64 44.43 -87.34
N ASP Q 27 72.35 44.69 -87.50
CA ASP Q 27 71.34 44.05 -86.65
C ASP Q 27 71.42 42.54 -86.80
N GLY Q 28 71.09 42.05 -87.99
CA GLY Q 28 71.19 40.64 -88.32
C GLY Q 28 72.56 40.06 -88.01
N ALA Q 29 73.57 40.93 -87.92
CA ALA Q 29 74.90 40.48 -87.51
C ALA Q 29 74.83 39.95 -86.08
N LEU Q 30 74.47 40.81 -85.13
CA LEU Q 30 74.27 40.40 -83.75
C LEU Q 30 73.52 39.08 -83.70
N ASP Q 31 72.34 39.07 -84.31
CA ASP Q 31 71.48 37.90 -84.32
C ASP Q 31 72.24 36.61 -84.61
N LEU Q 32 72.84 36.51 -85.80
CA LEU Q 32 73.65 35.36 -86.14
C LEU Q 32 74.74 35.15 -85.09
N TYR Q 33 75.33 36.25 -84.63
CA TYR Q 33 76.38 36.21 -83.64
C TYR Q 33 75.97 35.38 -82.43
N ASN Q 34 74.93 35.84 -81.75
CA ASN Q 34 74.37 35.14 -80.61
C ASN Q 34 73.92 33.74 -80.99
N LYS Q 35 73.08 33.66 -82.03
CA LYS Q 35 72.60 32.38 -82.52
C LYS Q 35 73.71 31.31 -82.51
N TYR Q 36 74.89 31.68 -83.01
CA TYR Q 36 76.03 30.78 -83.02
C TYR Q 36 76.68 30.68 -81.64
N LEU Q 37 76.90 31.84 -81.02
CA LEU Q 37 77.51 31.91 -79.70
C LEU Q 37 76.79 31.00 -78.72
N ASP Q 38 75.48 30.90 -78.86
CA ASP Q 38 74.68 30.01 -78.02
C ASP Q 38 74.94 28.55 -78.37
N GLN Q 39 74.88 28.22 -79.66
CA GLN Q 39 75.20 26.88 -80.11
C GLN Q 39 76.58 26.48 -79.58
N VAL Q 40 77.43 27.48 -79.41
CA VAL Q 40 78.81 27.29 -78.97
C VAL Q 40 78.94 27.18 -77.46
N ILE Q 41 78.15 27.99 -76.75
CA ILE Q 41 78.19 28.01 -75.29
C ILE Q 41 76.80 27.72 -74.74
N PRO Q 42 76.55 26.46 -74.39
CA PRO Q 42 75.23 25.95 -74.00
C PRO Q 42 74.78 26.47 -72.65
N TRP Q 43 74.70 27.79 -72.49
CA TRP Q 43 74.25 28.36 -71.24
C TRP Q 43 72.83 27.89 -70.93
N GLN Q 44 72.03 27.76 -71.98
CA GLN Q 44 70.68 27.23 -71.85
C GLN Q 44 70.74 25.91 -71.12
N THR Q 45 71.45 24.95 -71.70
CA THR Q 45 71.60 23.62 -71.15
C THR Q 45 72.25 23.64 -69.76
N PHE Q 46 73.25 24.49 -69.59
CA PHE Q 46 73.92 24.63 -68.29
C PHE Q 46 72.95 25.14 -67.22
N ASP Q 47 72.33 26.29 -67.50
CA ASP Q 47 71.36 26.86 -66.59
C ASP Q 47 70.25 25.85 -66.29
N GLU Q 48 69.59 25.35 -67.34
CA GLU Q 48 68.56 24.34 -67.17
C GLU Q 48 69.02 23.23 -66.25
N THR Q 49 70.20 22.70 -66.53
CA THR Q 49 70.76 21.61 -65.76
C THR Q 49 70.92 22.01 -64.29
N ILE Q 50 71.26 23.28 -64.06
CA ILE Q 50 71.40 23.79 -62.70
C ILE Q 50 70.06 23.80 -61.96
N LYS Q 51 69.05 24.36 -62.61
CA LYS Q 51 67.72 24.45 -62.02
C LYS Q 51 67.20 23.10 -61.56
N GLU Q 52 67.02 22.18 -62.51
CA GLU Q 52 66.42 20.89 -62.18
C GLU Q 52 67.09 20.20 -60.98
N LEU Q 53 68.40 20.33 -60.84
CA LEU Q 53 69.05 19.72 -59.68
C LEU Q 53 69.05 20.65 -58.47
N SER Q 54 68.63 21.88 -58.68
CA SER Q 54 68.37 22.81 -57.57
C SER Q 54 67.00 22.46 -57.00
N ARG Q 55 66.05 22.23 -57.90
CA ARG Q 55 64.72 21.75 -57.52
C ARG Q 55 64.86 20.53 -56.61
N PHE Q 56 65.69 19.58 -57.00
CA PHE Q 56 65.94 18.39 -56.16
C PHE Q 56 66.22 18.80 -54.71
N LYS Q 57 67.30 19.54 -54.53
CA LYS Q 57 67.69 20.05 -53.22
C LYS Q 57 66.51 20.73 -52.54
N GLN Q 58 65.68 21.39 -53.33
CA GLN Q 58 64.55 22.16 -52.81
C GLN Q 58 63.45 21.24 -52.29
N GLU Q 59 62.77 20.58 -53.22
CA GLU Q 59 61.64 19.70 -52.90
C GLU Q 59 61.87 18.86 -51.64
N TYR Q 60 63.03 18.23 -51.55
CA TYR Q 60 63.35 17.38 -50.39
C TYR Q 60 63.56 18.20 -49.12
N SER Q 61 64.25 19.32 -49.24
CA SER Q 61 64.33 20.23 -48.11
C SER Q 61 62.93 20.44 -47.56
N GLN Q 62 62.03 20.89 -48.44
CA GLN Q 62 60.63 21.07 -48.09
C GLN Q 62 60.11 19.90 -47.26
N ALA Q 63 60.07 18.72 -47.86
CA ALA Q 63 59.54 17.53 -47.20
C ALA Q 63 60.17 17.32 -45.83
N ALA Q 64 61.46 17.01 -45.82
CA ALA Q 64 62.18 16.75 -44.58
C ALA Q 64 61.89 17.81 -43.52
N SER Q 65 61.97 19.07 -43.92
CA SER Q 65 61.68 20.16 -43.01
C SER Q 65 60.36 19.95 -42.29
N VAL Q 66 59.27 19.98 -43.02
CA VAL Q 66 57.94 19.82 -42.44
C VAL Q 66 57.79 18.52 -41.64
N LEU Q 67 58.36 17.43 -42.13
CA LEU Q 67 58.28 16.16 -41.39
C LEU Q 67 59.06 16.25 -40.09
N VAL Q 68 60.35 16.55 -40.22
CA VAL Q 68 61.21 16.72 -39.05
C VAL Q 68 60.56 17.63 -38.01
N GLY Q 69 59.75 18.58 -38.48
CA GLY Q 69 59.07 19.52 -37.60
C GLY Q 69 57.93 18.84 -36.88
N ASP Q 70 57.10 18.14 -37.64
CA ASP Q 70 56.01 17.37 -37.06
C ASP Q 70 56.55 16.42 -36.01
N ILE Q 71 57.62 15.70 -36.36
CA ILE Q 71 58.28 14.80 -35.42
C ILE Q 71 58.57 15.48 -34.08
N LYS Q 72 59.07 16.72 -34.14
CA LYS Q 72 59.37 17.44 -32.91
C LYS Q 72 58.09 17.67 -32.13
N THR Q 73 57.11 18.28 -32.79
CA THR Q 73 55.80 18.42 -32.17
C THR Q 73 55.44 17.10 -31.47
N LEU Q 74 55.48 16.00 -32.22
CA LEU Q 74 55.13 14.70 -31.67
C LEU Q 74 55.96 14.35 -30.45
N LEU Q 75 57.27 14.55 -30.55
CA LEU Q 75 58.16 14.29 -29.42
C LEU Q 75 57.72 15.10 -28.22
N MET Q 76 57.61 16.42 -28.42
CA MET Q 76 57.16 17.32 -27.37
C MET Q 76 55.79 16.92 -26.79
N ASP Q 77 54.88 16.53 -27.67
CA ASP Q 77 53.58 16.04 -27.24
C ASP Q 77 53.73 14.92 -26.22
N SER Q 78 54.52 13.91 -26.58
CA SER Q 78 54.77 12.77 -25.71
C SER Q 78 55.28 13.25 -24.35
N GLN Q 79 56.36 14.01 -24.38
CA GLN Q 79 56.97 14.50 -23.15
C GLN Q 79 55.91 14.96 -22.15
N ASP Q 80 55.07 15.89 -22.58
CA ASP Q 80 54.00 16.38 -21.71
C ASP Q 80 53.12 15.24 -21.22
N LYS Q 81 52.74 14.35 -22.11
CA LYS Q 81 51.88 13.23 -21.72
C LYS Q 81 52.58 12.29 -20.76
N TYR Q 82 53.89 12.16 -20.89
CA TYR Q 82 54.67 11.38 -19.95
C TYR Q 82 54.59 12.02 -18.58
N PHE Q 83 54.94 13.30 -18.54
CA PHE Q 83 54.91 14.11 -17.32
C PHE Q 83 53.59 13.93 -16.58
N GLU Q 84 52.51 14.26 -17.25
CA GLU Q 84 51.18 14.01 -16.71
C GLU Q 84 51.10 12.65 -16.08
N ALA Q 85 51.22 11.61 -16.91
CA ALA Q 85 51.11 10.23 -16.44
C ALA Q 85 51.90 10.00 -15.15
N THR Q 86 53.20 10.23 -15.22
CA THR Q 86 54.06 9.98 -14.07
C THR Q 86 53.58 10.80 -12.89
N GLN Q 87 53.35 12.09 -13.13
CA GLN Q 87 52.98 13.02 -12.07
C GLN Q 87 51.71 12.53 -11.38
N THR Q 88 50.70 12.24 -12.20
CA THR Q 88 49.45 11.69 -11.70
C THR Q 88 49.74 10.55 -10.74
N VAL Q 89 50.59 9.63 -11.17
CA VAL Q 89 50.98 8.49 -10.34
C VAL Q 89 51.65 8.93 -9.04
N TYR Q 90 52.75 9.67 -9.17
CA TYR Q 90 53.46 10.20 -8.01
C TYR Q 90 52.55 10.85 -6.97
N GLU Q 91 51.43 11.41 -7.43
CA GLU Q 91 50.48 12.05 -6.54
C GLU Q 91 49.74 11.00 -5.72
N TRP Q 92 49.14 10.04 -6.42
CA TRP Q 92 48.39 8.99 -5.72
C TRP Q 92 49.32 8.10 -4.93
N CYS Q 93 50.38 7.63 -5.58
CA CYS Q 93 51.37 6.76 -4.96
C CYS Q 93 51.82 7.38 -3.63
N GLY Q 94 51.48 8.65 -3.45
CA GLY Q 94 51.97 9.42 -2.32
C GLY Q 94 50.99 9.54 -1.18
N VAL Q 95 49.75 9.90 -1.51
CA VAL Q 95 48.71 9.85 -0.50
C VAL Q 95 48.60 8.41 -0.02
N ALA Q 96 48.63 7.48 -0.97
CA ALA Q 96 48.49 6.06 -0.69
C ALA Q 96 49.44 5.60 0.41
N THR Q 97 50.71 5.90 0.25
CA THR Q 97 51.68 5.41 1.21
C THR Q 97 51.32 5.80 2.63
N GLN Q 98 50.96 7.07 2.81
CA GLN Q 98 50.50 7.58 4.09
C GLN Q 98 49.36 6.72 4.68
N LEU Q 99 48.40 6.36 3.83
CA LEU Q 99 47.23 5.60 4.28
C LEU Q 99 47.56 4.16 4.62
N LEU Q 100 48.28 3.49 3.72
CA LEU Q 100 48.75 2.13 4.03
C LEU Q 100 49.53 2.15 5.33
N ALA Q 101 50.37 3.17 5.49
CA ALA Q 101 51.20 3.29 6.68
C ALA Q 101 50.34 3.41 7.91
N ALA Q 102 49.31 4.24 7.80
CA ALA Q 102 48.37 4.44 8.88
C ALA Q 102 47.65 3.15 9.20
N TYR Q 103 47.16 2.48 8.16
CA TYR Q 103 46.45 1.23 8.36
C TYR Q 103 47.33 0.24 9.12
N ILE Q 104 48.58 0.13 8.71
CA ILE Q 104 49.54 -0.77 9.35
C ILE Q 104 49.75 -0.40 10.81
N LEU Q 105 49.66 0.89 11.09
CA LEU Q 105 49.85 1.40 12.44
C LEU Q 105 48.61 1.23 13.33
N LEU Q 106 47.47 1.73 12.88
CA LEU Q 106 46.27 1.77 13.70
C LEU Q 106 45.76 0.37 13.99
N PHE Q 107 46.22 -0.60 13.20
CA PHE Q 107 45.80 -1.97 13.43
C PHE Q 107 46.93 -2.91 13.80
N ASP Q 108 47.84 -2.41 14.62
CA ASP Q 108 48.83 -3.28 15.22
C ASP Q 108 48.00 -4.29 15.99
N GLU Q 109 47.22 -3.78 16.94
CA GLU Q 109 46.21 -4.56 17.61
C GLU Q 109 44.89 -4.07 17.05
N TYR Q 110 44.00 -5.00 16.72
CA TYR Q 110 42.75 -4.68 16.04
C TYR Q 110 41.98 -3.52 16.70
N ASN Q 111 41.66 -2.50 15.90
CA ASN Q 111 40.90 -1.37 16.40
C ASN Q 111 39.43 -1.50 16.02
N GLU Q 112 38.61 -1.94 16.95
CA GLU Q 112 37.26 -2.39 16.61
C GLU Q 112 36.38 -1.30 16.05
N LYS Q 113 36.63 -0.07 16.46
CA LYS Q 113 35.77 1.04 16.06
C LYS Q 113 36.12 1.54 14.67
N LYS Q 114 37.39 1.81 14.46
CA LYS Q 114 37.84 2.30 13.19
C LYS Q 114 37.85 1.18 12.12
N ALA Q 115 37.59 -0.05 12.54
CA ALA Q 115 37.67 -1.19 11.64
C ALA Q 115 36.87 -1.00 10.35
N SER Q 116 35.62 -0.58 10.49
CA SER Q 116 34.74 -0.44 9.32
C SER Q 116 35.24 0.63 8.39
N ALA Q 117 35.70 1.76 8.95
CA ALA Q 117 36.24 2.83 8.11
C ALA Q 117 37.49 2.36 7.40
N GLN Q 118 38.46 1.89 8.18
CA GLN Q 118 39.73 1.47 7.63
C GLN Q 118 39.50 0.65 6.38
N LYS Q 119 38.52 -0.25 6.46
CA LYS Q 119 38.17 -1.12 5.35
C LYS Q 119 37.70 -0.29 4.15
N ASP Q 120 36.68 0.55 4.38
CA ASP Q 120 36.16 1.45 3.35
C ASP Q 120 37.28 2.30 2.77
N ILE Q 121 38.09 2.87 3.64
CA ILE Q 121 39.26 3.62 3.20
C ILE Q 121 40.18 2.78 2.30
N LEU Q 122 40.74 1.70 2.84
CA LEU Q 122 41.59 0.83 2.03
C LEU Q 122 41.01 0.62 0.66
N ILE Q 123 39.69 0.47 0.58
CA ILE Q 123 39.05 0.24 -0.70
C ILE Q 123 39.14 1.46 -1.59
N LYS Q 124 38.62 2.59 -1.14
CA LYS Q 124 38.64 3.82 -1.95
C LYS Q 124 40.05 4.11 -2.48
N VAL Q 125 41.00 4.37 -1.59
CA VAL Q 125 42.37 4.66 -2.00
C VAL Q 125 42.94 3.61 -2.97
N LEU Q 126 42.74 2.34 -2.69
CA LEU Q 126 43.22 1.31 -3.60
C LEU Q 126 42.45 1.39 -4.93
N ASP Q 127 41.14 1.23 -4.85
CA ASP Q 127 40.28 1.32 -6.02
C ASP Q 127 40.67 2.51 -6.87
N ASP Q 128 40.88 3.64 -6.21
CA ASP Q 128 41.21 4.90 -6.87
C ASP Q 128 42.53 4.81 -7.68
N GLY Q 129 43.64 4.57 -6.98
CA GLY Q 129 44.93 4.42 -7.63
C GLY Q 129 44.88 3.40 -8.75
N ILE Q 130 44.16 2.31 -8.53
CA ILE Q 130 44.00 1.28 -9.54
C ILE Q 130 43.49 1.88 -10.83
N THR Q 131 42.47 2.73 -10.72
CA THR Q 131 41.94 3.40 -11.90
C THR Q 131 42.97 4.37 -12.44
N LYS Q 132 43.42 5.27 -11.58
CA LYS Q 132 44.36 6.30 -11.98
C LYS Q 132 45.57 5.67 -12.66
N LEU Q 133 46.08 4.59 -12.07
CA LEU Q 133 47.24 3.89 -12.60
C LEU Q 133 46.95 3.37 -13.99
N ASN Q 134 45.80 2.75 -14.15
CA ASN Q 134 45.41 2.23 -15.45
C ASN Q 134 45.45 3.31 -16.51
N GLU Q 135 44.73 4.40 -16.28
CA GLU Q 135 44.62 5.49 -17.24
C GLU Q 135 46.00 6.03 -17.61
N ALA Q 136 46.90 6.08 -16.64
CA ALA Q 136 48.26 6.53 -16.90
C ALA Q 136 48.88 5.70 -18.02
N GLN Q 137 48.78 4.38 -17.86
CA GLN Q 137 49.29 3.46 -18.87
C GLN Q 137 48.68 3.71 -20.25
N LYS Q 138 47.35 3.77 -20.32
CA LYS Q 138 46.69 3.97 -21.60
C LYS Q 138 47.18 5.27 -22.23
N SER Q 139 47.24 6.32 -21.42
CA SER Q 139 47.74 7.61 -21.91
C SER Q 139 49.10 7.42 -22.55
N LEU Q 140 49.99 6.71 -21.86
CA LEU Q 140 51.35 6.48 -22.33
C LEU Q 140 51.38 5.63 -23.59
N LEU Q 141 50.64 4.54 -23.56
CA LEU Q 141 50.54 3.65 -24.68
C LEU Q 141 50.13 4.41 -25.94
N VAL Q 142 49.10 5.24 -25.80
CA VAL Q 142 48.62 6.06 -26.91
C VAL Q 142 49.70 7.01 -27.43
N SER Q 143 50.47 7.60 -26.52
CA SER Q 143 51.55 8.48 -26.91
C SER Q 143 52.54 7.68 -27.75
N SER Q 144 52.82 6.45 -27.34
CA SER Q 144 53.77 5.62 -28.10
C SER Q 144 53.25 5.40 -29.52
N GLN Q 145 51.96 5.08 -29.61
CA GLN Q 145 51.33 4.81 -30.89
C GLN Q 145 51.42 6.01 -31.83
N SER Q 146 51.53 7.21 -31.25
CA SER Q 146 51.51 8.44 -32.03
C SER Q 146 52.62 8.52 -33.09
N PHE Q 147 53.84 8.22 -32.67
CA PHE Q 147 55.01 8.30 -33.54
C PHE Q 147 54.95 7.34 -34.73
N ASN Q 148 54.14 6.30 -34.63
CA ASN Q 148 54.15 5.26 -35.65
C ASN Q 148 53.99 5.76 -37.07
N ASN Q 149 52.96 6.56 -37.32
CA ASN Q 149 52.71 7.06 -38.67
C ASN Q 149 53.91 7.85 -39.17
N ALA Q 150 54.30 8.85 -38.40
CA ALA Q 150 55.48 9.63 -38.72
C ALA Q 150 56.69 8.73 -39.02
N SER Q 151 56.91 7.73 -38.17
CA SER Q 151 58.07 6.86 -38.32
C SER Q 151 58.12 6.24 -39.72
N GLY Q 152 56.94 5.93 -40.25
CA GLY Q 152 56.83 5.40 -41.60
C GLY Q 152 57.17 6.45 -42.63
N LYS Q 153 56.45 7.57 -42.59
CA LYS Q 153 56.74 8.69 -43.49
C LYS Q 153 58.23 9.00 -43.57
N LEU Q 154 58.91 8.94 -42.43
CA LEU Q 154 60.36 9.11 -42.38
C LEU Q 154 61.08 8.16 -43.32
N LEU Q 155 60.82 6.87 -43.17
CA LEU Q 155 61.45 5.88 -44.03
C LEU Q 155 61.10 6.10 -45.50
N ALA Q 156 59.83 6.34 -45.82
CA ALA Q 156 59.47 6.64 -47.20
C ALA Q 156 60.40 7.69 -47.77
N LEU Q 157 60.46 8.84 -47.11
CA LEU Q 157 61.32 9.93 -47.50
C LEU Q 157 62.73 9.42 -47.80
N ASP Q 158 63.36 8.84 -46.78
CA ASP Q 158 64.71 8.30 -46.93
C ASP Q 158 64.78 7.31 -48.09
N SER Q 159 63.98 6.25 -48.02
CA SER Q 159 63.91 5.27 -49.10
C SER Q 159 64.04 5.96 -50.48
N GLN Q 160 63.21 6.99 -50.69
CA GLN Q 160 63.14 7.66 -51.99
C GLN Q 160 64.32 8.60 -52.23
N LEU Q 161 64.53 9.54 -51.32
CA LEU Q 161 65.66 10.44 -51.40
C LEU Q 161 66.96 9.71 -51.71
N THR Q 162 67.06 8.46 -51.29
CA THR Q 162 68.23 7.66 -51.61
C THR Q 162 68.17 7.24 -53.08
N ASN Q 163 67.07 6.61 -53.47
CA ASN Q 163 66.89 6.21 -54.85
C ASN Q 163 66.92 7.39 -55.81
N ASP Q 164 66.27 8.48 -55.40
CA ASP Q 164 66.12 9.65 -56.25
C ASP Q 164 67.46 10.38 -56.47
N PHE Q 165 68.35 10.26 -55.49
CA PHE Q 165 69.64 10.95 -55.54
C PHE Q 165 70.53 10.32 -56.58
N SER Q 166 70.54 9.00 -56.64
CA SER Q 166 71.30 8.29 -57.67
C SER Q 166 70.74 8.59 -59.04
N GLU Q 167 69.47 8.96 -59.10
CA GLU Q 167 68.81 9.27 -60.36
C GLU Q 167 69.22 10.64 -60.89
N LYS Q 168 69.54 11.56 -59.98
CA LYS Q 168 70.06 12.85 -60.40
C LYS Q 168 71.53 12.75 -60.76
N SER Q 169 72.28 11.96 -60.00
CA SER Q 169 73.68 11.73 -60.30
C SER Q 169 73.85 11.12 -61.69
N SER Q 170 72.85 10.36 -62.11
CA SER Q 170 72.82 9.83 -63.46
C SER Q 170 72.47 10.93 -64.45
N TYR Q 171 71.49 11.75 -64.09
CA TYR Q 171 71.04 12.86 -64.92
C TYR Q 171 72.14 13.90 -65.11
N PHE Q 172 73.00 14.04 -64.10
CA PHE Q 172 74.10 14.97 -64.17
C PHE Q 172 75.01 14.63 -65.36
N GLN Q 173 75.71 13.51 -65.28
CA GLN Q 173 76.64 13.13 -66.33
C GLN Q 173 75.94 13.03 -67.69
N SER Q 174 74.72 12.50 -67.69
CA SER Q 174 73.95 12.40 -68.92
C SER Q 174 73.66 13.79 -69.46
N GLN Q 175 73.73 14.77 -68.57
CA GLN Q 175 73.45 16.14 -68.96
C GLN Q 175 74.72 16.93 -69.36
N VAL Q 176 75.79 16.84 -68.56
CA VAL Q 176 77.06 17.47 -68.93
C VAL Q 176 77.53 16.99 -70.31
N ASP Q 177 77.21 15.73 -70.60
CA ASP Q 177 77.45 15.19 -71.93
C ASP Q 177 76.71 16.04 -72.94
N LYS Q 178 75.41 16.21 -72.74
CA LYS Q 178 74.62 17.05 -73.64
C LYS Q 178 75.34 18.37 -73.90
N ILE Q 179 76.04 18.86 -72.87
CA ILE Q 179 76.73 20.14 -72.97
C ILE Q 179 77.93 20.11 -73.90
N ARG Q 180 78.74 19.05 -73.80
CA ARG Q 180 79.87 18.88 -74.72
C ARG Q 180 79.34 18.73 -76.13
N LYS Q 181 78.44 17.75 -76.29
CA LYS Q 181 77.86 17.43 -77.61
C LYS Q 181 77.29 18.66 -78.30
N GLU Q 182 76.71 19.57 -77.51
CA GLU Q 182 76.16 20.80 -78.07
C GLU Q 182 77.26 21.80 -78.45
N ALA Q 183 78.29 21.88 -77.62
CA ALA Q 183 79.31 22.90 -77.77
C ALA Q 183 80.31 22.52 -78.84
N TYR Q 184 80.68 21.25 -78.90
CA TYR Q 184 81.68 20.83 -79.88
C TYR Q 184 81.08 20.65 -81.27
N ALA Q 185 79.82 20.23 -81.33
CA ALA Q 185 79.11 20.25 -82.61
C ALA Q 185 79.08 21.70 -83.11
N GLY Q 186 79.21 22.63 -82.18
CA GLY Q 186 79.25 24.06 -82.51
C GLY Q 186 80.61 24.56 -82.97
N ALA Q 187 81.66 24.29 -82.19
CA ALA Q 187 83.01 24.64 -82.60
C ALA Q 187 83.32 23.96 -83.91
N ALA Q 188 83.19 22.64 -83.90
CA ALA Q 188 83.36 21.85 -85.11
C ALA Q 188 82.77 22.54 -86.35
N ALA Q 189 81.69 23.30 -86.15
CA ALA Q 189 81.00 23.98 -87.23
C ALA Q 189 81.83 25.08 -87.90
N GLY Q 190 83.02 25.34 -87.35
CA GLY Q 190 83.90 26.36 -87.86
C GLY Q 190 84.66 25.92 -89.10
N VAL Q 191 84.56 24.64 -89.45
CA VAL Q 191 85.18 24.10 -90.66
C VAL Q 191 84.87 24.96 -91.89
N VAL Q 192 83.72 25.64 -91.89
CA VAL Q 192 83.32 26.49 -93.00
C VAL Q 192 84.27 27.68 -93.19
N ALA Q 193 84.40 28.51 -92.16
CA ALA Q 193 85.41 29.56 -92.18
C ALA Q 193 86.76 28.97 -91.76
N GLY Q 194 87.84 29.72 -91.97
CA GLY Q 194 89.19 29.20 -91.86
C GLY Q 194 89.52 28.43 -90.58
N PRO Q 195 90.55 27.57 -90.63
CA PRO Q 195 90.96 26.81 -89.44
C PRO Q 195 91.37 27.74 -88.30
N PHE Q 196 91.93 28.91 -88.61
CA PHE Q 196 92.21 29.91 -87.59
C PHE Q 196 90.90 30.29 -86.91
N GLY Q 197 89.80 30.10 -87.64
CA GLY Q 197 88.47 30.31 -87.09
C GLY Q 197 88.18 29.28 -86.01
N LEU Q 198 88.69 28.06 -86.19
CA LEU Q 198 88.54 27.03 -85.18
C LEU Q 198 89.20 27.43 -83.88
N ILE Q 199 90.46 27.87 -83.97
CA ILE Q 199 91.15 28.35 -82.78
C ILE Q 199 90.24 29.31 -82.00
N ILE Q 200 89.74 30.33 -82.69
CA ILE Q 200 88.81 31.29 -82.07
C ILE Q 200 87.56 30.59 -81.52
N SER Q 201 86.91 29.80 -82.37
CA SER Q 201 85.66 29.12 -82.03
C SER Q 201 85.81 28.16 -80.86
N TYR Q 202 86.76 27.25 -81.01
CA TYR Q 202 87.04 26.20 -80.04
C TYR Q 202 87.55 26.78 -78.70
N SER Q 203 88.36 27.85 -78.76
CA SER Q 203 88.74 28.55 -77.54
C SER Q 203 87.52 29.12 -76.86
N ILE Q 204 86.68 29.79 -77.64
CA ILE Q 204 85.42 30.32 -77.13
C ILE Q 204 84.62 29.22 -76.44
N ALA Q 205 84.64 28.02 -77.01
CA ALA Q 205 83.80 26.92 -76.52
C ALA Q 205 84.46 26.09 -75.42
N ALA Q 206 85.27 25.12 -75.82
CA ALA Q 206 85.97 24.25 -74.88
C ALA Q 206 86.52 25.04 -73.70
N GLY Q 207 86.99 26.25 -73.99
CA GLY Q 207 87.49 27.15 -72.97
C GLY Q 207 86.44 27.46 -71.91
N VAL Q 208 85.35 28.09 -72.33
CA VAL Q 208 84.28 28.48 -71.42
C VAL Q 208 83.60 27.27 -70.82
N VAL Q 209 83.40 26.22 -71.62
CA VAL Q 209 82.76 25.01 -71.12
C VAL Q 209 83.62 24.33 -70.04
N GLU Q 210 84.82 23.91 -70.45
CA GLU Q 210 85.73 23.21 -69.55
C GLU Q 210 86.31 24.15 -68.50
N GLY Q 211 86.09 25.45 -68.72
CA GLY Q 211 86.58 26.50 -67.84
C GLY Q 211 85.73 26.75 -66.62
N LYS Q 212 84.47 27.18 -66.83
CA LYS Q 212 83.55 27.41 -65.71
C LYS Q 212 82.40 26.40 -65.69
N LEU Q 213 81.84 26.10 -66.86
CA LEU Q 213 80.61 25.27 -66.92
C LEU Q 213 80.70 23.89 -66.28
N ILE Q 214 81.41 22.97 -66.90
CA ILE Q 214 81.51 21.62 -66.37
C ILE Q 214 81.90 21.61 -64.89
N PRO Q 215 82.91 22.39 -64.50
CA PRO Q 215 83.33 22.46 -63.10
C PRO Q 215 82.21 22.95 -62.20
N GLU Q 216 81.47 23.95 -62.67
CA GLU Q 216 80.32 24.46 -61.94
C GLU Q 216 79.32 23.34 -61.65
N LEU Q 217 78.98 22.59 -62.69
CA LEU Q 217 78.10 21.45 -62.55
C LEU Q 217 78.65 20.45 -61.54
N LYS Q 218 79.91 20.06 -61.70
CA LYS Q 218 80.56 19.16 -60.75
C LYS Q 218 80.47 19.74 -59.35
N ASN Q 219 80.33 21.06 -59.27
CA ASN Q 219 80.22 21.71 -57.97
C ASN Q 219 78.86 21.48 -57.30
N LYS Q 220 77.78 21.68 -58.06
CA LYS Q 220 76.45 21.43 -57.52
C LYS Q 220 76.24 19.97 -57.24
N LEU Q 221 76.66 19.11 -58.15
CA LEU Q 221 76.56 17.68 -57.92
C LEU Q 221 77.12 17.35 -56.55
N LYS Q 222 78.09 18.14 -56.10
CA LYS Q 222 78.67 17.94 -54.78
C LYS Q 222 77.83 18.60 -53.69
N SER Q 223 77.35 19.82 -53.94
CA SER Q 223 76.54 20.50 -52.93
C SER Q 223 75.26 19.71 -52.67
N VAL Q 224 74.78 19.04 -53.72
CA VAL Q 224 73.65 18.13 -53.61
C VAL Q 224 74.04 16.90 -52.80
N GLN Q 225 74.98 16.13 -53.33
CA GLN Q 225 75.47 14.94 -52.65
C GLN Q 225 75.87 15.27 -51.22
N ASN Q 226 76.26 16.52 -51.00
CA ASN Q 226 76.61 16.99 -49.67
C ASN Q 226 75.35 17.11 -48.80
N PHE Q 227 74.32 17.74 -49.35
CA PHE Q 227 73.06 17.94 -48.66
C PHE Q 227 72.30 16.63 -48.49
N PHE Q 228 72.28 15.83 -49.55
CA PHE Q 228 71.70 14.50 -49.47
C PHE Q 228 72.21 13.80 -48.23
N THR Q 229 73.50 13.92 -47.99
CA THR Q 229 74.08 13.26 -46.84
C THR Q 229 73.57 13.86 -45.53
N THR Q 230 73.77 15.16 -45.33
CA THR Q 230 73.34 15.80 -44.08
C THR Q 230 71.88 15.49 -43.80
N LEU Q 231 71.06 15.50 -44.85
CA LEU Q 231 69.64 15.20 -44.69
C LEU Q 231 69.42 13.74 -44.28
N SER Q 232 70.07 12.82 -44.97
CA SER Q 232 69.94 11.41 -44.66
C SER Q 232 70.25 11.16 -43.17
N ASN Q 233 71.25 11.87 -42.67
CA ASN Q 233 71.64 11.80 -41.26
C ASN Q 233 70.62 12.48 -40.35
N THR Q 234 70.02 13.56 -40.85
CA THR Q 234 68.98 14.25 -40.10
C THR Q 234 67.81 13.29 -39.91
N VAL Q 235 67.66 12.36 -40.84
CA VAL Q 235 66.63 11.35 -40.75
C VAL Q 235 67.01 10.26 -39.76
N LYS Q 236 68.19 9.70 -39.92
CA LYS Q 236 68.68 8.69 -38.98
C LYS Q 236 68.50 9.17 -37.55
N GLN Q 237 68.68 10.47 -37.33
CA GLN Q 237 68.52 11.04 -36.00
C GLN Q 237 67.10 10.90 -35.53
N ALA Q 238 66.17 11.51 -36.27
CA ALA Q 238 64.75 11.42 -35.96
C ALA Q 238 64.33 9.97 -35.66
N ASN Q 239 64.70 9.04 -36.54
CA ASN Q 239 64.37 7.64 -36.30
C ASN Q 239 64.91 7.13 -34.97
N LYS Q 240 66.10 7.59 -34.61
CA LYS Q 240 66.67 7.24 -33.31
C LYS Q 240 65.95 7.92 -32.13
N ASP Q 241 65.60 9.19 -32.32
CA ASP Q 241 64.90 9.98 -31.31
C ASP Q 241 63.53 9.41 -31.04
N ILE Q 242 62.79 9.13 -32.11
CA ILE Q 242 61.45 8.59 -31.98
C ILE Q 242 61.49 7.27 -31.23
N ASP Q 243 62.43 6.40 -31.64
CA ASP Q 243 62.53 5.07 -31.05
C ASP Q 243 62.87 5.15 -29.56
N ALA Q 244 63.72 6.11 -29.21
CA ALA Q 244 64.10 6.31 -27.82
C ALA Q 244 62.90 6.72 -26.97
N ALA Q 245 62.04 7.55 -27.54
CA ALA Q 245 60.84 8.00 -26.85
C ALA Q 245 59.92 6.83 -26.62
N LYS Q 246 59.70 6.04 -27.68
CA LYS Q 246 58.78 4.91 -27.61
C LYS Q 246 59.25 3.94 -26.53
N LEU Q 247 60.56 3.82 -26.39
CA LEU Q 247 61.14 2.97 -25.36
C LEU Q 247 60.72 3.48 -24.00
N LYS Q 248 61.22 4.66 -23.65
CA LYS Q 248 60.88 5.34 -22.41
C LYS Q 248 59.43 5.11 -22.05
N LEU Q 249 58.56 5.31 -23.04
CA LEU Q 249 57.13 5.20 -22.81
C LEU Q 249 56.69 3.82 -22.32
N THR Q 250 57.01 2.77 -23.07
CA THR Q 250 56.55 1.43 -22.71
C THR Q 250 57.22 0.98 -21.43
N THR Q 251 58.52 1.24 -21.31
CA THR Q 251 59.25 0.83 -20.12
C THR Q 251 58.71 1.52 -18.87
N GLU Q 252 58.08 2.67 -19.07
CA GLU Q 252 57.36 3.33 -17.98
C GLU Q 252 56.04 2.61 -17.77
N ILE Q 253 55.29 2.46 -18.85
CA ILE Q 253 54.02 1.71 -18.82
C ILE Q 253 54.13 0.46 -17.96
N ALA Q 254 55.18 -0.31 -18.19
CA ALA Q 254 55.34 -1.59 -17.50
C ALA Q 254 55.78 -1.40 -16.08
N ALA Q 255 56.57 -0.35 -15.84
CA ALA Q 255 57.01 -0.01 -14.49
C ALA Q 255 55.80 0.39 -13.66
N ILE Q 256 54.91 1.17 -14.26
CA ILE Q 256 53.65 1.50 -13.62
C ILE Q 256 52.88 0.22 -13.39
N GLY Q 257 53.03 -0.71 -14.34
CA GLY Q 257 52.38 -2.00 -14.26
C GLY Q 257 52.69 -2.73 -12.96
N GLU Q 258 53.97 -2.69 -12.58
CA GLU Q 258 54.40 -3.34 -11.35
C GLU Q 258 53.55 -2.91 -10.17
N ILE Q 259 53.39 -1.60 -9.99
CA ILE Q 259 52.55 -1.09 -8.92
C ILE Q 259 51.12 -1.57 -9.07
N LYS Q 260 50.53 -1.25 -10.22
CA LYS Q 260 49.17 -1.64 -10.51
C LYS Q 260 48.88 -3.04 -9.94
N THR Q 261 49.63 -4.04 -10.38
CA THR Q 261 49.37 -5.41 -9.98
C THR Q 261 49.37 -5.57 -8.47
N GLU Q 262 50.42 -5.04 -7.83
CA GLU Q 262 50.52 -5.10 -6.36
C GLU Q 262 49.27 -4.50 -5.74
N THR Q 263 48.94 -3.28 -6.16
CA THR Q 263 47.77 -2.57 -5.70
C THR Q 263 46.52 -3.42 -5.90
N GLU Q 264 46.31 -3.82 -7.15
CA GLU Q 264 45.15 -4.63 -7.51
C GLU Q 264 45.05 -5.83 -6.58
N THR Q 265 46.18 -6.45 -6.29
CA THR Q 265 46.22 -7.59 -5.37
C THR Q 265 45.74 -7.20 -3.98
N THR Q 266 46.51 -6.35 -3.34
CA THR Q 266 46.15 -5.76 -2.06
C THR Q 266 44.65 -5.48 -1.94
N ARG Q 267 44.08 -4.88 -2.97
CA ARG Q 267 42.64 -4.67 -3.00
C ARG Q 267 41.88 -5.97 -2.72
N PHE Q 268 42.14 -7.02 -3.50
CA PHE Q 268 41.43 -8.27 -3.33
C PHE Q 268 41.59 -8.77 -1.89
N TYR Q 269 42.79 -8.62 -1.35
CA TYR Q 269 43.04 -9.04 0.03
C TYR Q 269 42.11 -8.34 1.06
N VAL Q 270 41.90 -7.04 0.87
CA VAL Q 270 40.90 -6.33 1.64
C VAL Q 270 39.52 -7.03 1.60
N ASP Q 271 39.23 -7.71 0.49
CA ASP Q 271 37.96 -8.42 0.34
C ASP Q 271 37.74 -9.63 1.29
N TYR Q 272 38.79 -10.05 1.96
CA TYR Q 272 38.64 -11.14 2.92
C TYR Q 272 37.94 -10.67 4.18
N ASP Q 273 38.03 -9.38 4.47
CA ASP Q 273 37.41 -8.75 5.66
C ASP Q 273 38.33 -8.72 6.87
N ASP Q 274 39.16 -9.74 6.99
CA ASP Q 274 40.10 -9.81 8.08
C ASP Q 274 41.13 -8.70 7.94
N LEU Q 275 40.82 -7.54 8.50
CA LEU Q 275 41.72 -6.40 8.47
C LEU Q 275 43.05 -6.76 9.11
N MET Q 276 43.12 -7.96 9.68
CA MET Q 276 44.29 -8.38 10.44
C MET Q 276 45.04 -9.51 9.73
N LEU Q 277 44.50 -9.95 8.60
CA LEU Q 277 45.08 -11.04 7.84
C LEU Q 277 46.52 -10.70 7.44
N SER Q 278 47.45 -11.62 7.72
CA SER Q 278 48.86 -11.36 7.42
C SER Q 278 49.04 -10.93 5.99
N LEU Q 279 48.40 -11.64 5.06
CA LEU Q 279 48.48 -11.28 3.65
C LEU Q 279 48.20 -9.80 3.44
N LEU Q 280 46.98 -9.38 3.73
CA LEU Q 280 46.62 -7.97 3.52
C LEU Q 280 47.61 -7.05 4.20
N LYS Q 281 48.15 -7.49 5.33
CA LYS Q 281 49.06 -6.65 6.08
C LYS Q 281 50.36 -6.59 5.31
N GLU Q 282 50.85 -7.77 4.92
CA GLU Q 282 52.10 -7.86 4.16
C GLU Q 282 51.98 -7.13 2.82
N ALA Q 283 50.95 -7.49 2.07
CA ALA Q 283 50.63 -6.80 0.82
C ALA Q 283 50.75 -5.30 0.96
N ALA Q 284 50.19 -4.77 2.05
CA ALA Q 284 50.20 -3.33 2.32
C ALA Q 284 51.61 -2.84 2.57
N LYS Q 285 52.42 -3.66 3.22
CA LYS Q 285 53.81 -3.31 3.46
C LYS Q 285 54.61 -3.33 2.16
N LYS Q 286 54.36 -4.34 1.34
CA LYS Q 286 55.03 -4.48 0.05
C LYS Q 286 54.73 -3.27 -0.80
N MET Q 287 53.44 -2.92 -0.89
CA MET Q 287 53.03 -1.74 -1.63
C MET Q 287 53.91 -0.53 -1.32
N ILE Q 288 54.26 -0.36 -0.05
CA ILE Q 288 55.08 0.78 0.38
C ILE Q 288 56.53 0.63 -0.11
N ASN Q 289 57.02 -0.60 -0.16
CA ASN Q 289 58.32 -0.88 -0.76
C ASN Q 289 58.28 -0.72 -2.27
N THR Q 290 57.48 -1.55 -2.95
CA THR Q 290 57.32 -1.43 -4.40
C THR Q 290 57.28 0.03 -4.81
N CYS Q 291 56.54 0.85 -4.06
CA CYS Q 291 56.48 2.30 -4.34
C CYS Q 291 57.85 2.94 -4.16
N ASN Q 292 58.45 2.72 -2.99
CA ASN Q 292 59.73 3.31 -2.69
C ASN Q 292 60.80 3.03 -3.77
N GLU Q 293 60.84 1.80 -4.27
CA GLU Q 293 61.80 1.42 -5.31
C GLU Q 293 61.51 2.15 -6.61
N TYR Q 294 60.23 2.35 -6.89
CA TYR Q 294 59.79 3.12 -8.05
C TYR Q 294 60.30 4.55 -8.02
N GLN Q 295 60.47 5.11 -6.83
CA GLN Q 295 60.96 6.50 -6.69
C GLN Q 295 62.46 6.63 -6.86
N LYS Q 296 63.20 5.62 -6.39
CA LYS Q 296 64.65 5.62 -6.45
C LYS Q 296 65.17 5.37 -7.86
N ARG Q 297 64.72 4.29 -8.47
CA ARG Q 297 65.08 4.01 -9.84
C ARG Q 297 64.43 5.04 -10.75
N HIS Q 298 63.13 5.23 -10.54
CA HIS Q 298 62.31 6.10 -11.37
C HIS Q 298 61.83 7.32 -10.60
N LYS R 14 59.37 65.21 -104.03
CA LYS R 14 60.44 64.24 -103.78
C LYS R 14 61.69 64.92 -103.25
N THR R 15 61.49 65.94 -102.42
CA THR R 15 62.60 66.67 -101.81
C THR R 15 62.65 66.38 -100.32
N VAL R 16 61.47 66.29 -99.72
CA VAL R 16 61.34 66.04 -98.28
C VAL R 16 61.57 64.56 -97.96
N GLU R 17 61.36 63.70 -98.96
CA GLU R 17 61.48 62.26 -98.75
C GLU R 17 62.82 61.83 -98.19
N VAL R 18 63.83 62.71 -98.29
CA VAL R 18 65.13 62.43 -97.70
C VAL R 18 65.01 62.46 -96.18
N VAL R 19 64.35 63.49 -95.67
CA VAL R 19 64.10 63.62 -94.24
C VAL R 19 63.34 62.40 -93.73
N LYS R 20 62.23 62.09 -94.38
CA LYS R 20 61.45 60.91 -94.06
C LYS R 20 62.32 59.66 -94.00
N ASN R 21 63.00 59.35 -95.09
CA ASN R 21 63.85 58.17 -95.13
C ASN R 21 64.88 58.18 -94.00
N ALA R 22 65.40 59.36 -93.69
CA ALA R 22 66.42 59.53 -92.64
C ALA R 22 65.80 59.35 -91.27
N ILE R 23 64.59 59.86 -91.12
CA ILE R 23 63.84 59.70 -89.87
C ILE R 23 63.77 58.22 -89.55
N GLU R 24 63.36 57.42 -90.53
CA GLU R 24 63.24 55.99 -90.34
C GLU R 24 64.59 55.32 -90.12
N THR R 25 65.62 55.84 -90.78
CA THR R 25 66.97 55.34 -90.57
C THR R 25 67.36 55.52 -89.11
N ALA R 26 67.08 56.72 -88.59
CA ALA R 26 67.39 57.06 -87.21
C ALA R 26 66.62 56.20 -86.21
N ASP R 27 65.40 55.82 -86.58
CA ASP R 27 64.58 54.97 -85.72
C ASP R 27 65.31 53.65 -85.48
N GLY R 28 65.44 52.86 -86.55
CA GLY R 28 66.18 51.60 -86.49
C GLY R 28 67.57 51.75 -85.91
N ALA R 29 68.09 52.97 -85.91
CA ALA R 29 69.37 53.25 -85.26
C ALA R 29 69.23 52.99 -83.76
N LEU R 30 68.37 53.77 -83.11
CA LEU R 30 68.08 53.56 -81.70
C LEU R 30 67.94 52.07 -81.42
N ASP R 31 67.01 51.44 -82.14
CA ASP R 31 66.72 50.02 -81.94
C ASP R 31 67.98 49.17 -81.83
N LEU R 32 68.79 49.14 -82.88
CA LEU R 32 70.07 48.43 -82.83
C LEU R 32 70.89 48.91 -81.64
N TYR R 33 70.86 50.21 -81.40
CA TYR R 33 71.62 50.80 -80.31
C TYR R 33 71.32 50.11 -78.97
N ASN R 34 70.07 50.18 -78.56
CA ASN R 34 69.63 49.52 -77.35
C ASN R 34 69.86 48.02 -77.43
N LYS R 35 69.31 47.40 -78.47
CA LYS R 35 69.48 45.96 -78.69
C LYS R 35 70.88 45.50 -78.27
N TYR R 36 71.90 46.25 -78.70
CA TYR R 36 73.28 45.95 -78.35
C TYR R 36 73.60 46.40 -76.93
N LEU R 37 73.20 47.63 -76.61
CA LEU R 37 73.42 48.19 -75.28
C LEU R 37 72.94 47.24 -74.19
N ASP R 38 71.84 46.55 -74.47
CA ASP R 38 71.29 45.57 -73.55
C ASP R 38 72.17 44.33 -73.47
N GLN R 39 72.53 43.78 -74.64
CA GLN R 39 73.45 42.66 -74.68
C GLN R 39 74.72 43.00 -73.90
N VAL R 40 75.04 44.29 -73.88
CA VAL R 40 76.26 44.79 -73.26
C VAL R 40 76.09 45.04 -71.77
N ILE R 41 74.92 45.55 -71.39
CA ILE R 41 74.62 45.83 -70.00
C ILE R 41 73.38 45.06 -69.58
N PRO R 42 73.58 43.90 -68.95
CA PRO R 42 72.52 42.94 -68.58
C PRO R 42 71.62 43.44 -67.45
N TRP R 43 70.98 44.59 -67.66
CA TRP R 43 70.09 45.12 -66.64
C TRP R 43 68.95 44.15 -66.42
N GLN R 44 68.52 43.51 -67.50
CA GLN R 44 67.49 42.48 -67.40
C GLN R 44 67.92 41.47 -66.35
N THR R 45 69.07 40.83 -66.60
CA THR R 45 69.60 39.82 -65.70
C THR R 45 69.86 40.36 -64.29
N PHE R 46 70.39 41.57 -64.20
CA PHE R 46 70.63 42.21 -62.91
C PHE R 46 69.34 42.43 -62.15
N ASP R 47 68.39 43.11 -62.77
CA ASP R 47 67.09 43.36 -62.17
C ASP R 47 66.44 42.03 -61.75
N GLU R 48 66.32 41.11 -62.71
CA GLU R 48 65.75 39.79 -62.41
C GLU R 48 66.41 39.19 -61.18
N THR R 49 67.74 39.20 -61.18
CA THR R 49 68.50 38.61 -60.09
C THR R 49 68.16 39.29 -58.77
N ILE R 50 67.91 40.59 -58.81
CA ILE R 50 67.53 41.34 -57.61
C ILE R 50 66.18 40.89 -57.07
N LYS R 51 65.19 40.83 -57.96
CA LYS R 51 63.85 40.43 -57.57
C LYS R 51 63.84 39.07 -56.87
N GLU R 52 64.25 38.02 -57.55
CA GLU R 52 64.16 36.68 -56.99
C GLU R 52 64.76 36.57 -55.59
N LEU R 53 65.85 37.29 -55.33
CA LEU R 53 66.42 37.23 -53.99
C LEU R 53 65.80 38.28 -53.06
N SER R 54 64.97 39.14 -53.62
CA SER R 54 64.13 40.02 -52.81
C SER R 54 62.94 39.20 -52.33
N ARG R 55 62.37 38.44 -53.26
CA ARG R 55 61.30 37.50 -52.94
C ARG R 55 61.71 36.63 -51.74
N PHE R 56 62.93 36.11 -51.76
CA PHE R 56 63.43 35.30 -50.66
C PHE R 56 63.21 36.03 -49.34
N LYS R 57 63.83 37.20 -49.22
CA LYS R 57 63.69 38.04 -48.03
C LYS R 57 62.21 38.23 -47.68
N GLN R 58 61.38 38.34 -48.71
CA GLN R 58 59.96 38.59 -48.54
C GLN R 58 59.24 37.39 -47.95
N GLU R 59 59.09 36.33 -48.75
CA GLU R 59 58.37 35.12 -48.36
C GLU R 59 58.65 34.69 -46.93
N TYR R 60 59.92 34.67 -46.54
CA TYR R 60 60.28 34.25 -45.18
C TYR R 60 59.86 35.28 -44.13
N SER R 61 60.05 36.56 -44.44
CA SER R 61 59.53 37.61 -43.58
C SER R 61 58.09 37.25 -43.27
N GLN R 62 57.29 37.10 -44.31
CA GLN R 62 55.89 36.70 -44.19
C GLN R 62 55.71 35.57 -43.17
N ALA R 63 56.29 34.42 -43.45
CA ALA R 63 56.15 33.25 -42.59
C ALA R 63 56.50 33.59 -41.15
N ALA R 64 57.77 33.86 -40.92
CA ALA R 64 58.27 34.19 -39.59
C ALA R 64 57.35 35.18 -38.87
N SER R 65 56.98 36.26 -39.56
CA SER R 65 56.09 37.25 -38.98
C SER R 65 54.85 36.60 -38.39
N VAL R 66 54.04 36.01 -39.25
CA VAL R 66 52.79 35.37 -38.80
C VAL R 66 52.99 34.30 -37.71
N LEU R 67 54.07 33.54 -37.79
CA LEU R 67 54.37 32.54 -36.76
C LEU R 67 54.78 33.18 -35.43
N VAL R 68 55.84 33.97 -35.47
CA VAL R 68 56.28 34.72 -34.29
C VAL R 68 55.12 35.45 -33.61
N GLY R 69 54.13 35.87 -34.40
CA GLY R 69 52.96 36.53 -33.87
C GLY R 69 52.05 35.56 -33.15
N ASP R 70 51.77 34.44 -33.80
CA ASP R 70 50.97 33.39 -33.19
C ASP R 70 51.61 32.96 -31.87
N ILE R 71 52.92 32.76 -31.91
CA ILE R 71 53.65 32.40 -30.70
C ILE R 71 53.35 33.36 -29.55
N LYS R 72 53.33 34.66 -29.84
CA LYS R 72 53.03 35.63 -28.79
C LYS R 72 51.64 35.41 -28.26
N THR R 73 50.65 35.41 -29.15
CA THR R 73 49.31 35.06 -28.77
C THR R 73 49.36 33.88 -27.82
N LEU R 74 49.98 32.78 -28.25
CA LEU R 74 50.08 31.58 -27.43
C LEU R 74 50.70 31.82 -26.07
N LEU R 75 51.80 32.54 -26.05
CA LEU R 75 52.44 32.91 -24.79
C LEU R 75 51.49 33.68 -23.90
N MET R 76 50.90 34.73 -24.45
CA MET R 76 49.92 35.53 -23.71
C MET R 76 48.73 34.69 -23.22
N ASP R 77 48.25 33.78 -24.07
CA ASP R 77 47.19 32.86 -23.71
C ASP R 77 47.57 32.11 -22.43
N SER R 78 48.74 31.50 -22.45
CA SER R 78 49.25 30.78 -21.29
C SER R 78 49.22 31.64 -20.05
N GLN R 79 49.90 32.78 -20.11
CA GLN R 79 49.97 33.68 -18.98
C GLN R 79 48.63 33.82 -18.27
N ASP R 80 47.60 34.19 -19.02
CA ASP R 80 46.27 34.32 -18.45
C ASP R 80 45.83 33.01 -17.79
N LYS R 81 46.02 31.89 -18.49
CA LYS R 81 45.64 30.60 -17.94
C LYS R 81 46.41 30.23 -16.66
N TYR R 82 47.66 30.65 -16.57
CA TYR R 82 48.47 30.45 -15.38
C TYR R 82 47.87 31.26 -14.24
N PHE R 83 47.65 32.54 -14.51
CA PHE R 83 47.05 33.44 -13.53
C PHE R 83 45.80 32.85 -12.94
N GLU R 84 44.84 32.56 -13.81
CA GLU R 84 43.63 31.84 -13.41
C GLU R 84 43.97 30.71 -12.46
N ALA R 85 44.67 29.70 -12.98
CA ALA R 85 45.03 28.52 -12.19
C ALA R 85 45.53 28.87 -10.80
N THR R 86 46.60 29.64 -10.75
CA THR R 86 47.22 30.02 -9.49
C THR R 86 46.22 30.76 -8.61
N GLN R 87 45.54 31.73 -9.20
CA GLN R 87 44.61 32.57 -8.45
C GLN R 87 43.54 31.70 -7.84
N THR R 88 42.91 30.89 -8.67
CA THR R 88 41.93 29.92 -8.21
C THR R 88 42.42 29.22 -6.96
N VAL R 89 43.63 28.69 -7.04
CA VAL R 89 44.24 28.00 -5.91
C VAL R 89 44.39 28.91 -4.69
N TYR R 90 45.11 30.01 -4.86
CA TYR R 90 45.29 31.01 -3.79
C TYR R 90 43.99 31.36 -3.08
N GLU R 91 42.87 31.31 -3.80
CA GLU R 91 41.57 31.61 -3.21
C GLU R 91 41.16 30.50 -2.25
N TRP R 92 41.17 29.27 -2.75
CA TRP R 92 40.77 28.14 -1.91
C TRP R 92 41.77 27.89 -0.81
N CYS R 93 43.04 27.83 -1.19
CA CYS R 93 44.13 27.59 -0.26
C CYS R 93 43.97 28.56 0.91
N GLY R 94 43.14 29.57 0.72
CA GLY R 94 43.03 30.67 1.67
C GLY R 94 41.86 30.53 2.61
N VAL R 95 40.70 30.24 2.06
CA VAL R 95 39.57 29.92 2.91
C VAL R 95 39.94 28.69 3.72
N ALA R 96 40.54 27.73 3.05
CA ALA R 96 40.92 26.46 3.67
C ALA R 96 41.72 26.66 4.98
N THR R 97 42.82 27.41 4.92
CA THR R 97 43.67 27.59 6.10
C THR R 97 42.87 28.04 7.31
N GLN R 98 42.03 29.04 7.11
CA GLN R 98 41.13 29.52 8.17
C GLN R 98 40.32 28.37 8.80
N LEU R 99 39.76 27.51 7.95
CA LEU R 99 38.94 26.42 8.42
C LEU R 99 39.73 25.35 9.17
N LEU R 100 40.83 24.88 8.57
CA LEU R 100 41.68 23.92 9.27
C LEU R 100 42.10 24.51 10.60
N ALA R 101 42.40 25.81 10.61
CA ALA R 101 42.87 26.47 11.82
C ALA R 101 41.78 26.44 12.86
N ALA R 102 40.56 26.71 12.42
CA ALA R 102 39.41 26.69 13.30
C ALA R 102 39.21 25.29 13.84
N TYR R 103 39.26 24.29 12.97
CA TYR R 103 39.05 22.91 13.38
C TYR R 103 40.06 22.52 14.43
N ILE R 104 41.31 22.92 14.22
CA ILE R 104 42.38 22.66 15.17
C ILE R 104 42.13 23.32 16.53
N LEU R 105 41.48 24.49 16.47
CA LEU R 105 41.16 25.24 17.67
C LEU R 105 39.93 24.72 18.40
N LEU R 106 38.80 24.63 17.71
CA LEU R 106 37.53 24.26 18.33
C LEU R 106 37.55 22.86 18.89
N PHE R 107 38.48 22.04 18.42
CA PHE R 107 38.61 20.69 18.94
C PHE R 107 39.90 20.42 19.69
N ASP R 108 40.35 21.40 20.47
CA ASP R 108 41.44 21.15 21.38
C ASP R 108 40.93 20.04 22.26
N GLU R 109 39.84 20.33 22.95
CA GLU R 109 39.07 19.31 23.66
C GLU R 109 37.82 19.09 22.83
N TYR R 110 37.46 17.82 22.66
CA TYR R 110 36.36 17.46 21.78
C TYR R 110 35.10 18.26 22.03
N ASN R 111 34.57 18.89 20.98
CA ASN R 111 33.34 19.66 21.09
C ASN R 111 32.19 18.83 20.55
N GLU R 112 31.41 18.26 21.45
CA GLU R 112 30.45 17.23 21.07
C GLU R 112 29.36 17.72 20.11
N LYS R 113 29.02 18.99 20.23
CA LYS R 113 27.90 19.53 19.47
C LYS R 113 28.31 19.88 18.05
N LYS R 114 29.40 20.63 17.94
CA LYS R 114 29.92 21.03 16.64
C LYS R 114 30.57 19.85 15.92
N ALA R 115 30.71 18.73 16.61
CA ALA R 115 31.42 17.59 16.05
C ALA R 115 30.90 17.18 14.66
N SER R 116 29.60 17.02 14.53
CA SER R 116 29.02 16.57 13.26
C SER R 116 29.25 17.59 12.15
N ALA R 117 29.09 18.87 12.46
CA ALA R 117 29.34 19.92 11.48
C ALA R 117 30.79 19.90 11.06
N GLN R 118 31.67 20.01 12.05
CA GLN R 118 33.09 20.10 11.79
C GLN R 118 33.48 19.06 10.77
N LYS R 119 32.93 17.86 10.94
CA LYS R 119 33.20 16.76 10.03
C LYS R 119 32.72 17.08 8.62
N ASP R 120 31.45 17.42 8.51
CA ASP R 120 30.84 17.81 7.24
C ASP R 120 31.65 18.93 6.59
N ILE R 121 31.97 19.95 7.38
CA ILE R 121 32.78 21.05 6.90
C ILE R 121 34.12 20.55 6.38
N LEU R 122 34.90 19.88 7.23
CA LEU R 122 36.20 19.36 6.81
C LEU R 122 36.08 18.67 5.45
N ILE R 123 35.00 17.94 5.26
CA ILE R 123 34.78 17.25 3.99
C ILE R 123 34.59 18.23 2.84
N LYS R 124 33.59 19.10 2.93
CA LYS R 124 33.29 20.05 1.85
C LYS R 124 34.56 20.81 1.44
N VAL R 125 35.11 21.59 2.35
CA VAL R 125 36.30 22.37 2.06
C VAL R 125 37.43 21.54 1.46
N LEU R 126 37.68 20.35 2.01
CA LEU R 126 38.71 19.49 1.45
C LEU R 126 38.30 18.97 0.08
N ASP R 127 37.18 18.28 0.03
CA ASP R 127 36.62 17.80 -1.23
C ASP R 127 36.72 18.87 -2.31
N ASP R 128 36.29 20.08 -1.95
CA ASP R 128 36.22 21.20 -2.88
C ASP R 128 37.59 21.51 -3.45
N GLY R 129 38.52 21.94 -2.59
CA GLY R 129 39.88 22.24 -3.00
C GLY R 129 40.49 21.12 -3.84
N ILE R 130 40.20 19.89 -3.44
CA ILE R 130 40.70 18.73 -4.17
C ILE R 130 40.29 18.81 -5.63
N THR R 131 39.02 19.12 -5.87
CA THR R 131 38.54 19.29 -7.23
C THR R 131 39.19 20.50 -7.89
N LYS R 132 39.06 21.64 -7.23
CA LYS R 132 39.59 22.90 -7.74
C LYS R 132 41.05 22.74 -8.10
N LEU R 133 41.79 22.13 -7.17
CA LEU R 133 43.23 21.91 -7.37
C LEU R 133 43.48 21.08 -8.62
N ASN R 134 42.73 20.01 -8.76
CA ASN R 134 42.87 19.15 -9.91
C ASN R 134 42.72 19.93 -11.22
N GLU R 135 41.58 20.61 -11.35
CA GLU R 135 41.28 21.38 -12.56
C GLU R 135 42.38 22.38 -12.89
N ALA R 136 42.95 22.98 -11.86
CA ALA R 136 44.02 23.94 -12.06
C ALA R 136 45.12 23.27 -12.85
N GLN R 137 45.50 22.08 -12.39
CA GLN R 137 46.55 21.31 -13.02
C GLN R 137 46.23 21.02 -14.48
N LYS R 138 45.05 20.48 -14.75
CA LYS R 138 44.66 20.16 -16.11
C LYS R 138 44.72 21.41 -16.99
N SER R 139 44.17 22.51 -16.47
CA SER R 139 44.21 23.78 -17.19
C SER R 139 45.64 24.09 -17.59
N LEU R 140 46.55 23.96 -16.63
CA LEU R 140 47.96 24.27 -16.85
C LEU R 140 48.60 23.33 -17.85
N LEU R 141 48.34 22.05 -17.67
CA LEU R 141 48.87 21.04 -18.54
C LEU R 141 48.45 21.29 -19.98
N VAL R 142 47.17 21.64 -20.16
CA VAL R 142 46.67 21.95 -21.48
C VAL R 142 47.37 23.17 -22.09
N SER R 143 47.61 24.18 -21.28
CA SER R 143 48.33 25.35 -21.74
C SER R 143 49.70 24.93 -22.24
N SER R 144 50.38 24.06 -21.51
CA SER R 144 51.70 23.61 -21.92
C SER R 144 51.62 22.93 -23.27
N GLN R 145 50.63 22.07 -23.43
CA GLN R 145 50.47 21.33 -24.68
C GLN R 145 50.26 22.27 -25.87
N SER R 146 49.75 23.47 -25.61
CA SER R 146 49.41 24.41 -26.68
C SER R 146 50.60 24.80 -27.57
N PHE R 147 51.71 25.13 -26.94
CA PHE R 147 52.91 25.54 -27.65
C PHE R 147 53.50 24.47 -28.57
N ASN R 148 53.15 23.22 -28.33
CA ASN R 148 53.81 22.12 -29.02
C ASN R 148 53.77 22.23 -30.54
N ASN R 149 52.58 22.47 -31.10
CA ASN R 149 52.45 22.56 -32.55
C ASN R 149 53.34 23.68 -33.09
N ALA R 150 53.12 24.87 -32.57
CA ALA R 150 53.92 26.03 -32.92
C ALA R 150 55.41 25.71 -32.82
N SER R 151 55.83 25.10 -31.73
CA SER R 151 57.24 24.78 -31.51
C SER R 151 57.82 24.00 -32.70
N GLY R 152 57.00 23.15 -33.29
CA GLY R 152 57.41 22.38 -34.46
C GLY R 152 57.53 23.28 -35.68
N LYS R 153 56.44 23.97 -35.99
CA LYS R 153 56.43 24.92 -37.10
C LYS R 153 57.67 25.83 -37.06
N LEU R 154 58.04 26.27 -35.87
CA LEU R 154 59.26 27.05 -35.68
C LEU R 154 60.46 26.34 -36.27
N LEU R 155 60.69 25.10 -35.85
CA LEU R 155 61.83 24.37 -36.35
C LEU R 155 61.77 24.16 -37.87
N ALA R 156 60.62 23.77 -38.38
CA ALA R 156 60.48 23.63 -39.84
C ALA R 156 61.04 24.87 -40.54
N LEU R 157 60.49 26.03 -40.18
CA LEU R 157 60.92 27.31 -40.73
C LEU R 157 62.41 27.43 -40.70
N ASP R 158 62.98 27.36 -39.50
CA ASP R 158 64.43 27.44 -39.35
C ASP R 158 65.15 26.40 -40.23
N SER R 159 64.83 25.12 -40.04
CA SER R 159 65.41 24.06 -40.87
C SER R 159 65.53 24.50 -42.34
N GLN R 160 64.43 25.00 -42.90
CA GLN R 160 64.38 25.34 -44.32
C GLN R 160 65.09 26.63 -44.66
N LEU R 161 64.71 27.71 -43.97
CA LEU R 161 65.35 28.99 -44.15
C LEU R 161 66.87 28.87 -44.11
N THR R 162 67.38 27.88 -43.40
CA THR R 162 68.81 27.64 -43.35
C THR R 162 69.24 26.99 -44.66
N ASN R 163 68.60 25.88 -45.00
CA ASN R 163 68.89 25.21 -46.26
C ASN R 163 68.67 26.11 -47.48
N ASP R 164 67.58 26.86 -47.44
CA ASP R 164 67.15 27.68 -48.56
C ASP R 164 68.10 28.87 -48.79
N PHE R 165 68.73 29.32 -47.72
CA PHE R 165 69.60 30.48 -47.78
C PHE R 165 70.86 30.15 -48.51
N SER R 166 71.41 28.97 -48.24
CA SER R 166 72.60 28.52 -48.94
C SER R 166 72.27 28.29 -50.42
N GLU R 167 71.00 28.03 -50.70
CA GLU R 167 70.57 27.81 -52.08
C GLU R 167 70.50 29.11 -52.87
N LYS R 168 70.21 30.20 -52.19
CA LYS R 168 70.24 31.50 -52.85
C LYS R 168 71.66 31.99 -53.00
N SER R 169 72.49 31.75 -51.98
CA SER R 169 73.90 32.13 -52.04
C SER R 169 74.58 31.44 -53.22
N SER R 170 74.10 30.25 -53.56
CA SER R 170 74.60 29.54 -54.73
C SER R 170 74.04 30.18 -55.98
N TYR R 171 72.77 30.55 -55.95
CA TYR R 171 72.10 31.18 -57.09
C TYR R 171 72.69 32.55 -57.38
N PHE R 172 73.18 33.21 -56.34
CA PHE R 172 73.80 34.51 -56.51
C PHE R 172 74.99 34.40 -57.45
N GLN R 173 76.05 33.74 -57.01
CA GLN R 173 77.26 33.63 -57.82
C GLN R 173 76.98 33.01 -59.18
N SER R 174 76.12 31.99 -59.22
CA SER R 174 75.75 31.36 -60.48
C SER R 174 75.04 32.36 -61.38
N GLN R 175 74.54 33.43 -60.77
CA GLN R 175 73.78 34.44 -61.51
C GLN R 175 74.67 35.62 -61.91
N VAL R 176 75.49 36.13 -60.99
CA VAL R 176 76.45 37.17 -61.34
C VAL R 176 77.33 36.68 -62.48
N ASP R 177 77.63 35.38 -62.47
CA ASP R 177 78.32 34.77 -63.60
C ASP R 177 77.54 35.02 -64.87
N LYS R 178 76.27 34.64 -64.88
CA LYS R 178 75.44 34.88 -66.06
C LYS R 178 75.60 36.31 -66.53
N ILE R 179 75.81 37.23 -65.60
CA ILE R 179 75.93 38.65 -65.94
C ILE R 179 77.23 38.99 -66.66
N ARG R 180 78.35 38.44 -66.20
CA ARG R 180 79.62 38.60 -66.91
C ARG R 180 79.50 37.98 -68.31
N LYS R 181 79.17 36.69 -68.34
CA LYS R 181 79.06 35.93 -69.57
C LYS R 181 78.20 36.65 -70.61
N GLU R 182 77.17 37.36 -70.14
CA GLU R 182 76.29 38.08 -71.06
C GLU R 182 76.93 39.37 -71.53
N ALA R 183 77.63 40.03 -70.62
CA ALA R 183 78.19 41.35 -70.91
C ALA R 183 79.46 41.28 -71.74
N TYR R 184 80.33 40.33 -71.42
CA TYR R 184 81.58 40.20 -72.14
C TYR R 184 81.43 39.53 -73.50
N ALA R 185 80.49 38.60 -73.61
CA ALA R 185 80.12 38.08 -74.92
C ALA R 185 79.62 39.25 -75.78
N GLY R 186 79.17 40.31 -75.11
CA GLY R 186 78.71 41.52 -75.78
C GLY R 186 79.82 42.47 -76.18
N ALA R 187 80.70 42.83 -75.23
CA ALA R 187 81.85 43.66 -75.55
C ALA R 187 82.66 42.95 -76.60
N ALA R 188 83.08 41.73 -76.28
CA ALA R 188 83.81 40.90 -77.22
C ALA R 188 83.28 41.04 -78.65
N ALA R 189 81.97 41.26 -78.78
CA ALA R 189 81.32 41.37 -80.08
C ALA R 189 81.78 42.60 -80.89
N GLY R 190 82.61 43.43 -80.28
CA GLY R 190 83.12 44.63 -80.93
C GLY R 190 84.23 44.36 -81.92
N VAL R 191 84.71 43.11 -81.94
CA VAL R 191 85.75 42.70 -82.89
C VAL R 191 85.40 43.11 -84.33
N VAL R 192 84.11 43.21 -84.63
CA VAL R 192 83.65 43.59 -85.97
C VAL R 192 84.06 45.01 -86.32
N ALA R 193 83.62 45.98 -85.53
CA ALA R 193 84.11 47.35 -85.69
C ALA R 193 85.47 47.48 -84.99
N GLY R 194 86.17 48.58 -85.26
CA GLY R 194 87.55 48.74 -84.85
C GLY R 194 87.87 48.45 -83.38
N PRO R 195 89.15 48.14 -83.10
CA PRO R 195 89.58 47.86 -81.71
C PRO R 195 89.31 49.05 -80.80
N PHE R 196 89.41 50.26 -81.33
CA PHE R 196 89.03 51.45 -80.56
C PHE R 196 87.57 51.33 -80.17
N GLY R 197 86.82 50.56 -80.95
CA GLY R 197 85.44 50.24 -80.64
C GLY R 197 85.35 49.40 -79.39
N LEU R 198 86.33 48.52 -79.18
CA LEU R 198 86.36 47.71 -77.96
C LEU R 198 86.54 48.59 -76.72
N ILE R 199 87.50 49.51 -76.77
CA ILE R 199 87.66 50.46 -75.68
C ILE R 199 86.31 51.06 -75.28
N ILE R 200 85.60 51.61 -76.26
CA ILE R 200 84.26 52.15 -76.02
C ILE R 200 83.30 51.09 -75.47
N SER R 201 83.22 49.96 -76.16
CA SER R 201 82.30 48.88 -75.82
C SER R 201 82.56 48.29 -74.43
N TYR R 202 83.79 47.86 -74.24
CA TYR R 202 84.24 47.24 -73.01
C TYR R 202 84.18 48.22 -71.82
N SER R 203 84.49 49.50 -72.04
CA SER R 203 84.30 50.50 -70.99
C SER R 203 82.83 50.61 -70.64
N ILE R 204 81.98 50.68 -71.66
CA ILE R 204 80.55 50.69 -71.45
C ILE R 204 80.12 49.49 -70.60
N ALA R 205 80.73 48.33 -70.84
CA ALA R 205 80.31 47.09 -70.19
C ALA R 205 81.00 46.85 -68.85
N ALA R 206 82.19 46.27 -68.90
CA ALA R 206 82.96 45.99 -67.69
C ALA R 206 82.88 47.14 -66.71
N GLY R 207 82.86 48.36 -67.24
CA GLY R 207 82.75 49.54 -66.41
C GLY R 207 81.46 49.57 -65.61
N VAL R 208 80.32 49.59 -66.31
CA VAL R 208 79.02 49.59 -65.65
C VAL R 208 78.76 48.32 -64.83
N VAL R 209 79.16 47.18 -65.36
CA VAL R 209 78.98 45.92 -64.66
C VAL R 209 79.78 45.90 -63.37
N GLU R 210 81.10 45.98 -63.49
CA GLU R 210 81.99 45.91 -62.35
C GLU R 210 81.91 47.19 -61.52
N GLY R 211 81.24 48.19 -62.08
CA GLY R 211 81.08 49.48 -61.44
C GLY R 211 79.95 49.55 -60.43
N LYS R 212 78.70 49.35 -60.89
CA LYS R 212 77.55 49.35 -59.99
C LYS R 212 76.92 47.96 -59.85
N LEU R 213 76.77 47.25 -60.95
CA LEU R 213 76.03 45.98 -60.94
C LEU R 213 76.54 44.94 -59.94
N ILE R 214 77.68 44.33 -60.24
CA ILE R 214 78.20 43.27 -59.38
C ILE R 214 78.21 43.68 -57.91
N PRO R 215 78.73 44.87 -57.61
CA PRO R 215 78.77 45.36 -56.22
C PRO R 215 77.37 45.46 -55.63
N GLU R 216 76.42 45.93 -56.42
CA GLU R 216 75.03 46.00 -55.98
C GLU R 216 74.53 44.61 -55.54
N LEU R 217 74.77 43.62 -56.40
CA LEU R 217 74.40 42.25 -56.08
C LEU R 217 75.07 41.79 -54.79
N LYS R 218 76.39 41.97 -54.71
CA LYS R 218 77.12 41.63 -53.49
C LYS R 218 76.51 42.37 -52.30
N ASN R 219 75.82 43.47 -52.58
CA ASN R 219 75.20 44.21 -51.50
C ASN R 219 73.93 43.54 -50.96
N LYS R 220 73.06 43.10 -51.88
CA LYS R 220 71.85 42.39 -51.44
C LYS R 220 72.19 41.04 -50.83
N LEU R 221 73.10 40.32 -51.46
CA LEU R 221 73.56 39.05 -50.89
C LEU R 221 73.88 39.24 -49.41
N LYS R 222 74.34 40.44 -49.06
CA LYS R 222 74.65 40.75 -47.67
C LYS R 222 73.39 41.14 -46.89
N SER R 223 72.54 41.97 -47.49
CA SER R 223 71.32 42.39 -46.80
C SER R 223 70.45 41.18 -46.50
N VAL R 224 70.51 40.20 -47.40
CA VAL R 224 69.85 38.92 -47.20
C VAL R 224 70.51 38.15 -46.08
N GLN R 225 71.78 37.79 -46.29
CA GLN R 225 72.55 37.07 -45.28
C GLN R 225 72.45 37.78 -43.94
N ASN R 226 72.27 39.09 -43.97
CA ASN R 226 72.09 39.88 -42.77
C ASN R 226 70.73 39.57 -42.11
N PHE R 227 69.68 39.61 -42.93
CA PHE R 227 68.33 39.33 -42.46
C PHE R 227 68.16 37.87 -42.08
N PHE R 228 68.72 36.97 -42.87
CA PHE R 228 68.70 35.56 -42.55
C PHE R 228 69.18 35.36 -41.12
N THR R 229 70.25 36.06 -40.76
CA THR R 229 70.78 35.93 -39.41
C THR R 229 69.82 36.45 -38.35
N THR R 230 69.45 37.73 -38.44
CA THR R 230 68.54 38.32 -37.46
C THR R 230 67.31 37.46 -37.27
N LEU R 231 66.78 36.93 -38.37
CA LEU R 231 65.61 36.07 -38.32
C LEU R 231 65.90 34.75 -37.59
N SER R 232 67.01 34.12 -37.94
CA SER R 232 67.39 32.85 -37.31
C SER R 232 67.44 33.02 -35.79
N ASN R 233 67.95 34.17 -35.36
CA ASN R 233 68.01 34.53 -33.95
C ASN R 233 66.63 34.85 -33.37
N THR R 234 65.78 35.46 -34.19
CA THR R 234 64.42 35.76 -33.76
C THR R 234 63.71 34.43 -33.49
N VAL R 235 64.15 33.38 -34.16
CA VAL R 235 63.61 32.04 -33.96
C VAL R 235 64.16 31.43 -32.67
N LYS R 236 65.49 31.43 -32.54
CA LYS R 236 66.13 30.90 -31.33
C LYS R 236 65.45 31.49 -30.10
N GLN R 237 65.08 32.76 -30.18
CA GLN R 237 64.42 33.41 -29.06
C GLN R 237 63.08 32.75 -28.76
N ALA R 238 62.18 32.77 -29.72
CA ALA R 238 60.88 32.12 -29.56
C ALA R 238 61.01 30.70 -28.98
N ASN R 239 61.91 29.90 -29.54
CA ASN R 239 62.12 28.56 -29.02
C ASN R 239 62.50 28.58 -27.55
N LYS R 240 63.30 29.57 -27.16
CA LYS R 240 63.68 29.73 -25.76
C LYS R 240 62.52 30.24 -24.90
N ASP R 241 61.74 31.16 -25.44
CA ASP R 241 60.58 31.73 -24.74
C ASP R 241 59.53 30.67 -24.51
N ILE R 242 59.21 29.92 -25.55
CA ILE R 242 58.20 28.87 -25.45
C ILE R 242 58.62 27.87 -24.41
N ASP R 243 59.87 27.44 -24.47
CA ASP R 243 60.36 26.41 -23.57
C ASP R 243 60.31 26.89 -22.13
N ALA R 244 60.60 28.17 -21.92
CA ALA R 244 60.57 28.75 -20.58
C ALA R 244 59.15 28.75 -20.00
N ALA R 245 58.18 29.03 -20.85
CA ALA R 245 56.79 28.99 -20.46
C ALA R 245 56.36 27.58 -20.06
N LYS R 246 56.72 26.62 -20.90
CA LYS R 246 56.35 25.24 -20.65
C LYS R 246 56.93 24.77 -19.33
N LEU R 247 58.12 25.25 -19.00
CA LEU R 247 58.76 24.92 -17.73
C LEU R 247 57.89 25.41 -16.58
N LYS R 248 57.80 26.74 -16.48
CA LYS R 248 56.94 27.41 -15.50
C LYS R 248 55.66 26.64 -15.27
N LEU R 249 55.01 26.25 -16.37
CA LEU R 249 53.72 25.58 -16.29
C LEU R 249 53.78 24.26 -15.52
N THR R 250 54.65 23.34 -15.96
CA THR R 250 54.71 22.03 -15.34
C THR R 250 55.21 22.13 -13.91
N THR R 251 56.23 22.95 -13.70
CA THR R 251 56.79 23.12 -12.37
C THR R 251 55.76 23.70 -11.42
N GLU R 252 54.79 24.42 -11.96
CA GLU R 252 53.64 24.88 -11.17
C GLU R 252 52.69 23.72 -10.95
N ILE R 253 52.31 23.06 -12.05
CA ILE R 253 51.49 21.87 -11.98
C ILE R 253 51.90 20.96 -10.82
N ALA R 254 53.20 20.67 -10.73
CA ALA R 254 53.70 19.74 -9.74
C ALA R 254 53.70 20.34 -8.33
N ALA R 255 53.93 21.65 -8.27
CA ALA R 255 53.90 22.38 -7.01
C ALA R 255 52.48 22.37 -6.45
N ILE R 256 51.50 22.57 -7.33
CA ILE R 256 50.11 22.44 -6.93
C ILE R 256 49.91 21.00 -6.50
N GLY R 257 50.61 20.09 -7.19
CA GLY R 257 50.53 18.67 -6.88
C GLY R 257 50.80 18.41 -5.42
N GLU R 258 51.85 19.05 -4.90
CA GLU R 258 52.21 18.87 -3.51
C GLU R 258 51.02 19.10 -2.60
N ILE R 259 50.31 20.21 -2.77
CA ILE R 259 49.15 20.48 -1.94
C ILE R 259 48.10 19.41 -2.15
N LYS R 260 47.72 19.22 -3.40
CA LYS R 260 46.71 18.24 -3.74
C LYS R 260 46.87 16.98 -2.88
N THR R 261 48.03 16.34 -2.98
CA THR R 261 48.25 15.09 -2.26
C THR R 261 48.00 15.23 -0.78
N GLU R 262 48.60 16.24 -0.16
CA GLU R 262 48.38 16.50 1.25
C GLU R 262 46.88 16.59 1.56
N THR R 263 46.21 17.45 0.78
CA THR R 263 44.78 17.64 0.93
C THR R 263 44.04 16.33 0.82
N GLU R 264 44.27 15.65 -0.31
CA GLU R 264 43.64 14.38 -0.60
C GLU R 264 43.81 13.43 0.59
N THR R 265 45.01 13.42 1.18
CA THR R 265 45.25 12.59 2.35
C THR R 265 44.37 12.96 3.54
N THR R 266 44.58 14.17 4.03
CA THR R 266 43.78 14.74 5.08
C THR R 266 42.30 14.36 4.94
N ARG R 267 41.76 14.47 3.73
CA ARG R 267 40.40 14.05 3.46
C ARG R 267 40.16 12.62 3.95
N PHE R 268 40.95 11.66 3.47
CA PHE R 268 40.80 10.28 3.89
C PHE R 268 40.83 10.16 5.42
N TYR R 269 41.73 10.89 6.05
CA TYR R 269 41.81 10.86 7.51
C TYR R 269 40.47 11.25 8.17
N VAL R 270 39.82 12.27 7.62
CA VAL R 270 38.49 12.64 8.09
C VAL R 270 37.54 11.44 8.07
N ASP R 271 37.78 10.50 7.15
CA ASP R 271 36.93 9.32 7.02
C ASP R 271 37.02 8.32 8.20
N TYR R 272 37.97 8.53 9.09
CA TYR R 272 38.06 7.67 10.27
C TYR R 272 36.97 7.99 11.29
N ASP R 273 36.48 9.24 11.28
CA ASP R 273 35.42 9.72 12.18
C ASP R 273 35.96 10.34 13.44
N ASP R 274 37.10 9.84 13.88
CA ASP R 274 37.73 10.37 15.07
C ASP R 274 38.24 11.77 14.77
N LEU R 275 37.39 12.76 14.99
CA LEU R 275 37.78 14.15 14.79
C LEU R 275 38.96 14.52 15.64
N MET R 276 39.38 13.59 16.50
CA MET R 276 40.41 13.83 17.50
C MET R 276 41.67 13.03 17.21
N LEU R 277 41.60 12.22 16.15
CA LEU R 277 42.73 11.38 15.77
C LEU R 277 43.97 12.21 15.47
N SER R 278 45.09 11.86 16.08
CA SER R 278 46.32 12.63 15.90
C SER R 278 46.63 12.83 14.43
N LEU R 279 46.52 11.77 13.66
CA LEU R 279 46.77 11.86 12.24
C LEU R 279 45.99 13.02 11.64
N LEU R 280 44.65 12.93 11.66
CA LEU R 280 43.83 13.97 11.05
C LEU R 280 44.20 15.34 11.59
N LYS R 281 44.59 15.38 12.85
CA LYS R 281 44.94 16.65 13.46
C LYS R 281 46.26 17.13 12.87
N GLU R 282 47.24 16.24 12.85
CA GLU R 282 48.56 16.55 12.29
C GLU R 282 48.46 16.89 10.82
N ALA R 283 47.82 16.01 10.05
CA ALA R 283 47.54 16.25 8.65
C ALA R 283 47.02 17.65 8.41
N ALA R 284 46.09 18.09 9.27
CA ALA R 284 45.49 19.41 9.15
C ALA R 284 46.50 20.50 9.45
N LYS R 285 47.39 20.23 10.38
CA LYS R 285 48.46 21.17 10.68
C LYS R 285 49.47 21.26 9.53
N LYS R 286 49.82 20.12 8.96
CA LYS R 286 50.76 20.05 7.85
C LYS R 286 50.20 20.85 6.69
N MET R 287 48.94 20.60 6.34
CA MET R 287 48.28 21.34 5.29
C MET R 287 48.52 22.83 5.41
N ILE R 288 48.48 23.36 6.63
CA ILE R 288 48.68 24.80 6.86
C ILE R 288 50.13 25.21 6.61
N ASN R 289 51.06 24.31 6.93
CA ASN R 289 52.46 24.52 6.59
C ASN R 289 52.69 24.41 5.08
N THR R 290 52.45 23.23 4.50
CA THR R 290 52.56 23.02 3.06
C THR R 290 52.03 24.24 2.30
N CYS R 291 50.87 24.77 2.71
CA CYS R 291 50.31 25.97 2.08
C CYS R 291 51.25 27.17 2.27
N ASN R 292 51.63 27.43 3.51
CA ASN R 292 52.47 28.57 3.81
C ASN R 292 53.76 28.61 2.98
N GLU R 293 54.40 27.44 2.81
CA GLU R 293 55.63 27.35 2.01
C GLU R 293 55.37 27.62 0.54
N TYR R 294 54.21 27.19 0.06
CA TYR R 294 53.76 27.47 -1.30
C TYR R 294 53.64 28.98 -1.57
N GLN R 295 53.32 29.76 -0.54
CA GLN R 295 53.16 31.21 -0.69
C GLN R 295 54.51 31.94 -0.76
N LYS R 296 55.54 31.37 -0.13
CA LYS R 296 56.84 32.04 -0.02
C LYS R 296 57.70 31.85 -1.25
N ARG R 297 57.96 30.59 -1.59
CA ARG R 297 58.73 30.26 -2.78
C ARG R 297 57.98 30.71 -4.02
N HIS R 298 56.73 30.28 -4.11
CA HIS R 298 55.87 30.60 -5.23
C HIS R 298 54.90 31.73 -4.87
N LYS S 14 49.19 65.50 -109.07
CA LYS S 14 50.47 65.15 -108.47
C LYS S 14 51.21 66.39 -107.99
N THR S 15 50.45 67.35 -107.46
CA THR S 15 51.02 68.57 -106.91
C THR S 15 50.86 68.59 -105.40
N VAL S 16 49.71 68.10 -104.95
CA VAL S 16 49.38 68.07 -103.52
C VAL S 16 50.11 66.93 -102.82
N GLU S 17 50.49 65.90 -103.59
CA GLU S 17 51.11 64.71 -103.03
C GLU S 17 52.36 65.01 -102.21
N VAL S 18 52.93 66.20 -102.40
CA VAL S 18 54.07 66.63 -101.59
C VAL S 18 53.64 66.87 -100.16
N VAL S 19 52.53 67.59 -100.00
CA VAL S 19 51.95 67.83 -98.69
C VAL S 19 51.64 66.50 -98.00
N LYS S 20 50.92 65.63 -98.69
CA LYS S 20 50.61 64.30 -98.19
C LYS S 20 51.88 63.59 -97.71
N ASN S 21 52.84 63.42 -98.60
CA ASN S 21 54.08 62.75 -98.24
C ASN S 21 54.75 63.39 -97.02
N ALA S 22 54.68 64.72 -96.95
CA ALA S 22 55.29 65.48 -95.85
C ALA S 22 54.52 65.29 -94.57
N ILE S 23 53.19 65.25 -94.70
CA ILE S 23 52.33 65.01 -93.56
C ILE S 23 52.79 63.72 -92.90
N GLU S 24 52.97 62.67 -93.69
CA GLU S 24 53.38 61.36 -93.19
C GLU S 24 54.80 61.40 -92.64
N THR S 25 55.65 62.18 -93.28
CA THR S 25 57.00 62.37 -92.78
C THR S 25 56.94 62.93 -91.37
N ALA S 26 56.12 63.97 -91.21
CA ALA S 26 55.96 64.65 -89.93
C ALA S 26 55.41 63.72 -88.83
N ASP S 27 54.55 62.79 -89.25
CA ASP S 27 53.97 61.84 -88.31
C ASP S 27 55.10 61.04 -87.67
N GLY S 28 55.76 60.20 -88.47
CA GLY S 28 56.89 59.42 -88.01
C GLY S 28 57.95 60.26 -87.32
N ALA S 29 57.93 61.57 -87.57
CA ALA S 29 58.82 62.47 -86.86
C ALA S 29 58.49 62.45 -85.37
N LEU S 30 57.27 62.87 -85.05
CA LEU S 30 56.78 62.79 -83.67
C LEU S 30 57.18 61.47 -83.06
N ASP S 31 56.77 60.38 -83.69
CA ASP S 31 57.03 59.03 -83.20
C ASP S 31 58.47 58.85 -82.73
N LEU S 32 59.43 59.02 -83.63
CA LEU S 32 60.84 58.93 -83.25
C LEU S 32 61.13 59.92 -82.13
N TYR S 33 60.54 61.10 -82.22
CA TYR S 33 60.74 62.15 -81.23
C TYR S 33 60.48 61.65 -79.82
N ASN S 34 59.24 61.22 -79.58
CA ASN S 34 58.84 60.64 -78.31
C ASN S 34 59.65 59.41 -77.98
N LYS S 35 59.62 58.44 -78.89
CA LYS S 35 60.41 57.23 -78.70
C LYS S 35 61.75 57.52 -78.04
N TYR S 36 62.42 58.56 -78.51
CA TYR S 36 63.70 58.96 -77.93
C TYR S 36 63.49 59.74 -76.63
N LEU S 37 62.56 60.69 -76.68
CA LEU S 37 62.25 61.53 -75.53
C LEU S 37 61.97 60.69 -74.30
N ASP S 38 61.34 59.54 -74.52
CA ASP S 38 61.05 58.60 -73.45
C ASP S 38 62.32 57.92 -72.96
N GLN S 39 63.11 57.39 -73.90
CA GLN S 39 64.40 56.80 -73.55
C GLN S 39 65.22 57.81 -72.74
N VAL S 40 64.98 59.09 -73.01
CA VAL S 40 65.72 60.18 -72.39
C VAL S 40 65.15 60.58 -71.04
N ILE S 41 63.82 60.57 -70.94
CA ILE S 41 63.13 60.93 -69.72
C ILE S 41 62.24 59.78 -69.26
N PRO S 42 62.77 58.96 -68.34
CA PRO S 42 62.13 57.72 -67.88
C PRO S 42 60.88 57.97 -67.03
N TRP S 43 59.90 58.66 -67.59
CA TRP S 43 58.67 58.91 -66.86
C TRP S 43 58.00 57.58 -66.52
N GLN S 44 58.11 56.62 -67.44
CA GLN S 44 57.60 55.28 -67.23
C GLN S 44 58.17 54.77 -65.92
N THR S 45 59.50 54.69 -65.85
CA THR S 45 60.19 54.19 -64.68
C THR S 45 59.88 55.03 -63.42
N PHE S 46 59.84 56.34 -63.58
CA PHE S 46 59.53 57.23 -62.47
C PHE S 46 58.13 56.99 -61.95
N ASP S 47 57.14 57.07 -62.84
CA ASP S 47 55.75 56.81 -62.46
C ASP S 47 55.62 55.44 -61.79
N GLU S 48 56.09 54.40 -62.48
CA GLU S 48 56.06 53.05 -61.92
C GLU S 48 56.63 53.04 -60.52
N THR S 49 57.81 53.62 -60.37
CA THR S 49 58.48 53.63 -59.08
C THR S 49 57.62 54.32 -58.01
N ILE S 50 56.89 55.36 -58.41
CA ILE S 50 56.00 56.06 -57.49
C ILE S 50 54.87 55.15 -57.04
N LYS S 51 54.20 54.50 -57.99
CA LYS S 51 53.09 53.63 -57.67
C LYS S 51 53.47 52.57 -56.65
N GLU S 52 54.42 51.70 -57.00
CA GLU S 52 54.73 50.57 -56.13
C GLU S 52 55.01 50.97 -54.68
N LEU S 53 55.62 52.13 -54.48
CA LEU S 53 55.87 52.57 -53.11
C LEU S 53 54.69 53.38 -52.55
N SER S 54 53.73 53.68 -53.41
CA SER S 54 52.46 54.24 -52.95
C SER S 54 51.63 53.08 -52.44
N ARG S 55 51.64 52.00 -53.20
CA ARG S 55 51.00 50.75 -52.79
C ARG S 55 51.45 50.37 -51.37
N PHE S 56 52.74 50.45 -51.12
CA PHE S 56 53.27 50.15 -49.79
C PHE S 56 52.50 50.94 -48.74
N LYS S 57 52.56 52.26 -48.83
CA LYS S 57 51.85 53.15 -47.91
C LYS S 57 50.38 52.75 -47.81
N GLN S 58 49.82 52.29 -48.93
CA GLN S 58 48.41 51.90 -48.99
C GLN S 58 48.12 50.61 -48.20
N GLU S 59 48.58 49.48 -48.74
CA GLU S 59 48.35 48.17 -48.15
C GLU S 59 48.48 48.16 -46.62
N TYR S 60 49.52 48.79 -46.09
CA TYR S 60 49.71 48.83 -44.64
C TYR S 60 48.72 49.73 -43.95
N SER S 61 48.45 50.90 -44.53
CA SER S 61 47.36 51.72 -44.03
C SER S 61 46.15 50.84 -43.81
N GLN S 62 45.73 50.16 -44.88
CA GLN S 62 44.62 49.22 -44.82
C GLN S 62 44.68 48.34 -43.57
N ALA S 63 45.73 47.52 -43.49
CA ALA S 63 45.89 46.59 -42.39
C ALA S 63 45.76 47.30 -41.07
N ALA S 64 46.73 48.14 -40.76
CA ALA S 64 46.75 48.87 -39.50
C ALA S 64 45.38 49.45 -39.16
N SER S 65 44.77 50.13 -40.14
CA SER S 65 43.45 50.71 -39.93
C SER S 65 42.49 49.69 -39.34
N VAL S 66 42.18 48.65 -40.11
CA VAL S 66 41.23 47.63 -39.68
C VAL S 66 41.62 46.96 -38.35
N LEU S 67 42.91 46.72 -38.13
CA LEU S 67 43.36 46.13 -36.86
C LEU S 67 43.14 47.10 -35.71
N VAL S 68 43.79 48.26 -35.80
CA VAL S 68 43.61 49.31 -34.80
C VAL S 68 42.14 49.55 -34.46
N GLY S 69 41.27 49.34 -35.44
CA GLY S 69 39.84 49.50 -35.23
C GLY S 69 39.28 48.36 -34.40
N ASP S 70 39.62 47.14 -34.80
CA ASP S 70 39.21 45.98 -34.05
C ASP S 70 39.65 46.12 -32.59
N ILE S 71 40.91 46.49 -32.40
CA ILE S 71 41.44 46.72 -31.06
C ILE S 71 40.54 47.63 -30.24
N LYS S 72 40.03 48.70 -30.86
CA LYS S 72 39.16 49.62 -30.15
C LYS S 72 37.91 48.89 -29.75
N THR S 73 37.23 48.30 -30.73
CA THR S 73 36.08 47.46 -30.42
C THR S 73 36.39 46.61 -29.18
N LEU S 74 37.48 45.85 -29.24
CA LEU S 74 37.89 44.97 -28.14
C LEU S 74 38.04 45.72 -26.83
N LEU S 75 38.71 46.85 -26.86
CA LEU S 75 38.88 47.67 -25.67
C LEU S 75 37.53 48.08 -25.12
N MET S 76 36.70 48.63 -25.99
CA MET S 76 35.35 49.04 -25.60
C MET S 76 34.54 47.86 -25.05
N ASP S 77 34.66 46.70 -25.71
CA ASP S 77 34.02 45.48 -25.25
C ASP S 77 34.37 45.20 -23.80
N SER S 78 35.67 45.18 -23.51
CA SER S 78 36.15 44.96 -22.15
C SER S 78 35.50 45.93 -21.17
N GLN S 79 35.66 47.22 -21.44
CA GLN S 79 35.12 48.25 -20.56
C GLN S 79 33.70 47.91 -20.07
N ASP S 80 32.80 47.66 -21.00
CA ASP S 80 31.46 47.28 -20.64
C ASP S 80 31.47 46.06 -19.74
N LYS S 81 32.26 45.04 -20.10
CA LYS S 81 32.31 43.82 -19.30
C LYS S 81 32.86 44.07 -17.90
N TYR S 82 33.76 45.03 -17.79
CA TYR S 82 34.28 45.44 -16.50
C TYR S 82 33.17 46.06 -15.69
N PHE S 83 32.53 47.07 -16.27
CA PHE S 83 31.41 47.77 -15.66
C PHE S 83 30.40 46.77 -15.08
N GLU S 84 29.86 45.93 -15.95
CA GLU S 84 28.98 44.86 -15.53
C GLU S 84 29.54 44.18 -14.28
N ALA S 85 30.68 43.52 -14.45
CA ALA S 85 31.32 42.78 -13.36
C ALA S 85 31.32 43.54 -12.06
N THR S 86 31.98 44.70 -12.07
CA THR S 86 32.07 45.53 -10.88
C THR S 86 30.71 45.91 -10.34
N GLN S 87 29.83 46.37 -11.24
CA GLN S 87 28.50 46.82 -10.84
C GLN S 87 27.78 45.67 -10.16
N THR S 88 27.73 44.53 -10.83
CA THR S 88 27.14 43.33 -10.26
C THR S 88 27.59 43.14 -8.81
N VAL S 89 28.89 43.22 -8.60
CA VAL S 89 29.46 43.06 -7.27
C VAL S 89 28.96 44.15 -6.33
N TYR S 90 29.17 45.40 -6.72
CA TYR S 90 28.71 46.55 -5.92
C TYR S 90 27.26 46.41 -5.46
N GLU S 91 26.46 45.73 -6.27
CA GLU S 91 25.06 45.52 -5.93
C GLU S 91 24.92 44.53 -4.78
N TRP S 92 25.53 43.36 -4.95
CA TRP S 92 25.46 42.35 -3.90
C TRP S 92 26.21 42.77 -2.65
N CYS S 93 27.46 43.22 -2.87
CA CYS S 93 28.31 43.66 -1.78
C CYS S 93 27.55 44.66 -0.91
N GLY S 94 26.43 45.15 -1.44
CA GLY S 94 25.70 46.22 -0.81
C GLY S 94 24.50 45.75 -0.02
N VAL S 95 23.69 44.89 -0.62
CA VAL S 95 22.63 44.23 0.13
C VAL S 95 23.28 43.46 1.28
N ALA S 96 24.35 42.75 0.95
CA ALA S 96 25.09 41.94 1.92
C ALA S 96 25.41 42.68 3.22
N THR S 97 26.07 43.83 3.11
CA THR S 97 26.49 44.57 4.30
C THR S 97 25.35 44.83 5.28
N GLN S 98 24.23 45.27 4.73
CA GLN S 98 23.03 45.51 5.52
C GLN S 98 22.64 44.27 6.32
N LEU S 99 22.69 43.11 5.66
CA LEU S 99 22.29 41.85 6.27
C LEU S 99 23.25 41.39 7.34
N LEU S 100 24.55 41.36 7.03
CA LEU S 100 25.56 41.03 8.03
C LEU S 100 25.42 41.96 9.22
N ALA S 101 25.14 43.23 8.93
CA ALA S 101 25.03 44.24 9.98
C ALA S 101 23.86 43.93 10.89
N ALA S 102 22.76 43.54 10.26
CA ALA S 102 21.55 43.15 10.96
C ALA S 102 21.84 41.93 11.81
N TYR S 103 22.44 40.92 11.20
CA TYR S 103 22.76 39.68 11.92
C TYR S 103 23.57 39.99 13.17
N ILE S 104 24.59 40.82 13.01
CA ILE S 104 25.44 41.24 14.12
C ILE S 104 24.64 41.95 15.23
N LEU S 105 23.60 42.66 14.82
CA LEU S 105 22.76 43.40 15.74
C LEU S 105 21.72 42.52 16.43
N LEU S 106 20.89 41.84 15.64
CA LEU S 106 19.78 41.07 16.19
C LEU S 106 20.25 39.94 17.08
N PHE S 107 21.52 39.57 16.95
CA PHE S 107 22.08 38.51 17.77
C PHE S 107 23.18 38.96 18.73
N ASP S 108 23.00 40.16 19.28
CA ASP S 108 23.89 40.59 20.35
C ASP S 108 23.68 39.54 21.42
N GLU S 109 22.45 39.43 21.88
CA GLU S 109 22.04 38.32 22.72
C GLU S 109 21.21 37.42 21.82
N TYR S 110 21.44 36.12 21.92
CA TYR S 110 20.79 35.15 21.04
C TYR S 110 19.28 35.36 20.93
N ASN S 111 18.79 35.47 19.70
CA ASN S 111 17.36 35.63 19.45
C ASN S 111 16.79 34.29 19.01
N GLU S 112 16.14 33.59 19.94
CA GLU S 112 15.77 32.19 19.73
C GLU S 112 14.82 31.98 18.57
N LYS S 113 13.99 32.98 18.30
CA LYS S 113 12.93 32.82 17.32
C LYS S 113 13.48 33.05 15.92
N LYS S 114 14.16 34.16 15.76
CA LYS S 114 14.69 34.52 14.47
C LYS S 114 15.92 33.67 14.15
N ALA S 115 16.35 32.85 15.11
CA ALA S 115 17.57 32.06 14.93
C ALA S 115 17.58 31.24 13.65
N SER S 116 16.51 30.49 13.42
CA SER S 116 16.45 29.63 12.24
C SER S 116 16.50 30.44 10.95
N ALA S 117 15.75 31.55 10.89
CA ALA S 117 15.76 32.40 9.70
C ALA S 117 17.15 32.97 9.46
N GLN S 118 17.67 33.65 10.49
CA GLN S 118 18.95 34.31 10.38
C GLN S 118 19.96 33.39 9.74
N LYS S 119 19.91 32.12 10.12
CA LYS S 119 20.78 31.10 9.57
C LYS S 119 20.52 30.93 8.07
N ASP S 120 19.27 30.64 7.73
CA ASP S 120 18.86 30.49 6.34
C ASP S 120 19.24 31.71 5.54
N ILE S 121 18.94 32.89 6.08
CA ILE S 121 19.33 34.14 5.45
C ILE S 121 20.85 34.21 5.21
N LEU S 122 21.64 34.12 6.28
CA LEU S 122 23.09 34.15 6.15
C LEU S 122 23.55 33.25 5.01
N ILE S 123 22.93 32.08 4.91
CA ILE S 123 23.28 31.18 3.82
C ILE S 123 22.96 31.76 2.45
N LYS S 124 21.70 32.06 2.18
CA LYS S 124 21.29 32.59 0.88
C LYS S 124 22.18 33.76 0.45
N VAL S 125 22.16 34.85 1.21
CA VAL S 125 22.96 36.01 0.86
C VAL S 125 24.43 35.66 0.62
N LEU S 126 25.01 34.82 1.47
CA LEU S 126 26.40 34.43 1.29
C LEU S 126 26.55 33.57 0.04
N ASP S 127 25.84 32.45 0.04
CA ASP S 127 25.81 31.57 -1.12
C ASP S 127 25.68 32.35 -2.42
N ASP S 128 24.74 33.29 -2.43
CA ASP S 128 24.42 34.08 -3.61
C ASP S 128 25.65 34.88 -4.08
N GLY S 129 26.13 35.80 -3.25
CA GLY S 129 27.29 36.60 -3.59
C GLY S 129 28.46 35.74 -4.03
N ILE S 130 28.63 34.60 -3.36
CA ILE S 130 29.69 33.66 -3.72
C ILE S 130 29.62 33.28 -5.19
N THR S 131 28.41 32.96 -5.64
CA THR S 131 28.22 32.64 -7.05
C THR S 131 28.44 33.87 -7.90
N LYS S 132 27.69 34.93 -7.60
CA LYS S 132 27.79 36.19 -8.32
C LYS S 132 29.24 36.65 -8.44
N LEU S 133 29.96 36.60 -7.33
CA LEU S 133 31.35 37.02 -7.29
C LEU S 133 32.18 36.19 -8.24
N ASN S 134 31.98 34.88 -8.19
CA ASN S 134 32.71 33.99 -9.07
C ASN S 134 32.53 34.38 -10.54
N GLU S 135 31.29 34.44 -10.98
CA GLU S 135 30.96 34.76 -12.36
C GLU S 135 31.59 36.09 -12.80
N ALA S 136 31.64 37.04 -11.88
CA ALA S 136 32.25 38.33 -12.19
C ALA S 136 33.67 38.10 -12.65
N GLN S 137 34.38 37.30 -11.87
CA GLN S 137 35.77 36.96 -12.17
C GLN S 137 35.92 36.32 -13.55
N LYS S 138 35.14 35.26 -13.80
CA LYS S 138 35.22 34.57 -15.08
C LYS S 138 34.95 35.55 -16.21
N SER S 139 33.90 36.36 -16.06
CA SER S 139 33.59 37.38 -17.06
C SER S 139 34.82 38.23 -17.35
N LEU S 140 35.47 38.70 -16.29
CA LEU S 140 36.66 39.52 -16.41
C LEU S 140 37.84 38.80 -17.07
N LEU S 141 38.11 37.59 -16.59
CA LEU S 141 39.18 36.76 -17.11
C LEU S 141 39.02 36.57 -18.62
N VAL S 142 37.81 36.23 -19.03
CA VAL S 142 37.52 36.05 -20.44
C VAL S 142 37.77 37.34 -21.25
N SER S 143 37.40 38.46 -20.66
CA SER S 143 37.66 39.74 -21.32
C SER S 143 39.16 39.91 -21.53
N SER S 144 39.96 39.57 -20.52
CA SER S 144 41.39 39.68 -20.66
C SER S 144 41.90 38.81 -21.81
N GLN S 145 41.40 37.58 -21.86
CA GLN S 145 41.81 36.63 -22.90
C GLN S 145 41.50 37.15 -24.31
N SER S 146 40.50 38.03 -24.42
CA SER S 146 40.05 38.53 -25.71
C SER S 146 41.15 39.23 -26.52
N PHE S 147 41.89 40.13 -25.86
CA PHE S 147 42.91 40.90 -26.53
C PHE S 147 44.08 40.07 -27.06
N ASN S 148 44.22 38.86 -26.55
CA ASN S 148 45.40 38.06 -26.87
C ASN S 148 45.64 37.87 -28.36
N ASN S 149 44.62 37.46 -29.10
CA ASN S 149 44.77 37.24 -30.53
C ASN S 149 45.23 38.51 -31.24
N ALA S 150 44.43 39.56 -31.06
CA ALA S 150 44.76 40.88 -31.60
C ALA S 150 46.19 41.29 -31.24
N SER S 151 46.57 41.11 -29.98
CA SER S 151 47.90 41.49 -29.52
C SER S 151 48.99 40.85 -30.40
N GLY S 152 48.73 39.62 -30.84
CA GLY S 152 49.65 38.92 -31.73
C GLY S 152 49.66 39.56 -33.11
N LYS S 153 48.49 39.62 -33.72
CA LYS S 153 48.34 40.28 -35.02
C LYS S 153 49.06 41.63 -35.07
N LEU S 154 48.96 42.40 -33.99
CA LEU S 154 49.67 43.65 -33.87
C LEU S 154 51.15 43.46 -34.12
N LEU S 155 51.77 42.55 -33.36
CA LEU S 155 53.20 42.34 -33.53
C LEU S 155 53.55 41.86 -34.93
N ALA S 156 52.79 40.91 -35.47
CA ALA S 156 53.04 40.47 -36.85
C ALA S 156 53.17 41.68 -37.77
N LEU S 157 52.14 42.51 -37.78
CA LEU S 157 52.11 43.73 -38.57
C LEU S 157 53.39 44.51 -38.39
N ASP S 158 53.69 44.91 -37.16
CA ASP S 158 54.90 45.66 -36.86
C ASP S 158 56.15 44.93 -37.35
N SER S 159 56.33 43.69 -36.89
CA SER S 159 57.44 42.85 -37.33
C SER S 159 57.71 43.01 -38.84
N GLN S 160 56.66 42.86 -39.64
CA GLN S 160 56.76 42.90 -41.09
C GLN S 160 56.94 44.31 -41.63
N LEU S 161 56.02 45.19 -41.28
CA LEU S 161 56.11 46.59 -41.69
C LEU S 161 57.51 47.15 -41.47
N THR S 162 58.20 46.62 -40.47
CA THR S 162 59.57 47.06 -40.20
C THR S 162 60.51 46.45 -41.25
N ASN S 163 60.47 45.13 -41.37
CA ASN S 163 61.27 44.45 -42.38
C ASN S 163 60.94 44.92 -43.80
N ASP S 164 59.66 45.10 -44.08
CA ASP S 164 59.19 45.43 -45.41
C ASP S 164 59.59 46.84 -45.80
N PHE S 165 59.75 47.71 -44.81
CA PHE S 165 60.08 49.11 -45.05
C PHE S 165 61.51 49.25 -45.55
N SER S 166 62.41 48.51 -44.92
CA SER S 166 63.80 48.51 -45.34
C SER S 166 63.91 47.91 -46.74
N GLU S 167 62.94 47.08 -47.10
CA GLU S 167 62.95 46.44 -48.42
C GLU S 167 62.53 47.41 -49.53
N LYS S 168 61.69 48.38 -49.18
CA LYS S 168 61.33 49.42 -50.13
C LYS S 168 62.45 50.47 -50.22
N SER S 169 63.06 50.79 -49.09
CA SER S 169 64.17 51.74 -49.09
C SER S 169 65.32 51.22 -49.95
N SER S 170 65.43 49.89 -50.03
CA SER S 170 66.39 49.26 -50.93
C SER S 170 65.92 49.37 -52.36
N TYR S 171 64.62 49.13 -52.57
CA TYR S 171 64.02 49.20 -53.89
C TYR S 171 64.06 50.62 -54.46
N PHE S 172 64.01 51.60 -53.58
CA PHE S 172 64.09 52.99 -54.00
C PHE S 172 65.40 53.25 -54.72
N GLN S 173 66.51 53.22 -54.01
CA GLN S 173 67.81 53.50 -54.61
C GLN S 173 68.09 52.60 -55.80
N SER S 174 67.74 51.32 -55.67
CA SER S 174 67.93 50.37 -56.76
C SER S 174 67.10 50.79 -57.97
N GLN S 175 66.08 51.60 -57.71
CA GLN S 175 65.17 52.03 -58.75
C GLN S 175 65.58 53.38 -59.34
N VAL S 176 65.89 54.37 -58.50
CA VAL S 176 66.38 55.65 -59.00
C VAL S 176 67.61 55.43 -59.86
N ASP S 177 68.40 54.42 -59.49
CA ASP S 177 69.51 54.00 -60.34
C ASP S 177 69.00 53.64 -61.72
N LYS S 178 68.03 52.73 -61.79
CA LYS S 178 67.44 52.38 -63.08
C LYS S 178 67.11 53.64 -63.87
N ILE S 179 66.72 54.70 -63.18
CA ILE S 179 66.32 55.93 -63.84
C ILE S 179 67.50 56.66 -64.48
N ARG S 180 68.62 56.76 -63.76
CA ARG S 180 69.83 57.35 -64.33
C ARG S 180 70.29 56.50 -65.52
N LYS S 181 70.51 55.21 -65.25
CA LYS S 181 70.98 54.27 -66.27
C LYS S 181 70.15 54.34 -67.55
N GLU S 182 68.85 54.59 -67.41
CA GLU S 182 67.98 54.67 -68.58
C GLU S 182 68.14 56.01 -69.30
N ALA S 183 68.30 57.07 -68.51
CA ALA S 183 68.32 58.44 -69.05
C ALA S 183 69.66 58.79 -69.67
N TYR S 184 70.74 58.39 -69.03
CA TYR S 184 72.07 58.72 -69.52
C TYR S 184 72.49 57.80 -70.68
N ALA S 185 72.05 56.55 -70.66
CA ALA S 185 72.23 55.70 -71.83
C ALA S 185 71.50 56.36 -73.01
N GLY S 186 70.53 57.21 -72.69
CA GLY S 186 69.78 57.96 -73.69
C GLY S 186 70.47 59.22 -74.19
N ALA S 187 70.89 60.08 -73.26
CA ALA S 187 71.64 61.27 -73.64
C ALA S 187 72.87 60.82 -74.37
N ALA S 188 73.67 59.99 -73.70
CA ALA S 188 74.86 59.41 -74.31
C ALA S 188 74.63 59.03 -75.77
N ALA S 189 73.40 58.64 -76.12
CA ALA S 189 73.07 58.21 -77.47
C ALA S 189 73.15 59.34 -78.50
N GLY S 190 73.42 60.56 -78.03
CA GLY S 190 73.53 61.72 -78.90
C GLY S 190 74.85 61.81 -79.64
N VAL S 191 75.79 60.94 -79.29
CA VAL S 191 77.08 60.85 -79.98
C VAL S 191 76.92 60.81 -81.51
N VAL S 192 75.79 60.26 -81.97
CA VAL S 192 75.52 60.16 -83.40
C VAL S 192 75.38 61.53 -84.05
N ALA S 193 74.43 62.32 -83.59
CA ALA S 193 74.34 63.71 -84.03
C ALA S 193 75.35 64.58 -83.24
N GLY S 194 75.60 65.80 -83.70
CA GLY S 194 76.67 66.63 -83.17
C GLY S 194 76.76 66.76 -81.67
N PRO S 195 77.95 67.09 -81.15
CA PRO S 195 78.12 67.28 -79.70
C PRO S 195 77.22 68.38 -79.14
N PHE S 196 76.92 69.39 -79.96
CA PHE S 196 75.95 70.41 -79.56
C PHE S 196 74.61 69.73 -79.33
N GLY S 197 74.43 68.58 -79.98
CA GLY S 197 73.26 67.75 -79.76
C GLY S 197 73.25 67.19 -78.35
N LEU S 198 74.43 66.88 -77.82
CA LEU S 198 74.54 66.40 -76.44
C LEU S 198 74.06 67.47 -75.46
N ILE S 199 74.54 68.69 -75.62
CA ILE S 199 74.07 69.79 -74.78
C ILE S 199 72.54 69.80 -74.71
N ILE S 200 71.89 69.78 -75.88
CA ILE S 200 70.44 69.71 -75.94
C ILE S 200 69.89 68.44 -75.26
N SER S 201 70.43 67.29 -75.66
CA SER S 201 69.98 65.99 -75.16
C SER S 201 70.15 65.86 -73.65
N TYR S 202 71.38 66.03 -73.20
CA TYR S 202 71.75 65.92 -71.82
C TYR S 202 71.05 66.96 -70.93
N SER S 203 70.85 68.18 -71.43
CA SER S 203 70.06 69.16 -70.70
C SER S 203 68.62 68.67 -70.55
N ILE S 204 68.07 68.18 -71.66
CA ILE S 204 66.74 67.59 -71.62
C ILE S 204 66.66 66.48 -70.56
N ALA S 205 67.72 65.68 -70.45
CA ALA S 205 67.72 64.53 -69.55
C ALA S 205 68.14 64.87 -68.12
N ALA S 206 69.44 64.86 -67.88
CA ALA S 206 69.97 65.18 -66.55
C ALA S 206 69.22 66.34 -65.91
N GLY S 207 68.82 67.30 -66.73
CA GLY S 207 68.06 68.44 -66.24
C GLY S 207 66.73 68.03 -65.63
N VAL S 208 65.88 67.42 -66.44
CA VAL S 208 64.58 66.96 -65.96
C VAL S 208 64.68 65.87 -64.88
N VAL S 209 65.61 64.95 -65.06
CA VAL S 209 65.82 63.89 -64.09
C VAL S 209 66.25 64.46 -62.75
N GLU S 210 67.43 65.07 -62.74
CA GLU S 210 67.98 65.63 -61.50
C GLU S 210 67.21 66.85 -61.04
N GLY S 211 66.33 67.33 -61.91
CA GLY S 211 65.53 68.51 -61.66
C GLY S 211 64.27 68.24 -60.85
N LYS S 212 63.36 67.44 -61.39
CA LYS S 212 62.14 67.09 -60.65
C LYS S 212 62.13 65.62 -60.22
N LEU S 213 62.57 64.72 -61.11
CA LEU S 213 62.42 63.29 -60.86
C LEU S 213 63.08 62.76 -59.58
N ILE S 214 64.40 62.67 -59.57
CA ILE S 214 65.11 62.13 -58.42
C ILE S 214 64.64 62.76 -57.10
N PRO S 215 64.54 64.09 -57.06
CA PRO S 215 64.08 64.77 -55.84
C PRO S 215 62.68 64.36 -55.45
N GLU S 216 61.81 64.21 -56.45
CA GLU S 216 60.45 63.74 -56.20
C GLU S 216 60.46 62.39 -55.50
N LEU S 217 61.24 61.46 -56.05
CA LEU S 217 61.42 60.15 -55.45
C LEU S 217 61.92 60.26 -54.01
N LYS S 218 63.00 61.02 -53.82
CA LYS S 218 63.53 61.26 -52.48
C LYS S 218 62.45 61.84 -51.60
N ASN S 219 61.44 62.47 -52.21
CA ASN S 219 60.35 63.03 -51.44
C ASN S 219 59.38 61.97 -50.90
N LYS S 220 58.97 61.03 -51.76
CA LYS S 220 58.09 59.96 -51.31
C LYS S 220 58.80 59.03 -50.35
N LEU S 221 60.04 58.69 -50.66
CA LEU S 221 60.83 57.86 -49.75
C LEU S 221 60.72 58.44 -48.34
N LYS S 222 60.58 59.76 -48.25
CA LYS S 222 60.44 60.41 -46.95
C LYS S 222 58.99 60.34 -46.45
N SER S 223 58.03 60.59 -47.34
CA SER S 223 56.62 60.55 -46.92
C SER S 223 56.27 59.15 -46.43
N VAL S 224 56.91 58.16 -47.04
CA VAL S 224 56.79 56.76 -46.61
C VAL S 224 57.45 56.57 -45.25
N GLN S 225 58.77 56.79 -45.22
CA GLN S 225 59.53 56.68 -43.98
C GLN S 225 58.87 57.49 -42.88
N ASN S 226 58.18 58.55 -43.27
CA ASN S 226 57.45 59.38 -42.34
C ASN S 226 56.22 58.64 -41.79
N PHE S 227 55.46 58.05 -42.71
CA PHE S 227 54.26 57.31 -42.35
C PHE S 227 54.60 56.01 -41.63
N PHE S 228 55.62 55.30 -42.12
CA PHE S 228 56.11 54.11 -41.44
C PHE S 228 56.29 54.42 -39.96
N THR S 229 56.86 55.58 -39.67
CA THR S 229 57.10 55.94 -38.28
C THR S 229 55.80 56.16 -37.52
N THR S 230 54.96 57.08 -37.98
CA THR S 230 53.71 57.37 -37.29
C THR S 230 52.92 56.09 -37.05
N LEU S 231 52.91 55.21 -38.03
CA LEU S 231 52.20 53.93 -37.90
C LEU S 231 52.85 53.05 -36.84
N SER S 232 54.17 52.90 -36.90
CA SER S 232 54.87 52.08 -35.92
C SER S 232 54.52 52.53 -34.49
N ASN S 233 54.42 53.84 -34.31
CA ASN S 233 54.02 54.43 -33.03
C ASN S 233 52.54 54.21 -32.72
N THR S 234 51.71 54.21 -33.75
CA THR S 234 50.30 53.92 -33.58
C THR S 234 50.14 52.48 -33.05
N VAL S 235 51.11 51.64 -33.39
CA VAL S 235 51.13 50.26 -32.92
C VAL S 235 51.59 50.21 -31.48
N LYS S 236 52.75 50.79 -31.19
CA LYS S 236 53.26 50.84 -29.83
C LYS S 236 52.16 51.29 -28.88
N GLN S 237 51.33 52.21 -29.33
CA GLN S 237 50.23 52.69 -28.50
C GLN S 237 49.26 51.57 -28.20
N ALA S 238 48.65 51.01 -29.23
CA ALA S 238 47.73 49.89 -29.05
C ALA S 238 48.30 48.82 -28.11
N ASN S 239 49.55 48.41 -28.35
CA ASN S 239 50.17 47.41 -27.49
C ASN S 239 50.18 47.85 -26.04
N LYS S 240 50.40 49.15 -25.82
CA LYS S 240 50.37 49.71 -24.48
C LYS S 240 48.94 49.80 -23.92
N ASP S 241 47.99 50.16 -24.76
CA ASP S 241 46.59 50.26 -24.37
C ASP S 241 46.03 48.90 -24.00
N ILE S 242 46.28 47.93 -24.87
CA ILE S 242 45.79 46.58 -24.63
C ILE S 242 46.34 46.06 -23.32
N ASP S 243 47.64 46.23 -23.12
CA ASP S 243 48.29 45.70 -21.94
C ASP S 243 47.73 46.34 -20.67
N ALA S 244 47.42 47.62 -20.76
CA ALA S 244 46.87 48.36 -19.63
C ALA S 244 45.50 47.82 -19.24
N ALA S 245 44.71 47.51 -20.23
CA ALA S 245 43.40 46.92 -20.00
C ALA S 245 43.53 45.57 -19.30
N LYS S 246 44.41 44.73 -19.84
CA LYS S 246 44.58 43.39 -19.32
C LYS S 246 44.99 43.48 -17.85
N LEU S 247 45.77 44.51 -17.53
CA LEU S 247 46.18 44.72 -16.15
C LEU S 247 44.96 44.98 -15.27
N LYS S 248 44.30 46.11 -15.52
CA LYS S 248 43.06 46.49 -14.84
C LYS S 248 42.17 45.27 -14.58
N LEU S 249 41.99 44.48 -15.64
CA LEU S 249 41.13 43.34 -15.55
C LEU S 249 41.56 42.34 -14.47
N THR S 250 42.79 41.84 -14.56
CA THR S 250 43.23 40.82 -13.62
C THR S 250 43.32 41.36 -12.19
N THR S 251 43.84 42.57 -12.07
CA THR S 251 43.98 43.21 -10.75
C THR S 251 42.62 43.44 -10.12
N GLU S 252 41.59 43.57 -10.94
CA GLU S 252 40.22 43.58 -10.43
C GLU S 252 39.81 42.16 -10.04
N ILE S 253 39.98 41.23 -10.97
CA ILE S 253 39.72 39.83 -10.71
C ILE S 253 40.19 39.40 -9.33
N ALA S 254 41.43 39.75 -9.01
CA ALA S 254 42.03 39.32 -7.75
C ALA S 254 41.48 40.10 -6.56
N ALA S 255 41.16 41.37 -6.81
CA ALA S 255 40.55 42.22 -5.80
C ALA S 255 39.19 41.70 -5.43
N ILE S 256 38.43 41.29 -6.44
CA ILE S 256 37.17 40.61 -6.18
C ILE S 256 37.47 39.33 -5.43
N GLY S 257 38.60 38.71 -5.76
CA GLY S 257 39.03 37.48 -5.12
C GLY S 257 39.07 37.63 -3.61
N GLU S 258 39.63 38.74 -3.15
CA GLU S 258 39.73 39.01 -1.73
C GLU S 258 38.37 38.83 -1.04
N ILE S 259 37.33 39.45 -1.59
CA ILE S 259 36.00 39.33 -1.00
C ILE S 259 35.54 37.88 -1.06
N LYS S 260 35.58 37.31 -2.25
CA LYS S 260 35.15 35.95 -2.46
C LYS S 260 35.62 35.07 -1.30
N THR S 261 36.92 34.98 -1.11
CA THR S 261 37.47 34.11 -0.07
C THR S 261 36.85 34.40 1.31
N GLU S 262 36.83 35.66 1.70
CA GLU S 262 36.25 36.03 2.99
C GLU S 262 34.81 35.52 3.06
N THR S 263 34.04 35.84 2.03
CA THR S 263 32.67 35.41 1.95
C THR S 263 32.59 33.91 2.09
N GLU S 264 33.30 33.22 1.19
CA GLU S 264 33.31 31.78 1.16
C GLU S 264 33.60 31.22 2.58
N THR S 265 34.52 31.86 3.29
CA THR S 265 34.84 31.44 4.64
C THR S 265 33.64 31.57 5.59
N THR S 266 33.23 32.82 5.78
CA THR S 266 32.05 33.17 6.56
C THR S 266 30.93 32.14 6.33
N ARG S 267 30.68 31.80 5.07
CA ARG S 267 29.68 30.78 4.78
C ARG S 267 29.95 29.52 5.59
N PHE S 268 31.14 28.94 5.44
CA PHE S 268 31.49 27.72 6.17
C PHE S 268 31.21 27.89 7.67
N TYR S 269 31.58 29.04 8.22
CA TYR S 269 31.37 29.29 9.64
C TYR S 269 29.88 29.18 10.03
N VAL S 270 29.00 29.68 9.16
CA VAL S 270 27.57 29.49 9.34
C VAL S 270 27.20 28.00 9.50
N ASP S 271 27.99 27.13 8.87
CA ASP S 271 27.76 25.69 8.95
C ASP S 271 27.98 25.07 10.35
N TYR S 272 28.55 25.83 11.27
CA TYR S 272 28.75 25.34 12.63
C TYR S 272 27.43 25.28 13.40
N ASP S 273 26.50 26.16 13.01
CA ASP S 273 25.16 26.28 13.64
C ASP S 273 25.12 27.29 14.75
N ASP S 274 26.23 27.41 15.46
CA ASP S 274 26.33 28.36 16.54
C ASP S 274 26.28 29.76 15.96
N LEU S 275 25.06 30.31 15.85
CA LEU S 275 24.88 31.67 15.35
C LEU S 275 25.60 32.67 16.23
N MET S 276 26.16 32.18 17.33
CA MET S 276 26.76 33.03 18.33
C MET S 276 28.28 32.84 18.39
N LEU S 277 28.79 31.93 17.56
CA LEU S 277 30.20 31.60 17.55
C LEU S 277 31.02 32.83 17.20
N SER S 278 32.04 33.13 18.02
CA SER S 278 32.85 34.33 17.79
C SER S 278 33.35 34.38 16.35
N LEU S 279 33.86 33.25 15.86
CA LEU S 279 34.34 33.20 14.49
C LEU S 279 33.31 33.76 13.54
N LEU S 280 32.18 33.09 13.41
CA LEU S 280 31.16 33.55 12.49
C LEU S 280 30.80 35.00 12.73
N LYS S 281 30.89 35.44 13.97
CA LYS S 281 30.53 36.81 14.28
C LYS S 281 31.62 37.72 13.74
N GLU S 282 32.86 37.37 14.06
CA GLU S 282 34.02 38.14 13.60
C GLU S 282 34.10 38.13 12.07
N ALA S 283 34.03 36.93 11.49
CA ALA S 283 34.02 36.79 10.05
C ALA S 283 33.04 37.76 9.43
N ALA S 284 31.85 37.88 10.03
CA ALA S 284 30.81 38.76 9.51
C ALA S 284 31.19 40.21 9.63
N LYS S 285 31.92 40.54 10.68
CA LYS S 285 32.39 41.90 10.88
C LYS S 285 33.51 42.22 9.89
N LYS S 286 34.40 41.26 9.66
CA LYS S 286 35.50 41.42 8.71
C LYS S 286 34.93 41.68 7.32
N MET S 287 34.00 40.84 6.92
CA MET S 287 33.32 41.00 5.64
C MET S 287 32.91 42.45 5.41
N ILE S 288 32.40 43.11 6.44
CA ILE S 288 31.93 44.49 6.32
C ILE S 288 33.12 45.46 6.15
N ASN S 289 34.23 45.14 6.79
CA ASN S 289 35.47 45.88 6.57
C ASN S 289 36.04 45.61 5.18
N THR S 290 36.42 44.37 4.90
CA THR S 290 36.92 43.98 3.57
C THR S 290 36.12 44.66 2.46
N CYS S 291 34.79 44.68 2.59
CA CYS S 291 33.95 45.39 1.62
C CYS S 291 34.26 46.88 1.61
N ASN S 292 34.21 47.49 2.78
CA ASN S 292 34.43 48.92 2.88
C ASN S 292 35.75 49.38 2.22
N GLU S 293 36.83 48.62 2.42
CA GLU S 293 38.13 48.95 1.83
C GLU S 293 38.11 48.81 0.31
N TYR S 294 37.34 47.84 -0.17
CA TYR S 294 37.13 47.64 -1.60
C TYR S 294 36.49 48.87 -2.26
N GLN S 295 35.65 49.59 -1.51
CA GLN S 295 34.96 50.77 -2.04
C GLN S 295 35.87 52.00 -2.10
N LYS S 296 36.85 52.05 -1.20
CA LYS S 296 37.73 53.20 -1.06
C LYS S 296 38.86 53.21 -2.10
N ARG S 297 39.55 52.08 -2.24
CA ARG S 297 40.61 51.96 -3.24
C ARG S 297 40.00 51.82 -4.64
N HIS S 298 39.14 50.81 -4.80
CA HIS S 298 38.46 50.55 -6.07
C HIS S 298 37.06 51.18 -6.10
N LYS T 14 41.10 60.32 -115.29
CA LYS T 14 42.25 60.67 -114.47
C LYS T 14 42.29 62.19 -114.22
N THR T 15 41.13 62.79 -114.04
CA THR T 15 41.02 64.21 -113.75
C THR T 15 40.54 64.41 -112.32
N VAL T 16 39.61 63.56 -111.91
CA VAL T 16 39.02 63.64 -110.58
C VAL T 16 39.98 63.07 -109.53
N GLU T 17 40.89 62.21 -109.96
CA GLU T 17 41.80 61.53 -109.05
C GLU T 17 42.60 62.49 -108.18
N VAL T 18 42.68 63.75 -108.60
CA VAL T 18 43.35 64.76 -107.80
C VAL T 18 42.54 65.03 -106.54
N VAL T 19 41.24 65.21 -106.70
CA VAL T 19 40.34 65.40 -105.57
C VAL T 19 40.45 64.23 -104.60
N LYS T 20 40.32 63.02 -105.14
CA LYS T 20 40.46 61.81 -104.35
C LYS T 20 41.78 61.82 -103.56
N ASN T 21 42.89 61.94 -104.26
CA ASN T 21 44.19 61.95 -103.59
C ASN T 21 44.26 63.03 -102.52
N ALA T 22 43.65 64.17 -102.79
CA ALA T 22 43.65 65.30 -101.86
C ALA T 22 42.76 65.01 -100.66
N ILE T 23 41.63 64.38 -100.94
CA ILE T 23 40.71 63.98 -99.89
C ILE T 23 41.49 63.17 -98.86
N GLU T 24 42.23 62.17 -99.34
CA GLU T 24 43.01 61.30 -98.47
C GLU T 24 44.14 62.05 -97.79
N THR T 25 44.72 63.01 -98.48
CA THR T 25 45.74 63.86 -97.91
C THR T 25 45.16 64.59 -96.70
N ALA T 26 43.97 65.15 -96.89
CA ALA T 26 43.29 65.92 -95.86
C ALA T 26 42.93 65.05 -94.64
N ASP T 27 42.63 63.77 -94.91
CA ASP T 27 42.30 62.84 -93.84
C ASP T 27 43.48 62.73 -92.89
N GLY T 28 44.57 62.14 -93.37
CA GLY T 28 45.79 62.04 -92.60
C GLY T 28 46.24 63.37 -92.02
N ALA T 29 45.75 64.47 -92.58
CA ALA T 29 46.03 65.79 -92.03
C ALA T 29 45.42 65.90 -90.64
N LEU T 30 44.09 65.78 -90.57
CA LEU T 30 43.40 65.72 -89.29
C LEU T 30 44.14 64.85 -88.30
N ASP T 31 44.34 63.59 -88.70
CA ASP T 31 45.03 62.62 -87.86
C ASP T 31 46.27 63.17 -87.18
N LEU T 32 47.27 63.55 -87.97
CA LEU T 32 48.46 64.18 -87.41
C LEU T 32 48.07 65.37 -86.55
N TYR T 33 47.07 66.13 -87.00
CA TYR T 33 46.64 67.32 -86.30
C TYR T 33 46.29 67.01 -84.85
N ASN T 34 45.31 66.14 -84.67
CA ASN T 34 44.90 65.69 -83.35
C ASN T 34 46.07 65.03 -82.63
N LYS T 35 46.64 64.01 -83.26
CA LYS T 35 47.79 63.31 -82.69
C LYS T 35 48.72 64.28 -81.96
N TYR T 36 48.99 65.41 -82.59
CA TYR T 36 49.84 66.44 -81.99
C TYR T 36 49.07 67.24 -80.95
N LEU T 37 47.86 67.66 -81.33
CA LEU T 37 47.00 68.47 -80.48
C LEU T 37 46.83 67.80 -79.12
N ASP T 38 46.77 66.48 -79.12
CA ASP T 38 46.66 65.70 -77.90
C ASP T 38 47.97 65.73 -77.11
N GLN T 39 49.08 65.46 -77.78
CA GLN T 39 50.40 65.57 -77.17
C GLN T 39 50.54 66.95 -76.52
N VAL T 40 49.88 67.94 -77.13
CA VAL T 40 49.96 69.32 -76.70
C VAL T 40 48.98 69.65 -75.58
N ILE T 41 47.80 69.07 -75.65
CA ILE T 41 46.78 69.30 -74.64
C ILE T 41 46.36 67.98 -74.02
N PRO T 42 46.94 67.63 -72.87
CA PRO T 42 46.78 66.33 -72.19
C PRO T 42 45.39 66.14 -71.59
N TRP T 43 44.36 66.23 -72.42
CA TRP T 43 43.01 66.03 -71.92
C TRP T 43 42.88 64.63 -71.38
N GLN T 44 43.56 63.68 -72.02
CA GLN T 44 43.59 62.31 -71.53
C GLN T 44 44.01 62.31 -70.09
N THR T 45 45.22 62.84 -69.83
CA THR T 45 45.78 62.89 -68.49
C THR T 45 44.90 63.70 -67.53
N PHE T 46 44.38 64.83 -68.01
CA PHE T 46 43.49 65.67 -67.21
C PHE T 46 42.23 64.92 -66.81
N ASP T 47 41.51 64.41 -67.80
CA ASP T 47 40.30 63.63 -67.56
C ASP T 47 40.60 62.49 -66.58
N GLU T 48 41.58 61.67 -66.90
CA GLU T 48 41.97 60.56 -66.03
C GLU T 48 42.20 61.03 -64.60
N THR T 49 42.97 62.11 -64.46
CA THR T 49 43.29 62.63 -63.15
C THR T 49 42.03 63.04 -62.40
N ILE T 50 41.04 63.55 -63.13
CA ILE T 50 39.77 63.92 -62.53
C ILE T 50 39.01 62.71 -61.98
N LYS T 51 38.86 61.68 -62.81
CA LYS T 51 38.17 60.47 -62.42
C LYS T 51 38.74 59.86 -61.13
N GLU T 52 40.00 59.45 -61.15
CA GLU T 52 40.56 58.76 -60.00
C GLU T 52 40.34 59.51 -58.70
N LEU T 53 40.40 60.84 -58.72
CA LEU T 53 40.12 61.57 -57.49
C LEU T 53 38.62 61.85 -57.28
N SER T 54 37.82 61.54 -58.28
CA SER T 54 36.38 61.55 -58.12
C SER T 54 36.00 60.26 -57.44
N ARG T 55 36.60 59.16 -57.91
CA ARG T 55 36.44 57.86 -57.27
C ARG T 55 36.70 57.96 -55.76
N PHE T 56 37.77 58.66 -55.38
CA PHE T 56 38.08 58.86 -53.97
C PHE T 56 36.84 59.38 -53.23
N LYS T 57 36.40 60.57 -53.62
CA LYS T 57 35.20 61.18 -53.06
C LYS T 57 34.04 60.18 -53.03
N GLN T 58 33.97 59.34 -54.06
CA GLN T 58 32.88 58.39 -54.20
C GLN T 58 32.98 57.28 -53.16
N GLU T 59 33.96 56.39 -53.33
CA GLU T 59 34.15 55.22 -52.47
C GLU T 59 33.94 55.52 -50.99
N TYR T 60 34.52 56.62 -50.51
CA TYR T 60 34.36 57.01 -49.11
C TYR T 60 32.94 57.45 -48.79
N SER T 61 32.37 58.28 -49.67
CA SER T 61 30.95 58.61 -49.53
C SER T 61 30.19 57.32 -49.23
N GLN T 62 30.31 56.36 -50.15
CA GLN T 62 29.70 55.05 -49.99
C GLN T 62 29.86 54.52 -48.56
N ALA T 63 31.11 54.29 -48.16
CA ALA T 63 31.39 53.72 -46.85
C ALA T 63 30.69 54.50 -45.76
N ALA T 64 31.14 55.74 -45.55
CA ALA T 64 30.60 56.60 -44.50
C ALA T 64 29.06 56.56 -44.50
N SER T 65 28.47 56.72 -45.67
CA SER T 65 27.03 56.69 -45.79
C SER T 65 26.46 55.47 -45.09
N VAL T 66 26.75 54.29 -45.61
CA VAL T 66 26.22 53.05 -45.04
C VAL T 66 26.56 52.88 -43.55
N LEU T 67 27.74 53.28 -43.12
CA LEU T 67 28.09 53.17 -41.70
C LEU T 67 27.27 54.12 -40.87
N VAL T 68 27.38 55.42 -41.17
CA VAL T 68 26.60 56.44 -40.48
C VAL T 68 25.13 56.07 -40.40
N GLY T 69 24.64 55.33 -41.39
CA GLY T 69 23.27 54.87 -41.40
C GLY T 69 23.03 53.77 -40.39
N ASP T 70 23.92 52.77 -40.41
CA ASP T 70 23.86 51.69 -39.45
C ASP T 70 23.90 52.27 -38.03
N ILE T 71 24.82 53.19 -37.80
CA ILE T 71 24.93 53.87 -36.51
C ILE T 71 23.58 54.43 -36.06
N LYS T 72 22.85 55.05 -36.98
CA LYS T 72 21.53 55.57 -36.63
C LYS T 72 20.61 54.44 -36.20
N THR T 73 20.44 53.45 -37.07
CA THR T 73 19.70 52.25 -36.71
C THR T 73 20.07 51.86 -35.28
N LEU T 74 21.36 51.63 -35.02
CA LEU T 74 21.83 51.25 -33.70
C LEU T 74 21.38 52.20 -32.60
N LEU T 75 21.53 53.49 -32.84
CA LEU T 75 21.10 54.50 -31.88
C LEU T 75 19.61 54.35 -31.60
N MET T 76 18.83 54.34 -32.67
CA MET T 76 17.38 54.16 -32.57
C MET T 76 17.00 52.84 -31.85
N ASP T 77 17.73 51.77 -32.16
CA ASP T 77 17.55 50.49 -31.50
C ASP T 77 17.66 50.67 -29.99
N SER T 78 18.77 51.27 -29.55
CA SER T 78 19.00 51.52 -28.15
C SER T 78 17.80 52.25 -27.53
N GLN T 79 17.49 53.41 -28.08
CA GLN T 79 16.40 54.23 -27.56
C GLN T 79 15.19 53.39 -27.18
N ASP T 80 14.70 52.60 -28.12
CA ASP T 80 13.56 51.73 -27.85
C ASP T 80 13.87 50.80 -26.67
N LYS T 81 15.04 50.18 -26.68
CA LYS T 81 15.40 49.28 -25.59
C LYS T 81 15.50 49.99 -24.24
N TYR T 82 15.92 51.26 -24.28
CA TYR T 82 15.94 52.09 -23.09
C TYR T 82 14.52 52.28 -22.61
N PHE T 83 13.67 52.78 -23.50
CA PHE T 83 12.26 53.00 -23.20
C PHE T 83 11.64 51.79 -22.53
N GLU T 84 11.70 50.66 -23.22
CA GLU T 84 11.27 49.39 -22.66
C GLU T 84 11.78 49.26 -21.23
N ALA T 85 13.10 49.14 -21.08
CA ALA T 85 13.71 48.96 -19.77
C ALA T 85 13.11 49.87 -18.71
N THR T 86 13.21 51.17 -18.94
CA THR T 86 12.71 52.15 -17.99
C THR T 86 11.21 51.95 -17.73
N GLN T 87 10.45 51.83 -18.81
CA GLN T 87 9.00 51.70 -18.71
C GLN T 87 8.65 50.49 -17.86
N THR T 88 9.21 49.34 -18.24
CA THR T 88 9.07 48.12 -17.45
C THR T 88 9.24 48.40 -15.96
N VAL T 89 10.33 49.09 -15.62
CA VAL T 89 10.59 49.44 -14.23
C VAL T 89 9.51 50.34 -13.65
N TYR T 90 9.26 51.48 -14.30
CA TYR T 90 8.23 52.41 -13.85
C TYR T 90 6.88 51.72 -13.58
N GLU T 91 6.61 50.65 -14.31
CA GLU T 91 5.39 49.89 -14.10
C GLU T 91 5.42 49.15 -12.77
N TRP T 92 6.47 48.35 -12.56
CA TRP T 92 6.59 47.60 -11.32
C TRP T 92 6.80 48.54 -10.13
N CYS T 93 7.77 49.44 -10.29
CA CYS T 93 8.13 50.41 -9.26
C CYS T 93 6.85 51.09 -8.76
N GLY T 94 5.77 50.91 -9.52
CA GLY T 94 4.55 51.65 -9.27
C GLY T 94 3.48 50.85 -8.56
N VAL T 95 3.28 49.61 -9.00
CA VAL T 95 2.44 48.70 -8.25
C VAL T 95 3.06 48.47 -6.88
N ALA T 96 4.38 48.27 -6.89
CA ALA T 96 5.13 48.07 -5.65
C ALA T 96 4.84 49.12 -4.56
N THR T 97 5.00 50.41 -4.87
CA THR T 97 4.82 51.48 -3.86
C THR T 97 3.49 51.39 -3.14
N GLN T 98 2.44 51.19 -3.92
CA GLN T 98 1.10 51.01 -3.37
C GLN T 98 1.08 49.86 -2.34
N LEU T 99 1.74 48.75 -2.69
CA LEU T 99 1.77 47.58 -1.83
C LEU T 99 2.57 47.77 -0.55
N LEU T 100 3.80 48.27 -0.69
CA LEU T 100 4.60 48.60 0.48
C LEU T 100 3.82 49.56 1.39
N ALA T 101 3.15 50.53 0.78
CA ALA T 101 2.39 51.54 1.50
C ALA T 101 1.28 50.89 2.28
N ALA T 102 0.61 49.95 1.63
CA ALA T 102 -0.46 49.19 2.25
C ALA T 102 0.10 48.37 3.40
N TYR T 103 1.19 47.66 3.15
CA TYR T 103 1.81 46.84 4.19
C TYR T 103 2.12 47.68 5.41
N ILE T 104 2.70 48.85 5.18
CA ILE T 104 3.04 49.79 6.25
C ILE T 104 1.80 50.21 7.04
N LEU T 105 0.69 50.33 6.33
CA LEU T 105 -0.57 50.76 6.92
C LEU T 105 -1.28 49.65 7.67
N LEU T 106 -1.54 48.54 6.99
CA LEU T 106 -2.34 47.47 7.55
C LEU T 106 -1.68 46.83 8.77
N PHE T 107 -0.38 47.05 8.91
CA PHE T 107 0.35 46.50 10.05
C PHE T 107 0.93 47.55 10.98
N ASP T 108 0.17 48.62 11.19
CA ASP T 108 0.55 49.57 12.21
C ASP T 108 0.58 48.76 13.48
N GLU T 109 -0.59 48.18 13.79
CA GLU T 109 -0.70 47.17 14.82
C GLU T 109 -0.90 45.84 14.10
N TYR T 110 -0.16 44.83 14.52
CA TYR T 110 -0.15 43.53 13.84
C TYR T 110 -1.53 43.00 13.49
N ASN T 111 -1.75 42.69 12.21
CA ASN T 111 -3.03 42.16 11.77
C ASN T 111 -2.91 40.65 11.61
N GLU T 112 -3.42 39.92 12.59
CA GLU T 112 -3.12 38.49 12.68
C GLU T 112 -3.62 37.69 11.50
N LYS T 113 -4.70 38.16 10.88
CA LYS T 113 -5.35 37.37 9.83
C LYS T 113 -4.67 37.58 8.50
N LYS T 114 -4.48 38.84 8.16
CA LYS T 114 -3.84 39.16 6.91
C LYS T 114 -2.34 38.90 6.96
N ALA T 115 -1.85 38.54 8.15
CA ALA T 115 -0.42 38.35 8.33
C ALA T 115 0.22 37.41 7.31
N SER T 116 -0.38 36.24 7.12
CA SER T 116 0.18 35.25 6.21
C SER T 116 0.17 35.73 4.76
N ALA T 117 -0.92 36.38 4.33
CA ALA T 117 -0.98 36.95 2.98
C ALA T 117 0.07 38.04 2.80
N GLN T 118 0.02 39.06 3.65
CA GLN T 118 0.92 40.17 3.55
C GLN T 118 2.33 39.68 3.29
N LYS T 119 2.72 38.61 4.00
CA LYS T 119 4.03 38.01 3.83
C LYS T 119 4.20 37.48 2.41
N ASP T 120 3.30 36.60 2.00
CA ASP T 120 3.29 36.06 0.64
C ASP T 120 3.32 37.18 -0.38
N ILE T 121 2.45 38.17 -0.18
CA ILE T 121 2.43 39.34 -1.05
C ILE T 121 3.80 40.03 -1.11
N LEU T 122 4.30 40.47 0.04
CA LEU T 122 5.60 41.13 0.07
C LEU T 122 6.61 40.35 -0.72
N ILE T 123 6.55 39.03 -0.62
CA ILE T 123 7.47 38.20 -1.37
C ILE T 123 7.28 38.33 -2.90
N LYS T 124 6.09 37.99 -3.38
CA LYS T 124 5.81 38.05 -4.81
C LYS T 124 6.22 39.41 -5.40
N VAL T 125 5.60 40.48 -4.92
CA VAL T 125 5.91 41.81 -5.46
C VAL T 125 7.40 42.12 -5.44
N LEU T 126 8.07 41.78 -4.33
CA LEU T 126 9.50 42.03 -4.24
C LEU T 126 10.24 41.12 -5.22
N ASP T 127 10.06 39.82 -5.04
CA ASP T 127 10.66 38.82 -5.90
C ASP T 127 10.51 39.20 -7.37
N ASP T 128 9.30 39.59 -7.74
CA ASP T 128 8.97 39.93 -9.11
C ASP T 128 9.82 41.10 -9.61
N GLY T 129 9.69 42.26 -8.96
CA GLY T 129 10.48 43.43 -9.34
C GLY T 129 11.95 43.12 -9.39
N ILE T 130 12.43 42.31 -8.45
CA ILE T 130 13.83 41.89 -8.43
C ILE T 130 14.24 41.25 -9.74
N THR T 131 13.39 40.36 -10.26
CA THR T 131 13.66 39.77 -11.57
C THR T 131 13.54 40.80 -12.67
N LYS T 132 12.39 41.47 -12.71
CA LYS T 132 12.13 42.50 -13.70
C LYS T 132 13.26 43.54 -13.77
N LEU T 133 13.68 43.99 -12.60
CA LEU T 133 14.73 44.98 -12.49
C LEU T 133 16.01 44.44 -13.10
N ASN T 134 16.34 43.21 -12.76
CA ASN T 134 17.54 42.58 -13.29
C ASN T 134 17.54 42.59 -14.82
N GLU T 135 16.49 42.00 -15.40
CA GLU T 135 16.40 41.91 -16.85
C GLU T 135 16.53 43.28 -17.51
N ALA T 136 15.98 44.32 -16.87
CA ALA T 136 16.08 45.67 -17.41
C ALA T 136 17.53 46.02 -17.63
N GLN T 137 18.32 45.79 -16.59
CA GLN T 137 19.74 46.05 -16.61
C GLN T 137 20.42 45.30 -17.76
N LYS T 138 20.21 43.99 -17.83
CA LYS T 138 20.84 43.19 -18.86
C LYS T 138 20.47 43.74 -20.23
N SER T 139 19.18 44.02 -20.43
CA SER T 139 18.72 44.59 -21.69
C SER T 139 19.53 45.84 -22.02
N LEU T 140 19.70 46.71 -21.04
CA LEU T 140 20.43 47.95 -21.24
C LEU T 140 21.90 47.71 -21.52
N LEU T 141 22.50 46.83 -20.73
CA LEU T 141 23.91 46.48 -20.90
C LEU T 141 24.16 45.98 -22.31
N VAL T 142 23.29 45.10 -22.78
CA VAL T 142 23.42 44.55 -24.12
C VAL T 142 23.32 45.66 -25.17
N SER T 143 22.43 46.61 -24.94
CA SER T 143 22.26 47.71 -25.88
C SER T 143 23.56 48.48 -25.95
N SER T 144 24.19 48.68 -24.80
CA SER T 144 25.47 49.40 -24.77
C SER T 144 26.52 48.68 -25.59
N GLN T 145 26.58 47.36 -25.40
CA GLN T 145 27.54 46.52 -26.11
C GLN T 145 27.37 46.62 -27.62
N SER T 146 26.15 46.91 -28.07
CA SER T 146 25.83 46.94 -29.50
C SER T 146 26.70 47.90 -30.31
N PHE T 147 26.85 49.12 -29.82
CA PHE T 147 27.58 50.16 -30.53
C PHE T 147 29.06 49.85 -30.69
N ASN T 148 29.57 48.92 -29.90
CA ASN T 148 31.01 48.69 -29.84
C ASN T 148 31.64 48.37 -31.20
N ASN T 149 31.06 47.42 -31.92
CA ASN T 149 31.60 47.05 -33.23
C ASN T 149 31.63 48.25 -34.16
N ALA T 150 30.47 48.85 -34.35
CA ALA T 150 30.33 50.07 -35.13
C ALA T 150 31.37 51.12 -34.73
N SER T 151 31.51 51.35 -33.43
CA SER T 151 32.44 52.36 -32.93
C SER T 151 33.85 52.12 -33.49
N GLY T 152 34.22 50.86 -33.64
CA GLY T 152 35.51 50.51 -34.22
C GLY T 152 35.55 50.83 -35.71
N LYS T 153 34.61 50.26 -36.45
CA LYS T 153 34.50 50.54 -37.88
C LYS T 153 34.61 52.04 -38.17
N LEU T 154 33.98 52.85 -37.33
CA LEU T 154 34.08 54.30 -37.44
C LEU T 154 35.53 54.76 -37.46
N LEU T 155 36.28 54.38 -36.44
CA LEU T 155 37.68 54.78 -36.37
C LEU T 155 38.49 54.26 -37.55
N ALA T 156 38.30 53.00 -37.92
CA ALA T 156 38.99 52.48 -39.10
C ALA T 156 38.82 53.44 -40.26
N LEU T 157 37.57 53.69 -40.62
CA LEU T 157 37.22 54.63 -41.67
C LEU T 157 38.01 55.93 -41.55
N ASP T 158 37.83 56.63 -40.45
CA ASP T 158 38.56 57.86 -40.20
C ASP T 158 40.07 57.66 -40.34
N SER T 159 40.64 56.72 -39.58
CA SER T 159 42.07 56.42 -39.67
C SER T 159 42.55 56.41 -41.14
N GLN T 160 41.84 55.68 -41.98
CA GLN T 160 42.24 55.51 -43.38
C GLN T 160 41.96 56.73 -44.25
N LEU T 161 40.71 57.17 -44.26
CA LEU T 161 40.32 58.38 -44.99
C LEU T 161 41.29 59.53 -44.74
N THR T 162 41.88 59.55 -43.55
CA THR T 162 42.89 60.57 -43.24
C THR T 162 44.18 60.27 -43.99
N ASN T 163 44.70 59.06 -43.79
CA ASN T 163 45.90 58.64 -44.49
C ASN T 163 45.74 58.67 -46.00
N ASP T 164 44.58 58.22 -46.46
CA ASP T 164 44.32 58.07 -47.89
C ASP T 164 44.19 59.43 -48.58
N PHE T 165 43.74 60.43 -47.81
CA PHE T 165 43.53 61.76 -48.36
C PHE T 165 44.85 62.43 -48.69
N SER T 166 45.82 62.29 -47.80
CA SER T 166 47.15 62.83 -48.04
C SER T 166 47.79 62.12 -49.22
N GLU T 167 47.34 60.89 -49.47
CA GLU T 167 47.89 60.10 -50.58
C GLU T 167 47.36 60.58 -51.93
N LYS T 168 46.15 61.13 -51.93
CA LYS T 168 45.62 61.72 -53.15
C LYS T 168 46.20 63.11 -53.38
N SER T 169 46.37 63.86 -52.30
CA SER T 169 46.97 65.19 -52.38
C SER T 169 48.38 65.09 -52.95
N SER T 170 49.04 63.95 -52.70
CA SER T 170 50.35 63.69 -53.29
C SER T 170 50.20 63.32 -54.75
N TYR T 171 49.19 62.51 -55.05
CA TYR T 171 48.91 62.07 -56.42
C TYR T 171 48.49 63.23 -57.30
N PHE T 172 47.87 64.23 -56.69
CA PHE T 172 47.45 65.41 -57.43
C PHE T 172 48.66 66.10 -58.04
N GLN T 173 49.52 66.68 -57.21
CA GLN T 173 50.67 67.41 -57.72
C GLN T 173 51.55 66.52 -58.60
N SER T 174 51.72 65.27 -58.21
CA SER T 174 52.50 64.33 -59.00
C SER T 174 51.86 64.12 -60.36
N GLN T 175 50.57 64.43 -60.44
CA GLN T 175 49.82 64.22 -61.66
C GLN T 175 49.76 65.47 -62.49
N VAL T 176 49.45 66.61 -61.87
CA VAL T 176 49.48 67.88 -62.61
C VAL T 176 50.85 68.09 -63.26
N ASP T 177 51.89 67.60 -62.58
CA ASP T 177 53.22 67.56 -63.14
C ASP T 177 53.21 66.79 -64.45
N LYS T 178 52.72 65.56 -64.41
CA LYS T 178 52.63 64.76 -65.62
C LYS T 178 52.01 65.58 -66.75
N ILE T 179 51.08 66.48 -66.39
CA ILE T 179 50.37 67.28 -67.38
C ILE T 179 51.27 68.34 -68.04
N ARG T 180 52.08 69.03 -67.24
CA ARG T 180 53.02 70.00 -67.78
C ARG T 180 54.03 69.25 -68.65
N LYS T 181 54.67 68.25 -68.06
CA LYS T 181 55.69 67.46 -68.74
C LYS T 181 55.20 66.95 -70.09
N GLU T 182 53.93 66.60 -70.17
CA GLU T 182 53.37 66.10 -71.42
C GLU T 182 53.12 67.22 -72.41
N ALA T 183 52.67 68.37 -71.88
CA ALA T 183 52.26 69.48 -72.73
C ALA T 183 53.44 70.29 -73.26
N TYR T 184 54.44 70.51 -72.40
CA TYR T 184 55.59 71.29 -72.81
C TYR T 184 56.58 70.49 -73.64
N ALA T 185 56.68 69.19 -73.38
CA ALA T 185 57.42 68.32 -74.27
C ALA T 185 56.76 68.38 -75.66
N GLY T 186 55.49 68.75 -75.69
CA GLY T 186 54.75 68.91 -76.92
C GLY T 186 54.96 70.24 -77.63
N ALA T 187 54.79 71.34 -76.91
CA ALA T 187 55.06 72.67 -77.46
C ALA T 187 56.50 72.70 -77.89
N ALA T 188 57.39 72.42 -76.93
CA ALA T 188 58.82 72.33 -77.23
C ALA T 188 59.09 71.66 -78.59
N ALA T 189 58.23 70.71 -78.96
CA ALA T 189 58.40 69.96 -80.21
C ALA T 189 58.23 70.83 -81.47
N GLY T 190 57.90 72.10 -81.28
CA GLY T 190 57.70 73.03 -82.39
C GLY T 190 59.01 73.54 -82.98
N VAL T 191 60.11 73.25 -82.31
CA VAL T 191 61.44 73.64 -82.79
C VAL T 191 61.64 73.27 -84.26
N VAL T 192 60.96 72.21 -84.71
CA VAL T 192 61.06 71.75 -86.10
C VAL T 192 60.54 72.80 -87.07
N ALA T 193 59.26 73.16 -86.95
CA ALA T 193 58.73 74.28 -87.72
C ALA T 193 59.11 75.59 -87.04
N GLY T 194 58.93 76.71 -87.75
CA GLY T 194 59.43 78.01 -87.31
C GLY T 194 59.14 78.42 -85.87
N PRO T 195 59.96 79.33 -85.32
CA PRO T 195 59.73 79.82 -83.95
C PRO T 195 58.36 80.48 -83.80
N PHE T 196 57.86 81.10 -84.85
CA PHE T 196 56.50 81.63 -84.84
C PHE T 196 55.53 80.48 -84.63
N GLY T 197 55.98 79.28 -84.98
CA GLY T 197 55.22 78.07 -84.71
C GLY T 197 55.14 77.81 -83.22
N LEU T 198 56.20 78.14 -82.49
CA LEU T 198 56.18 78.00 -81.03
C LEU T 198 55.11 78.89 -80.40
N ILE T 199 55.09 80.16 -80.79
CA ILE T 199 54.04 81.07 -80.31
C ILE T 199 52.67 80.40 -80.44
N ILE T 200 52.36 79.91 -81.64
CA ILE T 200 51.10 79.21 -81.87
C ILE T 200 50.98 77.97 -80.97
N SER T 201 52.01 77.13 -81.00
CA SER T 201 52.03 75.86 -80.27
C SER T 201 51.90 76.07 -78.76
N TYR T 202 52.82 76.86 -78.24
CA TYR T 202 52.93 77.16 -76.83
C TYR T 202 51.68 77.90 -76.30
N SER T 203 51.11 78.81 -77.11
CA SER T 203 49.85 79.45 -76.74
C SER T 203 48.75 78.40 -76.66
N ILE T 204 48.68 77.54 -77.66
CA ILE T 204 47.73 76.43 -77.65
C ILE T 204 47.88 75.59 -76.37
N ALA T 205 49.11 75.38 -75.92
CA ALA T 205 49.38 74.52 -74.78
C ALA T 205 49.31 75.23 -73.44
N ALA T 206 50.42 75.86 -73.04
CA ALA T 206 50.48 76.59 -71.78
C ALA T 206 49.21 77.38 -71.53
N GLY T 207 48.64 77.94 -72.60
CA GLY T 207 47.41 78.68 -72.51
C GLY T 207 46.27 77.83 -71.99
N VAL T 208 45.92 76.78 -72.72
CA VAL T 208 44.83 75.89 -72.33
C VAL T 208 45.13 75.17 -71.02
N VAL T 209 46.38 74.75 -70.84
CA VAL T 209 46.77 74.06 -69.62
C VAL T 209 46.64 74.95 -68.40
N GLU T 210 47.42 76.04 -68.38
CA GLU T 210 47.44 76.95 -67.26
C GLU T 210 46.16 77.78 -67.21
N GLY T 211 45.37 77.67 -68.28
CA GLY T 211 44.13 78.41 -68.42
C GLY T 211 42.94 77.75 -67.73
N LYS T 212 42.56 76.56 -68.17
CA LYS T 212 41.46 75.84 -67.52
C LYS T 212 41.95 74.60 -66.77
N LEU T 213 42.86 73.84 -67.37
CA LEU T 213 43.27 72.55 -66.80
C LEU T 213 43.78 72.61 -65.36
N ILE T 214 45.00 73.10 -65.17
CA ILE T 214 45.58 73.14 -63.83
C ILE T 214 44.64 73.70 -62.77
N PRO T 215 43.99 74.84 -63.08
CA PRO T 215 43.05 75.46 -62.14
C PRO T 215 41.89 74.53 -61.82
N GLU T 216 41.38 73.86 -62.84
CA GLU T 216 40.31 72.88 -62.65
C GLU T 216 40.74 71.82 -61.64
N LEU T 217 41.93 71.26 -61.85
CA LEU T 217 42.49 70.29 -60.93
C LEU T 217 42.58 70.85 -59.52
N LYS T 218 43.18 72.04 -59.39
CA LYS T 218 43.27 72.71 -58.09
C LYS T 218 41.88 72.89 -57.51
N ASN T 219 40.86 72.88 -58.38
CA ASN T 219 39.50 73.03 -57.90
C ASN T 219 38.96 71.76 -57.24
N LYS T 220 39.15 70.62 -57.89
CA LYS T 220 38.71 69.36 -57.29
C LYS T 220 39.51 69.02 -56.05
N LEU T 221 40.83 69.21 -56.11
CA LEU T 221 41.66 68.99 -54.95
C LEU T 221 41.04 69.70 -53.76
N LYS T 222 40.36 70.81 -54.01
CA LYS T 222 39.68 71.54 -52.95
C LYS T 222 38.33 70.93 -52.62
N SER T 223 37.55 70.57 -53.63
CA SER T 223 36.23 69.97 -53.38
C SER T 223 36.39 68.67 -52.61
N VAL T 224 37.50 67.98 -52.87
CA VAL T 224 37.87 66.79 -52.13
C VAL T 224 38.22 67.14 -50.70
N GLN T 225 39.30 67.92 -50.56
CA GLN T 225 39.77 68.35 -49.25
C GLN T 225 38.61 68.96 -48.46
N ASN T 226 37.65 69.53 -49.19
CA ASN T 226 36.46 70.11 -48.59
C ASN T 226 35.56 69.00 -48.04
N PHE T 227 35.32 67.99 -48.87
CA PHE T 227 34.48 66.87 -48.48
C PHE T 227 35.15 66.00 -47.43
N PHE T 228 36.44 65.76 -47.61
CA PHE T 228 37.22 65.05 -46.59
C PHE T 228 36.94 65.65 -45.20
N THR T 229 36.92 66.97 -45.11
CA THR T 229 36.69 67.63 -43.82
C THR T 229 35.28 67.39 -43.31
N THR T 230 34.27 67.76 -44.08
CA THR T 230 32.88 67.59 -43.63
C THR T 230 32.64 66.15 -43.17
N LEU T 231 33.20 65.19 -43.91
CA LEU T 231 33.07 63.79 -43.56
C LEU T 231 33.76 63.47 -42.25
N SER T 232 35.01 63.91 -42.11
CA SER T 232 35.75 63.67 -40.88
C SER T 232 34.95 64.16 -39.66
N ASN T 233 34.28 65.29 -39.84
CA ASN T 233 33.42 65.85 -38.80
C ASN T 233 32.14 65.05 -38.61
N THR T 234 31.62 64.50 -39.70
CA THR T 234 30.43 63.67 -39.63
C THR T 234 30.76 62.44 -38.79
N VAL T 235 32.03 62.06 -38.79
CA VAL T 235 32.50 60.93 -38.00
C VAL T 235 32.63 61.33 -36.54
N LYS T 236 33.35 62.41 -36.28
CA LYS T 236 33.50 62.91 -34.92
C LYS T 236 32.14 62.99 -34.24
N GLN T 237 31.11 63.35 -34.99
CA GLN T 237 29.76 63.44 -34.45
C GLN T 237 29.28 62.07 -34.00
N ALA T 238 29.20 61.13 -34.93
CA ALA T 238 28.80 59.76 -34.61
C ALA T 238 29.54 59.23 -33.37
N ASN T 239 30.86 59.37 -33.36
CA ASN T 239 31.62 58.92 -32.20
C ASN T 239 31.13 59.57 -30.90
N LYS T 240 30.75 60.84 -30.97
CA LYS T 240 30.22 61.56 -29.82
C LYS T 240 28.80 61.09 -29.48
N ASP T 241 27.98 60.87 -30.50
CA ASP T 241 26.61 60.40 -30.32
C ASP T 241 26.58 59.01 -29.69
N ILE T 242 27.38 58.10 -30.24
CA ILE T 242 27.44 56.74 -29.73
C ILE T 242 27.86 56.77 -28.29
N ASP T 243 28.90 57.52 -27.99
CA ASP T 243 29.44 57.56 -26.65
C ASP T 243 28.42 58.09 -25.64
N ALA T 244 27.64 59.07 -26.08
CA ALA T 244 26.61 59.67 -25.24
C ALA T 244 25.52 58.66 -24.91
N ALA T 245 25.16 57.84 -25.89
CA ALA T 245 24.17 56.80 -25.68
C ALA T 245 24.69 55.78 -24.67
N LYS T 246 25.92 55.32 -24.88
CA LYS T 246 26.51 54.33 -24.00
C LYS T 246 26.51 54.84 -22.55
N LEU T 247 26.70 56.14 -22.38
CA LEU T 247 26.69 56.78 -21.07
C LEU T 247 25.31 56.64 -20.45
N LYS T 248 24.34 57.31 -21.06
CA LYS T 248 22.94 57.22 -20.66
C LYS T 248 22.60 55.80 -20.23
N LEU T 249 23.00 54.83 -21.05
CA LEU T 249 22.67 53.44 -20.78
C LEU T 249 23.20 52.93 -19.44
N THR T 250 24.51 53.00 -19.24
CA THR T 250 25.11 52.47 -18.02
C THR T 250 24.66 53.25 -16.80
N THR T 251 24.62 54.57 -16.93
CA THR T 251 24.19 55.41 -15.82
C THR T 251 22.75 55.11 -15.41
N GLU T 252 21.96 54.60 -16.35
CA GLU T 252 20.63 54.12 -16.03
C GLU T 252 20.73 52.76 -15.37
N ILE T 253 21.46 51.84 -16.00
CA ILE T 253 21.74 50.54 -15.43
C ILE T 253 22.05 50.63 -13.95
N ALA T 254 22.93 51.55 -13.58
CA ALA T 254 23.37 51.66 -12.20
C ALA T 254 22.30 52.31 -11.32
N ALA T 255 21.54 53.22 -11.91
CA ALA T 255 20.44 53.88 -11.22
C ALA T 255 19.36 52.86 -10.88
N ILE T 256 19.08 51.99 -11.85
CA ILE T 256 18.17 50.89 -11.60
C ILE T 256 18.81 50.01 -10.54
N GLY T 257 20.13 49.90 -10.59
CA GLY T 257 20.86 49.14 -9.60
C GLY T 257 20.52 49.57 -8.17
N GLU T 258 20.44 50.87 -7.95
CA GLU T 258 20.11 51.38 -6.63
C GLU T 258 18.83 50.74 -6.08
N ILE T 259 17.77 50.75 -6.87
CA ILE T 259 16.52 50.14 -6.45
C ILE T 259 16.71 48.65 -6.19
N LYS T 260 17.20 47.95 -7.20
CA LYS T 260 17.44 46.52 -7.10
C LYS T 260 17.97 46.16 -5.72
N THR T 261 19.11 46.72 -5.34
CA THR T 261 19.74 46.37 -4.07
C THR T 261 18.78 46.59 -2.92
N GLU T 262 18.15 47.76 -2.86
CA GLU T 262 17.20 48.04 -1.78
C GLU T 262 16.11 46.97 -1.74
N THR T 263 15.52 46.73 -2.90
CA THR T 263 14.49 45.71 -3.05
C THR T 263 15.00 44.38 -2.55
N GLU T 264 16.12 43.95 -3.14
CA GLU T 264 16.72 42.67 -2.80
C GLU T 264 16.89 42.56 -1.28
N THR T 265 17.29 43.66 -0.65
CA THR T 265 17.46 43.69 0.81
C THR T 265 16.14 43.44 1.52
N THR T 266 15.21 44.40 1.34
CA THR T 266 13.85 44.30 1.86
C THR T 266 13.31 42.87 1.73
N ARG T 267 13.53 42.24 0.60
CA ARG T 267 13.13 40.85 0.44
C ARG T 267 13.71 39.99 1.57
N PHE T 268 15.02 40.00 1.72
CA PHE T 268 15.64 39.21 2.77
C PHE T 268 15.02 39.49 4.14
N TYR T 269 14.75 40.75 4.42
CA TYR T 269 14.12 41.13 5.68
C TYR T 269 12.77 40.43 5.90
N VAL T 270 11.98 40.33 4.84
CA VAL T 270 10.74 39.57 4.88
C VAL T 270 11.00 38.14 5.37
N ASP T 271 12.19 37.62 5.09
CA ASP T 271 12.56 36.25 5.49
C ASP T 271 12.70 36.02 7.01
N TYR T 272 12.70 37.10 7.78
CA TYR T 272 12.76 36.97 9.23
C TYR T 272 11.43 36.50 9.82
N ASP T 273 10.33 36.79 9.12
CA ASP T 273 8.97 36.40 9.52
C ASP T 273 8.28 37.47 10.31
N ASP T 274 9.06 38.19 11.09
CA ASP T 274 8.51 39.25 11.90
C ASP T 274 8.02 40.36 10.99
N LEU T 275 6.76 40.28 10.57
CA LEU T 275 6.16 41.32 9.74
C LEU T 275 6.17 42.65 10.42
N MET T 276 6.64 42.67 11.68
CA MET T 276 6.61 43.85 12.52
C MET T 276 8.02 44.38 12.82
N LEU T 277 9.03 43.66 12.32
CA LEU T 277 10.43 44.00 12.56
C LEU T 277 10.73 45.38 12.03
N SER T 278 11.32 46.24 12.86
CA SER T 278 11.60 47.60 12.45
C SER T 278 12.35 47.63 11.12
N LEU T 279 13.35 46.77 10.99
CA LEU T 279 14.12 46.72 9.76
C LEU T 279 13.19 46.62 8.56
N LEU T 280 12.47 45.50 8.46
CA LEU T 280 11.59 45.29 7.31
C LEU T 280 10.66 46.45 7.14
N LYS T 281 10.28 47.08 8.24
CA LYS T 281 9.33 48.17 8.16
C LYS T 281 10.05 49.35 7.57
N GLU T 282 11.22 49.65 8.12
CA GLU T 282 12.03 50.75 7.62
C GLU T 282 12.43 50.52 6.18
N ALA T 283 13.01 49.35 5.91
CA ALA T 283 13.36 48.96 4.56
C ALA T 283 12.25 49.28 3.58
N ALA T 284 11.02 48.95 3.96
CA ALA T 284 9.86 49.18 3.11
C ALA T 284 9.59 50.66 2.93
N LYS T 285 9.87 51.45 3.95
CA LYS T 285 9.67 52.88 3.87
C LYS T 285 10.75 53.49 2.98
N LYS T 286 11.98 52.99 3.12
CA LYS T 286 13.10 53.46 2.30
C LYS T 286 12.80 53.20 0.83
N MET T 287 12.41 51.97 0.53
CA MET T 287 12.02 51.61 -0.83
C MET T 287 11.11 52.65 -1.47
N ILE T 288 10.17 53.19 -0.70
CA ILE T 288 9.24 54.18 -1.21
C ILE T 288 9.92 55.53 -1.45
N ASN T 289 10.90 55.86 -0.61
CA ASN T 289 11.74 57.01 -0.87
C ASN T 289 12.67 56.78 -2.07
N THR T 290 13.55 55.77 -2.00
CA THR T 290 14.44 55.42 -3.11
C THR T 290 13.71 55.46 -4.45
N CYS T 291 12.49 54.93 -4.50
CA CYS T 291 11.68 55.00 -5.72
C CYS T 291 11.33 56.45 -6.07
N ASN T 292 10.78 57.17 -5.10
CA ASN T 292 10.38 58.54 -5.33
C ASN T 292 11.51 59.41 -5.91
N GLU T 293 12.72 59.27 -5.38
CA GLU T 293 13.88 60.02 -5.87
C GLU T 293 14.24 59.63 -7.30
N TYR T 294 14.06 58.35 -7.60
CA TYR T 294 14.27 57.83 -8.96
C TYR T 294 13.34 58.50 -9.98
N GLN T 295 12.15 58.90 -9.55
CA GLN T 295 11.17 59.55 -10.43
C GLN T 295 11.46 61.02 -10.70
N LYS T 296 11.93 61.73 -9.69
CA LYS T 296 12.24 63.15 -9.84
C LYS T 296 13.44 63.33 -10.75
N ARG T 297 14.63 62.94 -10.27
CA ARG T 297 15.82 63.01 -11.09
C ARG T 297 15.56 62.35 -12.44
N HIS T 298 15.10 61.11 -12.37
CA HIS T 298 14.86 60.30 -13.56
C HIS T 298 13.37 60.16 -13.85
N LYS U 14 37.09 51.18 -121.03
CA LYS U 14 37.80 52.15 -120.20
C LYS U 14 37.17 53.54 -120.33
N THR U 15 35.85 53.58 -120.41
CA THR U 15 35.11 54.83 -120.50
C THR U 15 34.31 55.04 -119.24
N VAL U 16 33.75 53.94 -118.72
CA VAL U 16 32.92 53.99 -117.53
C VAL U 16 33.77 54.08 -116.28
N GLU U 17 35.03 53.67 -116.40
CA GLU U 17 35.93 53.62 -115.25
C GLU U 17 36.05 54.97 -114.55
N VAL U 18 35.74 56.05 -115.26
CA VAL U 18 35.72 57.36 -114.63
C VAL U 18 34.63 57.44 -113.56
N VAL U 19 33.43 56.99 -113.91
CA VAL U 19 32.32 56.96 -112.98
C VAL U 19 32.70 56.14 -111.76
N LYS U 20 33.19 54.93 -112.00
CA LYS U 20 33.65 54.06 -110.92
C LYS U 20 34.64 54.78 -110.01
N ASN U 21 35.73 55.26 -110.60
CA ASN U 21 36.74 55.96 -109.81
C ASN U 21 36.12 57.11 -109.02
N ALA U 22 35.18 57.83 -109.65
CA ALA U 22 34.52 58.97 -109.01
C ALA U 22 33.59 58.52 -107.89
N ILE U 23 32.92 57.40 -108.13
CA ILE U 23 32.04 56.84 -107.13
C ILE U 23 32.86 56.62 -105.85
N GLU U 24 34.05 56.05 -106.00
CA GLU U 24 34.90 55.74 -104.86
C GLU U 24 35.45 57.02 -104.25
N THR U 25 35.73 58.00 -105.09
CA THR U 25 36.15 59.31 -104.61
C THR U 25 35.08 59.89 -103.70
N ALA U 26 33.83 59.83 -104.16
CA ALA U 26 32.70 60.36 -103.41
C ALA U 26 32.49 59.63 -102.08
N ASP U 27 32.79 58.34 -102.06
CA ASP U 27 32.67 57.55 -100.85
C ASP U 27 33.56 58.15 -99.78
N GLY U 28 34.87 58.03 -99.97
CA GLY U 28 35.83 58.62 -99.06
C GLY U 28 35.55 60.09 -98.78
N ALA U 29 34.78 60.73 -99.63
CA ALA U 29 34.38 62.11 -99.39
C ALA U 29 33.51 62.18 -98.15
N LEU U 30 32.37 61.51 -98.21
CA LEU U 30 31.51 61.36 -97.03
C LEU U 30 32.33 61.09 -95.78
N ASP U 31 33.11 60.01 -95.83
CA ASP U 31 33.95 59.59 -94.72
C ASP U 31 34.68 60.75 -94.05
N LEU U 32 35.58 61.38 -94.79
CA LEU U 32 36.25 62.56 -94.27
C LEU U 32 35.23 63.59 -93.77
N TYR U 33 34.13 63.72 -94.50
CA TYR U 33 33.10 64.70 -94.16
C TYR U 33 32.63 64.51 -92.73
N ASN U 34 32.07 63.34 -92.46
CA ASN U 34 31.61 63.00 -91.13
C ASN U 34 32.75 63.06 -90.14
N LYS U 35 33.80 62.31 -90.40
CA LYS U 35 34.97 62.30 -89.56
C LYS U 35 35.25 63.69 -88.97
N TYR U 36 35.19 64.72 -89.81
CA TYR U 36 35.42 66.08 -89.37
C TYR U 36 34.19 66.65 -88.67
N LEU U 37 33.03 66.44 -89.29
CA LEU U 37 31.77 66.94 -88.76
C LEU U 37 31.59 66.51 -87.32
N ASP U 38 32.06 65.31 -87.01
CA ASP U 38 31.99 64.77 -85.65
C ASP U 38 32.98 65.50 -84.75
N GLN U 39 34.23 65.61 -85.19
CA GLN U 39 35.22 66.38 -84.45
C GLN U 39 34.67 67.77 -84.15
N VAL U 40 33.83 68.25 -85.05
CA VAL U 40 33.26 69.60 -84.97
C VAL U 40 32.04 69.67 -84.09
N ILE U 41 31.20 68.64 -84.16
CA ILE U 41 29.99 68.58 -83.38
C ILE U 41 30.00 67.32 -82.50
N PRO U 42 30.42 67.47 -81.24
CA PRO U 42 30.65 66.36 -80.31
C PRO U 42 29.35 65.71 -79.85
N TRP U 43 28.57 65.20 -80.80
CA TRP U 43 27.34 64.52 -80.44
C TRP U 43 27.64 63.31 -79.58
N GLN U 44 28.75 62.64 -79.88
CA GLN U 44 29.23 61.53 -79.07
C GLN U 44 29.29 61.99 -77.62
N THR U 45 30.11 62.99 -77.36
CA THR U 45 30.30 63.52 -76.02
C THR U 45 29.00 64.04 -75.41
N PHE U 46 28.19 64.72 -76.20
CA PHE U 46 26.90 65.22 -75.74
C PHE U 46 25.97 64.09 -75.33
N ASP U 47 25.74 63.16 -76.24
CA ASP U 47 24.91 61.99 -75.96
C ASP U 47 25.42 61.27 -74.70
N GLU U 48 26.70 60.92 -74.68
CA GLU U 48 27.30 60.25 -73.53
C GLU U 48 27.02 61.02 -72.24
N THR U 49 27.26 62.32 -72.28
CA THR U 49 27.07 63.16 -71.11
C THR U 49 25.62 63.10 -70.64
N ILE U 50 24.69 63.00 -71.58
CA ILE U 50 23.27 62.90 -71.24
C ILE U 50 22.96 61.60 -70.51
N LYS U 51 23.41 60.49 -71.08
CA LYS U 51 23.20 59.18 -70.49
C LYS U 51 23.66 59.10 -69.04
N GLU U 52 24.95 59.27 -68.80
CA GLU U 52 25.49 59.09 -67.47
C GLU U 52 24.72 59.89 -66.42
N LEU U 53 24.24 61.08 -66.78
CA LEU U 53 23.46 61.83 -65.79
C LEU U 53 21.96 61.48 -65.84
N SER U 54 21.58 60.70 -66.83
CA SER U 54 20.26 60.09 -66.84
C SER U 54 20.27 58.88 -65.91
N ARG U 55 21.34 58.08 -66.01
CA ARG U 55 21.57 56.97 -65.10
C ARG U 55 21.44 57.46 -63.65
N PHE U 56 22.06 58.58 -63.33
CA PHE U 56 21.96 59.14 -61.98
C PHE U 56 20.50 59.20 -61.57
N LYS U 57 19.71 59.98 -62.31
CA LYS U 57 18.28 60.12 -62.05
C LYS U 57 17.62 58.75 -61.91
N GLN U 58 18.09 57.79 -62.69
CA GLN U 58 17.53 56.45 -62.71
C GLN U 58 17.84 55.68 -61.43
N GLU U 59 19.10 55.28 -61.27
CA GLU U 59 19.56 54.49 -60.12
C GLU U 59 18.93 54.92 -58.80
N TYR U 60 18.91 56.22 -58.54
CA TYR U 60 18.32 56.72 -57.31
C TYR U 60 16.81 56.59 -57.28
N SER U 61 16.15 56.91 -58.39
CA SER U 61 14.73 56.63 -58.49
C SER U 61 14.49 55.20 -58.00
N GLN U 62 15.18 54.25 -58.62
CA GLN U 62 15.11 52.85 -58.22
C GLN U 62 15.16 52.67 -56.71
N ALA U 63 16.27 53.07 -56.11
CA ALA U 63 16.47 52.93 -54.68
C ALA U 63 15.31 53.53 -53.91
N ALA U 64 15.19 54.84 -53.95
CA ALA U 64 14.14 55.55 -53.23
C ALA U 64 12.79 54.88 -53.41
N SER U 65 12.44 54.55 -54.64
CA SER U 65 11.17 53.87 -54.90
C SER U 65 10.99 52.66 -53.99
N VAL U 66 11.83 51.65 -54.19
CA VAL U 66 11.74 50.42 -53.40
C VAL U 66 11.80 50.66 -51.88
N LEU U 67 12.65 51.57 -51.43
CA LEU U 67 12.71 51.90 -50.01
C LEU U 67 11.41 52.54 -49.53
N VAL U 68 11.06 53.67 -50.13
CA VAL U 68 9.82 54.36 -49.81
C VAL U 68 8.62 53.41 -49.81
N GLY U 69 8.70 52.37 -50.64
CA GLY U 69 7.66 51.36 -50.71
C GLY U 69 7.67 50.46 -49.49
N ASP U 70 8.85 49.95 -49.17
CA ASP U 70 9.03 49.13 -47.98
C ASP U 70 8.53 49.91 -46.78
N ILE U 71 8.96 51.16 -46.66
CA ILE U 71 8.49 52.02 -45.57
C ILE U 71 6.96 52.00 -45.43
N LYS U 72 6.26 52.07 -46.56
CA LYS U 72 4.81 52.05 -46.51
C LYS U 72 4.36 50.73 -45.93
N THR U 73 4.79 49.63 -46.54
CA THR U 73 4.50 48.32 -45.99
C THR U 73 4.69 48.35 -44.47
N LEU U 74 5.86 48.79 -44.02
CA LEU U 74 6.16 48.86 -42.60
C LEU U 74 5.15 49.69 -41.83
N LEU U 75 4.81 50.86 -42.38
CA LEU U 75 3.82 51.72 -41.74
C LEU U 75 2.50 51.02 -41.62
N MET U 76 2.01 50.49 -42.73
CA MET U 76 0.78 49.70 -42.74
C MET U 76 0.82 48.51 -41.77
N ASP U 77 1.96 47.81 -41.74
CA ASP U 77 2.16 46.71 -40.80
C ASP U 77 1.87 47.17 -39.39
N SER U 78 2.53 48.25 -38.99
CA SER U 78 2.33 48.83 -37.66
C SER U 78 0.86 49.06 -37.38
N GLN U 79 0.22 49.85 -38.24
CA GLN U 79 -1.18 50.21 -38.08
C GLN U 79 -2.01 48.99 -37.65
N ASP U 80 -1.94 47.93 -38.45
CA ASP U 80 -2.65 46.71 -38.10
C ASP U 80 -2.27 46.24 -36.68
N LYS U 81 -0.97 46.20 -36.40
CA LYS U 81 -0.53 45.73 -35.09
C LYS U 81 -1.01 46.63 -33.95
N TYR U 82 -1.17 47.91 -34.26
CA TYR U 82 -1.72 48.85 -33.29
C TYR U 82 -3.17 48.51 -33.05
N PHE U 83 -3.92 48.41 -34.13
CA PHE U 83 -5.34 48.08 -34.08
C PHE U 83 -5.57 46.88 -33.20
N GLU U 84 -4.96 45.77 -33.59
CA GLU U 84 -4.97 44.56 -32.78
C GLU U 84 -4.76 44.90 -31.31
N ALA U 85 -3.57 45.40 -30.98
CA ALA U 85 -3.22 45.70 -29.61
C ALA U 85 -4.34 46.45 -28.88
N THR U 86 -4.72 47.60 -29.42
CA THR U 86 -5.72 48.44 -28.80
C THR U 86 -7.04 47.71 -28.69
N GLN U 87 -7.46 47.08 -29.78
CA GLN U 87 -8.71 46.36 -29.82
C GLN U 87 -8.75 45.28 -28.73
N THR U 88 -7.72 44.43 -28.75
CA THR U 88 -7.54 43.42 -27.70
C THR U 88 -7.80 44.00 -26.32
N VAL U 89 -7.16 45.12 -26.03
CA VAL U 89 -7.35 45.81 -24.76
C VAL U 89 -8.80 46.24 -24.56
N TYR U 90 -9.34 47.02 -25.50
CA TYR U 90 -10.72 47.48 -25.43
C TYR U 90 -11.72 46.37 -25.17
N GLU U 91 -11.39 45.17 -25.63
CA GLU U 91 -12.24 44.01 -25.37
C GLU U 91 -12.20 43.60 -23.89
N TRP U 92 -11.01 43.36 -23.37
CA TRP U 92 -10.86 42.99 -21.98
C TRP U 92 -11.28 44.12 -21.05
N CYS U 93 -10.72 45.30 -21.30
CA CYS U 93 -11.00 46.49 -20.50
C CYS U 93 -12.51 46.63 -20.35
N GLY U 94 -13.25 45.89 -21.16
CA GLY U 94 -14.68 46.07 -21.27
C GLY U 94 -15.46 45.04 -20.51
N VAL U 95 -15.09 43.78 -20.66
CA VAL U 95 -15.66 42.74 -19.81
C VAL U 95 -15.31 43.06 -18.37
N ALA U 96 -14.06 43.46 -18.16
CA ALA U 96 -13.53 43.79 -16.84
C ALA U 96 -14.42 44.78 -16.07
N THR U 97 -14.68 45.94 -16.68
CA THR U 97 -15.45 46.99 -15.99
C THR U 97 -16.75 46.47 -15.45
N GLN U 98 -17.47 45.72 -16.28
CA GLN U 98 -18.70 45.07 -15.87
C GLN U 98 -18.50 44.24 -14.59
N LEU U 99 -17.40 43.48 -14.54
CA LEU U 99 -17.14 42.58 -13.44
C LEU U 99 -16.77 43.31 -12.17
N LEU U 100 -15.84 44.26 -12.28
CA LEU U 100 -15.48 45.08 -11.12
C LEU U 100 -16.74 45.75 -10.58
N ALA U 101 -17.60 46.19 -11.50
CA ALA U 101 -18.81 46.92 -11.15
C ALA U 101 -19.71 46.02 -10.36
N ALA U 102 -19.83 44.79 -10.85
CA ALA U 102 -20.62 43.76 -10.19
C ALA U 102 -20.05 43.46 -8.82
N TYR U 103 -18.75 43.25 -8.76
CA TYR U 103 -18.10 42.97 -7.48
C TYR U 103 -18.42 44.07 -6.47
N ILE U 104 -18.30 45.32 -6.91
CA ILE U 104 -18.56 46.48 -6.07
C ILE U 104 -20.00 46.50 -5.59
N LEU U 105 -20.89 45.99 -6.42
CA LEU U 105 -22.32 45.97 -6.11
C LEU U 105 -22.70 44.80 -5.20
N LEU U 106 -22.38 43.58 -5.63
CA LEU U 106 -22.81 42.39 -4.92
C LEU U 106 -22.23 42.33 -3.51
N PHE U 107 -21.16 43.07 -3.27
CA PHE U 107 -20.53 43.10 -1.95
C PHE U 107 -20.59 44.45 -1.27
N ASP U 108 -21.72 45.14 -1.42
CA ASP U 108 -21.98 46.30 -0.61
C ASP U 108 -21.93 45.80 0.84
N GLU U 109 -22.82 44.85 1.13
CA GLU U 109 -22.76 44.07 2.36
C GLU U 109 -22.28 42.69 1.95
N TYR U 110 -21.33 42.15 2.71
CA TYR U 110 -20.65 40.91 2.36
C TYR U 110 -21.62 39.81 1.99
N ASN U 111 -21.43 39.22 0.82
CA ASN U 111 -22.28 38.12 0.36
C ASN U 111 -21.57 36.79 0.58
N GLU U 112 -21.97 36.09 1.64
CA GLU U 112 -21.18 34.95 2.13
C GLU U 112 -21.08 33.80 1.13
N LYS U 113 -22.10 33.64 0.32
CA LYS U 113 -22.15 32.50 -0.57
C LYS U 113 -21.33 32.74 -1.83
N LYS U 114 -21.56 33.89 -2.44
CA LYS U 114 -20.84 34.24 -3.65
C LYS U 114 -19.39 34.64 -3.36
N ALA U 115 -19.06 34.76 -2.08
CA ALA U 115 -17.75 35.23 -1.67
C ALA U 115 -16.61 34.45 -2.35
N SER U 116 -16.66 33.13 -2.32
CA SER U 116 -15.58 32.33 -2.87
C SER U 116 -15.47 32.51 -4.37
N ALA U 117 -16.60 32.56 -5.06
CA ALA U 117 -16.59 32.79 -6.51
C ALA U 117 -16.01 34.17 -6.82
N GLN U 118 -16.61 35.19 -6.23
CA GLN U 118 -16.21 36.56 -6.51
C GLN U 118 -14.71 36.65 -6.50
N LYS U 119 -14.10 35.98 -5.53
CA LYS U 119 -12.66 35.97 -5.36
C LYS U 119 -12.00 35.32 -6.57
N ASP U 120 -12.40 34.09 -6.87
CA ASP U 120 -11.90 33.38 -8.03
C ASP U 120 -12.08 34.20 -9.31
N ILE U 121 -13.27 34.76 -9.47
CA ILE U 121 -13.54 35.65 -10.60
C ILE U 121 -12.58 36.84 -10.64
N LEU U 122 -12.56 37.65 -9.60
CA LEU U 122 -11.64 38.78 -9.56
C LEU U 122 -10.25 38.36 -10.02
N ILE U 123 -9.83 37.17 -9.60
CA ILE U 123 -8.52 36.68 -9.99
C ILE U 123 -8.42 36.45 -11.51
N LYS U 124 -9.24 35.56 -12.03
CA LYS U 124 -9.22 35.25 -13.46
C LYS U 124 -9.23 36.55 -14.29
N VAL U 125 -10.31 37.33 -14.18
CA VAL U 125 -10.44 38.54 -14.98
C VAL U 125 -9.22 39.45 -14.84
N LEU U 126 -8.72 39.60 -13.62
CA LEU U 126 -7.55 40.43 -13.42
C LEU U 126 -6.31 39.77 -14.03
N ASP U 127 -6.02 38.55 -13.57
CA ASP U 127 -4.92 37.78 -14.09
C ASP U 127 -4.90 37.82 -15.61
N ASP U 128 -6.07 37.61 -16.21
CA ASP U 128 -6.23 37.56 -17.66
C ASP U 128 -5.80 38.87 -18.34
N GLY U 129 -6.50 39.96 -18.04
CA GLY U 129 -6.15 41.26 -18.58
C GLY U 129 -4.70 41.63 -18.37
N ILE U 130 -4.17 41.28 -17.21
CA ILE U 130 -2.76 41.49 -16.93
C ILE U 130 -1.88 40.86 -17.98
N THR U 131 -2.17 39.62 -18.34
CA THR U 131 -1.44 38.97 -19.42
C THR U 131 -1.69 39.66 -20.76
N LYS U 132 -2.97 39.76 -21.12
CA LYS U 132 -3.41 40.36 -22.37
C LYS U 132 -2.78 41.75 -22.53
N LEU U 133 -2.84 42.53 -21.46
CA LEU U 133 -2.30 43.88 -21.49
C LEU U 133 -0.82 43.86 -21.80
N ASN U 134 -0.10 42.96 -21.12
CA ASN U 134 1.32 42.84 -21.32
C ASN U 134 1.63 42.57 -22.78
N GLU U 135 1.06 41.50 -23.33
CA GLU U 135 1.32 41.12 -24.73
C GLU U 135 1.04 42.27 -25.70
N ALA U 136 0.02 43.07 -25.40
CA ALA U 136 -0.31 44.21 -26.25
C ALA U 136 0.92 45.10 -26.36
N GLN U 137 1.50 45.41 -25.21
CA GLN U 137 2.67 46.25 -25.13
C GLN U 137 3.81 45.68 -25.96
N LYS U 138 4.15 44.42 -25.73
CA LYS U 138 5.25 43.79 -26.46
C LYS U 138 4.99 43.87 -27.96
N SER U 139 3.77 43.55 -28.36
CA SER U 139 3.39 43.63 -29.76
C SER U 139 3.72 45.01 -30.28
N LEU U 140 3.36 46.03 -29.50
CA LEU U 140 3.54 47.43 -29.93
C LEU U 140 5.00 47.81 -30.00
N LEU U 141 5.74 47.46 -28.96
CA LEU U 141 7.17 47.73 -28.86
C LEU U 141 7.92 47.16 -30.07
N VAL U 142 7.60 45.92 -30.41
CA VAL U 142 8.22 45.26 -31.55
C VAL U 142 7.90 46.00 -32.85
N SER U 143 6.67 46.48 -32.97
CA SER U 143 6.27 47.26 -34.14
C SER U 143 7.16 48.49 -34.22
N SER U 144 7.38 49.16 -33.09
CA SER U 144 8.24 50.33 -33.10
C SER U 144 9.63 49.99 -33.60
N GLN U 145 10.17 48.89 -33.09
CA GLN U 145 11.52 48.45 -33.45
C GLN U 145 11.66 48.20 -34.96
N SER U 146 10.54 47.86 -35.60
CA SER U 146 10.54 47.49 -37.02
C SER U 146 11.11 48.59 -37.92
N PHE U 147 10.65 49.82 -37.72
CA PHE U 147 11.05 50.96 -38.55
C PHE U 147 12.54 51.27 -38.47
N ASN U 148 13.19 50.80 -37.42
CA ASN U 148 14.55 51.22 -37.14
C ASN U 148 15.54 50.98 -38.29
N ASN U 149 15.53 49.77 -38.84
CA ASN U 149 16.44 49.45 -39.95
C ASN U 149 16.19 50.35 -41.13
N ALA U 150 14.95 50.35 -41.60
CA ALA U 150 14.52 51.24 -42.65
C ALA U 150 14.94 52.69 -42.40
N SER U 151 14.72 53.18 -41.18
CA SER U 151 15.05 54.57 -40.85
C SER U 151 16.51 54.88 -41.16
N GLY U 152 17.38 53.89 -40.97
CA GLY U 152 18.79 54.05 -41.27
C GLY U 152 19.02 54.08 -42.77
N LYS U 153 18.57 53.04 -43.46
CA LYS U 153 18.64 53.00 -44.91
C LYS U 153 18.21 54.31 -45.55
N LEU U 154 17.14 54.90 -45.01
CA LEU U 154 16.69 56.22 -45.45
C LEU U 154 17.80 57.25 -45.40
N LEU U 155 18.41 57.42 -44.24
CA LEU U 155 19.49 58.38 -44.11
C LEU U 155 20.68 58.06 -45.03
N ALA U 156 21.10 56.80 -45.09
CA ALA U 156 22.15 56.43 -46.02
C ALA U 156 21.87 57.02 -47.39
N LEU U 157 20.73 56.63 -47.96
CA LEU U 157 20.28 57.14 -49.25
C LEU U 157 20.45 58.66 -49.34
N ASP U 158 19.77 59.39 -48.48
CA ASP U 158 19.88 60.85 -48.45
C ASP U 158 21.34 61.30 -48.34
N SER U 159 22.06 60.80 -47.33
CA SER U 159 23.47 61.12 -47.16
C SER U 159 24.20 61.07 -48.49
N GLN U 160 24.03 59.96 -49.21
CA GLN U 160 24.74 59.74 -50.48
C GLN U 160 24.21 60.57 -51.65
N LEU U 161 22.93 60.40 -51.95
CA LEU U 161 22.27 61.20 -52.97
C LEU U 161 22.61 62.68 -52.87
N THR U 162 22.90 63.16 -51.67
CA THR U 162 23.31 64.55 -51.49
C THR U 162 24.75 64.71 -51.97
N ASN U 163 25.63 63.88 -51.43
CA ASN U 163 27.04 63.90 -51.86
C ASN U 163 27.19 63.60 -53.34
N ASP U 164 26.44 62.62 -53.81
CA ASP U 164 26.56 62.14 -55.18
C ASP U 164 26.06 63.19 -56.19
N PHE U 165 25.11 64.03 -55.76
CA PHE U 165 24.51 65.02 -56.63
C PHE U 165 25.49 66.11 -56.95
N SER U 166 26.24 66.56 -55.94
CA SER U 166 27.26 67.57 -56.14
C SER U 166 28.36 67.00 -57.02
N GLU U 167 28.51 65.68 -57.02
CA GLU U 167 29.52 65.03 -57.84
C GLU U 167 29.16 65.00 -59.33
N LYS U 168 27.86 64.95 -59.61
CA LYS U 168 27.40 65.05 -60.98
C LYS U 168 27.43 66.49 -61.46
N SER U 169 27.04 67.42 -60.58
CA SER U 169 27.09 68.84 -60.93
C SER U 169 28.51 69.26 -61.27
N SER U 170 29.49 68.58 -60.68
CA SER U 170 30.89 68.80 -61.02
C SER U 170 31.21 68.15 -62.36
N TYR U 171 30.69 66.95 -62.56
CA TYR U 171 30.90 66.21 -63.81
C TYR U 171 30.25 66.91 -64.98
N PHE U 172 29.16 67.63 -64.73
CA PHE U 172 28.49 68.39 -65.76
C PHE U 172 29.44 69.41 -66.39
N GLN U 173 29.79 70.44 -65.63
CA GLN U 173 30.65 71.50 -66.15
C GLN U 173 31.97 70.93 -66.68
N SER U 174 32.53 69.95 -65.97
CA SER U 174 33.76 69.32 -66.41
C SER U 174 33.56 68.60 -67.73
N GLN U 175 32.30 68.33 -68.05
CA GLN U 175 31.97 67.61 -69.27
C GLN U 175 31.59 68.55 -70.40
N VAL U 176 30.72 69.52 -70.12
CA VAL U 176 30.41 70.53 -71.13
C VAL U 176 31.69 71.18 -71.62
N ASP U 177 32.67 71.32 -70.72
CA ASP U 177 34.00 71.76 -71.09
C ASP U 177 34.58 70.84 -72.18
N LYS U 178 34.62 69.55 -71.90
CA LYS U 178 35.10 68.59 -72.88
C LYS U 178 34.45 68.87 -74.25
N ILE U 179 33.20 69.30 -74.22
CA ILE U 179 32.48 69.56 -75.46
C ILE U 179 33.00 70.78 -76.22
N ARG U 180 33.28 71.86 -75.50
CA ARG U 180 33.86 73.04 -76.14
C ARG U 180 35.22 72.64 -76.69
N LYS U 181 36.07 72.13 -75.81
CA LYS U 181 37.44 71.76 -76.15
C LYS U 181 37.50 70.87 -77.39
N GLU U 182 36.50 70.01 -77.55
CA GLU U 182 36.47 69.12 -78.69
C GLU U 182 36.01 69.83 -79.96
N ALA U 183 35.06 70.74 -79.80
CA ALA U 183 34.44 71.40 -80.94
C ALA U 183 35.29 72.53 -81.49
N TYR U 184 35.91 73.30 -80.60
CA TYR U 184 36.72 74.43 -81.04
C TYR U 184 38.11 74.01 -81.53
N ALA U 185 38.65 72.95 -80.95
CA ALA U 185 39.85 72.34 -81.50
C ALA U 185 39.54 71.88 -82.93
N GLY U 186 38.25 71.66 -83.20
CA GLY U 186 37.77 71.25 -84.51
C GLY U 186 37.59 72.41 -85.48
N ALA U 187 36.84 73.43 -85.07
CA ALA U 187 36.69 74.64 -85.91
C ALA U 187 38.07 75.21 -86.16
N ALA U 188 38.77 75.51 -85.07
CA ALA U 188 40.15 75.99 -85.17
C ALA U 188 40.94 75.27 -86.27
N ALA U 189 40.62 74.00 -86.50
CA ALA U 189 41.33 73.19 -87.49
C ALA U 189 41.11 73.65 -88.94
N GLY U 190 40.26 74.66 -89.10
CA GLY U 190 39.97 75.23 -90.42
C GLY U 190 41.06 76.15 -90.95
N VAL U 191 42.03 76.47 -90.09
CA VAL U 191 43.17 77.30 -90.49
C VAL U 191 43.80 76.80 -91.79
N VAL U 192 43.72 75.50 -92.06
CA VAL U 192 44.29 74.92 -93.27
C VAL U 192 43.60 75.44 -94.53
N ALA U 193 42.29 75.24 -94.64
CA ALA U 193 41.54 75.87 -95.71
C ALA U 193 41.21 77.31 -95.34
N GLY U 194 40.74 78.10 -96.30
CA GLY U 194 40.63 79.55 -96.15
C GLY U 194 39.89 80.04 -94.93
N PRO U 195 40.14 81.28 -94.51
CA PRO U 195 39.46 81.86 -93.34
C PRO U 195 37.94 81.88 -93.52
N PHE U 196 37.48 82.04 -94.76
CA PHE U 196 36.05 81.93 -95.03
C PHE U 196 35.59 80.54 -94.66
N GLY U 197 36.54 79.60 -94.66
CA GLY U 197 36.28 78.25 -94.18
C GLY U 197 35.98 78.23 -92.70
N LEU U 198 36.64 79.10 -91.94
CA LEU U 198 36.38 79.22 -90.51
C LEU U 198 34.95 79.67 -90.27
N ILE U 199 34.51 80.71 -90.95
CA ILE U 199 33.12 81.16 -90.84
C ILE U 199 32.18 79.96 -90.98
N ILE U 200 32.33 79.18 -92.05
CA ILE U 200 31.53 77.97 -92.23
C ILE U 200 31.71 76.97 -91.09
N SER U 201 32.98 76.66 -90.78
CA SER U 201 33.32 75.68 -89.75
C SER U 201 32.82 76.07 -88.36
N TYR U 202 33.23 77.25 -87.95
CA TYR U 202 32.89 77.80 -86.65
C TYR U 202 31.38 78.04 -86.49
N SER U 203 30.70 78.46 -87.57
CA SER U 203 29.24 78.53 -87.51
C SER U 203 28.63 77.14 -87.31
N ILE U 204 29.12 76.18 -88.07
CA ILE U 204 28.70 74.79 -87.91
C ILE U 204 28.89 74.34 -86.45
N ALA U 205 29.98 74.76 -85.82
CA ALA U 205 30.32 74.29 -84.47
C ALA U 205 29.69 75.14 -83.37
N ALA U 206 30.36 76.22 -82.99
CA ALA U 206 29.86 77.12 -81.95
C ALA U 206 28.36 77.33 -82.07
N GLY U 207 27.87 77.38 -83.30
CA GLY U 207 26.44 77.54 -83.55
C GLY U 207 25.63 76.39 -82.97
N VAL U 208 25.89 75.17 -83.46
CA VAL U 208 25.18 73.99 -82.99
C VAL U 208 25.46 73.69 -81.51
N VAL U 209 26.71 73.88 -81.08
CA VAL U 209 27.08 73.63 -79.70
C VAL U 209 26.35 74.59 -78.79
N GLU U 210 26.64 75.88 -78.94
CA GLU U 210 26.04 76.90 -78.09
C GLU U 210 24.56 77.10 -78.39
N GLY U 211 24.12 76.49 -79.49
CA GLY U 211 22.74 76.59 -79.95
C GLY U 211 21.80 75.61 -79.27
N LYS U 212 22.02 74.32 -79.45
CA LYS U 212 21.18 73.32 -78.79
C LYS U 212 21.93 72.56 -77.70
N LEU U 213 23.18 72.21 -77.95
CA LEU U 213 23.91 71.33 -77.03
C LEU U 213 24.06 71.84 -75.58
N ILE U 214 24.90 72.84 -75.38
CA ILE U 214 25.14 73.34 -74.03
C ILE U 214 23.85 73.63 -73.27
N PRO U 215 22.90 74.32 -73.91
CA PRO U 215 21.61 74.62 -73.26
C PRO U 215 20.86 73.34 -72.87
N GLU U 216 20.90 72.35 -73.75
CA GLU U 216 20.29 71.06 -73.47
C GLU U 216 20.87 70.47 -72.19
N LEU U 217 22.20 70.45 -72.12
CA LEU U 217 22.87 69.99 -70.92
C LEU U 217 22.44 70.77 -69.70
N LYS U 218 22.48 72.09 -69.79
CA LYS U 218 22.03 72.95 -68.70
C LYS U 218 20.59 72.61 -68.34
N ASN U 219 19.87 72.03 -69.30
CA ASN U 219 18.49 71.66 -69.03
C ASN U 219 18.36 70.42 -68.15
N LYS U 220 19.11 69.37 -68.47
CA LYS U 220 19.10 68.15 -67.66
C LYS U 220 19.68 68.41 -66.28
N LEU U 221 20.79 69.15 -66.23
CA LEU U 221 21.39 69.51 -64.95
C LEU U 221 20.30 70.07 -64.04
N LYS U 222 19.30 70.71 -64.64
CA LYS U 222 18.19 71.26 -63.87
C LYS U 222 17.14 70.19 -63.57
N SER U 223 16.80 69.35 -64.56
CA SER U 223 15.80 68.31 -64.34
C SER U 223 16.31 67.35 -63.26
N VAL U 224 17.61 67.17 -63.22
CA VAL U 224 18.24 66.38 -62.17
C VAL U 224 18.14 67.11 -60.84
N GLN U 225 18.76 68.28 -60.77
CA GLN U 225 18.72 69.09 -59.55
C GLN U 225 17.29 69.26 -59.08
N ASN U 226 16.35 69.23 -60.03
CA ASN U 226 14.94 69.34 -59.73
C ASN U 226 14.45 68.07 -59.03
N PHE U 227 14.79 66.93 -59.61
CA PHE U 227 14.42 65.63 -59.06
C PHE U 227 15.13 65.33 -57.76
N PHE U 228 16.43 65.64 -57.71
CA PHE U 228 17.18 65.51 -56.48
C PHE U 228 16.41 66.17 -55.34
N THR U 229 15.85 67.34 -55.60
CA THR U 229 15.11 68.05 -54.57
C THR U 229 13.84 67.31 -54.17
N THR U 230 12.95 67.07 -55.13
CA THR U 230 11.68 66.40 -54.83
C THR U 230 11.93 65.11 -54.06
N LEU U 231 12.97 64.37 -54.46
CA LEU U 231 13.33 63.12 -53.79
C LEU U 231 13.79 63.38 -52.36
N SER U 232 14.69 64.33 -52.19
CA SER U 232 15.21 64.65 -50.86
C SER U 232 14.06 64.94 -49.91
N ASN U 233 13.02 65.62 -50.43
CA ASN U 233 11.82 65.93 -49.67
C ASN U 233 10.94 64.71 -49.46
N THR U 234 10.94 63.81 -50.44
CA THR U 234 10.19 62.57 -50.31
C THR U 234 10.80 61.75 -49.16
N VAL U 235 12.08 61.96 -48.92
CA VAL U 235 12.77 61.30 -47.81
C VAL U 235 12.42 61.97 -46.49
N LYS U 236 12.59 63.28 -46.41
CA LYS U 236 12.23 64.02 -45.20
C LYS U 236 10.84 63.63 -44.73
N GLN U 237 9.94 63.38 -45.68
CA GLN U 237 8.59 62.95 -45.33
C GLN U 237 8.62 61.62 -44.63
N ALA U 238 9.10 60.59 -45.32
CA ALA U 238 9.21 59.26 -44.71
C ALA U 238 9.82 59.31 -43.31
N ASN U 239 10.95 60.01 -43.16
CA ASN U 239 11.55 60.14 -41.85
C ASN U 239 10.58 60.73 -40.83
N LYS U 240 9.76 61.67 -41.27
CA LYS U 240 8.75 62.28 -40.39
C LYS U 240 7.60 61.32 -40.12
N ASP U 241 7.17 60.58 -41.14
CA ASP U 241 6.09 59.61 -41.01
C ASP U 241 6.48 58.46 -40.08
N ILE U 242 7.67 57.93 -40.29
CA ILE U 242 8.16 56.84 -39.46
C ILE U 242 8.20 57.28 -38.02
N ASP U 243 8.80 58.44 -37.79
CA ASP U 243 8.97 58.95 -36.44
C ASP U 243 7.63 59.14 -35.73
N ALA U 244 6.63 59.61 -36.48
CA ALA U 244 5.30 59.83 -35.94
C ALA U 244 4.67 58.53 -35.50
N ALA U 245 4.88 57.50 -36.29
CA ALA U 245 4.36 56.18 -35.96
C ALA U 245 5.01 55.66 -34.68
N LYS U 246 6.33 55.76 -34.62
CA LYS U 246 7.08 55.26 -33.47
C LYS U 246 6.58 55.94 -32.20
N LEU U 247 6.21 57.21 -32.35
CA LEU U 247 5.69 57.98 -31.24
C LEU U 247 4.39 57.36 -30.76
N LYS U 248 3.38 57.41 -31.64
CA LYS U 248 2.08 56.81 -31.39
C LYS U 248 2.23 55.48 -30.66
N LEU U 249 3.13 54.65 -31.15
CA LEU U 249 3.32 53.31 -30.61
C LEU U 249 3.70 53.33 -29.13
N THR U 250 4.81 54.00 -28.80
CA THR U 250 5.30 54.00 -27.43
C THR U 250 4.34 54.71 -26.50
N THR U 251 3.78 55.83 -26.96
CA THR U 251 2.87 56.60 -26.14
C THR U 251 1.61 55.81 -25.87
N GLU U 252 1.31 54.86 -26.75
CA GLU U 252 0.24 53.90 -26.47
C GLU U 252 0.70 52.84 -25.46
N ILE U 253 1.84 52.23 -25.76
CA ILE U 253 2.47 51.28 -24.84
C ILE U 253 2.39 51.76 -23.41
N ALA U 254 2.75 53.02 -23.17
CA ALA U 254 2.81 53.55 -21.81
C ALA U 254 1.44 53.85 -21.26
N ALA U 255 0.53 54.24 -22.13
CA ALA U 255 -0.87 54.47 -21.77
C ALA U 255 -1.54 53.16 -21.35
N ILE U 256 -1.23 52.10 -22.08
CA ILE U 256 -1.68 50.77 -21.68
C ILE U 256 -1.01 50.46 -20.35
N GLY U 257 0.24 50.93 -20.21
CA GLY U 257 1.00 50.73 -18.98
C GLY U 257 0.23 51.20 -17.77
N GLU U 258 -0.37 52.37 -17.87
CA GLU U 258 -1.16 52.91 -16.78
C GLU U 258 -2.19 51.90 -16.25
N ILE U 259 -2.97 51.31 -17.16
CA ILE U 259 -3.95 50.32 -16.75
C ILE U 259 -3.24 49.12 -16.12
N LYS U 260 -2.30 48.55 -16.86
CA LYS U 260 -1.58 47.39 -16.38
C LYS U 260 -1.25 47.53 -14.90
N THR U 261 -0.51 48.57 -14.54
CA THR U 261 -0.11 48.75 -13.14
C THR U 261 -1.30 48.72 -12.18
N GLU U 262 -2.33 49.51 -12.47
CA GLU U 262 -3.53 49.54 -11.63
C GLU U 262 -4.09 48.14 -11.48
N THR U 263 -4.27 47.47 -12.60
CA THR U 263 -4.79 46.12 -12.61
C THR U 263 -3.92 45.22 -11.75
N GLU U 264 -2.63 45.22 -12.07
CA GLU U 264 -1.66 44.39 -11.36
C GLU U 264 -1.79 44.60 -9.85
N THR U 265 -1.96 45.84 -9.43
CA THR U 265 -2.12 46.16 -8.02
C THR U 265 -3.37 45.50 -7.43
N THR U 266 -4.51 45.92 -7.96
CA THR U 266 -5.81 45.37 -7.60
C THR U 266 -5.72 43.86 -7.41
N ARG U 267 -5.06 43.17 -8.34
CA ARG U 267 -4.82 41.73 -8.19
C ARG U 267 -4.24 41.40 -6.80
N PHE U 268 -3.09 41.97 -6.49
CA PHE U 268 -2.44 41.72 -5.21
C PHE U 268 -3.40 41.97 -4.06
N TYR U 269 -4.19 43.02 -4.14
CA TYR U 269 -5.17 43.31 -3.09
C TYR U 269 -6.16 42.15 -2.90
N VAL U 270 -6.61 41.56 -3.99
CA VAL U 270 -7.44 40.36 -3.91
C VAL U 270 -6.77 39.29 -3.04
N ASP U 271 -5.44 39.26 -3.05
CA ASP U 271 -4.67 38.27 -2.27
C ASP U 271 -4.79 38.39 -0.74
N TYR U 272 -5.38 39.48 -0.26
CA TYR U 272 -5.57 39.64 1.18
C TYR U 272 -6.71 38.77 1.69
N ASP U 273 -7.66 38.45 0.80
CA ASP U 273 -8.83 37.61 1.10
C ASP U 273 -10.04 38.41 1.52
N ASP U 274 -9.77 39.50 2.22
CA ASP U 274 -10.84 40.37 2.66
C ASP U 274 -11.50 40.99 1.44
N LEU U 275 -12.52 40.31 0.90
CA LEU U 275 -13.28 40.83 -0.22
C LEU U 275 -13.93 42.17 0.11
N MET U 276 -13.75 42.61 1.35
CA MET U 276 -14.42 43.80 1.85
C MET U 276 -13.41 44.89 2.19
N LEU U 277 -12.14 44.59 2.04
CA LEU U 277 -11.06 45.52 2.37
C LEU U 277 -11.19 46.78 1.54
N SER U 278 -11.15 47.93 2.20
CA SER U 278 -11.34 49.20 1.50
C SER U 278 -10.41 49.30 0.31
N LEU U 279 -9.16 48.93 0.51
CA LEU U 279 -8.17 48.99 -0.56
C LEU U 279 -8.71 48.29 -1.80
N LEU U 280 -8.91 46.97 -1.72
CA LEU U 280 -9.36 46.22 -2.88
C LEU U 280 -10.63 46.82 -3.45
N LYS U 281 -11.44 47.41 -2.58
CA LYS U 281 -12.69 47.98 -3.04
C LYS U 281 -12.38 49.25 -3.82
N GLU U 282 -11.56 50.10 -3.21
CA GLU U 282 -11.13 51.34 -3.86
C GLU U 282 -10.37 51.05 -5.16
N ALA U 283 -9.35 50.22 -5.05
CA ALA U 283 -8.58 49.78 -6.22
C ALA U 283 -9.52 49.43 -7.38
N ALA U 284 -10.57 48.68 -7.08
CA ALA U 284 -11.51 48.23 -8.10
C ALA U 284 -12.25 49.41 -8.68
N LYS U 285 -12.52 50.41 -7.86
CA LYS U 285 -13.23 51.59 -8.30
C LYS U 285 -12.33 52.44 -9.17
N LYS U 286 -11.06 52.56 -8.77
CA LYS U 286 -10.05 53.29 -9.53
C LYS U 286 -9.90 52.68 -10.91
N MET U 287 -9.73 51.37 -10.95
CA MET U 287 -9.65 50.63 -12.21
C MET U 287 -10.72 51.09 -13.19
N ILE U 288 -11.93 51.32 -12.70
CA ILE U 288 -13.05 51.70 -13.54
C ILE U 288 -12.89 53.13 -14.03
N ASN U 289 -12.32 53.98 -13.18
CA ASN U 289 -11.97 55.32 -13.60
C ASN U 289 -10.82 55.32 -14.62
N THR U 290 -9.66 54.82 -14.20
CA THR U 290 -8.53 54.70 -15.11
C THR U 290 -8.95 54.20 -16.50
N CYS U 291 -9.83 53.20 -16.55
CA CYS U 291 -10.34 52.71 -17.83
C CYS U 291 -11.12 53.79 -18.56
N ASN U 292 -12.10 54.37 -17.87
CA ASN U 292 -12.94 55.38 -18.48
C ASN U 292 -12.14 56.53 -19.12
N GLU U 293 -11.10 57.00 -18.43
CA GLU U 293 -10.25 58.07 -18.95
C GLU U 293 -9.48 57.64 -20.19
N TYR U 294 -9.08 56.37 -20.21
CA TYR U 294 -8.40 55.78 -21.35
C TYR U 294 -9.29 55.80 -22.60
N GLN U 295 -10.60 55.73 -22.41
CA GLN U 295 -11.54 55.71 -23.53
C GLN U 295 -11.79 57.08 -24.10
N LYS U 296 -11.83 58.08 -23.21
CA LYS U 296 -12.16 59.42 -23.63
C LYS U 296 -11.02 60.08 -24.40
N ARG U 297 -9.83 60.14 -23.80
CA ARG U 297 -8.65 60.68 -24.49
C ARG U 297 -8.27 59.78 -25.67
N HIS U 298 -7.96 58.54 -25.33
CA HIS U 298 -7.48 57.55 -26.28
C HIS U 298 -8.62 56.93 -27.09
N LYS V 14 38.77 40.31 -124.53
CA LYS V 14 38.83 41.61 -123.86
C LYS V 14 37.77 42.56 -124.41
N THR V 15 36.59 42.00 -124.70
CA THR V 15 35.47 42.79 -125.19
C THR V 15 34.38 42.85 -124.13
N VAL V 16 34.18 41.72 -123.45
CA VAL V 16 33.16 41.61 -122.42
C VAL V 16 33.60 42.28 -121.13
N GLU V 17 34.91 42.42 -120.95
CA GLU V 17 35.48 42.96 -119.73
C GLU V 17 34.92 44.34 -119.38
N VAL V 18 34.35 45.03 -120.38
CA VAL V 18 33.70 46.31 -120.12
C VAL V 18 32.44 46.11 -119.27
N VAL V 19 31.64 45.13 -119.65
CA VAL V 19 30.45 44.79 -118.88
C VAL V 19 30.82 44.43 -117.45
N LYS V 20 31.77 43.52 -117.31
CA LYS V 20 32.28 43.14 -115.99
C LYS V 20 32.69 44.35 -115.18
N ASN V 21 33.61 45.16 -115.72
CA ASN V 21 34.06 46.34 -115.00
C ASN V 21 32.90 47.25 -114.63
N ALA V 22 31.91 47.36 -115.53
CA ALA V 22 30.75 48.20 -115.30
C ALA V 22 29.83 47.60 -114.24
N ILE V 23 29.71 46.28 -114.26
CA ILE V 23 28.91 45.58 -113.27
C ILE V 23 29.44 45.96 -111.88
N GLU V 24 30.75 45.90 -111.72
CA GLU V 24 31.37 46.21 -110.44
C GLU V 24 31.23 47.68 -110.10
N THR V 25 31.30 48.53 -111.12
CA THR V 25 31.07 49.95 -110.94
C THR V 25 29.68 50.17 -110.34
N ALA V 26 28.70 49.50 -110.94
CA ALA V 26 27.32 49.63 -110.52
C ALA V 26 27.11 49.13 -109.10
N ASP V 27 27.88 48.11 -108.71
CA ASP V 27 27.78 47.57 -107.36
C ASP V 27 28.11 48.67 -106.36
N GLY V 28 29.37 49.08 -106.35
CA GLY V 28 29.79 50.17 -105.49
C GLY V 28 28.92 51.41 -105.62
N ALA V 29 28.20 51.52 -106.72
CA ALA V 29 27.24 52.62 -106.88
C ALA V 29 26.16 52.50 -105.81
N LEU V 30 25.41 51.41 -105.85
CA LEU V 30 24.42 51.13 -104.82
C LEU V 30 24.97 51.44 -103.44
N ASP V 31 26.11 50.82 -103.12
CA ASP V 31 26.75 50.98 -101.83
C ASP V 31 26.82 52.44 -101.40
N LEU V 32 27.54 53.26 -102.14
CA LEU V 32 27.57 54.68 -101.85
C LEU V 32 26.16 55.26 -101.75
N TYR V 33 25.29 54.79 -102.64
CA TYR V 33 23.92 55.27 -102.69
C TYR V 33 23.23 55.15 -101.34
N ASN V 34 23.13 53.92 -100.86
CA ASN V 34 22.57 53.64 -99.55
C ASN V 34 23.34 54.34 -98.44
N LYS V 35 24.64 54.07 -98.38
CA LYS V 35 25.51 54.72 -97.41
C LYS V 35 25.08 56.17 -97.15
N TYR V 36 24.80 56.90 -98.23
CA TYR V 36 24.34 58.28 -98.13
C TYR V 36 22.87 58.34 -97.76
N LEU V 37 22.06 57.55 -98.45
CA LEU V 37 20.63 57.50 -98.22
C LEU V 37 20.33 57.28 -96.75
N ASP V 38 21.17 56.49 -96.08
CA ASP V 38 21.03 56.24 -94.65
C ASP V 38 21.40 57.48 -93.85
N GLN V 39 22.57 58.04 -94.13
CA GLN V 39 22.96 59.29 -93.49
C GLN V 39 21.83 60.31 -93.62
N VAL V 40 21.08 60.20 -94.72
CA VAL V 40 20.03 61.16 -95.06
C VAL V 40 18.71 60.83 -94.39
N ILE V 41 18.42 59.54 -94.30
CA ILE V 41 17.19 59.08 -93.67
C ILE V 41 17.51 58.13 -92.52
N PRO V 42 17.54 58.66 -91.29
CA PRO V 42 17.99 57.95 -90.09
C PRO V 42 17.01 56.88 -89.64
N TRP V 43 16.74 55.92 -90.51
CA TRP V 43 15.83 54.84 -90.15
C TRP V 43 16.41 54.07 -88.99
N GLN V 44 17.74 53.94 -88.97
CA GLN V 44 18.42 53.31 -87.86
C GLN V 44 17.99 53.98 -86.57
N THR V 45 18.25 55.28 -86.48
CA THR V 45 17.90 56.07 -85.30
C THR V 45 16.40 56.03 -84.99
N PHE V 46 15.57 56.14 -86.03
CA PHE V 46 14.12 56.09 -85.87
C PHE V 46 13.67 54.75 -85.30
N ASP V 47 14.06 53.67 -85.97
CA ASP V 47 13.73 52.32 -85.53
C ASP V 47 14.18 52.13 -84.07
N GLU V 48 15.45 52.43 -83.82
CA GLU V 48 16.00 52.31 -82.47
C GLU V 48 15.16 53.06 -81.47
N THR V 49 14.83 54.32 -81.80
CA THR V 49 14.08 55.17 -80.91
C THR V 49 12.71 54.56 -80.61
N ILE V 50 12.12 53.90 -81.60
CA ILE V 50 10.84 53.22 -81.41
C ILE V 50 10.94 52.07 -80.42
N LYS V 51 11.92 51.19 -80.63
CA LYS V 51 12.12 50.04 -79.76
C LYS V 51 12.24 50.44 -78.31
N GLU V 52 13.26 51.21 -77.98
CA GLU V 52 13.52 51.53 -76.57
C GLU V 52 12.28 52.06 -75.85
N LEU V 53 11.46 52.83 -76.54
CA LEU V 53 10.25 53.32 -75.88
C LEU V 53 9.07 52.35 -76.03
N SER V 54 9.28 51.31 -76.82
CA SER V 54 8.35 50.19 -76.85
C SER V 54 8.66 49.29 -75.65
N ARG V 55 9.95 49.05 -75.42
CA ARG V 55 10.41 48.34 -74.25
C ARG V 55 9.79 48.94 -72.99
N PHE V 56 9.79 50.28 -72.88
CA PHE V 56 9.18 50.95 -71.74
C PHE V 56 7.76 50.43 -71.52
N LYS V 57 6.90 50.64 -72.51
CA LYS V 57 5.53 50.16 -72.48
C LYS V 57 5.46 48.69 -72.09
N GLN V 58 6.46 47.92 -72.54
CA GLN V 58 6.50 46.48 -72.30
C GLN V 58 6.82 46.16 -70.84
N GLU V 59 8.06 46.40 -70.44
CA GLU V 59 8.52 46.11 -69.09
C GLU V 59 7.50 46.45 -68.00
N TYR V 60 6.91 47.63 -68.08
CA TYR V 60 5.92 48.03 -67.09
C TYR V 60 4.63 47.24 -67.20
N SER V 61 4.15 47.03 -68.42
CA SER V 61 3.02 46.14 -68.63
C SER V 61 3.29 44.88 -67.82
N GLN V 62 4.41 44.23 -68.11
CA GLN V 62 4.84 43.03 -67.38
C GLN V 62 4.61 43.18 -65.88
N ALA V 63 5.32 44.13 -65.28
CA ALA V 63 5.25 44.33 -63.84
C ALA V 63 3.81 44.48 -63.36
N ALA V 64 3.18 45.57 -63.75
CA ALA V 64 1.80 45.84 -63.37
C ALA V 64 0.91 44.60 -63.53
N SER V 65 0.99 43.96 -64.68
CA SER V 65 0.21 42.75 -64.92
C SER V 65 0.33 41.76 -63.77
N VAL V 66 1.54 41.25 -63.57
CA VAL V 66 1.79 40.26 -62.52
C VAL V 66 1.42 40.75 -61.11
N LEU V 67 1.72 42.00 -60.78
CA LEU V 67 1.34 42.56 -59.48
C LEU V 67 -0.16 42.63 -59.34
N VAL V 68 -0.80 43.39 -60.23
CA VAL V 68 -2.26 43.48 -60.24
C VAL V 68 -2.93 42.10 -60.13
N GLY V 69 -2.26 41.08 -60.65
CA GLY V 69 -2.77 39.73 -60.58
C GLY V 69 -2.67 39.16 -59.18
N ASP V 70 -1.47 39.30 -58.60
CA ASP V 70 -1.25 38.86 -57.24
C ASP V 70 -2.27 39.53 -56.33
N ILE V 71 -2.44 40.84 -56.50
CA ILE V 71 -3.41 41.58 -55.71
C ILE V 71 -4.76 40.90 -55.75
N LYS V 72 -5.18 40.44 -56.93
CA LYS V 72 -6.49 39.80 -57.05
C LYS V 72 -6.50 38.54 -56.23
N THR V 73 -5.53 37.67 -56.49
CA THR V 73 -5.36 36.49 -55.67
C THR V 73 -5.55 36.86 -54.19
N LEU V 74 -4.77 37.85 -53.74
CA LEU V 74 -4.84 38.30 -52.34
C LEU V 74 -6.25 38.71 -51.92
N LEU V 75 -6.90 39.52 -52.76
CA LEU V 75 -8.25 39.94 -52.49
C LEU V 75 -9.17 38.73 -52.36
N MET V 76 -9.12 37.84 -53.35
CA MET V 76 -9.92 36.62 -53.32
C MET V 76 -9.59 35.76 -52.10
N ASP V 77 -8.30 35.66 -51.76
CA ASP V 77 -7.89 34.95 -50.56
C ASP V 77 -8.64 35.47 -49.35
N SER V 78 -8.61 36.78 -49.16
CA SER V 78 -9.30 37.43 -48.05
C SER V 78 -10.77 37.04 -48.00
N GLN V 79 -11.47 37.32 -49.10
CA GLN V 79 -12.89 37.02 -49.20
C GLN V 79 -13.24 35.66 -48.59
N ASP V 80 -12.57 34.61 -49.07
CA ASP V 80 -12.78 33.29 -48.50
C ASP V 80 -12.54 33.28 -47.00
N LYS V 81 -11.42 33.87 -46.57
CA LYS V 81 -11.11 33.91 -45.14
C LYS V 81 -12.16 34.69 -44.33
N TYR V 82 -12.72 35.71 -44.95
CA TYR V 82 -13.81 36.46 -44.34
C TYR V 82 -15.01 35.56 -44.19
N PHE V 83 -15.41 34.94 -45.30
CA PHE V 83 -16.52 33.99 -45.31
C PHE V 83 -16.42 32.99 -44.19
N GLU V 84 -15.33 32.23 -44.20
CA GLU V 84 -15.02 31.31 -43.12
C GLU V 84 -15.31 31.98 -41.78
N ALA V 85 -14.54 33.00 -41.45
CA ALA V 85 -14.68 33.69 -40.17
C ALA V 85 -16.13 33.97 -39.82
N THR V 86 -16.80 34.73 -40.66
CA THR V 86 -18.18 35.10 -40.40
C THR V 86 -19.06 33.87 -40.28
N GLN V 87 -18.90 32.94 -41.21
CA GLN V 87 -19.72 31.73 -41.24
C GLN V 87 -19.56 30.98 -39.93
N THR V 88 -18.31 30.73 -39.55
CA THR V 88 -17.99 30.10 -38.27
C THR V 88 -18.77 30.70 -37.11
N VAL V 89 -18.72 32.03 -37.04
CA VAL V 89 -19.47 32.78 -36.05
C VAL V 89 -20.98 32.54 -36.16
N TYR V 90 -21.56 32.88 -37.31
CA TYR V 90 -22.99 32.66 -37.56
C TYR V 90 -23.46 31.28 -37.12
N GLU V 91 -22.57 30.29 -37.18
CA GLU V 91 -22.89 28.94 -36.78
C GLU V 91 -23.03 28.84 -35.26
N TRP V 92 -22.00 29.28 -34.54
CA TRP V 92 -22.03 29.25 -33.09
C TRP V 92 -23.08 30.21 -32.56
N CYS V 93 -23.00 31.45 -33.04
CA CYS V 93 -23.92 32.51 -32.61
C CYS V 93 -25.35 31.99 -32.70
N GLY V 94 -25.52 30.87 -33.38
CA GLY V 94 -26.83 30.34 -33.69
C GLY V 94 -27.28 29.24 -32.77
N VAL V 95 -26.39 28.28 -32.54
CA VAL V 95 -26.67 27.26 -31.54
C VAL V 95 -26.81 27.95 -30.19
N ALA V 96 -25.90 28.89 -29.96
CA ALA V 96 -25.88 29.67 -28.72
C ALA V 96 -27.25 30.27 -28.36
N THR V 97 -27.86 31.01 -29.29
CA THR V 97 -29.11 31.71 -29.00
C THR V 97 -30.17 30.75 -28.49
N GLN V 98 -30.28 29.62 -29.16
CA GLN V 98 -31.20 28.58 -28.74
C GLN V 98 -30.98 28.21 -27.26
N LEU V 99 -29.72 28.02 -26.89
CA LEU V 99 -29.37 27.57 -25.55
C LEU V 99 -29.62 28.64 -24.51
N LEU V 100 -29.16 29.87 -24.75
CA LEU V 100 -29.45 30.96 -23.84
C LEU V 100 -30.96 31.09 -23.68
N ALA V 101 -31.68 30.92 -24.78
CA ALA V 101 -33.12 31.07 -24.77
C ALA V 101 -33.73 30.02 -23.87
N ALA V 102 -33.21 28.81 -24.00
CA ALA V 102 -33.65 27.68 -23.19
C ALA V 102 -33.35 27.91 -21.71
N TYR V 103 -32.12 28.33 -21.43
CA TYR V 103 -31.73 28.62 -20.07
C TYR V 103 -32.68 29.62 -19.46
N ILE V 104 -32.99 30.68 -20.21
CA ILE V 104 -33.88 31.74 -19.74
C ILE V 104 -35.27 31.21 -19.46
N LEU V 105 -35.67 30.21 -20.24
CA LEU V 105 -36.96 29.59 -20.09
C LEU V 105 -37.03 28.56 -18.94
N LEU V 106 -36.15 27.56 -18.98
CA LEU V 106 -36.21 26.46 -18.00
C LEU V 106 -35.96 26.96 -16.58
N PHE V 107 -35.39 28.15 -16.44
CA PHE V 107 -35.16 28.69 -15.12
C PHE V 107 -35.92 29.96 -14.85
N ASP V 108 -37.17 30.01 -15.29
CA ASP V 108 -38.05 31.08 -14.87
C ASP V 108 -38.12 30.94 -13.36
N GLU V 109 -38.57 29.77 -12.93
CA GLU V 109 -38.48 29.37 -11.54
C GLU V 109 -37.38 28.32 -11.51
N TYR V 110 -36.50 28.43 -10.53
CA TYR V 110 -35.31 27.56 -10.42
C TYR V 110 -35.63 26.07 -10.59
N ASN V 111 -34.95 25.43 -11.53
CA ASN V 111 -35.17 24.01 -11.77
C ASN V 111 -34.05 23.21 -11.12
N GLU V 112 -34.34 22.63 -9.96
CA GLU V 112 -33.28 22.11 -9.10
C GLU V 112 -32.50 20.96 -9.73
N LYS V 113 -33.15 20.22 -10.60
CA LYS V 113 -32.53 19.01 -11.14
C LYS V 113 -31.63 19.35 -12.31
N LYS V 114 -32.16 20.14 -13.22
CA LYS V 114 -31.39 20.52 -14.39
C LYS V 114 -30.34 21.57 -14.03
N ALA V 115 -30.38 22.06 -12.80
CA ALA V 115 -29.51 23.15 -12.41
C ALA V 115 -28.05 22.89 -12.72
N SER V 116 -27.56 21.71 -12.33
CA SER V 116 -26.15 21.40 -12.52
C SER V 116 -25.79 21.32 -14.01
N ALA V 117 -26.64 20.69 -14.80
CA ALA V 117 -26.39 20.63 -16.24
C ALA V 117 -26.38 22.04 -16.84
N GLN V 118 -27.47 22.77 -16.63
CA GLN V 118 -27.61 24.09 -17.22
C GLN V 118 -26.33 24.86 -17.05
N LYS V 119 -25.74 24.72 -15.87
CA LYS V 119 -24.50 25.41 -15.55
C LYS V 119 -23.38 24.91 -16.46
N ASP V 120 -23.17 23.59 -16.46
CA ASP V 120 -22.17 22.97 -17.32
C ASP V 120 -22.37 23.39 -18.77
N ILE V 121 -23.61 23.27 -19.24
CA ILE V 121 -23.97 23.71 -20.57
C ILE V 121 -23.59 25.17 -20.82
N LEU V 122 -24.16 26.09 -20.05
CA LEU V 122 -23.83 27.51 -20.20
C LEU V 122 -22.32 27.70 -20.36
N ILE V 123 -21.55 26.93 -19.60
CA ILE V 123 -20.10 27.02 -19.69
C ILE V 123 -19.57 26.56 -21.06
N LYS V 124 -19.84 25.31 -21.42
CA LYS V 124 -19.36 24.79 -22.69
C LYS V 124 -19.71 25.74 -23.85
N VAL V 125 -21.00 25.97 -24.09
CA VAL V 125 -21.42 26.82 -25.19
C VAL V 125 -20.75 28.19 -25.15
N LEU V 126 -20.66 28.80 -23.98
CA LEU V 126 -20.01 30.10 -23.89
C LEU V 126 -18.51 29.95 -24.14
N ASP V 127 -17.86 29.12 -23.33
CA ASP V 127 -16.45 28.83 -23.48
C ASP V 127 -16.10 28.58 -24.95
N ASP V 128 -16.91 27.74 -25.59
CA ASP V 128 -16.70 27.37 -26.98
C ASP V 128 -16.71 28.58 -27.91
N GLY V 129 -17.85 29.28 -28.00
CA GLY V 129 -17.95 30.47 -28.81
C GLY V 129 -16.85 31.48 -28.53
N ILE V 130 -16.47 31.60 -27.28
CA ILE V 130 -15.40 32.50 -26.88
C ILE V 130 -14.13 32.16 -27.62
N THR V 131 -13.80 30.87 -27.67
CA THR V 131 -12.64 30.44 -28.45
C THR V 131 -12.85 30.69 -29.95
N LYS V 132 -13.92 30.10 -30.47
CA LYS V 132 -14.27 30.23 -31.87
C LYS V 132 -14.25 31.70 -32.31
N LEU V 133 -14.87 32.56 -31.50
CA LEU V 133 -14.95 33.98 -31.81
C LEU V 133 -13.55 34.57 -31.91
N ASN V 134 -12.70 34.22 -30.95
CA ASN V 134 -11.34 34.72 -30.93
C ASN V 134 -10.62 34.36 -32.23
N GLU V 135 -10.57 33.07 -32.54
CA GLU V 135 -9.89 32.60 -33.75
C GLU V 135 -10.38 33.31 -34.99
N ALA V 136 -11.68 33.60 -35.05
CA ALA V 136 -12.26 34.29 -36.18
C ALA V 136 -11.51 35.60 -36.38
N GLN V 137 -11.38 36.34 -35.28
CA GLN V 137 -10.70 37.62 -35.31
C GLN V 137 -9.27 37.48 -35.80
N LYS V 138 -8.52 36.56 -35.20
CA LYS V 138 -7.13 36.37 -35.61
C LYS V 138 -7.03 36.06 -37.10
N SER V 139 -7.88 35.14 -37.56
CA SER V 139 -7.94 34.80 -38.97
C SER V 139 -8.10 36.07 -39.80
N LEU V 140 -9.04 36.92 -39.40
CA LEU V 140 -9.33 38.15 -40.12
C LEU V 140 -8.16 39.12 -40.11
N LEU V 141 -7.58 39.28 -38.93
CA LEU V 141 -6.45 40.18 -38.73
C LEU V 141 -5.30 39.79 -39.66
N VAL V 142 -5.01 38.50 -39.72
CA VAL V 142 -3.95 37.99 -40.57
C VAL V 142 -4.25 38.26 -42.05
N SER V 143 -5.51 38.11 -42.44
CA SER V 143 -5.93 38.42 -43.80
C SER V 143 -5.61 39.89 -44.10
N SER V 144 -5.93 40.77 -43.16
CA SER V 144 -5.64 42.19 -43.36
C SER V 144 -4.16 42.43 -43.57
N GLN V 145 -3.35 41.78 -42.74
CA GLN V 145 -1.90 41.93 -42.82
C GLN V 145 -1.36 41.49 -44.18
N SER V 146 -2.06 40.57 -44.84
CA SER V 146 -1.61 40.02 -46.12
C SER V 146 -1.34 41.08 -47.20
N PHE V 147 -2.29 41.99 -47.37
CA PHE V 147 -2.20 43.00 -48.42
C PHE V 147 -1.04 43.97 -48.23
N ASN V 148 -0.49 44.02 -47.03
CA ASN V 148 0.48 45.05 -46.72
C ASN V 148 1.69 45.07 -47.65
N ASN V 149 2.31 43.92 -47.86
CA ASN V 149 3.48 43.85 -48.72
C ASN V 149 3.14 44.33 -50.12
N ALA V 150 2.14 43.70 -50.71
CA ALA V 150 1.64 44.09 -52.01
C ALA V 150 1.39 45.60 -52.07
N SER V 151 0.71 46.13 -51.06
CA SER V 151 0.35 47.55 -51.04
C SER V 151 1.60 48.43 -51.25
N GLY V 152 2.73 47.97 -50.73
CA GLY V 152 3.98 48.68 -50.90
C GLY V 152 4.50 48.56 -52.32
N LYS V 153 4.65 47.32 -52.76
CA LYS V 153 5.08 47.06 -54.14
C LYS V 153 4.29 47.91 -55.13
N LEU V 154 2.99 48.06 -54.88
CA LEU V 154 2.15 48.92 -55.68
C LEU V 154 2.71 50.33 -55.77
N LEU V 155 2.93 50.95 -54.62
CA LEU V 155 3.47 52.31 -54.62
C LEU V 155 4.84 52.40 -55.29
N ALA V 156 5.73 51.47 -54.99
CA ALA V 156 7.04 51.46 -55.66
C ALA V 156 6.84 51.59 -57.17
N LEU V 157 6.08 50.66 -57.73
CA LEU V 157 5.77 50.68 -59.15
C LEU V 157 5.33 52.06 -59.61
N ASP V 158 4.26 52.56 -59.02
CA ASP V 158 3.74 53.88 -59.36
C ASP V 158 4.82 54.93 -59.22
N SER V 159 5.42 55.02 -58.04
CA SER V 159 6.50 55.96 -57.81
C SER V 159 7.45 55.99 -59.00
N GLN V 160 7.90 54.83 -59.45
CA GLN V 160 8.90 54.74 -60.51
C GLN V 160 8.34 55.01 -61.90
N LEU V 161 7.32 54.27 -62.27
CA LEU V 161 6.64 54.48 -63.54
C LEU V 161 6.33 55.96 -63.79
N THR V 162 6.12 56.71 -62.73
CA THR V 162 5.90 58.14 -62.86
C THR V 162 7.20 58.82 -63.19
N ASN V 163 8.22 58.61 -62.36
CA ASN V 163 9.54 59.17 -62.60
C ASN V 163 10.13 58.71 -63.93
N ASP V 164 9.96 57.44 -64.24
CA ASP V 164 10.57 56.83 -65.41
C ASP V 164 9.92 57.33 -66.70
N PHE V 165 8.65 57.73 -66.62
CA PHE V 165 7.90 58.18 -67.78
C PHE V 165 8.40 59.53 -68.24
N SER V 166 8.66 60.42 -67.28
CA SER V 166 9.20 61.72 -67.61
C SER V 166 10.59 61.57 -68.18
N GLU V 167 11.25 60.47 -67.82
CA GLU V 167 12.60 60.20 -68.32
C GLU V 167 12.61 59.76 -69.78
N LYS V 168 11.55 59.09 -70.20
CA LYS V 168 11.41 58.74 -71.61
C LYS V 168 10.94 59.95 -72.42
N SER V 169 10.03 60.74 -71.87
CA SER V 169 9.57 61.94 -72.54
C SER V 169 10.74 62.88 -72.81
N SER V 170 11.74 62.83 -71.95
CA SER V 170 12.98 63.58 -72.16
C SER V 170 13.81 62.92 -73.25
N TYR V 171 13.88 61.59 -73.20
CA TYR V 171 14.64 60.82 -74.19
C TYR V 171 14.03 60.95 -75.57
N PHE V 172 12.72 61.14 -75.62
CA PHE V 172 12.05 61.32 -76.90
C PHE V 172 12.62 62.53 -77.64
N GLN V 173 12.35 63.73 -77.13
CA GLN V 173 12.80 64.95 -77.80
C GLN V 173 14.31 64.96 -78.01
N SER V 174 15.06 64.47 -77.02
CA SER V 174 16.52 64.39 -77.13
C SER V 174 16.89 63.44 -78.26
N GLN V 175 15.96 62.57 -78.62
CA GLN V 175 16.22 61.58 -79.65
C GLN V 175 15.75 62.06 -81.02
N VAL V 176 14.52 62.57 -81.11
CA VAL V 176 14.06 63.12 -82.38
C VAL V 176 15.05 64.17 -82.87
N ASP V 177 15.66 64.88 -81.92
CA ASP V 177 16.74 65.81 -82.22
C ASP V 177 17.84 65.07 -82.95
N LYS V 178 18.34 63.99 -82.35
CA LYS V 178 19.38 63.21 -82.99
C LYS V 178 19.00 62.91 -84.43
N ILE V 179 17.71 62.74 -84.68
CA ILE V 179 17.22 62.42 -86.02
C ILE V 179 17.37 63.59 -87.01
N ARG V 180 17.01 64.80 -86.57
CA ARG V 180 17.22 65.97 -87.40
C ARG V 180 18.70 66.17 -87.67
N LYS V 181 19.45 66.24 -86.57
CA LYS V 181 20.90 66.46 -86.63
C LYS V 181 21.59 65.49 -87.59
N GLU V 182 21.10 64.25 -87.64
CA GLU V 182 21.67 63.25 -88.52
C GLU V 182 21.25 63.46 -89.97
N ALA V 183 19.99 63.86 -90.17
CA ALA V 183 19.43 63.96 -91.51
C ALA V 183 19.86 65.23 -92.20
N TYR V 184 19.90 66.34 -91.47
CA TYR V 184 20.25 67.62 -92.09
C TYR V 184 21.76 67.78 -92.30
N ALA V 185 22.54 67.20 -91.40
CA ALA V 185 23.98 67.10 -91.63
C ALA V 185 24.20 66.30 -92.91
N GLY V 186 23.20 65.48 -93.26
CA GLY V 186 23.23 64.68 -94.48
C GLY V 186 22.81 65.46 -95.72
N ALA V 187 21.65 66.10 -95.67
CA ALA V 187 21.21 66.93 -96.79
C ALA V 187 22.25 68.01 -97.03
N ALA V 188 22.52 68.78 -95.99
CA ALA V 188 23.57 69.80 -96.03
C ALA V 188 24.80 69.33 -96.80
N ALA V 189 25.09 68.04 -96.74
CA ALA V 189 26.26 67.47 -97.40
C ALA V 189 26.20 67.55 -98.94
N GLY V 190 25.07 68.01 -99.46
CA GLY V 190 24.88 68.15 -100.90
C GLY V 190 25.58 69.34 -101.51
N VAL V 191 26.13 70.21 -100.65
CA VAL V 191 26.88 71.37 -101.10
C VAL V 191 27.94 71.01 -102.16
N VAL V 192 28.44 69.77 -102.09
CA VAL V 192 29.46 69.30 -103.03
C VAL V 192 28.91 69.24 -104.45
N ALA V 193 27.86 68.46 -104.67
CA ALA V 193 27.18 68.48 -105.96
C ALA V 193 26.21 69.67 -106.00
N GLY V 194 25.72 70.00 -107.21
CA GLY V 194 24.96 71.22 -107.45
C GLY V 194 23.84 71.53 -106.46
N PRO V 195 23.46 72.82 -106.35
CA PRO V 195 22.38 73.22 -105.45
C PRO V 195 21.06 72.53 -105.81
N PHE V 196 20.84 72.27 -107.09
CA PHE V 196 19.70 71.47 -107.52
C PHE V 196 19.77 70.09 -106.85
N GLY V 197 20.99 69.69 -106.49
CA GLY V 197 21.20 68.48 -105.74
C GLY V 197 20.62 68.60 -104.35
N LEU V 198 20.68 69.80 -103.78
CA LEU V 198 20.08 70.03 -102.45
C LEU V 198 18.58 69.82 -102.48
N ILE V 199 17.91 70.42 -103.48
CA ILE V 199 16.48 70.20 -103.65
C ILE V 199 16.17 68.71 -103.59
N ILE V 200 16.84 67.91 -104.40
CA ILE V 200 16.68 66.46 -104.37
C ILE V 200 17.00 65.87 -102.98
N SER V 201 18.17 66.21 -102.46
CA SER V 201 18.67 65.68 -101.20
C SER V 201 17.76 66.04 -100.03
N TYR V 202 17.53 67.33 -99.88
CA TYR V 202 16.72 67.89 -98.81
C TYR V 202 15.25 67.43 -98.89
N SER V 203 14.70 67.31 -100.10
CA SER V 203 13.36 66.73 -100.25
C SER V 203 13.36 65.29 -99.78
N ILE V 204 14.36 64.54 -100.21
CA ILE V 204 14.51 63.16 -99.76
C ILE V 204 14.55 63.09 -98.23
N ALA V 205 15.20 64.07 -97.60
CA ALA V 205 15.40 64.05 -96.15
C ALA V 205 14.26 64.70 -95.37
N ALA V 206 14.31 66.01 -95.23
CA ALA V 206 13.28 66.76 -94.50
C ALA V 206 11.89 66.24 -94.85
N GLY V 207 11.69 65.87 -96.12
CA GLY V 207 10.43 65.31 -96.56
C GLY V 207 10.06 64.04 -95.82
N VAL V 208 10.90 63.02 -95.94
CA VAL V 208 10.65 61.74 -95.27
C VAL V 208 10.69 61.86 -93.75
N VAL V 209 11.62 62.67 -93.24
CA VAL V 209 11.73 62.86 -91.80
C VAL V 209 10.49 63.54 -91.24
N GLU V 210 10.25 64.77 -91.70
CA GLU V 210 9.12 65.55 -91.22
C GLU V 210 7.79 64.99 -91.73
N GLY V 211 7.91 64.07 -92.69
CA GLY V 211 6.75 63.45 -93.32
C GLY V 211 6.15 62.31 -92.54
N LYS V 212 6.92 61.24 -92.35
CA LYS V 212 6.43 60.10 -91.57
C LYS V 212 7.15 59.97 -90.22
N LEU V 213 8.46 60.22 -90.21
CA LEU V 213 9.26 59.92 -89.01
C LEU V 213 8.88 60.68 -87.74
N ILE V 214 9.18 61.97 -87.69
CA ILE V 214 8.88 62.76 -86.50
C ILE V 214 7.45 62.57 -85.99
N PRO V 215 6.46 62.64 -86.90
CA PRO V 215 5.06 62.44 -86.52
C PRO V 215 4.84 61.06 -85.91
N GLU V 216 5.46 60.04 -86.51
CA GLU V 216 5.37 58.69 -85.98
C GLU V 216 5.86 58.65 -84.53
N LEU V 217 7.02 59.24 -84.28
CA LEU V 217 7.56 59.34 -82.93
C LEU V 217 6.59 60.06 -82.02
N LYS V 218 6.10 61.23 -82.44
CA LYS V 218 5.11 61.95 -81.66
C LYS V 218 3.89 61.08 -81.40
N ASN V 219 3.68 60.10 -82.26
CA ASN V 219 2.56 59.19 -82.08
C ASN V 219 2.76 58.19 -80.93
N LYS V 220 3.93 57.54 -80.89
CA LYS V 220 4.23 56.62 -79.81
C LYS V 220 4.35 57.35 -78.48
N LEU V 221 5.03 58.50 -78.49
CA LEU V 221 5.12 59.29 -77.27
C LEU V 221 3.74 59.45 -76.68
N LYS V 222 2.72 59.47 -77.53
CA LYS V 222 1.35 59.59 -77.06
C LYS V 222 0.79 58.24 -76.63
N SER V 223 1.04 57.18 -77.40
CA SER V 223 0.53 55.86 -77.05
C SER V 223 1.11 55.42 -75.73
N VAL V 224 2.34 55.87 -75.47
CA VAL V 224 3.00 55.64 -74.19
C VAL V 224 2.32 56.47 -73.10
N GLN V 225 2.38 57.78 -73.25
CA GLN V 225 1.75 58.68 -72.30
C GLN V 225 0.30 58.29 -72.06
N ASN V 226 -0.30 57.67 -73.08
CA ASN V 226 -1.66 57.19 -72.99
C ASN V 226 -1.75 55.98 -72.06
N PHE V 227 -0.86 55.02 -72.27
CA PHE V 227 -0.80 53.80 -71.48
C PHE V 227 -0.31 54.10 -70.07
N PHE V 228 0.70 54.95 -69.95
CA PHE V 228 1.17 55.37 -68.63
C PHE V 228 -0.02 55.79 -67.79
N THR V 229 -0.93 56.54 -68.39
CA THR V 229 -2.09 57.02 -67.66
C THR V 229 -3.01 55.87 -67.21
N THR V 230 -3.48 55.08 -68.18
CA THR V 230 -4.40 53.99 -67.86
C THR V 230 -3.81 53.11 -66.77
N LEU V 231 -2.51 52.84 -66.86
CA LEU V 231 -1.84 52.03 -65.86
C LEU V 231 -1.83 52.71 -64.49
N SER V 232 -1.46 53.98 -64.46
CA SER V 232 -1.42 54.72 -63.20
C SER V 232 -2.77 54.62 -62.50
N ASN V 233 -3.84 54.68 -63.30
CA ASN V 233 -5.20 54.54 -62.79
C ASN V 233 -5.53 53.13 -62.36
N THR V 234 -4.98 52.15 -63.08
CA THR V 234 -5.15 50.75 -62.73
C THR V 234 -4.53 50.51 -61.35
N VAL V 235 -3.53 51.32 -61.01
CA VAL V 235 -2.88 51.24 -59.71
C VAL V 235 -3.75 51.90 -58.66
N LYS V 236 -4.17 53.13 -58.92
CA LYS V 236 -5.03 53.85 -57.99
C LYS V 236 -6.20 52.96 -57.60
N GLN V 237 -6.69 52.19 -58.56
CA GLN V 237 -7.79 51.26 -58.27
C GLN V 237 -7.40 50.23 -57.23
N ALA V 238 -6.40 49.40 -57.56
CA ALA V 238 -5.90 48.40 -56.63
C ALA V 238 -5.69 48.97 -55.22
N ASN V 239 -5.02 50.12 -55.13
CA ASN V 239 -4.79 50.73 -53.83
C ASN V 239 -6.10 51.00 -53.12
N LYS V 240 -7.12 51.39 -53.88
CA LYS V 240 -8.45 51.62 -53.32
C LYS V 240 -9.15 50.31 -52.94
N ASP V 241 -8.99 49.28 -53.78
CA ASP V 241 -9.59 47.99 -53.55
C ASP V 241 -8.99 47.33 -52.32
N ILE V 242 -7.66 47.35 -52.24
CA ILE V 242 -6.97 46.73 -51.11
C ILE V 242 -7.42 47.41 -49.82
N ASP V 243 -7.46 48.73 -49.84
CA ASP V 243 -7.77 49.49 -48.64
C ASP V 243 -9.19 49.20 -48.18
N ALA V 244 -10.10 49.05 -49.13
CA ALA V 244 -11.50 48.74 -48.83
C ALA V 244 -11.62 47.38 -48.15
N ALA V 245 -10.84 46.41 -48.61
CA ALA V 245 -10.84 45.07 -48.01
C ALA V 245 -10.33 45.13 -46.57
N LYS V 246 -9.21 45.82 -46.39
CA LYS V 246 -8.60 45.93 -45.07
C LYS V 246 -9.59 46.55 -44.11
N LEU V 247 -10.40 47.47 -44.63
CA LEU V 247 -11.43 48.11 -43.83
C LEU V 247 -12.44 47.07 -43.40
N LYS V 248 -13.15 46.51 -44.38
CA LYS V 248 -14.12 45.45 -44.15
C LYS V 248 -13.60 44.50 -43.09
N LEU V 249 -12.35 44.07 -43.23
CA LEU V 249 -11.77 43.09 -42.33
C LEU V 249 -11.75 43.55 -40.86
N THR V 250 -11.13 44.69 -40.59
CA THR V 250 -11.02 45.16 -39.21
C THR V 250 -12.37 45.52 -38.63
N THR V 251 -13.20 46.20 -39.42
CA THR V 251 -14.52 46.58 -38.95
C THR V 251 -15.37 45.36 -38.63
N GLU V 252 -15.05 44.24 -39.26
CA GLU V 252 -15.67 42.97 -38.90
C GLU V 252 -15.05 42.46 -37.61
N ILE V 253 -13.72 42.37 -37.60
CA ILE V 253 -12.98 42.00 -36.40
C ILE V 253 -13.57 42.62 -35.14
N ALA V 254 -13.82 43.93 -35.20
CA ALA V 254 -14.30 44.67 -34.03
C ALA V 254 -15.75 44.39 -33.75
N ALA V 255 -16.52 44.18 -34.81
CA ALA V 255 -17.93 43.82 -34.69
C ALA V 255 -18.09 42.46 -34.02
N ILE V 256 -17.22 41.52 -34.40
CA ILE V 256 -17.16 40.24 -33.72
C ILE V 256 -16.72 40.50 -32.29
N GLY V 257 -15.84 41.50 -32.12
CA GLY V 257 -15.37 41.91 -30.82
C GLY V 257 -16.51 42.18 -29.86
N GLU V 258 -17.52 42.91 -30.35
CA GLU V 258 -18.68 43.23 -29.53
C GLU V 258 -19.31 41.99 -28.89
N ILE V 259 -19.55 40.96 -29.69
CA ILE V 259 -20.09 39.72 -29.17
C ILE V 259 -19.13 39.11 -28.16
N LYS V 260 -17.90 38.89 -28.60
CA LYS V 260 -16.88 38.29 -27.75
C LYS V 260 -16.97 38.83 -26.32
N THR V 261 -16.82 40.13 -26.16
CA THR V 261 -16.86 40.73 -24.83
C THR V 261 -18.13 40.35 -24.06
N GLU V 262 -19.30 40.52 -24.68
CA GLU V 262 -20.56 40.17 -24.03
C GLU V 262 -20.52 38.72 -23.58
N THR V 263 -20.16 37.85 -24.51
CA THR V 263 -20.03 36.43 -24.22
C THR V 263 -19.09 36.19 -23.06
N GLU V 264 -17.88 36.68 -23.20
CA GLU V 264 -16.84 36.54 -22.18
C GLU V 264 -17.39 36.98 -20.83
N THR V 265 -18.16 38.06 -20.83
CA THR V 265 -18.77 38.55 -19.60
C THR V 265 -19.74 37.53 -19.00
N THR V 266 -20.82 37.30 -19.74
CA THR V 266 -21.81 36.28 -19.40
C THR V 266 -21.16 35.03 -18.80
N ARG V 267 -20.08 34.55 -19.42
CA ARG V 267 -19.34 33.42 -18.87
C ARG V 267 -18.96 33.67 -17.41
N PHE V 268 -18.27 34.76 -17.14
CA PHE V 268 -17.87 35.06 -15.77
C PHE V 268 -19.08 35.05 -14.84
N TYR V 269 -20.20 35.60 -15.30
CA TYR V 269 -21.42 35.62 -14.47
C TYR V 269 -21.86 34.21 -14.09
N VAL V 270 -21.78 33.28 -15.02
CA VAL V 270 -22.03 31.88 -14.71
C VAL V 270 -21.19 31.40 -13.54
N ASP V 271 -20.00 31.98 -13.38
CA ASP V 271 -19.09 31.60 -12.29
C ASP V 271 -19.59 31.94 -10.87
N TYR V 272 -20.64 32.74 -10.77
CA TYR V 272 -21.21 33.07 -9.47
C TYR V 272 -21.98 31.88 -8.89
N ASP V 273 -22.47 30.99 -9.76
CA ASP V 273 -23.24 29.78 -9.38
C ASP V 273 -24.71 30.03 -9.31
N ASP V 274 -25.08 31.23 -8.93
CA ASP V 274 -26.49 31.60 -8.86
C ASP V 274 -27.08 31.61 -10.25
N LEU V 275 -27.58 30.46 -10.70
CA LEU V 275 -28.20 30.35 -12.01
C LEU V 275 -29.39 31.30 -12.12
N MET V 276 -29.69 31.99 -11.03
CA MET V 276 -30.88 32.82 -10.97
C MET V 276 -30.53 34.28 -10.82
N LEU V 277 -29.23 34.56 -10.73
CA LEU V 277 -28.74 35.92 -10.54
C LEU V 277 -29.20 36.80 -11.68
N SER V 278 -29.78 37.95 -11.36
CA SER V 278 -30.31 38.84 -12.41
C SER V 278 -29.26 39.14 -13.47
N LEU V 279 -28.04 39.43 -13.03
CA LEU V 279 -26.94 39.70 -13.96
C LEU V 279 -26.84 38.62 -15.01
N LEU V 280 -26.50 37.40 -14.59
CA LEU V 280 -26.36 36.30 -15.54
C LEU V 280 -27.60 36.16 -16.40
N LYS V 281 -28.75 36.47 -15.84
CA LYS V 281 -29.98 36.32 -16.58
C LYS V 281 -30.04 37.41 -17.62
N GLU V 282 -29.83 38.63 -17.18
CA GLU V 282 -29.79 39.78 -18.08
C GLU V 282 -28.72 39.64 -19.16
N ALA V 283 -27.50 39.39 -18.72
CA ALA V 283 -26.38 39.13 -19.63
C ALA V 283 -26.80 38.18 -20.73
N ALA V 284 -27.52 37.13 -20.35
CA ALA V 284 -27.94 36.09 -21.29
C ALA V 284 -28.98 36.62 -22.27
N LYS V 285 -29.82 37.54 -21.79
CA LYS V 285 -30.81 38.19 -22.64
C LYS V 285 -30.13 39.17 -23.59
N LYS V 286 -29.16 39.93 -23.08
CA LYS V 286 -28.40 40.87 -23.91
C LYS V 286 -27.72 40.13 -25.03
N MET V 287 -27.01 39.06 -24.70
CA MET V 287 -26.34 38.23 -25.69
C MET V 287 -27.25 37.93 -26.88
N ILE V 288 -28.53 37.67 -26.62
CA ILE V 288 -29.48 37.35 -27.68
C ILE V 288 -29.82 38.59 -28.51
N ASN V 289 -29.86 39.74 -27.86
CA ASN V 289 -30.00 41.00 -28.57
C ASN V 289 -28.73 41.33 -29.36
N THR V 290 -27.61 41.53 -28.66
CA THR V 290 -26.32 41.79 -29.31
C THR V 290 -26.18 40.92 -30.57
N CYS V 291 -26.54 39.64 -30.46
CA CYS V 291 -26.48 38.74 -31.61
C CYS V 291 -27.44 39.20 -32.69
N ASN V 292 -28.69 39.40 -32.30
CA ASN V 292 -29.73 39.79 -33.26
C ASN V 292 -29.35 41.03 -34.06
N GLU V 293 -28.78 42.04 -33.40
CA GLU V 293 -28.36 43.26 -34.07
C GLU V 293 -27.22 43.00 -35.06
N TYR V 294 -26.34 42.07 -34.68
CA TYR V 294 -25.24 41.64 -35.53
C TYR V 294 -25.73 41.04 -36.85
N GLN V 295 -26.91 40.42 -36.82
CA GLN V 295 -27.49 39.79 -38.01
C GLN V 295 -28.13 40.81 -38.96
N LYS V 296 -28.63 41.91 -38.40
CA LYS V 296 -29.39 42.92 -39.15
C LYS V 296 -28.51 43.92 -39.91
N ARG V 297 -27.53 44.50 -39.21
CA ARG V 297 -26.59 45.42 -39.85
C ARG V 297 -25.54 44.63 -40.62
N HIS V 298 -25.21 43.44 -40.10
CA HIS V 298 -24.23 42.56 -40.72
C HIS V 298 -24.84 41.20 -41.09
N LYS W 14 45.23 30.72 -124.99
CA LYS W 14 44.61 32.01 -124.70
C LYS W 14 43.39 32.25 -125.60
N THR W 15 42.65 31.19 -125.87
CA THR W 15 41.42 31.28 -126.66
C THR W 15 40.21 31.03 -125.77
N VAL W 16 40.35 30.09 -124.84
CA VAL W 16 39.28 29.73 -123.95
C VAL W 16 39.12 30.76 -122.84
N GLU W 17 40.18 31.50 -122.57
CA GLU W 17 40.19 32.45 -121.47
C GLU W 17 39.06 33.48 -121.56
N VAL W 18 38.48 33.63 -122.74
CA VAL W 18 37.34 34.51 -122.91
C VAL W 18 36.13 33.95 -122.18
N VAL W 19 35.89 32.66 -122.38
CA VAL W 19 34.80 31.95 -121.68
C VAL W 19 34.97 32.07 -120.16
N LYS W 20 36.15 31.72 -119.68
CA LYS W 20 36.49 31.86 -118.27
C LYS W 20 36.17 33.26 -117.77
N ASN W 21 36.77 34.27 -118.38
CA ASN W 21 36.54 35.65 -117.95
C ASN W 21 35.05 35.99 -117.95
N ALA W 22 34.33 35.48 -118.95
CA ALA W 22 32.90 35.74 -119.09
C ALA W 22 32.11 35.00 -118.03
N ILE W 23 32.55 33.78 -117.73
CA ILE W 23 31.93 32.99 -116.68
C ILE W 23 31.94 33.81 -115.39
N GLU W 24 33.10 34.38 -115.06
CA GLU W 24 33.24 35.17 -113.85
C GLU W 24 32.44 36.47 -113.93
N THR W 25 32.37 37.05 -115.11
CA THR W 25 31.54 38.23 -115.34
C THR W 25 30.09 37.91 -114.99
N ALA W 26 29.62 36.77 -115.49
CA ALA W 26 28.25 36.34 -115.29
C ALA W 26 27.96 36.07 -113.80
N ASP W 27 28.98 35.60 -113.08
CA ASP W 27 28.84 35.33 -111.65
C ASP W 27 28.48 36.63 -110.96
N GLY W 28 29.42 37.57 -110.92
CA GLY W 28 29.18 38.88 -110.35
C GLY W 28 27.92 39.54 -110.86
N ALA W 29 27.44 39.08 -112.01
CA ALA W 29 26.18 39.58 -112.55
C ALA W 29 25.05 39.20 -111.62
N LEU W 30 24.84 37.89 -111.46
CA LEU W 30 23.86 37.39 -110.50
C LEU W 30 23.93 38.17 -109.20
N ASP W 31 25.11 38.19 -108.61
CA ASP W 31 25.34 38.87 -107.35
C ASP W 31 24.70 40.26 -107.31
N LEU W 32 25.14 41.15 -108.18
CA LEU W 32 24.55 42.48 -108.26
C LEU W 32 23.05 42.37 -108.47
N TYR W 33 22.65 41.41 -109.31
CA TYR W 33 21.24 41.20 -109.62
C TYR W 33 20.42 41.05 -108.36
N ASN W 34 20.74 40.02 -107.58
CA ASN W 34 20.07 39.77 -106.31
C ASN W 34 20.25 40.93 -105.35
N LYS W 35 21.51 41.30 -105.08
CA LYS W 35 21.82 42.42 -104.19
C LYS W 35 20.80 43.55 -104.34
N TYR W 36 20.50 43.87 -105.60
CA TYR W 36 19.51 44.91 -105.90
C TYR W 36 18.10 44.38 -105.73
N LEU W 37 17.85 43.20 -106.30
CA LEU W 37 16.54 42.56 -106.23
C LEU W 37 16.05 42.50 -104.78
N ASP W 38 16.97 42.29 -103.86
CA ASP W 38 16.65 42.27 -102.44
C ASP W 38 16.30 43.67 -101.95
N GLN W 39 17.16 44.64 -102.24
CA GLN W 39 16.88 46.02 -101.89
C GLN W 39 15.49 46.40 -102.41
N VAL W 40 15.10 45.76 -103.51
CA VAL W 40 13.87 46.09 -104.19
C VAL W 40 12.68 45.35 -103.62
N ILE W 41 12.90 44.08 -103.24
CA ILE W 41 11.86 43.25 -102.66
C ILE W 41 12.29 42.77 -101.28
N PRO W 42 11.83 43.47 -100.23
CA PRO W 42 12.25 43.26 -98.84
C PRO W 42 11.72 41.96 -98.26
N TRP W 43 12.05 40.84 -98.88
CA TRP W 43 11.60 39.55 -98.38
C TRP W 43 12.17 39.34 -96.98
N GLN W 44 13.40 39.80 -96.79
CA GLN W 44 14.02 39.76 -95.48
C GLN W 44 13.08 40.38 -94.46
N THR W 45 12.75 41.65 -94.67
CA THR W 45 11.89 42.40 -93.77
C THR W 45 10.50 41.77 -93.66
N PHE W 46 9.96 41.30 -94.79
CA PHE W 46 8.66 40.65 -94.78
C PHE W 46 8.68 39.38 -93.96
N ASP W 47 9.60 38.48 -94.28
CA ASP W 47 9.75 37.24 -93.54
C ASP W 47 9.93 37.52 -92.04
N GLU W 48 10.90 38.37 -91.72
CA GLU W 48 11.16 38.76 -90.33
C GLU W 48 9.88 39.23 -89.65
N THR W 49 9.16 40.13 -90.30
CA THR W 49 7.95 40.70 -89.75
C THR W 49 6.91 39.60 -89.47
N ILE W 50 6.89 38.59 -90.33
CA ILE W 50 5.98 37.46 -90.16
C ILE W 50 6.33 36.66 -88.91
N LYS W 51 7.60 36.31 -88.78
CA LYS W 51 8.06 35.54 -87.64
C LYS W 51 7.68 36.19 -86.30
N GLU W 52 8.21 37.39 -86.06
CA GLU W 52 8.01 38.02 -84.77
C GLU W 52 6.54 38.05 -84.34
N LEU W 53 5.63 38.24 -85.28
CA LEU W 53 4.22 38.25 -84.90
C LEU W 53 3.61 36.85 -84.94
N SER W 54 4.39 35.89 -85.42
CA SER W 54 4.01 34.49 -85.29
C SER W 54 4.39 34.04 -83.89
N ARG W 55 5.60 34.45 -83.47
CA ARG W 55 6.03 34.25 -82.09
C ARG W 55 4.96 34.71 -81.10
N PHE W 56 4.41 35.90 -81.33
CA PHE W 56 3.34 36.42 -80.47
C PHE W 56 2.24 35.37 -80.30
N LYS W 57 1.63 35.01 -81.42
CA LYS W 57 0.58 33.99 -81.42
C LYS W 57 1.04 32.72 -80.69
N GLN W 58 2.33 32.42 -80.81
CA GLN W 58 2.92 31.22 -80.21
C GLN W 58 3.00 31.33 -78.69
N GLU W 59 3.93 32.16 -78.22
CA GLU W 59 4.16 32.36 -76.80
C GLU W 59 2.89 32.38 -75.94
N TYR W 60 1.89 33.15 -76.38
CA TYR W 60 0.63 33.23 -75.65
C TYR W 60 -0.18 31.94 -75.71
N SER W 61 -0.23 31.33 -76.90
CA SER W 61 -0.83 30.01 -77.00
C SER W 61 -0.26 29.14 -75.88
N GLN W 62 1.06 29.04 -75.86
CA GLN W 62 1.77 28.30 -74.81
C GLN W 62 1.20 28.59 -73.44
N ALA W 63 1.32 29.84 -73.02
CA ALA W 63 0.85 30.24 -71.69
C ALA W 63 -0.60 29.81 -71.46
N ALA W 64 -1.51 30.41 -72.20
CA ALA W 64 -2.92 30.13 -72.05
C ALA W 64 -3.19 28.62 -71.98
N SER W 65 -2.59 27.88 -72.91
CA SER W 65 -2.76 26.44 -72.94
C SER W 65 -2.49 25.84 -71.56
N VAL W 66 -1.25 25.94 -71.11
CA VAL W 66 -0.86 25.35 -69.82
C VAL W 66 -1.70 25.84 -68.65
N LEU W 67 -2.08 27.12 -68.66
CA LEU W 67 -2.91 27.67 -67.59
C LEU W 67 -4.31 27.08 -67.64
N VAL W 68 -4.97 27.29 -68.77
CA VAL W 68 -6.31 26.75 -68.99
C VAL W 68 -6.37 25.26 -68.63
N GLY W 69 -5.24 24.57 -68.79
CA GLY W 69 -5.16 23.16 -68.47
C GLY W 69 -5.13 22.95 -66.97
N ASP W 70 -4.26 23.69 -66.31
CA ASP W 70 -4.18 23.64 -64.86
C ASP W 70 -5.55 23.94 -64.27
N ILE W 71 -6.20 24.98 -64.76
CA ILE W 71 -7.54 25.33 -64.31
C ILE W 71 -8.48 24.14 -64.36
N LYS W 72 -8.40 23.35 -65.43
CA LYS W 72 -9.27 22.19 -65.53
C LYS W 72 -8.95 21.21 -64.42
N THR W 73 -7.69 20.81 -64.35
CA THR W 73 -7.23 20.00 -63.24
C THR W 73 -7.87 20.52 -61.94
N LEU W 74 -7.66 21.80 -61.64
CA LEU W 74 -8.21 22.41 -60.43
C LEU W 74 -9.70 22.23 -60.30
N LEU W 75 -10.42 22.49 -61.38
CA LEU W 75 -11.87 22.31 -61.38
C LEU W 75 -12.23 20.87 -61.08
N MET W 76 -11.61 19.94 -61.80
CA MET W 76 -11.84 18.52 -61.58
C MET W 76 -11.47 18.12 -60.15
N ASP W 77 -10.35 18.65 -59.65
CA ASP W 77 -9.95 18.43 -58.26
C ASP W 77 -11.09 18.77 -57.30
N SER W 78 -11.63 19.97 -57.43
CA SER W 78 -12.74 20.43 -56.61
C SER W 78 -13.89 19.44 -56.67
N GLN W 79 -14.38 19.17 -57.87
CA GLN W 79 -15.51 18.27 -58.06
C GLN W 79 -15.40 17.03 -57.18
N ASP W 80 -14.27 16.33 -57.27
CA ASP W 80 -14.06 15.16 -56.44
C ASP W 80 -14.16 15.51 -54.97
N LYS W 81 -13.51 16.59 -54.57
CA LYS W 81 -13.58 17.02 -53.17
C LYS W 81 -14.98 17.38 -52.70
N TYR W 82 -15.78 17.94 -53.61
CA TYR W 82 -17.17 18.21 -53.32
C TYR W 82 -17.93 16.92 -53.10
N PHE W 83 -17.84 16.02 -54.07
CA PHE W 83 -18.44 14.69 -53.97
C PHE W 83 -18.18 14.04 -52.63
N GLU W 84 -16.90 13.84 -52.33
CA GLU W 84 -16.49 13.35 -51.02
C GLU W 84 -17.29 14.05 -49.95
N ALA W 85 -17.08 15.35 -49.78
CA ALA W 85 -17.72 16.13 -48.73
C ALA W 85 -19.21 15.82 -48.61
N THR W 86 -19.93 16.03 -49.70
CA THR W 86 -21.36 15.81 -49.70
C THR W 86 -21.68 14.36 -49.33
N GLN W 87 -20.98 13.44 -49.98
CA GLN W 87 -21.25 12.02 -49.80
C GLN W 87 -21.07 11.65 -48.35
N THR W 88 -19.92 12.02 -47.80
CA THR W 88 -19.64 11.84 -46.39
C THR W 88 -20.81 12.26 -45.53
N VAL W 89 -21.31 13.47 -45.80
CA VAL W 89 -22.47 13.98 -45.09
C VAL W 89 -23.71 13.09 -45.30
N TYR W 90 -24.12 12.92 -46.55
CA TYR W 90 -25.25 12.06 -46.88
C TYR W 90 -25.22 10.71 -46.16
N GLU W 91 -24.02 10.22 -45.88
CA GLU W 91 -23.87 8.94 -45.20
C GLU W 91 -24.28 9.07 -43.73
N TRP W 92 -23.68 10.03 -43.05
CA TRP W 92 -23.98 10.25 -41.64
C TRP W 92 -25.40 10.77 -41.48
N CYS W 93 -25.73 11.78 -42.25
CA CYS W 93 -27.05 12.41 -42.20
C CYS W 93 -28.10 11.32 -42.33
N GLY W 94 -27.69 10.13 -42.75
CA GLY W 94 -28.60 9.02 -43.02
C GLY W 94 -28.75 8.02 -41.89
N VAL W 95 -27.63 7.57 -41.34
CA VAL W 95 -27.69 6.75 -40.16
C VAL W 95 -28.36 7.55 -39.06
N ALA W 96 -27.95 8.80 -38.93
CA ALA W 96 -28.48 9.71 -37.92
C ALA W 96 -30.00 9.72 -37.90
N THR W 97 -30.61 10.01 -39.05
CA THR W 97 -32.08 10.14 -39.13
C THR W 97 -32.78 8.92 -38.52
N GLN W 98 -32.30 7.74 -38.90
CA GLN W 98 -32.81 6.49 -38.36
C GLN W 98 -32.74 6.50 -36.83
N LEU W 99 -31.61 6.97 -36.29
CA LEU W 99 -31.41 6.95 -34.85
C LEU W 99 -32.28 7.95 -34.12
N LEU W 100 -32.30 9.19 -34.60
CA LEU W 100 -33.17 10.20 -34.01
C LEU W 100 -34.61 9.71 -34.07
N ALA W 101 -34.98 9.07 -35.18
CA ALA W 101 -36.33 8.55 -35.37
C ALA W 101 -36.63 7.51 -34.33
N ALA W 102 -35.65 6.62 -34.11
CA ALA W 102 -35.76 5.58 -33.12
C ALA W 102 -35.89 6.20 -31.73
N TYR W 103 -35.03 7.15 -31.43
CA TYR W 103 -35.07 7.80 -30.12
C TYR W 103 -36.45 8.38 -29.87
N ILE W 104 -36.99 9.06 -30.88
CA ILE W 104 -38.32 9.69 -30.80
C ILE W 104 -39.40 8.67 -30.55
N LEU W 105 -39.20 7.48 -31.12
CA LEU W 105 -40.15 6.39 -30.99
C LEU W 105 -40.03 5.64 -29.65
N LEU W 106 -38.84 5.14 -29.34
CA LEU W 106 -38.66 4.32 -28.15
C LEU W 106 -38.95 5.08 -26.87
N PHE W 107 -38.92 6.40 -26.94
CA PHE W 107 -39.23 7.21 -25.77
C PHE W 107 -40.47 8.05 -25.89
N ASP W 108 -41.51 7.48 -26.49
CA ASP W 108 -42.81 8.12 -26.46
C ASP W 108 -43.13 8.23 -24.98
N GLU W 109 -43.17 7.06 -24.34
CA GLU W 109 -43.22 6.98 -22.89
C GLU W 109 -41.84 6.51 -22.44
N TYR W 110 -41.30 7.17 -21.42
CA TYR W 110 -39.93 6.92 -20.99
C TYR W 110 -39.59 5.45 -20.83
N ASN W 111 -38.54 5.00 -21.51
CA ASN W 111 -38.08 3.62 -21.41
C ASN W 111 -36.92 3.53 -20.43
N GLU W 112 -37.19 3.11 -19.21
CA GLU W 112 -36.22 3.22 -18.14
C GLU W 112 -34.93 2.44 -18.39
N LYS W 113 -35.03 1.34 -19.10
CA LYS W 113 -33.89 0.45 -19.26
C LYS W 113 -32.97 0.94 -20.35
N LYS W 114 -33.57 1.23 -21.50
CA LYS W 114 -32.78 1.71 -22.62
C LYS W 114 -32.34 3.17 -22.42
N ALA W 115 -32.83 3.80 -21.36
CA ALA W 115 -32.55 5.22 -21.13
C ALA W 115 -31.08 5.57 -21.16
N SER W 116 -30.27 4.80 -20.45
CA SER W 116 -28.84 5.09 -20.40
C SER W 116 -28.17 4.93 -21.76
N ALA W 117 -28.52 3.86 -22.48
CA ALA W 117 -27.98 3.68 -23.82
C ALA W 117 -28.38 4.82 -24.74
N GLN W 118 -29.68 5.04 -24.84
CA GLN W 118 -30.22 6.05 -25.74
C GLN W 118 -29.42 7.32 -25.62
N LYS W 119 -29.08 7.65 -24.37
CA LYS W 119 -28.31 8.85 -24.09
C LYS W 119 -26.92 8.75 -24.70
N ASP W 120 -26.22 7.67 -24.36
CA ASP W 120 -24.90 7.40 -24.92
C ASP W 120 -24.94 7.41 -26.44
N ILE W 121 -25.92 6.73 -27.00
CA ILE W 121 -26.12 6.73 -28.44
C ILE W 121 -26.30 8.13 -29.00
N LEU W 122 -27.34 8.83 -28.55
CA LEU W 122 -27.55 10.21 -29.00
C LEU W 122 -26.25 10.99 -29.01
N ILE W 123 -25.40 10.75 -28.02
CA ILE W 123 -24.14 11.45 -27.94
C ILE W 123 -23.20 11.06 -29.06
N LYS W 124 -22.89 9.77 -29.16
CA LYS W 124 -21.97 9.31 -30.22
C LYS W 124 -22.39 9.79 -31.62
N VAL W 125 -23.56 9.36 -32.09
CA VAL W 125 -24.06 9.78 -33.38
C VAL W 125 -24.03 11.28 -33.58
N LEU W 126 -24.46 12.07 -32.60
CA LEU W 126 -24.38 13.52 -32.73
C LEU W 126 -22.94 13.99 -32.75
N ASP W 127 -22.20 13.66 -31.69
CA ASP W 127 -20.79 13.98 -31.59
C ASP W 127 -20.07 13.66 -32.90
N ASP W 128 -20.35 12.47 -33.44
CA ASP W 128 -19.72 11.98 -34.68
C ASP W 128 -20.03 12.89 -35.89
N GLY W 129 -21.30 12.98 -36.27
CA GLY W 129 -21.70 13.85 -37.35
C GLY W 129 -21.13 15.24 -37.20
N ILE W 130 -21.16 15.75 -35.97
CA ILE W 130 -20.62 17.08 -35.69
C ILE W 130 -19.20 17.22 -36.20
N THR W 131 -18.39 16.18 -35.95
CA THR W 131 -17.01 16.18 -36.42
C THR W 131 -17.01 16.04 -37.92
N LYS W 132 -17.67 14.98 -38.39
CA LYS W 132 -17.71 14.69 -39.81
C LYS W 132 -18.16 15.92 -40.60
N LEU W 133 -19.21 16.57 -40.09
CA LEU W 133 -19.78 17.74 -40.75
C LEU W 133 -18.75 18.84 -40.84
N ASN W 134 -18.04 19.05 -39.75
CA ASN W 134 -17.02 20.09 -39.70
C ASN W 134 -15.97 19.86 -40.76
N GLU W 135 -15.37 18.68 -40.76
CA GLU W 135 -14.32 18.36 -41.71
C GLU W 135 -14.79 18.55 -43.15
N ALA W 136 -16.05 18.23 -43.41
CA ALA W 136 -16.61 18.41 -44.75
C ALA W 136 -16.43 19.85 -45.19
N GLN W 137 -16.85 20.75 -44.31
CA GLN W 137 -16.72 22.18 -44.54
C GLN W 137 -15.28 22.60 -44.83
N LYS W 138 -14.36 22.23 -43.94
CA LYS W 138 -12.96 22.59 -44.14
C LYS W 138 -12.46 22.07 -45.48
N SER W 139 -12.77 20.82 -45.79
CA SER W 139 -12.39 20.23 -47.07
C SER W 139 -12.86 21.14 -48.20
N LEU W 140 -14.12 21.56 -48.13
CA LEU W 140 -14.74 22.39 -49.17
C LEU W 140 -14.09 23.76 -49.27
N LEU W 141 -13.91 24.39 -48.11
CA LEU W 141 -13.30 25.70 -48.01
C LEU W 141 -11.93 25.71 -48.66
N VAL W 142 -11.15 24.68 -48.36
CA VAL W 142 -9.82 24.55 -48.95
C VAL W 142 -9.89 24.42 -50.46
N SER W 143 -10.87 23.65 -50.95
CA SER W 143 -11.05 23.50 -52.38
C SER W 143 -11.29 24.87 -52.98
N SER W 144 -12.14 25.67 -52.33
CA SER W 144 -12.42 27.01 -52.84
C SER W 144 -11.13 27.85 -52.95
N GLN W 145 -10.33 27.80 -51.89
CA GLN W 145 -9.11 28.56 -51.84
C GLN W 145 -8.16 28.17 -52.98
N SER W 146 -8.30 26.94 -53.47
CA SER W 146 -7.38 26.42 -54.49
C SER W 146 -7.33 27.29 -55.75
N PHE W 147 -8.50 27.65 -56.25
CA PHE W 147 -8.61 28.40 -57.51
C PHE W 147 -7.99 29.79 -57.43
N ASN W 148 -7.82 30.31 -56.22
CA ASN W 148 -7.42 31.69 -56.07
C ASN W 148 -6.15 32.07 -56.83
N ASN W 149 -5.09 31.27 -56.70
CA ASN W 149 -3.83 31.59 -57.34
C ASN W 149 -4.03 31.62 -58.85
N ALA W 150 -4.54 30.53 -59.37
CA ALA W 150 -4.86 30.43 -60.79
C ALA W 150 -5.68 31.62 -61.27
N SER W 151 -6.71 31.98 -60.50
CA SER W 151 -7.60 33.08 -60.87
C SER W 151 -6.80 34.36 -61.12
N GLY W 152 -5.75 34.56 -60.36
CA GLY W 152 -4.88 35.70 -60.56
C GLY W 152 -4.07 35.57 -61.84
N LYS W 153 -3.32 34.47 -61.95
CA LYS W 153 -2.55 34.19 -63.16
C LYS W 153 -3.37 34.44 -64.42
N LEU W 154 -4.64 34.02 -64.37
CA LEU W 154 -5.57 34.28 -65.46
C LEU W 154 -5.61 35.75 -65.82
N LEU W 155 -5.93 36.59 -64.85
CA LEU W 155 -5.99 38.01 -65.11
C LEU W 155 -4.66 38.58 -65.61
N ALA W 156 -3.56 38.20 -65.00
CA ALA W 156 -2.26 38.67 -65.48
C ALA W 156 -2.16 38.44 -66.98
N LEU W 157 -2.33 37.18 -67.38
CA LEU W 157 -2.31 36.81 -68.78
C LEU W 157 -3.16 37.76 -69.63
N ASP W 158 -4.45 37.81 -69.33
CA ASP W 158 -5.36 38.71 -70.04
C ASP W 158 -4.84 40.15 -70.02
N SER W 159 -4.62 40.71 -68.83
CA SER W 159 -4.08 42.07 -68.70
C SER W 159 -3.00 42.34 -69.73
N GLN W 160 -2.02 41.43 -69.81
CA GLN W 160 -0.87 41.62 -70.69
C GLN W 160 -1.17 41.36 -72.17
N LEU W 161 -1.67 40.18 -72.47
CA LEU W 161 -2.09 39.84 -73.82
C LEU W 161 -2.92 40.94 -74.46
N THR W 162 -3.65 41.70 -73.63
CA THR W 162 -4.40 42.83 -74.14
C THR W 162 -3.43 43.97 -74.48
N ASN W 163 -2.64 44.37 -73.50
CA ASN W 163 -1.65 45.41 -73.73
C ASN W 163 -0.66 45.04 -74.82
N ASP W 164 -0.22 43.79 -74.81
CA ASP W 164 0.82 43.31 -75.72
C ASP W 164 0.31 43.25 -77.17
N PHE W 165 -0.99 43.03 -77.33
CA PHE W 165 -1.59 42.90 -78.65
C PHE W 165 -1.60 44.23 -79.37
N SER W 166 -1.95 45.29 -78.65
CA SER W 166 -1.92 46.62 -79.23
C SER W 166 -0.48 47.00 -79.58
N GLU W 167 0.47 46.40 -78.88
CA GLU W 167 1.88 46.68 -79.14
C GLU W 167 2.39 46.04 -80.43
N LYS W 168 1.81 44.90 -80.78
CA LYS W 168 2.12 44.27 -82.06
C LYS W 168 1.40 44.98 -83.19
N SER W 169 0.15 45.37 -82.97
CA SER W 169 -0.61 46.11 -83.97
C SER W 169 0.11 47.41 -84.34
N SER W 170 0.84 47.96 -83.38
CA SER W 170 1.67 49.13 -83.62
C SER W 170 2.92 48.73 -84.41
N TYR W 171 3.51 47.61 -84.01
CA TYR W 171 4.70 47.08 -84.67
C TYR W 171 4.41 46.68 -86.12
N PHE W 172 3.19 46.26 -86.37
CA PHE W 172 2.79 45.90 -87.72
C PHE W 172 2.96 47.09 -88.67
N GLN W 173 2.13 48.11 -88.50
CA GLN W 173 2.18 49.27 -89.40
C GLN W 173 3.56 49.90 -89.42
N SER W 174 4.20 49.99 -88.27
CA SER W 174 5.55 50.54 -88.18
C SER W 174 6.51 49.69 -88.98
N GLN W 175 6.11 48.44 -89.23
CA GLN W 175 6.96 47.50 -89.94
C GLN W 175 6.65 47.47 -91.43
N VAL W 176 5.38 47.37 -91.80
CA VAL W 176 5.02 47.43 -93.22
C VAL W 176 5.56 48.71 -93.85
N ASP W 177 5.60 49.78 -93.04
CA ASP W 177 6.26 51.01 -93.44
C ASP W 177 7.70 50.71 -93.82
N LYS W 178 8.45 50.10 -92.91
CA LYS W 178 9.83 49.75 -93.20
C LYS W 178 9.92 49.07 -94.56
N ILE W 179 8.88 48.32 -94.91
CA ILE W 179 8.88 47.58 -96.17
C ILE W 179 8.76 48.47 -97.42
N ARG W 180 7.86 49.45 -97.36
CA ARG W 180 7.75 50.44 -98.42
C ARG W 180 9.05 51.22 -98.52
N LYS W 181 9.45 51.83 -97.41
CA LYS W 181 10.66 52.64 -97.37
C LYS W 181 11.87 51.90 -97.92
N GLU W 182 11.93 50.60 -97.72
CA GLU W 182 13.04 49.81 -98.25
C GLU W 182 12.91 49.56 -99.75
N ALA W 183 11.66 49.32 -100.19
CA ALA W 183 11.42 48.93 -101.58
C ALA W 183 11.42 50.11 -102.53
N TYR W 184 10.86 51.23 -102.09
CA TYR W 184 10.80 52.39 -102.96
C TYR W 184 12.12 53.18 -103.01
N ALA W 185 12.86 53.16 -101.90
CA ALA W 185 14.23 53.67 -101.93
C ALA W 185 15.03 52.84 -102.93
N GLY W 186 14.55 51.63 -103.20
CA GLY W 186 15.17 50.73 -104.16
C GLY W 186 14.75 50.97 -105.60
N ALA W 187 13.45 51.04 -105.86
CA ALA W 187 12.97 51.38 -107.20
C ALA W 187 13.51 52.74 -107.57
N ALA W 188 13.21 53.73 -106.72
CA ALA W 188 13.73 55.07 -106.91
C ALA W 188 15.19 55.07 -107.37
N ALA W 189 15.95 54.06 -106.96
CA ALA W 189 17.37 53.97 -107.31
C ALA W 189 17.61 53.72 -108.80
N GLY W 190 16.53 53.54 -109.55
CA GLY W 190 16.60 53.33 -110.99
C GLY W 190 16.89 54.59 -111.79
N VAL W 191 16.84 55.73 -111.13
CA VAL W 191 17.14 57.01 -111.77
C VAL W 191 18.46 56.96 -112.56
N VAL W 192 19.39 56.11 -112.11
CA VAL W 192 20.68 55.97 -112.77
C VAL W 192 20.54 55.43 -114.19
N ALA W 193 19.95 54.23 -114.31
CA ALA W 193 19.62 53.72 -115.64
C ALA W 193 18.29 54.34 -116.10
N GLY W 194 17.97 54.19 -117.39
CA GLY W 194 16.87 54.90 -118.02
C GLY W 194 15.54 54.86 -117.30
N PRO W 195 14.66 55.85 -117.55
CA PRO W 195 13.33 55.87 -116.93
C PRO W 195 12.52 54.62 -117.27
N PHE W 196 12.73 54.06 -118.46
CA PHE W 196 12.10 52.78 -118.80
C PHE W 196 12.58 51.72 -117.81
N GLY W 197 13.75 51.97 -117.22
CA GLY W 197 14.26 51.14 -116.15
C GLY W 197 13.39 51.23 -114.92
N LEU W 198 12.85 52.42 -114.65
CA LEU W 198 11.94 52.58 -113.52
C LEU W 198 10.69 51.73 -113.69
N ILE W 199 10.08 51.79 -114.87
CA ILE W 199 8.93 50.94 -115.15
C ILE W 199 9.23 49.49 -114.74
N ILE W 200 10.34 48.95 -115.23
CA ILE W 200 10.76 47.60 -114.86
C ILE W 200 10.98 47.48 -113.35
N SER W 201 11.77 48.38 -112.79
CA SER W 201 12.15 48.36 -111.38
C SER W 201 10.94 48.48 -110.46
N TYR W 202 10.19 49.55 -110.67
CA TYR W 202 9.03 49.88 -109.88
C TYR W 202 7.90 48.81 -110.03
N SER W 203 7.74 48.25 -111.23
CA SER W 203 6.80 47.13 -111.39
C SER W 203 7.28 45.94 -110.57
N ILE W 204 8.57 45.63 -110.66
CA ILE W 204 9.16 44.58 -109.86
C ILE W 204 8.88 44.80 -108.38
N ALA W 205 8.95 46.07 -107.95
CA ALA W 205 8.81 46.38 -106.52
C ALA W 205 7.36 46.59 -106.08
N ALA W 206 6.85 47.81 -106.26
CA ALA W 206 5.48 48.13 -105.88
C ALA W 206 4.51 47.00 -106.25
N GLY W 207 4.78 46.34 -107.38
CA GLY W 207 3.98 45.24 -107.82
C GLY W 207 3.99 44.07 -106.84
N VAL W 208 5.17 43.52 -106.60
CA VAL W 208 5.33 42.41 -105.66
C VAL W 208 4.98 42.81 -104.22
N VAL W 209 5.38 44.01 -103.82
CA VAL W 209 5.08 44.50 -102.48
C VAL W 209 3.59 44.64 -102.28
N GLU W 210 2.98 45.53 -103.05
CA GLU W 210 1.56 45.81 -102.90
C GLU W 210 0.71 44.64 -103.41
N GLY W 211 1.39 43.71 -104.08
CA GLY W 211 0.75 42.57 -104.68
C GLY W 211 0.50 41.42 -103.72
N LYS W 212 1.58 40.84 -103.18
CA LYS W 212 1.44 39.77 -102.19
C LYS W 212 1.83 40.21 -100.77
N LEU W 213 2.92 40.97 -100.64
CA LEU W 213 3.48 41.28 -99.34
C LEU W 213 2.55 42.01 -98.35
N ILE W 214 2.28 43.29 -98.61
CA ILE W 214 1.45 44.06 -97.68
C ILE W 214 0.15 43.34 -97.32
N PRO W 215 -0.55 42.80 -98.32
CA PRO W 215 -1.80 42.07 -98.07
C PRO W 215 -1.58 40.87 -97.16
N GLU W 216 -0.49 40.14 -97.39
CA GLU W 216 -0.13 39.00 -96.55
C GLU W 216 0.01 39.44 -95.10
N LEU W 217 0.75 40.53 -94.89
CA LEU W 217 0.90 41.10 -93.55
C LEU W 217 -0.46 41.46 -92.95
N LYS W 218 -1.26 42.21 -93.70
CA LYS W 218 -2.61 42.53 -93.27
C LYS W 218 -3.39 41.27 -92.95
N ASN W 219 -2.99 40.16 -93.54
CA ASN W 219 -3.65 38.89 -93.27
C ASN W 219 -3.32 38.31 -91.90
N LYS W 220 -2.03 38.28 -91.56
CA LYS W 220 -1.62 37.78 -90.25
C LYS W 220 -2.10 38.71 -89.15
N LEU W 221 -1.95 40.01 -89.36
CA LEU W 221 -2.46 40.97 -88.38
C LEU W 221 -3.89 40.60 -88.00
N LYS W 222 -4.61 40.00 -88.95
CA LYS W 222 -5.98 39.58 -88.69
C LYS W 222 -6.04 38.22 -88.00
N SER W 223 -5.22 37.27 -88.45
CA SER W 223 -5.21 35.95 -87.85
C SER W 223 -4.78 36.06 -86.39
N VAL W 224 -3.92 37.04 -86.12
CA VAL W 224 -3.52 37.36 -84.77
C VAL W 224 -4.68 37.98 -84.01
N GLN W 225 -5.14 39.14 -84.47
CA GLN W 225 -6.28 39.81 -83.86
C GLN W 225 -7.47 38.86 -83.71
N ASN W 226 -7.54 37.88 -84.60
CA ASN W 226 -8.56 36.86 -84.54
C ASN W 226 -8.32 35.92 -83.36
N PHE W 227 -7.10 35.44 -83.23
CA PHE W 227 -6.71 34.56 -82.14
C PHE W 227 -6.72 35.26 -80.79
N PHE W 228 -6.19 36.49 -80.77
CA PHE W 228 -6.25 37.30 -79.57
C PHE W 228 -7.66 37.30 -79.02
N THR W 229 -8.64 37.45 -79.90
CA THR W 229 -10.03 37.47 -79.45
C THR W 229 -10.48 36.12 -78.87
N THR W 230 -10.37 35.06 -79.66
CA THR W 230 -10.81 33.75 -79.21
C THR W 230 -10.17 33.41 -77.86
N LEU W 231 -8.90 33.75 -77.72
CA LEU W 231 -8.18 33.50 -76.47
C LEU W 231 -8.74 34.34 -75.32
N SER W 232 -8.94 35.63 -75.57
CA SER W 232 -9.47 36.51 -74.53
C SER W 232 -10.79 35.95 -74.01
N ASN W 233 -11.58 35.40 -74.92
CA ASN W 233 -12.85 34.76 -74.55
C ASN W 233 -12.64 33.44 -73.83
N THR W 234 -11.61 32.70 -74.21
CA THR W 234 -11.27 31.45 -73.55
C THR W 234 -10.90 31.74 -72.10
N VAL W 235 -10.42 32.96 -71.85
CA VAL W 235 -10.10 33.40 -70.50
C VAL W 235 -11.37 33.77 -69.75
N LYS W 236 -12.19 34.65 -70.34
CA LYS W 236 -13.45 35.03 -69.73
C LYS W 236 -14.22 33.81 -69.28
N GLN W 237 -14.13 32.73 -70.06
CA GLN W 237 -14.81 31.49 -69.70
C GLN W 237 -14.25 30.93 -68.41
N ALA W 238 -12.96 30.59 -68.41
CA ALA W 238 -12.30 30.10 -67.19
C ALA W 238 -12.65 30.93 -65.96
N ASN W 239 -12.50 32.25 -66.06
CA ASN W 239 -12.86 33.11 -64.94
C ASN W 239 -14.30 32.89 -64.49
N LYS W 240 -15.20 32.66 -65.43
CA LYS W 240 -16.60 32.38 -65.11
C LYS W 240 -16.76 30.98 -64.52
N ASP W 241 -16.02 30.01 -65.06
CA ASP W 241 -16.07 28.63 -64.57
C ASP W 241 -15.54 28.53 -63.15
N ILE W 242 -14.38 29.14 -62.92
CA ILE W 242 -13.77 29.12 -61.61
C ILE W 242 -14.72 29.72 -60.59
N ASP W 243 -15.28 30.87 -60.93
CA ASP W 243 -16.13 31.60 -60.01
C ASP W 243 -17.39 30.82 -59.67
N ALA W 244 -17.91 30.10 -60.66
CA ALA W 244 -19.09 29.26 -60.46
C ALA W 244 -18.81 28.12 -59.49
N ALA W 245 -17.62 27.53 -59.60
CA ALA W 245 -17.21 26.47 -58.69
C ALA W 245 -17.10 27.00 -57.27
N LYS W 246 -16.40 28.12 -57.12
CA LYS W 246 -16.18 28.71 -55.80
C LYS W 246 -17.51 28.98 -55.13
N LEU W 247 -18.48 29.38 -55.94
CA LEU W 247 -19.81 29.65 -55.44
C LEU W 247 -20.38 28.36 -54.87
N LYS W 248 -20.60 27.39 -55.75
CA LYS W 248 -21.07 26.06 -55.36
C LYS W 248 -20.46 25.61 -54.04
N LEU W 249 -19.14 25.77 -53.93
CA LEU W 249 -18.42 25.30 -52.76
C LEU W 249 -18.90 25.99 -51.48
N THR W 250 -18.83 27.31 -51.43
CA THR W 250 -19.19 28.02 -50.20
C THR W 250 -20.67 27.85 -49.88
N THR W 251 -21.50 27.93 -50.90
CA THR W 251 -22.94 27.79 -50.70
C THR W 251 -23.29 26.41 -50.18
N GLU W 252 -22.41 25.44 -50.44
CA GLU W 252 -22.56 24.11 -49.85
C GLU W 252 -22.05 24.15 -48.42
N ILE W 253 -20.84 24.66 -48.26
CA ILE W 253 -20.27 24.85 -46.93
C ILE W 253 -21.32 25.37 -45.96
N ALA W 254 -22.04 26.41 -46.37
CA ALA W 254 -22.99 27.07 -45.49
C ALA W 254 -24.25 26.24 -45.28
N ALA W 255 -24.62 25.50 -46.32
CA ALA W 255 -25.78 24.62 -46.27
C ALA W 255 -25.51 23.49 -45.32
N ILE W 256 -24.28 22.96 -45.36
CA ILE W 256 -23.86 21.98 -44.38
C ILE W 256 -23.87 22.65 -43.02
N GLY W 257 -23.52 23.92 -43.00
CA GLY W 257 -23.52 24.72 -41.79
C GLY W 257 -24.86 24.62 -41.07
N GLU W 258 -25.94 24.74 -41.84
CA GLU W 258 -27.28 24.68 -41.26
C GLU W 258 -27.47 23.45 -40.41
N ILE W 259 -27.12 22.27 -40.93
CA ILE W 259 -27.23 21.03 -40.17
C ILE W 259 -26.31 21.07 -38.96
N LYS W 260 -25.03 21.32 -39.21
CA LYS W 260 -24.07 21.39 -38.12
C LYS W 260 -24.69 22.05 -36.92
N THR W 261 -25.12 23.31 -37.05
CA THR W 261 -25.64 24.07 -35.91
C THR W 261 -26.77 23.33 -35.21
N GLU W 262 -27.74 22.87 -35.98
CA GLU W 262 -28.86 22.14 -35.41
C GLU W 262 -28.33 20.96 -34.61
N THR W 263 -27.47 20.17 -35.25
CA THR W 263 -26.86 19.01 -34.62
C THR W 263 -26.17 19.41 -33.33
N GLU W 264 -25.26 20.36 -33.46
CA GLU W 264 -24.48 20.84 -32.33
C GLU W 264 -25.43 21.22 -31.19
N THR W 265 -26.55 21.85 -31.51
CA THR W 265 -27.54 22.25 -30.51
C THR W 265 -28.14 21.04 -29.80
N THR W 266 -28.83 20.23 -30.57
CA THR W 266 -29.38 18.97 -30.13
C THR W 266 -28.43 18.26 -29.18
N ARG W 267 -27.16 18.19 -29.53
CA ARG W 267 -26.17 17.60 -28.64
C ARG W 267 -26.26 18.21 -27.24
N PHE W 268 -26.13 19.53 -27.15
CA PHE W 268 -26.17 20.21 -25.87
C PHE W 268 -27.44 19.84 -25.12
N TYR W 269 -28.56 19.77 -25.83
CA TYR W 269 -29.81 19.41 -25.19
C TYR W 269 -29.73 18.03 -24.50
N VAL W 270 -29.09 17.09 -25.18
CA VAL W 270 -28.85 15.78 -24.58
C VAL W 270 -28.14 15.91 -23.22
N ASP W 271 -27.37 16.98 -23.06
CA ASP W 271 -26.63 17.24 -21.81
C ASP W 271 -27.53 17.57 -20.58
N TYR W 272 -28.80 17.83 -20.83
CA TYR W 272 -29.71 18.09 -19.72
C TYR W 272 -30.04 16.80 -18.95
N ASP W 273 -29.94 15.65 -19.62
CA ASP W 273 -30.24 14.32 -19.06
C ASP W 273 -31.66 13.90 -19.24
N ASP W 274 -32.56 14.87 -19.19
CA ASP W 274 -33.97 14.59 -19.40
C ASP W 274 -34.20 14.11 -20.82
N LEU W 275 -34.12 12.80 -21.03
CA LEU W 275 -34.35 12.22 -22.35
C LEU W 275 -35.74 12.52 -22.84
N MET W 276 -36.53 13.17 -21.98
CA MET W 276 -37.93 13.41 -22.26
C MET W 276 -38.23 14.90 -22.43
N LEU W 277 -37.19 15.72 -22.26
CA LEU W 277 -37.32 17.17 -22.37
C LEU W 277 -37.84 17.55 -23.75
N SER W 278 -38.89 18.37 -23.77
CA SER W 278 -39.49 18.75 -25.05
C SER W 278 -38.43 19.28 -26.01
N LEU W 279 -37.56 20.15 -25.52
CA LEU W 279 -36.51 20.71 -26.36
C LEU W 279 -35.78 19.59 -27.09
N LEU W 280 -35.08 18.75 -26.34
CA LEU W 280 -34.28 17.69 -26.97
C LEU W 280 -35.14 16.89 -27.92
N LYS W 281 -36.41 16.74 -27.57
CA LYS W 281 -37.30 15.94 -28.41
C LYS W 281 -37.56 16.71 -29.70
N GLU W 282 -37.93 17.99 -29.57
CA GLU W 282 -38.20 18.85 -30.70
C GLU W 282 -36.95 19.00 -31.56
N ALA W 283 -35.85 19.37 -30.92
CA ALA W 283 -34.56 19.48 -31.59
C ALA W 283 -34.30 18.26 -32.47
N ALA W 284 -34.60 17.09 -31.94
CA ALA W 284 -34.37 15.84 -32.67
C ALA W 284 -35.31 15.72 -33.85
N LYS W 285 -36.51 16.25 -33.70
CA LYS W 285 -37.49 16.24 -34.78
C LYS W 285 -37.07 17.23 -35.87
N LYS W 286 -36.60 18.40 -35.46
CA LYS W 286 -36.12 19.43 -36.39
C LYS W 286 -34.99 18.88 -37.21
N MET W 287 -34.00 18.30 -36.54
CA MET W 287 -32.88 17.68 -37.20
C MET W 287 -33.31 16.82 -38.39
N ILE W 288 -34.40 16.08 -38.21
CA ILE W 288 -34.91 15.20 -39.26
C ILE W 288 -35.53 15.99 -40.40
N ASN W 289 -36.15 17.13 -40.08
CA ASN W 289 -36.64 18.05 -41.10
C ASN W 289 -35.49 18.74 -41.77
N THR W 290 -34.71 19.49 -40.98
CA THR W 290 -33.54 20.15 -41.53
C THR W 290 -32.80 19.23 -42.50
N CYS W 291 -32.64 17.96 -42.14
CA CYS W 291 -32.02 16.98 -43.05
C CYS W 291 -32.86 16.77 -44.30
N ASN W 292 -34.14 16.47 -44.12
CA ASN W 292 -35.01 16.21 -45.24
C ASN W 292 -34.99 17.33 -46.28
N GLU W 293 -35.03 18.58 -45.83
CA GLU W 293 -35.00 19.73 -46.72
C GLU W 293 -33.67 19.82 -47.48
N TYR W 294 -32.59 19.45 -46.80
CA TYR W 294 -31.27 19.41 -47.40
C TYR W 294 -31.19 18.41 -48.56
N GLN W 295 -32.01 17.36 -48.50
CA GLN W 295 -32.01 16.33 -49.56
C GLN W 295 -32.81 16.74 -50.78
N LYS W 296 -33.91 17.43 -50.56
CA LYS W 296 -34.73 17.86 -51.67
C LYS W 296 -34.00 18.93 -52.47
N ARG W 297 -33.69 20.04 -51.81
CA ARG W 297 -33.07 21.19 -52.48
C ARG W 297 -31.68 20.84 -53.01
N HIS W 298 -31.08 19.80 -52.43
CA HIS W 298 -29.69 19.44 -52.73
C HIS W 298 -29.56 17.92 -52.92
N LYS X 14 54.93 25.03 -122.33
CA LYS X 14 53.79 25.94 -122.42
C LYS X 14 52.81 25.48 -123.49
N THR X 15 52.61 24.16 -123.58
CA THR X 15 51.66 23.58 -124.51
C THR X 15 50.48 22.98 -123.76
N VAL X 16 50.79 22.37 -122.62
CA VAL X 16 49.78 21.72 -121.79
C VAL X 16 48.99 22.75 -120.98
N GLU X 17 49.59 23.92 -120.74
CA GLU X 17 48.98 24.96 -119.93
C GLU X 17 47.59 25.37 -120.43
N VAL X 18 47.26 25.03 -121.67
CA VAL X 18 45.92 25.29 -122.19
C VAL X 18 44.92 24.39 -121.49
N VAL X 19 45.26 23.11 -121.40
CA VAL X 19 44.43 22.14 -120.69
C VAL X 19 44.21 22.57 -119.24
N LYS X 20 45.30 22.86 -118.55
CA LYS X 20 45.24 23.38 -117.19
C LYS X 20 44.29 24.57 -117.08
N ASN X 21 44.56 25.62 -117.84
CA ASN X 21 43.70 26.79 -117.81
C ASN X 21 42.24 26.45 -118.07
N ALA X 22 42.01 25.52 -118.99
CA ALA X 22 40.67 25.10 -119.36
C ALA X 22 40.03 24.30 -118.26
N ILE X 23 40.84 23.46 -117.62
CA ILE X 23 40.38 22.67 -116.49
C ILE X 23 39.79 23.60 -115.43
N GLU X 24 40.51 24.68 -115.13
CA GLU X 24 40.08 25.66 -114.14
C GLU X 24 38.87 26.44 -114.64
N THR X 25 38.82 26.72 -115.93
CA THR X 25 37.66 27.36 -116.52
C THR X 25 36.42 26.50 -116.27
N ALA X 26 36.56 25.21 -116.55
CA ALA X 26 35.47 24.26 -116.39
C ALA X 26 35.01 24.14 -114.94
N ASP X 27 35.95 24.29 -114.01
CA ASP X 27 35.61 24.23 -112.59
C ASP X 27 34.61 25.32 -112.25
N GLY X 28 35.06 26.57 -112.33
CA GLY X 28 34.20 27.72 -112.12
C GLY X 28 32.93 27.68 -112.96
N ALA X 29 32.95 26.90 -114.04
CA ALA X 29 31.75 26.70 -114.84
C ALA X 29 30.69 26.02 -113.98
N LEU X 30 30.99 24.80 -113.52
CA LEU X 30 30.12 24.08 -112.60
C LEU X 30 29.59 25.03 -111.55
N ASP X 31 30.52 25.66 -110.84
CA ASP X 31 30.17 26.59 -109.76
C ASP X 31 29.04 27.54 -110.12
N LEU X 32 29.28 28.39 -111.11
CA LEU X 32 28.22 29.28 -111.60
C LEU X 32 26.98 28.48 -111.97
N TYR X 33 27.18 27.32 -112.58
CA TYR X 33 26.09 26.46 -113.00
C TYR X 33 25.13 26.18 -111.85
N ASN X 34 25.65 25.54 -110.81
CA ASN X 34 24.88 25.23 -109.61
C ASN X 34 24.38 26.50 -108.97
N LYS X 35 25.32 27.41 -108.67
CA LYS X 35 24.97 28.69 -108.05
C LYS X 35 23.65 29.23 -108.60
N TYR X 36 23.50 29.17 -109.92
CA TYR X 36 22.29 29.62 -110.58
C TYR X 36 21.19 28.57 -110.46
N LEU X 37 21.56 27.33 -110.74
CA LEU X 37 20.62 26.21 -110.68
C LEU X 37 19.89 26.18 -109.35
N ASP X 38 20.61 26.55 -108.29
CA ASP X 38 20.02 26.63 -106.95
C ASP X 38 19.06 27.81 -106.85
N GLN X 39 19.52 28.99 -107.27
CA GLN X 39 18.66 30.16 -107.31
C GLN X 39 17.38 29.82 -108.08
N VAL X 40 17.51 28.92 -109.05
CA VAL X 40 16.40 28.53 -109.93
C VAL X 40 15.52 27.45 -109.31
N ILE X 41 16.14 26.51 -108.62
CA ILE X 41 15.40 25.41 -107.99
C ILE X 41 15.70 25.40 -106.49
N PRO X 42 14.79 26.01 -105.71
CA PRO X 42 14.96 26.24 -104.27
C PRO X 42 14.87 24.96 -103.46
N TRP X 43 15.74 23.99 -103.75
CA TRP X 43 15.74 22.76 -103.00
C TRP X 43 16.04 23.04 -101.55
N GLN X 44 16.91 24.03 -101.33
CA GLN X 44 17.22 24.46 -99.97
C GLN X 44 15.91 24.78 -99.25
N THR X 45 15.16 25.73 -99.80
CA THR X 45 13.90 26.19 -99.23
C THR X 45 12.89 25.05 -99.12
N PHE X 46 12.81 24.21 -100.15
CA PHE X 46 11.90 23.07 -100.16
C PHE X 46 12.25 22.09 -99.04
N ASP X 47 13.50 21.64 -99.04
CA ASP X 47 13.97 20.72 -98.01
C ASP X 47 13.71 21.32 -96.61
N GLU X 48 14.21 22.53 -96.36
CA GLU X 48 13.99 23.20 -95.08
C GLU X 48 12.53 23.19 -94.69
N THR X 49 11.68 23.56 -95.64
CA THR X 49 10.25 23.64 -95.39
C THR X 49 9.69 22.28 -94.98
N ILE X 50 10.22 21.22 -95.57
CA ILE X 50 9.82 19.85 -95.21
C ILE X 50 10.18 19.50 -93.77
N LYS X 51 11.43 19.73 -93.41
CA LYS X 51 11.91 19.45 -92.06
C LYS X 51 11.04 20.11 -91.00
N GLU X 52 10.99 21.44 -90.98
CA GLU X 52 10.28 22.12 -89.91
C GLU X 52 8.86 21.61 -89.71
N LEU X 53 8.19 21.22 -90.78
CA LEU X 53 6.84 20.69 -90.60
C LEU X 53 6.84 19.18 -90.35
N SER X 54 8.01 18.57 -90.50
CA SER X 54 8.21 17.19 -90.07
C SER X 54 8.41 17.21 -88.56
N ARG X 55 9.24 18.13 -88.10
CA ARG X 55 9.43 18.37 -86.68
C ARG X 55 8.06 18.51 -85.98
N PHE X 56 7.16 19.29 -86.57
CA PHE X 56 5.82 19.44 -86.00
C PHE X 56 5.22 18.06 -85.70
N LYS X 57 5.06 17.28 -86.74
CA LYS X 57 4.52 15.93 -86.63
C LYS X 57 5.27 15.14 -85.58
N GLN X 58 6.57 15.40 -85.45
CA GLN X 58 7.40 14.68 -84.51
C GLN X 58 7.10 15.08 -83.08
N GLU X 59 7.50 16.30 -82.72
CA GLU X 59 7.34 16.81 -81.36
C GLU X 59 6.02 16.42 -80.70
N TYR X 60 4.93 16.60 -81.43
CA TYR X 60 3.62 16.25 -80.90
C TYR X 60 3.40 14.74 -80.76
N SER X 61 3.82 13.98 -81.74
CA SER X 61 3.83 12.53 -81.60
C SER X 61 4.46 12.21 -80.23
N GLN X 62 5.68 12.69 -80.02
CA GLN X 62 6.37 12.52 -78.76
C GLN X 62 5.45 12.76 -77.57
N ALA X 63 4.96 13.99 -77.44
CA ALA X 63 4.12 14.38 -76.31
C ALA X 63 2.96 13.43 -76.15
N ALA X 64 2.05 13.45 -77.13
CA ALA X 64 0.87 12.60 -77.09
C ALA X 64 1.21 11.16 -76.69
N SER X 65 2.22 10.60 -77.34
CA SER X 65 2.65 9.23 -77.03
C SER X 65 2.83 9.05 -75.53
N VAL X 66 3.82 9.75 -74.97
CA VAL X 66 4.12 9.62 -73.55
C VAL X 66 2.92 9.93 -72.65
N LEU X 67 2.12 10.94 -73.00
CA LEU X 67 0.92 11.26 -72.22
C LEU X 67 -0.08 10.13 -72.33
N VAL X 68 -0.51 9.83 -73.56
CA VAL X 68 -1.44 8.72 -73.79
C VAL X 68 -0.99 7.44 -73.08
N GLY X 69 0.33 7.29 -72.96
CA GLY X 69 0.89 6.13 -72.26
C GLY X 69 0.67 6.22 -70.77
N ASP X 70 1.01 7.36 -70.21
CA ASP X 70 0.79 7.62 -68.79
C ASP X 70 -0.67 7.37 -68.45
N ILE X 71 -1.56 7.95 -69.25
CA ILE X 71 -2.99 7.75 -69.07
C ILE X 71 -3.34 6.27 -68.94
N LYS X 72 -2.72 5.43 -69.76
CA LYS X 72 -3.01 4.00 -69.70
C LYS X 72 -2.57 3.46 -68.36
N THR X 73 -1.30 3.70 -68.03
CA THR X 73 -0.81 3.36 -66.71
C THR X 73 -1.86 3.73 -65.68
N LEU X 74 -2.26 5.01 -65.68
CA LEU X 74 -3.26 5.52 -64.74
C LEU X 74 -4.55 4.73 -64.76
N LEU X 75 -5.06 4.48 -65.95
CA LEU X 75 -6.27 3.67 -66.08
C LEU X 75 -6.06 2.30 -65.45
N MET X 76 -5.00 1.62 -65.87
CA MET X 76 -4.67 0.31 -65.33
C MET X 76 -4.51 0.35 -63.81
N ASP X 77 -3.85 1.40 -63.31
CA ASP X 77 -3.69 1.61 -61.88
C ASP X 77 -5.04 1.56 -61.16
N SER X 78 -5.96 2.38 -61.65
CA SER X 78 -7.33 2.43 -61.12
C SER X 78 -7.95 1.03 -61.06
N GLN X 79 -8.03 0.39 -62.22
CA GLN X 79 -8.62 -0.93 -62.33
C GLN X 79 -8.22 -1.81 -61.16
N ASP X 80 -6.92 -1.97 -60.95
CA ASP X 80 -6.44 -2.77 -59.83
C ASP X 80 -7.01 -2.26 -58.51
N LYS X 81 -6.95 -0.94 -58.31
CA LYS X 81 -7.45 -0.37 -57.09
C LYS X 81 -8.95 -0.59 -56.89
N TYR X 82 -9.71 -0.57 -57.99
CA TYR X 82 -11.14 -0.89 -57.94
C TYR X 82 -11.37 -2.33 -57.49
N PHE X 83 -10.69 -3.25 -58.18
CA PHE X 83 -10.75 -4.67 -57.86
C PHE X 83 -10.56 -4.90 -56.39
N GLU X 84 -9.40 -4.44 -55.90
CA GLU X 84 -9.11 -4.48 -54.45
C GLU X 84 -10.33 -4.04 -53.67
N ALA X 85 -10.69 -2.78 -53.82
CA ALA X 85 -11.81 -2.19 -53.09
C ALA X 85 -13.02 -3.10 -53.08
N THR X 86 -13.52 -3.40 -54.26
CA THR X 86 -14.71 -4.23 -54.38
C THR X 86 -14.50 -5.59 -53.73
N GLN X 87 -13.36 -6.20 -54.03
CA GLN X 87 -13.07 -7.54 -53.54
C GLN X 87 -13.08 -7.54 -52.02
N THR X 88 -12.32 -6.61 -51.45
CA THR X 88 -12.28 -6.42 -50.00
C THR X 88 -13.69 -6.41 -49.43
N VAL X 89 -14.55 -5.60 -50.02
CA VAL X 89 -15.95 -5.54 -49.62
C VAL X 89 -16.64 -6.91 -49.74
N TYR X 90 -16.67 -7.45 -50.96
CA TYR X 90 -17.26 -8.77 -51.19
C TYR X 90 -16.85 -9.83 -50.18
N GLU X 91 -15.65 -9.69 -49.64
CA GLU X 91 -15.16 -10.64 -48.66
C GLU X 91 -15.90 -10.44 -47.33
N TRP X 92 -15.88 -9.20 -46.83
CA TRP X 92 -16.54 -8.91 -45.57
C TRP X 92 -18.03 -9.06 -45.71
N CYS X 93 -18.59 -8.43 -46.74
CA CYS X 93 -20.03 -8.44 -46.99
C CYS X 93 -20.50 -9.89 -46.98
N GLY X 94 -19.55 -10.82 -47.04
CA GLY X 94 -19.88 -12.23 -47.16
C GLY X 94 -19.84 -13.01 -45.86
N VAL X 95 -18.77 -12.84 -45.09
CA VAL X 95 -18.74 -13.39 -43.75
C VAL X 95 -19.91 -12.79 -42.98
N ALA X 96 -20.09 -11.47 -43.14
CA ALA X 96 -21.12 -10.72 -42.45
C ALA X 96 -22.50 -11.36 -42.58
N THR X 97 -22.95 -11.54 -43.82
CA THR X 97 -24.30 -12.07 -44.07
C THR X 97 -24.56 -13.36 -43.28
N GLN X 98 -23.58 -14.26 -43.30
CA GLN X 98 -23.64 -15.48 -42.53
C GLN X 98 -23.92 -15.21 -41.04
N LEU X 99 -23.23 -14.21 -40.50
CA LEU X 99 -23.32 -13.89 -39.08
C LEU X 99 -24.64 -13.26 -38.73
N LEU X 100 -25.04 -12.24 -39.49
CA LEU X 100 -26.36 -11.64 -39.27
C LEU X 100 -27.43 -12.71 -39.37
N ALA X 101 -27.25 -13.62 -40.32
CA ALA X 101 -28.22 -14.68 -40.55
C ALA X 101 -28.30 -15.58 -39.36
N ALA X 102 -27.14 -15.90 -38.81
CA ALA X 102 -27.02 -16.70 -37.61
C ALA X 102 -27.67 -16.00 -36.43
N TYR X 103 -27.34 -14.72 -36.25
CA TYR X 103 -27.92 -13.95 -35.15
C TYR X 103 -29.44 -13.97 -35.21
N ILE X 104 -29.98 -13.78 -36.41
CA ILE X 104 -31.41 -13.79 -36.65
C ILE X 104 -32.03 -15.13 -36.29
N LEU X 105 -31.25 -16.19 -36.52
CA LEU X 105 -31.70 -17.54 -36.24
C LEU X 105 -31.60 -17.92 -34.76
N LEU X 106 -30.39 -17.82 -34.20
CA LEU X 106 -30.14 -18.28 -32.86
C LEU X 106 -30.95 -17.49 -31.84
N PHE X 107 -31.44 -16.32 -32.25
CA PHE X 107 -32.26 -15.53 -31.33
C PHE X 107 -33.69 -15.35 -31.79
N ASP X 108 -34.27 -16.40 -32.35
CA ASP X 108 -35.70 -16.40 -32.60
C ASP X 108 -36.32 -16.20 -31.25
N GLU X 109 -36.05 -17.14 -30.35
CA GLU X 109 -36.35 -16.99 -28.94
C GLU X 109 -35.02 -16.72 -28.26
N TYR X 110 -35.00 -15.74 -27.36
CA TYR X 110 -33.77 -15.29 -26.70
C TYR X 110 -32.91 -16.43 -26.16
N ASN X 111 -31.64 -16.46 -26.57
CA ASN X 111 -30.73 -17.49 -26.11
C ASN X 111 -29.84 -16.91 -25.02
N GLU X 112 -30.17 -17.20 -23.77
CA GLU X 112 -29.57 -16.48 -22.66
C GLU X 112 -28.06 -16.66 -22.57
N LYS X 113 -27.57 -17.80 -23.02
CA LYS X 113 -26.17 -18.13 -22.81
C LYS X 113 -25.31 -17.49 -23.88
N LYS X 114 -25.72 -17.68 -25.12
CA LYS X 114 -24.99 -17.10 -26.23
C LYS X 114 -25.22 -15.59 -26.33
N ALA X 115 -26.12 -15.07 -25.52
CA ALA X 115 -26.48 -13.66 -25.59
C ALA X 115 -25.29 -12.70 -25.54
N SER X 116 -24.40 -12.91 -24.58
CA SER X 116 -23.24 -12.02 -24.42
C SER X 116 -22.30 -12.11 -25.61
N ALA X 117 -22.05 -13.32 -26.11
CA ALA X 117 -21.21 -13.49 -27.30
C ALA X 117 -21.84 -12.79 -28.49
N GLN X 118 -23.07 -13.19 -28.79
CA GLN X 118 -23.77 -12.68 -29.96
C GLN X 118 -23.59 -11.19 -30.04
N LYS X 119 -23.67 -10.54 -28.89
CA LYS X 119 -23.51 -9.09 -28.81
C LYS X 119 -22.09 -8.69 -29.22
N ASP X 120 -21.10 -9.30 -28.58
CA ASP X 120 -19.70 -9.04 -28.88
C ASP X 120 -19.43 -9.29 -30.34
N ILE X 121 -19.94 -10.41 -30.83
CA ILE X 121 -19.81 -10.75 -32.25
C ILE X 121 -20.42 -9.67 -33.14
N LEU X 122 -21.71 -9.41 -32.98
CA LEU X 122 -22.37 -8.36 -33.75
C LEU X 122 -21.51 -7.11 -33.81
N ILE X 123 -20.90 -6.76 -32.69
CA ILE X 123 -20.02 -5.59 -32.67
C ILE X 123 -18.78 -5.74 -33.55
N LYS X 124 -17.96 -6.75 -33.29
CA LYS X 124 -16.74 -6.96 -34.08
C LYS X 124 -17.04 -6.94 -35.59
N VAL X 125 -17.84 -7.89 -36.06
CA VAL X 125 -18.18 -7.97 -37.48
C VAL X 125 -18.71 -6.66 -38.05
N LEU X 126 -19.60 -5.99 -37.33
CA LEU X 126 -20.09 -4.70 -37.79
C LEU X 126 -18.97 -3.64 -37.76
N ASP X 127 -18.39 -3.44 -36.59
CA ASP X 127 -17.28 -2.52 -36.41
C ASP X 127 -16.24 -2.72 -37.53
N ASP X 128 -15.89 -3.99 -37.80
CA ASP X 128 -14.87 -4.34 -38.77
C ASP X 128 -15.26 -3.87 -40.17
N GLY X 129 -16.36 -4.39 -40.71
CA GLY X 129 -16.82 -4.00 -42.04
C GLY X 129 -16.91 -2.50 -42.16
N ILE X 130 -17.38 -1.85 -41.11
CA ILE X 130 -17.51 -0.39 -41.10
C ILE X 130 -16.18 0.26 -41.43
N THR X 131 -15.12 -0.24 -40.83
CA THR X 131 -13.78 0.26 -41.14
C THR X 131 -13.39 -0.14 -42.57
N LYS X 132 -13.45 -1.43 -42.85
CA LYS X 132 -13.07 -1.95 -44.15
C LYS X 132 -13.81 -1.19 -45.25
N LEU X 133 -15.11 -1.01 -45.06
CA LEU X 133 -15.94 -0.32 -46.04
C LEU X 133 -15.43 1.10 -46.26
N ASN X 134 -15.16 1.79 -45.17
CA ASN X 134 -14.67 3.15 -45.28
C ASN X 134 -13.40 3.22 -46.12
N GLU X 135 -12.41 2.43 -45.75
CA GLU X 135 -11.13 2.44 -46.46
C GLU X 135 -11.32 2.17 -47.96
N ALA X 136 -12.25 1.30 -48.29
CA ALA X 136 -12.53 0.99 -49.69
C ALA X 136 -12.84 2.29 -50.42
N GLN X 137 -13.76 3.05 -49.84
CA GLN X 137 -14.19 4.31 -50.41
C GLN X 137 -13.01 5.25 -50.62
N LYS X 138 -12.22 5.46 -49.56
CA LYS X 138 -11.08 6.37 -49.66
C LYS X 138 -10.15 5.89 -50.76
N SER X 139 -9.87 4.60 -50.79
CA SER X 139 -9.03 4.03 -51.83
C SER X 139 -9.56 4.44 -53.20
N LEU X 140 -10.88 4.29 -53.37
CA LEU X 140 -11.52 4.58 -54.65
C LEU X 140 -11.47 6.06 -55.02
N LEU X 141 -11.79 6.89 -54.04
CA LEU X 141 -11.79 8.31 -54.21
C LEU X 141 -10.42 8.78 -54.67
N VAL X 142 -9.37 8.27 -54.04
CA VAL X 142 -8.01 8.64 -54.39
C VAL X 142 -7.67 8.23 -55.81
N SER X 143 -8.14 7.04 -56.21
CA SER X 143 -7.94 6.61 -57.58
C SER X 143 -8.57 7.62 -58.53
N SER X 144 -9.78 8.08 -58.20
CA SER X 144 -10.45 9.04 -59.06
C SER X 144 -9.63 10.30 -59.20
N GLN X 145 -9.12 10.77 -58.06
CA GLN X 145 -8.32 11.99 -58.04
C GLN X 145 -7.08 11.88 -58.92
N SER X 146 -6.59 10.66 -59.12
CA SER X 146 -5.36 10.44 -59.88
C SER X 146 -5.39 11.01 -61.31
N PHE X 147 -6.46 10.71 -62.03
CA PHE X 147 -6.60 11.12 -63.43
C PHE X 147 -6.63 12.63 -63.61
N ASN X 148 -6.92 13.36 -62.54
CA ASN X 148 -7.15 14.80 -62.67
C ASN X 148 -6.01 15.56 -63.36
N ASN X 149 -4.79 15.36 -62.88
CA ASN X 149 -3.65 16.07 -63.45
C ASN X 149 -3.52 15.75 -64.92
N ALA X 150 -3.44 14.46 -65.21
CA ALA X 150 -3.38 13.99 -66.59
C ALA X 150 -4.49 14.60 -67.44
N SER X 151 -5.72 14.61 -66.92
CA SER X 151 -6.85 15.14 -67.66
C SER X 151 -6.61 16.58 -68.11
N GLY X 152 -5.91 17.36 -67.27
CA GLY X 152 -5.53 18.71 -67.66
C GLY X 152 -4.48 18.74 -68.76
N LYS X 153 -3.36 18.07 -68.51
CA LYS X 153 -2.31 17.94 -69.50
C LYS X 153 -2.87 17.58 -70.87
N LEU X 154 -3.86 16.68 -70.88
CA LEU X 154 -4.53 16.31 -72.11
C LEU X 154 -5.07 17.53 -72.83
N LEU X 155 -5.88 18.32 -72.12
CA LEU X 155 -6.47 19.50 -72.74
C LEU X 155 -5.40 20.48 -73.20
N ALA X 156 -4.40 20.74 -72.36
CA ALA X 156 -3.31 21.63 -72.79
C ALA X 156 -2.84 21.22 -74.18
N LEU X 157 -2.43 19.96 -74.28
CA LEU X 157 -1.94 19.40 -75.54
C LEU X 157 -2.88 19.73 -76.67
N ASP X 158 -4.12 19.28 -76.55
CA ASP X 158 -5.13 19.55 -77.56
C ASP X 158 -5.25 21.06 -77.83
N SER X 159 -5.49 21.84 -76.79
CA SER X 159 -5.56 23.29 -76.93
C SER X 159 -4.47 23.81 -77.86
N GLN X 160 -3.22 23.42 -77.59
CA GLN X 160 -2.07 23.91 -78.34
C GLN X 160 -1.93 23.29 -79.73
N LEU X 161 -1.85 21.98 -79.79
CA LEU X 161 -1.80 21.27 -81.06
C LEU X 161 -2.84 21.80 -82.04
N THR X 162 -3.96 22.30 -81.52
CA THR X 162 -4.96 22.89 -82.40
C THR X 162 -4.49 24.26 -82.88
N ASN X 163 -4.14 25.13 -81.93
CA ASN X 163 -3.61 26.43 -82.28
C ASN X 163 -2.34 26.34 -83.12
N ASP X 164 -1.45 25.42 -82.75
CA ASP X 164 -0.15 25.29 -83.38
C ASP X 164 -0.27 24.76 -84.82
N PHE X 165 -1.33 24.00 -85.08
CA PHE X 165 -1.53 23.40 -86.39
C PHE X 165 -1.89 24.45 -87.42
N SER X 166 -2.76 25.36 -87.03
CA SER X 166 -3.14 26.46 -87.90
C SER X 166 -1.94 27.36 -88.15
N GLU X 167 -0.99 27.36 -87.22
CA GLU X 167 0.21 28.16 -87.36
C GLU X 167 1.19 27.57 -88.38
N LYS X 168 1.19 26.26 -88.51
CA LYS X 168 1.99 25.62 -89.54
C LYS X 168 1.31 25.74 -90.90
N SER X 169 -0.01 25.62 -90.91
CA SER X 169 -0.77 25.77 -92.15
C SER X 169 -0.54 27.17 -92.74
N SER X 170 -0.32 28.13 -91.86
CA SER X 170 0.02 29.49 -92.29
C SER X 170 1.46 29.52 -92.81
N TYR X 171 2.35 28.87 -92.08
CA TYR X 171 3.76 28.79 -92.45
C TYR X 171 3.97 28.07 -93.77
N PHE X 172 3.09 27.12 -94.05
CA PHE X 172 3.16 26.39 -95.31
C PHE X 172 3.05 27.36 -96.49
N GLN X 173 1.87 27.94 -96.67
CA GLN X 173 1.65 28.83 -97.81
C GLN X 173 2.65 29.99 -97.82
N SER X 174 2.95 30.54 -96.64
CA SER X 174 3.92 31.62 -96.54
C SER X 174 5.28 31.14 -96.99
N GLN X 175 5.46 29.82 -96.97
CA GLN X 175 6.75 29.23 -97.33
C GLN X 175 6.78 28.81 -98.81
N VAL X 176 5.75 28.14 -99.29
CA VAL X 176 5.67 27.80 -100.72
C VAL X 176 5.78 29.08 -101.55
N ASP X 177 5.26 30.17 -101.01
CA ASP X 177 5.43 31.47 -101.63
C ASP X 177 6.91 31.77 -101.77
N LYS X 178 7.63 31.70 -100.65
CA LYS X 178 9.07 31.93 -100.69
C LYS X 178 9.70 31.13 -101.82
N ILE X 179 9.15 29.95 -102.09
CA ILE X 179 9.70 29.08 -103.13
C ILE X 179 9.48 29.63 -104.55
N ARG X 180 8.28 30.13 -104.83
CA ARG X 180 8.02 30.76 -106.11
C ARG X 180 8.91 31.99 -106.27
N LYS X 181 8.81 32.89 -105.30
CA LYS X 181 9.55 34.14 -105.32
C LYS X 181 11.04 33.92 -105.54
N GLU X 182 11.56 32.82 -105.02
CA GLU X 182 12.98 32.51 -105.19
C GLU X 182 13.26 31.96 -106.59
N ALA X 183 12.34 31.15 -107.09
CA ALA X 183 12.54 30.44 -108.35
C ALA X 183 12.31 31.35 -109.55
N TYR X 184 11.27 32.18 -109.48
CA TYR X 184 10.94 33.04 -110.61
C TYR X 184 11.83 34.28 -110.68
N ALA X 185 12.26 34.77 -109.53
CA ALA X 185 13.29 35.79 -109.52
C ALA X 185 14.54 35.22 -110.18
N GLY X 186 14.65 33.91 -110.20
CA GLY X 186 15.75 33.20 -110.83
C GLY X 186 15.58 33.02 -112.33
N ALA X 187 14.44 32.47 -112.75
CA ALA X 187 14.16 32.33 -114.18
C ALA X 187 14.19 33.71 -114.81
N ALA X 188 13.37 34.61 -114.27
CA ALA X 188 13.34 35.99 -114.72
C ALA X 188 14.75 36.54 -114.99
N ALA X 189 15.73 36.03 -114.26
CA ALA X 189 17.12 36.50 -114.40
C ALA X 189 17.74 36.12 -115.73
N GLY X 190 16.99 35.38 -116.55
CA GLY X 190 17.45 34.98 -117.88
C GLY X 190 17.38 36.08 -118.93
N VAL X 191 16.73 37.19 -118.58
CA VAL X 191 16.65 38.35 -119.46
C VAL X 191 18.01 38.74 -120.03
N VAL X 192 19.09 38.45 -119.30
CA VAL X 192 20.44 38.77 -119.75
C VAL X 192 20.81 37.99 -120.99
N ALA X 193 20.78 36.66 -120.91
CA ALA X 193 20.96 35.83 -122.08
C ALA X 193 19.63 35.73 -122.85
N GLY X 194 19.69 35.28 -124.11
CA GLY X 194 18.55 35.31 -125.01
C GLY X 194 17.22 34.82 -124.45
N PRO X 195 16.10 35.26 -125.04
CA PRO X 195 14.77 34.83 -124.61
C PRO X 195 14.60 33.31 -124.73
N PHE X 196 15.26 32.70 -125.71
CA PHE X 196 15.27 31.25 -125.80
C PHE X 196 15.90 30.68 -124.53
N GLY X 197 16.72 31.49 -123.89
CA GLY X 197 17.29 31.15 -122.60
C GLY X 197 16.23 31.07 -121.54
N LEU X 198 15.21 31.92 -121.64
CA LEU X 198 14.09 31.89 -120.69
C LEU X 198 13.34 30.56 -120.79
N ILE X 199 13.00 30.16 -122.02
CA ILE X 199 12.37 28.86 -122.22
C ILE X 199 13.12 27.78 -121.44
N ILE X 200 14.43 27.68 -121.67
CA ILE X 200 15.27 26.75 -120.93
C ILE X 200 15.19 26.98 -119.41
N SER X 201 15.44 28.22 -119.01
CA SER X 201 15.48 28.61 -117.60
C SER X 201 14.17 28.35 -116.90
N TYR X 202 13.12 28.92 -117.46
CA TYR X 202 11.79 28.86 -116.91
C TYR X 202 11.23 27.41 -116.90
N SER X 203 11.54 26.63 -117.94
CA SER X 203 11.20 25.21 -117.95
C SER X 203 11.91 24.50 -116.80
N ILE X 204 13.21 24.75 -116.68
CA ILE X 204 13.98 24.21 -115.57
C ILE X 204 13.33 24.55 -114.23
N ALA X 205 12.80 25.76 -114.11
CA ALA X 205 12.26 26.25 -112.84
C ALA X 205 10.79 25.88 -112.63
N ALA X 206 9.90 26.69 -113.19
CA ALA X 206 8.47 26.47 -113.05
C ALA X 206 8.11 25.00 -113.24
N GLY X 207 8.84 24.34 -114.14
CA GLY X 207 8.65 22.92 -114.39
C GLY X 207 8.90 22.07 -113.16
N VAL X 208 10.14 22.13 -112.65
CA VAL X 208 10.50 21.38 -111.45
C VAL X 208 9.74 21.81 -110.18
N VAL X 209 9.54 23.11 -110.05
CA VAL X 209 8.82 23.64 -108.91
C VAL X 209 7.38 23.17 -108.92
N GLU X 210 6.64 23.57 -109.95
CA GLU X 210 5.22 23.23 -110.06
C GLU X 210 5.03 21.75 -110.38
N GLY X 211 6.14 21.10 -110.72
CA GLY X 211 6.13 19.71 -111.10
C GLY X 211 6.16 18.75 -109.91
N LYS X 212 7.23 18.80 -109.12
CA LYS X 212 7.33 17.96 -107.92
C LYS X 212 7.24 18.75 -106.61
N LEU X 213 7.92 19.89 -106.54
CA LEU X 213 8.05 20.64 -105.29
C LEU X 213 6.73 21.05 -104.63
N ILE X 214 6.03 22.01 -105.22
CA ILE X 214 4.80 22.50 -104.62
C ILE X 214 3.84 21.38 -104.24
N PRO X 215 3.62 20.43 -105.17
CA PRO X 215 2.74 19.29 -104.91
C PRO X 215 3.22 18.46 -103.72
N GLU X 216 4.53 18.24 -103.63
CA GLU X 216 5.12 17.54 -102.50
C GLU X 216 4.76 18.23 -101.20
N LEU X 217 4.95 19.55 -101.17
CA LEU X 217 4.59 20.34 -100.00
C LEU X 217 3.11 20.17 -99.66
N LYS X 218 2.26 20.36 -100.66
CA LYS X 218 0.83 20.16 -100.48
C LYS X 218 0.55 18.76 -99.96
N ASN X 219 1.47 17.84 -100.21
CA ASN X 219 1.30 16.48 -99.74
C ASN X 219 1.55 16.33 -98.24
N LYS X 220 2.64 16.92 -97.75
CA LYS X 220 2.92 16.87 -96.32
C LYS X 220 1.90 17.67 -95.54
N LEU X 221 1.56 18.86 -96.04
CA LEU X 221 0.53 19.66 -95.39
C LEU X 221 -0.69 18.78 -95.12
N LYS X 222 -0.90 17.79 -95.98
CA LYS X 222 -2.01 16.88 -95.80
C LYS X 222 -1.68 15.76 -94.81
N SER X 223 -0.47 15.19 -94.92
CA SER X 223 -0.08 14.12 -94.01
C SER X 223 -0.06 14.65 -92.58
N VAL X 224 0.26 15.93 -92.44
CA VAL X 224 0.21 16.60 -91.16
C VAL X 224 -1.24 16.78 -90.73
N GLN X 225 -1.99 17.55 -91.51
CA GLN X 225 -3.40 17.77 -91.23
C GLN X 225 -4.11 16.44 -91.00
N ASN X 226 -3.59 15.40 -91.63
CA ASN X 226 -4.14 14.06 -91.46
C ASN X 226 -3.83 13.52 -90.05
N PHE X 227 -2.58 13.62 -89.65
CA PHE X 227 -2.12 13.18 -88.35
C PHE X 227 -2.68 14.05 -87.21
N PHE X 228 -2.67 15.37 -87.42
CA PHE X 228 -3.29 16.27 -86.48
C PHE X 228 -4.69 15.76 -86.14
N THR X 229 -5.43 15.33 -87.15
CA THR X 229 -6.77 14.84 -86.90
C THR X 229 -6.77 13.55 -86.07
N THR X 230 -6.09 12.52 -86.56
CA THR X 230 -6.07 11.24 -85.85
C THR X 230 -5.65 11.45 -84.40
N LEU X 231 -4.68 12.33 -84.19
CA LEU X 231 -4.21 12.63 -82.84
C LEU X 231 -5.28 13.32 -82.01
N SER X 232 -5.91 14.34 -82.57
CA SER X 232 -6.96 15.06 -81.86
C SER X 232 -8.02 14.08 -81.37
N ASN X 233 -8.33 13.09 -82.22
CA ASN X 233 -9.27 12.04 -81.87
C ASN X 233 -8.71 11.08 -80.84
N THR X 234 -7.41 10.82 -80.91
CA THR X 234 -6.77 9.97 -79.93
C THR X 234 -6.89 10.64 -78.55
N VAL X 235 -6.99 11.96 -78.56
CA VAL X 235 -7.16 12.73 -77.34
C VAL X 235 -8.59 12.63 -76.85
N LYS X 236 -9.54 12.96 -77.72
CA LYS X 236 -10.95 12.84 -77.38
C LYS X 236 -11.23 11.49 -76.71
N GLN X 237 -10.56 10.45 -77.20
CA GLN X 237 -10.76 9.13 -76.65
C GLN X 237 -10.32 9.08 -75.20
N ALA X 238 -9.04 9.34 -74.97
CA ALA X 238 -8.52 9.39 -73.62
C ALA X 238 -9.43 10.19 -72.66
N ASN X 239 -9.80 11.40 -73.06
CA ASN X 239 -10.70 12.20 -72.24
C ASN X 239 -11.99 11.45 -71.91
N LYS X 240 -12.50 10.70 -72.88
CA LYS X 240 -13.70 9.90 -72.66
C LYS X 240 -13.41 8.69 -71.77
N ASP X 241 -12.25 8.07 -71.95
CA ASP X 241 -11.86 6.90 -71.18
C ASP X 241 -11.64 7.28 -69.72
N ILE X 242 -10.91 8.37 -69.51
CA ILE X 242 -10.63 8.83 -68.16
C ILE X 242 -11.93 9.13 -67.44
N ASP X 243 -12.82 9.85 -68.10
CA ASP X 243 -14.06 10.28 -67.49
C ASP X 243 -14.93 9.09 -67.13
N ALA X 244 -14.92 8.07 -67.98
CA ALA X 244 -15.68 6.84 -67.72
C ALA X 244 -15.18 6.12 -66.48
N ALA X 245 -13.87 6.09 -66.31
CA ALA X 245 -13.27 5.49 -65.13
C ALA X 245 -13.70 6.24 -63.87
N LYS X 246 -13.57 7.56 -63.92
CA LYS X 246 -13.89 8.40 -62.76
C LYS X 246 -15.33 8.17 -62.36
N LEU X 247 -16.20 7.99 -63.34
CA LEU X 247 -17.60 7.74 -63.06
C LEU X 247 -17.74 6.45 -62.26
N LYS X 248 -17.34 5.35 -62.90
CA LYS X 248 -17.33 4.03 -62.29
C LYS X 248 -16.90 4.11 -60.82
N LEU X 249 -15.79 4.81 -60.59
CA LEU X 249 -15.23 4.93 -59.27
C LEU X 249 -16.18 5.55 -58.28
N THR X 250 -16.67 6.75 -58.54
CA THR X 250 -17.53 7.44 -57.58
C THR X 250 -18.85 6.71 -57.39
N THR X 251 -19.41 6.23 -58.49
CA THR X 251 -20.68 5.53 -58.42
C THR X 251 -20.55 4.25 -57.62
N GLU X 252 -19.34 3.70 -57.57
CA GLU X 252 -19.05 2.57 -56.69
C GLU X 252 -18.95 3.07 -55.26
N ILE X 253 -18.07 4.06 -55.05
CA ILE X 253 -17.92 4.72 -53.77
C ILE X 253 -19.28 4.90 -53.07
N ALA X 254 -20.26 5.41 -53.80
CA ALA X 254 -21.54 5.75 -53.22
C ALA X 254 -22.37 4.49 -52.99
N ALA X 255 -22.17 3.51 -53.85
CA ALA X 255 -22.87 2.24 -53.75
C ALA X 255 -22.40 1.50 -52.51
N ILE X 256 -21.08 1.55 -52.30
CA ILE X 256 -20.51 1.04 -51.06
C ILE X 256 -21.09 1.85 -49.91
N GLY X 257 -21.28 3.15 -50.14
CA GLY X 257 -21.85 4.03 -49.16
C GLY X 257 -23.16 3.50 -48.61
N GLU X 258 -24.00 3.02 -49.52
CA GLU X 258 -25.30 2.48 -49.11
C GLU X 258 -25.15 1.45 -48.00
N ILE X 259 -24.26 0.49 -48.20
CA ILE X 259 -24.02 -0.53 -47.17
C ILE X 259 -23.49 0.09 -45.88
N LYS X 260 -22.39 0.81 -46.01
CA LYS X 260 -21.79 1.48 -44.88
C LYS X 260 -22.86 2.03 -43.95
N THR X 261 -23.72 2.91 -44.46
CA THR X 261 -24.71 3.57 -43.61
C THR X 261 -25.58 2.54 -42.90
N GLU X 262 -26.10 1.56 -43.63
CA GLU X 262 -26.94 0.53 -43.03
C GLU X 262 -26.17 -0.15 -41.92
N THR X 263 -24.96 -0.60 -42.24
CA THR X 263 -24.07 -1.24 -41.27
C THR X 263 -23.90 -0.36 -40.05
N GLU X 264 -23.43 0.85 -40.29
CA GLU X 264 -23.18 1.81 -39.23
C GLU X 264 -24.40 1.94 -38.31
N THR X 265 -25.59 1.97 -38.90
CA THR X 265 -26.83 2.07 -38.12
C THR X 265 -26.99 0.85 -37.22
N THR X 266 -27.14 -0.29 -37.86
CA THR X 266 -27.22 -1.59 -37.19
C THR X 266 -26.28 -1.67 -35.97
N ARG X 267 -25.04 -1.23 -36.16
CA ARG X 267 -24.11 -1.16 -35.04
C ARG X 267 -24.75 -0.42 -33.86
N PHE X 268 -25.15 0.84 -34.07
CA PHE X 268 -25.73 1.63 -33.00
C PHE X 268 -26.87 0.87 -32.32
N TYR X 269 -27.70 0.19 -33.12
CA TYR X 269 -28.81 -0.56 -32.57
C TYR X 269 -28.33 -1.62 -31.58
N VAL X 270 -27.23 -2.28 -31.92
CA VAL X 270 -26.60 -3.23 -31.01
C VAL X 270 -26.32 -2.60 -29.63
N ASP X 271 -26.07 -1.30 -29.64
CA ASP X 271 -25.79 -0.54 -28.41
C ASP X 271 -26.98 -0.43 -27.44
N TYR X 272 -28.17 -0.80 -27.88
CA TYR X 272 -29.31 -0.78 -26.97
C TYR X 272 -29.24 -1.92 -25.95
N ASP X 273 -28.60 -3.01 -26.34
CA ASP X 273 -28.43 -4.20 -25.49
C ASP X 273 -29.51 -5.24 -25.74
N ASP X 274 -30.71 -4.77 -26.04
CA ASP X 274 -31.81 -5.66 -26.31
C ASP X 274 -31.54 -6.43 -27.60
N LEU X 275 -30.88 -7.58 -27.48
CA LEU X 275 -30.59 -8.42 -28.63
C LEU X 275 -31.86 -8.84 -29.35
N MET X 276 -33.00 -8.46 -28.76
CA MET X 276 -34.31 -8.89 -29.24
C MET X 276 -35.12 -7.72 -29.77
N LEU X 277 -34.55 -6.52 -29.68
CA LEU X 277 -35.22 -5.32 -30.14
C LEU X 277 -35.55 -5.45 -31.64
N SER X 278 -36.81 -5.18 -32.00
CA SER X 278 -37.23 -5.30 -33.38
C SER X 278 -36.31 -4.53 -34.32
N LEU X 279 -36.00 -3.29 -33.96
CA LEU X 279 -35.09 -2.49 -34.75
C LEU X 279 -33.83 -3.28 -35.10
N LEU X 280 -33.01 -3.60 -34.10
CA LEU X 280 -31.79 -4.32 -34.37
C LEU X 280 -32.04 -5.58 -35.19
N LYS X 281 -33.18 -6.19 -34.97
CA LYS X 281 -33.46 -7.40 -35.69
C LYS X 281 -33.74 -7.05 -37.15
N GLU X 282 -34.61 -6.07 -37.36
CA GLU X 282 -34.96 -5.61 -38.70
C GLU X 282 -33.74 -5.07 -39.42
N ALA X 283 -33.03 -4.15 -38.76
CA ALA X 283 -31.78 -3.63 -39.30
C ALA X 283 -30.90 -4.74 -39.82
N ALA X 284 -30.79 -5.82 -39.06
CA ALA X 284 -29.94 -6.94 -39.43
C ALA X 284 -30.48 -7.63 -40.67
N LYS X 285 -31.80 -7.68 -40.79
CA LYS X 285 -32.44 -8.29 -41.94
C LYS X 285 -32.23 -7.41 -43.19
N LYS X 286 -32.36 -6.10 -43.00
CA LYS X 286 -32.17 -5.14 -44.08
C LYS X 286 -30.76 -5.26 -44.61
N MET X 287 -29.79 -5.24 -43.72
CA MET X 287 -28.40 -5.42 -44.09
C MET X 287 -28.22 -6.56 -45.08
N ILE X 288 -28.95 -7.67 -44.86
CA ILE X 288 -28.83 -8.85 -45.73
C ILE X 288 -29.45 -8.59 -47.10
N ASN X 289 -30.52 -7.81 -47.12
CA ASN X 289 -31.10 -7.38 -48.38
C ASN X 289 -30.19 -6.40 -49.08
N THR X 290 -29.94 -5.27 -48.45
CA THR X 290 -29.04 -4.29 -49.02
C THR X 290 -27.82 -4.97 -49.64
N CYS X 291 -27.25 -5.96 -48.96
CA CYS X 291 -26.11 -6.69 -49.52
C CYS X 291 -26.51 -7.44 -50.77
N ASN X 292 -27.58 -8.24 -50.67
CA ASN X 292 -28.00 -9.05 -51.79
C ASN X 292 -28.22 -8.22 -53.07
N GLU X 293 -28.82 -7.04 -52.93
CA GLU X 293 -29.07 -6.16 -54.08
C GLU X 293 -27.77 -5.64 -54.67
N TYR X 294 -26.80 -5.37 -53.80
CA TYR X 294 -25.47 -4.95 -54.22
C TYR X 294 -24.78 -6.00 -55.09
N GLN X 295 -25.10 -7.27 -54.88
CA GLN X 295 -24.46 -8.36 -55.64
C GLN X 295 -25.10 -8.53 -57.00
N LYS X 296 -26.40 -8.32 -57.06
CA LYS X 296 -27.10 -8.41 -58.31
C LYS X 296 -26.68 -7.25 -59.18
N ARG X 297 -27.02 -6.03 -58.77
CA ARG X 297 -26.72 -4.86 -59.56
C ARG X 297 -25.23 -4.83 -59.85
N HIS X 298 -24.46 -4.43 -58.85
CA HIS X 298 -23.01 -4.45 -58.96
C HIS X 298 -22.49 -5.90 -58.82
#